data_6VSU
#
_entry.id   6VSU
#
_cell.length_a   267.322
_cell.length_b   267.322
_cell.length_c   262.894
_cell.angle_alpha   90.000
_cell.angle_beta   90.000
_cell.angle_gamma   90.000
#
_symmetry.space_group_name_H-M   'I 41'
#
loop_
_entity.id
_entity.type
_entity.pdbx_description
1 polymer 'Arginase 1, mitochondrial'
2 non-polymer 'MANGANESE (II) ION'
3 non-polymer 'SODIUM ION'
4 non-polymer L-ornithine
5 non-polymer GLYCEROL
6 non-polymer DI(HYDROXYETHYL)ETHER
7 water water
#
_entity_poly.entity_id   1
_entity_poly.type   'polypeptide(L)'
_entity_poly.pdbx_seq_one_letter_code
;SNASASSIEKGQNRVIDASLTLIRERAKLKGELVRLLGGAKASTSLLGVPLGHNSSFLQGPAFAPPRIREAIWCGSTNSA
TEEGKELKDPRVLTDVGDVPVQEIRDCGVDDDRLMNVISESVKLVMEEEPLRPLVLGGDHSISYPVVRAVSEKLGGPVDI
LHLDAHPDIYDCFEGNKYSHASSFARIMEGGYARRLLQVGIRSINQEGREQGKRFGVEQYEMRTFSKDRPMLENLKLGEG
VKGVYISIDVDCLDPAFAPGVSHIEPGGLSFRDVLNILHNLQADVVGADVVEFNPQRDTVDGMTAMVAAKLVRELAAKIS
K
;
_entity_poly.pdbx_strand_id   A,B,C,D,E,F,G,H,I,J,K,L,M,N,O,P,Q,R,S,T,U,V,W,X
#
loop_
_chem_comp.id
_chem_comp.type
_chem_comp.name
_chem_comp.formula
GOL non-polymer GLYCEROL 'C3 H8 O3'
MN non-polymer 'MANGANESE (II) ION' 'Mn 2'
NA non-polymer 'SODIUM ION' 'Na 1'
PEG non-polymer DI(HYDROXYETHYL)ETHER 'C4 H10 O3'
#
# COMPACT_ATOMS: atom_id res chain seq x y z
N SER A 6 -14.91 55.74 38.35
CA SER A 6 -14.36 56.80 37.45
C SER A 6 -14.87 56.56 36.03
N SER A 7 -16.20 56.71 35.84
CA SER A 7 -16.90 56.70 34.54
C SER A 7 -16.73 58.05 33.83
N ILE A 8 -15.88 58.96 34.35
CA ILE A 8 -15.53 60.24 33.69
C ILE A 8 -14.51 59.96 32.58
N GLU A 9 -13.88 58.77 32.60
CA GLU A 9 -12.80 58.39 31.66
C GLU A 9 -13.43 58.01 30.32
N LYS A 10 -14.49 57.20 30.35
CA LYS A 10 -15.31 56.79 29.16
C LYS A 10 -15.93 58.05 28.54
N GLY A 11 -16.29 59.02 29.40
CA GLY A 11 -16.84 60.33 29.00
C GLY A 11 -15.75 61.17 28.38
N GLN A 12 -14.71 61.49 29.17
CA GLN A 12 -13.57 62.30 28.70
C GLN A 12 -13.14 61.74 27.35
N ASN A 13 -13.06 60.40 27.25
CA ASN A 13 -12.58 59.67 26.06
C ASN A 13 -13.55 59.86 24.89
N ARG A 14 -14.86 59.76 25.11
CA ARG A 14 -15.77 59.79 23.94
C ARG A 14 -16.03 61.24 23.55
N VAL A 15 -15.90 62.16 24.51
CA VAL A 15 -15.90 63.62 24.23
C VAL A 15 -14.73 63.89 23.27
N ILE A 16 -13.54 63.39 23.60
CA ILE A 16 -12.32 63.58 22.76
C ILE A 16 -12.55 62.90 21.41
N ASP A 17 -13.00 61.64 21.41
CA ASP A 17 -13.19 60.90 20.14
C ASP A 17 -14.20 61.66 19.27
N ALA A 18 -15.29 62.16 19.85
CA ALA A 18 -16.36 62.84 19.07
C ALA A 18 -15.82 64.16 18.51
N SER A 19 -14.89 64.81 19.23
CA SER A 19 -14.22 66.08 18.82
C SER A 19 -13.37 65.80 17.59
N LEU A 20 -12.48 64.80 17.71
CA LEU A 20 -11.63 64.33 16.59
C LEU A 20 -12.52 63.89 15.44
N THR A 21 -13.56 63.08 15.68
CA THR A 21 -14.44 62.62 14.60
C THR A 21 -14.87 63.86 13.79
N LEU A 22 -15.30 64.91 14.50
CA LEU A 22 -15.96 66.10 13.92
C LEU A 22 -15.01 66.76 12.89
N ILE A 23 -13.72 66.73 13.16
CA ILE A 23 -12.68 67.32 12.28
C ILE A 23 -12.36 66.35 11.14
N ARG A 24 -12.21 65.06 11.45
CA ARG A 24 -11.97 64.02 10.41
C ARG A 24 -13.05 64.17 9.35
N GLU A 25 -14.31 64.03 9.75
CA GLU A 25 -15.48 64.13 8.83
C GLU A 25 -15.35 65.37 7.93
N ARG A 26 -15.05 66.55 8.49
CA ARG A 26 -15.07 67.80 7.68
C ARG A 26 -13.81 67.90 6.80
N ALA A 27 -12.64 67.48 7.31
CA ALA A 27 -11.47 67.24 6.44
C ALA A 27 -11.86 66.30 5.29
N LYS A 28 -12.54 65.18 5.54
CA LYS A 28 -12.83 64.19 4.47
C LYS A 28 -13.58 64.91 3.35
N LEU A 29 -14.55 65.76 3.71
CA LEU A 29 -15.44 66.48 2.76
C LEU A 29 -14.64 67.53 2.00
N LYS A 30 -13.81 68.25 2.74
CA LYS A 30 -12.97 69.33 2.18
C LYS A 30 -11.95 68.69 1.22
N GLY A 31 -11.28 67.62 1.61
CA GLY A 31 -10.33 66.91 0.73
C GLY A 31 -11.02 66.52 -0.56
N GLU A 32 -12.10 65.75 -0.44
CA GLU A 32 -12.91 65.28 -1.59
C GLU A 32 -13.22 66.45 -2.52
N LEU A 33 -13.68 67.58 -1.99
CA LEU A 33 -14.15 68.74 -2.79
C LEU A 33 -12.97 69.27 -3.64
N VAL A 34 -11.77 69.29 -3.05
CA VAL A 34 -10.51 69.82 -3.67
C VAL A 34 -10.10 68.89 -4.82
N ARG A 35 -9.89 67.61 -4.53
CA ARG A 35 -9.42 66.69 -5.58
C ARG A 35 -10.51 66.57 -6.66
N LEU A 36 -11.79 66.62 -6.28
CA LEU A 36 -12.96 66.49 -7.19
C LEU A 36 -12.73 67.27 -8.50
N LEU A 37 -12.39 68.58 -8.46
CA LEU A 37 -11.84 69.27 -9.67
C LEU A 37 -10.47 69.81 -9.30
N GLY A 38 -9.42 69.03 -9.64
CA GLY A 38 -8.08 69.09 -9.04
C GLY A 38 -7.06 69.80 -9.92
N GLY A 39 -5.80 69.32 -9.93
CA GLY A 39 -4.60 70.13 -10.21
C GLY A 39 -4.36 71.15 -9.10
N ALA A 40 -4.14 70.69 -7.85
CA ALA A 40 -3.52 71.46 -6.74
C ALA A 40 -2.49 70.60 -5.98
N LYS A 41 -1.22 71.08 -5.92
CA LYS A 41 -0.11 70.54 -5.07
C LYS A 41 -0.38 70.81 -3.57
N ALA A 42 -0.87 72.00 -3.20
CA ALA A 42 -1.22 72.31 -1.80
C ALA A 42 -2.53 73.11 -1.72
N SER A 43 -3.36 72.81 -0.71
CA SER A 43 -4.61 73.55 -0.41
C SER A 43 -4.72 73.92 1.08
N THR A 44 -4.78 75.21 1.37
CA THR A 44 -4.86 75.73 2.77
C THR A 44 -6.20 75.30 3.38
N SER A 45 -6.19 74.61 4.54
CA SER A 45 -7.38 74.32 5.37
C SER A 45 -7.23 74.93 6.78
N LEU A 46 -8.17 75.84 7.10
CA LEU A 46 -8.26 76.54 8.42
C LEU A 46 -8.68 75.52 9.48
N LEU A 47 -7.99 75.58 10.63
CA LEU A 47 -8.38 74.87 11.87
C LEU A 47 -8.34 75.83 13.06
N GLY A 48 -9.50 76.16 13.63
CA GLY A 48 -9.56 77.00 14.84
C GLY A 48 -9.18 76.24 16.10
N VAL A 49 -8.37 76.84 16.98
CA VAL A 49 -8.10 76.36 18.36
C VAL A 49 -8.50 77.49 19.30
N PRO A 50 -9.79 77.55 19.69
CA PRO A 50 -10.29 78.62 20.56
C PRO A 50 -9.85 78.47 22.03
N LEU A 51 -8.56 78.68 22.27
CA LEU A 51 -7.91 78.44 23.57
C LEU A 51 -7.25 79.74 24.04
N GLY A 52 -7.58 80.20 25.25
CA GLY A 52 -6.99 81.43 25.82
C GLY A 52 -6.51 81.28 27.26
N HIS A 53 -6.55 80.11 27.87
CA HIS A 53 -6.31 80.01 29.33
C HIS A 53 -4.82 79.93 29.64
N ASN A 54 -3.92 79.91 28.63
CA ASN A 54 -2.44 79.96 28.84
C ASN A 54 -1.92 81.40 28.66
N SER A 55 -2.81 82.35 28.39
CA SER A 55 -2.50 83.81 28.45
C SER A 55 -2.11 84.22 29.87
N SER A 56 -1.26 85.24 29.98
CA SER A 56 -0.67 85.79 31.23
C SER A 56 -1.44 87.05 31.65
N PHE A 57 -2.29 87.60 30.78
CA PHE A 57 -2.92 88.92 31.05
C PHE A 57 -4.43 88.89 30.75
N LEU A 58 -4.82 88.58 29.52
CA LEU A 58 -6.23 88.46 29.10
C LEU A 58 -6.38 87.19 28.24
N GLN A 59 -7.55 86.54 28.32
CA GLN A 59 -7.87 85.24 27.66
C GLN A 59 -8.72 85.43 26.39
N GLY A 60 -9.05 86.70 26.08
CA GLY A 60 -9.87 87.12 24.94
C GLY A 60 -9.57 86.37 23.64
N PRO A 61 -8.33 85.92 23.34
CA PRO A 61 -8.07 85.14 22.13
C PRO A 61 -8.82 83.81 21.97
N ALA A 62 -9.39 83.29 23.05
CA ALA A 62 -10.34 82.16 23.01
C ALA A 62 -11.45 82.45 22.00
N PHE A 63 -11.96 83.68 21.97
CA PHE A 63 -13.08 84.09 21.08
C PHE A 63 -12.64 84.43 19.66
N ALA A 64 -11.38 84.40 19.29
CA ALA A 64 -10.93 84.92 17.98
C ALA A 64 -11.41 84.10 16.77
N PRO A 65 -11.23 82.76 16.70
CA PRO A 65 -11.42 82.08 15.42
C PRO A 65 -12.75 82.34 14.73
N PRO A 66 -13.93 82.29 15.40
CA PRO A 66 -15.16 82.66 14.72
C PRO A 66 -15.12 84.10 14.17
N ARG A 67 -14.44 85.03 14.84
CA ARG A 67 -14.40 86.47 14.42
C ARG A 67 -13.53 86.60 13.17
N ILE A 68 -12.44 85.86 13.11
CA ILE A 68 -11.54 85.87 11.91
C ILE A 68 -12.31 85.35 10.69
N ARG A 69 -13.09 84.28 10.85
CA ARG A 69 -13.90 83.71 9.74
C ARG A 69 -14.88 84.75 9.22
N GLU A 70 -15.58 85.44 10.11
CA GLU A 70 -16.58 86.44 9.70
C GLU A 70 -15.89 87.52 8.87
N ALA A 71 -14.70 87.97 9.28
CA ALA A 71 -13.92 89.03 8.57
C ALA A 71 -13.39 88.52 7.19
N ILE A 72 -13.05 87.25 7.02
CA ILE A 72 -12.50 86.72 5.75
C ILE A 72 -13.57 86.89 4.68
N TRP A 73 -14.83 86.63 5.05
CA TRP A 73 -15.97 86.56 4.13
C TRP A 73 -16.87 87.78 4.29
N CYS A 74 -16.39 88.89 4.84
CA CYS A 74 -17.17 90.14 5.04
C CYS A 74 -17.61 90.67 3.68
N GLY A 75 -18.83 91.16 3.58
CA GLY A 75 -19.46 91.69 2.35
C GLY A 75 -18.69 92.90 1.84
N SER A 76 -17.96 93.60 2.72
CA SER A 76 -17.14 94.82 2.37
C SER A 76 -15.91 94.45 1.48
N THR A 77 -15.59 93.15 1.39
CA THR A 77 -14.28 92.67 0.83
C THR A 77 -14.55 91.92 -0.47
N ASN A 78 -13.52 91.68 -1.26
CA ASN A 78 -13.66 90.73 -2.40
C ASN A 78 -12.94 89.45 -2.03
N SER A 79 -13.23 88.40 -2.77
CA SER A 79 -12.78 87.02 -2.48
C SER A 79 -11.39 86.80 -3.07
N ALA A 80 -10.71 87.83 -3.62
CA ALA A 80 -9.35 87.70 -4.23
C ALA A 80 -8.27 88.29 -3.33
N THR A 81 -7.13 87.62 -3.32
CA THR A 81 -5.93 87.98 -2.53
C THR A 81 -5.10 88.92 -3.37
N GLU A 82 -4.19 89.60 -2.71
CA GLU A 82 -3.41 90.70 -3.32
C GLU A 82 -2.75 90.22 -4.61
N GLU A 83 -2.25 88.98 -4.59
CA GLU A 83 -1.62 88.33 -5.78
C GLU A 83 -2.67 87.99 -6.84
N GLY A 84 -3.88 87.56 -6.44
CA GLY A 84 -4.94 87.25 -7.40
C GLY A 84 -5.46 85.84 -7.25
N LYS A 85 -5.27 85.19 -6.10
CA LYS A 85 -5.90 83.85 -5.88
C LYS A 85 -7.33 84.00 -5.35
N GLU A 86 -8.21 83.06 -5.76
CA GLU A 86 -9.68 83.04 -5.48
C GLU A 86 -9.92 82.20 -4.21
N LEU A 87 -10.38 82.81 -3.12
CA LEU A 87 -10.60 82.14 -1.80
C LEU A 87 -11.89 81.28 -1.79
N LYS A 88 -12.76 81.51 -2.80
CA LYS A 88 -13.99 80.69 -2.94
C LYS A 88 -13.58 79.37 -3.58
N ASP A 89 -12.34 79.29 -4.08
CA ASP A 89 -11.87 78.04 -4.70
C ASP A 89 -11.32 77.15 -3.58
N PRO A 90 -11.96 76.01 -3.27
CA PRO A 90 -11.50 75.12 -2.20
C PRO A 90 -10.03 74.67 -2.37
N ARG A 91 -9.54 74.64 -3.61
CA ARG A 91 -8.11 74.33 -3.91
C ARG A 91 -7.22 75.37 -3.24
N VAL A 92 -7.74 76.58 -3.04
CA VAL A 92 -7.03 77.76 -2.48
C VAL A 92 -7.27 77.81 -0.96
N LEU A 93 -8.53 77.60 -0.53
CA LEU A 93 -8.96 77.73 0.89
C LEU A 93 -10.16 76.82 1.17
N THR A 94 -10.03 75.95 2.17
CA THR A 94 -11.13 75.15 2.78
C THR A 94 -11.12 75.48 4.29
N ASP A 95 -12.09 75.00 5.07
CA ASP A 95 -12.19 75.37 6.51
C ASP A 95 -12.78 74.16 7.25
N VAL A 96 -12.06 73.58 8.20
CA VAL A 96 -12.53 72.37 8.93
C VAL A 96 -13.04 72.77 10.33
N GLY A 97 -13.26 74.06 10.59
CA GLY A 97 -13.93 74.46 11.84
C GLY A 97 -12.99 74.43 13.04
N ASP A 98 -13.56 74.37 14.25
CA ASP A 98 -12.87 74.66 15.52
C ASP A 98 -12.83 73.38 16.34
N VAL A 99 -11.68 73.11 16.92
CA VAL A 99 -11.49 72.09 17.99
C VAL A 99 -12.38 72.56 19.12
N PRO A 100 -13.25 71.73 19.69
CA PRO A 100 -14.11 72.16 20.79
C PRO A 100 -13.32 72.21 22.09
N VAL A 101 -12.52 73.26 22.27
CA VAL A 101 -11.57 73.36 23.41
C VAL A 101 -12.36 73.55 24.71
N GLN A 102 -13.36 74.42 24.77
CA GLN A 102 -13.96 74.73 26.09
C GLN A 102 -14.71 73.48 26.59
N GLU A 103 -15.21 72.69 25.63
CA GLU A 103 -15.95 71.42 25.87
C GLU A 103 -15.02 70.36 26.50
N ILE A 104 -13.84 70.17 25.92
CA ILE A 104 -12.80 69.25 26.46
C ILE A 104 -12.33 69.76 27.84
N ARG A 105 -12.28 71.09 28.05
CA ARG A 105 -11.79 71.70 29.32
C ARG A 105 -12.81 71.36 30.41
N ASP A 106 -14.09 71.46 30.07
CA ASP A 106 -15.22 71.46 31.03
C ASP A 106 -15.37 70.05 31.62
N CYS A 107 -14.91 69.00 30.94
CA CYS A 107 -15.09 67.60 31.43
C CYS A 107 -13.88 67.19 32.29
N GLY A 108 -12.99 68.15 32.60
CA GLY A 108 -11.90 68.05 33.59
C GLY A 108 -10.58 67.55 33.01
N VAL A 109 -10.48 67.45 31.68
CA VAL A 109 -9.28 66.95 30.92
C VAL A 109 -8.10 67.90 31.18
N ASP A 110 -6.90 67.34 31.27
CA ASP A 110 -5.70 68.12 31.70
C ASP A 110 -5.01 68.69 30.45
N ASP A 111 -4.13 69.65 30.66
CA ASP A 111 -3.56 70.49 29.57
C ASP A 111 -2.74 69.58 28.66
N ASP A 112 -1.97 68.65 29.23
CA ASP A 112 -1.21 67.61 28.47
C ASP A 112 -2.14 66.99 27.43
N ARG A 113 -3.25 66.40 27.87
CA ARG A 113 -4.16 65.71 26.95
C ARG A 113 -4.78 66.75 26.01
N LEU A 114 -5.19 67.91 26.49
CA LEU A 114 -5.83 68.91 25.60
C LEU A 114 -4.89 69.23 24.43
N MET A 115 -3.62 69.51 24.74
CA MET A 115 -2.59 69.85 23.72
CA MET A 115 -2.61 69.86 23.71
C MET A 115 -2.41 68.67 22.74
N ASN A 116 -2.50 67.43 23.23
CA ASN A 116 -2.45 66.20 22.37
C ASN A 116 -3.63 66.24 21.37
N VAL A 117 -4.81 66.59 21.86
CA VAL A 117 -6.01 66.71 20.98
C VAL A 117 -5.70 67.74 19.89
N ILE A 118 -5.13 68.87 20.27
CA ILE A 118 -4.80 69.93 19.28
C ILE A 118 -3.88 69.33 18.20
N SER A 119 -2.83 68.62 18.61
CA SER A 119 -1.89 67.87 17.73
C SER A 119 -2.65 66.86 16.84
N GLU A 120 -3.41 65.96 17.45
CA GLU A 120 -4.20 64.94 16.71
C GLU A 120 -5.00 65.67 15.63
N SER A 121 -5.68 66.76 16.00
CA SER A 121 -6.63 67.50 15.13
C SER A 121 -5.89 68.07 13.90
N VAL A 122 -4.66 68.56 14.09
CA VAL A 122 -3.79 69.08 12.99
C VAL A 122 -3.44 67.94 12.01
N LYS A 123 -3.07 66.79 12.55
CA LYS A 123 -2.70 65.62 11.72
C LYS A 123 -3.90 65.20 10.87
N LEU A 124 -5.14 65.43 11.34
CA LEU A 124 -6.37 64.98 10.62
C LEU A 124 -6.48 65.78 9.33
N VAL A 125 -6.11 67.04 9.39
CA VAL A 125 -6.08 67.93 8.19
C VAL A 125 -4.97 67.46 7.25
N MET A 126 -3.79 67.11 7.76
CA MET A 126 -2.63 66.73 6.92
C MET A 126 -2.89 65.33 6.32
N GLU A 127 -3.43 64.40 7.13
CA GLU A 127 -3.75 63.00 6.74
C GLU A 127 -4.66 63.04 5.51
N GLU A 128 -5.33 64.16 5.27
CA GLU A 128 -6.28 64.33 4.14
C GLU A 128 -5.62 65.16 3.03
N GLU A 129 -4.82 64.52 2.18
CA GLU A 129 -4.07 65.13 1.03
C GLU A 129 -5.04 65.94 0.16
N PRO A 130 -4.68 67.10 -0.48
CA PRO A 130 -3.41 67.81 -0.28
C PRO A 130 -3.51 68.98 0.70
N LEU A 131 -4.24 68.80 1.80
CA LEU A 131 -4.59 69.89 2.74
C LEU A 131 -3.34 70.24 3.54
N ARG A 132 -3.14 71.54 3.78
CA ARG A 132 -2.05 72.04 4.62
C ARG A 132 -2.68 72.96 5.66
N PRO A 133 -2.35 72.74 6.96
CA PRO A 133 -3.04 73.40 8.06
C PRO A 133 -2.63 74.85 8.35
N LEU A 134 -3.62 75.73 8.39
CA LEU A 134 -3.46 77.09 8.88
C LEU A 134 -4.41 77.23 10.08
N VAL A 135 -3.82 77.30 11.28
CA VAL A 135 -4.49 77.31 12.60
C VAL A 135 -4.81 78.75 12.99
N LEU A 136 -6.07 79.02 13.34
CA LEU A 136 -6.50 80.32 13.88
C LEU A 136 -6.52 80.15 15.39
N GLY A 137 -5.66 80.87 16.12
CA GLY A 137 -5.72 80.85 17.58
C GLY A 137 -6.78 81.85 18.03
N GLY A 138 -6.97 82.01 19.34
CA GLY A 138 -6.27 81.29 20.38
C GLY A 138 -4.98 81.99 20.75
N ASP A 139 -4.48 81.73 21.95
CA ASP A 139 -3.21 82.32 22.44
C ASP A 139 -2.03 81.56 21.86
N HIS A 140 -0.82 82.03 22.12
CA HIS A 140 0.38 81.55 21.42
C HIS A 140 0.78 80.16 21.94
N SER A 141 0.23 79.67 23.07
CA SER A 141 0.56 78.31 23.56
C SER A 141 0.24 77.30 22.45
N ILE A 142 -0.74 77.55 21.60
CA ILE A 142 -1.23 76.50 20.66
C ILE A 142 -0.13 76.16 19.63
N SER A 143 0.84 77.05 19.41
CA SER A 143 1.94 76.82 18.42
C SER A 143 2.80 75.58 18.75
N TYR A 144 3.02 75.26 20.02
CA TYR A 144 3.83 74.08 20.42
C TYR A 144 3.18 72.80 19.84
N PRO A 145 1.97 72.43 20.24
CA PRO A 145 1.34 71.24 19.69
C PRO A 145 1.14 71.25 18.17
N VAL A 146 0.82 72.40 17.56
CA VAL A 146 0.68 72.49 16.09
C VAL A 146 2.02 72.16 15.42
N VAL A 147 3.12 72.75 15.87
CA VAL A 147 4.45 72.52 15.26
C VAL A 147 4.87 71.07 15.57
N ARG A 148 4.66 70.59 16.79
CA ARG A 148 4.87 69.15 17.12
C ARG A 148 4.19 68.31 16.03
N ALA A 149 2.89 68.49 15.80
CA ALA A 149 2.14 67.66 14.83
C ALA A 149 2.75 67.76 13.42
N VAL A 150 3.02 68.97 12.92
CA VAL A 150 3.53 69.13 11.53
C VAL A 150 4.91 68.45 11.42
N SER A 151 5.80 68.66 12.39
CA SER A 151 7.15 68.06 12.38
C SER A 151 7.03 66.55 12.44
N GLU A 152 6.26 65.98 13.38
CA GLU A 152 6.18 64.50 13.55
C GLU A 152 5.64 63.87 12.26
N LYS A 153 4.58 64.46 11.73
CA LYS A 153 3.90 64.00 10.49
C LYS A 153 4.92 64.01 9.35
N LEU A 154 5.75 65.05 9.19
CA LEU A 154 6.70 65.15 8.05
C LEU A 154 8.03 64.41 8.35
N GLY A 155 8.23 63.99 9.61
CA GLY A 155 9.36 63.18 10.11
C GLY A 155 10.69 63.89 10.01
N GLY A 156 10.81 65.06 10.62
CA GLY A 156 12.00 65.92 10.48
C GLY A 156 11.72 67.34 10.94
N PRO A 157 12.76 68.15 11.13
CA PRO A 157 12.57 69.50 11.63
C PRO A 157 12.11 70.45 10.51
N VAL A 158 11.60 71.63 10.85
CA VAL A 158 11.26 72.72 9.88
C VAL A 158 12.05 73.99 10.27
N ASP A 159 12.17 74.93 9.33
CA ASP A 159 12.59 76.32 9.61
C ASP A 159 11.30 77.07 9.93
N ILE A 160 11.37 77.96 10.91
CA ILE A 160 10.21 78.67 11.50
C ILE A 160 10.51 80.17 11.44
N LEU A 161 9.65 80.90 10.73
CA LEU A 161 9.53 82.36 10.79
C LEU A 161 8.49 82.69 11.86
N HIS A 162 8.91 83.36 12.91
CA HIS A 162 8.08 83.65 14.10
C HIS A 162 7.94 85.15 14.17
N LEU A 163 6.79 85.70 13.78
CA LEU A 163 6.52 87.16 13.86
C LEU A 163 5.81 87.50 15.18
N ASP A 164 6.44 88.33 16.03
CA ASP A 164 5.93 88.60 17.39
C ASP A 164 6.70 89.76 18.01
N ALA A 165 6.02 90.61 18.79
CA ALA A 165 6.68 91.57 19.70
C ALA A 165 7.55 90.83 20.72
N HIS A 166 7.16 89.60 21.06
CA HIS A 166 7.74 88.84 22.20
C HIS A 166 8.39 87.55 21.69
N PRO A 167 9.48 87.05 22.34
CA PRO A 167 10.10 85.82 21.87
C PRO A 167 9.41 84.52 22.33
N ASP A 168 8.58 84.58 23.39
CA ASP A 168 7.77 83.44 23.89
C ASP A 168 8.69 82.24 24.15
N ILE A 169 9.77 82.48 24.87
CA ILE A 169 10.85 81.48 25.02
C ILE A 169 11.35 81.40 26.47
N TYR A 170 10.61 81.98 27.42
CA TYR A 170 10.77 81.73 28.89
C TYR A 170 10.69 80.23 29.19
N ASP A 171 11.46 79.79 30.16
CA ASP A 171 11.54 78.35 30.46
C ASP A 171 10.21 77.87 31.05
N CYS A 172 9.63 78.67 31.94
CA CYS A 172 8.37 78.29 32.63
C CYS A 172 7.60 79.52 33.09
N PHE A 173 6.88 80.20 32.22
CA PHE A 173 6.34 81.53 32.62
C PHE A 173 5.30 81.31 33.71
N GLU A 174 5.50 81.89 34.90
CA GLU A 174 4.57 81.84 36.05
C GLU A 174 4.18 80.39 36.39
N GLY A 175 5.05 79.42 36.16
CA GLY A 175 4.86 78.01 36.56
C GLY A 175 4.08 77.19 35.53
N ASN A 176 3.66 77.78 34.40
CA ASN A 176 2.86 77.05 33.38
C ASN A 176 3.75 76.74 32.17
N LYS A 177 4.12 75.46 31.98
CA LYS A 177 4.99 75.00 30.87
C LYS A 177 4.27 75.21 29.53
N TYR A 178 2.93 75.24 29.55
CA TYR A 178 2.09 75.62 28.38
C TYR A 178 1.80 77.13 28.34
N SER A 179 2.53 77.96 29.09
CA SER A 179 2.34 79.43 29.01
C SER A 179 2.43 79.86 27.55
N HIS A 180 1.62 80.79 27.11
CA HIS A 180 1.77 81.38 25.76
C HIS A 180 3.15 82.05 25.62
N ALA A 181 3.86 82.27 26.73
CA ALA A 181 5.17 82.93 26.75
C ALA A 181 6.26 81.88 26.79
N SER A 182 5.95 80.58 26.64
CA SER A 182 6.95 79.49 26.62
C SER A 182 6.80 78.57 25.39
N SER A 183 5.92 78.88 24.45
CA SER A 183 5.62 77.98 23.31
C SER A 183 6.92 77.63 22.56
N PHE A 184 7.80 78.62 22.41
CA PHE A 184 9.01 78.51 21.57
C PHE A 184 10.13 77.80 22.34
N ALA A 185 10.17 77.90 23.67
CA ALA A 185 11.05 77.05 24.50
C ALA A 185 10.67 75.57 24.33
N ARG A 186 9.38 75.27 24.40
CA ARG A 186 8.87 73.89 24.21
C ARG A 186 9.26 73.37 22.83
N ILE A 187 8.99 74.14 21.77
CA ILE A 187 9.30 73.76 20.36
C ILE A 187 10.80 73.49 20.22
N MET A 188 11.66 74.40 20.67
CA MET A 188 13.11 74.30 20.49
C MET A 188 13.62 73.09 21.26
N GLU A 189 13.19 72.90 22.51
CA GLU A 189 13.55 71.70 23.32
C GLU A 189 13.18 70.40 22.58
N GLY A 190 12.26 70.41 21.62
CA GLY A 190 11.75 69.16 21.04
C GLY A 190 12.46 68.80 19.75
N GLY A 191 13.26 69.71 19.20
CA GLY A 191 14.00 69.47 17.93
C GLY A 191 13.11 69.60 16.71
N TYR A 192 12.03 70.38 16.76
CA TYR A 192 11.03 70.47 15.66
C TYR A 192 11.48 71.54 14.65
N ALA A 193 12.34 72.44 15.11
CA ALA A 193 12.82 73.51 14.23
C ALA A 193 14.35 73.49 14.14
N ARG A 194 14.85 73.67 12.92
CA ARG A 194 16.29 73.79 12.61
C ARG A 194 16.52 75.27 12.90
N ARG A 195 16.12 76.13 11.98
CA ARG A 195 16.17 77.61 12.20
C ARG A 195 14.84 78.11 12.80
N LEU A 196 14.94 79.11 13.70
CA LEU A 196 13.83 79.95 14.23
C LEU A 196 14.25 81.41 14.11
N LEU A 197 13.54 82.14 13.24
CA LEU A 197 13.71 83.59 13.06
C LEU A 197 12.58 84.30 13.80
N GLN A 198 12.92 85.14 14.78
CA GLN A 198 11.96 85.96 15.55
C GLN A 198 12.06 87.38 15.00
N VAL A 199 10.97 87.86 14.45
CA VAL A 199 10.92 89.13 13.72
C VAL A 199 9.83 89.98 14.33
N GLY A 200 10.20 91.23 14.61
CA GLY A 200 9.38 92.25 15.26
C GLY A 200 9.60 92.32 16.76
N ILE A 201 10.62 91.67 17.32
CA ILE A 201 10.84 91.61 18.79
C ILE A 201 11.10 93.03 19.30
N ARG A 202 10.41 93.43 20.37
CA ARG A 202 10.67 94.73 21.03
C ARG A 202 10.31 94.69 22.53
N SER A 203 9.99 93.53 23.08
CA SER A 203 9.73 93.25 24.52
C SER A 203 10.40 91.95 24.84
N ILE A 204 11.62 92.02 25.35
CA ILE A 204 12.53 90.88 25.62
C ILE A 204 13.38 91.29 26.82
N ASN A 205 13.67 90.34 27.71
CA ASN A 205 14.49 90.57 28.92
C ASN A 205 15.73 89.67 28.84
N GLN A 206 16.51 89.63 29.92
CA GLN A 206 17.73 88.80 29.99
C GLN A 206 17.39 87.34 29.67
N GLU A 207 16.38 86.75 30.32
CA GLU A 207 15.98 85.32 30.08
C GLU A 207 15.66 85.11 28.59
N GLY A 208 14.92 86.02 27.96
CA GLY A 208 14.65 86.03 26.51
C GLY A 208 15.92 85.95 25.66
N ARG A 209 16.95 86.72 25.99
CA ARG A 209 18.21 86.74 25.21
C ARG A 209 19.00 85.45 25.48
N GLU A 210 19.13 85.04 26.74
CA GLU A 210 19.86 83.81 27.12
C GLU A 210 19.20 82.58 26.48
N GLN A 211 17.89 82.42 26.63
CA GLN A 211 17.18 81.27 26.00
C GLN A 211 17.46 81.28 24.49
N GLY A 212 17.36 82.45 23.86
CA GLY A 212 17.66 82.64 22.42
C GLY A 212 19.06 82.13 22.09
N LYS A 213 20.06 82.55 22.87
CA LYS A 213 21.48 82.16 22.62
C LYS A 213 21.60 80.63 22.77
N ARG A 214 20.88 80.06 23.75
CA ARG A 214 20.91 78.62 24.13
C ARG A 214 20.29 77.75 23.03
N PHE A 215 19.31 78.23 22.30
CA PHE A 215 18.62 77.39 21.28
C PHE A 215 19.07 77.75 19.86
N GLY A 216 19.98 78.71 19.68
CA GLY A 216 20.49 79.12 18.36
C GLY A 216 19.44 79.95 17.63
N VAL A 217 18.61 80.63 18.38
CA VAL A 217 17.48 81.40 17.79
C VAL A 217 18.00 82.71 17.20
N GLU A 218 17.50 83.07 16.02
CA GLU A 218 17.90 84.32 15.32
C GLU A 218 16.87 85.39 15.68
N GLN A 219 17.21 86.28 16.60
CA GLN A 219 16.29 87.28 17.21
C GLN A 219 16.48 88.65 16.54
N TYR A 220 15.55 89.06 15.66
CA TYR A 220 15.50 90.38 14.97
C TYR A 220 14.68 91.36 15.83
N GLU A 221 15.37 92.28 16.46
CA GLU A 221 14.78 93.34 17.30
C GLU A 221 14.43 94.56 16.45
N MET A 222 13.28 95.17 16.73
CA MET A 222 12.87 96.38 15.99
C MET A 222 13.93 97.48 16.08
N ARG A 223 14.74 97.55 17.14
CA ARG A 223 15.73 98.64 17.27
C ARG A 223 16.81 98.56 16.17
N THR A 224 16.93 97.42 15.45
CA THR A 224 17.87 97.27 14.29
C THR A 224 17.06 97.04 13.00
N PHE A 225 15.78 97.37 12.96
CA PHE A 225 14.93 97.01 11.81
C PHE A 225 15.33 97.84 10.59
N SER A 226 15.78 99.08 10.81
CA SER A 226 16.31 99.98 9.74
C SER A 226 17.39 99.23 8.94
N LYS A 227 18.32 98.61 9.63
CA LYS A 227 19.46 97.93 8.97
C LYS A 227 19.03 96.52 8.48
N ASP A 228 18.12 95.83 9.14
CA ASP A 228 17.70 94.44 8.82
C ASP A 228 16.64 94.34 7.72
N ARG A 229 15.82 95.39 7.52
CA ARG A 229 14.73 95.41 6.50
C ARG A 229 15.18 94.77 5.18
N PRO A 230 16.25 95.23 4.48
CA PRO A 230 16.60 94.68 3.16
C PRO A 230 16.70 93.14 3.13
N MET A 231 17.23 92.64 4.25
CA MET A 231 17.43 91.19 4.51
C MET A 231 16.10 90.52 4.90
N LEU A 232 15.29 91.14 5.77
CA LEU A 232 14.05 90.46 6.20
C LEU A 232 13.03 90.37 5.04
N GLU A 233 13.12 91.32 4.09
CA GLU A 233 12.24 91.38 2.89
C GLU A 233 12.78 90.49 1.77
N ASN A 234 13.80 89.65 2.01
CA ASN A 234 14.33 88.72 0.98
C ASN A 234 14.81 87.43 1.63
N LEU A 235 13.98 86.88 2.54
CA LEU A 235 14.27 85.60 3.26
C LEU A 235 14.15 84.43 2.31
N LYS A 236 14.75 83.33 2.74
CA LYS A 236 14.75 82.00 2.09
C LYS A 236 14.95 80.98 3.22
N LEU A 237 14.00 80.07 3.38
CA LEU A 237 14.03 79.13 4.52
C LEU A 237 13.64 77.75 3.98
N GLY A 238 13.88 76.70 4.77
CA GLY A 238 13.34 75.35 4.48
C GLY A 238 14.28 74.54 3.64
N GLU A 239 15.21 75.18 2.90
CA GLU A 239 16.10 74.48 1.93
C GLU A 239 16.92 73.40 2.66
N GLY A 240 16.68 72.12 2.32
CA GLY A 240 17.36 70.98 2.95
C GLY A 240 16.52 70.25 3.98
N VAL A 241 15.62 70.92 4.68
CA VAL A 241 14.78 70.32 5.77
C VAL A 241 13.33 70.16 5.27
N LYS A 242 12.39 69.77 6.12
CA LYS A 242 11.07 69.24 5.68
C LYS A 242 10.19 70.36 5.11
N GLY A 243 10.44 71.60 5.53
CA GLY A 243 9.74 72.78 4.98
C GLY A 243 9.74 73.97 5.95
N VAL A 244 8.82 74.91 5.74
CA VAL A 244 8.78 76.18 6.51
C VAL A 244 7.43 76.32 7.22
N TYR A 245 7.45 76.54 8.55
CA TYR A 245 6.28 76.96 9.37
C TYR A 245 6.35 78.46 9.68
N ILE A 246 5.23 79.16 9.51
CA ILE A 246 5.14 80.61 9.85
C ILE A 246 4.16 80.71 11.00
N SER A 247 4.63 81.23 12.17
CA SER A 247 3.75 81.62 13.31
C SER A 247 3.60 83.14 13.33
N ILE A 248 2.38 83.66 13.33
CA ILE A 248 2.21 85.14 13.37
C ILE A 248 1.39 85.54 14.60
N ASP A 249 2.04 86.19 15.54
CA ASP A 249 1.39 86.90 16.68
C ASP A 249 0.99 88.27 16.12
N VAL A 250 -0.29 88.50 16.05
CA VAL A 250 -0.86 89.79 15.61
C VAL A 250 -0.12 90.99 16.30
N ASP A 251 0.41 90.83 17.52
CA ASP A 251 1.16 91.96 18.17
C ASP A 251 2.55 92.16 17.51
N CYS A 252 2.88 91.45 16.41
CA CYS A 252 4.08 91.80 15.62
C CYS A 252 3.88 93.19 15.02
N LEU A 253 2.63 93.51 14.68
CA LEU A 253 2.19 94.80 14.12
C LEU A 253 2.19 95.88 15.19
N ASP A 254 2.60 97.10 14.82
CA ASP A 254 2.42 98.23 15.76
C ASP A 254 0.97 98.23 16.22
N PRO A 255 0.68 98.51 17.50
CA PRO A 255 -0.73 98.65 17.93
C PRO A 255 -1.56 99.67 17.11
N ALA A 256 -0.93 100.63 16.41
CA ALA A 256 -1.67 101.51 15.47
C ALA A 256 -2.49 100.65 14.50
N PHE A 257 -1.93 99.52 14.03
CA PHE A 257 -2.51 98.61 13.01
C PHE A 257 -3.34 97.51 13.69
N ALA A 258 -2.92 97.07 14.86
CA ALA A 258 -3.56 95.93 15.54
C ALA A 258 -3.68 96.21 17.05
N PRO A 259 -4.71 96.99 17.43
CA PRO A 259 -4.97 97.26 18.84
C PRO A 259 -5.63 96.09 19.59
N GLY A 260 -6.26 95.17 18.85
CA GLY A 260 -6.98 94.00 19.38
C GLY A 260 -6.05 92.88 19.78
N VAL A 261 -5.20 93.16 20.75
CA VAL A 261 -4.19 92.24 21.32
C VAL A 261 -4.25 92.42 22.84
N SER A 262 -3.76 91.45 23.58
CA SER A 262 -3.62 91.47 25.04
C SER A 262 -2.41 92.28 25.45
N HIS A 263 -1.36 92.34 24.60
CA HIS A 263 -0.10 93.05 24.93
C HIS A 263 0.17 94.21 23.97
N ILE A 264 -0.26 95.40 24.32
CA ILE A 264 0.04 96.66 23.55
C ILE A 264 1.54 96.97 23.71
N GLU A 265 2.27 96.92 22.58
CA GLU A 265 3.73 97.15 22.60
C GLU A 265 4.11 98.09 21.46
N PRO A 266 4.14 99.42 21.73
CA PRO A 266 4.47 100.40 20.72
C PRO A 266 5.81 100.12 20.04
N GLY A 267 5.88 100.53 18.77
CA GLY A 267 7.06 100.54 17.88
C GLY A 267 7.17 99.25 17.10
N GLY A 268 6.08 98.76 16.55
CA GLY A 268 6.07 97.50 15.77
C GLY A 268 6.10 97.70 14.26
N LEU A 269 5.86 96.62 13.54
CA LEU A 269 5.84 96.57 12.06
C LEU A 269 4.51 97.15 11.54
N SER A 270 4.52 97.66 10.31
CA SER A 270 3.29 98.04 9.58
C SER A 270 2.66 96.76 9.04
N PHE A 271 1.41 96.82 8.64
CA PHE A 271 0.75 95.72 7.89
C PHE A 271 1.49 95.47 6.57
N ARG A 272 1.86 96.51 5.82
CA ARG A 272 2.59 96.37 4.53
C ARG A 272 4.00 95.81 4.78
N ASP A 273 4.63 96.09 5.94
CA ASP A 273 5.96 95.50 6.30
C ASP A 273 5.84 93.98 6.34
N VAL A 274 4.83 93.49 7.03
CA VAL A 274 4.58 92.05 7.16
C VAL A 274 4.31 91.50 5.78
N LEU A 275 3.54 92.20 4.97
CA LEU A 275 3.25 91.62 3.65
C LEU A 275 4.51 91.61 2.80
N ASN A 276 5.39 92.59 2.95
CA ASN A 276 6.67 92.63 2.20
C ASN A 276 7.45 91.38 2.58
N ILE A 277 7.43 91.00 3.86
CA ILE A 277 8.18 89.82 4.38
C ILE A 277 7.53 88.54 3.84
N LEU A 278 6.20 88.45 3.87
CA LEU A 278 5.49 87.21 3.41
C LEU A 278 5.56 87.05 1.89
N HIS A 279 5.28 88.10 1.12
CA HIS A 279 5.22 88.04 -0.37
C HIS A 279 6.59 87.65 -0.94
N ASN A 280 7.68 88.12 -0.34
CA ASN A 280 9.08 87.87 -0.80
C ASN A 280 9.70 86.66 -0.10
N LEU A 281 9.09 86.09 0.92
CA LEU A 281 9.67 84.88 1.59
C LEU A 281 9.70 83.73 0.58
N GLN A 282 10.88 83.24 0.26
CA GLN A 282 11.00 82.06 -0.63
C GLN A 282 11.09 80.80 0.27
N ALA A 283 10.10 79.94 0.14
CA ALA A 283 9.92 78.83 1.08
C ALA A 283 8.79 77.94 0.61
N ASP A 284 8.96 76.64 0.80
CA ASP A 284 7.87 75.64 0.74
C ASP A 284 7.17 75.69 2.11
N VAL A 285 6.03 76.36 2.20
CA VAL A 285 5.32 76.58 3.50
C VAL A 285 4.35 75.41 3.76
N VAL A 286 4.54 74.66 4.85
CA VAL A 286 3.84 73.37 5.14
C VAL A 286 2.79 73.59 6.24
N GLY A 287 2.78 74.77 6.84
CA GLY A 287 1.87 75.08 7.96
C GLY A 287 2.04 76.52 8.41
N ALA A 288 1.06 77.04 9.13
CA ALA A 288 1.12 78.44 9.61
C ALA A 288 0.04 78.63 10.66
N ASP A 289 0.17 79.65 11.50
CA ASP A 289 -0.88 80.01 12.48
C ASP A 289 -0.99 81.55 12.55
N VAL A 290 -2.13 82.04 13.01
CA VAL A 290 -2.35 83.49 13.23
C VAL A 290 -3.02 83.56 14.59
N VAL A 291 -2.29 84.04 15.60
CA VAL A 291 -2.66 83.83 17.03
C VAL A 291 -2.70 85.20 17.71
N GLU A 292 -3.28 85.23 18.89
CA GLU A 292 -3.27 86.37 19.84
C GLU A 292 -4.10 87.56 19.35
N PHE A 293 -4.94 87.40 18.35
CA PHE A 293 -6.02 88.38 18.11
C PHE A 293 -6.98 88.33 19.30
N ASN A 294 -7.20 89.46 19.95
CA ASN A 294 -8.09 89.54 21.13
C ASN A 294 -9.29 90.43 20.80
N PRO A 295 -10.44 89.82 20.41
CA PRO A 295 -11.59 90.58 19.95
C PRO A 295 -12.09 91.53 21.04
N GLN A 296 -11.85 91.21 22.31
CA GLN A 296 -12.34 92.06 23.45
C GLN A 296 -11.52 93.33 23.55
N ARG A 297 -10.36 93.42 22.89
CA ARG A 297 -9.53 94.64 22.92
C ARG A 297 -9.57 95.33 21.55
N ASP A 298 -10.45 94.89 20.66
CA ASP A 298 -10.48 95.38 19.25
C ASP A 298 -11.35 96.63 19.20
N THR A 299 -11.25 97.41 18.14
CA THR A 299 -12.11 98.59 17.94
C THR A 299 -13.58 98.15 17.79
N VAL A 300 -14.55 99.06 17.87
CA VAL A 300 -15.98 98.65 17.80
C VAL A 300 -16.34 98.09 16.43
N ASP A 301 -15.57 98.39 15.39
CA ASP A 301 -15.92 97.96 14.01
C ASP A 301 -15.06 96.77 13.58
N GLY A 302 -14.22 96.25 14.44
CA GLY A 302 -13.45 95.01 14.20
C GLY A 302 -12.25 95.20 13.29
N MET A 303 -11.53 96.32 13.39
CA MET A 303 -10.31 96.55 12.56
C MET A 303 -9.33 95.36 12.67
N THR A 304 -9.00 94.94 13.87
CA THR A 304 -8.00 93.87 14.10
C THR A 304 -8.56 92.54 13.54
N ALA A 305 -9.87 92.32 13.61
CA ALA A 305 -10.47 91.13 12.97
C ALA A 305 -10.10 91.14 11.46
N MET A 306 -10.20 92.29 10.79
CA MET A 306 -9.94 92.42 9.34
C MET A 306 -8.45 92.17 9.12
N VAL A 307 -7.64 92.74 10.01
CA VAL A 307 -6.17 92.55 10.02
C VAL A 307 -5.82 91.05 10.13
N ALA A 308 -6.39 90.32 11.10
CA ALA A 308 -6.10 88.88 11.20
C ALA A 308 -6.64 88.15 9.95
N ALA A 309 -7.84 88.48 9.46
CA ALA A 309 -8.39 87.81 8.27
C ALA A 309 -7.45 87.99 7.07
N LYS A 310 -6.91 89.17 6.83
CA LYS A 310 -6.09 89.42 5.63
C LYS A 310 -4.73 88.70 5.76
N LEU A 311 -4.15 88.59 6.97
CA LEU A 311 -2.99 87.69 7.19
C LEU A 311 -3.40 86.26 6.83
N VAL A 312 -4.54 85.78 7.29
CA VAL A 312 -4.95 84.39 6.95
C VAL A 312 -5.02 84.25 5.41
N ARG A 313 -5.80 85.10 4.74
CA ARG A 313 -6.00 85.12 3.27
C ARG A 313 -4.66 85.15 2.51
N GLU A 314 -3.71 86.02 2.88
CA GLU A 314 -2.37 86.12 2.23
C GLU A 314 -1.56 84.87 2.51
N LEU A 315 -1.50 84.39 3.76
CA LEU A 315 -0.91 83.06 4.08
C LEU A 315 -1.54 81.97 3.19
N ALA A 316 -2.85 81.94 3.02
CA ALA A 316 -3.45 80.82 2.26
C ALA A 316 -3.00 80.89 0.78
N ALA A 317 -2.71 82.09 0.27
CA ALA A 317 -2.34 82.37 -1.14
C ALA A 317 -0.91 81.90 -1.34
N LYS A 318 -0.14 81.87 -0.25
CA LYS A 318 1.26 81.42 -0.26
C LYS A 318 1.32 79.91 -0.11
N ILE A 319 0.43 79.33 0.69
CA ILE A 319 0.49 77.89 1.06
C ILE A 319 -0.14 77.06 -0.06
N SER A 320 -1.26 77.53 -0.61
CA SER A 320 -1.97 76.84 -1.70
C SER A 320 -1.12 76.94 -2.99
N LYS A 321 -1.15 75.90 -3.82
CA LYS A 321 -0.43 75.81 -5.13
C LYS A 321 -0.83 74.50 -5.84
N ALA B 5 -6.40 141.23 53.18
CA ALA B 5 -5.25 142.15 52.90
C ALA B 5 -4.15 141.35 52.18
N SER B 6 -2.98 141.18 52.84
CA SER B 6 -1.84 140.30 52.44
C SER B 6 -1.85 139.03 53.31
N SER B 7 -2.86 138.87 54.18
CA SER B 7 -3.25 137.57 54.79
C SER B 7 -3.51 136.53 53.68
N ILE B 8 -3.83 136.99 52.46
CA ILE B 8 -4.16 136.10 51.31
C ILE B 8 -2.85 135.52 50.79
N GLU B 9 -1.92 136.40 50.41
CA GLU B 9 -0.66 135.96 49.75
C GLU B 9 0.15 135.10 50.73
N LYS B 10 0.15 135.44 52.02
CA LYS B 10 0.88 134.71 53.08
C LYS B 10 0.28 133.31 53.28
N GLY B 11 -1.05 133.16 53.24
CA GLY B 11 -1.75 131.87 53.31
C GLY B 11 -1.40 130.98 52.13
N GLN B 12 -1.38 131.58 50.93
CA GLN B 12 -0.98 130.92 49.67
C GLN B 12 0.43 130.37 49.87
N ASN B 13 1.28 131.18 50.50
CA ASN B 13 2.72 130.89 50.68
C ASN B 13 2.86 129.64 51.53
N ARG B 14 1.98 129.47 52.53
CA ARG B 14 2.07 128.35 53.48
C ARG B 14 1.76 127.05 52.72
N VAL B 15 0.83 127.14 51.78
CA VAL B 15 0.41 126.00 50.92
C VAL B 15 1.54 125.66 49.94
N ILE B 16 2.12 126.69 49.32
CA ILE B 16 3.27 126.52 48.37
C ILE B 16 4.42 125.87 49.15
N ASP B 17 4.76 126.41 50.33
CA ASP B 17 5.88 125.90 51.14
C ASP B 17 5.65 124.43 51.51
N ALA B 18 4.45 124.08 51.96
CA ALA B 18 4.10 122.70 52.33
C ALA B 18 4.17 121.79 51.09
N SER B 19 3.74 122.32 49.92
CA SER B 19 3.79 121.60 48.63
C SER B 19 5.25 121.29 48.33
N LEU B 20 6.12 122.29 48.44
CA LEU B 20 7.56 122.07 48.15
C LEU B 20 8.19 121.15 49.20
N THR B 21 7.88 121.31 50.48
CA THR B 21 8.41 120.42 51.53
C THR B 21 8.05 118.96 51.15
N LEU B 22 6.82 118.72 50.67
CA LEU B 22 6.44 117.30 50.39
C LEU B 22 7.33 116.73 49.26
N ILE B 23 7.64 117.50 48.21
CA ILE B 23 8.54 117.03 47.12
C ILE B 23 9.92 116.78 47.70
N ARG B 24 10.37 117.66 48.59
CA ARG B 24 11.71 117.54 49.22
C ARG B 24 11.79 116.20 49.95
N GLU B 25 10.78 115.87 50.78
CA GLU B 25 10.84 114.66 51.66
C GLU B 25 10.85 113.42 50.79
N ARG B 26 10.05 113.40 49.71
CA ARG B 26 9.92 112.27 48.75
C ARG B 26 11.23 112.09 47.97
N ALA B 27 11.81 113.19 47.47
CA ALA B 27 13.06 113.22 46.69
C ALA B 27 14.20 112.68 47.58
N LYS B 28 14.19 113.04 48.88
CA LYS B 28 15.23 112.58 49.81
C LYS B 28 15.16 111.05 49.84
N LEU B 29 13.98 110.45 50.03
CA LEU B 29 13.96 108.96 50.19
C LEU B 29 14.46 108.28 48.92
N LYS B 30 14.13 108.84 47.76
CA LYS B 30 14.54 108.24 46.48
C LYS B 30 16.06 108.41 46.35
N GLY B 31 16.56 109.61 46.65
CA GLY B 31 18.00 109.92 46.69
C GLY B 31 18.75 108.91 47.53
N GLU B 32 18.30 108.67 48.76
CA GLU B 32 18.97 107.77 49.74
C GLU B 32 18.93 106.33 49.23
N LEU B 33 17.84 105.88 48.59
CA LEU B 33 17.76 104.54 47.98
C LEU B 33 18.86 104.38 46.90
N VAL B 34 18.94 105.33 45.96
CA VAL B 34 19.86 105.23 44.81
C VAL B 34 21.29 105.25 45.34
N ARG B 35 21.60 106.11 46.33
CA ARG B 35 22.99 106.27 46.86
C ARG B 35 23.36 104.97 47.59
N LEU B 36 22.43 104.35 48.29
CA LEU B 36 22.69 103.18 49.14
C LEU B 36 22.98 101.92 48.31
N LEU B 37 22.35 101.76 47.17
CA LEU B 37 22.71 100.76 46.15
C LEU B 37 24.06 101.04 45.51
N GLY B 38 24.49 102.31 45.35
CA GLY B 38 25.82 102.71 44.83
C GLY B 38 26.01 102.48 43.32
N GLY B 39 26.97 103.19 42.71
CA GLY B 39 27.46 102.98 41.32
C GLY B 39 26.74 103.82 40.29
N ALA B 40 25.66 104.53 40.62
CA ALA B 40 24.96 105.36 39.60
C ALA B 40 25.70 106.68 39.37
N LYS B 41 25.90 107.06 38.10
CA LYS B 41 26.31 108.43 37.68
C LYS B 41 25.07 109.31 37.53
N ALA B 42 23.95 108.72 37.15
CA ALA B 42 22.70 109.44 36.83
C ALA B 42 21.55 108.48 37.01
N SER B 43 20.45 108.97 37.56
CA SER B 43 19.27 108.14 37.88
C SER B 43 18.05 108.98 37.57
N THR B 44 17.33 108.55 36.53
CA THR B 44 16.05 109.11 36.09
C THR B 44 15.12 109.12 37.30
N SER B 45 14.55 110.27 37.60
CA SER B 45 13.49 110.38 38.63
C SER B 45 12.31 111.10 38.05
N LEU B 46 11.13 110.48 38.13
CA LEU B 46 9.88 111.03 37.54
C LEU B 46 9.37 112.11 38.47
N LEU B 47 8.93 113.23 37.89
CA LEU B 47 8.19 114.30 38.56
C LEU B 47 6.93 114.60 37.72
N GLY B 48 5.75 114.37 38.26
CA GLY B 48 4.54 114.74 37.53
C GLY B 48 4.18 116.19 37.79
N VAL B 49 3.60 116.84 36.77
CA VAL B 49 3.10 118.23 36.84
C VAL B 49 1.75 118.17 36.16
N PRO B 50 0.72 117.82 36.96
CA PRO B 50 -0.62 117.63 36.42
C PRO B 50 -1.30 118.98 36.14
N LEU B 51 -0.94 119.60 35.02
CA LEU B 51 -1.32 121.00 34.69
C LEU B 51 -1.85 121.02 33.27
N GLY B 52 -3.08 121.49 33.10
CA GLY B 52 -3.77 121.53 31.80
C GLY B 52 -4.28 122.92 31.43
N HIS B 53 -4.19 123.90 32.29
CA HIS B 53 -5.05 125.09 32.14
C HIS B 53 -4.41 126.07 31.15
N ASN B 54 -3.21 125.78 30.65
CA ASN B 54 -2.53 126.66 29.67
C ASN B 54 -2.83 126.15 28.24
N SER B 55 -3.57 125.02 28.10
CA SER B 55 -4.00 124.50 26.77
C SER B 55 -4.94 125.52 26.06
N SER B 56 -4.95 125.45 24.74
CA SER B 56 -5.75 126.28 23.82
C SER B 56 -7.07 125.59 23.48
N PHE B 57 -7.16 124.30 23.70
CA PHE B 57 -8.26 123.49 23.14
C PHE B 57 -8.83 122.51 24.18
N LEU B 58 -8.04 121.64 24.79
CA LEU B 58 -8.58 120.68 25.81
C LEU B 58 -7.57 120.63 26.96
N GLN B 59 -8.04 120.56 28.20
CA GLN B 59 -7.16 120.52 29.40
C GLN B 59 -6.88 119.11 29.88
N GLY B 60 -7.30 118.08 29.14
CA GLY B 60 -7.13 116.69 29.60
C GLY B 60 -5.71 116.30 30.05
N PRO B 61 -4.61 116.86 29.51
CA PRO B 61 -3.28 116.51 29.99
C PRO B 61 -3.09 116.72 31.48
N ALA B 62 -3.96 117.47 32.12
CA ALA B 62 -3.92 117.63 33.60
C ALA B 62 -4.00 116.24 34.28
N PHE B 63 -4.61 115.26 33.62
CA PHE B 63 -4.91 113.92 34.21
C PHE B 63 -3.83 112.90 33.79
N ALA B 64 -2.82 113.26 33.00
CA ALA B 64 -1.97 112.25 32.37
C ALA B 64 -1.06 111.52 33.36
N PRO B 65 -0.32 112.22 34.26
CA PRO B 65 0.78 111.58 34.95
C PRO B 65 0.38 110.34 35.72
N PRO B 66 -0.76 110.28 36.43
CA PRO B 66 -1.14 109.01 37.04
C PRO B 66 -1.33 107.90 36.00
N ARG B 67 -1.89 108.21 34.83
CA ARG B 67 -2.15 107.17 33.80
C ARG B 67 -0.85 106.66 33.21
N ILE B 68 0.12 107.52 33.06
CA ILE B 68 1.44 107.11 32.51
C ILE B 68 2.09 106.13 33.50
N ARG B 69 2.06 106.46 34.80
CA ARG B 69 2.67 105.55 35.80
C ARG B 69 2.00 104.19 35.72
N GLU B 70 0.67 104.15 35.68
CA GLU B 70 -0.03 102.85 35.57
C GLU B 70 0.56 102.07 34.39
N ALA B 71 0.74 102.69 33.21
CA ALA B 71 1.12 102.00 31.97
C ALA B 71 2.56 101.48 32.06
N ILE B 72 3.44 102.22 32.75
CA ILE B 72 4.84 101.80 32.94
C ILE B 72 4.86 100.42 33.60
N TRP B 73 3.98 100.20 34.59
CA TRP B 73 3.97 99.01 35.47
C TRP B 73 2.86 98.06 35.06
N CYS B 74 2.14 98.27 33.98
CA CYS B 74 1.08 97.31 33.59
C CYS B 74 1.66 95.86 33.58
N GLY B 75 0.90 94.89 34.09
CA GLY B 75 1.23 93.44 34.07
C GLY B 75 1.30 92.84 32.67
N SER B 76 0.88 93.54 31.61
CA SER B 76 1.00 93.05 30.21
C SER B 76 2.45 93.25 29.72
N THR B 77 3.24 94.05 30.45
CA THR B 77 4.59 94.48 30.06
C THR B 77 5.66 93.76 30.88
N ASN B 78 6.89 93.74 30.44
CA ASN B 78 7.97 93.38 31.42
C ASN B 78 8.71 94.66 31.74
N SER B 79 9.61 94.60 32.73
CA SER B 79 10.34 95.73 33.31
C SER B 79 11.65 96.01 32.57
N ALA B 80 11.93 95.33 31.45
CA ALA B 80 13.15 95.59 30.65
C ALA B 80 12.86 96.69 29.62
N THR B 81 13.74 97.69 29.48
CA THR B 81 13.75 98.58 28.29
C THR B 81 14.28 97.83 27.07
N GLU B 82 14.07 98.38 25.88
CA GLU B 82 14.42 97.76 24.58
C GLU B 82 15.91 97.41 24.55
N GLU B 83 16.77 98.26 25.14
CA GLU B 83 18.26 98.05 25.13
C GLU B 83 18.69 97.37 26.44
N GLY B 84 17.74 96.95 27.28
CA GLY B 84 17.97 95.91 28.29
C GLY B 84 18.20 96.45 29.70
N LYS B 85 17.83 97.69 30.02
CA LYS B 85 17.94 98.17 31.43
C LYS B 85 16.73 97.70 32.22
N GLU B 86 16.96 97.52 33.52
CA GLU B 86 15.96 96.97 34.46
C GLU B 86 15.26 98.16 35.15
N LEU B 87 14.00 98.41 34.81
CA LEU B 87 13.24 99.54 35.41
C LEU B 87 12.97 99.33 36.91
N LYS B 88 13.02 98.12 37.43
CA LYS B 88 12.83 97.88 38.90
C LYS B 88 14.08 98.29 39.68
N ASP B 89 15.23 98.49 39.02
CA ASP B 89 16.45 99.06 39.68
C ASP B 89 16.23 100.54 39.92
N PRO B 90 16.15 101.04 41.17
CA PRO B 90 15.89 102.44 41.43
C PRO B 90 16.94 103.34 40.79
N ARG B 91 18.13 102.80 40.59
CA ARG B 91 19.24 103.48 39.88
C ARG B 91 18.88 103.80 38.42
N VAL B 92 17.92 103.07 37.86
CA VAL B 92 17.42 103.25 36.46
C VAL B 92 16.17 104.13 36.52
N LEU B 93 15.27 103.88 37.48
CA LEU B 93 14.08 104.69 37.59
C LEU B 93 13.63 104.78 39.04
N THR B 94 13.29 106.01 39.47
CA THR B 94 12.52 106.29 40.71
C THR B 94 11.43 107.29 40.34
N ASP B 95 10.58 107.61 41.33
CA ASP B 95 9.43 108.49 41.13
C ASP B 95 9.23 109.32 42.40
N VAL B 96 9.32 110.64 42.29
CA VAL B 96 9.07 111.52 43.45
C VAL B 96 7.61 111.99 43.40
N GLY B 97 6.82 111.52 42.45
CA GLY B 97 5.37 111.77 42.43
C GLY B 97 5.04 113.12 41.81
N ASP B 98 3.89 113.66 42.17
CA ASP B 98 3.19 114.76 41.47
C ASP B 98 3.28 116.05 42.30
N VAL B 99 3.62 117.14 41.63
CA VAL B 99 3.45 118.51 42.16
C VAL B 99 1.96 118.69 42.35
N PRO B 100 1.47 119.05 43.53
CA PRO B 100 0.03 119.27 43.73
C PRO B 100 -0.46 120.62 43.15
N VAL B 101 -0.47 120.66 41.82
CA VAL B 101 -0.79 121.86 40.99
C VAL B 101 -2.23 122.29 41.26
N GLN B 102 -3.19 121.41 41.23
CA GLN B 102 -4.60 121.86 41.27
C GLN B 102 -4.89 122.56 42.60
N GLU B 103 -4.26 122.10 43.67
CA GLU B 103 -4.57 122.55 45.03
C GLU B 103 -3.89 123.90 45.21
N ILE B 104 -2.76 124.09 44.57
CA ILE B 104 -2.13 125.43 44.52
C ILE B 104 -3.01 126.42 43.74
N ARG B 105 -3.50 126.06 42.57
CA ARG B 105 -4.48 126.87 41.78
C ARG B 105 -5.71 127.19 42.62
N ASP B 106 -6.21 126.22 43.39
CA ASP B 106 -7.52 126.37 44.07
C ASP B 106 -7.39 127.41 45.20
N CYS B 107 -6.21 127.81 45.64
CA CYS B 107 -6.18 128.77 46.76
C CYS B 107 -5.80 130.16 46.20
N GLY B 108 -5.83 130.31 44.87
CA GLY B 108 -5.81 131.59 44.16
C GLY B 108 -4.43 131.97 43.69
N VAL B 109 -3.42 131.10 43.78
CA VAL B 109 -2.03 131.41 43.33
C VAL B 109 -2.01 131.72 41.83
N ASP B 110 -1.36 132.84 41.47
CA ASP B 110 -1.26 133.26 40.06
C ASP B 110 -0.27 132.35 39.31
N ASP B 111 -0.24 132.46 37.99
CA ASP B 111 0.57 131.60 37.10
C ASP B 111 2.05 131.85 37.29
N ASP B 112 2.51 133.06 37.56
CA ASP B 112 3.96 133.33 37.76
C ASP B 112 4.46 132.48 38.93
N ARG B 113 3.80 132.58 40.09
CA ARG B 113 4.18 131.85 41.32
C ARG B 113 3.92 130.36 41.10
N LEU B 114 2.89 129.99 40.36
CA LEU B 114 2.67 128.55 40.11
C LEU B 114 3.86 128.01 39.29
N MET B 115 4.27 128.69 38.22
CA MET B 115 5.42 128.19 37.39
C MET B 115 6.72 128.21 38.22
N ASN B 116 6.85 129.12 39.19
CA ASN B 116 7.99 129.14 40.14
C ASN B 116 8.04 127.86 40.97
N VAL B 117 6.87 127.40 41.44
CA VAL B 117 6.78 126.14 42.24
C VAL B 117 7.28 124.99 41.38
N ILE B 118 6.94 124.97 40.10
CA ILE B 118 7.30 123.84 39.21
C ILE B 118 8.82 123.83 39.12
N SER B 119 9.42 124.97 38.84
CA SER B 119 10.88 125.16 38.76
C SER B 119 11.50 124.68 40.06
N GLU B 120 10.98 125.18 41.18
CA GLU B 120 11.59 124.87 42.51
C GLU B 120 11.49 123.36 42.75
N SER B 121 10.44 122.69 42.25
CA SER B 121 10.25 121.23 42.45
C SER B 121 11.32 120.47 41.66
N VAL B 122 11.63 120.98 40.47
CA VAL B 122 12.67 120.37 39.59
C VAL B 122 14.04 120.47 40.29
N LYS B 123 14.33 121.63 40.89
CA LYS B 123 15.61 121.86 41.58
C LYS B 123 15.75 120.88 42.75
N LEU B 124 14.66 120.69 43.47
CA LEU B 124 14.64 119.81 44.65
C LEU B 124 15.01 118.37 44.24
N VAL B 125 14.58 117.88 43.09
CA VAL B 125 15.01 116.56 42.51
C VAL B 125 16.51 116.59 42.17
N MET B 126 16.98 117.65 41.52
CA MET B 126 18.35 117.78 40.99
C MET B 126 19.32 117.84 42.16
N GLU B 127 18.82 118.28 43.32
CA GLU B 127 19.63 118.56 44.55
C GLU B 127 19.79 117.28 45.37
N GLU B 128 19.09 116.21 45.03
CA GLU B 128 19.38 114.83 45.50
C GLU B 128 20.20 114.14 44.42
N GLU B 129 21.51 114.25 44.49
CA GLU B 129 22.42 113.59 43.52
C GLU B 129 22.32 112.09 43.72
N PRO B 130 22.36 111.27 42.66
CA PRO B 130 22.46 111.74 41.29
C PRO B 130 21.17 111.71 40.47
N LEU B 131 20.04 112.03 41.09
CA LEU B 131 18.73 112.14 40.38
C LEU B 131 18.81 113.16 39.23
N ARG B 132 18.24 112.77 38.07
CA ARG B 132 17.93 113.67 36.93
C ARG B 132 16.44 113.60 36.57
N PRO B 133 15.81 114.78 36.41
CA PRO B 133 14.37 114.84 36.29
C PRO B 133 13.87 114.46 34.90
N LEU B 134 12.86 113.60 34.90
CA LEU B 134 12.02 113.31 33.71
C LEU B 134 10.62 113.74 34.11
N VAL B 135 10.13 114.81 33.54
CA VAL B 135 8.85 115.41 33.99
C VAL B 135 7.74 114.78 33.15
N LEU B 136 6.64 114.35 33.81
CA LEU B 136 5.40 113.87 33.16
C LEU B 136 4.42 115.04 33.15
N GLY B 137 4.14 115.53 31.93
CA GLY B 137 3.04 116.49 31.74
C GLY B 137 1.70 115.77 31.74
N GLY B 138 0.62 116.58 31.77
CA GLY B 138 0.66 118.05 31.74
C GLY B 138 0.81 118.62 30.34
N ASP B 139 0.42 119.90 30.16
CA ASP B 139 0.49 120.58 28.84
C ASP B 139 1.87 121.16 28.70
N HIS B 140 2.17 121.56 27.49
CA HIS B 140 3.56 121.88 27.08
C HIS B 140 4.03 123.16 27.75
N SER B 141 3.13 123.90 28.41
CA SER B 141 3.50 125.13 29.17
C SER B 141 4.58 124.76 30.19
N ILE B 142 4.55 123.54 30.70
CA ILE B 142 5.42 123.19 31.84
C ILE B 142 6.89 123.15 31.39
N SER B 143 7.20 122.96 30.10
CA SER B 143 8.62 122.82 29.71
C SER B 143 9.38 124.13 30.05
N TYR B 144 8.70 125.27 30.05
CA TYR B 144 9.35 126.58 30.31
C TYR B 144 9.90 126.56 31.73
N PRO B 145 9.09 126.38 32.80
CA PRO B 145 9.64 126.38 34.16
C PRO B 145 10.61 125.21 34.41
N VAL B 146 10.44 124.09 33.69
CA VAL B 146 11.36 122.93 33.86
C VAL B 146 12.72 123.25 33.25
N VAL B 147 12.75 123.78 32.01
CA VAL B 147 14.05 124.03 31.32
C VAL B 147 14.74 125.18 32.05
N ARG B 148 14.00 126.20 32.45
CA ARG B 148 14.55 127.34 33.24
C ARG B 148 15.31 126.83 34.46
N ALA B 149 14.66 125.96 35.23
CA ALA B 149 15.16 125.32 36.47
C ALA B 149 16.41 124.51 36.14
N VAL B 150 16.41 123.73 35.08
CA VAL B 150 17.61 122.88 34.79
C VAL B 150 18.80 123.75 34.41
N SER B 151 18.56 124.74 33.54
CA SER B 151 19.61 125.67 33.04
C SER B 151 20.24 126.47 34.21
N GLU B 152 19.39 127.04 35.08
CA GLU B 152 19.78 127.85 36.26
C GLU B 152 20.62 126.97 37.17
N LYS B 153 20.20 125.73 37.35
CA LYS B 153 20.87 124.83 38.30
C LYS B 153 22.23 124.40 37.74
N LEU B 154 22.32 124.11 36.44
CA LEU B 154 23.58 123.68 35.79
C LEU B 154 24.42 124.90 35.42
N GLY B 155 23.83 126.08 35.48
CA GLY B 155 24.56 127.36 35.29
C GLY B 155 24.87 127.63 33.82
N GLY B 156 24.06 127.13 32.88
CA GLY B 156 24.25 127.54 31.49
C GLY B 156 23.14 127.01 30.59
N PRO B 157 23.18 127.44 29.31
CA PRO B 157 22.20 126.94 28.34
C PRO B 157 22.40 125.43 28.11
N VAL B 158 21.33 124.78 27.68
CA VAL B 158 21.35 123.40 27.16
C VAL B 158 20.98 123.46 25.69
N ASP B 159 21.33 122.40 24.97
CA ASP B 159 20.71 122.09 23.66
C ASP B 159 19.40 121.36 23.95
N ILE B 160 18.37 121.59 23.14
CA ILE B 160 17.05 120.94 23.27
C ILE B 160 16.71 120.22 21.97
N LEU B 161 16.36 118.94 22.10
CA LEU B 161 15.58 118.22 21.06
C LEU B 161 14.09 118.29 21.45
N HIS B 162 13.27 118.86 20.56
CA HIS B 162 11.83 119.17 20.78
C HIS B 162 11.07 118.37 19.75
N LEU B 163 10.40 117.30 20.14
CA LEU B 163 9.63 116.44 19.22
C LEU B 163 8.17 116.83 19.33
N ASP B 164 7.62 117.38 18.25
CA ASP B 164 6.30 118.04 18.33
C ASP B 164 5.82 118.29 16.91
N ALA B 165 4.51 118.14 16.68
CA ALA B 165 3.84 118.60 15.44
C ALA B 165 3.86 120.13 15.38
N HIS B 166 3.93 120.80 16.50
CA HIS B 166 3.83 122.27 16.65
C HIS B 166 5.14 122.85 17.20
N PRO B 167 5.57 124.04 16.74
CA PRO B 167 6.77 124.66 17.29
C PRO B 167 6.56 125.39 18.63
N ASP B 168 5.33 125.82 18.98
CA ASP B 168 5.06 126.38 20.33
C ASP B 168 5.96 127.58 20.61
N ILE B 169 6.07 128.51 19.65
CA ILE B 169 6.92 129.74 19.76
C ILE B 169 6.12 130.99 19.40
N TYR B 170 4.80 130.96 19.45
CA TYR B 170 3.99 132.20 19.51
C TYR B 170 4.56 133.09 20.62
N ASP B 171 4.74 134.38 20.32
CA ASP B 171 5.16 135.36 21.35
C ASP B 171 4.14 135.37 22.51
N CYS B 172 2.84 135.34 22.24
CA CYS B 172 1.82 135.42 23.33
C CYS B 172 0.51 134.84 22.85
N PHE B 173 0.35 133.51 22.87
CA PHE B 173 -0.79 132.86 22.18
C PHE B 173 -2.06 133.20 22.96
N GLU B 174 -3.04 133.82 22.29
CA GLU B 174 -4.33 134.26 22.89
C GLU B 174 -4.06 135.09 24.15
N GLY B 175 -2.98 135.87 24.23
CA GLY B 175 -2.73 136.81 25.35
C GLY B 175 -2.18 136.14 26.61
N ASN B 176 -1.96 134.84 26.59
CA ASN B 176 -1.42 134.09 27.77
C ASN B 176 0.06 133.77 27.48
N LYS B 177 0.97 134.43 28.18
CA LYS B 177 2.42 134.20 27.99
C LYS B 177 2.80 132.79 28.41
N TYR B 178 2.01 132.16 29.26
CA TYR B 178 2.28 130.77 29.72
C TYR B 178 1.50 129.81 28.83
N SER B 179 1.04 130.26 27.66
CA SER B 179 0.34 129.35 26.73
C SER B 179 1.25 128.15 26.38
N HIS B 180 0.66 126.97 26.30
CA HIS B 180 1.36 125.76 25.81
C HIS B 180 1.88 125.97 24.38
N ALA B 181 1.41 127.02 23.68
CA ALA B 181 1.83 127.36 22.29
C ALA B 181 2.97 128.40 22.26
N SER B 182 3.49 128.78 23.43
CA SER B 182 4.46 129.89 23.63
C SER B 182 5.63 129.41 24.49
N SER B 183 5.64 128.17 25.00
CA SER B 183 6.67 127.79 26.02
C SER B 183 8.08 127.86 25.41
N PHE B 184 8.28 127.63 24.10
CA PHE B 184 9.67 127.64 23.55
C PHE B 184 10.07 129.06 23.12
N ALA B 185 9.15 130.01 22.97
CA ALA B 185 9.45 131.46 22.99
C ALA B 185 9.98 131.86 24.36
N ARG B 186 9.26 131.51 25.41
CA ARG B 186 9.68 131.81 26.81
C ARG B 186 11.10 131.26 27.03
N ILE B 187 11.36 130.03 26.56
CA ILE B 187 12.68 129.37 26.78
C ILE B 187 13.80 130.13 26.05
N MET B 188 13.61 130.49 24.78
CA MET B 188 14.69 131.05 23.92
C MET B 188 14.96 132.51 24.32
N GLU B 189 13.89 133.23 24.69
CA GLU B 189 13.93 134.59 25.29
C GLU B 189 14.85 134.62 26.51
N GLY B 190 14.81 133.60 27.38
CA GLY B 190 15.57 133.58 28.65
C GLY B 190 17.02 133.11 28.50
N GLY B 191 17.43 132.75 27.28
CA GLY B 191 18.76 132.18 26.99
C GLY B 191 19.01 130.87 27.70
N TYR B 192 17.97 130.08 28.01
CA TYR B 192 18.14 128.76 28.66
C TYR B 192 18.54 127.69 27.62
N ALA B 193 18.38 127.95 26.31
CA ALA B 193 18.69 126.95 25.26
C ALA B 193 19.68 127.53 24.27
N ARG B 194 20.71 126.75 23.95
CA ARG B 194 21.61 127.18 22.88
C ARG B 194 20.92 126.76 21.59
N ARG B 195 20.95 125.48 21.22
CA ARG B 195 20.32 124.99 19.96
C ARG B 195 18.92 124.51 20.36
N LEU B 196 17.93 124.71 19.49
CA LEU B 196 16.58 124.14 19.62
C LEU B 196 16.30 123.42 18.32
N LEU B 197 16.34 122.08 18.35
CA LEU B 197 15.88 121.24 17.21
C LEU B 197 14.44 120.82 17.43
N GLN B 198 13.55 121.31 16.54
CA GLN B 198 12.12 120.96 16.53
C GLN B 198 11.89 119.91 15.44
N VAL B 199 11.44 118.74 15.82
CA VAL B 199 11.37 117.57 14.90
C VAL B 199 9.94 117.04 14.93
N GLY B 200 9.37 116.86 13.77
CA GLY B 200 8.00 116.34 13.59
C GLY B 200 7.04 117.43 13.19
N ILE B 201 7.54 118.64 12.97
CA ILE B 201 6.70 119.88 12.76
C ILE B 201 5.85 119.67 11.51
N ARG B 202 4.54 119.85 11.61
CA ARG B 202 3.65 119.81 10.42
C ARG B 202 2.45 120.75 10.58
N SER B 203 2.47 121.61 11.58
CA SER B 203 1.43 122.63 11.84
C SER B 203 2.16 123.87 12.33
N ILE B 204 2.37 124.80 11.41
CA ILE B 204 3.22 126.00 11.66
C ILE B 204 2.72 127.11 10.73
N ASN B 205 2.74 128.34 11.23
CA ASN B 205 2.23 129.55 10.51
C ASN B 205 3.38 130.55 10.36
N GLN B 206 3.15 131.63 9.62
CA GLN B 206 4.28 132.55 9.31
C GLN B 206 4.95 132.95 10.63
N GLU B 207 4.20 133.21 11.71
CA GLU B 207 4.79 133.65 13.02
C GLU B 207 5.65 132.51 13.59
N GLY B 208 5.18 131.28 13.44
CA GLY B 208 5.97 130.08 13.76
C GLY B 208 7.33 130.20 13.10
N ARG B 209 7.34 130.42 11.79
CA ARG B 209 8.59 130.43 10.98
C ARG B 209 9.44 131.69 11.31
N GLU B 210 8.79 132.84 11.44
CA GLU B 210 9.49 134.13 11.76
C GLU B 210 10.15 134.04 13.13
N GLN B 211 9.46 133.43 14.10
CA GLN B 211 10.00 133.28 15.48
C GLN B 211 11.13 132.22 15.45
N GLY B 212 10.95 131.16 14.65
CA GLY B 212 12.00 130.16 14.33
C GLY B 212 13.25 130.86 13.87
N LYS B 213 13.14 131.68 12.82
CA LYS B 213 14.28 132.43 12.19
C LYS B 213 14.95 133.37 13.23
N ARG B 214 14.11 134.12 14.02
CA ARG B 214 14.55 135.06 15.09
C ARG B 214 15.43 134.37 16.13
N PHE B 215 15.06 133.18 16.63
CA PHE B 215 15.79 132.60 17.78
C PHE B 215 16.86 131.58 17.32
N GLY B 216 17.10 131.44 16.01
CA GLY B 216 18.07 130.49 15.42
C GLY B 216 17.61 129.03 15.55
N VAL B 217 16.29 128.79 15.56
CA VAL B 217 15.69 127.45 15.82
C VAL B 217 15.89 126.56 14.59
N GLU B 218 16.18 125.28 14.79
CA GLU B 218 16.28 124.39 13.61
C GLU B 218 14.94 123.65 13.51
N GLN B 219 14.15 124.00 12.49
CA GLN B 219 12.78 123.49 12.29
C GLN B 219 12.79 122.47 11.15
N TYR B 220 12.63 121.20 11.53
CA TYR B 220 12.52 120.06 10.61
C TYR B 220 11.05 119.70 10.49
N GLU B 221 10.52 119.98 9.33
CA GLU B 221 9.12 119.70 8.98
C GLU B 221 9.01 118.32 8.30
N MET B 222 7.86 117.70 8.46
CA MET B 222 7.57 116.36 7.90
C MET B 222 7.50 116.41 6.37
N ARG B 223 7.22 117.54 5.72
CA ARG B 223 7.17 117.57 4.23
C ARG B 223 8.56 117.33 3.62
N THR B 224 9.61 117.27 4.46
CA THR B 224 11.03 116.98 4.05
C THR B 224 11.62 115.83 4.88
N PHE B 225 10.80 114.98 5.49
CA PHE B 225 11.33 113.92 6.38
C PHE B 225 12.14 112.87 5.61
N SER B 226 11.68 112.45 4.43
CA SER B 226 12.39 111.52 3.51
C SER B 226 13.89 111.91 3.41
N LYS B 227 14.17 113.20 3.23
CA LYS B 227 15.53 113.77 3.05
C LYS B 227 16.26 113.84 4.40
N ASP B 228 15.55 114.26 5.43
CA ASP B 228 16.16 114.65 6.72
C ASP B 228 16.37 113.45 7.68
N ARG B 229 15.79 112.30 7.33
CA ARG B 229 15.74 111.11 8.22
C ARG B 229 17.14 110.63 8.58
N PRO B 230 18.09 110.50 7.65
CA PRO B 230 19.45 110.04 8.00
C PRO B 230 20.10 110.92 9.07
N MET B 231 19.97 112.23 8.90
CA MET B 231 20.60 113.20 9.81
C MET B 231 19.85 113.14 11.15
N LEU B 232 18.52 113.02 11.14
CA LEU B 232 17.71 112.95 12.40
C LEU B 232 17.92 111.63 13.16
N GLU B 233 18.29 110.51 12.50
CA GLU B 233 18.60 109.22 13.17
C GLU B 233 20.09 109.17 13.53
N ASN B 234 20.74 110.34 13.64
CA ASN B 234 22.20 110.44 13.84
C ASN B 234 22.62 111.73 14.54
N LEU B 235 21.74 112.26 15.37
CA LEU B 235 21.97 113.55 16.09
C LEU B 235 23.12 113.42 17.12
N LYS B 236 23.86 114.51 17.29
CA LYS B 236 24.80 114.75 18.42
C LYS B 236 24.50 116.14 18.99
N LEU B 237 24.18 116.27 20.27
CA LEU B 237 23.83 117.59 20.85
C LEU B 237 24.63 117.83 22.13
N GLY B 238 24.66 119.10 22.54
CA GLY B 238 25.17 119.54 23.85
C GLY B 238 26.67 119.78 23.95
N GLU B 239 27.46 119.51 22.90
CA GLU B 239 28.94 119.71 23.02
C GLU B 239 29.23 121.19 23.30
N GLY B 240 30.00 121.47 24.35
CA GLY B 240 30.40 122.82 24.78
C GLY B 240 29.39 123.49 25.72
N VAL B 241 28.25 122.87 25.99
CA VAL B 241 27.28 123.44 26.97
C VAL B 241 26.95 122.36 28.01
N LYS B 242 26.05 122.70 28.91
CA LYS B 242 25.83 121.95 30.16
C LYS B 242 25.07 120.65 29.87
N GLY B 243 24.54 120.42 28.68
CA GLY B 243 23.86 119.15 28.39
C GLY B 243 22.69 119.34 27.47
N VAL B 244 21.82 118.34 27.46
CA VAL B 244 20.74 118.21 26.46
C VAL B 244 19.47 117.88 27.22
N TYR B 245 18.40 118.57 26.85
CA TYR B 245 17.04 118.38 27.39
C TYR B 245 16.22 117.90 26.20
N ILE B 246 15.41 116.88 26.45
CA ILE B 246 14.52 116.31 25.42
C ILE B 246 13.07 116.58 25.80
N SER B 247 12.35 117.33 24.97
CA SER B 247 10.92 117.60 25.18
C SER B 247 10.12 116.80 24.15
N ILE B 248 9.32 115.83 24.60
CA ILE B 248 8.45 115.03 23.69
C ILE B 248 6.97 115.36 23.98
N ASP B 249 6.36 116.17 23.12
CA ASP B 249 4.91 116.20 22.87
C ASP B 249 4.56 114.90 22.15
N VAL B 250 3.70 114.11 22.77
CA VAL B 250 3.17 112.86 22.18
C VAL B 250 2.57 113.10 20.77
N ASP B 251 2.12 114.32 20.42
CA ASP B 251 1.57 114.64 19.07
C ASP B 251 2.70 114.75 18.02
N CYS B 252 3.97 114.54 18.38
CA CYS B 252 5.01 114.28 17.35
C CYS B 252 4.63 113.03 16.55
N LEU B 253 4.01 112.07 17.22
CA LEU B 253 3.57 110.81 16.58
C LEU B 253 2.30 111.06 15.76
N ASP B 254 2.20 110.43 14.60
CA ASP B 254 0.95 110.40 13.83
C ASP B 254 -0.15 109.93 14.79
N PRO B 255 -1.33 110.52 14.67
CA PRO B 255 -2.45 110.13 15.52
C PRO B 255 -2.83 108.64 15.41
N ALA B 256 -2.48 107.98 14.32
CA ALA B 256 -2.65 106.54 14.17
C ALA B 256 -1.94 105.86 15.36
N PHE B 257 -0.79 106.40 15.81
CA PHE B 257 0.02 105.84 16.92
C PHE B 257 -0.42 106.49 18.24
N ALA B 258 -0.79 107.77 18.22
CA ALA B 258 -1.04 108.55 19.45
C ALA B 258 -2.33 109.36 19.29
N PRO B 259 -3.51 108.72 19.34
CA PRO B 259 -4.75 109.46 19.21
C PRO B 259 -5.05 110.26 20.47
N GLY B 260 -4.49 109.87 21.59
CA GLY B 260 -4.81 110.52 22.88
C GLY B 260 -4.05 111.83 23.07
N VAL B 261 -4.43 112.81 22.25
CA VAL B 261 -3.86 114.19 22.22
C VAL B 261 -5.00 115.17 22.00
N SER B 262 -4.79 116.42 22.41
CA SER B 262 -5.70 117.55 22.17
C SER B 262 -5.67 118.02 20.69
N HIS B 263 -4.57 117.81 20.00
CA HIS B 263 -4.35 118.35 18.62
C HIS B 263 -4.00 117.20 17.68
N ILE B 264 -5.03 116.70 16.99
CA ILE B 264 -4.94 115.62 16.00
C ILE B 264 -4.40 116.30 14.74
N GLU B 265 -3.30 115.78 14.23
CA GLU B 265 -2.52 116.44 13.15
C GLU B 265 -1.90 115.36 12.28
N PRO B 266 -2.65 114.88 11.29
CA PRO B 266 -2.19 113.76 10.49
C PRO B 266 -0.85 114.00 9.80
N GLY B 267 -0.14 112.92 9.50
CA GLY B 267 1.17 112.96 8.81
C GLY B 267 2.35 113.10 9.76
N GLY B 268 2.36 112.39 10.91
CA GLY B 268 3.43 112.46 11.90
C GLY B 268 4.43 111.28 11.82
N LEU B 269 5.30 111.17 12.82
CA LEU B 269 6.31 110.09 12.95
C LEU B 269 5.61 108.80 13.39
N SER B 270 6.15 107.63 13.07
CA SER B 270 5.79 106.35 13.73
C SER B 270 6.49 106.25 15.09
N PHE B 271 6.04 105.35 15.97
CA PHE B 271 6.68 105.19 17.28
C PHE B 271 8.12 104.75 17.00
N ARG B 272 8.31 103.85 16.02
CA ARG B 272 9.67 103.33 15.68
C ARG B 272 10.57 104.49 15.23
N ASP B 273 10.03 105.42 14.44
CA ASP B 273 10.72 106.63 13.98
C ASP B 273 11.25 107.39 15.21
N VAL B 274 10.45 107.53 16.27
CA VAL B 274 10.90 108.29 17.47
C VAL B 274 12.00 107.53 18.22
N LEU B 275 11.89 106.21 18.38
CA LEU B 275 12.98 105.45 19.07
C LEU B 275 14.24 105.44 18.21
N ASN B 276 14.13 105.43 16.88
CA ASN B 276 15.37 105.50 16.08
C ASN B 276 16.07 106.82 16.45
N ILE B 277 15.33 107.91 16.55
CA ILE B 277 15.97 109.22 16.80
C ILE B 277 16.56 109.18 18.21
N LEU B 278 15.76 108.81 19.20
CA LEU B 278 16.15 108.78 20.63
C LEU B 278 17.33 107.82 20.82
N HIS B 279 17.26 106.58 20.30
CA HIS B 279 18.30 105.55 20.56
C HIS B 279 19.63 106.05 20.04
N ASN B 280 19.63 106.75 18.90
CA ASN B 280 20.89 107.07 18.15
C ASN B 280 21.39 108.45 18.54
N LEU B 281 20.58 109.28 19.19
CA LEU B 281 21.01 110.62 19.64
C LEU B 281 22.26 110.47 20.50
N GLN B 282 23.34 111.18 20.20
CA GLN B 282 24.49 111.22 21.16
C GLN B 282 24.34 112.49 22.01
N ALA B 283 24.32 112.34 23.33
CA ALA B 283 23.90 113.45 24.24
C ALA B 283 24.09 113.03 25.69
N ASP B 284 24.58 113.94 26.50
CA ASP B 284 24.51 113.85 27.97
C ASP B 284 23.14 114.45 28.37
N VAL B 285 22.12 113.60 28.54
CA VAL B 285 20.75 114.14 28.74
C VAL B 285 20.62 114.51 30.22
N VAL B 286 20.31 115.77 30.49
CA VAL B 286 20.25 116.31 31.88
C VAL B 286 18.80 116.38 32.33
N GLY B 287 17.83 116.21 31.43
CA GLY B 287 16.42 116.34 31.80
C GLY B 287 15.55 115.99 30.60
N ALA B 288 14.30 115.63 30.85
CA ALA B 288 13.36 115.38 29.76
C ALA B 288 11.94 115.60 30.24
N ASP B 289 11.03 115.77 29.28
CA ASP B 289 9.60 115.74 29.60
C ASP B 289 8.89 114.90 28.53
N VAL B 290 7.80 114.29 28.97
CA VAL B 290 6.73 113.73 28.11
C VAL B 290 5.43 114.46 28.38
N VAL B 291 4.95 115.22 27.40
CA VAL B 291 3.79 116.12 27.59
C VAL B 291 2.69 115.84 26.57
N GLU B 292 1.50 116.33 26.89
CA GLU B 292 0.34 116.52 25.96
C GLU B 292 -0.31 115.15 25.70
N PHE B 293 0.00 114.15 26.52
CA PHE B 293 -0.87 112.95 26.54
C PHE B 293 -2.18 113.39 27.19
N ASN B 294 -3.29 113.23 26.45
CA ASN B 294 -4.65 113.57 26.86
C ASN B 294 -5.46 112.28 27.04
N PRO B 295 -5.52 111.72 28.28
CA PRO B 295 -6.25 110.49 28.53
C PRO B 295 -7.72 110.58 28.09
N GLN B 296 -8.33 111.76 28.14
CA GLN B 296 -9.75 111.90 27.77
C GLN B 296 -9.89 111.61 26.28
N ARG B 297 -8.82 111.70 25.48
CA ARG B 297 -8.93 111.55 24.01
C ARG B 297 -8.37 110.18 23.63
N ASP B 298 -7.97 109.37 24.62
CA ASP B 298 -7.26 108.10 24.36
C ASP B 298 -8.28 107.03 23.97
N THR B 299 -7.82 105.92 23.40
CA THR B 299 -8.68 104.74 23.18
C THR B 299 -9.21 104.24 24.54
N VAL B 300 -10.25 103.43 24.53
CA VAL B 300 -10.82 102.86 25.80
C VAL B 300 -9.83 101.93 26.48
N ASP B 301 -8.87 101.35 25.79
CA ASP B 301 -7.85 100.46 26.41
C ASP B 301 -6.58 101.25 26.74
N GLY B 302 -6.51 102.53 26.49
CA GLY B 302 -5.35 103.35 26.93
C GLY B 302 -4.14 103.12 26.05
N MET B 303 -4.30 103.07 24.71
CA MET B 303 -3.14 102.82 23.82
C MET B 303 -2.09 103.95 23.96
N THR B 304 -2.55 105.18 24.06
CA THR B 304 -1.68 106.36 24.15
C THR B 304 -1.00 106.35 25.51
N ALA B 305 -1.67 105.86 26.56
CA ALA B 305 -1.00 105.75 27.86
C ALA B 305 0.23 104.86 27.67
N MET B 306 0.14 103.79 26.84
CA MET B 306 1.24 102.79 26.70
C MET B 306 2.33 103.45 25.90
N VAL B 307 1.95 104.27 24.94
CA VAL B 307 2.89 105.07 24.11
C VAL B 307 3.70 106.03 25.00
N ALA B 308 3.01 106.83 25.81
CA ALA B 308 3.64 107.81 26.72
C ALA B 308 4.50 107.01 27.69
N ALA B 309 4.02 105.86 28.16
CA ALA B 309 4.81 105.07 29.15
C ALA B 309 6.09 104.55 28.48
N LYS B 310 6.02 104.08 27.25
CA LYS B 310 7.21 103.50 26.61
C LYS B 310 8.21 104.64 26.28
N LEU B 311 7.72 105.83 25.91
CA LEU B 311 8.62 106.99 25.71
C LEU B 311 9.37 107.29 27.01
N VAL B 312 8.68 107.28 28.14
CA VAL B 312 9.26 107.50 29.50
C VAL B 312 10.29 106.45 29.82
N ARG B 313 10.01 105.18 29.50
CA ARG B 313 10.90 104.02 29.80
C ARG B 313 12.16 104.18 28.95
N GLU B 314 12.05 104.58 27.70
CA GLU B 314 13.28 104.67 26.81
C GLU B 314 14.07 105.93 27.15
N LEU B 315 13.40 106.99 27.53
CA LEU B 315 14.14 108.19 28.04
C LEU B 315 14.90 107.85 29.33
N ALA B 316 14.30 107.10 30.25
CA ALA B 316 14.95 106.70 31.53
C ALA B 316 16.23 105.89 31.25
N ALA B 317 16.19 104.96 30.28
CA ALA B 317 17.36 104.12 29.98
C ALA B 317 18.48 105.06 29.47
N LYS B 318 18.06 106.09 28.72
CA LYS B 318 19.00 107.04 28.11
C LYS B 318 19.57 107.97 29.20
N ILE B 319 18.76 108.46 30.11
CA ILE B 319 19.20 109.47 31.10
C ILE B 319 19.98 108.72 32.17
N SER B 320 19.51 107.55 32.59
CA SER B 320 20.17 106.76 33.65
C SER B 320 21.51 106.20 33.11
N LYS B 321 22.56 106.26 33.92
CA LYS B 321 23.88 105.68 33.53
C LYS B 321 24.78 105.54 34.76
N SER C 6 -48.49 113.67 -14.14
CA SER C 6 -47.11 114.12 -14.40
C SER C 6 -46.86 115.48 -13.74
N SER C 7 -47.88 116.04 -13.07
CA SER C 7 -47.82 117.28 -12.24
C SER C 7 -46.60 117.25 -11.32
N ILE C 8 -46.20 116.04 -10.93
CA ILE C 8 -45.02 115.78 -10.06
C ILE C 8 -43.74 115.74 -10.91
N GLU C 9 -43.84 115.21 -12.15
CA GLU C 9 -42.69 115.05 -13.09
C GLU C 9 -42.19 116.44 -13.51
N LYS C 10 -43.10 117.37 -13.85
CA LYS C 10 -42.72 118.79 -14.05
C LYS C 10 -42.28 119.41 -12.72
N GLY C 11 -42.87 119.00 -11.57
CA GLY C 11 -42.56 119.51 -10.21
C GLY C 11 -41.14 119.14 -9.75
N GLN C 12 -40.73 117.90 -10.00
CA GLN C 12 -39.30 117.46 -9.96
C GLN C 12 -38.41 118.54 -10.59
N ASN C 13 -38.76 119.12 -11.73
CA ASN C 13 -37.92 120.12 -12.44
C ASN C 13 -37.84 121.43 -11.63
N ARG C 14 -38.89 121.80 -10.93
CA ARG C 14 -38.91 123.04 -10.13
C ARG C 14 -38.02 122.80 -8.90
N VAL C 15 -37.96 121.57 -8.41
CA VAL C 15 -37.03 121.23 -7.27
C VAL C 15 -35.56 121.32 -7.78
N ILE C 16 -35.27 120.70 -8.91
CA ILE C 16 -33.94 120.71 -9.60
C ILE C 16 -33.52 122.15 -9.96
N ASP C 17 -34.41 122.92 -10.58
CA ASP C 17 -34.08 124.30 -11.01
C ASP C 17 -33.59 125.09 -9.81
N ALA C 18 -34.41 125.14 -8.73
CA ALA C 18 -34.14 125.82 -7.44
C ALA C 18 -32.88 125.22 -6.79
N SER C 19 -32.72 123.89 -6.85
CA SER C 19 -31.48 123.25 -6.34
C SER C 19 -30.27 123.88 -7.04
N LEU C 20 -30.26 123.88 -8.38
CA LEU C 20 -29.13 124.44 -9.16
C LEU C 20 -29.05 125.97 -8.99
N THR C 21 -30.20 126.65 -8.92
CA THR C 21 -30.28 128.11 -8.74
C THR C 21 -29.42 128.46 -7.53
N LEU C 22 -29.67 127.75 -6.42
CA LEU C 22 -28.99 127.96 -5.12
C LEU C 22 -27.47 127.75 -5.25
N ILE C 23 -27.06 126.71 -5.97
CA ILE C 23 -25.62 126.46 -6.21
C ILE C 23 -25.02 127.64 -6.98
N ARG C 24 -25.76 128.18 -7.97
CA ARG C 24 -25.25 129.28 -8.84
C ARG C 24 -25.20 130.59 -8.06
N GLU C 25 -26.24 130.86 -7.28
CA GLU C 25 -26.31 132.13 -6.53
C GLU C 25 -25.14 132.17 -5.55
N ARG C 26 -24.86 131.05 -4.87
CA ARG C 26 -23.70 130.86 -3.95
C ARG C 26 -22.41 130.97 -4.78
N ALA C 27 -22.39 130.31 -5.95
CA ALA C 27 -21.17 130.29 -6.78
C ALA C 27 -20.76 131.71 -7.17
N LYS C 28 -21.73 132.57 -7.49
CA LYS C 28 -21.48 133.97 -7.94
C LYS C 28 -20.84 134.82 -6.82
N LEU C 29 -21.36 134.73 -5.59
CA LEU C 29 -20.87 135.50 -4.42
C LEU C 29 -19.37 135.21 -4.15
N LYS C 30 -19.09 133.86 -4.18
CA LYS C 30 -17.70 133.33 -4.04
C LYS C 30 -16.84 133.82 -5.22
N GLY C 31 -17.33 133.59 -6.45
CA GLY C 31 -16.74 134.19 -7.66
C GLY C 31 -16.33 135.63 -7.41
N GLU C 32 -17.26 136.44 -6.86
CA GLU C 32 -17.14 137.91 -6.77
C GLU C 32 -16.05 138.28 -5.76
N LEU C 33 -16.02 137.59 -4.63
CA LEU C 33 -15.08 137.86 -3.50
C LEU C 33 -13.64 137.57 -3.95
N VAL C 34 -13.46 136.43 -4.63
CA VAL C 34 -12.15 136.04 -5.27
C VAL C 34 -11.76 137.12 -6.32
N ARG C 35 -12.62 137.51 -7.27
CA ARG C 35 -12.27 138.55 -8.30
C ARG C 35 -12.01 139.89 -7.61
N LEU C 36 -12.74 140.23 -6.53
CA LEU C 36 -12.44 141.49 -5.79
C LEU C 36 -10.98 141.48 -5.33
N LEU C 37 -10.46 140.33 -4.91
CA LEU C 37 -9.15 140.22 -4.20
C LEU C 37 -8.01 140.32 -5.22
N GLY C 38 -8.14 139.61 -6.36
CA GLY C 38 -7.26 139.65 -7.55
C GLY C 38 -6.18 138.57 -7.53
N GLY C 39 -5.46 138.38 -8.65
CA GLY C 39 -4.19 137.61 -8.74
C GLY C 39 -4.40 136.09 -8.80
N ALA C 40 -5.60 135.60 -8.54
CA ALA C 40 -5.86 134.15 -8.56
C ALA C 40 -5.99 133.68 -10.03
N LYS C 41 -5.08 132.82 -10.47
CA LYS C 41 -5.27 131.95 -11.67
C LYS C 41 -6.36 130.88 -11.41
N ALA C 42 -6.28 130.21 -10.26
CA ALA C 42 -7.22 129.14 -9.84
C ALA C 42 -7.49 129.32 -8.33
N SER C 43 -8.72 128.98 -7.92
CA SER C 43 -9.22 129.11 -6.52
C SER C 43 -10.09 127.89 -6.21
N THR C 44 -9.56 127.03 -5.37
CA THR C 44 -10.30 125.86 -4.88
C THR C 44 -11.60 126.40 -4.24
N SER C 45 -12.70 125.77 -4.70
CA SER C 45 -14.06 125.99 -4.15
C SER C 45 -14.62 124.63 -3.84
N LEU C 46 -14.90 124.38 -2.57
CA LEU C 46 -15.55 123.15 -2.13
C LEU C 46 -16.98 123.11 -2.69
N LEU C 47 -17.39 121.90 -3.05
CA LEU C 47 -18.76 121.55 -3.49
C LEU C 47 -19.06 120.16 -2.92
N GLY C 48 -20.00 120.09 -1.98
CA GLY C 48 -20.30 118.82 -1.30
C GLY C 48 -21.32 118.02 -2.09
N VAL C 49 -21.20 116.68 -2.06
CA VAL C 49 -22.19 115.79 -2.73
C VAL C 49 -22.61 114.67 -1.76
N PRO C 50 -23.53 115.00 -0.82
CA PRO C 50 -23.93 114.07 0.22
C PRO C 50 -24.73 112.88 -0.34
N LEU C 51 -24.06 112.06 -1.13
CA LEU C 51 -24.66 110.90 -1.82
C LEU C 51 -23.96 109.64 -1.32
N GLY C 52 -24.71 108.67 -0.79
CA GLY C 52 -24.11 107.39 -0.37
C GLY C 52 -24.88 106.17 -0.83
N HIS C 53 -25.89 106.32 -1.67
CA HIS C 53 -26.88 105.23 -1.95
C HIS C 53 -26.38 104.37 -3.12
N ASN C 54 -25.24 104.72 -3.69
CA ASN C 54 -24.56 103.89 -4.71
C ASN C 54 -23.51 102.97 -4.06
N SER C 55 -23.40 102.99 -2.74
CA SER C 55 -22.38 102.21 -1.97
C SER C 55 -22.78 100.74 -1.96
N SER C 56 -21.86 99.81 -1.83
CA SER C 56 -22.17 98.36 -1.86
C SER C 56 -22.37 97.81 -0.45
N PHE C 57 -21.87 98.48 0.60
CA PHE C 57 -21.83 97.95 2.00
C PHE C 57 -22.49 98.89 3.00
N LEU C 58 -22.12 100.19 3.02
CA LEU C 58 -22.62 101.22 3.97
C LEU C 58 -22.76 102.55 3.23
N GLN C 59 -23.81 103.30 3.55
CA GLN C 59 -24.14 104.59 2.89
C GLN C 59 -23.66 105.79 3.68
N GLY C 60 -22.85 105.55 4.71
CA GLY C 60 -22.36 106.56 5.64
C GLY C 60 -21.71 107.77 4.99
N PRO C 61 -20.98 107.68 3.86
CA PRO C 61 -20.43 108.88 3.23
C PRO C 61 -21.47 109.97 2.90
N ALA C 62 -22.74 109.62 2.72
CA ALA C 62 -23.75 110.67 2.51
C ALA C 62 -23.64 111.77 3.59
N PHE C 63 -23.15 111.46 4.80
CA PHE C 63 -23.12 112.42 5.94
C PHE C 63 -21.79 113.19 6.02
N ALA C 64 -20.83 113.00 5.10
CA ALA C 64 -19.42 113.40 5.33
C ALA C 64 -19.15 114.90 5.13
N PRO C 65 -19.67 115.56 4.08
CA PRO C 65 -19.19 116.91 3.79
C PRO C 65 -19.29 117.88 4.94
N PRO C 66 -20.42 117.97 5.66
CA PRO C 66 -20.49 118.88 6.81
C PRO C 66 -19.45 118.57 7.91
N ARG C 67 -19.08 117.31 8.12
CA ARG C 67 -18.06 116.88 9.11
C ARG C 67 -16.69 117.32 8.63
N ILE C 68 -16.44 117.20 7.31
CA ILE C 68 -15.13 117.61 6.76
C ILE C 68 -14.97 119.11 7.01
N ARG C 69 -16.00 119.89 6.72
CA ARG C 69 -16.00 121.38 6.86
C ARG C 69 -15.70 121.75 8.32
N GLU C 70 -16.42 121.13 9.26
CA GLU C 70 -16.12 121.34 10.70
C GLU C 70 -14.64 121.04 11.00
N ALA C 71 -14.06 119.92 10.54
CA ALA C 71 -12.65 119.58 10.81
C ALA C 71 -11.65 120.57 10.20
N ILE C 72 -11.96 121.19 9.07
CA ILE C 72 -11.03 122.16 8.39
C ILE C 72 -10.78 123.31 9.35
N TRP C 73 -11.85 123.79 9.98
CA TRP C 73 -11.85 125.02 10.83
C TRP C 73 -11.81 124.70 12.32
N CYS C 74 -11.49 123.49 12.68
CA CYS C 74 -11.51 123.09 14.11
C CYS C 74 -10.56 124.03 14.87
N GLY C 75 -11.00 124.55 16.01
CA GLY C 75 -10.16 125.35 16.93
C GLY C 75 -8.84 124.66 17.26
N SER C 76 -8.71 123.34 17.18
CA SER C 76 -7.42 122.67 17.53
C SER C 76 -6.30 122.93 16.48
N THR C 77 -6.64 123.32 15.26
CA THR C 77 -5.73 123.50 14.11
C THR C 77 -5.47 124.98 13.84
N ASN C 78 -4.44 125.31 13.06
CA ASN C 78 -4.36 126.68 12.49
C ASN C 78 -4.79 126.61 11.03
N SER C 79 -4.82 127.78 10.39
CA SER C 79 -5.39 128.00 9.05
C SER C 79 -4.26 127.99 8.01
N ALA C 80 -3.03 127.68 8.41
CA ALA C 80 -1.89 127.53 7.48
C ALA C 80 -1.85 126.11 6.94
N THR C 81 -1.62 125.94 5.64
CA THR C 81 -1.33 124.59 5.09
C THR C 81 0.16 124.28 5.36
N GLU C 82 0.58 123.04 5.13
CA GLU C 82 1.98 122.62 5.37
C GLU C 82 2.95 123.53 4.62
N GLU C 83 2.64 123.88 3.37
CA GLU C 83 3.47 124.77 2.50
C GLU C 83 3.43 126.23 2.97
N GLY C 84 2.40 126.64 3.72
CA GLY C 84 2.31 128.03 4.22
C GLY C 84 1.18 128.89 3.62
N LYS C 85 0.28 128.24 2.86
CA LYS C 85 -0.89 128.87 2.21
C LYS C 85 -1.97 129.10 3.27
N GLU C 86 -2.62 130.27 3.18
CA GLU C 86 -3.53 130.78 4.22
C GLU C 86 -4.98 130.46 3.77
N LEU C 87 -5.62 129.52 4.48
CA LEU C 87 -6.94 128.93 4.12
C LEU C 87 -8.06 129.98 4.27
N LYS C 88 -7.81 131.05 5.07
CA LYS C 88 -8.82 132.13 5.33
C LYS C 88 -8.97 133.06 4.13
N ASP C 89 -7.97 133.09 3.24
CA ASP C 89 -7.93 133.86 1.97
C ASP C 89 -8.77 133.09 0.95
N PRO C 90 -9.83 133.71 0.40
CA PRO C 90 -10.75 133.07 -0.55
C PRO C 90 -10.04 132.62 -1.84
N ARG C 91 -9.00 133.34 -2.23
CA ARG C 91 -8.20 132.98 -3.45
C ARG C 91 -7.72 131.52 -3.29
N VAL C 92 -7.55 131.10 -2.03
CA VAL C 92 -7.00 129.77 -1.64
C VAL C 92 -8.14 128.76 -1.49
N LEU C 93 -9.23 129.21 -0.86
CA LEU C 93 -10.37 128.33 -0.49
C LEU C 93 -11.65 129.19 -0.30
N THR C 94 -12.68 128.78 -1.01
CA THR C 94 -14.08 129.15 -0.78
C THR C 94 -14.90 127.86 -0.80
N ASP C 95 -16.19 128.01 -0.49
CA ASP C 95 -17.12 126.88 -0.29
C ASP C 95 -18.45 127.33 -0.86
N VAL C 96 -18.99 126.58 -1.81
CA VAL C 96 -20.32 126.88 -2.41
C VAL C 96 -21.34 125.94 -1.77
N GLY C 97 -20.99 125.27 -0.67
CA GLY C 97 -21.92 124.39 0.04
C GLY C 97 -22.20 123.11 -0.73
N ASP C 98 -23.33 122.47 -0.39
CA ASP C 98 -23.72 121.08 -0.74
C ASP C 98 -24.83 121.09 -1.78
N VAL C 99 -24.84 120.04 -2.60
CA VAL C 99 -25.94 119.83 -3.59
C VAL C 99 -27.04 119.11 -2.79
N PRO C 100 -28.33 119.51 -2.85
CA PRO C 100 -29.36 118.82 -2.06
C PRO C 100 -29.83 117.50 -2.67
N VAL C 101 -28.95 116.51 -2.62
CA VAL C 101 -29.12 115.14 -3.18
C VAL C 101 -30.28 114.43 -2.49
N GLN C 102 -30.40 114.59 -1.17
CA GLN C 102 -31.44 113.79 -0.46
C GLN C 102 -32.84 114.33 -0.82
N GLU C 103 -32.94 115.65 -0.97
CA GLU C 103 -34.23 116.29 -1.33
C GLU C 103 -34.60 115.84 -2.74
N ILE C 104 -33.66 115.93 -3.67
CA ILE C 104 -33.85 115.43 -5.06
C ILE C 104 -34.26 113.96 -5.06
N ARG C 105 -33.50 113.09 -4.40
CA ARG C 105 -33.88 111.65 -4.31
C ARG C 105 -35.33 111.51 -3.82
N ASP C 106 -35.72 112.37 -2.88
CA ASP C 106 -36.97 112.18 -2.13
C ASP C 106 -38.16 112.57 -3.03
N CYS C 107 -38.00 113.50 -3.96
CA CYS C 107 -39.11 113.96 -4.83
C CYS C 107 -39.25 112.99 -6.02
N GLY C 108 -38.65 111.78 -5.92
CA GLY C 108 -38.81 110.64 -6.85
C GLY C 108 -37.92 110.66 -8.09
N VAL C 109 -37.04 111.66 -8.29
CA VAL C 109 -36.09 111.75 -9.45
C VAL C 109 -35.23 110.47 -9.49
N ASP C 110 -35.05 109.84 -10.67
CA ASP C 110 -34.16 108.66 -10.92
C ASP C 110 -32.66 109.04 -10.99
N ASP C 111 -31.75 108.05 -11.03
CA ASP C 111 -30.30 108.30 -10.81
C ASP C 111 -29.71 109.07 -11.99
N ASP C 112 -30.14 108.73 -13.21
CA ASP C 112 -29.75 109.45 -14.45
C ASP C 112 -29.83 110.97 -14.22
N ARG C 113 -31.01 111.48 -13.93
CA ARG C 113 -31.24 112.93 -13.71
C ARG C 113 -30.44 113.41 -12.49
N LEU C 114 -30.37 112.64 -11.40
CA LEU C 114 -29.55 113.04 -10.19
C LEU C 114 -28.09 113.31 -10.59
N MET C 115 -27.48 112.33 -11.26
CA MET C 115 -26.04 112.40 -11.58
CA MET C 115 -26.04 112.37 -11.62
C MET C 115 -25.82 113.56 -12.56
N ASN C 116 -26.82 113.83 -13.41
CA ASN C 116 -26.79 114.98 -14.35
C ASN C 116 -26.88 116.29 -13.56
N VAL C 117 -27.79 116.36 -12.58
CA VAL C 117 -27.88 117.54 -11.67
C VAL C 117 -26.51 117.72 -11.01
N ILE C 118 -25.89 116.61 -10.58
CA ILE C 118 -24.54 116.70 -9.95
C ILE C 118 -23.55 117.25 -10.98
N SER C 119 -23.61 116.76 -12.22
CA SER C 119 -22.67 117.24 -13.28
C SER C 119 -22.90 118.73 -13.52
N GLU C 120 -24.17 119.14 -13.59
CA GLU C 120 -24.54 120.56 -13.84
C GLU C 120 -24.01 121.43 -12.69
N SER C 121 -24.14 120.94 -11.45
CA SER C 121 -23.69 121.69 -10.24
C SER C 121 -22.17 121.93 -10.34
N VAL C 122 -21.42 120.93 -10.78
CA VAL C 122 -19.94 121.06 -10.95
C VAL C 122 -19.67 122.12 -12.01
N LYS C 123 -20.46 122.10 -13.10
CA LYS C 123 -20.30 123.07 -14.21
C LYS C 123 -20.55 124.49 -13.71
N LEU C 124 -21.53 124.67 -12.81
CA LEU C 124 -21.89 126.00 -12.26
C LEU C 124 -20.68 126.62 -11.54
N VAL C 125 -19.89 125.81 -10.83
CA VAL C 125 -18.68 126.31 -10.11
C VAL C 125 -17.61 126.73 -11.14
N MET C 126 -17.35 125.88 -12.13
CA MET C 126 -16.31 126.00 -13.20
CA MET C 126 -16.29 126.03 -13.16
C MET C 126 -16.58 127.29 -14.01
N GLU C 127 -17.87 127.61 -14.23
CA GLU C 127 -18.35 128.79 -15.04
C GLU C 127 -18.07 130.10 -14.30
N GLU C 128 -17.79 130.00 -13.00
CA GLU C 128 -17.44 131.19 -12.20
C GLU C 128 -15.92 131.18 -12.14
N GLU C 129 -15.28 132.10 -12.86
CA GLU C 129 -13.80 132.12 -12.90
C GLU C 129 -13.34 132.88 -11.66
N PRO C 130 -12.18 132.47 -11.11
CA PRO C 130 -11.45 131.30 -11.60
C PRO C 130 -11.54 130.08 -10.68
N LEU C 131 -12.74 129.76 -10.22
CA LEU C 131 -12.92 128.69 -9.23
C LEU C 131 -12.68 127.37 -9.99
N ARG C 132 -12.10 126.41 -9.25
CA ARG C 132 -11.86 125.01 -9.67
C ARG C 132 -12.51 124.15 -8.58
N PRO C 133 -13.30 123.12 -8.95
CA PRO C 133 -14.05 122.35 -7.98
C PRO C 133 -13.25 121.26 -7.23
N LEU C 134 -13.33 121.31 -5.89
CA LEU C 134 -12.93 120.22 -4.98
C LEU C 134 -14.22 119.67 -4.41
N VAL C 135 -14.63 118.51 -4.89
CA VAL C 135 -15.90 117.86 -4.46
C VAL C 135 -15.62 117.08 -3.19
N LEU C 136 -16.42 117.33 -2.14
CA LEU C 136 -16.44 116.51 -0.92
C LEU C 136 -17.48 115.43 -1.14
N GLY C 137 -17.06 114.18 -1.26
CA GLY C 137 -18.00 113.05 -1.28
C GLY C 137 -18.55 112.83 0.12
N GLY C 138 -19.55 111.95 0.26
CA GLY C 138 -20.08 111.18 -0.86
C GLY C 138 -19.24 109.94 -1.16
N ASP C 139 -19.93 108.91 -1.70
CA ASP C 139 -19.38 107.59 -2.09
C ASP C 139 -18.77 107.81 -3.49
N HIS C 140 -17.93 106.86 -3.90
CA HIS C 140 -17.09 106.90 -5.12
C HIS C 140 -17.92 107.20 -6.38
N SER C 141 -19.14 106.69 -6.42
CA SER C 141 -20.13 106.90 -7.51
C SER C 141 -20.08 108.34 -8.05
N ILE C 142 -19.80 109.34 -7.24
CA ILE C 142 -19.88 110.77 -7.71
C ILE C 142 -18.77 111.13 -8.67
N SER C 143 -17.63 110.48 -8.63
CA SER C 143 -16.47 110.84 -9.47
C SER C 143 -16.86 110.87 -10.96
N TYR C 144 -17.73 109.94 -11.36
CA TYR C 144 -18.12 109.74 -12.80
C TYR C 144 -18.79 110.99 -13.30
N PRO C 145 -19.88 111.49 -12.64
CA PRO C 145 -20.51 112.75 -13.02
C PRO C 145 -19.65 114.01 -12.82
N VAL C 146 -18.76 114.01 -11.83
CA VAL C 146 -17.87 115.19 -11.65
C VAL C 146 -16.92 115.20 -12.84
N VAL C 147 -16.31 114.05 -13.15
CA VAL C 147 -15.23 113.96 -14.17
C VAL C 147 -15.83 114.33 -15.54
N ARG C 148 -16.94 113.66 -15.91
CA ARG C 148 -17.76 113.93 -17.14
C ARG C 148 -18.00 115.43 -17.27
N ALA C 149 -18.40 116.09 -16.19
CA ALA C 149 -18.71 117.54 -16.17
C ALA C 149 -17.40 118.32 -16.37
N VAL C 150 -16.31 117.86 -15.75
CA VAL C 150 -14.99 118.53 -15.89
C VAL C 150 -14.56 118.33 -17.35
N SER C 151 -14.74 117.11 -17.90
CA SER C 151 -14.20 116.69 -19.23
C SER C 151 -14.95 117.41 -20.37
N GLU C 152 -16.29 117.47 -20.23
CA GLU C 152 -17.22 118.25 -21.09
C GLU C 152 -16.85 119.75 -21.03
N LYS C 153 -16.87 120.40 -19.88
CA LYS C 153 -16.52 121.84 -19.74
C LYS C 153 -15.17 122.15 -20.38
N LEU C 154 -14.17 121.31 -20.19
CA LEU C 154 -12.78 121.62 -20.58
C LEU C 154 -12.56 121.34 -22.09
N GLY C 155 -13.33 120.39 -22.64
CA GLY C 155 -13.45 120.12 -24.09
C GLY C 155 -12.71 118.87 -24.48
N GLY C 156 -12.54 117.90 -23.59
CA GLY C 156 -11.71 116.75 -23.93
C GLY C 156 -11.27 115.96 -22.71
N PRO C 157 -10.52 114.87 -22.92
CA PRO C 157 -10.28 113.94 -21.82
C PRO C 157 -9.32 114.56 -20.78
N VAL C 158 -9.33 114.07 -19.53
CA VAL C 158 -8.25 114.37 -18.56
C VAL C 158 -7.52 113.03 -18.15
N ASP C 159 -6.31 113.21 -17.56
CA ASP C 159 -5.61 112.13 -16.80
C ASP C 159 -6.01 112.22 -15.31
N ILE C 160 -6.01 111.07 -14.67
CA ILE C 160 -6.55 110.96 -13.30
C ILE C 160 -5.47 110.29 -12.48
N LEU C 161 -5.14 110.94 -11.36
CA LEU C 161 -4.56 110.30 -10.14
C LEU C 161 -5.70 109.87 -9.21
N HIS C 162 -5.85 108.57 -9.08
CA HIS C 162 -6.91 107.86 -8.33
C HIS C 162 -6.22 107.08 -7.22
N LEU C 163 -6.26 107.62 -6.00
CA LEU C 163 -5.66 107.05 -4.77
C LEU C 163 -6.75 106.25 -4.07
N ASP C 164 -6.66 104.91 -4.08
CA ASP C 164 -7.72 104.04 -3.51
C ASP C 164 -7.22 102.60 -3.35
N ALA C 165 -7.73 101.89 -2.34
CA ALA C 165 -7.44 100.46 -2.09
C ALA C 165 -8.00 99.60 -3.23
N HIS C 166 -9.18 99.97 -3.73
CA HIS C 166 -9.88 99.25 -4.82
C HIS C 166 -9.73 100.06 -6.11
N PRO C 167 -9.99 99.47 -7.29
CA PRO C 167 -9.89 100.16 -8.59
C PRO C 167 -11.19 100.66 -9.23
N ASP C 168 -12.32 100.13 -8.79
CA ASP C 168 -13.69 100.60 -9.08
C ASP C 168 -14.01 100.69 -10.57
N ILE C 169 -13.57 99.70 -11.36
CA ILE C 169 -13.80 99.61 -12.82
C ILE C 169 -14.66 98.36 -13.10
N TYR C 170 -15.39 97.81 -12.12
CA TYR C 170 -16.37 96.73 -12.42
C TYR C 170 -17.33 97.22 -13.53
N ASP C 171 -17.70 96.33 -14.46
CA ASP C 171 -18.56 96.69 -15.62
C ASP C 171 -19.90 97.22 -15.08
N CYS C 172 -20.56 96.35 -14.31
CA CYS C 172 -21.86 96.62 -13.66
C CYS C 172 -21.85 95.87 -12.33
N PHE C 173 -21.71 96.57 -11.21
CA PHE C 173 -21.59 95.90 -9.89
C PHE C 173 -22.90 95.83 -9.11
N GLU C 174 -23.27 94.59 -8.77
CA GLU C 174 -24.58 94.07 -8.28
C GLU C 174 -25.74 94.62 -9.12
N GLY C 175 -25.58 94.80 -10.41
CA GLY C 175 -26.68 95.18 -11.31
C GLY C 175 -26.96 96.67 -11.26
N ASN C 176 -26.08 97.45 -10.63
CA ASN C 176 -26.19 98.93 -10.56
C ASN C 176 -25.05 99.53 -11.38
N LYS C 177 -25.39 100.23 -12.45
CA LYS C 177 -24.40 100.89 -13.34
C LYS C 177 -23.83 102.13 -12.64
N TYR C 178 -24.41 102.53 -11.52
CA TYR C 178 -23.95 103.75 -10.81
C TYR C 178 -23.19 103.33 -9.55
N SER C 179 -22.98 102.02 -9.35
CA SER C 179 -22.22 101.40 -8.21
C SER C 179 -20.90 102.13 -7.97
N HIS C 180 -20.55 102.39 -6.71
CA HIS C 180 -19.26 103.08 -6.37
C HIS C 180 -18.06 102.28 -6.87
N ALA C 181 -18.30 100.99 -7.17
CA ALA C 181 -17.36 99.94 -7.64
C ALA C 181 -17.26 99.86 -9.16
N SER C 182 -18.01 100.71 -9.87
CA SER C 182 -18.14 100.71 -11.37
C SER C 182 -17.86 102.10 -11.92
N SER C 183 -17.46 103.04 -11.09
CA SER C 183 -17.37 104.50 -11.39
C SER C 183 -16.32 104.77 -12.47
N PHE C 184 -15.15 104.14 -12.42
CA PHE C 184 -14.01 104.40 -13.35
C PHE C 184 -14.22 103.64 -14.64
N ALA C 185 -15.03 102.57 -14.65
CA ALA C 185 -15.53 101.87 -15.87
C ALA C 185 -16.43 102.80 -16.72
N ARG C 186 -17.34 103.53 -16.09
CA ARG C 186 -18.19 104.60 -16.68
C ARG C 186 -17.30 105.70 -17.28
N ILE C 187 -16.27 106.13 -16.55
CA ILE C 187 -15.40 107.26 -16.94
C ILE C 187 -14.57 106.84 -18.16
N MET C 188 -13.99 105.65 -18.11
CA MET C 188 -13.13 105.13 -19.19
C MET C 188 -13.99 104.89 -20.44
N GLU C 189 -15.19 104.36 -20.23
CA GLU C 189 -16.17 104.04 -21.28
C GLU C 189 -16.51 105.30 -22.08
N GLY C 190 -16.64 106.44 -21.44
CA GLY C 190 -16.97 107.71 -22.09
C GLY C 190 -15.77 108.50 -22.57
N GLY C 191 -14.55 107.99 -22.41
CA GLY C 191 -13.36 108.73 -22.86
C GLY C 191 -13.24 110.10 -22.24
N TYR C 192 -13.64 110.24 -20.97
CA TYR C 192 -13.47 111.49 -20.17
C TYR C 192 -12.04 111.55 -19.60
N ALA C 193 -11.41 110.36 -19.50
CA ALA C 193 -9.98 110.19 -19.10
C ALA C 193 -9.16 109.57 -20.23
N ARG C 194 -7.85 109.93 -20.29
CA ARG C 194 -6.78 109.25 -21.06
C ARG C 194 -5.97 108.36 -20.09
N ARG C 195 -4.94 108.87 -19.39
CA ARG C 195 -4.19 108.10 -18.33
C ARG C 195 -4.94 108.11 -16.97
N LEU C 196 -5.39 106.94 -16.53
CA LEU C 196 -5.77 106.60 -15.14
C LEU C 196 -4.63 105.83 -14.41
N LEU C 197 -3.88 106.58 -13.58
CA LEU C 197 -2.98 106.08 -12.51
C LEU C 197 -3.76 105.77 -11.21
N GLN C 198 -3.88 104.49 -10.89
CA GLN C 198 -4.51 103.96 -9.66
C GLN C 198 -3.39 103.58 -8.66
N VAL C 199 -3.39 104.18 -7.47
CA VAL C 199 -2.26 104.11 -6.49
C VAL C 199 -2.82 103.72 -5.12
N GLY C 200 -2.16 102.82 -4.38
CA GLY C 200 -2.65 102.32 -3.08
C GLY C 200 -3.52 101.08 -3.24
N ILE C 201 -3.58 100.52 -4.47
CA ILE C 201 -4.43 99.35 -4.79
C ILE C 201 -3.96 98.12 -4.03
N ARG C 202 -4.88 97.43 -3.33
CA ARG C 202 -4.60 96.16 -2.59
C ARG C 202 -5.84 95.26 -2.54
N SER C 203 -6.93 95.66 -3.21
CA SER C 203 -8.22 94.93 -3.28
C SER C 203 -8.63 94.99 -4.73
N ILE C 204 -8.21 93.98 -5.50
CA ILE C 204 -8.43 93.88 -6.98
C ILE C 204 -8.69 92.42 -7.34
N ASN C 205 -9.61 92.19 -8.29
CA ASN C 205 -9.96 90.82 -8.74
C ASN C 205 -9.68 90.71 -10.24
N GLN C 206 -9.93 89.54 -10.81
CA GLN C 206 -9.47 89.29 -12.19
C GLN C 206 -10.27 90.21 -13.13
N GLU C 207 -11.49 90.60 -12.76
CA GLU C 207 -12.24 91.63 -13.50
C GLU C 207 -11.56 92.99 -13.36
N GLY C 208 -10.99 93.27 -12.19
CA GLY C 208 -10.30 94.55 -11.95
C GLY C 208 -9.11 94.74 -12.87
N ARG C 209 -8.37 93.66 -13.10
CA ARG C 209 -7.14 93.63 -13.96
C ARG C 209 -7.51 93.69 -15.45
N GLU C 210 -8.46 92.86 -15.88
CA GLU C 210 -8.91 92.78 -17.31
C GLU C 210 -9.44 94.16 -17.73
N GLN C 211 -10.29 94.77 -16.91
CA GLN C 211 -10.83 96.12 -17.22
C GLN C 211 -9.69 97.13 -17.25
N GLY C 212 -8.74 97.02 -16.33
CA GLY C 212 -7.58 97.95 -16.27
C GLY C 212 -6.74 97.87 -17.54
N LYS C 213 -6.48 96.64 -18.02
CA LYS C 213 -5.69 96.47 -19.27
C LYS C 213 -6.51 96.98 -20.47
N ARG C 214 -7.79 96.61 -20.51
CA ARG C 214 -8.73 96.95 -21.61
C ARG C 214 -8.81 98.47 -21.74
N PHE C 215 -8.80 99.19 -20.61
CA PHE C 215 -8.84 100.67 -20.65
C PHE C 215 -7.42 101.23 -20.60
N GLY C 216 -6.41 100.36 -20.62
CA GLY C 216 -5.01 100.80 -20.51
C GLY C 216 -4.75 101.58 -19.24
N VAL C 217 -5.14 101.01 -18.09
CA VAL C 217 -4.99 101.65 -16.75
C VAL C 217 -3.65 101.31 -16.10
N GLU C 218 -2.97 102.31 -15.56
CA GLU C 218 -1.69 102.13 -14.81
C GLU C 218 -2.03 101.89 -13.34
N GLN C 219 -2.30 100.64 -12.97
CA GLN C 219 -2.69 100.22 -11.60
C GLN C 219 -1.39 99.90 -10.85
N TYR C 220 -1.04 100.71 -9.86
CA TYR C 220 0.06 100.48 -8.87
C TYR C 220 -0.51 99.81 -7.60
N GLU C 221 -0.17 98.51 -7.40
CA GLU C 221 -0.55 97.64 -6.26
C GLU C 221 0.44 97.85 -5.12
N MET C 222 -0.05 97.77 -3.88
CA MET C 222 0.80 98.06 -2.69
C MET C 222 1.91 97.02 -2.60
N ARG C 223 1.69 95.92 -3.29
CA ARG C 223 2.60 94.75 -3.38
C ARG C 223 3.97 95.26 -3.88
N THR C 224 3.94 96.20 -4.82
CA THR C 224 5.16 96.74 -5.46
C THR C 224 5.47 98.16 -4.98
N PHE C 225 4.85 98.58 -3.88
CA PHE C 225 5.05 99.97 -3.39
C PHE C 225 6.51 100.26 -3.02
N SER C 226 7.23 99.28 -2.50
CA SER C 226 8.66 99.47 -2.14
C SER C 226 9.42 99.98 -3.37
N LYS C 227 9.35 99.23 -4.46
CA LYS C 227 9.99 99.60 -5.75
C LYS C 227 9.33 100.85 -6.34
N ASP C 228 8.00 100.90 -6.31
CA ASP C 228 7.18 102.00 -6.92
C ASP C 228 7.35 103.37 -6.27
N ARG C 229 7.56 103.43 -4.94
CA ARG C 229 7.68 104.70 -4.16
C ARG C 229 8.42 105.79 -4.94
N PRO C 230 9.70 105.62 -5.35
CA PRO C 230 10.41 106.66 -6.10
C PRO C 230 9.64 107.20 -7.30
N MET C 231 9.09 106.32 -8.14
CA MET C 231 8.27 106.72 -9.31
C MET C 231 6.98 107.40 -8.82
N LEU C 232 6.34 106.82 -7.81
CA LEU C 232 5.06 107.33 -7.25
C LEU C 232 5.25 108.69 -6.56
N GLU C 233 6.44 108.92 -6.01
CA GLU C 233 6.79 110.19 -5.30
C GLU C 233 7.44 111.17 -6.26
N ASN C 234 7.43 110.86 -7.56
CA ASN C 234 7.97 111.75 -8.62
C ASN C 234 7.02 111.63 -9.81
N LEU C 235 5.72 111.85 -9.58
CA LEU C 235 4.76 111.69 -10.71
C LEU C 235 4.58 113.00 -11.47
N LYS C 236 4.37 112.89 -12.78
CA LYS C 236 4.05 114.03 -13.68
C LYS C 236 2.85 113.59 -14.53
N LEU C 237 1.81 114.42 -14.63
CA LEU C 237 0.63 113.97 -15.42
C LEU C 237 0.00 115.14 -16.19
N GLY C 238 -0.89 114.79 -17.13
CA GLY C 238 -1.68 115.78 -17.88
C GLY C 238 -1.04 116.36 -19.12
N GLU C 239 0.16 115.92 -19.51
CA GLU C 239 0.77 116.52 -20.73
C GLU C 239 0.00 116.01 -21.95
N GLY C 240 -0.51 116.92 -22.78
CA GLY C 240 -1.30 116.54 -23.96
C GLY C 240 -2.79 116.38 -23.66
N VAL C 241 -3.22 116.78 -22.45
CA VAL C 241 -4.67 116.66 -22.08
C VAL C 241 -5.19 117.96 -21.43
N LYS C 242 -6.50 118.02 -21.23
CA LYS C 242 -7.23 119.20 -20.75
C LYS C 242 -6.76 119.43 -19.31
N GLY C 243 -6.45 118.35 -18.60
CA GLY C 243 -6.01 118.47 -17.20
C GLY C 243 -5.83 117.15 -16.51
N VAL C 244 -5.60 117.24 -15.20
CA VAL C 244 -5.42 116.14 -14.21
C VAL C 244 -6.44 116.31 -13.07
N TYR C 245 -7.23 115.25 -12.94
CA TYR C 245 -8.24 115.01 -11.89
C TYR C 245 -7.58 114.07 -10.86
N ILE C 246 -7.69 114.45 -9.58
CA ILE C 246 -7.27 113.67 -8.37
C ILE C 246 -8.51 113.18 -7.64
N SER C 247 -8.69 111.88 -7.65
CA SER C 247 -9.80 111.26 -6.92
C SER C 247 -9.24 110.52 -5.70
N ILE C 248 -9.37 111.10 -4.51
CA ILE C 248 -8.81 110.44 -3.30
C ILE C 248 -9.89 109.73 -2.51
N ASP C 249 -9.92 108.41 -2.64
CA ASP C 249 -10.78 107.60 -1.75
C ASP C 249 -9.97 107.56 -0.46
N VAL C 250 -10.62 107.79 0.68
CA VAL C 250 -9.97 107.90 2.02
C VAL C 250 -9.31 106.57 2.43
N ASP C 251 -9.81 105.43 1.95
CA ASP C 251 -9.25 104.08 2.22
C ASP C 251 -7.92 103.80 1.48
N CYS C 252 -7.41 104.71 0.65
CA CYS C 252 -6.06 104.55 0.08
C CYS C 252 -5.12 104.43 1.29
N LEU C 253 -5.42 105.16 2.36
CA LEU C 253 -4.68 105.13 3.65
C LEU C 253 -4.96 103.80 4.35
N ASP C 254 -3.94 103.23 4.94
CA ASP C 254 -4.12 102.11 5.90
C ASP C 254 -5.24 102.49 6.85
N PRO C 255 -6.14 101.57 7.19
CA PRO C 255 -7.13 101.86 8.23
C PRO C 255 -6.56 102.37 9.56
N ALA C 256 -5.28 102.10 9.88
CA ALA C 256 -4.63 102.64 11.09
C ALA C 256 -4.75 104.16 11.13
N PHE C 257 -4.60 104.82 9.95
CA PHE C 257 -4.68 106.31 9.79
C PHE C 257 -6.09 106.77 9.52
N ALA C 258 -6.87 105.97 8.82
CA ALA C 258 -8.23 106.33 8.33
C ALA C 258 -9.22 105.19 8.63
N PRO C 259 -9.64 104.98 9.92
CA PRO C 259 -10.56 103.90 10.22
C PRO C 259 -11.99 104.12 9.56
N GLY C 260 -12.31 105.40 9.47
CA GLY C 260 -13.65 105.90 9.11
C GLY C 260 -13.94 105.81 7.64
N VAL C 261 -14.05 104.59 7.20
CA VAL C 261 -14.38 104.16 5.80
C VAL C 261 -15.27 102.93 5.85
N SER C 262 -15.95 102.62 4.74
CA SER C 262 -16.88 101.48 4.66
C SER C 262 -16.09 100.20 4.36
N HIS C 263 -14.93 100.33 3.76
CA HIS C 263 -14.11 99.14 3.43
C HIS C 263 -12.74 99.21 4.11
N ILE C 264 -12.61 98.47 5.21
CA ILE C 264 -11.34 98.33 5.97
C ILE C 264 -10.48 97.38 5.15
N GLU C 265 -9.38 97.90 4.59
CA GLU C 265 -8.43 97.09 3.77
C GLU C 265 -6.99 97.32 4.29
N PRO C 266 -6.51 96.44 5.19
CA PRO C 266 -5.14 96.54 5.73
C PRO C 266 -4.01 96.58 4.69
N GLY C 267 -2.89 97.19 5.06
CA GLY C 267 -1.72 97.30 4.17
C GLY C 267 -1.80 98.49 3.22
N GLY C 268 -2.20 99.62 3.78
CA GLY C 268 -2.41 100.87 3.04
C GLY C 268 -1.17 101.83 3.06
N LEU C 269 -1.41 103.04 2.53
CA LEU C 269 -0.44 104.17 2.62
C LEU C 269 -0.52 104.79 3.99
N SER C 270 0.57 105.41 4.44
CA SER C 270 0.53 106.36 5.59
C SER C 270 0.03 107.74 5.11
N PHE C 271 -0.39 108.61 6.01
CA PHE C 271 -0.84 109.96 5.59
C PHE C 271 0.37 110.69 5.00
N ARG C 272 1.55 110.47 5.55
CA ARG C 272 2.76 111.19 5.08
C ARG C 272 3.09 110.66 3.67
N ASP C 273 2.88 109.38 3.40
CA ASP C 273 3.14 108.83 2.05
C ASP C 273 2.24 109.60 1.06
N VAL C 274 1.00 109.89 1.47
CA VAL C 274 0.01 110.52 0.56
C VAL C 274 0.46 111.96 0.34
N LEU C 275 0.90 112.65 1.37
CA LEU C 275 1.39 114.03 1.20
C LEU C 275 2.68 114.01 0.33
N ASN C 276 3.56 113.01 0.43
CA ASN C 276 4.80 112.96 -0.39
C ASN C 276 4.39 112.95 -1.86
N ILE C 277 3.38 112.16 -2.20
CA ILE C 277 2.88 111.97 -3.58
C ILE C 277 2.23 113.26 -4.05
N LEU C 278 1.29 113.81 -3.28
CA LEU C 278 0.52 115.05 -3.61
C LEU C 278 1.48 116.22 -3.72
N HIS C 279 2.35 116.45 -2.72
CA HIS C 279 3.30 117.60 -2.74
C HIS C 279 4.20 117.51 -4.00
N ASN C 280 4.54 116.31 -4.48
CA ASN C 280 5.61 116.15 -5.52
C ASN C 280 5.03 116.12 -6.93
N LEU C 281 3.78 115.67 -7.08
CA LEU C 281 3.05 115.47 -8.37
C LEU C 281 3.03 116.78 -9.13
N GLN C 282 3.59 116.79 -10.32
CA GLN C 282 3.39 117.97 -11.20
C GLN C 282 2.24 117.66 -12.18
N ALA C 283 1.24 118.53 -12.10
CA ALA C 283 -0.08 118.48 -12.77
C ALA C 283 -0.62 119.91 -12.87
N ASP C 284 -1.35 120.17 -13.93
CA ASP C 284 -2.40 121.20 -13.99
C ASP C 284 -3.63 120.56 -13.37
N VAL C 285 -3.83 120.68 -12.04
CA VAL C 285 -5.02 120.03 -11.42
C VAL C 285 -6.21 120.95 -11.68
N VAL C 286 -7.18 120.35 -12.34
CA VAL C 286 -8.46 120.99 -12.79
C VAL C 286 -9.61 120.54 -11.86
N GLY C 287 -9.48 119.45 -11.09
CA GLY C 287 -10.61 118.97 -10.25
C GLY C 287 -10.21 117.81 -9.38
N ALA C 288 -10.78 117.73 -8.19
CA ALA C 288 -10.35 116.80 -7.12
C ALA C 288 -11.58 116.48 -6.28
N ASP C 289 -11.66 115.22 -5.85
CA ASP C 289 -12.68 114.74 -4.91
C ASP C 289 -11.92 114.10 -3.76
N VAL C 290 -12.54 114.14 -2.57
CA VAL C 290 -12.16 113.38 -1.36
C VAL C 290 -13.43 112.64 -0.98
N VAL C 291 -13.40 111.34 -1.16
CA VAL C 291 -14.63 110.52 -1.03
C VAL C 291 -14.45 109.36 -0.06
N GLU C 292 -15.56 108.70 0.24
CA GLU C 292 -15.63 107.42 0.98
C GLU C 292 -15.34 107.60 2.48
N PHE C 293 -15.08 108.84 2.91
CA PHE C 293 -15.04 109.19 4.36
C PHE C 293 -16.42 108.88 4.92
N ASN C 294 -16.49 107.93 5.86
CA ASN C 294 -17.74 107.45 6.51
C ASN C 294 -17.68 107.84 7.99
N PRO C 295 -18.34 108.96 8.41
CA PRO C 295 -18.31 109.41 9.79
C PRO C 295 -18.87 108.34 10.73
N GLN C 296 -19.84 107.56 10.26
CA GLN C 296 -20.44 106.51 11.11
C GLN C 296 -19.40 105.43 11.44
N ARG C 297 -18.25 105.38 10.76
CA ARG C 297 -17.19 104.40 11.08
C ARG C 297 -16.00 105.09 11.75
N ASP C 298 -16.12 106.38 12.03
CA ASP C 298 -14.96 107.12 12.53
C ASP C 298 -14.77 106.87 14.03
N THR C 299 -13.62 107.30 14.55
CA THR C 299 -13.35 107.27 16.01
C THR C 299 -14.30 108.27 16.65
N VAL C 300 -14.50 108.17 17.96
CA VAL C 300 -15.46 109.02 18.73
C VAL C 300 -14.97 110.47 18.71
N ASP C 301 -13.71 110.70 18.38
CA ASP C 301 -13.09 112.05 18.41
C ASP C 301 -12.93 112.60 16.98
N GLY C 302 -13.28 111.84 15.97
CA GLY C 302 -13.33 112.30 14.58
C GLY C 302 -11.98 112.29 13.89
N MET C 303 -11.13 111.30 14.16
CA MET C 303 -9.75 111.29 13.63
C MET C 303 -9.79 111.32 12.08
N THR C 304 -10.71 110.58 11.46
CA THR C 304 -10.76 110.42 10.00
C THR C 304 -11.31 111.72 9.43
N ALA C 305 -12.16 112.43 10.20
CA ALA C 305 -12.67 113.74 9.76
C ALA C 305 -11.45 114.66 9.62
N MET C 306 -10.44 114.54 10.48
CA MET C 306 -9.28 115.46 10.48
C MET C 306 -8.38 115.05 9.32
N VAL C 307 -8.30 113.75 9.05
CA VAL C 307 -7.62 113.17 7.87
C VAL C 307 -8.24 113.72 6.58
N ALA C 308 -9.55 113.56 6.39
CA ALA C 308 -10.26 114.11 5.22
C ALA C 308 -10.00 115.60 5.19
N ALA C 309 -10.08 116.28 6.32
CA ALA C 309 -10.01 117.77 6.31
C ALA C 309 -8.64 118.14 5.79
N LYS C 310 -7.61 117.46 6.27
CA LYS C 310 -6.23 117.91 5.95
C LYS C 310 -5.91 117.55 4.48
N LEU C 311 -6.53 116.52 3.90
CA LEU C 311 -6.32 116.15 2.47
C LEU C 311 -7.02 117.19 1.62
N VAL C 312 -8.22 117.61 2.04
CA VAL C 312 -8.90 118.76 1.40
C VAL C 312 -7.96 119.96 1.43
N ARG C 313 -7.42 120.29 2.60
CA ARG C 313 -6.58 121.51 2.78
C ARG C 313 -5.37 121.42 1.83
N GLU C 314 -4.71 120.28 1.77
CA GLU C 314 -3.46 120.18 0.99
C GLU C 314 -3.86 120.16 -0.48
N LEU C 315 -4.94 119.45 -0.84
CA LEU C 315 -5.48 119.44 -2.21
C LEU C 315 -5.79 120.86 -2.64
N ALA C 316 -6.27 121.71 -1.72
CA ALA C 316 -6.64 123.09 -2.04
C ALA C 316 -5.38 123.94 -2.23
N ALA C 317 -4.32 123.67 -1.48
CA ALA C 317 -3.04 124.39 -1.63
C ALA C 317 -2.40 124.07 -2.99
N LYS C 318 -2.63 122.87 -3.53
CA LYS C 318 -2.16 122.46 -4.88
C LYS C 318 -3.04 123.01 -6.04
N ILE C 319 -4.36 123.12 -5.85
CA ILE C 319 -5.31 123.44 -6.95
C ILE C 319 -5.30 124.95 -7.13
N SER C 320 -5.46 125.65 -6.00
CA SER C 320 -5.36 127.12 -5.94
C SER C 320 -3.99 127.52 -6.48
N LYS C 321 -3.95 128.56 -7.34
CA LYS C 321 -2.69 129.15 -7.87
C LYS C 321 -2.94 130.58 -8.37
N SER D 6 -23.01 62.70 -3.49
CA SER D 6 -23.96 61.93 -2.63
C SER D 6 -23.31 61.61 -1.29
N SER D 7 -22.04 61.19 -1.32
CA SER D 7 -21.14 61.02 -0.15
C SER D 7 -21.01 62.33 0.65
N ILE D 8 -21.51 63.44 0.12
CA ILE D 8 -21.72 64.71 0.86
C ILE D 8 -22.83 64.47 1.90
N GLU D 9 -23.95 63.91 1.46
CA GLU D 9 -25.13 63.57 2.32
C GLU D 9 -24.67 62.61 3.43
N LYS D 10 -23.92 61.57 3.06
CA LYS D 10 -23.28 60.61 4.01
C LYS D 10 -22.41 61.40 4.99
N GLY D 11 -21.56 62.28 4.47
CA GLY D 11 -20.71 63.13 5.32
C GLY D 11 -21.52 63.95 6.30
N GLN D 12 -22.60 64.58 5.84
CA GLN D 12 -23.42 65.45 6.71
C GLN D 12 -23.96 64.65 7.92
N ASN D 13 -24.38 63.39 7.73
CA ASN D 13 -25.02 62.57 8.79
C ASN D 13 -23.95 62.20 9.84
N ARG D 14 -22.70 61.99 9.40
CA ARG D 14 -21.57 61.60 10.30
C ARG D 14 -21.22 62.82 11.15
N VAL D 15 -21.30 64.02 10.56
CA VAL D 15 -21.08 65.30 11.29
C VAL D 15 -22.23 65.58 12.27
N ILE D 16 -23.49 65.47 11.83
CA ILE D 16 -24.65 65.65 12.73
C ILE D 16 -24.51 64.63 13.88
N ASP D 17 -24.24 63.37 13.59
CA ASP D 17 -24.09 62.30 14.60
C ASP D 17 -23.03 62.63 15.63
N ALA D 18 -21.83 63.07 15.21
CA ALA D 18 -20.72 63.45 16.13
C ALA D 18 -21.11 64.68 16.93
N SER D 19 -21.84 65.58 16.28
CA SER D 19 -22.40 66.79 16.92
C SER D 19 -23.35 66.39 18.04
N LEU D 20 -24.27 65.44 17.80
CA LEU D 20 -25.24 64.96 18.84
C LEU D 20 -24.49 64.12 19.87
N THR D 21 -23.55 63.29 19.38
CA THR D 21 -22.75 62.41 20.25
C THR D 21 -22.00 63.23 21.28
N LEU D 22 -21.60 64.46 20.95
CA LEU D 22 -20.81 65.32 21.86
C LEU D 22 -21.73 65.91 22.94
N ILE D 23 -22.97 66.31 22.58
CA ILE D 23 -23.95 66.82 23.56
C ILE D 23 -24.38 65.63 24.45
N ARG D 24 -24.65 64.46 23.88
CA ARG D 24 -25.07 63.28 24.69
C ARG D 24 -24.04 63.03 25.79
N GLU D 25 -22.76 62.97 25.46
CA GLU D 25 -21.74 62.44 26.38
C GLU D 25 -21.56 63.49 27.49
N ARG D 26 -21.58 64.76 27.13
CA ARG D 26 -21.43 65.87 28.12
C ARG D 26 -22.64 65.89 29.08
N ALA D 27 -23.85 65.76 28.54
CA ALA D 27 -25.09 65.69 29.34
C ALA D 27 -25.06 64.48 30.27
N LYS D 28 -24.41 63.41 29.85
CA LYS D 28 -24.30 62.19 30.69
C LYS D 28 -23.45 62.52 31.91
N LEU D 29 -22.34 63.21 31.71
CA LEU D 29 -21.45 63.56 32.81
C LEU D 29 -22.17 64.51 33.77
N LYS D 30 -23.01 65.41 33.28
CA LYS D 30 -23.68 66.41 34.15
C LYS D 30 -24.82 65.72 34.93
N GLY D 31 -25.57 64.86 34.28
CA GLY D 31 -26.64 64.14 34.98
C GLY D 31 -26.08 63.29 36.07
N GLU D 32 -24.99 62.59 35.80
CA GLU D 32 -24.34 61.66 36.76
C GLU D 32 -23.89 62.45 37.98
N LEU D 33 -23.33 63.63 37.75
CA LEU D 33 -22.85 64.55 38.83
C LEU D 33 -24.05 65.00 39.69
N VAL D 34 -25.10 65.50 39.05
CA VAL D 34 -26.33 65.98 39.75
C VAL D 34 -26.91 64.82 40.57
N ARG D 35 -26.99 63.62 39.99
CA ARG D 35 -27.67 62.48 40.63
C ARG D 35 -26.84 62.02 41.83
N LEU D 36 -25.52 62.09 41.72
CA LEU D 36 -24.59 61.65 42.78
C LEU D 36 -24.62 62.62 43.98
N LEU D 37 -24.85 63.92 43.77
CA LEU D 37 -25.00 64.85 44.91
C LEU D 37 -26.37 64.63 45.59
N GLY D 38 -27.40 64.16 44.87
CA GLY D 38 -28.70 63.75 45.46
C GLY D 38 -29.60 64.96 45.77
N GLY D 39 -30.92 64.76 45.82
CA GLY D 39 -31.89 65.71 46.38
C GLY D 39 -32.60 66.59 45.35
N ALA D 40 -32.00 66.87 44.18
CA ALA D 40 -32.60 67.75 43.16
C ALA D 40 -33.86 67.11 42.56
N LYS D 41 -34.93 67.89 42.42
CA LYS D 41 -36.12 67.62 41.59
C LYS D 41 -35.93 68.14 40.17
N ALA D 42 -35.21 69.24 40.03
CA ALA D 42 -34.91 69.89 38.75
C ALA D 42 -33.58 70.64 38.89
N SER D 43 -32.81 70.62 37.82
CA SER D 43 -31.44 71.14 37.73
C SER D 43 -31.26 71.76 36.35
N THR D 44 -31.18 73.06 36.32
CA THR D 44 -30.94 73.87 35.12
C THR D 44 -29.63 73.44 34.45
N SER D 45 -29.69 73.15 33.15
CA SER D 45 -28.49 72.83 32.35
C SER D 45 -28.48 73.73 31.12
N LEU D 46 -27.44 74.55 30.98
CA LEU D 46 -27.25 75.46 29.83
C LEU D 46 -26.99 74.62 28.58
N LEU D 47 -27.67 74.92 27.48
CA LEU D 47 -27.35 74.45 26.13
C LEU D 47 -27.22 75.67 25.24
N GLY D 48 -26.05 75.86 24.64
CA GLY D 48 -25.81 77.01 23.74
C GLY D 48 -26.24 76.65 22.34
N VAL D 49 -26.92 77.57 21.65
CA VAL D 49 -27.24 77.51 20.19
C VAL D 49 -26.73 78.77 19.46
N PRO D 50 -25.45 78.78 19.05
CA PRO D 50 -24.84 79.93 18.40
C PRO D 50 -25.27 80.07 16.93
N LEU D 51 -26.48 80.57 16.73
CA LEU D 51 -27.11 80.70 15.40
C LEU D 51 -27.57 82.14 15.23
N GLY D 52 -27.17 82.80 14.13
CA GLY D 52 -27.58 84.19 13.82
C GLY D 52 -28.14 84.39 12.42
N HIS D 53 -28.16 83.36 11.58
CA HIS D 53 -28.36 83.61 10.12
C HIS D 53 -29.87 83.76 9.82
N ASN D 54 -30.72 83.64 10.84
CA ASN D 54 -32.20 83.82 10.68
C ASN D 54 -32.54 85.24 11.10
N SER D 55 -31.54 86.04 11.49
CA SER D 55 -31.69 87.46 11.83
C SER D 55 -32.07 88.25 10.57
N SER D 56 -32.91 89.28 10.74
CA SER D 56 -33.30 90.22 9.67
C SER D 56 -32.27 91.33 9.51
N PHE D 57 -31.44 91.62 10.50
CA PHE D 57 -30.68 92.89 10.46
C PHE D 57 -29.18 92.66 10.73
N LEU D 58 -28.84 91.98 11.81
CA LEU D 58 -27.42 91.65 12.14
C LEU D 58 -27.38 90.23 12.69
N GLN D 59 -26.33 89.48 12.39
CA GLN D 59 -26.16 88.07 12.82
C GLN D 59 -25.32 87.96 14.12
N GLY D 60 -24.97 89.08 14.77
CA GLY D 60 -24.22 89.11 16.03
C GLY D 60 -24.61 88.07 17.09
N PRO D 61 -25.89 87.78 17.38
CA PRO D 61 -26.24 86.79 18.41
C PRO D 61 -25.62 85.39 18.22
N ALA D 62 -25.13 85.13 16.99
CA ALA D 62 -24.35 83.92 16.70
C ALA D 62 -23.22 83.81 17.73
N PHE D 63 -22.64 84.93 18.15
CA PHE D 63 -21.41 84.90 18.99
C PHE D 63 -21.76 84.95 20.48
N ALA D 64 -23.04 84.94 20.85
CA ALA D 64 -23.46 85.29 22.23
C ALA D 64 -23.10 84.25 23.29
N PRO D 65 -23.35 82.93 23.09
CA PRO D 65 -23.29 82.01 24.21
C PRO D 65 -21.96 81.95 24.93
N PRO D 66 -20.78 81.98 24.27
CA PRO D 66 -19.53 82.02 25.01
C PRO D 66 -19.37 83.29 25.88
N ARG D 67 -19.91 84.42 25.42
CA ARG D 67 -19.75 85.71 26.13
C ARG D 67 -20.67 85.70 27.33
N ILE D 68 -21.84 85.08 27.22
CA ILE D 68 -22.74 84.90 28.39
C ILE D 68 -22.00 84.08 29.47
N ARG D 69 -21.39 82.97 29.10
CA ARG D 69 -20.76 82.06 30.09
C ARG D 69 -19.68 82.81 30.83
N GLU D 70 -18.89 83.57 30.11
CA GLU D 70 -17.81 84.38 30.70
C GLU D 70 -18.41 85.31 31.76
N ALA D 71 -19.52 85.97 31.43
CA ALA D 71 -20.19 86.98 32.30
C ALA D 71 -20.74 86.31 33.57
N ILE D 72 -21.30 85.12 33.46
CA ILE D 72 -21.86 84.36 34.59
C ILE D 72 -20.76 84.16 35.62
N TRP D 73 -19.54 83.87 35.17
CA TRP D 73 -18.41 83.48 36.07
C TRP D 73 -17.44 84.62 36.27
N CYS D 74 -17.76 85.82 35.85
CA CYS D 74 -16.84 86.97 36.01
C CYS D 74 -16.41 87.13 37.48
N GLY D 75 -15.12 87.43 37.70
CA GLY D 75 -14.50 87.58 39.04
C GLY D 75 -15.06 88.80 39.79
N SER D 76 -15.74 89.71 39.07
CA SER D 76 -16.37 90.94 39.62
C SER D 76 -17.68 90.56 40.34
N THR D 77 -18.22 89.37 40.10
CA THR D 77 -19.54 88.92 40.62
C THR D 77 -19.37 87.93 41.76
N ASN D 78 -20.43 87.62 42.51
CA ASN D 78 -20.42 86.41 43.38
C ASN D 78 -21.34 85.35 42.80
N SER D 79 -21.22 84.14 43.33
CA SER D 79 -21.87 82.96 42.75
C SER D 79 -23.25 82.74 43.37
N ALA D 80 -23.76 83.65 44.20
CA ALA D 80 -25.15 83.54 44.70
C ALA D 80 -26.11 84.28 43.77
N THR D 81 -27.30 83.73 43.56
CA THR D 81 -28.38 84.49 42.88
C THR D 81 -29.03 85.45 43.89
N GLU D 82 -29.92 86.31 43.43
CA GLU D 82 -30.57 87.34 44.30
C GLU D 82 -31.29 86.69 45.49
N GLU D 83 -31.94 85.53 45.31
CA GLU D 83 -32.71 84.84 46.38
C GLU D 83 -31.83 83.77 47.06
N GLY D 84 -30.53 83.70 46.79
CA GLY D 84 -29.58 82.95 47.64
C GLY D 84 -29.17 81.57 47.12
N LYS D 85 -29.48 81.20 45.87
CA LYS D 85 -29.02 79.89 45.36
C LYS D 85 -27.56 79.97 44.96
N GLU D 86 -26.85 78.88 45.10
CA GLU D 86 -25.39 78.83 44.87
C GLU D 86 -25.10 78.22 43.49
N LEU D 87 -24.65 79.03 42.54
CA LEU D 87 -24.47 78.62 41.13
C LEU D 87 -23.35 77.58 40.96
N LYS D 88 -22.44 77.45 41.89
CA LYS D 88 -21.36 76.43 41.84
C LYS D 88 -21.90 75.06 42.17
N ASP D 89 -23.10 74.97 42.77
CA ASP D 89 -23.73 73.67 43.06
C ASP D 89 -24.29 73.12 41.74
N PRO D 90 -23.80 71.98 41.18
CA PRO D 90 -24.31 71.46 39.91
C PRO D 90 -25.84 71.24 39.89
N ARG D 91 -26.44 70.95 41.06
CA ARG D 91 -27.92 70.78 41.17
C ARG D 91 -28.64 72.10 40.87
N VAL D 92 -27.94 73.23 40.95
CA VAL D 92 -28.50 74.58 40.63
C VAL D 92 -28.20 74.90 39.16
N LEU D 93 -26.99 74.58 38.71
CA LEU D 93 -26.53 74.93 37.35
C LEU D 93 -25.45 73.96 36.89
N THR D 94 -25.69 73.36 35.73
CA THR D 94 -24.63 72.76 34.88
C THR D 94 -24.72 73.29 33.46
N ASP D 95 -23.74 72.89 32.64
CA ASP D 95 -23.57 73.43 31.27
C ASP D 95 -23.16 72.31 30.35
N VAL D 96 -23.92 72.03 29.29
CA VAL D 96 -23.56 70.95 28.33
C VAL D 96 -22.97 71.57 27.06
N GLY D 97 -22.72 72.88 27.06
CA GLY D 97 -21.94 73.58 26.02
C GLY D 97 -22.80 73.86 24.80
N ASP D 98 -22.17 73.98 23.62
CA ASP D 98 -22.76 74.60 22.41
C ASP D 98 -23.05 73.54 21.33
N VAL D 99 -24.24 73.61 20.77
CA VAL D 99 -24.57 72.86 19.55
C VAL D 99 -23.61 73.41 18.51
N PRO D 100 -22.81 72.57 17.82
CA PRO D 100 -21.90 73.06 16.78
C PRO D 100 -22.70 73.51 15.55
N VAL D 101 -23.32 74.67 15.60
CA VAL D 101 -24.23 75.19 14.54
C VAL D 101 -23.42 75.51 13.28
N GLN D 102 -22.31 76.24 13.40
CA GLN D 102 -21.58 76.73 12.21
C GLN D 102 -20.94 75.54 11.48
N GLU D 103 -20.63 74.44 12.16
CA GLU D 103 -19.98 73.26 11.51
C GLU D 103 -21.08 72.56 10.68
N ILE D 104 -22.27 72.53 11.22
CA ILE D 104 -23.39 71.84 10.54
C ILE D 104 -23.79 72.63 9.29
N ARG D 105 -23.93 73.95 9.40
CA ARG D 105 -24.23 74.85 8.26
C ARG D 105 -23.16 74.66 7.20
N ASP D 106 -21.90 74.70 7.60
CA ASP D 106 -20.76 74.75 6.66
C ASP D 106 -20.75 73.50 5.77
N CYS D 107 -21.18 72.35 6.26
CA CYS D 107 -21.14 71.11 5.46
C CYS D 107 -22.41 71.01 4.57
N GLY D 108 -23.27 72.04 4.60
CA GLY D 108 -24.30 72.31 3.57
C GLY D 108 -25.69 71.85 4.00
N VAL D 109 -25.91 71.58 5.27
CA VAL D 109 -27.19 71.05 5.81
C VAL D 109 -28.24 72.15 5.72
N ASP D 110 -29.48 71.79 5.39
CA ASP D 110 -30.58 72.76 5.22
C ASP D 110 -31.13 73.14 6.61
N ASP D 111 -31.91 74.21 6.66
CA ASP D 111 -32.37 74.78 7.95
C ASP D 111 -33.34 73.81 8.63
N ASP D 112 -34.17 73.10 7.84
CA ASP D 112 -35.09 72.04 8.33
C ASP D 112 -34.27 71.09 9.19
N ARG D 113 -33.19 70.52 8.67
CA ARG D 113 -32.41 69.53 9.44
C ARG D 113 -31.62 70.16 10.60
N LEU D 114 -31.07 71.37 10.43
CA LEU D 114 -30.32 72.05 11.51
C LEU D 114 -31.26 72.30 12.69
N MET D 115 -32.46 72.79 12.43
CA MET D 115 -33.48 73.01 13.46
C MET D 115 -33.82 71.68 14.13
N ASN D 116 -33.93 70.57 13.40
CA ASN D 116 -34.22 69.25 14.00
C ASN D 116 -33.06 68.87 14.93
N VAL D 117 -31.84 69.17 14.55
CA VAL D 117 -30.65 68.87 15.41
C VAL D 117 -30.78 69.62 16.74
N ILE D 118 -31.29 70.85 16.70
CA ILE D 118 -31.41 71.71 17.90
C ILE D 118 -32.48 71.05 18.77
N SER D 119 -33.61 70.68 18.17
CA SER D 119 -34.68 69.94 18.90
C SER D 119 -34.08 68.71 19.59
N GLU D 120 -33.30 67.91 18.86
CA GLU D 120 -32.71 66.67 19.41
C GLU D 120 -31.75 66.98 20.57
N SER D 121 -31.03 68.10 20.48
CA SER D 121 -29.99 68.46 21.47
C SER D 121 -30.69 68.80 22.79
N VAL D 122 -31.82 69.48 22.70
CA VAL D 122 -32.68 69.79 23.87
C VAL D 122 -33.14 68.47 24.50
N LYS D 123 -33.58 67.51 23.69
CA LYS D 123 -34.18 66.29 24.28
C LYS D 123 -33.10 65.48 25.00
N LEU D 124 -31.87 65.57 24.51
CA LEU D 124 -30.69 64.91 25.13
C LEU D 124 -30.49 65.45 26.54
N VAL D 125 -30.64 66.74 26.71
CA VAL D 125 -30.60 67.31 28.07
C VAL D 125 -31.79 66.74 28.86
N MET D 126 -32.99 66.83 28.33
CA MET D 126 -34.24 66.42 29.03
C MET D 126 -34.17 64.93 29.41
N GLU D 127 -33.44 64.12 28.65
CA GLU D 127 -33.32 62.66 28.90
C GLU D 127 -32.38 62.34 30.06
N GLU D 128 -31.66 63.32 30.58
CA GLU D 128 -30.76 63.12 31.74
C GLU D 128 -31.51 63.69 32.95
N GLU D 129 -32.23 62.84 33.66
CA GLU D 129 -32.97 63.29 34.86
C GLU D 129 -31.98 63.76 35.93
N PRO D 130 -32.22 64.90 36.61
CA PRO D 130 -33.38 65.76 36.40
C PRO D 130 -33.06 67.11 35.73
N LEU D 131 -32.20 67.12 34.72
CA LEU D 131 -31.80 68.38 34.06
C LEU D 131 -33.05 68.95 33.35
N ARG D 132 -33.12 70.27 33.34
CA ARG D 132 -34.12 71.03 32.55
C ARG D 132 -33.34 72.03 31.72
N PRO D 133 -33.69 72.22 30.45
CA PRO D 133 -32.87 73.05 29.56
C PRO D 133 -33.11 74.55 29.70
N LEU D 134 -32.00 75.31 29.68
CA LEU D 134 -31.95 76.78 29.55
C LEU D 134 -30.99 77.05 28.40
N VAL D 135 -31.55 77.54 27.32
CA VAL D 135 -30.82 77.66 26.03
C VAL D 135 -30.33 79.10 25.92
N LEU D 136 -29.08 79.24 25.55
CA LEU D 136 -28.44 80.54 25.24
C LEU D 136 -28.45 80.74 23.74
N GLY D 137 -29.24 81.68 23.27
CA GLY D 137 -29.16 82.12 21.86
C GLY D 137 -27.95 82.99 21.63
N GLY D 138 -27.66 83.30 20.35
CA GLY D 138 -28.46 82.87 19.24
C GLY D 138 -29.64 83.75 18.99
N ASP D 139 -30.18 83.76 17.77
CA ASP D 139 -31.27 84.68 17.43
C ASP D 139 -32.58 83.98 17.80
N HIS D 140 -33.69 84.70 17.70
CA HIS D 140 -34.97 84.22 18.26
C HIS D 140 -35.46 83.02 17.44
N SER D 141 -34.89 82.75 16.28
CA SER D 141 -35.41 81.61 15.48
C SER D 141 -35.36 80.32 16.33
N ILE D 142 -34.46 80.23 17.31
CA ILE D 142 -34.15 78.95 18.00
C ILE D 142 -35.29 78.58 18.95
N SER D 143 -36.14 79.53 19.36
CA SER D 143 -37.22 79.23 20.32
C SER D 143 -38.17 78.15 19.76
N TYR D 144 -38.34 78.13 18.44
CA TYR D 144 -39.29 77.20 17.82
C TYR D 144 -38.79 75.76 18.04
N PRO D 145 -37.58 75.37 17.58
CA PRO D 145 -37.14 74.00 17.77
C PRO D 145 -36.97 73.65 19.26
N VAL D 146 -36.62 74.61 20.08
CA VAL D 146 -36.51 74.35 21.54
C VAL D 146 -37.90 74.04 22.10
N VAL D 147 -38.90 74.92 21.96
CA VAL D 147 -40.28 74.66 22.48
C VAL D 147 -40.83 73.41 21.84
N ARG D 148 -40.62 73.21 20.55
CA ARG D 148 -41.17 72.00 19.90
C ARG D 148 -40.66 70.77 20.66
N ALA D 149 -39.34 70.66 20.92
CA ALA D 149 -38.73 69.56 21.68
C ALA D 149 -39.29 69.45 23.10
N VAL D 150 -39.36 70.55 23.84
CA VAL D 150 -39.89 70.48 25.24
C VAL D 150 -41.33 69.91 25.21
N SER D 151 -42.22 70.46 24.38
CA SER D 151 -43.64 70.04 24.24
C SER D 151 -43.75 68.57 23.78
N GLU D 152 -42.98 68.14 22.77
CA GLU D 152 -42.95 66.74 22.29
C GLU D 152 -42.47 65.86 23.44
N LYS D 153 -41.40 66.24 24.13
CA LYS D 153 -40.84 65.42 25.21
C LYS D 153 -41.89 65.29 26.33
N LEU D 154 -42.55 66.38 26.74
CA LEU D 154 -43.46 66.29 27.91
C LEU D 154 -44.83 65.75 27.49
N GLY D 155 -45.07 65.55 26.19
CA GLY D 155 -46.32 64.94 25.68
C GLY D 155 -47.53 65.87 25.76
N GLY D 156 -47.35 67.16 25.59
CA GLY D 156 -48.46 68.12 25.72
C GLY D 156 -48.03 69.58 25.61
N PRO D 157 -48.99 70.52 25.55
CA PRO D 157 -48.64 71.93 25.44
C PRO D 157 -48.16 72.55 26.77
N VAL D 158 -47.48 73.68 26.65
CA VAL D 158 -46.96 74.48 27.79
C VAL D 158 -47.60 75.86 27.68
N ASP D 159 -47.67 76.60 28.79
CA ASP D 159 -47.92 78.06 28.73
C ASP D 159 -46.57 78.73 28.48
N ILE D 160 -46.57 79.83 27.77
CA ILE D 160 -45.31 80.55 27.49
C ILE D 160 -45.43 82.01 27.93
N LEU D 161 -44.39 82.43 28.62
CA LEU D 161 -44.09 83.85 28.87
C LEU D 161 -42.95 84.27 27.94
N HIS D 162 -43.28 85.20 27.04
CA HIS D 162 -42.41 85.68 25.93
C HIS D 162 -42.13 87.16 26.22
N LEU D 163 -40.90 87.43 26.65
CA LEU D 163 -40.46 88.81 26.98
C LEU D 163 -39.70 89.32 25.76
N ASP D 164 -40.23 90.37 25.17
CA ASP D 164 -39.75 90.87 23.87
C ASP D 164 -40.33 92.24 23.56
N ALA D 165 -39.57 93.08 22.86
CA ALA D 165 -40.04 94.30 22.18
C ALA D 165 -40.91 93.94 20.95
N HIS D 166 -40.72 92.75 20.38
CA HIS D 166 -41.36 92.30 19.10
C HIS D 166 -42.18 91.02 19.33
N PRO D 167 -43.32 90.86 18.65
CA PRO D 167 -44.09 89.63 18.81
C PRO D 167 -43.51 88.41 18.06
N ASP D 168 -42.66 88.66 17.05
CA ASP D 168 -42.04 87.56 16.29
C ASP D 168 -43.13 86.59 15.85
N ILE D 169 -44.19 87.09 15.25
CA ILE D 169 -45.35 86.23 14.88
C ILE D 169 -45.76 86.44 13.41
N TYR D 170 -44.86 87.03 12.61
CA TYR D 170 -44.98 87.17 11.14
C TYR D 170 -45.13 85.78 10.56
N ASP D 171 -46.04 85.63 9.62
CA ASP D 171 -46.23 84.34 8.90
C ASP D 171 -44.89 83.86 8.29
N CYS D 172 -44.23 84.76 7.58
CA CYS D 172 -43.07 84.40 6.76
C CYS D 172 -42.23 85.64 6.49
N PHE D 173 -41.50 86.11 7.50
CA PHE D 173 -40.83 87.41 7.37
C PHE D 173 -39.75 87.30 6.28
N GLU D 174 -39.79 88.16 5.26
CA GLU D 174 -38.83 88.17 4.12
C GLU D 174 -38.62 86.77 3.53
N GLY D 175 -39.65 85.94 3.40
CA GLY D 175 -39.55 84.67 2.67
C GLY D 175 -39.03 83.51 3.50
N ASN D 176 -38.58 83.74 4.73
CA ASN D 176 -37.88 82.73 5.56
C ASN D 176 -38.84 82.24 6.66
N LYS D 177 -39.31 81.02 6.61
CA LYS D 177 -40.22 80.52 7.68
C LYS D 177 -39.47 80.32 9.01
N TYR D 178 -38.15 80.22 8.99
CA TYR D 178 -37.28 80.14 10.20
C TYR D 178 -36.76 81.53 10.59
N SER D 179 -37.35 82.61 10.08
CA SER D 179 -36.99 84.00 10.49
C SER D 179 -37.11 84.10 12.01
N HIS D 180 -36.21 84.86 12.66
CA HIS D 180 -36.35 85.21 14.10
C HIS D 180 -37.63 86.00 14.34
N ALA D 181 -38.20 86.67 13.35
CA ALA D 181 -39.50 87.38 13.44
C ALA D 181 -40.71 86.47 13.17
N SER D 182 -40.54 85.14 13.09
CA SER D 182 -41.68 84.21 12.82
C SER D 182 -41.70 83.03 13.80
N SER D 183 -40.81 82.98 14.77
CA SER D 183 -40.66 81.69 15.48
C SER D 183 -41.90 81.43 16.34
N PHE D 184 -42.62 82.46 16.75
CA PHE D 184 -43.85 82.27 17.56
C PHE D 184 -45.05 81.97 16.63
N ALA D 185 -44.96 82.27 15.35
CA ALA D 185 -45.99 81.81 14.40
C ALA D 185 -45.81 80.30 14.25
N ARG D 186 -44.56 79.85 14.10
CA ARG D 186 -44.24 78.41 14.02
C ARG D 186 -44.69 77.73 15.31
N ILE D 187 -44.37 78.27 16.48
CA ILE D 187 -44.77 77.64 17.76
C ILE D 187 -46.31 77.56 17.80
N MET D 188 -47.04 78.61 17.48
CA MET D 188 -48.51 78.60 17.72
C MET D 188 -49.14 77.68 16.68
N GLU D 189 -48.57 77.55 15.49
CA GLU D 189 -49.13 76.65 14.44
C GLU D 189 -48.98 75.19 14.89
N GLY D 190 -48.00 74.85 15.71
CA GLY D 190 -47.75 73.43 16.02
C GLY D 190 -48.58 72.96 17.20
N GLY D 191 -49.36 73.83 17.81
CA GLY D 191 -50.12 73.46 19.02
C GLY D 191 -49.20 73.22 20.24
N TYR D 192 -47.96 73.72 20.26
CA TYR D 192 -46.97 73.43 21.32
C TYR D 192 -47.31 74.22 22.59
N ALA D 193 -48.13 75.26 22.45
CA ALA D 193 -48.47 76.22 23.52
C ALA D 193 -49.96 76.36 23.68
N ARG D 194 -50.43 76.46 24.92
CA ARG D 194 -51.81 76.91 25.21
C ARG D 194 -51.78 78.42 25.30
N ARG D 195 -51.31 79.03 26.39
CA ARG D 195 -51.21 80.50 26.45
C ARG D 195 -49.82 80.94 25.98
N LEU D 196 -49.82 82.09 25.35
CA LEU D 196 -48.60 82.84 24.95
C LEU D 196 -48.84 84.27 25.41
N LEU D 197 -48.09 84.68 26.43
CA LEU D 197 -48.19 86.03 27.02
C LEU D 197 -46.94 86.74 26.52
N GLN D 198 -47.08 87.73 25.67
CA GLN D 198 -45.98 88.55 25.13
C GLN D 198 -45.94 89.84 25.93
N VAL D 199 -44.81 90.06 26.57
CA VAL D 199 -44.68 91.17 27.54
C VAL D 199 -43.53 92.06 27.09
N GLY D 200 -43.79 93.36 27.08
CA GLY D 200 -42.84 94.45 26.76
C GLY D 200 -42.88 94.83 25.31
N ILE D 201 -43.93 94.44 24.62
CA ILE D 201 -44.13 94.70 23.18
C ILE D 201 -44.21 96.20 22.93
N ARG D 202 -43.43 96.72 22.00
CA ARG D 202 -43.55 98.13 21.60
C ARG D 202 -43.21 98.34 20.12
N SER D 203 -42.95 97.28 19.37
CA SER D 203 -42.71 97.32 17.90
C SER D 203 -43.59 96.23 17.27
N ILE D 204 -44.69 96.65 16.69
CA ILE D 204 -45.77 95.72 16.22
C ILE D 204 -46.55 96.44 15.14
N ASN D 205 -46.80 95.73 14.05
CA ASN D 205 -47.63 96.30 12.97
C ASN D 205 -48.92 95.50 12.88
N GLN D 206 -49.73 95.82 11.87
CA GLN D 206 -51.05 95.23 11.57
C GLN D 206 -50.91 93.71 11.53
N GLU D 207 -49.97 93.18 10.77
CA GLU D 207 -49.75 91.71 10.71
C GLU D 207 -49.48 91.16 12.12
N GLY D 208 -48.66 91.82 12.91
CA GLY D 208 -48.37 91.27 14.24
C GLY D 208 -49.64 91.17 15.04
N ARG D 209 -50.47 92.21 14.98
CA ARG D 209 -51.76 92.25 15.73
C ARG D 209 -52.73 91.19 15.20
N GLU D 210 -52.89 91.10 13.87
CA GLU D 210 -53.83 90.14 13.24
C GLU D 210 -53.40 88.71 13.59
N GLN D 211 -52.12 88.41 13.45
CA GLN D 211 -51.58 87.09 13.82
C GLN D 211 -51.74 86.84 15.33
N GLY D 212 -51.54 87.84 16.20
CA GLY D 212 -51.83 87.69 17.62
C GLY D 212 -53.27 87.25 17.85
N LYS D 213 -54.22 87.92 17.22
CA LYS D 213 -55.63 87.56 17.38
C LYS D 213 -55.84 86.15 16.86
N ARG D 214 -55.26 85.80 15.72
CA ARG D 214 -55.47 84.49 15.05
C ARG D 214 -55.11 83.35 16.04
N PHE D 215 -54.03 83.50 16.80
CA PHE D 215 -53.48 82.40 17.63
C PHE D 215 -53.84 82.59 19.11
N GLY D 216 -54.73 83.53 19.41
CA GLY D 216 -55.15 83.84 20.81
C GLY D 216 -53.99 84.30 21.69
N VAL D 217 -53.07 85.10 21.21
CA VAL D 217 -51.91 85.60 22.01
C VAL D 217 -52.35 86.76 22.89
N GLU D 218 -51.91 86.77 24.14
CA GLU D 218 -52.09 87.89 25.11
C GLU D 218 -50.90 88.82 24.96
N GLN D 219 -51.14 89.93 24.30
CA GLN D 219 -50.09 90.89 23.87
C GLN D 219 -50.18 92.08 24.82
N TYR D 220 -49.23 92.17 25.73
CA TYR D 220 -49.07 93.28 26.69
C TYR D 220 -48.08 94.26 26.08
N GLU D 221 -48.60 95.38 25.60
CA GLU D 221 -47.84 96.49 24.98
C GLU D 221 -47.33 97.46 26.06
N MET D 222 -46.14 98.00 25.84
CA MET D 222 -45.51 98.92 26.84
C MET D 222 -46.41 100.16 27.03
N ARG D 223 -47.23 100.50 26.06
CA ARG D 223 -48.12 101.69 26.16
C ARG D 223 -49.26 101.49 27.18
N THR D 224 -49.47 100.28 27.69
CA THR D 224 -50.42 100.02 28.81
C THR D 224 -49.72 99.42 30.02
N PHE D 225 -48.40 99.49 30.08
CA PHE D 225 -47.61 98.90 31.18
C PHE D 225 -47.99 99.55 32.52
N SER D 226 -48.25 100.84 32.59
CA SER D 226 -48.67 101.45 33.87
C SER D 226 -49.83 100.66 34.47
N LYS D 227 -50.83 100.41 33.66
CA LYS D 227 -52.10 99.76 34.09
C LYS D 227 -51.80 98.27 34.35
N ASP D 228 -50.96 97.68 33.54
CA ASP D 228 -50.77 96.22 33.48
C ASP D 228 -49.78 95.74 34.53
N ARG D 229 -48.90 96.60 35.04
CA ARG D 229 -47.74 96.18 35.88
C ARG D 229 -48.20 95.31 37.06
N PRO D 230 -49.22 95.70 37.86
CA PRO D 230 -49.64 94.85 38.98
C PRO D 230 -49.96 93.42 38.56
N MET D 231 -50.60 93.24 37.41
CA MET D 231 -51.00 91.90 36.93
C MET D 231 -49.74 91.19 36.42
N LEU D 232 -48.82 91.86 35.74
CA LEU D 232 -47.60 91.18 35.27
C LEU D 232 -46.60 90.82 36.42
N GLU D 233 -46.66 91.49 37.58
CA GLU D 233 -45.80 91.14 38.75
C GLU D 233 -46.48 90.12 39.66
N ASN D 234 -47.54 89.47 39.19
CA ASN D 234 -48.34 88.51 39.96
C ASN D 234 -48.83 87.41 39.01
N LEU D 235 -48.05 86.98 38.03
CA LEU D 235 -48.51 86.02 37.01
C LEU D 235 -48.55 84.63 37.62
N LYS D 236 -49.52 83.81 37.23
CA LYS D 236 -49.50 82.35 37.49
C LYS D 236 -49.79 81.68 36.16
N LEU D 237 -48.93 80.75 35.78
CA LEU D 237 -49.07 80.05 34.51
C LEU D 237 -48.90 78.55 34.75
N GLY D 238 -49.38 77.81 33.75
CA GLY D 238 -49.13 76.38 33.53
C GLY D 238 -50.16 75.49 34.18
N GLU D 239 -51.14 76.03 34.88
CA GLU D 239 -52.09 75.19 35.65
C GLU D 239 -52.91 74.33 34.68
N GLY D 240 -52.89 73.02 34.85
CA GLY D 240 -53.55 72.01 33.98
C GLY D 240 -52.80 71.75 32.65
N VAL D 241 -51.62 72.29 32.41
CA VAL D 241 -50.82 71.88 31.21
C VAL D 241 -49.45 71.36 31.69
N LYS D 242 -48.49 71.12 30.80
CA LYS D 242 -47.28 70.32 31.13
C LYS D 242 -46.23 71.17 31.85
N GLY D 243 -46.40 72.50 31.81
CA GLY D 243 -45.55 73.43 32.55
C GLY D 243 -45.42 74.73 31.81
N VAL D 244 -44.35 75.44 32.08
CA VAL D 244 -44.21 76.83 31.61
C VAL D 244 -42.83 76.97 31.01
N TYR D 245 -42.79 77.66 29.87
CA TYR D 245 -41.54 77.90 29.13
C TYR D 245 -41.40 79.42 29.06
N ILE D 246 -40.21 79.93 29.38
CA ILE D 246 -40.01 81.41 29.45
C ILE D 246 -38.98 81.71 28.38
N SER D 247 -39.35 82.50 27.37
CA SER D 247 -38.42 83.03 26.34
C SER D 247 -38.12 84.51 26.60
N ILE D 248 -36.85 84.82 26.80
CA ILE D 248 -36.42 86.23 27.02
C ILE D 248 -35.51 86.71 25.88
N ASP D 249 -36.07 87.58 25.05
CA ASP D 249 -35.32 88.43 24.09
C ASP D 249 -34.80 89.58 24.97
N VAL D 250 -33.49 89.77 24.94
CA VAL D 250 -32.81 90.81 25.74
C VAL D 250 -33.37 92.20 25.39
N ASP D 251 -33.92 92.39 24.18
CA ASP D 251 -34.48 93.71 23.77
C ASP D 251 -35.85 93.94 24.41
N CYS D 252 -36.33 93.04 25.28
CA CYS D 252 -37.46 93.36 26.18
C CYS D 252 -37.09 94.57 27.04
N LEU D 253 -35.80 94.65 27.40
CA LEU D 253 -35.20 95.76 28.18
C LEU D 253 -35.04 97.00 27.28
N ASP D 254 -35.29 98.15 27.87
CA ASP D 254 -34.95 99.44 27.27
C ASP D 254 -33.48 99.36 26.85
N PRO D 255 -33.14 99.86 25.65
CA PRO D 255 -31.75 99.85 25.22
C PRO D 255 -30.85 100.57 26.25
N ALA D 256 -31.38 101.40 27.16
CA ALA D 256 -30.52 102.02 28.20
C ALA D 256 -29.85 100.90 29.00
N PHE D 257 -30.57 99.81 29.25
CA PHE D 257 -30.08 98.68 30.06
C PHE D 257 -29.39 97.64 29.16
N ALA D 258 -29.83 97.49 27.93
CA ALA D 258 -29.41 96.40 27.04
C ALA D 258 -29.14 96.97 25.65
N PRO D 259 -28.07 97.76 25.49
CA PRO D 259 -27.73 98.27 24.16
C PRO D 259 -27.23 97.17 23.19
N GLY D 260 -26.76 96.01 23.68
CA GLY D 260 -26.18 94.91 22.87
C GLY D 260 -27.25 94.03 22.25
N VAL D 261 -27.96 94.63 21.29
CA VAL D 261 -29.10 93.99 20.56
C VAL D 261 -29.07 94.50 19.13
N SER D 262 -29.63 93.70 18.23
CA SER D 262 -29.69 94.01 16.79
C SER D 262 -30.80 95.03 16.56
N HIS D 263 -31.74 95.17 17.48
CA HIS D 263 -32.95 96.02 17.30
C HIS D 263 -33.18 96.92 18.53
N ILE D 264 -32.62 98.12 18.47
CA ILE D 264 -32.74 99.24 19.39
C ILE D 264 -34.21 99.73 19.31
N GLU D 265 -34.91 99.65 20.41
CA GLU D 265 -36.35 100.01 20.44
C GLU D 265 -36.63 100.73 21.75
N PRO D 266 -36.51 102.06 21.77
CA PRO D 266 -36.67 102.81 23.02
C PRO D 266 -38.02 102.58 23.70
N GLY D 267 -38.03 102.67 25.03
CA GLY D 267 -39.28 102.64 25.81
C GLY D 267 -39.58 101.25 26.36
N GLY D 268 -38.57 100.52 26.81
CA GLY D 268 -38.73 99.13 27.25
C GLY D 268 -38.71 98.99 28.77
N LEU D 269 -38.59 97.74 29.22
CA LEU D 269 -38.59 97.36 30.66
C LEU D 269 -37.23 97.73 31.30
N SER D 270 -37.21 98.08 32.59
CA SER D 270 -35.93 98.06 33.35
C SER D 270 -35.57 96.62 33.70
N PHE D 271 -34.34 96.42 34.10
CA PHE D 271 -33.84 95.10 34.57
C PHE D 271 -34.67 94.69 35.79
N ARG D 272 -34.85 95.64 36.71
CA ARG D 272 -35.62 95.38 37.94
C ARG D 272 -37.05 95.01 37.55
N ASP D 273 -37.62 95.69 36.54
CA ASP D 273 -38.96 95.30 36.06
C ASP D 273 -38.99 93.79 35.74
N VAL D 274 -38.06 93.34 34.91
CA VAL D 274 -38.01 91.93 34.46
C VAL D 274 -37.86 91.01 35.69
N LEU D 275 -36.99 91.34 36.65
CA LEU D 275 -36.82 90.48 37.85
C LEU D 275 -38.10 90.52 38.71
N ASN D 276 -38.79 91.63 38.78
CA ASN D 276 -40.07 91.65 39.54
C ASN D 276 -41.04 90.63 38.93
N ILE D 277 -41.07 90.52 37.61
CA ILE D 277 -41.96 89.60 36.87
C ILE D 277 -41.46 88.19 37.10
N LEU D 278 -40.18 87.92 36.81
CA LEU D 278 -39.65 86.54 36.96
C LEU D 278 -39.78 86.10 38.41
N HIS D 279 -39.39 86.91 39.39
CA HIS D 279 -39.36 86.46 40.80
C HIS D 279 -40.79 86.17 41.30
N ASN D 280 -41.82 86.90 40.85
CA ASN D 280 -43.21 86.75 41.40
C ASN D 280 -44.01 85.72 40.59
N LEU D 281 -43.53 85.27 39.43
CA LEU D 281 -44.27 84.35 38.54
C LEU D 281 -44.48 83.03 39.25
N GLN D 282 -45.70 82.49 39.32
CA GLN D 282 -45.93 81.13 39.85
C GLN D 282 -46.03 80.20 38.65
N ALA D 283 -45.11 79.25 38.56
CA ALA D 283 -44.91 78.41 37.36
C ALA D 283 -43.97 77.26 37.71
N ASP D 284 -44.35 76.10 37.19
CA ASP D 284 -43.46 74.94 36.98
C ASP D 284 -42.71 75.21 35.67
N VAL D 285 -41.54 75.81 35.73
CA VAL D 285 -40.77 76.17 34.52
C VAL D 285 -40.05 74.92 34.02
N VAL D 286 -40.39 74.45 32.83
CA VAL D 286 -39.83 73.19 32.23
C VAL D 286 -38.65 73.52 31.32
N GLY D 287 -38.47 74.79 31.00
CA GLY D 287 -37.42 75.27 30.09
C GLY D 287 -37.50 76.76 29.89
N ALA D 288 -36.42 77.36 29.38
CA ALA D 288 -36.28 78.80 29.12
C ALA D 288 -35.17 79.01 28.07
N ASP D 289 -35.21 80.18 27.43
CA ASP D 289 -34.12 80.71 26.57
C ASP D 289 -33.85 82.18 26.91
N VAL D 290 -32.60 82.60 26.74
CA VAL D 290 -32.16 84.02 26.71
C VAL D 290 -31.52 84.25 25.34
N VAL D 291 -32.19 85.01 24.48
CA VAL D 291 -31.83 85.12 23.06
C VAL D 291 -31.56 86.58 22.72
N GLU D 292 -30.88 86.79 21.60
CA GLU D 292 -30.77 88.08 20.87
C GLU D 292 -29.83 89.02 21.59
N PHE D 293 -29.01 88.53 22.49
CA PHE D 293 -27.80 89.33 22.91
C PHE D 293 -26.85 89.37 21.70
N ASN D 294 -26.51 90.58 21.28
CA ASN D 294 -25.59 90.85 20.14
C ASN D 294 -24.35 91.52 20.72
N PRO D 295 -23.29 90.74 20.99
CA PRO D 295 -22.06 91.24 21.58
C PRO D 295 -21.39 92.26 20.67
N GLN D 296 -21.55 92.17 19.35
CA GLN D 296 -20.92 93.18 18.44
C GLN D 296 -21.60 94.54 18.60
N ARG D 297 -22.77 94.59 19.23
CA ARG D 297 -23.48 95.87 19.49
C ARG D 297 -23.35 96.25 20.98
N ASP D 298 -22.60 95.51 21.77
CA ASP D 298 -22.49 95.74 23.23
C ASP D 298 -21.50 96.89 23.50
N THR D 299 -21.47 97.38 24.74
CA THR D 299 -20.47 98.37 25.20
C THR D 299 -19.12 97.67 25.14
N VAL D 300 -18.06 98.45 25.15
CA VAL D 300 -16.65 97.95 25.18
C VAL D 300 -16.44 97.16 26.48
N ASP D 301 -17.26 97.34 27.52
CA ASP D 301 -16.99 96.59 28.79
C ASP D 301 -18.01 95.47 28.97
N GLY D 302 -18.92 95.24 28.04
CA GLY D 302 -19.73 94.00 28.12
C GLY D 302 -20.92 94.15 29.03
N MET D 303 -21.54 95.33 29.04
CA MET D 303 -22.68 95.59 29.95
C MET D 303 -23.82 94.61 29.60
N THR D 304 -24.13 94.44 28.32
CA THR D 304 -25.27 93.55 27.95
C THR D 304 -24.90 92.10 28.24
N ALA D 305 -23.65 91.74 28.14
CA ALA D 305 -23.20 90.39 28.51
C ALA D 305 -23.52 90.14 30.00
N MET D 306 -23.43 91.16 30.85
CA MET D 306 -23.74 91.00 32.31
C MET D 306 -25.26 90.87 32.49
N VAL D 307 -26.03 91.61 31.73
CA VAL D 307 -27.50 91.60 31.74
C VAL D 307 -27.94 90.20 31.33
N ALA D 308 -27.38 89.68 30.23
CA ALA D 308 -27.78 88.35 29.75
C ALA D 308 -27.38 87.32 30.81
N ALA D 309 -26.19 87.48 31.40
CA ALA D 309 -25.70 86.52 32.41
C ALA D 309 -26.65 86.51 33.61
N LYS D 310 -27.17 87.67 34.01
CA LYS D 310 -27.93 87.72 35.27
C LYS D 310 -29.34 87.17 35.00
N LEU D 311 -29.92 87.43 33.83
CA LEU D 311 -31.18 86.81 33.42
C LEU D 311 -30.98 85.29 33.45
N VAL D 312 -29.88 84.79 32.92
CA VAL D 312 -29.64 83.33 32.92
C VAL D 312 -29.57 82.87 34.39
N ARG D 313 -28.88 83.62 35.24
CA ARG D 313 -28.66 83.19 36.65
C ARG D 313 -29.98 83.12 37.42
N GLU D 314 -30.81 84.16 37.27
CA GLU D 314 -32.13 84.25 37.94
C GLU D 314 -33.11 83.22 37.34
N LEU D 315 -33.04 82.96 36.04
CA LEU D 315 -33.83 81.83 35.47
C LEU D 315 -33.36 80.50 36.09
N ALA D 316 -32.06 80.30 36.27
CA ALA D 316 -31.55 79.04 36.84
C ALA D 316 -32.10 78.83 38.23
N ALA D 317 -32.09 79.86 39.08
CA ALA D 317 -32.60 79.83 40.46
C ALA D 317 -34.06 79.36 40.42
N LYS D 318 -34.80 79.82 39.41
CA LYS D 318 -36.23 79.56 39.33
C LYS D 318 -36.48 78.15 38.81
N ILE D 319 -35.69 77.68 37.86
CA ILE D 319 -35.89 76.36 37.22
C ILE D 319 -35.42 75.25 38.18
N SER D 320 -34.27 75.46 38.82
CA SER D 320 -33.69 74.45 39.73
C SER D 320 -34.50 74.42 41.04
N LYS D 321 -34.73 73.24 41.61
CA LYS D 321 -35.49 73.11 42.88
C LYS D 321 -35.30 71.69 43.42
N SER E 4 19.06 100.92 59.44
CA SER E 4 18.59 99.53 59.25
C SER E 4 17.24 99.52 58.55
N ALA E 5 16.27 98.85 59.19
CA ALA E 5 14.88 98.74 58.70
C ALA E 5 13.74 99.28 59.58
N SER E 6 14.06 100.39 60.24
CA SER E 6 13.34 101.08 61.36
C SER E 6 13.65 102.56 61.12
N SER E 7 14.74 102.75 60.40
CA SER E 7 15.05 104.11 59.90
C SER E 7 14.09 104.36 58.73
N ILE E 8 13.67 103.29 58.05
CA ILE E 8 12.68 103.28 56.96
C ILE E 8 11.40 103.94 57.49
N GLU E 9 11.01 103.58 58.70
CA GLU E 9 9.72 104.07 59.28
C GLU E 9 9.82 105.59 59.53
N LYS E 10 11.01 106.08 59.85
CA LYS E 10 11.26 107.52 60.13
C LYS E 10 11.20 108.31 58.82
N GLY E 11 11.80 107.84 57.74
CA GLY E 11 11.66 108.57 56.45
C GLY E 11 10.18 108.63 55.99
N GLN E 12 9.47 107.52 56.09
CA GLN E 12 8.04 107.48 55.78
C GLN E 12 7.30 108.51 56.62
N ASN E 13 7.70 108.70 57.87
CA ASN E 13 6.99 109.60 58.81
C ASN E 13 7.20 111.03 58.33
N ARG E 14 8.34 111.33 57.71
CA ARG E 14 8.58 112.67 57.13
C ARG E 14 7.59 112.90 55.97
N VAL E 15 7.36 111.89 55.13
CA VAL E 15 6.40 112.04 53.99
C VAL E 15 4.96 112.16 54.54
N ILE E 16 4.62 111.35 55.54
CA ILE E 16 3.28 111.38 56.15
C ILE E 16 3.06 112.76 56.76
N ASP E 17 4.04 113.27 57.51
CA ASP E 17 3.83 114.54 58.23
C ASP E 17 3.70 115.65 57.20
N ALA E 18 4.50 115.62 56.13
CA ALA E 18 4.48 116.66 55.10
C ALA E 18 3.11 116.62 54.42
N SER E 19 2.56 115.43 54.24
CA SER E 19 1.26 115.22 53.58
C SER E 19 0.14 115.82 54.43
N LEU E 20 0.15 115.56 55.73
CA LEU E 20 -0.91 116.06 56.64
C LEU E 20 -0.75 117.57 56.77
N THR E 21 0.47 118.07 56.83
CA THR E 21 0.71 119.53 56.92
C THR E 21 0.06 120.20 55.72
N LEU E 22 0.18 119.63 54.53
CA LEU E 22 -0.33 120.25 53.29
C LEU E 22 -1.87 120.30 53.34
N ILE E 23 -2.53 119.22 53.77
CA ILE E 23 -4.02 119.21 53.95
C ILE E 23 -4.35 120.25 55.02
N ARG E 24 -3.59 120.29 56.12
CA ARG E 24 -3.96 121.22 57.21
C ARG E 24 -3.93 122.67 56.69
N GLU E 25 -2.94 123.03 55.90
CA GLU E 25 -2.80 124.43 55.44
C GLU E 25 -3.92 124.76 54.44
N ARG E 26 -4.25 123.81 53.55
CA ARG E 26 -5.34 124.04 52.57
C ARG E 26 -6.68 124.21 53.31
N ALA E 27 -6.92 123.36 54.32
CA ALA E 27 -8.16 123.40 55.13
C ALA E 27 -8.22 124.73 55.88
N LYS E 28 -7.10 125.23 56.37
CA LYS E 28 -7.10 126.48 57.15
C LYS E 28 -7.59 127.66 56.27
N LEU E 29 -7.14 127.77 55.03
CA LEU E 29 -7.61 128.83 54.09
C LEU E 29 -9.11 128.68 53.82
N LYS E 30 -9.61 127.44 53.71
CA LYS E 30 -11.02 127.21 53.35
C LYS E 30 -11.88 127.59 54.55
N GLY E 31 -11.46 127.24 55.77
CA GLY E 31 -12.19 127.58 56.99
C GLY E 31 -12.25 129.08 57.15
N GLU E 32 -11.12 129.78 56.94
CA GLU E 32 -11.05 131.25 57.08
C GLU E 32 -11.94 131.90 56.04
N LEU E 33 -11.91 131.45 54.80
CA LEU E 33 -12.85 132.00 53.79
C LEU E 33 -14.29 131.84 54.25
N VAL E 34 -14.68 130.64 54.64
CA VAL E 34 -16.08 130.40 55.06
C VAL E 34 -16.44 131.32 56.22
N ARG E 35 -15.56 131.43 57.20
CA ARG E 35 -15.86 132.21 58.43
C ARG E 35 -15.92 133.69 58.07
N LEU E 36 -15.11 134.17 57.15
CA LEU E 36 -15.07 135.61 56.82
C LEU E 36 -16.38 135.98 56.12
N LEU E 37 -16.95 135.07 55.34
CA LEU E 37 -18.25 135.32 54.67
C LEU E 37 -19.38 135.33 55.71
N GLY E 38 -19.31 134.49 56.75
CA GLY E 38 -20.24 134.51 57.89
C GLY E 38 -21.59 133.84 57.60
N GLY E 39 -22.21 133.39 58.69
CA GLY E 39 -23.62 132.96 58.79
C GLY E 39 -23.77 131.47 58.66
N ALA E 40 -22.77 130.75 58.16
CA ALA E 40 -22.90 129.29 57.94
C ALA E 40 -22.84 128.51 59.26
N LYS E 41 -23.70 127.49 59.37
CA LYS E 41 -23.74 126.50 60.48
C LYS E 41 -22.93 125.30 60.08
N ALA E 42 -22.88 125.01 58.78
CA ALA E 42 -22.08 123.89 58.24
C ALA E 42 -21.77 124.19 56.77
N SER E 43 -20.62 123.77 56.32
CA SER E 43 -20.04 124.03 54.98
C SER E 43 -19.35 122.75 54.53
N THR E 44 -19.89 122.11 53.52
CA THR E 44 -19.29 120.94 52.86
C THR E 44 -17.90 121.30 52.30
N SER E 45 -16.92 120.45 52.58
CA SER E 45 -15.56 120.58 52.05
C SER E 45 -15.15 119.22 51.52
N LEU E 46 -14.83 119.17 50.23
CA LEU E 46 -14.42 117.93 49.53
C LEU E 46 -13.04 117.53 50.00
N LEU E 47 -12.86 116.24 50.18
CA LEU E 47 -11.53 115.65 50.45
C LEU E 47 -11.39 114.42 49.56
N GLY E 48 -10.41 114.42 48.66
CA GLY E 48 -10.19 113.33 47.72
C GLY E 48 -9.32 112.30 48.35
N VAL E 49 -9.67 111.04 48.14
CA VAL E 49 -8.80 109.93 48.59
C VAL E 49 -8.59 108.98 47.43
N PRO E 50 -7.60 109.27 46.56
CA PRO E 50 -7.38 108.50 45.34
C PRO E 50 -6.70 107.16 45.61
N LEU E 51 -7.49 106.25 46.14
CA LEU E 51 -7.05 104.93 46.62
C LEU E 51 -7.86 103.89 45.88
N GLY E 52 -7.22 102.92 45.26
CA GLY E 52 -7.95 101.79 44.64
C GLY E 52 -7.35 100.43 44.90
N HIS E 53 -6.29 100.31 45.69
CA HIS E 53 -5.54 99.03 45.78
C HIS E 53 -6.22 98.02 46.72
N ASN E 54 -7.30 98.39 47.37
CA ASN E 54 -8.13 97.48 48.22
C ASN E 54 -9.28 96.86 47.42
N SER E 55 -9.40 97.23 46.12
CA SER E 55 -10.38 96.71 45.15
C SER E 55 -10.09 95.24 44.87
N SER E 56 -11.11 94.46 44.62
CA SER E 56 -10.97 93.00 44.36
C SER E 56 -10.94 92.74 42.86
N PHE E 57 -11.27 93.68 42.00
CA PHE E 57 -11.36 93.40 40.55
C PHE E 57 -10.57 94.45 39.73
N LEU E 58 -10.84 95.73 39.89
CA LEU E 58 -10.18 96.81 39.10
C LEU E 58 -9.89 97.94 40.08
N GLN E 59 -8.78 98.62 39.90
CA GLN E 59 -8.29 99.69 40.81
C GLN E 59 -8.58 101.11 40.28
N GLY E 60 -9.33 101.20 39.18
CA GLY E 60 -9.78 102.44 38.52
C GLY E 60 -10.26 103.56 39.45
N PRO E 61 -10.98 103.29 40.55
CA PRO E 61 -11.37 104.35 41.46
C PRO E 61 -10.23 105.21 41.98
N ALA E 62 -9.02 104.71 42.04
CA ALA E 62 -7.86 105.59 42.37
C ALA E 62 -7.82 106.85 41.51
N PHE E 63 -8.43 106.87 40.30
CA PHE E 63 -8.30 108.01 39.34
C PHE E 63 -9.53 108.91 39.45
N ALA E 64 -10.51 108.55 40.25
CA ALA E 64 -11.82 109.21 40.27
C ALA E 64 -11.78 110.65 40.76
N PRO E 65 -11.17 111.00 41.92
CA PRO E 65 -11.44 112.32 42.48
C PRO E 65 -11.23 113.49 41.53
N PRO E 66 -10.13 113.55 40.76
CA PRO E 66 -9.96 114.68 39.85
C PRO E 66 -11.03 114.75 38.74
N ARG E 67 -11.53 113.60 38.26
CA ARG E 67 -12.59 113.53 37.23
C ARG E 67 -13.89 114.03 37.83
N ILE E 68 -14.16 113.74 39.07
CA ILE E 68 -15.39 114.23 39.72
C ILE E 68 -15.37 115.77 39.77
N ARG E 69 -14.25 116.34 40.24
CA ARG E 69 -14.15 117.81 40.40
C ARG E 69 -14.34 118.47 39.04
N GLU E 70 -13.72 117.92 38.00
CA GLU E 70 -13.88 118.53 36.67
C GLU E 70 -15.38 118.58 36.36
N ALA E 71 -16.10 117.47 36.61
CA ALA E 71 -17.50 117.31 36.18
C ALA E 71 -18.38 118.27 37.01
N ILE E 72 -18.02 118.50 38.26
CA ILE E 72 -18.78 119.45 39.13
C ILE E 72 -18.79 120.83 38.47
N TRP E 73 -17.71 121.22 37.84
CA TRP E 73 -17.54 122.61 37.31
C TRP E 73 -17.64 122.63 35.80
N CYS E 74 -18.06 121.54 35.17
CA CYS E 74 -18.18 121.42 33.70
C CYS E 74 -18.99 122.60 33.19
N GLY E 75 -18.54 123.18 32.09
CA GLY E 75 -19.20 124.35 31.53
C GLY E 75 -20.58 124.02 30.94
N SER E 76 -20.95 122.75 30.76
CA SER E 76 -22.29 122.31 30.28
C SER E 76 -23.33 122.50 31.38
N THR E 77 -22.90 122.68 32.64
CA THR E 77 -23.74 122.61 33.86
C THR E 77 -23.92 124.00 34.38
N ASN E 78 -24.89 124.24 35.26
CA ASN E 78 -24.86 125.51 36.03
C ASN E 78 -24.54 125.20 37.47
N SER E 79 -24.17 126.24 38.20
CA SER E 79 -23.63 126.10 39.55
C SER E 79 -24.75 125.98 40.60
N ALA E 80 -26.02 125.93 40.24
CA ALA E 80 -27.10 125.72 41.22
C ALA E 80 -27.39 124.22 41.41
N THR E 81 -27.60 123.76 42.63
CA THR E 81 -28.14 122.41 42.93
C THR E 81 -29.65 122.38 42.64
N GLU E 82 -30.27 121.21 42.57
CA GLU E 82 -31.73 121.06 42.23
C GLU E 82 -32.62 121.90 43.16
N GLU E 83 -32.24 121.96 44.45
CA GLU E 83 -32.98 122.71 45.49
C GLU E 83 -32.66 124.21 45.45
N GLY E 84 -31.58 124.63 44.79
CA GLY E 84 -31.36 126.08 44.63
C GLY E 84 -30.12 126.59 45.36
N LYS E 85 -29.26 125.73 45.89
CA LYS E 85 -28.00 126.20 46.54
C LYS E 85 -26.97 126.55 45.47
N GLU E 86 -26.16 127.56 45.79
CA GLU E 86 -25.14 128.13 44.89
C GLU E 86 -23.79 127.55 45.29
N LEU E 87 -23.23 126.71 44.41
CA LEU E 87 -22.00 125.93 44.63
C LEU E 87 -20.79 126.83 44.57
N LYS E 88 -20.86 128.01 43.98
CA LYS E 88 -19.73 128.97 43.99
C LYS E 88 -19.64 129.73 45.32
N ASP E 89 -20.66 129.65 46.19
CA ASP E 89 -20.59 130.13 47.61
C ASP E 89 -19.77 129.15 48.43
N PRO E 90 -18.58 129.56 48.91
CA PRO E 90 -17.74 128.70 49.76
C PRO E 90 -18.48 128.12 50.97
N ARG E 91 -19.46 128.84 51.49
CA ARG E 91 -20.28 128.35 52.60
C ARG E 91 -21.11 127.15 52.16
N VAL E 92 -21.36 127.00 50.87
CA VAL E 92 -22.03 125.79 50.30
C VAL E 92 -21.03 124.71 49.95
N LEU E 93 -19.92 125.08 49.30
CA LEU E 93 -18.89 124.08 48.87
C LEU E 93 -17.50 124.71 48.87
N THR E 94 -16.56 124.05 49.52
CA THR E 94 -15.10 124.29 49.29
C THR E 94 -14.47 122.92 49.02
N ASP E 95 -13.17 122.90 48.83
CA ASP E 95 -12.43 121.72 48.34
C ASP E 95 -11.01 121.83 48.92
N VAL E 96 -10.62 120.89 49.76
CA VAL E 96 -9.23 120.87 50.33
C VAL E 96 -8.35 119.92 49.52
N GLY E 97 -8.78 119.44 48.36
CA GLY E 97 -7.93 118.63 47.48
C GLY E 97 -7.81 117.18 47.91
N ASP E 98 -6.77 116.54 47.43
CA ASP E 98 -6.56 115.08 47.58
C ASP E 98 -5.47 114.79 48.62
N VAL E 99 -5.69 113.73 49.35
CA VAL E 99 -4.64 113.04 50.15
C VAL E 99 -3.67 112.46 49.13
N PRO E 100 -2.37 112.70 49.28
CA PRO E 100 -1.40 112.13 48.36
C PRO E 100 -1.10 110.64 48.63
N VAL E 101 -2.09 109.82 48.35
CA VAL E 101 -2.11 108.36 48.67
C VAL E 101 -0.98 107.65 47.95
N GLN E 102 -0.86 107.90 46.64
CA GLN E 102 0.04 107.05 45.82
C GLN E 102 1.46 107.26 46.31
N GLU E 103 1.82 108.50 46.62
CA GLU E 103 3.16 108.89 47.09
C GLU E 103 3.45 108.25 48.45
N ILE E 104 2.46 108.23 49.35
CA ILE E 104 2.62 107.56 50.67
C ILE E 104 2.83 106.05 50.46
N ARG E 105 2.04 105.43 49.59
CA ARG E 105 2.20 103.99 49.29
C ARG E 105 3.59 103.76 48.69
N ASP E 106 3.99 104.67 47.81
CA ASP E 106 5.24 104.55 47.00
C ASP E 106 6.48 104.59 47.92
N CYS E 107 6.40 105.16 49.13
CA CYS E 107 7.56 105.09 50.04
C CYS E 107 7.44 103.93 51.05
N GLY E 108 6.56 102.97 50.80
CA GLY E 108 6.57 101.66 51.50
C GLY E 108 5.60 101.61 52.68
N VAL E 109 4.73 102.60 52.83
CA VAL E 109 3.91 102.72 54.07
C VAL E 109 2.84 101.62 54.04
N ASP E 110 2.68 100.91 55.14
CA ASP E 110 1.71 99.79 55.25
C ASP E 110 0.29 100.35 55.35
N ASP E 111 -0.67 99.47 55.23
CA ASP E 111 -2.07 99.88 55.08
C ASP E 111 -2.59 100.49 56.41
N ASP E 112 -2.17 99.99 57.57
CA ASP E 112 -2.70 100.50 58.85
C ASP E 112 -2.33 101.98 58.92
N ARG E 113 -1.06 102.27 58.66
CA ARG E 113 -0.54 103.66 58.67
C ARG E 113 -1.23 104.47 57.59
N LEU E 114 -1.45 103.91 56.41
CA LEU E 114 -2.12 104.69 55.35
C LEU E 114 -3.54 105.00 55.78
N MET E 115 -4.27 104.05 56.33
CA MET E 115 -5.68 104.36 56.70
C MET E 115 -5.69 105.38 57.85
N ASN E 116 -4.73 105.32 58.75
CA ASN E 116 -4.60 106.33 59.84
C ASN E 116 -4.37 107.73 59.24
N VAL E 117 -3.66 107.84 58.14
CA VAL E 117 -3.45 109.15 57.45
C VAL E 117 -4.80 109.63 56.94
N ILE E 118 -5.54 108.77 56.31
CA ILE E 118 -6.89 109.15 55.83
C ILE E 118 -7.76 109.64 56.99
N SER E 119 -7.76 108.97 58.13
CA SER E 119 -8.51 109.39 59.35
C SER E 119 -8.02 110.78 59.78
N GLU E 120 -6.73 111.00 59.86
CA GLU E 120 -6.22 112.28 60.38
C GLU E 120 -6.57 113.38 59.41
N SER E 121 -6.58 113.08 58.11
CA SER E 121 -6.93 114.07 57.06
C SER E 121 -8.37 114.52 57.26
N VAL E 122 -9.27 113.58 57.45
CA VAL E 122 -10.68 113.92 57.75
C VAL E 122 -10.76 114.80 59.02
N LYS E 123 -10.00 114.51 60.06
CA LYS E 123 -10.14 115.31 61.31
C LYS E 123 -9.67 116.75 61.04
N LEU E 124 -8.67 116.92 60.18
CA LEU E 124 -8.08 118.25 59.88
C LEU E 124 -9.16 119.13 59.22
N VAL E 125 -9.99 118.55 58.39
CA VAL E 125 -11.15 119.28 57.81
C VAL E 125 -12.13 119.63 58.93
N MET E 126 -12.47 118.66 59.79
CA MET E 126 -13.53 118.81 60.82
C MET E 126 -13.09 119.86 61.86
N GLU E 127 -11.78 119.95 62.08
CA GLU E 127 -11.10 120.89 63.01
C GLU E 127 -11.31 122.34 62.54
N GLU E 128 -11.51 122.55 61.23
CA GLU E 128 -11.78 123.92 60.75
C GLU E 128 -13.28 124.13 60.71
N GLU E 129 -13.80 124.79 61.73
CA GLU E 129 -15.24 125.13 61.87
C GLU E 129 -15.61 126.11 60.76
N PRO E 130 -16.77 125.99 60.07
CA PRO E 130 -17.69 124.87 60.22
C PRO E 130 -17.69 123.83 59.10
N LEU E 131 -16.52 123.44 58.65
CA LEU E 131 -16.41 122.50 57.54
C LEU E 131 -16.90 121.12 58.03
N ARG E 132 -17.55 120.40 57.12
CA ARG E 132 -17.95 119.00 57.27
C ARG E 132 -17.45 118.24 56.05
N PRO E 133 -16.84 117.06 56.20
CA PRO E 133 -16.11 116.46 55.11
C PRO E 133 -17.07 115.69 54.21
N LEU E 134 -16.85 115.82 52.91
CA LEU E 134 -17.52 114.98 51.90
C LEU E 134 -16.38 114.35 51.09
N VAL E 135 -16.20 113.05 51.19
CA VAL E 135 -14.96 112.40 50.72
C VAL E 135 -15.21 111.81 49.32
N LEU E 136 -14.31 112.09 48.37
CA LEU E 136 -14.39 111.53 47.00
C LEU E 136 -13.49 110.31 47.00
N GLY E 137 -14.03 109.12 46.82
CA GLY E 137 -13.15 107.96 46.61
C GLY E 137 -12.72 107.86 45.14
N GLY E 138 -11.84 106.89 44.84
CA GLY E 138 -11.33 105.92 45.79
C GLY E 138 -12.30 104.74 45.94
N ASP E 139 -11.77 103.56 46.23
CA ASP E 139 -12.58 102.34 46.45
C ASP E 139 -13.25 102.42 47.85
N HIS E 140 -14.17 101.51 48.15
CA HIS E 140 -15.03 101.59 49.37
C HIS E 140 -14.21 101.32 50.65
N SER E 141 -12.93 100.95 50.57
CA SER E 141 -12.13 100.70 51.79
C SER E 141 -12.03 101.98 52.61
N ILE E 142 -12.12 103.12 51.96
CA ILE E 142 -11.83 104.40 52.64
C ILE E 142 -12.96 104.77 53.61
N SER E 143 -14.16 104.22 53.42
CA SER E 143 -15.30 104.51 54.29
C SER E 143 -14.95 104.18 55.74
N TYR E 144 -14.16 103.15 55.99
CA TYR E 144 -13.80 102.73 57.37
C TYR E 144 -13.04 103.86 58.04
N PRO E 145 -11.86 104.28 57.55
CA PRO E 145 -11.08 105.30 58.27
C PRO E 145 -11.78 106.65 58.34
N VAL E 146 -12.63 106.92 57.38
CA VAL E 146 -13.38 108.21 57.34
C VAL E 146 -14.42 108.15 58.46
N VAL E 147 -15.23 107.08 58.51
CA VAL E 147 -16.35 106.98 59.49
C VAL E 147 -15.73 106.94 60.88
N ARG E 148 -14.60 106.26 61.03
CA ARG E 148 -13.89 106.20 62.33
C ARG E 148 -13.47 107.61 62.76
N ALA E 149 -13.01 108.44 61.84
CA ALA E 149 -12.50 109.79 62.22
C ALA E 149 -13.67 110.66 62.63
N VAL E 150 -14.79 110.54 61.95
CA VAL E 150 -16.00 111.38 62.18
C VAL E 150 -16.58 111.02 63.55
N SER E 151 -16.71 109.73 63.84
CA SER E 151 -17.22 109.20 65.12
C SER E 151 -16.28 109.58 66.26
N GLU E 152 -14.98 109.31 66.11
CA GLU E 152 -14.01 109.66 67.21
C GLU E 152 -14.07 111.18 67.48
N LYS E 153 -14.16 111.99 66.42
CA LYS E 153 -14.07 113.47 66.56
C LYS E 153 -15.37 113.97 67.19
N LEU E 154 -16.52 113.44 66.78
CA LEU E 154 -17.81 113.89 67.38
C LEU E 154 -18.01 113.23 68.76
N GLY E 155 -17.30 112.15 69.08
CA GLY E 155 -17.35 111.59 70.44
C GLY E 155 -18.56 110.68 70.61
N GLY E 156 -18.97 109.97 69.56
CA GLY E 156 -20.07 109.01 69.70
C GLY E 156 -20.50 108.42 68.37
N PRO E 157 -21.50 107.53 68.40
CA PRO E 157 -21.96 106.85 67.21
C PRO E 157 -22.75 107.76 66.26
N VAL E 158 -22.72 107.38 64.99
CA VAL E 158 -23.61 107.97 63.94
C VAL E 158 -24.54 106.89 63.41
N ASP E 159 -25.68 107.31 62.86
CA ASP E 159 -26.46 106.44 61.95
C ASP E 159 -25.82 106.55 60.54
N ILE E 160 -25.78 105.44 59.82
CA ILE E 160 -25.17 105.38 58.47
C ILE E 160 -26.22 104.92 57.47
N LEU E 161 -26.36 105.71 56.40
CA LEU E 161 -27.05 105.30 55.16
C LEU E 161 -25.98 104.91 54.11
N HIS E 162 -26.00 103.63 53.75
CA HIS E 162 -25.05 102.93 52.88
C HIS E 162 -25.82 102.55 51.61
N LEU E 163 -25.59 103.26 50.52
CA LEU E 163 -26.24 102.97 49.21
C LEU E 163 -25.23 102.18 48.37
N ASP E 164 -25.58 100.94 48.02
CA ASP E 164 -24.61 100.06 47.37
C ASP E 164 -25.31 98.83 46.82
N ALA E 165 -24.81 98.27 45.71
CA ALA E 165 -25.24 96.94 45.23
C ALA E 165 -24.80 95.82 46.22
N HIS E 166 -23.76 96.06 47.03
CA HIS E 166 -22.97 95.09 47.82
C HIS E 166 -22.99 95.50 49.27
N PRO E 167 -23.12 94.60 50.26
CA PRO E 167 -23.10 95.01 51.68
C PRO E 167 -21.71 95.33 52.24
N ASP E 168 -20.65 94.90 51.56
CA ASP E 168 -19.23 95.14 51.94
C ASP E 168 -18.96 94.73 53.40
N ILE E 169 -19.35 93.54 53.79
CA ILE E 169 -19.37 93.20 55.23
C ILE E 169 -18.76 91.82 55.49
N TYR E 170 -18.03 91.30 54.50
CA TYR E 170 -17.18 90.11 54.67
C TYR E 170 -16.18 90.45 55.78
N ASP E 171 -15.91 89.47 56.60
CA ASP E 171 -14.92 89.57 57.68
C ASP E 171 -13.57 90.02 57.09
N CYS E 172 -13.13 89.36 56.03
CA CYS E 172 -11.74 89.50 55.52
C CYS E 172 -11.66 89.00 54.08
N PHE E 173 -12.23 89.76 53.14
CA PHE E 173 -12.30 89.40 51.71
C PHE E 173 -10.89 89.17 51.15
N GLU E 174 -10.62 87.92 50.79
CA GLU E 174 -9.36 87.45 50.17
C GLU E 174 -8.16 87.73 51.07
N GLY E 175 -8.32 87.64 52.40
CA GLY E 175 -7.22 87.88 53.37
C GLY E 175 -6.90 89.35 53.60
N ASN E 176 -7.64 90.30 53.00
CA ASN E 176 -7.35 91.74 53.14
C ASN E 176 -8.37 92.35 54.11
N LYS E 177 -7.97 92.72 55.32
CA LYS E 177 -8.94 93.27 56.29
C LYS E 177 -9.36 94.68 55.86
N TYR E 178 -8.58 95.31 55.00
CA TYR E 178 -8.91 96.63 54.41
C TYR E 178 -9.57 96.46 53.00
N SER E 179 -9.96 95.25 52.60
CA SER E 179 -10.73 95.04 51.33
C SER E 179 -11.87 96.04 51.24
N HIS E 180 -12.18 96.52 50.04
CA HIS E 180 -13.36 97.36 49.82
C HIS E 180 -14.62 96.58 50.15
N ALA E 181 -14.59 95.25 50.21
CA ALA E 181 -15.78 94.44 50.50
C ALA E 181 -15.87 94.10 52.01
N SER E 182 -15.02 94.69 52.84
CA SER E 182 -15.01 94.45 54.31
C SER E 182 -15.16 95.76 55.11
N SER E 183 -15.32 96.92 54.47
CA SER E 183 -15.15 98.18 55.23
C SER E 183 -16.29 98.36 56.24
N PHE E 184 -17.47 97.79 55.98
CA PHE E 184 -18.65 97.96 56.88
C PHE E 184 -18.57 96.93 58.02
N ALA E 185 -17.84 95.83 57.85
CA ALA E 185 -17.48 94.95 58.96
C ALA E 185 -16.51 95.70 59.88
N ARG E 186 -15.49 96.33 59.32
CA ARG E 186 -14.57 97.13 60.14
C ARG E 186 -15.38 98.16 60.93
N ILE E 187 -16.31 98.84 60.28
CA ILE E 187 -17.07 99.94 60.93
C ILE E 187 -17.96 99.35 62.06
N MET E 188 -18.65 98.25 61.81
CA MET E 188 -19.57 97.70 62.82
C MET E 188 -18.74 97.13 63.97
N GLU E 189 -17.56 96.55 63.75
CA GLU E 189 -16.68 96.03 64.85
C GLU E 189 -16.20 97.19 65.76
N GLY E 190 -16.08 98.39 65.26
CA GLY E 190 -15.51 99.51 66.05
C GLY E 190 -16.54 100.29 66.87
N GLY E 191 -17.84 100.00 66.76
CA GLY E 191 -18.87 100.75 67.55
C GLY E 191 -19.13 102.16 67.01
N TYR E 192 -18.77 102.44 65.75
CA TYR E 192 -18.88 103.83 65.19
C TYR E 192 -20.33 104.09 64.76
N ALA E 193 -21.11 103.03 64.54
CA ALA E 193 -22.48 103.15 64.05
C ALA E 193 -23.47 102.71 65.11
N ARG E 194 -24.61 103.38 65.17
CA ARG E 194 -25.79 102.85 65.86
C ARG E 194 -26.59 102.04 64.83
N ARG E 195 -27.26 102.69 63.87
CA ARG E 195 -27.96 102.03 62.74
C ARG E 195 -27.06 102.10 61.49
N LEU E 196 -27.01 100.99 60.76
CA LEU E 196 -26.53 100.89 59.37
C LEU E 196 -27.68 100.37 58.50
N LEU E 197 -28.19 101.27 57.66
CA LEU E 197 -29.17 100.95 56.62
C LEU E 197 -28.41 100.84 55.29
N GLN E 198 -28.48 99.64 54.70
CA GLN E 198 -27.86 99.28 53.40
C GLN E 198 -29.01 99.20 52.40
N VAL E 199 -28.95 100.04 51.38
CA VAL E 199 -30.02 100.24 50.38
C VAL E 199 -29.46 100.02 48.97
N GLY E 200 -30.19 99.28 48.17
CA GLY E 200 -29.85 98.93 46.78
C GLY E 200 -29.11 97.64 46.65
N ILE E 201 -29.10 96.83 47.70
CA ILE E 201 -28.31 95.57 47.75
C ILE E 201 -28.86 94.60 46.71
N ARG E 202 -28.03 94.01 45.86
CA ARG E 202 -28.52 92.97 44.93
C ARG E 202 -27.43 91.96 44.61
N SER E 203 -26.31 92.02 45.32
CA SER E 203 -25.22 91.02 45.25
C SER E 203 -24.79 90.73 46.68
N ILE E 204 -25.28 89.60 47.20
CA ILE E 204 -25.01 89.24 48.61
C ILE E 204 -25.11 87.73 48.72
N ASN E 205 -24.30 87.16 49.60
CA ASN E 205 -24.30 85.70 49.79
C ASN E 205 -24.57 85.41 51.26
N GLN E 206 -24.52 84.14 51.65
CA GLN E 206 -24.85 83.73 53.03
C GLN E 206 -23.93 84.47 54.00
N GLU E 207 -22.61 84.55 53.72
CA GLU E 207 -21.67 85.30 54.60
C GLU E 207 -22.17 86.74 54.78
N GLY E 208 -22.62 87.42 53.75
CA GLY E 208 -23.13 88.79 53.89
C GLY E 208 -24.36 88.85 54.79
N ARG E 209 -25.31 87.92 54.62
CA ARG E 209 -26.57 87.88 55.42
C ARG E 209 -26.25 87.58 56.89
N GLU E 210 -25.40 86.59 57.15
CA GLU E 210 -24.93 86.21 58.51
C GLU E 210 -24.20 87.37 59.22
N GLN E 211 -23.31 88.03 58.50
CA GLN E 211 -22.62 89.23 59.03
C GLN E 211 -23.66 90.34 59.34
N GLY E 212 -24.66 90.55 58.50
CA GLY E 212 -25.73 91.53 58.81
C GLY E 212 -26.47 91.19 60.14
N LYS E 213 -26.78 89.92 60.36
CA LYS E 213 -27.43 89.46 61.60
C LYS E 213 -26.49 89.69 62.77
N ARG E 214 -25.21 89.37 62.60
CA ARG E 214 -24.21 89.50 63.68
C ARG E 214 -24.14 90.95 64.14
N PHE E 215 -24.31 91.90 63.25
CA PHE E 215 -24.13 93.34 63.61
C PHE E 215 -25.47 94.06 63.70
N GLY E 216 -26.57 93.38 63.40
CA GLY E 216 -27.89 94.05 63.40
C GLY E 216 -28.01 95.09 62.31
N VAL E 217 -27.50 94.79 61.14
CA VAL E 217 -27.54 95.71 59.96
C VAL E 217 -28.98 95.63 59.40
N GLU E 218 -29.53 96.73 58.94
CA GLU E 218 -30.82 96.75 58.22
C GLU E 218 -30.56 96.73 56.70
N GLN E 219 -30.78 95.59 56.05
CA GLN E 219 -30.37 95.35 54.65
C GLN E 219 -31.64 95.45 53.79
N TYR E 220 -31.71 96.41 52.87
CA TYR E 220 -32.83 96.51 51.91
C TYR E 220 -32.30 95.99 50.57
N GLU E 221 -32.85 94.89 50.10
CA GLU E 221 -32.52 94.28 48.80
C GLU E 221 -33.48 94.77 47.70
N MET E 222 -32.96 94.95 46.49
CA MET E 222 -33.75 95.47 45.35
C MET E 222 -34.92 94.53 45.02
N ARG E 223 -34.83 93.25 45.30
CA ARG E 223 -35.98 92.34 45.12
C ARG E 223 -37.22 92.75 45.95
N THR E 224 -37.12 93.62 46.99
CA THR E 224 -38.29 94.07 47.78
C THR E 224 -38.43 95.59 47.65
N PHE E 225 -37.77 96.17 46.66
CA PHE E 225 -37.81 97.65 46.49
C PHE E 225 -39.23 98.17 46.15
N SER E 226 -40.05 97.47 45.34
CA SER E 226 -41.48 97.82 45.13
C SER E 226 -42.15 98.10 46.47
N LYS E 227 -41.97 97.24 47.47
CA LYS E 227 -42.64 97.31 48.80
C LYS E 227 -41.99 98.43 49.64
N ASP E 228 -40.66 98.50 49.61
CA ASP E 228 -39.84 99.27 50.54
C ASP E 228 -39.76 100.76 50.11
N ARG E 229 -40.09 101.09 48.86
CA ARG E 229 -39.84 102.44 48.26
C ARG E 229 -40.41 103.54 49.14
N PRO E 230 -41.70 103.48 49.53
CA PRO E 230 -42.30 104.56 50.35
C PRO E 230 -41.51 104.81 51.64
N MET E 231 -41.10 103.76 52.32
CA MET E 231 -40.30 103.84 53.56
C MET E 231 -38.94 104.48 53.25
N LEU E 232 -38.27 104.01 52.19
CA LEU E 232 -36.91 104.47 51.81
C LEU E 232 -36.93 105.93 51.33
N GLU E 233 -38.05 106.40 50.78
CA GLU E 233 -38.23 107.81 50.32
C GLU E 233 -38.80 108.68 51.43
N ASN E 234 -38.78 108.20 52.67
CA ASN E 234 -39.19 108.99 53.85
C ASN E 234 -38.36 108.60 55.06
N LEU E 235 -37.05 108.40 54.89
CA LEU E 235 -36.14 108.03 56.01
C LEU E 235 -35.97 109.18 57.00
N LYS E 236 -35.85 108.83 58.28
CA LYS E 236 -35.45 109.71 59.39
C LYS E 236 -34.31 109.01 60.14
N LEU E 237 -33.12 109.63 60.21
CA LEU E 237 -31.92 109.04 60.84
C LEU E 237 -31.21 110.04 61.77
N GLY E 238 -30.43 109.50 62.70
CA GLY E 238 -29.53 110.27 63.58
C GLY E 238 -30.17 110.87 64.82
N GLU E 239 -31.49 110.90 64.97
CA GLU E 239 -32.12 111.41 66.23
C GLU E 239 -31.47 110.71 67.45
N GLY E 240 -30.91 111.53 68.35
CA GLY E 240 -30.31 111.16 69.63
C GLY E 240 -28.83 110.82 69.55
N VAL E 241 -28.25 110.66 68.37
CA VAL E 241 -26.77 110.43 68.23
C VAL E 241 -26.13 111.65 67.52
N LYS E 242 -24.85 111.55 67.13
CA LYS E 242 -24.04 112.75 66.71
C LYS E 242 -24.44 113.19 65.31
N GLY E 243 -25.15 112.33 64.61
CA GLY E 243 -25.70 112.72 63.31
C GLY E 243 -25.65 111.55 62.36
N VAL E 244 -25.68 111.85 61.06
CA VAL E 244 -25.83 110.83 60.02
C VAL E 244 -24.67 110.89 59.04
N TYR E 245 -24.16 109.73 58.67
CA TYR E 245 -23.11 109.59 57.65
C TYR E 245 -23.74 108.92 56.43
N ILE E 246 -23.52 109.45 55.24
CA ILE E 246 -24.08 108.82 54.01
C ILE E 246 -22.91 108.31 53.15
N SER E 247 -22.88 107.02 52.85
CA SER E 247 -21.86 106.44 51.94
C SER E 247 -22.57 105.99 50.67
N ILE E 248 -22.17 106.55 49.53
CA ILE E 248 -22.78 106.18 48.23
C ILE E 248 -21.71 105.48 47.44
N ASP E 249 -21.92 104.21 47.18
CA ASP E 249 -21.18 103.52 46.09
C ASP E 249 -21.99 103.79 44.84
N VAL E 250 -21.37 104.36 43.84
CA VAL E 250 -22.01 104.68 42.54
C VAL E 250 -22.71 103.43 41.97
N ASP E 251 -22.29 102.20 42.34
CA ASP E 251 -22.93 100.97 41.82
C ASP E 251 -24.26 100.71 42.53
N CYS E 252 -24.72 101.56 43.44
CA CYS E 252 -26.15 101.50 43.89
C CYS E 252 -27.08 101.74 42.70
N LEU E 253 -26.60 102.50 41.73
CA LEU E 253 -27.31 102.82 40.50
C LEU E 253 -27.27 101.66 39.54
N ASP E 254 -28.36 101.41 38.84
CA ASP E 254 -28.33 100.45 37.72
C ASP E 254 -27.19 100.85 36.82
N PRO E 255 -26.42 99.90 36.26
CA PRO E 255 -25.32 100.24 35.35
C PRO E 255 -25.78 100.98 34.07
N ALA E 256 -27.08 100.96 33.77
CA ALA E 256 -27.62 101.84 32.70
C ALA E 256 -27.26 103.29 33.05
N PHE E 257 -27.28 103.68 34.34
CA PHE E 257 -27.09 105.08 34.79
C PHE E 257 -25.61 105.30 35.11
N ALA E 258 -24.91 104.24 35.52
CA ALA E 258 -23.55 104.35 36.08
C ALA E 258 -22.72 103.17 35.61
N PRO E 259 -22.35 103.16 34.30
CA PRO E 259 -21.53 102.09 33.78
C PRO E 259 -20.10 102.15 34.34
N GLY E 260 -19.63 103.34 34.76
CA GLY E 260 -18.24 103.57 35.17
C GLY E 260 -18.03 103.05 36.57
N VAL E 261 -18.15 101.74 36.73
CA VAL E 261 -17.93 101.06 38.04
C VAL E 261 -17.12 99.80 37.75
N SER E 262 -16.49 99.24 38.75
CA SER E 262 -15.72 97.99 38.59
C SER E 262 -16.67 96.80 38.65
N HIS E 263 -17.86 96.96 39.21
CA HIS E 263 -18.78 95.82 39.45
C HIS E 263 -20.15 96.12 38.81
N ILE E 264 -20.34 95.65 37.58
CA ILE E 264 -21.60 95.81 36.82
C ILE E 264 -22.60 94.84 37.43
N GLU E 265 -23.68 95.37 38.00
CA GLU E 265 -24.68 94.54 38.72
C GLU E 265 -26.07 95.03 38.25
N PRO E 266 -26.63 94.44 37.18
CA PRO E 266 -27.95 94.86 36.73
C PRO E 266 -29.04 94.83 37.81
N GLY E 267 -30.04 95.71 37.66
CA GLY E 267 -31.27 95.72 38.46
C GLY E 267 -31.18 96.71 39.62
N GLY E 268 -30.58 97.88 39.39
CA GLY E 268 -30.28 98.85 40.42
C GLY E 268 -31.24 100.03 40.42
N LEU E 269 -30.90 101.02 41.20
CA LEU E 269 -31.71 102.23 41.39
C LEU E 269 -31.51 103.16 40.17
N SER E 270 -32.51 103.96 39.86
CA SER E 270 -32.35 105.07 38.90
C SER E 270 -31.70 106.23 39.65
N PHE E 271 -31.19 107.20 38.91
CA PHE E 271 -30.55 108.37 39.54
C PHE E 271 -31.64 109.09 40.30
N ARG E 272 -32.79 109.24 39.67
CA ARG E 272 -33.95 109.91 40.32
C ARG E 272 -34.35 109.15 41.60
N ASP E 273 -34.31 107.81 41.62
CA ASP E 273 -34.57 107.02 42.85
C ASP E 273 -33.62 107.46 43.98
N VAL E 274 -32.32 107.59 43.69
CA VAL E 274 -31.34 108.00 44.73
C VAL E 274 -31.65 109.42 45.25
N LEU E 275 -31.98 110.36 44.36
CA LEU E 275 -32.27 111.75 44.80
C LEU E 275 -33.60 111.75 45.53
N ASN E 276 -34.54 110.85 45.20
CA ASN E 276 -35.78 110.80 46.01
C ASN E 276 -35.43 110.44 47.46
N ILE E 277 -34.52 109.50 47.67
CA ILE E 277 -34.07 109.09 49.03
C ILE E 277 -33.30 110.23 49.71
N LEU E 278 -32.29 110.80 49.07
CA LEU E 278 -31.47 111.88 49.68
C LEU E 278 -32.29 113.11 49.98
N HIS E 279 -33.07 113.59 49.05
CA HIS E 279 -33.83 114.84 49.21
C HIS E 279 -34.78 114.67 50.40
N ASN E 280 -35.38 113.48 50.59
CA ASN E 280 -36.49 113.35 51.57
C ASN E 280 -35.95 112.88 52.92
N LEU E 281 -34.68 112.46 52.97
CA LEU E 281 -34.06 112.02 54.22
C LEU E 281 -34.06 113.16 55.22
N GLN E 282 -34.60 112.95 56.41
CA GLN E 282 -34.43 113.92 57.50
C GLN E 282 -33.21 113.45 58.26
N ALA E 283 -32.21 114.30 58.32
CA ALA E 283 -30.90 113.96 58.90
C ALA E 283 -30.06 115.20 59.15
N ASP E 284 -29.31 115.21 60.23
CA ASP E 284 -28.20 116.15 60.42
C ASP E 284 -26.97 115.43 59.89
N VAL E 285 -26.62 115.70 58.65
CA VAL E 285 -25.57 114.93 57.94
C VAL E 285 -24.22 115.49 58.34
N VAL E 286 -23.37 114.67 58.91
CA VAL E 286 -22.10 115.12 59.54
C VAL E 286 -20.98 114.80 58.58
N GLY E 287 -21.24 113.92 57.63
CA GLY E 287 -20.26 113.61 56.59
C GLY E 287 -20.85 112.65 55.56
N ALA E 288 -20.13 112.49 54.46
CA ALA E 288 -20.58 111.63 53.37
C ALA E 288 -19.37 111.19 52.54
N ASP E 289 -19.57 110.17 51.73
CA ASP E 289 -18.57 109.81 50.70
C ASP E 289 -19.30 109.44 49.41
N VAL E 290 -18.57 109.58 48.31
CA VAL E 290 -18.99 109.03 46.98
C VAL E 290 -17.83 108.23 46.42
N VAL E 291 -18.00 106.92 46.29
CA VAL E 291 -16.88 105.97 46.07
C VAL E 291 -17.23 105.08 44.87
N GLU E 292 -16.20 104.42 44.36
CA GLU E 292 -16.25 103.31 43.38
C GLU E 292 -16.64 103.82 42.00
N PHE E 293 -16.59 105.15 41.74
CA PHE E 293 -16.64 105.63 40.35
C PHE E 293 -15.30 105.24 39.72
N ASN E 294 -15.36 104.46 38.66
CA ASN E 294 -14.19 103.92 37.93
C ASN E 294 -14.12 104.59 36.56
N PRO E 295 -13.33 105.70 36.40
CA PRO E 295 -13.22 106.42 35.13
C PRO E 295 -12.79 105.53 33.95
N GLN E 296 -12.02 104.47 34.20
CA GLN E 296 -11.52 103.61 33.10
C GLN E 296 -12.68 102.71 32.62
N ARG E 297 -13.83 102.65 33.29
CA ARG E 297 -15.01 101.87 32.83
C ARG E 297 -16.11 102.83 32.37
N ASP E 298 -15.86 104.13 32.38
CA ASP E 298 -16.87 105.15 31.99
C ASP E 298 -17.01 105.22 30.44
N THR E 299 -18.05 105.87 29.98
CA THR E 299 -18.27 106.20 28.56
C THR E 299 -17.21 107.20 28.14
N VAL E 300 -17.02 107.32 26.84
CA VAL E 300 -16.03 108.26 26.26
C VAL E 300 -16.39 109.69 26.65
N ASP E 301 -17.64 109.98 26.99
CA ASP E 301 -18.02 111.38 27.34
C ASP E 301 -18.08 111.61 28.87
N GLY E 302 -17.72 110.63 29.66
CA GLY E 302 -17.66 110.81 31.12
C GLY E 302 -19.04 110.86 31.76
N MET E 303 -19.99 110.06 31.30
CA MET E 303 -21.37 110.12 31.84
C MET E 303 -21.30 109.75 33.34
N THR E 304 -20.50 108.76 33.75
CA THR E 304 -20.43 108.37 35.20
C THR E 304 -19.74 109.45 36.01
N ALA E 305 -18.86 110.23 35.41
CA ALA E 305 -18.22 111.40 36.08
C ALA E 305 -19.33 112.40 36.42
N MET E 306 -20.28 112.63 35.50
CA MET E 306 -21.37 113.62 35.72
C MET E 306 -22.36 113.06 36.78
N VAL E 307 -22.61 111.76 36.77
CA VAL E 307 -23.37 111.08 37.84
C VAL E 307 -22.69 111.32 39.20
N ALA E 308 -21.40 110.99 39.31
CA ALA E 308 -20.67 111.17 40.56
C ALA E 308 -20.71 112.64 41.00
N ALA E 309 -20.45 113.56 40.09
CA ALA E 309 -20.46 115.00 40.36
C ALA E 309 -21.85 115.41 40.88
N LYS E 310 -22.95 114.92 40.29
CA LYS E 310 -24.27 115.42 40.70
C LYS E 310 -24.63 114.87 42.11
N LEU E 311 -24.20 113.64 42.44
CA LEU E 311 -24.34 113.09 43.81
C LEU E 311 -23.56 113.97 44.77
N VAL E 312 -22.32 114.33 44.41
CA VAL E 312 -21.52 115.21 45.30
C VAL E 312 -22.26 116.54 45.48
N ARG E 313 -22.79 117.09 44.41
CA ARG E 313 -23.42 118.42 44.49
C ARG E 313 -24.68 118.35 45.39
N GLU E 314 -25.52 117.34 45.19
CA GLU E 314 -26.77 117.17 45.98
C GLU E 314 -26.43 116.93 47.45
N LEU E 315 -25.38 116.15 47.73
CA LEU E 315 -24.97 115.89 49.12
C LEU E 315 -24.49 117.21 49.72
N ALA E 316 -23.75 117.99 48.95
CA ALA E 316 -23.21 119.25 49.45
C ALA E 316 -24.40 120.11 49.87
N ALA E 317 -25.47 120.15 49.06
CA ALA E 317 -26.64 121.03 49.33
C ALA E 317 -27.30 120.59 50.63
N LYS E 318 -27.16 119.31 50.98
CA LYS E 318 -27.75 118.73 52.19
C LYS E 318 -26.85 118.94 53.42
N ILE E 319 -25.55 118.78 53.25
CA ILE E 319 -24.60 118.94 54.38
C ILE E 319 -24.55 120.45 54.76
N SER E 320 -24.53 121.35 53.79
CA SER E 320 -24.28 122.78 54.07
C SER E 320 -25.56 123.42 54.57
N LYS E 321 -25.48 124.30 55.55
CA LYS E 321 -26.69 124.96 56.07
C LYS E 321 -26.28 126.20 56.83
N SER F 6 -25.58 146.73 -0.09
CA SER F 6 -24.95 146.92 -1.45
C SER F 6 -25.02 145.62 -2.28
N SER F 7 -24.07 145.42 -3.20
CA SER F 7 -23.89 144.16 -3.99
C SER F 7 -24.12 142.91 -3.11
N ILE F 8 -23.67 142.98 -1.85
CA ILE F 8 -23.68 141.88 -0.85
C ILE F 8 -25.14 141.65 -0.41
N GLU F 9 -25.87 142.69 0.03
CA GLU F 9 -27.21 142.51 0.64
C GLU F 9 -28.14 141.84 -0.39
N LYS F 10 -28.01 142.23 -1.65
CA LYS F 10 -28.80 141.69 -2.80
C LYS F 10 -28.36 140.24 -3.08
N GLY F 11 -27.06 139.95 -3.05
CA GLY F 11 -26.55 138.57 -3.17
C GLY F 11 -27.12 137.66 -2.08
N GLN F 12 -27.13 138.14 -0.85
CA GLN F 12 -27.72 137.44 0.31
C GLN F 12 -29.21 137.19 0.02
N ASN F 13 -29.94 138.19 -0.44
CA ASN F 13 -31.40 138.03 -0.70
C ASN F 13 -31.62 136.94 -1.74
N ARG F 14 -30.71 136.76 -2.70
CA ARG F 14 -30.92 135.76 -3.77
C ARG F 14 -30.70 134.36 -3.20
N VAL F 15 -29.69 134.17 -2.37
CA VAL F 15 -29.51 132.86 -1.66
C VAL F 15 -30.72 132.58 -0.72
N ILE F 16 -31.13 133.54 0.09
CA ILE F 16 -32.33 133.36 0.96
C ILE F 16 -33.52 132.93 0.08
N ASP F 17 -33.75 133.68 -0.99
CA ASP F 17 -34.98 133.48 -1.80
C ASP F 17 -34.92 132.08 -2.40
N ALA F 18 -33.76 131.65 -2.89
CA ALA F 18 -33.60 130.36 -3.58
C ALA F 18 -33.75 129.22 -2.55
N SER F 19 -33.31 129.45 -1.31
CA SER F 19 -33.56 128.57 -0.12
C SER F 19 -35.07 128.41 0.12
N LEU F 20 -35.79 129.51 0.36
CA LEU F 20 -37.28 129.49 0.54
C LEU F 20 -37.95 128.82 -0.68
N THR F 21 -37.47 129.09 -1.88
CA THR F 21 -38.09 128.49 -3.07
C THR F 21 -37.96 126.97 -2.97
N LEU F 22 -36.84 126.48 -2.49
CA LEU F 22 -36.56 125.01 -2.42
C LEU F 22 -37.57 124.33 -1.49
N ILE F 23 -37.73 124.89 -0.29
CA ILE F 23 -38.78 124.48 0.70
C ILE F 23 -40.19 124.64 0.09
N ARG F 24 -40.48 125.78 -0.54
CA ARG F 24 -41.80 126.02 -1.14
C ARG F 24 -42.13 124.94 -2.17
N GLU F 25 -41.23 124.64 -3.12
CA GLU F 25 -41.51 123.66 -4.19
C GLU F 25 -41.71 122.27 -3.60
N ARG F 26 -40.89 121.93 -2.61
CA ARG F 26 -40.95 120.57 -2.01
C ARG F 26 -42.23 120.46 -1.19
N ALA F 27 -42.64 121.51 -0.48
CA ALA F 27 -43.91 121.52 0.30
C ALA F 27 -45.11 121.28 -0.63
N LYS F 28 -45.13 122.04 -1.73
CA LYS F 28 -46.16 121.95 -2.77
C LYS F 28 -46.30 120.49 -3.17
N LEU F 29 -45.21 119.77 -3.42
CA LEU F 29 -45.34 118.36 -3.89
C LEU F 29 -45.93 117.51 -2.77
N LYS F 30 -45.55 117.77 -1.49
CA LYS F 30 -46.04 116.93 -0.36
C LYS F 30 -47.51 117.28 -0.13
N GLY F 31 -47.88 118.56 -0.14
CA GLY F 31 -49.28 119.03 -0.05
C GLY F 31 -50.17 118.35 -1.11
N GLU F 32 -49.80 118.46 -2.37
CA GLU F 32 -50.56 117.80 -3.47
C GLU F 32 -50.67 116.30 -3.22
N LEU F 33 -49.61 115.67 -2.76
CA LEU F 33 -49.63 114.20 -2.53
C LEU F 33 -50.64 113.86 -1.42
N VAL F 34 -50.68 114.63 -0.32
CA VAL F 34 -51.63 114.42 0.80
C VAL F 34 -53.06 114.73 0.32
N ARG F 35 -53.23 115.86 -0.36
CA ARG F 35 -54.57 116.29 -0.82
C ARG F 35 -55.14 115.27 -1.81
N LEU F 36 -54.30 114.72 -2.69
CA LEU F 36 -54.73 113.70 -3.68
C LEU F 36 -55.22 112.44 -2.97
N LEU F 37 -54.59 111.97 -1.89
CA LEU F 37 -54.98 110.69 -1.26
C LEU F 37 -56.33 110.83 -0.53
N GLY F 38 -56.62 111.98 0.08
CA GLY F 38 -57.96 112.33 0.61
C GLY F 38 -58.12 111.98 2.08
N GLY F 39 -59.00 112.73 2.78
CA GLY F 39 -59.48 112.42 4.14
C GLY F 39 -58.66 113.05 5.25
N ALA F 40 -57.39 113.40 5.05
CA ALA F 40 -56.56 113.87 6.19
C ALA F 40 -57.10 115.22 6.70
N LYS F 41 -57.28 115.37 8.02
CA LYS F 41 -57.55 116.70 8.67
C LYS F 41 -56.22 117.38 9.03
N ALA F 42 -55.22 116.61 9.36
CA ALA F 42 -53.86 117.14 9.63
C ALA F 42 -52.85 116.07 9.22
N SER F 43 -51.70 116.48 8.72
CA SER F 43 -50.65 115.57 8.18
C SER F 43 -49.31 116.16 8.55
N THR F 44 -48.59 115.45 9.39
CA THR F 44 -47.28 115.83 9.90
C THR F 44 -46.34 115.98 8.73
N SER F 45 -45.59 117.08 8.67
CA SER F 45 -44.51 117.28 7.66
C SER F 45 -43.26 117.69 8.38
N LEU F 46 -42.18 116.94 8.19
CA LEU F 46 -40.88 117.19 8.84
C LEU F 46 -40.26 118.40 8.19
N LEU F 47 -39.74 119.32 8.99
CA LEU F 47 -38.85 120.40 8.52
C LEU F 47 -37.58 120.36 9.38
N GLY F 48 -36.43 120.18 8.75
CA GLY F 48 -35.12 120.14 9.42
C GLY F 48 -34.54 121.54 9.50
N VAL F 49 -33.97 121.87 10.64
CA VAL F 49 -33.31 123.17 10.85
C VAL F 49 -31.93 122.89 11.41
N PRO F 50 -30.92 122.58 10.54
CA PRO F 50 -29.62 122.13 11.03
C PRO F 50 -28.76 123.32 11.52
N LEU F 51 -29.08 123.83 12.72
CA LEU F 51 -28.46 125.00 13.36
C LEU F 51 -27.93 124.59 14.73
N GLY F 52 -26.69 124.99 15.06
CA GLY F 52 -26.08 124.63 16.36
C GLY F 52 -25.28 125.79 16.92
N HIS F 53 -25.29 126.96 16.30
CA HIS F 53 -24.31 128.01 16.68
C HIS F 53 -24.87 128.88 17.82
N ASN F 54 -26.08 128.61 18.26
CA ASN F 54 -26.71 129.30 19.43
C ASN F 54 -26.51 128.44 20.70
N SER F 55 -25.80 127.31 20.57
CA SER F 55 -25.42 126.40 21.67
C SER F 55 -24.37 127.07 22.55
N SER F 56 -24.45 126.78 23.87
CA SER F 56 -23.52 127.34 24.89
C SER F 56 -22.33 126.42 25.07
N PHE F 57 -22.39 125.14 24.68
CA PHE F 57 -21.35 124.17 25.06
C PHE F 57 -20.83 123.42 23.81
N LEU F 58 -21.68 122.74 23.07
CA LEU F 58 -21.29 121.96 21.87
C LEU F 58 -22.26 122.31 20.76
N GLN F 59 -21.79 122.32 19.50
CA GLN F 59 -22.63 122.71 18.32
C GLN F 59 -23.16 121.49 17.53
N GLY F 60 -22.92 120.30 18.04
CA GLY F 60 -23.31 119.04 17.39
C GLY F 60 -24.75 118.91 16.90
N PRO F 61 -25.76 119.51 17.54
CA PRO F 61 -27.11 119.39 17.00
C PRO F 61 -27.26 119.83 15.56
N ALA F 62 -26.36 120.66 15.04
CA ALA F 62 -26.38 121.09 13.63
C ALA F 62 -26.47 119.88 12.69
N PHE F 63 -25.91 118.74 13.13
CA PHE F 63 -25.75 117.50 12.33
C PHE F 63 -26.93 116.57 12.59
N ALA F 64 -27.89 116.92 13.45
CA ALA F 64 -28.95 115.97 13.87
C ALA F 64 -29.91 115.59 12.74
N PRO F 65 -30.56 116.51 12.00
CA PRO F 65 -31.75 116.13 11.23
C PRO F 65 -31.55 114.99 10.22
N PRO F 66 -30.45 114.93 9.47
CA PRO F 66 -30.19 113.79 8.58
C PRO F 66 -30.02 112.46 9.36
N ARG F 67 -29.45 112.50 10.57
CA ARG F 67 -29.32 111.28 11.40
C ARG F 67 -30.71 110.82 11.84
N ILE F 68 -31.55 111.76 12.23
CA ILE F 68 -32.90 111.41 12.70
C ILE F 68 -33.64 110.67 11.57
N ARG F 69 -33.57 111.19 10.35
CA ARG F 69 -34.31 110.65 9.19
C ARG F 69 -33.84 109.22 8.94
N GLU F 70 -32.54 109.01 8.89
CA GLU F 70 -31.98 107.66 8.72
C GLU F 70 -32.53 106.72 9.82
N ALA F 71 -32.58 107.16 11.08
CA ALA F 71 -33.13 106.36 12.22
C ALA F 71 -34.63 106.06 12.02
N ILE F 72 -35.43 106.98 11.47
CA ILE F 72 -36.90 106.78 11.28
C ILE F 72 -37.12 105.58 10.35
N TRP F 73 -36.25 105.40 9.36
CA TRP F 73 -36.45 104.43 8.26
C TRP F 73 -35.47 103.28 8.39
N CYS F 74 -34.79 103.10 9.52
CA CYS F 74 -33.80 102.01 9.72
C CYS F 74 -34.47 100.67 9.36
N GLY F 75 -33.71 99.78 8.71
CA GLY F 75 -34.14 98.41 8.37
C GLY F 75 -34.43 97.55 9.61
N SER F 76 -33.98 97.93 10.79
CA SER F 76 -34.16 97.23 12.10
C SER F 76 -35.58 97.47 12.66
N THR F 77 -36.29 98.49 12.18
CA THR F 77 -37.62 98.93 12.68
C THR F 77 -38.73 98.52 11.71
N ASN F 78 -39.97 98.65 12.14
CA ASN F 78 -41.09 98.64 11.17
C ASN F 78 -41.65 100.05 11.13
N SER F 79 -42.50 100.30 10.16
CA SER F 79 -43.07 101.63 9.86
C SER F 79 -44.37 101.92 10.63
N ALA F 80 -44.70 101.15 11.65
CA ALA F 80 -45.93 101.38 12.46
C ALA F 80 -45.54 102.13 13.73
N THR F 81 -46.27 103.18 14.08
CA THR F 81 -46.13 103.82 15.42
C THR F 81 -46.75 102.90 16.49
N GLU F 82 -46.52 103.20 17.76
CA GLU F 82 -46.98 102.33 18.87
C GLU F 82 -48.50 102.13 18.83
N GLU F 83 -49.26 103.18 18.50
CA GLU F 83 -50.73 103.09 18.46
C GLU F 83 -51.21 102.68 17.07
N GLY F 84 -50.31 102.40 16.12
CA GLY F 84 -50.62 101.63 14.91
C GLY F 84 -50.82 102.49 13.66
N LYS F 85 -50.33 103.71 13.63
CA LYS F 85 -50.34 104.53 12.41
C LYS F 85 -49.23 104.06 11.48
N GLU F 86 -49.45 104.25 10.19
CA GLU F 86 -48.54 103.80 9.12
C GLU F 86 -47.70 105.01 8.66
N LEU F 87 -46.42 105.05 9.01
CA LEU F 87 -45.50 106.17 8.64
C LEU F 87 -45.27 106.23 7.12
N LYS F 88 -45.51 105.17 6.38
CA LYS F 88 -45.35 105.24 4.90
C LYS F 88 -46.53 105.99 4.25
N ASP F 89 -47.66 106.09 4.93
CA ASP F 89 -48.83 106.86 4.45
C ASP F 89 -48.51 108.36 4.51
N PRO F 90 -48.42 109.10 3.38
CA PRO F 90 -48.10 110.54 3.40
C PRO F 90 -49.00 111.41 4.29
N ARG F 91 -50.25 110.98 4.48
CA ARG F 91 -51.26 111.69 5.30
C ARG F 91 -50.85 111.62 6.78
N VAL F 92 -50.00 110.65 7.13
CA VAL F 92 -49.41 110.47 8.47
C VAL F 92 -48.05 111.21 8.56
N LEU F 93 -47.15 111.02 7.60
CA LEU F 93 -45.80 111.63 7.62
C LEU F 93 -45.31 111.92 6.19
N THR F 94 -44.99 113.19 5.96
CA THR F 94 -44.16 113.66 4.83
C THR F 94 -42.95 114.40 5.43
N ASP F 95 -42.06 114.82 4.54
CA ASP F 95 -40.76 115.44 4.88
C ASP F 95 -40.48 116.52 3.83
N VAL F 96 -40.39 117.79 4.18
CA VAL F 96 -39.99 118.87 3.23
C VAL F 96 -38.49 119.15 3.31
N GLY F 97 -37.69 118.38 4.05
CA GLY F 97 -36.22 118.49 4.04
C GLY F 97 -35.72 119.56 4.99
N ASP F 98 -34.49 120.02 4.75
CA ASP F 98 -33.74 120.87 5.70
C ASP F 98 -33.71 122.27 5.13
N VAL F 99 -33.95 123.25 5.97
CA VAL F 99 -33.55 124.67 5.71
C VAL F 99 -32.03 124.67 5.51
N PRO F 100 -31.51 125.30 4.44
CA PRO F 100 -30.07 125.38 4.23
C PRO F 100 -29.41 126.45 5.11
N VAL F 101 -29.41 126.23 6.42
CA VAL F 101 -28.89 127.19 7.44
C VAL F 101 -27.40 127.46 7.19
N GLN F 102 -26.60 126.41 7.10
CA GLN F 102 -25.14 126.60 6.98
C GLN F 102 -24.85 127.46 5.76
N GLU F 103 -25.60 127.23 4.67
CA GLU F 103 -25.39 127.94 3.38
C GLU F 103 -25.81 129.39 3.54
N ILE F 104 -26.76 129.67 4.41
CA ILE F 104 -27.20 131.07 4.61
C ILE F 104 -26.15 131.79 5.47
N ARG F 105 -25.75 131.21 6.59
CA ARG F 105 -24.68 131.77 7.45
C ARG F 105 -23.41 132.04 6.63
N ASP F 106 -23.03 131.10 5.75
CA ASP F 106 -21.75 131.08 5.00
C ASP F 106 -21.65 132.29 4.08
N CYS F 107 -22.76 132.99 3.87
CA CYS F 107 -22.83 134.17 2.96
C CYS F 107 -23.08 135.45 3.77
N GLY F 108 -22.89 135.36 5.09
CA GLY F 108 -22.77 136.52 5.98
C GLY F 108 -24.10 137.08 6.48
N VAL F 109 -25.16 136.28 6.42
CA VAL F 109 -26.54 136.67 6.87
C VAL F 109 -26.57 136.69 8.42
N ASP F 110 -27.05 137.78 9.02
CA ASP F 110 -27.11 137.97 10.49
C ASP F 110 -28.19 137.04 11.09
N ASP F 111 -28.22 136.94 12.40
CA ASP F 111 -29.15 135.98 13.06
C ASP F 111 -30.57 136.51 12.97
N ASP F 112 -30.80 137.80 13.08
CA ASP F 112 -32.17 138.36 12.92
C ASP F 112 -32.76 137.80 11.62
N ARG F 113 -31.96 137.73 10.57
CA ARG F 113 -32.50 137.40 9.23
C ARG F 113 -32.58 135.89 9.09
N LEU F 114 -31.58 135.19 9.60
CA LEU F 114 -31.60 133.72 9.61
C LEU F 114 -32.87 133.21 10.32
N MET F 115 -33.19 133.79 11.47
CA MET F 115 -34.32 133.28 12.27
C MET F 115 -35.60 133.63 11.51
N ASN F 116 -35.65 134.81 10.88
CA ASN F 116 -36.76 135.20 9.98
C ASN F 116 -36.93 134.17 8.85
N VAL F 117 -35.86 133.65 8.27
CA VAL F 117 -35.97 132.62 7.19
C VAL F 117 -36.55 131.33 7.78
N ILE F 118 -36.14 130.93 8.99
CA ILE F 118 -36.70 129.70 9.63
C ILE F 118 -38.23 129.89 9.84
N SER F 119 -38.69 131.03 10.35
CA SER F 119 -40.15 131.32 10.48
C SER F 119 -40.84 131.17 9.11
N GLU F 120 -40.32 131.83 8.10
CA GLU F 120 -40.95 131.81 6.75
C GLU F 120 -41.00 130.37 6.27
N SER F 121 -39.96 129.59 6.58
CA SER F 121 -39.85 128.18 6.15
C SER F 121 -41.02 127.43 6.77
N VAL F 122 -41.33 127.73 8.02
CA VAL F 122 -42.43 127.04 8.74
C VAL F 122 -43.76 127.50 8.13
N LYS F 123 -43.87 128.77 7.77
CA LYS F 123 -45.13 129.26 7.15
C LYS F 123 -45.36 128.55 5.82
N LEU F 124 -44.30 128.22 5.08
CA LEU F 124 -44.41 127.58 3.75
C LEU F 124 -45.05 126.21 3.95
N VAL F 125 -44.72 125.53 5.05
CA VAL F 125 -45.36 124.22 5.32
C VAL F 125 -46.83 124.47 5.69
N MET F 126 -47.12 125.42 6.56
CA MET F 126 -48.48 125.56 7.13
C MET F 126 -49.45 126.01 6.02
N GLU F 127 -48.92 126.69 5.00
CA GLU F 127 -49.68 127.26 3.85
C GLU F 127 -50.02 126.14 2.85
N GLU F 128 -49.52 124.91 3.03
CA GLU F 128 -49.97 123.73 2.25
C GLU F 128 -50.90 122.87 3.09
N GLU F 129 -52.21 123.14 3.03
CA GLU F 129 -53.27 122.34 3.71
C GLU F 129 -53.16 120.86 3.34
N PRO F 130 -53.31 119.88 4.27
CA PRO F 130 -53.41 120.12 5.72
C PRO F 130 -52.12 119.83 6.49
N LEU F 131 -50.97 120.24 5.96
CA LEU F 131 -49.67 119.90 6.57
C LEU F 131 -49.59 120.64 7.88
N ARG F 132 -48.99 120.03 8.88
CA ARG F 132 -48.58 120.70 10.13
C ARG F 132 -47.13 120.36 10.40
N PRO F 133 -46.31 121.35 10.85
CA PRO F 133 -44.87 121.19 10.92
C PRO F 133 -44.46 120.48 12.21
N LEU F 134 -43.48 119.60 12.06
CA LEU F 134 -42.70 118.97 13.12
C LEU F 134 -41.23 119.27 12.76
N VAL F 135 -40.57 120.12 13.54
CA VAL F 135 -39.22 120.62 13.22
C VAL F 135 -38.17 119.73 13.89
N LEU F 136 -37.21 119.25 13.10
CA LEU F 136 -36.02 118.56 13.63
C LEU F 136 -34.94 119.59 13.87
N GLY F 137 -34.53 119.76 15.12
CA GLY F 137 -33.33 120.54 15.43
C GLY F 137 -32.09 119.68 15.28
N GLY F 138 -30.92 120.32 15.40
CA GLY F 138 -30.84 121.74 15.74
C GLY F 138 -30.91 121.97 17.23
N ASP F 139 -30.34 123.10 17.70
CA ASP F 139 -30.30 123.53 19.13
C ASP F 139 -31.61 124.26 19.42
N HIS F 140 -31.89 124.47 20.69
CA HIS F 140 -33.24 124.88 21.15
C HIS F 140 -33.52 126.31 20.74
N SER F 141 -32.53 127.07 20.23
CA SER F 141 -32.77 128.45 19.71
C SER F 141 -33.85 128.41 18.64
N ILE F 142 -34.01 127.25 17.98
CA ILE F 142 -34.91 127.20 16.80
C ILE F 142 -36.35 127.24 17.24
N SER F 143 -36.69 126.85 18.48
CA SER F 143 -38.11 126.86 18.91
C SER F 143 -38.68 128.30 18.82
N TYR F 144 -37.89 129.38 19.01
CA TYR F 144 -38.47 130.75 18.97
C TYR F 144 -39.02 131.08 17.58
N PRO F 145 -38.25 130.99 16.48
CA PRO F 145 -38.79 131.32 15.17
C PRO F 145 -39.87 130.32 14.72
N VAL F 146 -39.83 129.08 15.19
CA VAL F 146 -40.89 128.12 14.82
C VAL F 146 -42.17 128.53 15.54
N VAL F 147 -42.16 128.66 16.87
CA VAL F 147 -43.38 129.01 17.65
C VAL F 147 -43.93 130.38 17.17
N ARG F 148 -43.06 131.33 16.87
CA ARG F 148 -43.46 132.68 16.39
C ARG F 148 -44.30 132.52 15.13
N ALA F 149 -43.84 131.66 14.22
CA ALA F 149 -44.41 131.42 12.87
C ALA F 149 -45.76 130.73 13.02
N VAL F 150 -45.82 129.73 13.89
CA VAL F 150 -47.10 129.02 14.18
C VAL F 150 -48.11 130.02 14.78
N SER F 151 -47.71 130.81 15.78
CA SER F 151 -48.58 131.82 16.45
C SER F 151 -49.09 132.87 15.43
N GLU F 152 -48.21 133.42 14.64
CA GLU F 152 -48.57 134.47 13.65
C GLU F 152 -49.56 133.89 12.64
N LYS F 153 -49.25 132.73 12.08
CA LYS F 153 -50.08 132.06 11.05
C LYS F 153 -51.47 131.83 11.64
N LEU F 154 -51.55 131.25 12.84
CA LEU F 154 -52.85 130.90 13.48
C LEU F 154 -53.54 132.16 13.99
N GLY F 155 -52.81 133.22 14.31
CA GLY F 155 -53.38 134.52 14.78
C GLY F 155 -53.63 134.52 16.29
N GLY F 156 -52.81 133.82 17.09
CA GLY F 156 -52.98 133.89 18.55
C GLY F 156 -51.89 133.12 19.25
N PRO F 157 -51.78 133.28 20.57
CA PRO F 157 -50.83 132.49 21.35
C PRO F 157 -51.23 131.00 21.40
N VAL F 158 -50.21 130.13 21.44
CA VAL F 158 -50.38 128.66 21.65
C VAL F 158 -50.07 128.35 23.11
N ASP F 159 -50.65 127.27 23.62
CA ASP F 159 -50.23 126.64 24.87
C ASP F 159 -49.10 125.70 24.48
N ILE F 160 -48.07 125.65 25.32
CA ILE F 160 -46.85 124.85 25.04
C ILE F 160 -46.62 123.81 26.13
N LEU F 161 -46.33 122.59 25.68
CA LEU F 161 -45.69 121.57 26.54
C LEU F 161 -44.23 121.55 26.10
N HIS F 162 -43.35 121.80 27.06
CA HIS F 162 -41.91 121.95 26.89
C HIS F 162 -41.23 120.90 27.76
N LEU F 163 -40.70 119.85 27.13
CA LEU F 163 -39.98 118.78 27.83
C LEU F 163 -38.48 119.06 27.73
N ASP F 164 -37.85 119.17 28.86
CA ASP F 164 -36.52 119.78 28.95
C ASP F 164 -35.95 119.56 30.35
N ALA F 165 -34.63 119.34 30.43
CA ALA F 165 -33.89 119.38 31.70
C ALA F 165 -33.75 120.84 32.13
N HIS F 166 -33.90 121.78 31.18
CA HIS F 166 -33.56 123.21 31.36
C HIS F 166 -34.74 124.09 30.93
N PRO F 167 -35.02 125.21 31.62
CA PRO F 167 -36.15 126.04 31.30
C PRO F 167 -35.94 126.99 30.10
N ASP F 168 -34.69 127.23 29.76
CA ASP F 168 -34.33 127.93 28.50
C ASP F 168 -35.00 129.31 28.52
N ILE F 169 -34.94 130.01 29.63
CA ILE F 169 -35.74 131.24 29.84
C ILE F 169 -34.88 132.35 30.47
N TYR F 170 -33.55 132.23 30.35
CA TYR F 170 -32.59 133.34 30.55
C TYR F 170 -32.95 134.51 29.62
N ASP F 171 -32.92 135.72 30.18
CA ASP F 171 -33.19 136.97 29.42
C ASP F 171 -32.18 137.10 28.26
N CYS F 172 -30.91 136.88 28.55
CA CYS F 172 -29.84 137.01 27.53
C CYS F 172 -28.59 136.23 27.94
N PHE F 173 -28.55 134.94 27.63
CA PHE F 173 -27.47 134.02 28.06
C PHE F 173 -26.22 134.34 27.22
N GLU F 174 -25.19 134.83 27.88
CA GLU F 174 -23.83 135.12 27.34
C GLU F 174 -23.96 136.11 26.17
N GLY F 175 -24.85 137.09 26.30
CA GLY F 175 -24.94 138.22 25.35
C GLY F 175 -25.72 137.83 24.11
N ASN F 176 -26.14 136.59 23.97
CA ASN F 176 -26.80 136.08 22.72
C ASN F 176 -28.32 136.06 22.95
N LYS F 177 -29.08 137.01 22.39
CA LYS F 177 -30.56 137.02 22.55
C LYS F 177 -31.17 135.76 21.91
N TYR F 178 -30.43 135.12 21.00
CA TYR F 178 -30.87 133.90 20.29
C TYR F 178 -30.24 132.68 20.96
N SER F 179 -29.68 132.78 22.16
CA SER F 179 -29.17 131.59 22.91
C SER F 179 -30.18 130.44 22.92
N HIS F 180 -29.72 129.21 22.81
CA HIS F 180 -30.61 128.06 23.05
C HIS F 180 -31.10 128.13 24.49
N ALA F 181 -30.46 128.88 25.38
CA ALA F 181 -30.90 128.96 26.79
C ALA F 181 -31.87 130.11 27.00
N SER F 182 -32.30 130.78 25.93
CA SER F 182 -33.17 131.97 26.06
C SER F 182 -34.42 131.85 25.18
N SER F 183 -34.60 130.79 24.40
CA SER F 183 -35.65 130.81 23.36
C SER F 183 -37.05 130.87 23.96
N PHE F 184 -37.27 130.40 25.16
CA PHE F 184 -38.61 130.51 25.80
C PHE F 184 -38.83 131.90 26.42
N ALA F 185 -37.79 132.63 26.79
CA ALA F 185 -37.94 134.08 27.09
C ALA F 185 -38.39 134.81 25.81
N ARG F 186 -37.80 134.53 24.68
CA ARG F 186 -38.21 135.24 23.45
C ARG F 186 -39.67 134.92 23.15
N ILE F 187 -40.03 133.64 23.17
CA ILE F 187 -41.41 133.19 22.90
C ILE F 187 -42.38 133.94 23.87
N MET F 188 -42.14 133.95 25.18
CA MET F 188 -43.12 134.54 26.14
C MET F 188 -43.19 136.07 25.98
N GLU F 189 -42.06 136.75 25.81
CA GLU F 189 -41.96 138.23 25.61
C GLU F 189 -42.81 138.68 24.43
N GLY F 190 -42.74 137.88 23.39
CA GLY F 190 -43.40 138.21 22.13
C GLY F 190 -44.89 137.93 22.14
N GLY F 191 -45.45 137.30 23.20
CA GLY F 191 -46.90 137.00 23.26
C GLY F 191 -47.29 135.84 22.35
N TYR F 192 -46.34 134.97 21.99
CA TYR F 192 -46.57 133.81 21.10
C TYR F 192 -47.08 132.59 21.89
N ALA F 193 -46.92 132.55 23.21
CA ALA F 193 -47.50 131.47 24.04
C ALA F 193 -48.32 132.03 25.20
N ARG F 194 -49.40 131.35 25.61
CA ARG F 194 -50.16 131.71 26.83
C ARG F 194 -49.63 130.83 27.95
N ARG F 195 -50.04 129.56 28.01
CA ARG F 195 -49.49 128.58 29.00
C ARG F 195 -48.14 128.04 28.54
N LEU F 196 -47.21 127.87 29.47
CA LEU F 196 -45.92 127.19 29.23
C LEU F 196 -45.73 126.18 30.36
N LEU F 197 -45.90 124.90 30.09
CA LEU F 197 -45.69 123.79 31.04
C LEU F 197 -44.33 123.21 30.76
N GLN F 198 -43.45 123.25 31.75
CA GLN F 198 -42.08 122.74 31.56
C GLN F 198 -41.98 121.49 32.42
N VAL F 199 -41.57 120.39 31.82
CA VAL F 199 -41.59 119.05 32.48
C VAL F 199 -40.23 118.43 32.27
N GLY F 200 -39.69 117.90 33.34
CA GLY F 200 -38.37 117.26 33.32
C GLY F 200 -37.28 118.19 33.85
N ILE F 201 -37.67 119.35 34.35
CA ILE F 201 -36.74 120.42 34.80
C ILE F 201 -35.92 119.88 35.94
N ARG F 202 -34.59 119.99 35.80
CA ARG F 202 -33.70 119.62 36.93
C ARG F 202 -32.36 120.37 36.93
N SER F 203 -32.22 121.39 36.10
CA SER F 203 -31.03 122.27 36.01
C SER F 203 -31.63 123.65 35.83
N ILE F 204 -31.73 124.37 36.94
CA ILE F 204 -32.40 125.68 36.98
C ILE F 204 -31.79 126.50 38.10
N ASN F 205 -31.64 127.78 37.85
CA ASN F 205 -31.06 128.70 38.83
C ASN F 205 -32.11 129.75 39.19
N GLN F 206 -31.72 130.67 40.02
CA GLN F 206 -32.57 131.76 40.52
C GLN F 206 -33.18 132.53 39.37
N GLU F 207 -32.42 132.80 38.31
CA GLU F 207 -32.93 133.57 37.14
C GLU F 207 -33.99 132.75 36.42
N GLY F 208 -33.75 131.47 36.20
CA GLY F 208 -34.76 130.54 35.64
C GLY F 208 -36.05 130.57 36.45
N ARG F 209 -35.98 130.54 37.77
CA ARG F 209 -37.18 130.54 38.64
C ARG F 209 -37.88 131.90 38.56
N GLU F 210 -37.12 133.00 38.62
CA GLU F 210 -37.64 134.38 38.60
C GLU F 210 -38.28 134.64 37.25
N GLN F 211 -37.62 134.23 36.17
CA GLN F 211 -38.17 134.41 34.80
C GLN F 211 -39.43 133.54 34.68
N GLY F 212 -39.43 132.32 35.23
CA GLY F 212 -40.62 131.45 35.26
C GLY F 212 -41.82 132.15 35.91
N LYS F 213 -41.63 132.77 37.07
CA LYS F 213 -42.71 133.46 37.77
C LYS F 213 -43.17 134.64 36.92
N ARG F 214 -42.21 135.41 36.36
CA ARG F 214 -42.51 136.62 35.57
C ARG F 214 -43.48 136.26 34.45
N PHE F 215 -43.21 135.17 33.75
CA PHE F 215 -43.94 134.78 32.52
C PHE F 215 -45.13 133.86 32.82
N GLY F 216 -45.33 133.42 34.05
CA GLY F 216 -46.51 132.62 34.44
C GLY F 216 -46.35 131.17 34.02
N VAL F 217 -45.12 130.67 34.03
CA VAL F 217 -44.74 129.33 33.55
C VAL F 217 -45.06 128.33 34.66
N GLU F 218 -45.53 127.14 34.26
CA GLU F 218 -45.76 126.05 35.23
C GLU F 218 -44.53 125.15 35.12
N GLN F 219 -43.66 125.19 36.13
CA GLN F 219 -42.38 124.46 36.08
C GLN F 219 -42.50 123.20 36.96
N TYR F 220 -42.53 122.05 36.31
CA TYR F 220 -42.46 120.73 36.97
C TYR F 220 -41.00 120.29 37.06
N GLU F 221 -40.47 120.24 38.28
CA GLU F 221 -39.10 119.78 38.57
C GLU F 221 -39.15 118.30 38.88
N MET F 222 -38.13 117.58 38.48
CA MET F 222 -38.01 116.13 38.66
C MET F 222 -37.97 115.84 40.17
N ARG F 223 -37.60 116.78 41.04
CA ARG F 223 -37.61 116.53 42.49
C ARG F 223 -39.03 116.40 43.05
N THR F 224 -40.08 116.78 42.31
CA THR F 224 -41.48 116.49 42.68
C THR F 224 -42.16 115.55 41.67
N PHE F 225 -41.43 114.85 40.82
CA PHE F 225 -42.05 114.02 39.74
C PHE F 225 -42.88 112.87 40.34
N SER F 226 -42.41 112.25 41.44
CA SER F 226 -43.15 111.18 42.14
C SER F 226 -44.56 111.63 42.45
N LYS F 227 -44.73 112.85 42.95
CA LYS F 227 -46.08 113.34 43.23
C LYS F 227 -46.77 113.88 41.94
N ASP F 228 -46.05 114.46 41.00
CA ASP F 228 -46.70 115.11 39.84
C ASP F 228 -47.05 114.11 38.73
N ARG F 229 -46.47 112.91 38.70
CA ARG F 229 -46.61 111.95 37.59
C ARG F 229 -48.08 111.72 37.22
N PRO F 230 -49.02 111.40 38.14
CA PRO F 230 -50.41 111.16 37.76
C PRO F 230 -51.00 112.36 36.96
N MET F 231 -50.77 113.58 37.37
CA MET F 231 -51.29 114.77 36.68
C MET F 231 -50.59 114.91 35.31
N LEU F 232 -49.30 114.61 35.23
CA LEU F 232 -48.53 114.80 33.98
C LEU F 232 -48.89 113.70 32.96
N GLU F 233 -49.42 112.57 33.40
CA GLU F 233 -49.82 111.44 32.52
C GLU F 233 -51.31 111.60 32.19
N ASN F 234 -51.89 112.79 32.44
CA ASN F 234 -53.32 113.03 32.14
CA ASN F 234 -53.33 113.04 32.24
C ASN F 234 -53.49 114.53 31.85
N LEU F 235 -52.60 115.09 31.04
CA LEU F 235 -52.67 116.53 30.70
C LEU F 235 -53.79 116.79 29.68
N LYS F 236 -54.44 117.94 29.82
CA LYS F 236 -55.44 118.48 28.87
C LYS F 236 -55.04 119.92 28.64
N LEU F 237 -54.70 120.27 27.40
CA LEU F 237 -54.08 121.55 27.07
C LEU F 237 -54.83 122.19 25.90
N GLY F 238 -54.89 123.50 25.88
CA GLY F 238 -55.24 124.29 24.68
C GLY F 238 -56.65 124.79 24.68
N GLU F 239 -57.45 124.47 25.66
CA GLU F 239 -58.82 125.04 25.69
C GLU F 239 -58.70 126.57 25.78
N GLY F 240 -59.32 127.27 24.84
CA GLY F 240 -59.38 128.74 24.82
C GLY F 240 -58.24 129.37 24.06
N VAL F 241 -57.34 128.60 23.45
CA VAL F 241 -56.32 129.12 22.49
C VAL F 241 -56.43 128.33 21.17
N LYS F 242 -55.74 128.76 20.15
CA LYS F 242 -55.86 128.20 18.78
C LYS F 242 -55.01 126.96 18.58
N GLY F 243 -54.17 126.59 19.53
CA GLY F 243 -53.51 125.28 19.46
C GLY F 243 -52.44 125.05 20.52
N VAL F 244 -51.94 123.84 20.52
CA VAL F 244 -50.88 123.35 21.41
C VAL F 244 -49.63 123.02 20.59
N TYR F 245 -48.51 123.46 21.10
CA TYR F 245 -47.20 123.15 20.57
C TYR F 245 -46.41 122.36 21.61
N ILE F 246 -45.66 121.36 21.13
CA ILE F 246 -44.84 120.49 21.98
C ILE F 246 -43.40 120.64 21.56
N SER F 247 -42.56 121.08 22.48
CA SER F 247 -41.11 121.20 22.23
C SER F 247 -40.46 120.14 23.09
N ILE F 248 -39.76 119.19 22.50
CA ILE F 248 -38.97 118.15 23.21
C ILE F 248 -37.45 118.34 23.00
N ASP F 249 -36.73 118.84 24.04
CA ASP F 249 -35.29 118.66 24.19
C ASP F 249 -35.05 117.22 24.62
N VAL F 250 -34.31 116.50 23.83
CA VAL F 250 -33.97 115.09 24.12
C VAL F 250 -33.37 114.92 25.54
N ASP F 251 -32.75 115.98 26.08
CA ASP F 251 -32.17 115.99 27.46
C ASP F 251 -33.30 116.01 28.54
N CYS F 252 -34.60 115.99 28.21
CA CYS F 252 -35.69 115.69 29.16
C CYS F 252 -35.50 114.26 29.68
N LEU F 253 -34.91 113.40 28.88
CA LEU F 253 -34.61 112.00 29.19
C LEU F 253 -33.34 111.93 30.04
N ASP F 254 -33.34 111.04 31.01
CA ASP F 254 -32.08 110.73 31.73
C ASP F 254 -31.03 110.36 30.67
N PRO F 255 -29.77 110.78 30.87
CA PRO F 255 -28.70 110.37 29.97
C PRO F 255 -28.56 108.85 29.75
N ALA F 256 -29.04 108.02 30.67
CA ALA F 256 -29.04 106.56 30.45
C ALA F 256 -29.76 106.24 29.13
N PHE F 257 -30.84 106.97 28.80
CA PHE F 257 -31.70 106.71 27.62
C PHE F 257 -31.18 107.51 26.42
N ALA F 258 -30.67 108.70 26.67
CA ALA F 258 -30.27 109.69 25.65
C ALA F 258 -28.92 110.29 26.00
N PRO F 259 -27.79 109.57 25.83
CA PRO F 259 -26.46 110.14 26.09
C PRO F 259 -26.02 111.17 25.02
N GLY F 260 -26.67 111.17 23.84
CA GLY F 260 -26.25 111.99 22.69
C GLY F 260 -26.85 113.39 22.74
N VAL F 261 -26.43 114.14 23.76
CA VAL F 261 -26.86 115.53 24.08
C VAL F 261 -25.61 116.30 24.51
N SER F 262 -25.66 117.60 24.33
CA SER F 262 -24.60 118.53 24.80
C SER F 262 -24.55 118.69 26.33
N HIS F 263 -25.69 118.49 27.03
CA HIS F 263 -25.86 118.77 28.48
C HIS F 263 -26.32 117.51 29.20
N ILE F 264 -25.36 116.73 29.69
CA ILE F 264 -25.62 115.48 30.45
C ILE F 264 -26.08 115.91 31.84
N GLU F 265 -27.31 115.55 32.19
CA GLU F 265 -27.96 116.00 33.45
C GLU F 265 -28.69 114.81 34.08
N PRO F 266 -28.01 114.08 35.00
CA PRO F 266 -28.63 112.90 35.60
C PRO F 266 -29.97 113.21 36.28
N GLY F 267 -30.78 112.18 36.37
CA GLY F 267 -32.03 112.18 37.15
C GLY F 267 -33.22 112.57 36.28
N GLY F 268 -33.33 112.11 35.03
CA GLY F 268 -34.37 112.56 34.12
C GLY F 268 -35.47 111.51 33.93
N LEU F 269 -36.24 111.69 32.86
CA LEU F 269 -37.41 110.84 32.55
C LEU F 269 -36.90 109.60 31.84
N SER F 270 -37.62 108.52 31.93
CA SER F 270 -37.36 107.35 31.04
C SER F 270 -38.04 107.65 29.69
N PHE F 271 -37.67 106.90 28.65
CA PHE F 271 -38.37 107.01 27.35
C PHE F 271 -39.86 106.73 27.60
N ARG F 272 -40.15 105.67 28.34
CA ARG F 272 -41.56 105.26 28.57
C ARG F 272 -42.29 106.34 29.38
N ASP F 273 -41.65 107.05 30.26
CA ASP F 273 -42.30 108.18 30.96
C ASP F 273 -42.75 109.22 29.91
N VAL F 274 -41.90 109.50 28.94
CA VAL F 274 -42.20 110.54 27.93
C VAL F 274 -43.39 110.10 27.08
N LEU F 275 -43.40 108.85 26.61
CA LEU F 275 -44.51 108.33 25.80
C LEU F 275 -45.81 108.32 26.64
N ASN F 276 -45.74 108.03 27.96
CA ASN F 276 -46.95 108.04 28.82
C ASN F 276 -47.54 109.45 28.82
N ILE F 277 -46.70 110.46 28.87
CA ILE F 277 -47.17 111.87 28.83
C ILE F 277 -47.72 112.16 27.43
N LEU F 278 -46.94 111.92 26.35
CA LEU F 278 -47.42 112.23 24.98
C LEU F 278 -48.69 111.44 24.62
N HIS F 279 -48.76 110.15 24.86
CA HIS F 279 -49.92 109.34 24.47
C HIS F 279 -51.19 109.87 25.13
N ASN F 280 -51.08 110.35 26.36
CA ASN F 280 -52.27 110.63 27.21
C ASN F 280 -52.65 112.09 27.09
N LEU F 281 -51.76 112.93 26.59
CA LEU F 281 -52.07 114.36 26.35
C LEU F 281 -53.28 114.52 25.42
N GLN F 282 -54.33 115.21 25.88
CA GLN F 282 -55.46 115.68 25.06
C GLN F 282 -55.16 117.12 24.60
N ALA F 283 -55.04 117.29 23.30
CA ALA F 283 -54.56 118.55 22.72
C ALA F 283 -54.73 118.53 21.20
N ASP F 284 -55.13 119.66 20.68
CA ASP F 284 -55.06 119.98 19.25
C ASP F 284 -53.62 120.40 18.95
N VAL F 285 -52.75 119.44 18.64
CA VAL F 285 -51.30 119.74 18.43
C VAL F 285 -51.15 120.36 17.04
N VAL F 286 -50.73 121.63 16.98
CA VAL F 286 -50.58 122.47 15.76
C VAL F 286 -49.14 122.44 15.24
N GLY F 287 -48.19 122.08 16.10
CA GLY F 287 -46.76 121.94 15.76
C GLY F 287 -45.94 121.33 16.91
N ALA F 288 -44.74 120.93 16.58
CA ALA F 288 -43.83 120.33 17.55
C ALA F 288 -42.40 120.39 17.01
N ASP F 289 -41.44 120.19 17.90
CA ASP F 289 -40.02 120.08 17.55
C ASP F 289 -39.37 119.02 18.47
N VAL F 290 -38.32 118.41 17.91
CA VAL F 290 -37.38 117.53 18.63
C VAL F 290 -36.00 118.10 18.38
N VAL F 291 -35.39 118.59 19.43
CA VAL F 291 -34.15 119.39 19.37
C VAL F 291 -33.10 118.78 20.31
N GLU F 292 -31.87 119.25 20.13
CA GLU F 292 -30.71 119.09 21.06
C GLU F 292 -30.24 117.64 21.04
N PHE F 293 -30.67 116.85 20.07
CA PHE F 293 -29.92 115.61 19.68
C PHE F 293 -28.54 115.99 19.14
N ASN F 294 -27.50 115.50 19.80
CA ASN F 294 -26.08 115.78 19.43
C ASN F 294 -25.46 114.44 19.02
N PRO F 295 -25.41 114.14 17.71
CA PRO F 295 -24.85 112.89 17.22
C PRO F 295 -23.39 112.69 17.61
N GLN F 296 -22.66 113.77 17.82
CA GLN F 296 -21.23 113.68 18.16
C GLN F 296 -21.08 113.10 19.57
N ARG F 297 -22.10 113.21 20.43
CA ARG F 297 -22.02 112.68 21.81
C ARG F 297 -22.78 111.37 21.91
N ASP F 298 -23.30 110.87 20.80
CA ASP F 298 -24.12 109.64 20.82
C ASP F 298 -23.25 108.40 20.99
N THR F 299 -23.87 107.23 21.22
CA THR F 299 -23.13 105.95 21.17
C THR F 299 -22.66 105.66 19.74
N VAL F 300 -21.66 104.78 19.58
CA VAL F 300 -21.11 104.33 18.26
C VAL F 300 -22.24 103.70 17.40
N ASP F 301 -23.31 103.16 17.98
CA ASP F 301 -24.39 102.50 17.22
C ASP F 301 -25.59 103.42 17.00
N GLY F 302 -25.60 104.65 17.50
CA GLY F 302 -26.69 105.59 17.21
C GLY F 302 -27.92 105.39 18.08
N MET F 303 -27.74 105.01 19.36
CA MET F 303 -28.90 104.79 20.25
C MET F 303 -29.74 106.06 20.40
N THR F 304 -29.13 107.24 20.58
CA THR F 304 -29.91 108.48 20.73
C THR F 304 -30.56 108.83 19.39
N ALA F 305 -29.97 108.51 18.25
CA ALA F 305 -30.67 108.76 16.98
C ALA F 305 -32.00 107.97 16.97
N MET F 306 -32.00 106.72 17.43
CA MET F 306 -33.26 105.92 17.49
C MET F 306 -34.24 106.56 18.50
N VAL F 307 -33.71 107.11 19.59
CA VAL F 307 -34.52 107.82 20.60
C VAL F 307 -35.16 109.02 19.90
N ALA F 308 -34.36 109.86 19.24
CA ALA F 308 -34.91 111.05 18.57
C ALA F 308 -35.93 110.61 17.51
N ALA F 309 -35.61 109.63 16.67
CA ALA F 309 -36.53 109.13 15.64
C ALA F 309 -37.85 108.67 16.28
N LYS F 310 -37.81 107.88 17.36
CA LYS F 310 -39.08 107.36 17.91
C LYS F 310 -39.93 108.51 18.49
N LEU F 311 -39.32 109.53 19.11
CA LEU F 311 -40.06 110.74 19.53
C LEU F 311 -40.73 111.38 18.34
N VAL F 312 -40.03 111.50 17.23
CA VAL F 312 -40.58 112.11 16.01
C VAL F 312 -41.77 111.26 15.53
N ARG F 313 -41.57 109.95 15.48
CA ARG F 313 -42.63 109.03 15.03
C ARG F 313 -43.87 109.15 15.92
N GLU F 314 -43.73 109.20 17.24
CA GLU F 314 -44.91 109.23 18.13
C GLU F 314 -45.51 110.64 18.09
N LEU F 315 -44.73 111.71 17.93
CA LEU F 315 -45.33 113.04 17.68
C LEU F 315 -46.11 113.05 16.37
N ALA F 316 -45.65 112.35 15.32
CA ALA F 316 -46.35 112.37 14.03
C ALA F 316 -47.72 111.73 14.21
N ALA F 317 -47.80 110.62 14.93
CA ALA F 317 -49.09 109.91 15.17
C ALA F 317 -50.08 110.88 15.84
N LYS F 318 -49.55 111.70 16.72
CA LYS F 318 -50.34 112.58 17.58
C LYS F 318 -50.81 113.75 16.74
N ILE F 319 -49.94 114.29 15.89
CA ILE F 319 -50.27 115.52 15.10
C ILE F 319 -51.22 115.17 13.95
N SER F 320 -50.95 114.05 13.27
CA SER F 320 -51.67 113.62 12.06
C SER F 320 -53.00 113.05 12.53
N LYS F 321 -54.09 113.40 11.86
CA LYS F 321 -55.44 112.84 12.16
C LYS F 321 -56.34 113.04 10.93
N SER G 6 -34.26 -121.00 -35.73
CA SER G 6 -33.12 -120.11 -36.25
C SER G 6 -31.87 -120.34 -35.41
N SER G 7 -30.68 -120.52 -36.03
CA SER G 7 -29.34 -120.57 -35.37
C SER G 7 -29.18 -119.38 -34.39
N ILE G 8 -29.23 -118.15 -34.92
CA ILE G 8 -29.16 -116.88 -34.14
C ILE G 8 -30.06 -116.98 -32.91
N GLU G 9 -31.33 -117.31 -33.11
CA GLU G 9 -32.32 -117.31 -32.00
C GLU G 9 -31.92 -118.35 -30.93
N LYS G 10 -31.40 -119.51 -31.35
CA LYS G 10 -30.98 -120.63 -30.46
C LYS G 10 -29.76 -120.16 -29.65
N GLY G 11 -28.85 -119.43 -30.27
CA GLY G 11 -27.72 -118.80 -29.57
C GLY G 11 -28.19 -117.89 -28.45
N GLN G 12 -29.13 -117.00 -28.77
CA GLN G 12 -29.75 -116.10 -27.77
C GLN G 12 -30.34 -116.95 -26.64
N ASN G 13 -31.01 -118.04 -26.94
CA ASN G 13 -31.61 -118.91 -25.89
C ASN G 13 -30.55 -119.35 -24.87
N ARG G 14 -29.31 -119.58 -25.34
CA ARG G 14 -28.21 -120.00 -24.42
C ARG G 14 -27.94 -118.90 -23.39
N VAL G 15 -27.92 -117.64 -23.84
CA VAL G 15 -27.66 -116.49 -22.94
C VAL G 15 -28.88 -116.34 -22.01
N ILE G 16 -30.09 -116.49 -22.53
CA ILE G 16 -31.35 -116.34 -21.72
C ILE G 16 -31.34 -117.44 -20.64
N ASP G 17 -31.07 -118.69 -21.01
CA ASP G 17 -31.09 -119.84 -20.08
C ASP G 17 -30.06 -119.57 -19.00
N ALA G 18 -28.88 -119.08 -19.38
CA ALA G 18 -27.80 -118.83 -18.40
C ALA G 18 -28.21 -117.63 -17.48
N SER G 19 -28.94 -116.61 -17.97
CA SER G 19 -29.35 -115.48 -17.11
C SER G 19 -30.38 -115.97 -16.10
N LEU G 20 -31.33 -116.80 -16.56
CA LEU G 20 -32.39 -117.32 -15.65
C LEU G 20 -31.77 -118.26 -14.63
N THR G 21 -30.86 -119.16 -15.05
CA THR G 21 -30.17 -120.10 -14.14
C THR G 21 -29.49 -119.29 -13.03
N LEU G 22 -28.91 -118.14 -13.37
CA LEU G 22 -28.16 -117.37 -12.36
C LEU G 22 -29.17 -116.78 -11.36
N ILE G 23 -30.33 -116.30 -11.83
CA ILE G 23 -31.36 -115.74 -10.89
C ILE G 23 -31.83 -116.87 -10.00
N ARG G 24 -32.07 -118.01 -10.61
CA ARG G 24 -32.58 -119.22 -9.90
C ARG G 24 -31.64 -119.56 -8.73
N GLU G 25 -30.33 -119.55 -8.98
CA GLU G 25 -29.32 -120.04 -7.99
C GLU G 25 -29.23 -119.01 -6.84
N ARG G 26 -29.24 -117.71 -7.16
CA ARG G 26 -29.26 -116.65 -6.12
C ARG G 26 -30.53 -116.77 -5.28
N ALA G 27 -31.69 -116.88 -5.92
CA ALA G 27 -32.99 -116.99 -5.23
C ALA G 27 -32.97 -118.23 -4.32
N LYS G 28 -32.39 -119.33 -4.79
CA LYS G 28 -32.24 -120.54 -3.93
C LYS G 28 -31.50 -120.21 -2.62
N LEU G 29 -30.35 -119.54 -2.67
CA LEU G 29 -29.64 -119.28 -1.40
C LEU G 29 -30.50 -118.40 -0.49
N LYS G 30 -31.26 -117.45 -1.00
CA LYS G 30 -32.04 -116.53 -0.13
C LYS G 30 -33.27 -117.28 0.43
N GLY G 31 -33.96 -118.06 -0.38
CA GLY G 31 -35.02 -118.92 0.13
C GLY G 31 -34.49 -119.85 1.22
N GLU G 32 -33.35 -120.48 0.98
CA GLU G 32 -32.81 -121.41 2.01
C GLU G 32 -32.54 -120.61 3.29
N LEU G 33 -31.99 -119.39 3.19
CA LEU G 33 -31.67 -118.57 4.37
C LEU G 33 -32.96 -118.26 5.14
N VAL G 34 -34.01 -117.78 4.44
CA VAL G 34 -35.26 -117.35 5.12
C VAL G 34 -35.88 -118.58 5.80
N ARG G 35 -35.97 -119.71 5.10
CA ARG G 35 -36.62 -120.95 5.62
C ARG G 35 -35.82 -121.46 6.82
N LEU G 36 -34.51 -121.33 6.79
CA LEU G 36 -33.62 -121.80 7.88
C LEU G 36 -33.83 -120.94 9.14
N LEU G 37 -34.08 -119.63 9.07
CA LEU G 37 -34.32 -118.80 10.30
C LEU G 37 -35.70 -119.12 10.87
N GLY G 38 -36.68 -119.47 10.04
CA GLY G 38 -38.04 -119.87 10.47
C GLY G 38 -39.02 -118.72 10.74
N GLY G 39 -40.31 -119.04 10.70
CA GLY G 39 -41.36 -118.16 11.25
C GLY G 39 -41.91 -117.21 10.22
N ALA G 40 -41.23 -116.90 9.13
CA ALA G 40 -41.79 -115.89 8.19
C ALA G 40 -43.01 -116.46 7.42
N LYS G 41 -44.08 -115.67 7.28
CA LYS G 41 -45.21 -115.97 6.37
C LYS G 41 -44.94 -115.37 5.01
N ALA G 42 -44.18 -114.28 4.98
CA ALA G 42 -43.77 -113.62 3.73
C ALA G 42 -42.51 -112.82 4.01
N SER G 43 -41.68 -112.73 3.00
CA SER G 43 -40.33 -112.19 3.10
C SER G 43 -40.05 -111.47 1.80
N THR G 44 -39.94 -110.14 1.89
CA THR G 44 -39.65 -109.25 0.74
C THR G 44 -38.27 -109.65 0.19
N SER G 45 -38.18 -109.85 -1.11
CA SER G 45 -36.94 -110.14 -1.86
C SER G 45 -36.83 -109.16 -3.03
N LEU G 46 -35.79 -108.32 -3.05
CA LEU G 46 -35.54 -107.38 -4.15
C LEU G 46 -35.12 -108.13 -5.44
N LEU G 47 -35.66 -107.70 -6.57
CA LEU G 47 -35.20 -108.14 -7.89
C LEU G 47 -34.99 -106.88 -8.70
N GLY G 48 -33.78 -106.63 -9.17
CA GLY G 48 -33.56 -105.43 -10.01
C GLY G 48 -33.82 -105.76 -11.48
N VAL G 49 -34.46 -104.85 -12.18
CA VAL G 49 -34.61 -104.89 -13.65
C VAL G 49 -34.03 -103.62 -14.22
N PRO G 50 -32.71 -103.58 -14.50
CA PRO G 50 -32.07 -102.37 -15.01
C PRO G 50 -32.44 -102.21 -16.48
N LEU G 51 -33.67 -101.78 -16.76
CA LEU G 51 -34.20 -101.61 -18.13
C LEU G 51 -34.64 -100.14 -18.31
N GLY G 52 -34.17 -99.44 -19.35
CA GLY G 52 -34.64 -98.06 -19.58
C GLY G 52 -34.98 -97.77 -21.03
N HIS G 53 -34.91 -98.75 -21.92
CA HIS G 53 -35.01 -98.43 -23.37
C HIS G 53 -36.47 -98.29 -23.82
N ASN G 54 -37.43 -98.47 -22.92
CA ASN G 54 -38.88 -98.30 -23.25
C ASN G 54 -39.29 -96.91 -22.76
N SER G 55 -38.33 -96.11 -22.28
CA SER G 55 -38.59 -94.71 -21.86
C SER G 55 -38.85 -93.85 -23.09
N SER G 56 -39.68 -92.83 -22.96
CA SER G 56 -39.98 -91.88 -24.07
C SER G 56 -39.03 -90.69 -24.05
N PHE G 57 -38.36 -90.38 -22.98
CA PHE G 57 -37.60 -89.10 -22.91
C PHE G 57 -36.12 -89.40 -22.51
N LEU G 58 -35.87 -90.07 -21.40
CA LEU G 58 -34.52 -90.41 -20.91
C LEU G 58 -34.51 -91.89 -20.45
N GLN G 59 -33.40 -92.58 -20.69
CA GLN G 59 -33.23 -93.99 -20.26
C GLN G 59 -32.53 -94.17 -18.90
N GLY G 60 -32.25 -93.12 -18.15
CA GLY G 60 -31.47 -93.19 -16.92
C GLY G 60 -31.96 -94.22 -15.91
N PRO G 61 -33.28 -94.52 -15.81
CA PRO G 61 -33.72 -95.52 -14.83
C PRO G 61 -33.06 -96.89 -15.03
N ALA G 62 -32.43 -97.11 -16.19
CA ALA G 62 -31.57 -98.29 -16.41
C ALA G 62 -30.49 -98.39 -15.33
N PHE G 63 -29.98 -97.28 -14.77
CA PHE G 63 -28.90 -97.26 -13.76
C PHE G 63 -29.40 -97.28 -12.30
N ALA G 64 -30.70 -97.40 -12.05
CA ALA G 64 -31.27 -97.16 -10.70
C ALA G 64 -30.99 -98.26 -9.71
N PRO G 65 -31.25 -99.55 -10.03
CA PRO G 65 -31.25 -100.58 -8.99
C PRO G 65 -29.99 -100.58 -8.14
N PRO G 66 -28.77 -100.51 -8.71
CA PRO G 66 -27.60 -100.46 -7.87
C PRO G 66 -27.59 -99.22 -6.96
N ARG G 67 -28.06 -98.07 -7.39
CA ARG G 67 -28.01 -96.85 -6.54
C ARG G 67 -29.01 -96.96 -5.38
N ILE G 68 -30.16 -97.53 -5.66
CA ILE G 68 -31.20 -97.74 -4.65
C ILE G 68 -30.62 -98.59 -3.52
N ARG G 69 -30.01 -99.72 -3.87
CA ARG G 69 -29.42 -100.67 -2.89
C ARG G 69 -28.42 -99.94 -2.03
N GLU G 70 -27.59 -99.12 -2.63
CA GLU G 70 -26.60 -98.34 -1.89
C GLU G 70 -27.35 -97.51 -0.83
N ALA G 71 -28.45 -96.84 -1.23
CA ALA G 71 -29.13 -95.84 -0.39
C ALA G 71 -29.82 -96.56 0.79
N ILE G 72 -30.23 -97.79 0.54
CA ILE G 72 -30.88 -98.64 1.55
C ILE G 72 -29.91 -98.85 2.71
N TRP G 73 -28.67 -99.18 2.40
CA TRP G 73 -27.64 -99.48 3.42
C TRP G 73 -26.68 -98.31 3.69
N CYS G 74 -27.05 -97.08 3.35
CA CYS G 74 -26.14 -95.92 3.59
C CYS G 74 -25.85 -95.78 5.09
N GLY G 75 -24.60 -95.51 5.45
CA GLY G 75 -24.17 -95.40 6.85
C GLY G 75 -24.83 -94.20 7.57
N SER G 76 -25.50 -93.29 6.85
CA SER G 76 -26.21 -92.13 7.44
C SER G 76 -27.57 -92.59 8.02
N THR G 77 -28.00 -93.78 7.66
CA THR G 77 -29.34 -94.31 8.03
C THR G 77 -29.25 -95.38 9.11
N ASN G 78 -30.36 -95.71 9.76
CA ASN G 78 -30.33 -96.97 10.55
C ASN G 78 -31.17 -97.99 9.82
N SER G 79 -31.07 -99.22 10.26
CA SER G 79 -31.68 -100.41 9.61
C SER G 79 -33.12 -100.66 10.11
N ALA G 80 -33.74 -99.75 10.89
CA ALA G 80 -35.17 -99.89 11.31
C ALA G 80 -36.09 -99.15 10.35
N THR G 81 -37.21 -99.76 9.97
CA THR G 81 -38.27 -99.05 9.21
C THR G 81 -39.07 -98.14 10.16
N GLU G 82 -39.92 -97.28 9.62
CA GLU G 82 -40.65 -96.30 10.49
C GLU G 82 -41.49 -97.01 11.55
N GLU G 83 -42.05 -98.17 11.20
CA GLU G 83 -42.89 -99.04 12.07
C GLU G 83 -42.03 -99.93 12.98
N GLY G 84 -40.76 -100.15 12.63
CA GLY G 84 -39.79 -100.82 13.51
C GLY G 84 -39.40 -102.21 13.04
N LYS G 85 -39.62 -102.56 11.77
CA LYS G 85 -39.07 -103.81 11.21
C LYS G 85 -37.54 -103.67 11.03
N GLU G 86 -36.81 -104.74 11.31
CA GLU G 86 -35.33 -104.78 11.28
C GLU G 86 -34.88 -105.20 9.89
N LEU G 87 -34.34 -104.30 9.07
CA LEU G 87 -33.99 -104.64 7.66
C LEU G 87 -32.81 -105.61 7.55
N LYS G 88 -31.98 -105.74 8.57
CA LYS G 88 -30.93 -106.79 8.53
C LYS G 88 -31.52 -108.20 8.71
N ASP G 89 -32.78 -108.36 9.09
CA ASP G 89 -33.36 -109.72 9.27
C ASP G 89 -33.72 -110.18 7.87
N PRO G 90 -33.10 -111.27 7.37
CA PRO G 90 -33.43 -111.73 6.02
C PRO G 90 -34.92 -112.04 5.83
N ARG G 91 -35.64 -112.35 6.90
CA ARG G 91 -37.09 -112.62 6.86
C ARG G 91 -37.85 -111.33 6.55
N VAL G 92 -37.24 -110.18 6.76
CA VAL G 92 -37.84 -108.86 6.44
C VAL G 92 -37.36 -108.43 5.07
N LEU G 93 -36.06 -108.62 4.76
CA LEU G 93 -35.51 -108.23 3.43
C LEU G 93 -34.33 -109.11 3.02
N THR G 94 -34.40 -109.63 1.80
CA THR G 94 -33.28 -110.23 1.04
C THR G 94 -33.28 -109.63 -0.38
N ASP G 95 -32.26 -110.01 -1.15
CA ASP G 95 -31.95 -109.39 -2.44
C ASP G 95 -31.40 -110.50 -3.35
N VAL G 96 -32.07 -110.78 -4.48
CA VAL G 96 -31.58 -111.76 -5.46
C VAL G 96 -30.84 -111.07 -6.59
N GLY G 97 -30.59 -109.77 -6.48
CA GLY G 97 -29.87 -108.99 -7.52
C GLY G 97 -30.66 -108.69 -8.79
N ASP G 98 -29.90 -108.38 -9.81
CA ASP G 98 -30.36 -107.75 -11.08
C ASP G 98 -30.49 -108.80 -12.18
N VAL G 99 -31.58 -108.76 -12.90
CA VAL G 99 -31.75 -109.41 -14.23
C VAL G 99 -30.70 -108.74 -15.11
N PRO G 100 -29.79 -109.52 -15.76
CA PRO G 100 -28.81 -108.94 -16.67
C PRO G 100 -29.42 -108.52 -18.02
N VAL G 101 -30.27 -107.50 -17.96
CA VAL G 101 -31.07 -106.97 -19.10
C VAL G 101 -30.14 -106.54 -20.24
N GLN G 102 -29.08 -105.79 -19.95
CA GLN G 102 -28.28 -105.17 -21.02
C GLN G 102 -27.55 -106.26 -21.78
N GLU G 103 -27.09 -107.29 -21.09
CA GLU G 103 -26.38 -108.46 -21.69
C GLU G 103 -27.35 -109.20 -22.61
N ILE G 104 -28.59 -109.41 -22.16
CA ILE G 104 -29.61 -110.04 -23.04
C ILE G 104 -29.84 -109.18 -24.29
N ARG G 105 -30.04 -107.87 -24.10
CA ARG G 105 -30.26 -106.97 -25.23
C ARG G 105 -29.04 -107.05 -26.17
N ASP G 106 -27.82 -107.17 -25.66
CA ASP G 106 -26.59 -107.00 -26.52
C ASP G 106 -26.43 -108.21 -27.43
N CYS G 107 -27.10 -109.33 -27.17
CA CYS G 107 -26.98 -110.50 -28.05
C CYS G 107 -28.16 -110.51 -29.04
N GLY G 108 -28.96 -109.46 -29.03
CA GLY G 108 -29.98 -109.15 -30.04
C GLY G 108 -31.39 -109.64 -29.70
N VAL G 109 -31.66 -110.05 -28.48
CA VAL G 109 -32.99 -110.57 -28.08
C VAL G 109 -34.07 -109.46 -28.21
N ASP G 110 -35.20 -109.80 -28.84
CA ASP G 110 -36.35 -108.87 -29.03
C ASP G 110 -37.05 -108.61 -27.67
N ASP G 111 -37.88 -107.57 -27.62
CA ASP G 111 -38.65 -107.16 -26.42
C ASP G 111 -39.61 -108.27 -25.95
N ASP G 112 -40.30 -109.00 -26.81
CA ASP G 112 -41.23 -110.06 -26.34
C ASP G 112 -40.43 -111.01 -25.43
N ARG G 113 -39.31 -111.50 -25.96
CA ARG G 113 -38.41 -112.45 -25.25
C ARG G 113 -37.78 -111.77 -24.04
N LEU G 114 -37.37 -110.50 -24.15
CA LEU G 114 -36.78 -109.83 -22.95
C LEU G 114 -37.85 -109.70 -21.85
N MET G 115 -39.06 -109.35 -22.23
CA MET G 115 -40.10 -109.17 -21.19
C MET G 115 -40.46 -110.54 -20.61
N ASN G 116 -40.45 -111.62 -21.40
CA ASN G 116 -40.74 -112.99 -20.87
C ASN G 116 -39.66 -113.40 -19.85
N VAL G 117 -38.40 -113.04 -20.06
CA VAL G 117 -37.30 -113.29 -19.08
C VAL G 117 -37.64 -112.57 -17.77
N ILE G 118 -38.06 -111.29 -17.85
CA ILE G 118 -38.46 -110.56 -16.60
C ILE G 118 -39.57 -111.35 -15.87
N SER G 119 -40.60 -111.81 -16.56
CA SER G 119 -41.70 -112.58 -15.92
C SER G 119 -41.13 -113.83 -15.27
N GLU G 120 -40.27 -114.55 -15.99
CA GLU G 120 -39.73 -115.82 -15.49
C GLU G 120 -38.86 -115.55 -14.25
N SER G 121 -38.17 -114.40 -14.15
CA SER G 121 -37.28 -114.10 -13.01
C SER G 121 -38.14 -113.86 -11.77
N VAL G 122 -39.24 -113.12 -11.94
CA VAL G 122 -40.25 -112.93 -10.87
C VAL G 122 -40.81 -114.27 -10.41
N LYS G 123 -41.18 -115.15 -11.35
CA LYS G 123 -41.73 -116.49 -10.97
C LYS G 123 -40.67 -117.24 -10.20
N LEU G 124 -39.39 -117.11 -10.55
CA LEU G 124 -38.30 -117.82 -9.84
C LEU G 124 -38.28 -117.40 -8.37
N VAL G 125 -38.53 -116.12 -8.11
CA VAL G 125 -38.53 -115.59 -6.69
C VAL G 125 -39.76 -116.14 -5.95
N MET G 126 -40.91 -116.14 -6.61
CA MET G 126 -42.19 -116.58 -6.01
C MET G 126 -42.13 -118.07 -5.70
N GLU G 127 -41.38 -118.83 -6.51
CA GLU G 127 -41.15 -120.30 -6.37
C GLU G 127 -40.32 -120.62 -5.12
N GLU G 128 -39.56 -119.67 -4.59
CA GLU G 128 -38.78 -119.84 -3.31
C GLU G 128 -39.62 -119.30 -2.15
N GLU G 129 -40.39 -120.16 -1.53
CA GLU G 129 -41.32 -119.74 -0.44
C GLU G 129 -40.49 -119.43 0.80
N PRO G 130 -40.85 -118.39 1.58
CA PRO G 130 -42.01 -117.53 1.33
C PRO G 130 -41.65 -116.14 0.81
N LEU G 131 -40.75 -116.07 -0.14
CA LEU G 131 -40.33 -114.79 -0.76
C LEU G 131 -41.47 -114.20 -1.60
N ARG G 132 -41.61 -112.88 -1.52
CA ARG G 132 -42.49 -112.05 -2.38
C ARG G 132 -41.62 -111.00 -3.03
N PRO G 133 -41.85 -110.77 -4.34
CA PRO G 133 -40.98 -109.90 -5.10
C PRO G 133 -41.27 -108.42 -4.84
N LEU G 134 -40.21 -107.63 -4.62
CA LEU G 134 -40.20 -106.17 -4.77
C LEU G 134 -39.15 -105.82 -5.86
N VAL G 135 -39.65 -105.29 -6.98
CA VAL G 135 -38.84 -105.10 -8.20
C VAL G 135 -38.35 -103.67 -8.20
N LEU G 136 -37.05 -103.52 -8.40
CA LEU G 136 -36.42 -102.19 -8.61
C LEU G 136 -36.35 -101.97 -10.10
N GLY G 137 -37.06 -100.95 -10.54
CA GLY G 137 -36.94 -100.41 -11.90
C GLY G 137 -35.68 -99.57 -12.00
N GLY G 138 -35.30 -99.22 -13.22
CA GLY G 138 -36.03 -99.57 -14.42
C GLY G 138 -37.20 -98.64 -14.70
N ASP G 139 -37.56 -98.51 -15.97
CA ASP G 139 -38.70 -97.66 -16.39
C ASP G 139 -39.98 -98.44 -16.18
N HIS G 140 -41.12 -97.76 -16.29
CA HIS G 140 -42.44 -98.30 -15.91
C HIS G 140 -42.85 -99.45 -16.85
N SER G 141 -42.16 -99.66 -17.98
CA SER G 141 -42.44 -100.81 -18.86
C SER G 141 -42.40 -102.12 -18.08
N ILE G 142 -41.62 -102.20 -17.03
CA ILE G 142 -41.41 -103.53 -16.38
C ILE G 142 -42.64 -103.94 -15.57
N SER G 143 -43.50 -103.03 -15.16
CA SER G 143 -44.64 -103.41 -14.30
C SER G 143 -45.50 -104.40 -15.07
N TYR G 144 -45.57 -104.35 -16.39
CA TYR G 144 -46.46 -105.31 -17.12
C TYR G 144 -45.94 -106.73 -16.96
N PRO G 145 -44.68 -107.07 -17.33
CA PRO G 145 -44.22 -108.46 -17.15
C PRO G 145 -44.18 -108.90 -15.68
N VAL G 146 -43.96 -107.99 -14.77
CA VAL G 146 -44.00 -108.34 -13.32
C VAL G 146 -45.43 -108.70 -12.84
N VAL G 147 -46.42 -107.87 -13.12
CA VAL G 147 -47.83 -108.14 -12.71
C VAL G 147 -48.36 -109.38 -13.44
N ARG G 148 -47.99 -109.56 -14.71
CA ARG G 148 -48.38 -110.75 -15.48
C ARG G 148 -47.91 -111.97 -14.68
N ALA G 149 -46.66 -111.95 -14.24
CA ALA G 149 -46.02 -113.13 -13.63
C ALA G 149 -46.74 -113.40 -12.31
N VAL G 150 -46.99 -112.34 -11.54
CA VAL G 150 -47.59 -112.45 -10.19
C VAL G 150 -49.00 -113.06 -10.32
N SER G 151 -49.80 -112.54 -11.24
CA SER G 151 -51.20 -112.93 -11.45
C SER G 151 -51.23 -114.37 -11.92
N GLU G 152 -50.47 -114.67 -12.95
CA GLU G 152 -50.32 -116.04 -13.54
C GLU G 152 -49.94 -116.99 -12.40
N LYS G 153 -49.01 -116.60 -11.56
CA LYS G 153 -48.54 -117.49 -10.47
C LYS G 153 -49.63 -117.74 -9.40
N LEU G 154 -50.31 -116.70 -8.95
CA LEU G 154 -51.36 -116.75 -7.91
C LEU G 154 -52.69 -117.27 -8.48
N GLY G 155 -52.86 -117.32 -9.80
CA GLY G 155 -54.02 -117.98 -10.47
C GLY G 155 -55.23 -117.06 -10.53
N GLY G 156 -55.02 -115.74 -10.51
CA GLY G 156 -56.15 -114.79 -10.53
C GLY G 156 -55.66 -113.37 -10.53
N PRO G 157 -56.59 -112.42 -10.70
CA PRO G 157 -56.23 -111.02 -10.66
C PRO G 157 -55.89 -110.50 -9.26
N VAL G 158 -55.21 -109.36 -9.22
CA VAL G 158 -54.95 -108.56 -8.01
C VAL G 158 -55.56 -107.18 -8.20
N ASP G 159 -55.81 -106.52 -7.07
CA ASP G 159 -55.98 -105.05 -7.02
C ASP G 159 -54.59 -104.38 -7.14
N ILE G 160 -54.53 -103.27 -7.83
CA ILE G 160 -53.28 -102.49 -8.00
C ILE G 160 -53.52 -101.09 -7.44
N LEU G 161 -52.64 -100.69 -6.53
CA LEU G 161 -52.40 -99.29 -6.19
C LEU G 161 -51.22 -98.81 -7.05
N HIS G 162 -51.48 -97.86 -7.93
CA HIS G 162 -50.51 -97.33 -8.92
C HIS G 162 -50.29 -95.84 -8.56
N LEU G 163 -49.14 -95.54 -7.97
CA LEU G 163 -48.76 -94.17 -7.61
C LEU G 163 -47.93 -93.60 -8.74
N ASP G 164 -48.32 -92.45 -9.26
CA ASP G 164 -47.76 -91.95 -10.53
C ASP G 164 -48.37 -90.58 -10.84
N ALA G 165 -47.57 -89.73 -11.45
CA ALA G 165 -48.08 -88.49 -12.07
C ALA G 165 -48.83 -88.81 -13.35
N HIS G 166 -48.60 -89.99 -13.96
CA HIS G 166 -49.08 -90.39 -15.31
C HIS G 166 -49.85 -91.70 -15.24
N PRO G 167 -50.90 -91.85 -16.06
CA PRO G 167 -51.66 -93.11 -16.00
C PRO G 167 -51.05 -94.29 -16.78
N ASP G 168 -50.19 -94.04 -17.77
CA ASP G 168 -49.39 -95.06 -18.46
C ASP G 168 -50.33 -96.11 -19.07
N ILE G 169 -51.36 -95.60 -19.73
CA ILE G 169 -52.49 -96.42 -20.23
C ILE G 169 -52.75 -96.09 -21.71
N TYR G 170 -51.80 -95.45 -22.38
CA TYR G 170 -51.84 -95.33 -23.86
C TYR G 170 -51.91 -96.73 -24.48
N ASP G 171 -52.76 -96.87 -25.47
CA ASP G 171 -52.85 -98.13 -26.24
C ASP G 171 -51.45 -98.53 -26.76
N CYS G 172 -50.85 -97.66 -27.57
CA CYS G 172 -49.53 -97.94 -28.21
C CYS G 172 -48.77 -96.61 -28.27
N PHE G 173 -48.04 -96.22 -27.23
CA PHE G 173 -47.35 -94.90 -27.22
C PHE G 173 -46.17 -94.95 -28.19
N GLU G 174 -46.24 -94.10 -29.20
CA GLU G 174 -45.14 -93.89 -30.18
C GLU G 174 -44.80 -95.22 -30.88
N GLY G 175 -45.76 -96.12 -31.09
CA GLY G 175 -45.55 -97.38 -31.84
C GLY G 175 -44.92 -98.50 -31.00
N ASN G 176 -44.68 -98.29 -29.72
CA ASN G 176 -44.04 -99.33 -28.86
C ASN G 176 -45.09 -99.89 -27.88
N LYS G 177 -45.53 -101.15 -28.05
CA LYS G 177 -46.52 -101.76 -27.13
C LYS G 177 -45.93 -101.92 -25.73
N TYR G 178 -44.58 -101.86 -25.61
CA TYR G 178 -43.88 -102.06 -24.32
C TYR G 178 -43.47 -100.70 -23.78
N SER G 179 -43.97 -99.62 -24.38
CA SER G 179 -43.67 -98.25 -23.88
C SER G 179 -43.90 -98.22 -22.38
N HIS G 180 -43.11 -97.46 -21.64
CA HIS G 180 -43.36 -97.19 -20.20
C HIS G 180 -44.69 -96.44 -20.02
N ALA G 181 -45.31 -95.87 -21.06
CA ALA G 181 -46.56 -95.07 -20.99
C ALA G 181 -47.74 -95.95 -21.37
N SER G 182 -47.51 -97.24 -21.56
CA SER G 182 -48.58 -98.22 -21.96
C SER G 182 -48.65 -99.43 -21.04
N SER G 183 -47.85 -99.52 -19.98
CA SER G 183 -47.80 -100.81 -19.26
C SER G 183 -49.13 -101.09 -18.55
N PHE G 184 -49.93 -100.11 -18.15
CA PHE G 184 -51.21 -100.39 -17.44
C PHE G 184 -52.29 -100.75 -18.48
N ALA G 185 -52.15 -100.33 -19.72
CA ALA G 185 -53.04 -100.80 -20.80
C ALA G 185 -52.81 -102.31 -21.02
N ARG G 186 -51.54 -102.74 -21.08
CA ARG G 186 -51.17 -104.16 -21.23
C ARG G 186 -51.68 -104.96 -20.03
N ILE G 187 -51.57 -104.38 -18.83
CA ILE G 187 -51.99 -105.10 -17.58
C ILE G 187 -53.52 -105.26 -17.64
N MET G 188 -54.26 -104.16 -17.89
CA MET G 188 -55.76 -104.21 -17.86
C MET G 188 -56.25 -105.13 -18.99
N GLU G 189 -55.67 -105.06 -20.20
CA GLU G 189 -56.00 -105.95 -21.34
C GLU G 189 -55.85 -107.43 -21.01
N GLY G 190 -54.93 -107.83 -20.16
CA GLY G 190 -54.69 -109.27 -19.90
C GLY G 190 -55.54 -109.86 -18.76
N GLY G 191 -56.37 -109.04 -18.10
CA GLY G 191 -57.22 -109.49 -16.99
C GLY G 191 -56.41 -109.75 -15.73
N TYR G 192 -55.22 -109.12 -15.59
CA TYR G 192 -54.33 -109.38 -14.44
C TYR G 192 -54.80 -108.58 -13.24
N ALA G 193 -55.60 -107.54 -13.46
CA ALA G 193 -56.01 -106.63 -12.36
C ALA G 193 -57.52 -106.64 -12.24
N ARG G 194 -58.02 -106.52 -11.02
CA ARG G 194 -59.45 -106.20 -10.79
C ARG G 194 -59.55 -104.67 -10.73
N ARG G 195 -59.25 -104.07 -9.60
CA ARG G 195 -59.26 -102.60 -9.45
C ARG G 195 -57.85 -102.10 -9.77
N LEU G 196 -57.81 -100.91 -10.42
CA LEU G 196 -56.59 -100.13 -10.62
C LEU G 196 -56.84 -98.73 -10.05
N LEU G 197 -56.16 -98.42 -8.97
CA LEU G 197 -56.24 -97.10 -8.33
C LEU G 197 -54.98 -96.35 -8.72
N GLN G 198 -55.16 -95.33 -9.55
CA GLN G 198 -54.08 -94.41 -9.99
C GLN G 198 -54.17 -93.19 -9.09
N VAL G 199 -53.10 -92.92 -8.37
CA VAL G 199 -53.06 -91.83 -7.37
C VAL G 199 -51.83 -90.93 -7.63
N GLY G 200 -52.04 -89.60 -7.54
CA GLY G 200 -51.03 -88.59 -7.91
C GLY G 200 -51.09 -88.15 -9.37
N ILE G 201 -52.08 -88.60 -10.13
CA ILE G 201 -52.24 -88.32 -11.57
C ILE G 201 -52.33 -86.80 -11.71
N ARG G 202 -51.47 -86.20 -12.54
CA ARG G 202 -51.63 -84.78 -12.86
C ARG G 202 -51.12 -84.51 -14.29
N SER G 203 -50.82 -85.53 -15.07
CA SER G 203 -50.45 -85.38 -16.50
C SER G 203 -51.18 -86.47 -17.26
N ILE G 204 -52.28 -86.09 -17.92
CA ILE G 204 -53.26 -87.05 -18.47
C ILE G 204 -54.01 -86.38 -19.59
N ASN G 205 -54.21 -87.08 -20.69
CA ASN G 205 -54.98 -86.50 -21.83
C ASN G 205 -56.25 -87.31 -22.07
N GLN G 206 -56.92 -87.00 -23.17
CA GLN G 206 -58.20 -87.60 -23.57
C GLN G 206 -58.02 -89.12 -23.64
N GLU G 207 -56.99 -89.58 -24.34
CA GLU G 207 -56.73 -91.03 -24.46
C GLU G 207 -56.64 -91.63 -23.05
N GLY G 208 -55.90 -91.01 -22.15
CA GLY G 208 -55.73 -91.54 -20.78
C GLY G 208 -57.05 -91.64 -20.00
N ARG G 209 -57.97 -90.69 -20.15
CA ARG G 209 -59.30 -90.71 -19.47
C ARG G 209 -60.20 -91.75 -20.15
N GLU G 210 -60.20 -91.86 -21.49
CA GLU G 210 -61.13 -92.83 -22.16
CA GLU G 210 -61.05 -92.81 -22.27
C GLU G 210 -60.64 -94.26 -21.91
N GLN G 211 -59.35 -94.51 -21.94
CA GLN G 211 -58.76 -95.84 -21.62
C GLN G 211 -59.10 -96.15 -20.16
N GLY G 212 -59.03 -95.15 -19.29
CA GLY G 212 -59.47 -95.30 -17.89
C GLY G 212 -60.90 -95.78 -17.74
N LYS G 213 -61.79 -95.11 -18.44
CA LYS G 213 -63.22 -95.49 -18.45
C LYS G 213 -63.37 -96.89 -19.02
N ARG G 214 -62.70 -97.17 -20.14
CA ARG G 214 -62.82 -98.47 -20.87
C ARG G 214 -62.48 -99.65 -19.94
N PHE G 215 -61.46 -99.51 -19.12
CA PHE G 215 -61.01 -100.62 -18.24
C PHE G 215 -61.49 -100.45 -16.81
N GLY G 216 -62.31 -99.46 -16.51
CA GLY G 216 -62.90 -99.30 -15.18
C GLY G 216 -61.86 -98.87 -14.15
N VAL G 217 -60.86 -98.11 -14.57
CA VAL G 217 -59.78 -97.64 -13.69
C VAL G 217 -60.28 -96.48 -12.83
N GLU G 218 -59.89 -96.43 -11.57
CA GLU G 218 -60.23 -95.29 -10.69
C GLU G 218 -59.03 -94.33 -10.73
N GLN G 219 -59.21 -93.18 -11.37
CA GLN G 219 -58.11 -92.21 -11.56
C GLN G 219 -58.31 -91.06 -10.59
N TYR G 220 -57.51 -90.97 -9.54
CA TYR G 220 -57.52 -89.88 -8.53
C TYR G 220 -56.52 -88.80 -8.98
N GLU G 221 -57.00 -87.73 -9.55
CA GLU G 221 -56.15 -86.60 -10.02
C GLU G 221 -55.83 -85.68 -8.86
N MET G 222 -54.66 -85.04 -8.92
CA MET G 222 -54.20 -84.18 -7.80
C MET G 222 -55.13 -82.98 -7.68
N ARG G 223 -55.85 -82.60 -8.73
CA ARG G 223 -56.72 -81.42 -8.68
C ARG G 223 -57.90 -81.69 -7.72
N THR G 224 -58.13 -82.94 -7.30
CA THR G 224 -59.22 -83.29 -6.36
C THR G 224 -58.65 -83.88 -5.08
N PHE G 225 -57.37 -83.72 -4.82
CA PHE G 225 -56.70 -84.44 -3.72
C PHE G 225 -57.13 -83.91 -2.34
N SER G 226 -57.41 -82.61 -2.20
CA SER G 226 -58.04 -82.01 -0.99
C SER G 226 -59.25 -82.82 -0.55
N LYS G 227 -60.13 -83.17 -1.48
CA LYS G 227 -61.35 -83.97 -1.21
C LYS G 227 -60.95 -85.44 -0.97
N ASP G 228 -60.09 -86.01 -1.79
CA ASP G 228 -59.89 -87.50 -1.83
C ASP G 228 -58.96 -87.97 -0.69
N ARG G 229 -58.20 -87.08 -0.06
CA ARG G 229 -57.12 -87.44 0.92
C ARG G 229 -57.69 -88.40 1.97
N PRO G 230 -58.82 -88.10 2.66
CA PRO G 230 -59.35 -88.99 3.70
C PRO G 230 -59.52 -90.43 3.23
N MET G 231 -60.10 -90.58 2.06
CA MET G 231 -60.34 -91.90 1.43
C MET G 231 -58.99 -92.56 1.03
N LEU G 232 -58.07 -91.81 0.42
CA LEU G 232 -56.76 -92.35 -0.01
C LEU G 232 -55.89 -92.73 1.19
N GLU G 233 -56.11 -92.15 2.37
CA GLU G 233 -55.36 -92.46 3.61
C GLU G 233 -56.15 -93.50 4.42
N ASN G 234 -57.11 -94.16 3.78
CA ASN G 234 -57.92 -95.18 4.49
C ASN G 234 -58.33 -96.26 3.48
N LEU G 235 -57.41 -96.70 2.64
CA LEU G 235 -57.73 -97.73 1.60
C LEU G 235 -57.76 -99.14 2.17
N LYS G 236 -58.66 -99.96 1.62
CA LYS G 236 -58.70 -101.44 1.78
C LYS G 236 -58.74 -102.03 0.35
N LEU G 237 -57.86 -102.93 0.00
CA LEU G 237 -57.81 -103.52 -1.37
C LEU G 237 -57.58 -105.03 -1.27
N GLY G 238 -57.97 -105.74 -2.34
CA GLY G 238 -57.63 -107.15 -2.57
C GLY G 238 -58.62 -108.14 -1.95
N GLU G 239 -59.61 -107.66 -1.22
CA GLU G 239 -60.63 -108.54 -0.63
C GLU G 239 -61.32 -109.30 -1.78
N GLY G 240 -61.31 -110.63 -1.76
CA GLY G 240 -62.00 -111.46 -2.75
C GLY G 240 -61.16 -111.82 -3.96
N VAL G 241 -59.98 -111.22 -4.17
CA VAL G 241 -59.01 -111.57 -5.24
C VAL G 241 -57.68 -112.00 -4.59
N LYS G 242 -56.62 -112.17 -5.39
CA LYS G 242 -55.43 -112.96 -4.96
C LYS G 242 -54.47 -112.09 -4.18
N GLY G 243 -54.73 -110.78 -4.14
CA GLY G 243 -53.95 -109.89 -3.31
C GLY G 243 -53.83 -108.55 -3.93
N VAL G 244 -52.84 -107.81 -3.49
CA VAL G 244 -52.66 -106.41 -3.91
C VAL G 244 -51.24 -106.24 -4.44
N TYR G 245 -51.11 -105.55 -5.56
CA TYR G 245 -49.80 -105.17 -6.11
C TYR G 245 -49.67 -103.65 -6.01
N ILE G 246 -48.48 -103.16 -5.60
CA ILE G 246 -48.26 -101.70 -5.48
C ILE G 246 -47.14 -101.27 -6.43
N SER G 247 -47.47 -100.40 -7.38
CA SER G 247 -46.48 -99.90 -8.35
C SER G 247 -46.24 -98.44 -8.02
N ILE G 248 -44.99 -98.09 -7.72
CA ILE G 248 -44.65 -96.68 -7.35
C ILE G 248 -43.66 -96.13 -8.36
N ASP G 249 -44.17 -95.15 -9.14
CA ASP G 249 -43.35 -94.27 -9.96
C ASP G 249 -42.93 -93.13 -9.03
N VAL G 250 -41.65 -92.94 -8.87
CA VAL G 250 -41.10 -91.90 -8.00
C VAL G 250 -41.67 -90.55 -8.40
N ASP G 251 -42.14 -90.38 -9.65
CA ASP G 251 -42.75 -89.08 -10.10
C ASP G 251 -44.16 -88.88 -9.50
N CYS G 252 -44.70 -89.80 -8.69
CA CYS G 252 -45.94 -89.54 -7.92
C CYS G 252 -45.60 -88.39 -6.96
N LEU G 253 -44.34 -88.30 -6.54
CA LEU G 253 -43.89 -87.23 -5.64
C LEU G 253 -43.68 -85.95 -6.43
N ASP G 254 -43.95 -84.82 -5.80
CA ASP G 254 -43.59 -83.51 -6.37
C ASP G 254 -42.09 -83.57 -6.63
N PRO G 255 -41.62 -82.93 -7.71
CA PRO G 255 -40.21 -82.82 -7.97
C PRO G 255 -39.40 -82.16 -6.87
N ALA G 256 -40.00 -81.33 -6.00
CA ALA G 256 -39.32 -80.78 -4.82
C ALA G 256 -38.70 -81.93 -4.00
N PHE G 257 -39.40 -83.04 -3.86
CA PHE G 257 -39.00 -84.20 -3.05
C PHE G 257 -38.22 -85.18 -3.95
N ALA G 258 -38.60 -85.32 -5.21
CA ALA G 258 -38.01 -86.34 -6.11
C ALA G 258 -37.61 -85.71 -7.44
N PRO G 259 -36.48 -84.96 -7.51
CA PRO G 259 -36.01 -84.40 -8.76
C PRO G 259 -35.43 -85.44 -9.73
N GLY G 260 -34.97 -86.56 -9.21
CA GLY G 260 -34.30 -87.63 -9.98
C GLY G 260 -35.30 -88.41 -10.81
N VAL G 261 -35.94 -87.78 -11.78
CA VAL G 261 -36.92 -88.47 -12.65
C VAL G 261 -36.76 -87.92 -14.06
N SER G 262 -37.15 -88.70 -15.05
CA SER G 262 -37.16 -88.26 -16.46
C SER G 262 -38.27 -87.27 -16.73
N HIS G 263 -39.42 -87.34 -16.03
CA HIS G 263 -40.62 -86.46 -16.24
C HIS G 263 -40.90 -85.61 -15.00
N ILE G 264 -40.42 -84.38 -14.99
CA ILE G 264 -40.65 -83.36 -13.96
C ILE G 264 -42.06 -82.80 -14.19
N GLU G 265 -42.90 -82.98 -13.20
CA GLU G 265 -44.32 -82.65 -13.32
C GLU G 265 -44.75 -82.01 -12.01
N PRO G 266 -44.68 -80.69 -11.89
CA PRO G 266 -45.05 -80.05 -10.63
C PRO G 266 -46.48 -80.32 -10.11
N GLY G 267 -46.64 -80.28 -8.77
CA GLY G 267 -47.94 -80.35 -8.09
C GLY G 267 -48.21 -81.76 -7.60
N GLY G 268 -47.19 -82.47 -7.16
CA GLY G 268 -47.38 -83.87 -6.72
C GLY G 268 -47.57 -84.03 -5.22
N LEU G 269 -47.40 -85.25 -4.79
CA LEU G 269 -47.53 -85.69 -3.40
C LEU G 269 -46.26 -85.33 -2.64
N SER G 270 -46.37 -85.11 -1.35
CA SER G 270 -45.22 -85.14 -0.42
C SER G 270 -44.84 -86.59 -0.11
N PHE G 271 -43.64 -86.78 0.39
CA PHE G 271 -43.17 -88.11 0.81
C PHE G 271 -44.05 -88.58 1.96
N ARG G 272 -44.26 -87.71 2.93
CA ARG G 272 -45.17 -88.00 4.06
C ARG G 272 -46.56 -88.37 3.53
N ASP G 273 -47.07 -87.72 2.48
CA ASP G 273 -48.38 -88.07 1.88
C ASP G 273 -48.34 -89.52 1.40
N VAL G 274 -47.27 -89.92 0.70
CA VAL G 274 -47.15 -91.32 0.21
C VAL G 274 -47.08 -92.28 1.39
N LEU G 275 -46.30 -91.98 2.40
CA LEU G 275 -46.27 -92.94 3.55
C LEU G 275 -47.64 -93.00 4.24
N ASN G 276 -48.38 -91.90 4.33
CA ASN G 276 -49.70 -91.94 5.00
C ASN G 276 -50.59 -92.91 4.20
N ILE G 277 -50.48 -92.93 2.90
CA ILE G 277 -51.28 -93.88 2.09
C ILE G 277 -50.80 -95.31 2.35
N LEU G 278 -49.50 -95.59 2.26
CA LEU G 278 -48.98 -96.97 2.35
C LEU G 278 -49.17 -97.52 3.76
N HIS G 279 -48.90 -96.72 4.79
CA HIS G 279 -48.99 -97.17 6.19
C HIS G 279 -50.44 -97.55 6.55
N ASN G 280 -51.42 -96.76 6.09
CA ASN G 280 -52.86 -96.96 6.42
C ASN G 280 -53.52 -97.95 5.44
N LEU G 281 -52.89 -98.33 4.34
CA LEU G 281 -53.51 -99.27 3.36
C LEU G 281 -53.70 -100.66 4.00
N GLN G 282 -54.94 -101.18 4.02
CA GLN G 282 -55.24 -102.59 4.42
C GLN G 282 -55.17 -103.49 3.18
N ALA G 283 -54.25 -104.43 3.15
CA ALA G 283 -53.91 -105.18 1.90
C ALA G 283 -52.99 -106.36 2.21
N ASP G 284 -53.30 -107.47 1.58
CA ASP G 284 -52.36 -108.60 1.49
C ASP G 284 -51.47 -108.32 0.27
N VAL G 285 -50.34 -107.64 0.49
CA VAL G 285 -49.48 -107.17 -0.61
C VAL G 285 -48.63 -108.35 -1.14
N VAL G 286 -48.83 -108.75 -2.39
CA VAL G 286 -48.20 -109.97 -2.96
C VAL G 286 -46.98 -109.57 -3.77
N GLY G 287 -46.81 -108.27 -4.00
CA GLY G 287 -45.72 -107.73 -4.79
C GLY G 287 -45.80 -106.22 -4.94
N ALA G 288 -44.69 -105.62 -5.32
CA ALA G 288 -44.58 -104.17 -5.53
C ALA G 288 -43.40 -103.82 -6.46
N ASP G 289 -43.39 -102.59 -6.95
CA ASP G 289 -42.22 -102.07 -7.69
C ASP G 289 -42.03 -100.62 -7.29
N VAL G 290 -40.77 -100.21 -7.35
CA VAL G 290 -40.33 -98.79 -7.32
C VAL G 290 -39.56 -98.52 -8.59
N VAL G 291 -40.15 -97.71 -9.47
CA VAL G 291 -39.67 -97.46 -10.84
C VAL G 291 -39.45 -95.97 -11.08
N GLU G 292 -38.74 -95.71 -12.19
CA GLU G 292 -38.57 -94.37 -12.80
C GLU G 292 -37.70 -93.47 -11.94
N PHE G 293 -36.96 -94.00 -11.00
CA PHE G 293 -35.85 -93.25 -10.39
C PHE G 293 -34.74 -93.11 -11.44
N ASN G 294 -34.36 -91.88 -11.75
CA ASN G 294 -33.36 -91.61 -12.81
C ASN G 294 -32.16 -90.95 -12.12
N PRO G 295 -31.10 -91.71 -11.73
CA PRO G 295 -29.93 -91.16 -11.06
C PRO G 295 -29.25 -90.02 -11.83
N GLN G 296 -29.36 -90.01 -13.16
CA GLN G 296 -28.72 -88.98 -13.99
C GLN G 296 -29.41 -87.64 -13.80
N ARG G 297 -30.62 -87.63 -13.26
CA ARG G 297 -31.39 -86.39 -12.98
C ARG G 297 -31.41 -86.09 -11.47
N ASP G 298 -30.69 -86.85 -10.65
CA ASP G 298 -30.72 -86.66 -9.19
C ASP G 298 -29.83 -85.49 -8.75
N THR G 299 -29.97 -85.08 -7.52
CA THR G 299 -29.03 -84.09 -6.92
C THR G 299 -27.63 -84.75 -6.83
N VAL G 300 -26.61 -83.94 -6.61
CA VAL G 300 -25.22 -84.46 -6.52
C VAL G 300 -25.06 -85.35 -5.26
N ASP G 301 -25.91 -85.22 -4.23
CA ASP G 301 -25.86 -86.00 -2.96
C ASP G 301 -26.81 -87.20 -3.00
N GLY G 302 -27.56 -87.44 -4.09
CA GLY G 302 -28.41 -88.62 -4.23
C GLY G 302 -29.68 -88.52 -3.36
N MET G 303 -30.31 -87.35 -3.28
CA MET G 303 -31.54 -87.22 -2.51
C MET G 303 -32.59 -88.24 -3.02
N THR G 304 -32.78 -88.36 -4.32
CA THR G 304 -33.88 -89.18 -4.86
C THR G 304 -33.57 -90.66 -4.58
N ALA G 305 -32.30 -91.03 -4.62
CA ALA G 305 -31.83 -92.37 -4.25
C ALA G 305 -32.35 -92.62 -2.84
N MET G 306 -32.19 -91.73 -1.89
CA MET G 306 -32.69 -91.96 -0.51
C MET G 306 -34.22 -92.06 -0.53
N VAL G 307 -34.87 -91.23 -1.33
CA VAL G 307 -36.34 -91.27 -1.52
C VAL G 307 -36.72 -92.68 -1.97
N ALA G 308 -36.05 -93.17 -3.04
CA ALA G 308 -36.40 -94.49 -3.64
C ALA G 308 -36.14 -95.59 -2.61
N ALA G 309 -35.04 -95.49 -1.89
CA ALA G 309 -34.66 -96.49 -0.89
C ALA G 309 -35.65 -96.52 0.26
N LYS G 310 -36.07 -95.34 0.75
CA LYS G 310 -37.06 -95.30 1.85
C LYS G 310 -38.42 -95.87 1.38
N LEU G 311 -38.83 -95.65 0.13
CA LEU G 311 -40.04 -96.32 -0.37
C LEU G 311 -39.85 -97.84 -0.31
N VAL G 312 -38.73 -98.35 -0.83
CA VAL G 312 -38.46 -99.81 -0.83
C VAL G 312 -38.52 -100.31 0.61
N ARG G 313 -37.94 -99.57 1.55
CA ARG G 313 -37.83 -100.05 2.95
C ARG G 313 -39.25 -100.15 3.56
N GLU G 314 -40.08 -99.13 3.38
CA GLU G 314 -41.47 -99.12 3.90
C GLU G 314 -42.28 -100.17 3.16
N LEU G 315 -42.11 -100.37 1.87
CA LEU G 315 -42.83 -101.46 1.17
C LEU G 315 -42.41 -102.80 1.76
N ALA G 316 -41.12 -103.00 1.99
CA ALA G 316 -40.64 -104.28 2.54
C ALA G 316 -41.31 -104.54 3.89
N ALA G 317 -41.40 -103.53 4.76
CA ALA G 317 -42.01 -103.70 6.10
C ALA G 317 -43.49 -104.09 5.97
N LYS G 318 -44.18 -103.63 4.93
CA LYS G 318 -45.57 -104.00 4.66
C LYS G 318 -45.72 -105.39 4.05
N ILE G 319 -44.84 -105.74 3.11
CA ILE G 319 -44.94 -107.04 2.38
C ILE G 319 -44.53 -108.13 3.36
N SER G 320 -43.46 -107.91 4.12
CA SER G 320 -42.93 -108.98 4.99
C SER G 320 -43.86 -109.18 6.19
N LYS G 321 -44.00 -110.40 6.64
CA LYS G 321 -44.79 -110.70 7.86
C LYS G 321 -44.56 -112.15 8.25
N ALA H 5 -27.85 -36.23 -32.41
CA ALA H 5 -28.93 -36.18 -31.36
C ALA H 5 -30.29 -36.30 -32.04
N SER H 6 -30.44 -35.56 -33.14
CA SER H 6 -31.61 -35.69 -34.05
C SER H 6 -31.58 -37.06 -34.75
N SER H 7 -30.40 -37.52 -35.20
CA SER H 7 -30.24 -38.87 -35.81
C SER H 7 -30.61 -39.98 -34.81
N ILE H 8 -30.27 -39.77 -33.54
CA ILE H 8 -30.43 -40.77 -32.43
C ILE H 8 -31.92 -40.89 -32.07
N GLU H 9 -32.59 -39.75 -31.94
CA GLU H 9 -34.03 -39.62 -31.61
C GLU H 9 -34.82 -40.39 -32.67
N LYS H 10 -34.45 -40.23 -33.94
CA LYS H 10 -35.15 -40.84 -35.11
C LYS H 10 -34.91 -42.35 -35.10
N GLY H 11 -33.67 -42.73 -34.74
CA GLY H 11 -33.26 -44.12 -34.49
C GLY H 11 -34.11 -44.72 -33.37
N GLN H 12 -34.11 -44.08 -32.18
CA GLN H 12 -34.95 -44.48 -31.01
C GLN H 12 -36.36 -44.76 -31.53
N ASN H 13 -36.96 -43.81 -32.26
CA ASN H 13 -38.37 -43.92 -32.63
C ASN H 13 -38.52 -45.01 -33.70
N ARG H 14 -37.53 -45.17 -34.60
CA ARG H 14 -37.58 -46.21 -35.66
C ARG H 14 -37.42 -47.61 -35.01
N VAL H 15 -36.58 -47.75 -33.98
CA VAL H 15 -36.34 -49.04 -33.23
C VAL H 15 -37.66 -49.44 -32.51
N ILE H 16 -38.20 -48.51 -31.72
CA ILE H 16 -39.54 -48.64 -31.10
C ILE H 16 -40.61 -49.03 -32.14
N ASP H 17 -40.68 -48.30 -33.25
CA ASP H 17 -41.72 -48.54 -34.28
C ASP H 17 -41.51 -49.93 -34.92
N ALA H 18 -40.27 -50.36 -35.17
CA ALA H 18 -40.03 -51.75 -35.67
C ALA H 18 -40.36 -52.75 -34.56
N SER H 19 -40.00 -52.42 -33.31
CA SER H 19 -40.35 -53.23 -32.11
C SER H 19 -41.86 -53.47 -32.02
N LEU H 20 -42.66 -52.40 -32.08
CA LEU H 20 -44.16 -52.51 -32.08
C LEU H 20 -44.63 -53.24 -33.35
N THR H 21 -44.02 -52.98 -34.51
CA THR H 21 -44.49 -53.58 -35.79
C THR H 21 -44.40 -55.11 -35.73
N LEU H 22 -43.42 -55.62 -35.02
CA LEU H 22 -43.12 -57.07 -34.93
C LEU H 22 -44.21 -57.74 -34.07
N ILE H 23 -44.64 -57.05 -33.00
CA ILE H 23 -45.72 -57.60 -32.14
C ILE H 23 -47.02 -57.51 -32.92
N ARG H 24 -47.26 -56.36 -33.59
CA ARG H 24 -48.51 -56.12 -34.35
C ARG H 24 -48.66 -57.18 -35.44
N GLU H 25 -47.60 -57.43 -36.22
CA GLU H 25 -47.69 -58.39 -37.35
C GLU H 25 -47.87 -59.78 -36.78
N ARG H 26 -47.22 -60.11 -35.66
CA ARG H 26 -47.37 -61.48 -35.13
C ARG H 26 -48.76 -61.64 -34.54
N ALA H 27 -49.24 -60.62 -33.80
CA ALA H 27 -50.60 -60.70 -33.22
C ALA H 27 -51.60 -60.90 -34.35
N LYS H 28 -51.40 -60.26 -35.51
CA LYS H 28 -52.37 -60.38 -36.62
C LYS H 28 -52.43 -61.83 -37.13
N LEU H 29 -51.26 -62.49 -37.34
CA LEU H 29 -51.25 -63.91 -37.82
C LEU H 29 -51.98 -64.80 -36.79
N LYS H 30 -51.77 -64.56 -35.49
CA LYS H 30 -52.35 -65.39 -34.39
C LYS H 30 -53.86 -65.14 -34.29
N GLY H 31 -54.28 -63.87 -34.24
CA GLY H 31 -55.71 -63.48 -34.28
C GLY H 31 -56.46 -64.13 -35.42
N GLU H 32 -55.85 -64.06 -36.61
CA GLU H 32 -56.42 -64.63 -37.85
C GLU H 32 -56.55 -66.13 -37.70
N LEU H 33 -55.51 -66.78 -37.19
CA LEU H 33 -55.52 -68.25 -37.05
C LEU H 33 -56.64 -68.65 -36.09
N VAL H 34 -56.79 -67.92 -34.99
CA VAL H 34 -57.82 -68.19 -33.96
C VAL H 34 -59.20 -67.99 -34.57
N ARG H 35 -59.44 -66.86 -35.22
CA ARG H 35 -60.76 -66.51 -35.82
C ARG H 35 -61.09 -67.48 -36.96
N LEU H 36 -60.10 -67.84 -37.78
CA LEU H 36 -60.22 -68.90 -38.81
C LEU H 36 -60.81 -70.16 -38.15
N LEU H 37 -60.22 -70.69 -37.08
CA LEU H 37 -60.72 -71.96 -36.49
C LEU H 37 -62.12 -71.74 -35.91
N GLY H 38 -62.44 -70.53 -35.43
CA GLY H 38 -63.79 -70.17 -34.96
C GLY H 38 -64.15 -70.75 -33.59
N GLY H 39 -65.08 -70.10 -32.90
CA GLY H 39 -65.76 -70.60 -31.68
C GLY H 39 -65.16 -70.06 -30.38
N ALA H 40 -63.93 -69.55 -30.36
CA ALA H 40 -63.28 -69.03 -29.13
C ALA H 40 -63.97 -67.75 -28.64
N LYS H 41 -64.37 -67.66 -27.37
CA LYS H 41 -64.73 -66.38 -26.72
C LYS H 41 -63.47 -65.68 -26.19
N ALA H 42 -62.44 -66.41 -25.78
CA ALA H 42 -61.13 -65.82 -25.41
C ALA H 42 -60.01 -66.83 -25.68
N SER H 43 -58.84 -66.33 -26.03
CA SER H 43 -57.67 -67.14 -26.38
C SER H 43 -56.45 -66.55 -25.72
N THR H 44 -55.81 -67.31 -24.84
CA THR H 44 -54.54 -66.87 -24.23
C THR H 44 -53.47 -66.66 -25.30
N SER H 45 -52.73 -65.56 -25.22
CA SER H 45 -51.61 -65.29 -26.12
C SER H 45 -50.43 -64.80 -25.30
N LEU H 46 -49.30 -65.50 -25.37
CA LEU H 46 -48.07 -65.20 -24.60
C LEU H 46 -47.43 -63.95 -25.16
N LEU H 47 -46.99 -63.05 -24.28
CA LEU H 47 -46.08 -61.94 -24.65
C LEU H 47 -44.94 -61.94 -23.66
N GLY H 48 -43.72 -62.01 -24.16
CA GLY H 48 -42.55 -62.02 -23.27
C GLY H 48 -42.10 -60.61 -23.06
N VAL H 49 -41.70 -60.30 -21.81
CA VAL H 49 -41.04 -59.00 -21.50
C VAL H 49 -39.71 -59.29 -20.82
N PRO H 50 -38.64 -59.55 -21.59
CA PRO H 50 -37.36 -59.95 -21.01
C PRO H 50 -36.61 -58.77 -20.38
N LEU H 51 -37.02 -58.40 -19.17
CA LEU H 51 -36.58 -57.17 -18.44
C LEU H 51 -36.19 -57.54 -17.00
N GLY H 52 -34.94 -57.27 -16.63
CA GLY H 52 -34.38 -57.66 -15.33
C GLY H 52 -33.73 -56.50 -14.55
N HIS H 53 -33.62 -55.33 -15.13
CA HIS H 53 -32.73 -54.28 -14.57
C HIS H 53 -33.42 -53.40 -13.51
N ASN H 54 -34.70 -53.69 -13.20
CA ASN H 54 -35.44 -53.12 -12.03
C ASN H 54 -35.36 -54.03 -10.82
N SER H 55 -34.66 -55.16 -10.90
CA SER H 55 -34.41 -56.10 -9.77
C SER H 55 -33.46 -55.43 -8.79
N SER H 56 -33.54 -55.81 -7.54
CA SER H 56 -32.77 -55.17 -6.43
C SER H 56 -31.59 -56.06 -6.01
N PHE H 57 -31.57 -57.34 -6.46
CA PHE H 57 -30.54 -58.32 -6.10
C PHE H 57 -29.86 -58.95 -7.34
N LEU H 58 -30.65 -59.55 -8.23
CA LEU H 58 -30.13 -60.28 -9.41
C LEU H 58 -31.04 -60.00 -10.60
N GLN H 59 -30.47 -59.79 -11.79
CA GLN H 59 -31.23 -59.43 -13.02
C GLN H 59 -31.57 -60.67 -13.85
N GLY H 60 -31.26 -61.84 -13.34
CA GLY H 60 -31.46 -63.08 -14.09
C GLY H 60 -32.82 -63.20 -14.78
N PRO H 61 -33.95 -62.67 -14.23
CA PRO H 61 -35.25 -62.83 -14.89
C PRO H 61 -35.36 -62.26 -16.31
N ALA H 62 -34.39 -61.44 -16.74
CA ALA H 62 -34.37 -60.96 -18.13
C ALA H 62 -34.31 -62.17 -19.09
N PHE H 63 -33.71 -63.30 -18.67
CA PHE H 63 -33.44 -64.48 -19.55
C PHE H 63 -34.60 -65.50 -19.43
N ALA H 64 -35.63 -65.21 -18.64
CA ALA H 64 -36.66 -66.21 -18.33
C ALA H 64 -37.52 -66.55 -19.54
N PRO H 65 -38.12 -65.61 -20.31
CA PRO H 65 -39.19 -65.99 -21.23
C PRO H 65 -38.81 -67.10 -22.22
N PRO H 66 -37.62 -67.08 -22.88
CA PRO H 66 -37.19 -68.18 -23.75
C PRO H 66 -37.07 -69.52 -23.01
N ARG H 67 -36.67 -69.54 -21.74
CA ARG H 67 -36.60 -70.81 -20.99
C ARG H 67 -38.01 -71.32 -20.67
N ILE H 68 -38.92 -70.42 -20.40
CA ILE H 68 -40.31 -70.82 -20.06
C ILE H 68 -40.95 -71.51 -21.27
N ARG H 69 -40.77 -70.95 -22.45
CA ARG H 69 -41.29 -71.52 -23.72
C ARG H 69 -40.73 -72.92 -23.94
N GLU H 70 -39.43 -73.08 -23.81
CA GLU H 70 -38.84 -74.43 -24.04
C GLU H 70 -39.54 -75.46 -23.11
N ALA H 71 -39.78 -75.12 -21.85
CA ALA H 71 -40.40 -76.00 -20.84
C ALA H 71 -41.89 -76.25 -21.14
N ILE H 72 -42.62 -75.29 -21.68
CA ILE H 72 -44.03 -75.55 -22.10
C ILE H 72 -44.07 -76.68 -23.14
N TRP H 73 -43.11 -76.74 -24.05
CA TRP H 73 -43.11 -77.70 -25.17
C TRP H 73 -42.10 -78.84 -24.98
N CYS H 74 -41.52 -79.01 -23.79
CA CYS H 74 -40.58 -80.11 -23.51
C CYS H 74 -41.18 -81.46 -23.94
N GLY H 75 -40.37 -82.29 -24.55
CA GLY H 75 -40.78 -83.64 -24.99
C GLY H 75 -41.11 -84.54 -23.81
N SER H 76 -40.78 -84.16 -22.57
CA SER H 76 -41.10 -85.02 -21.40
C SER H 76 -42.59 -84.85 -21.01
N THR H 77 -43.26 -83.83 -21.51
CA THR H 77 -44.61 -83.44 -21.05
C THR H 77 -45.61 -83.83 -22.11
N ASN H 78 -46.89 -83.84 -21.80
CA ASN H 78 -47.87 -83.81 -22.91
C ASN H 78 -48.52 -82.42 -23.02
N SER H 79 -49.31 -82.25 -24.10
CA SER H 79 -49.86 -80.96 -24.53
C SER H 79 -51.16 -80.68 -23.79
N ALA H 80 -51.60 -81.52 -22.86
CA ALA H 80 -52.89 -81.31 -22.18
C ALA H 80 -52.68 -80.57 -20.86
N THR H 81 -53.56 -79.64 -20.50
CA THR H 81 -53.56 -79.07 -19.12
C THR H 81 -54.26 -80.04 -18.16
N GLU H 82 -54.09 -79.81 -16.88
CA GLU H 82 -54.65 -80.67 -15.83
C GLU H 82 -56.17 -80.84 -16.03
N GLU H 83 -56.87 -79.80 -16.49
CA GLU H 83 -58.35 -79.83 -16.68
C GLU H 83 -58.74 -80.40 -18.05
N GLY H 84 -57.76 -80.63 -18.93
CA GLY H 84 -58.02 -81.28 -20.24
C GLY H 84 -57.97 -80.35 -21.47
N LYS H 85 -57.46 -79.14 -21.37
CA LYS H 85 -57.34 -78.27 -22.57
C LYS H 85 -56.10 -78.69 -23.36
N GLU H 86 -56.19 -78.52 -24.68
CA GLU H 86 -55.21 -78.91 -25.70
C GLU H 86 -54.40 -77.67 -26.06
N LEU H 87 -53.17 -77.57 -25.57
CA LEU H 87 -52.28 -76.41 -25.77
C LEU H 87 -51.83 -76.26 -27.24
N LYS H 88 -51.95 -77.29 -28.08
CA LYS H 88 -51.63 -77.16 -29.54
C LYS H 88 -52.78 -76.44 -30.29
N ASP H 89 -53.98 -76.36 -29.72
CA ASP H 89 -55.14 -75.57 -30.24
C ASP H 89 -54.82 -74.09 -30.06
N PRO H 90 -54.60 -73.34 -31.14
CA PRO H 90 -54.35 -71.90 -31.05
C PRO H 90 -55.42 -71.13 -30.27
N ARG H 91 -56.68 -71.60 -30.28
CA ARG H 91 -57.77 -70.99 -29.46
C ARG H 91 -57.51 -71.14 -27.97
N VAL H 92 -56.65 -72.08 -27.59
CA VAL H 92 -56.22 -72.28 -26.20
C VAL H 92 -54.93 -71.49 -25.95
N LEU H 93 -53.99 -71.53 -26.89
CA LEU H 93 -52.66 -70.89 -26.65
C LEU H 93 -52.02 -70.44 -27.94
N THR H 94 -51.62 -69.18 -28.00
CA THR H 94 -50.75 -68.64 -29.08
C THR H 94 -49.63 -67.87 -28.41
N ASP H 95 -48.64 -67.48 -29.19
CA ASP H 95 -47.42 -66.81 -28.68
C ASP H 95 -47.09 -65.73 -29.67
N VAL H 96 -47.04 -64.46 -29.25
CA VAL H 96 -46.66 -63.31 -30.11
C VAL H 96 -45.20 -62.94 -29.84
N GLY H 97 -44.52 -63.77 -29.08
CA GLY H 97 -43.08 -63.58 -28.79
C GLY H 97 -42.81 -62.44 -27.82
N ASP H 98 -41.64 -61.83 -27.94
CA ASP H 98 -40.98 -61.05 -26.88
C ASP H 98 -40.83 -59.61 -27.32
N VAL H 99 -41.11 -58.70 -26.41
CA VAL H 99 -40.79 -57.26 -26.58
C VAL H 99 -39.27 -57.21 -26.69
N PRO H 100 -38.72 -56.52 -27.70
CA PRO H 100 -37.27 -56.32 -27.81
C PRO H 100 -36.78 -55.33 -26.75
N VAL H 101 -36.87 -55.70 -25.48
CA VAL H 101 -36.46 -54.83 -24.35
C VAL H 101 -35.00 -54.40 -24.48
N GLN H 102 -34.04 -55.33 -24.66
CA GLN H 102 -32.60 -54.94 -24.62
C GLN H 102 -32.29 -54.03 -25.82
N GLU H 103 -32.94 -54.25 -26.97
CA GLU H 103 -32.71 -53.44 -28.21
C GLU H 103 -33.13 -52.00 -27.91
N ILE H 104 -34.28 -51.84 -27.26
CA ILE H 104 -34.83 -50.51 -26.87
C ILE H 104 -33.95 -49.85 -25.81
N ARG H 105 -33.46 -50.60 -24.83
CA ARG H 105 -32.55 -50.07 -23.76
C ARG H 105 -31.27 -49.59 -24.43
N ASP H 106 -30.78 -50.35 -25.40
CA ASP H 106 -29.41 -50.13 -25.89
C ASP H 106 -29.35 -48.81 -26.69
N CYS H 107 -30.43 -48.40 -27.35
CA CYS H 107 -30.41 -47.16 -28.18
C CYS H 107 -30.67 -45.93 -27.29
N GLY H 108 -30.68 -46.08 -25.96
CA GLY H 108 -30.67 -45.02 -24.92
C GLY H 108 -32.07 -44.53 -24.53
N VAL H 109 -33.10 -45.32 -24.81
CA VAL H 109 -34.51 -44.94 -24.51
C VAL H 109 -34.69 -45.01 -22.99
N ASP H 110 -35.37 -44.05 -22.37
CA ASP H 110 -35.47 -43.93 -20.88
C ASP H 110 -36.52 -44.93 -20.39
N ASP H 111 -36.65 -45.12 -19.07
CA ASP H 111 -37.49 -46.23 -18.53
C ASP H 111 -38.97 -45.89 -18.76
N ASP H 112 -39.32 -44.59 -18.74
CA ASP H 112 -40.70 -44.10 -18.98
C ASP H 112 -41.15 -44.56 -20.36
N ARG H 113 -40.32 -44.34 -21.38
CA ARG H 113 -40.66 -44.74 -22.77
C ARG H 113 -40.65 -46.27 -22.89
N LEU H 114 -39.69 -46.94 -22.25
CA LEU H 114 -39.65 -48.43 -22.36
C LEU H 114 -40.92 -49.02 -21.73
N MET H 115 -41.35 -48.57 -20.57
CA MET H 115 -42.61 -49.10 -20.00
C MET H 115 -43.81 -48.77 -20.90
N ASN H 116 -43.82 -47.61 -21.53
CA ASN H 116 -44.91 -47.22 -22.45
C ASN H 116 -44.97 -48.23 -23.59
N VAL H 117 -43.81 -48.62 -24.11
CA VAL H 117 -43.72 -49.60 -25.21
C VAL H 117 -44.29 -50.95 -24.77
N ILE H 118 -44.03 -51.33 -23.51
CA ILE H 118 -44.55 -52.60 -22.96
C ILE H 118 -46.09 -52.52 -22.93
N SER H 119 -46.64 -51.39 -22.42
CA SER H 119 -48.07 -51.06 -22.47
C SER H 119 -48.61 -51.18 -23.90
N GLU H 120 -48.03 -50.45 -24.86
CA GLU H 120 -48.55 -50.48 -26.26
C GLU H 120 -48.50 -51.93 -26.79
N SER H 121 -47.50 -52.71 -26.36
CA SER H 121 -47.28 -54.09 -26.85
C SER H 121 -48.45 -54.96 -26.40
N VAL H 122 -48.80 -54.83 -25.13
CA VAL H 122 -49.98 -55.53 -24.55
C VAL H 122 -51.26 -55.12 -25.30
N LYS H 123 -51.41 -53.83 -25.60
CA LYS H 123 -52.63 -53.31 -26.28
C LYS H 123 -52.75 -53.94 -27.66
N LEU H 124 -51.61 -54.14 -28.30
CA LEU H 124 -51.52 -54.73 -29.66
C LEU H 124 -52.10 -56.16 -29.60
N VAL H 125 -51.80 -56.91 -28.55
CA VAL H 125 -52.41 -58.25 -28.35
C VAL H 125 -53.93 -58.08 -28.14
N MET H 126 -54.35 -57.13 -27.30
CA MET H 126 -55.78 -57.05 -26.89
C MET H 126 -56.64 -56.62 -28.09
N GLU H 127 -56.09 -55.82 -29.00
CA GLU H 127 -56.80 -55.30 -30.20
C GLU H 127 -57.01 -56.41 -31.25
N GLU H 128 -56.39 -57.59 -31.09
CA GLU H 128 -56.63 -58.77 -31.96
C GLU H 128 -57.61 -59.71 -31.26
N GLU H 129 -58.88 -59.61 -31.63
CA GLU H 129 -59.99 -60.41 -31.04
C GLU H 129 -59.76 -61.86 -31.43
N PRO H 130 -59.94 -62.86 -30.53
CA PRO H 130 -60.18 -62.64 -29.10
C PRO H 130 -59.01 -62.93 -28.13
N LEU H 131 -57.82 -62.45 -28.47
CA LEU H 131 -56.58 -62.72 -27.70
C LEU H 131 -56.64 -61.96 -26.38
N ARG H 132 -56.21 -62.62 -25.31
CA ARG H 132 -55.99 -62.06 -23.96
C ARG H 132 -54.54 -62.31 -23.58
N PRO H 133 -53.85 -61.27 -23.04
CA PRO H 133 -52.40 -61.29 -22.89
C PRO H 133 -52.04 -62.13 -21.65
N LEU H 134 -51.08 -63.00 -21.79
CA LEU H 134 -50.45 -63.67 -20.63
C LEU H 134 -48.96 -63.34 -20.70
N VAL H 135 -48.45 -62.56 -19.75
CA VAL H 135 -47.11 -61.98 -19.91
C VAL H 135 -46.09 -62.86 -19.18
N LEU H 136 -45.00 -63.20 -19.87
CA LEU H 136 -43.83 -63.89 -19.28
C LEU H 136 -42.81 -62.82 -18.88
N GLY H 137 -42.64 -62.63 -17.58
CA GLY H 137 -41.50 -61.85 -17.08
C GLY H 137 -40.20 -62.64 -17.20
N GLY H 138 -39.10 -62.00 -16.87
CA GLY H 138 -39.07 -60.58 -16.54
C GLY H 138 -39.28 -60.40 -15.05
N ASP H 139 -38.69 -59.34 -14.50
CA ASP H 139 -38.87 -58.96 -13.08
C ASP H 139 -40.27 -58.34 -12.87
N HIS H 140 -40.63 -58.13 -11.60
CA HIS H 140 -41.99 -57.72 -11.18
C HIS H 140 -42.30 -56.30 -11.62
N SER H 141 -41.31 -55.55 -12.11
CA SER H 141 -41.55 -54.15 -12.56
C SER H 141 -42.62 -54.18 -13.66
N ILE H 142 -42.70 -55.26 -14.43
CA ILE H 142 -43.47 -55.26 -15.71
C ILE H 142 -44.98 -55.25 -15.41
N SER H 143 -45.39 -55.65 -14.22
CA SER H 143 -46.83 -55.80 -13.92
C SER H 143 -47.50 -54.44 -14.01
N TYR H 144 -46.79 -53.37 -13.62
CA TYR H 144 -47.36 -52.01 -13.71
C TYR H 144 -47.75 -51.71 -15.16
N PRO H 145 -46.82 -51.59 -16.11
CA PRO H 145 -47.22 -51.21 -17.48
C PRO H 145 -48.22 -52.19 -18.14
N VAL H 146 -48.20 -53.46 -17.73
CA VAL H 146 -49.17 -54.48 -18.22
C VAL H 146 -50.55 -54.23 -17.62
N VAL H 147 -50.67 -54.02 -16.32
CA VAL H 147 -52.02 -53.80 -15.74
C VAL H 147 -52.55 -52.46 -16.27
N ARG H 148 -51.73 -51.42 -16.32
CA ARG H 148 -52.12 -50.13 -16.94
C ARG H 148 -52.82 -50.37 -18.29
N ALA H 149 -52.13 -51.04 -19.18
CA ALA H 149 -52.64 -51.25 -20.56
C ALA H 149 -53.97 -52.01 -20.51
N VAL H 150 -54.08 -53.09 -19.71
CA VAL H 150 -55.30 -53.92 -19.60
C VAL H 150 -56.45 -53.02 -19.13
N SER H 151 -56.23 -52.26 -18.04
CA SER H 151 -57.22 -51.35 -17.42
C SER H 151 -57.60 -50.20 -18.36
N GLU H 152 -56.64 -49.51 -18.97
CA GLU H 152 -56.97 -48.48 -19.98
C GLU H 152 -57.79 -49.14 -21.09
N LYS H 153 -57.33 -50.28 -21.60
CA LYS H 153 -57.95 -50.85 -22.82
C LYS H 153 -59.41 -51.19 -22.52
N LEU H 154 -59.66 -51.74 -21.35
CA LEU H 154 -60.98 -52.35 -21.03
C LEU H 154 -61.93 -51.28 -20.56
N GLY H 155 -61.39 -50.14 -20.14
CA GLY H 155 -62.17 -48.94 -19.81
C GLY H 155 -62.53 -48.90 -18.35
N GLY H 156 -61.83 -49.62 -17.48
CA GLY H 156 -62.11 -49.51 -16.04
C GLY H 156 -61.14 -50.33 -15.19
N PRO H 157 -61.36 -50.31 -13.86
CA PRO H 157 -60.49 -51.08 -12.98
C PRO H 157 -60.73 -52.59 -13.04
N VAL H 158 -59.77 -53.37 -12.58
CA VAL H 158 -59.85 -54.86 -12.44
C VAL H 158 -59.57 -55.21 -10.99
N ASP H 159 -59.98 -56.41 -10.59
CA ASP H 159 -59.53 -57.04 -9.32
C ASP H 159 -58.23 -57.75 -9.62
N ILE H 160 -57.32 -57.74 -8.67
CA ILE H 160 -55.98 -58.37 -8.86
C ILE H 160 -55.73 -59.41 -7.77
N LEU H 161 -55.39 -60.60 -8.24
CA LEU H 161 -54.81 -61.65 -7.39
C LEU H 161 -53.29 -61.65 -7.61
N HIS H 162 -52.54 -61.32 -6.57
CA HIS H 162 -51.06 -61.10 -6.57
C HIS H 162 -50.45 -62.22 -5.72
N LEU H 163 -49.84 -63.21 -6.36
CA LEU H 163 -49.22 -64.33 -5.63
C LEU H 163 -47.74 -64.03 -5.53
N ASP H 164 -47.25 -63.92 -4.28
CA ASP H 164 -45.90 -63.38 -4.02
C ASP H 164 -45.52 -63.57 -2.55
N ALA H 165 -44.25 -63.83 -2.31
CA ALA H 165 -43.65 -63.75 -0.96
C ALA H 165 -43.57 -62.30 -0.47
N HIS H 166 -43.55 -61.32 -1.39
CA HIS H 166 -43.29 -59.92 -1.05
C HIS H 166 -44.46 -59.07 -1.51
N PRO H 167 -44.80 -57.99 -0.82
CA PRO H 167 -45.92 -57.15 -1.27
C PRO H 167 -45.61 -56.18 -2.42
N ASP H 168 -44.33 -55.86 -2.65
CA ASP H 168 -43.87 -55.01 -3.79
C ASP H 168 -44.65 -53.67 -3.80
N ILE H 169 -44.79 -53.08 -2.63
CA ILE H 169 -45.65 -51.89 -2.47
C ILE H 169 -44.87 -50.72 -1.84
N TYR H 170 -43.55 -50.82 -1.87
CA TYR H 170 -42.65 -49.75 -1.45
C TYR H 170 -42.92 -48.54 -2.36
N ASP H 171 -43.02 -47.35 -1.78
CA ASP H 171 -43.19 -46.10 -2.54
C ASP H 171 -42.12 -46.00 -3.64
N CYS H 172 -40.85 -46.16 -3.28
CA CYS H 172 -39.70 -45.89 -4.18
C CYS H 172 -38.47 -46.63 -3.68
N PHE H 173 -38.45 -47.95 -3.89
CA PHE H 173 -37.34 -48.83 -3.43
C PHE H 173 -36.04 -48.40 -4.10
N GLU H 174 -35.08 -48.01 -3.27
CA GLU H 174 -33.72 -47.59 -3.64
C GLU H 174 -33.75 -46.48 -4.69
N GLY H 175 -34.76 -45.62 -4.71
CA GLY H 175 -34.74 -44.46 -5.61
C GLY H 175 -35.37 -44.78 -6.97
N ASN H 176 -35.76 -46.04 -7.21
CA ASN H 176 -36.29 -46.44 -8.53
C ASN H 176 -37.81 -46.57 -8.45
N LYS H 177 -38.57 -45.66 -9.05
CA LYS H 177 -40.07 -45.71 -9.04
C LYS H 177 -40.52 -46.94 -9.82
N TYR H 178 -39.68 -47.43 -10.74
CA TYR H 178 -39.95 -48.64 -11.56
C TYR H 178 -39.38 -49.90 -10.89
N SER H 179 -38.92 -49.85 -9.64
CA SER H 179 -38.36 -51.03 -8.93
C SER H 179 -39.37 -52.18 -8.98
N HIS H 180 -38.88 -53.43 -9.05
CA HIS H 180 -39.71 -54.67 -8.93
C HIS H 180 -40.35 -54.68 -7.55
N ALA H 181 -39.82 -53.98 -6.53
CA ALA H 181 -40.45 -53.91 -5.19
C ALA H 181 -41.42 -52.72 -5.03
N SER H 182 -41.79 -52.04 -6.10
CA SER H 182 -42.71 -50.89 -6.08
C SER H 182 -43.86 -51.04 -7.06
N SER H 183 -43.91 -52.10 -7.85
CA SER H 183 -44.84 -52.11 -9.01
C SER H 183 -46.32 -52.06 -8.53
N PHE H 184 -46.63 -52.60 -7.36
CA PHE H 184 -48.02 -52.57 -6.85
C PHE H 184 -48.35 -51.19 -6.27
N ALA H 185 -47.39 -50.41 -5.79
CA ALA H 185 -47.65 -49.01 -5.43
C ALA H 185 -48.05 -48.22 -6.71
N ARG H 186 -47.34 -48.39 -7.83
CA ARG H 186 -47.67 -47.72 -9.12
C ARG H 186 -49.06 -48.15 -9.57
N ILE H 187 -49.37 -49.42 -9.43
CA ILE H 187 -50.70 -49.95 -9.85
C ILE H 187 -51.83 -49.29 -9.01
N MET H 188 -51.70 -49.26 -7.68
CA MET H 188 -52.77 -48.74 -6.81
C MET H 188 -52.90 -47.23 -6.98
N GLU H 189 -51.79 -46.49 -7.17
CA GLU H 189 -51.81 -45.01 -7.34
C GLU H 189 -52.56 -44.64 -8.63
N GLY H 190 -52.49 -45.46 -9.68
CA GLY H 190 -53.15 -45.23 -11.00
C GLY H 190 -54.65 -45.50 -11.02
N GLY H 191 -55.21 -46.12 -9.99
CA GLY H 191 -56.64 -46.51 -9.96
C GLY H 191 -56.96 -47.72 -10.83
N TYR H 192 -55.99 -48.58 -11.17
CA TYR H 192 -56.19 -49.68 -12.18
C TYR H 192 -56.86 -50.87 -11.50
N ALA H 193 -56.82 -50.91 -10.18
CA ALA H 193 -57.31 -52.05 -9.39
C ALA H 193 -58.41 -51.59 -8.42
N ARG H 194 -59.47 -52.38 -8.35
CA ARG H 194 -60.47 -52.19 -7.26
C ARG H 194 -59.91 -52.88 -6.04
N ARG H 195 -59.83 -54.20 -6.03
CA ARG H 195 -59.24 -55.00 -4.92
C ARG H 195 -57.89 -55.53 -5.34
N LEU H 196 -56.97 -55.63 -4.41
CA LEU H 196 -55.65 -56.27 -4.60
C LEU H 196 -55.58 -57.25 -3.46
N LEU H 197 -55.57 -58.54 -3.79
CA LEU H 197 -55.35 -59.62 -2.81
C LEU H 197 -53.93 -60.12 -3.03
N GLN H 198 -53.15 -60.06 -1.96
CA GLN H 198 -51.76 -60.41 -1.93
C GLN H 198 -51.71 -61.67 -1.08
N VAL H 199 -51.25 -62.76 -1.69
CA VAL H 199 -51.31 -64.14 -1.14
C VAL H 199 -49.89 -64.76 -1.22
N GLY H 200 -49.48 -65.41 -0.13
CA GLY H 200 -48.17 -66.04 0.03
C GLY H 200 -47.17 -65.12 0.72
N ILE H 201 -47.59 -63.95 1.18
CA ILE H 201 -46.67 -62.94 1.77
C ILE H 201 -45.99 -63.54 3.00
N ARG H 202 -44.67 -63.40 3.11
CA ARG H 202 -43.91 -63.88 4.29
C ARG H 202 -42.66 -63.06 4.50
N SER H 203 -42.45 -62.05 3.65
CA SER H 203 -41.32 -61.09 3.77
C SER H 203 -41.91 -59.69 3.57
N ILE H 204 -42.17 -59.01 4.69
CA ILE H 204 -42.87 -57.71 4.72
C ILE H 204 -42.45 -56.93 5.97
N ASN H 205 -42.26 -55.62 5.83
CA ASN H 205 -41.79 -54.73 6.91
C ASN H 205 -42.90 -53.73 7.20
N GLN H 206 -42.68 -52.80 8.13
CA GLN H 206 -43.76 -51.86 8.55
C GLN H 206 -44.20 -51.03 7.34
N GLU H 207 -43.27 -50.63 6.45
CA GLU H 207 -43.60 -49.80 5.26
C GLU H 207 -44.51 -50.66 4.34
N GLY H 208 -44.26 -51.96 4.22
CA GLY H 208 -45.14 -52.85 3.46
C GLY H 208 -46.59 -52.77 4.01
N ARG H 209 -46.74 -52.86 5.32
CA ARG H 209 -48.03 -52.91 6.02
C ARG H 209 -48.72 -51.56 5.91
N GLU H 210 -47.98 -50.45 6.12
CA GLU H 210 -48.49 -49.07 6.03
C GLU H 210 -48.98 -48.76 4.60
N GLN H 211 -48.22 -49.09 3.58
CA GLN H 211 -48.66 -48.93 2.18
C GLN H 211 -49.93 -49.78 1.96
N GLY H 212 -50.03 -50.96 2.57
CA GLY H 212 -51.22 -51.83 2.48
C GLY H 212 -52.45 -51.09 2.98
N LYS H 213 -52.34 -50.37 4.10
CA LYS H 213 -53.50 -49.70 4.67
C LYS H 213 -53.85 -48.50 3.80
N ARG H 214 -52.82 -47.78 3.35
CA ARG H 214 -52.99 -46.56 2.55
C ARG H 214 -53.77 -46.91 1.27
N PHE H 215 -53.55 -48.07 0.66
CA PHE H 215 -54.27 -48.39 -0.60
C PHE H 215 -55.46 -49.37 -0.41
N GLY H 216 -55.85 -49.76 0.81
CA GLY H 216 -56.90 -50.77 1.06
C GLY H 216 -56.54 -52.15 0.55
N VAL H 217 -55.25 -52.48 0.50
CA VAL H 217 -54.78 -53.84 0.05
C VAL H 217 -55.18 -54.94 1.04
N GLU H 218 -55.61 -56.08 0.54
CA GLU H 218 -55.85 -57.26 1.40
C GLU H 218 -54.61 -58.13 1.35
N GLN H 219 -53.87 -58.18 2.46
CA GLN H 219 -52.58 -58.90 2.52
C GLN H 219 -52.78 -60.18 3.33
N TYR H 220 -52.70 -61.33 2.70
CA TYR H 220 -52.73 -62.66 3.35
C TYR H 220 -51.30 -63.14 3.53
N GLU H 221 -50.89 -63.31 4.78
CA GLU H 221 -49.53 -63.71 5.21
C GLU H 221 -49.48 -65.22 5.47
N MET H 222 -48.33 -65.86 5.21
CA MET H 222 -48.25 -67.33 5.34
C MET H 222 -48.46 -67.72 6.80
N ARG H 223 -48.17 -66.83 7.74
CA ARG H 223 -48.32 -67.15 9.17
C ARG H 223 -49.79 -67.38 9.59
N THR H 224 -50.76 -66.99 8.76
CA THR H 224 -52.21 -67.25 9.02
C THR H 224 -52.78 -68.12 7.89
N PHE H 225 -51.94 -68.73 7.08
CA PHE H 225 -52.38 -69.62 5.97
C PHE H 225 -53.20 -70.84 6.48
N SER H 226 -52.90 -71.44 7.62
CA SER H 226 -53.77 -72.50 8.21
C SER H 226 -55.24 -72.05 8.28
N LYS H 227 -55.51 -70.91 8.91
CA LYS H 227 -56.88 -70.36 9.01
C LYS H 227 -57.37 -69.94 7.61
N ASP H 228 -56.51 -69.38 6.76
CA ASP H 228 -57.02 -68.66 5.56
C ASP H 228 -57.27 -69.61 4.38
N ARG H 229 -56.71 -70.83 4.39
CA ARG H 229 -56.70 -71.72 3.20
C ARG H 229 -58.12 -71.93 2.65
N PRO H 230 -59.15 -72.25 3.46
CA PRO H 230 -60.49 -72.48 2.89
C PRO H 230 -61.04 -71.27 2.10
N MET H 231 -60.76 -70.08 2.59
CA MET H 231 -61.22 -68.87 1.91
C MET H 231 -60.40 -68.70 0.60
N LEU H 232 -59.10 -68.90 0.66
CA LEU H 232 -58.22 -68.69 -0.51
C LEU H 232 -58.41 -69.77 -1.59
N GLU H 233 -59.04 -70.91 -1.25
CA GLU H 233 -59.29 -71.99 -2.22
C GLU H 233 -60.74 -71.92 -2.67
N ASN H 234 -61.44 -70.82 -2.34
CA ASN H 234 -62.84 -70.56 -2.80
C ASN H 234 -62.99 -69.07 -3.14
N LEU H 235 -62.01 -68.50 -3.83
CA LEU H 235 -62.03 -67.06 -4.16
C LEU H 235 -63.04 -66.78 -5.27
N LYS H 236 -63.69 -65.61 -5.19
CA LYS H 236 -64.60 -65.02 -6.22
C LYS H 236 -64.14 -63.59 -6.43
N LEU H 237 -63.68 -63.24 -7.64
CA LEU H 237 -63.09 -61.91 -7.92
C LEU H 237 -63.72 -61.37 -9.19
N GLY H 238 -63.70 -60.05 -9.29
CA GLY H 238 -64.07 -59.35 -10.52
C GLY H 238 -65.54 -59.08 -10.71
N GLU H 239 -66.43 -59.48 -9.81
CA GLU H 239 -67.86 -59.17 -10.01
C GLU H 239 -68.08 -57.65 -10.05
N GLY H 240 -68.70 -57.15 -11.12
CA GLY H 240 -69.07 -55.74 -11.34
C GLY H 240 -68.02 -54.95 -12.08
N VAL H 241 -66.81 -55.48 -12.29
CA VAL H 241 -65.72 -54.71 -12.94
C VAL H 241 -65.32 -55.46 -14.22
N LYS H 242 -64.27 -55.01 -14.91
CA LYS H 242 -63.96 -55.41 -16.31
C LYS H 242 -63.37 -56.82 -16.31
N GLY H 243 -62.76 -57.19 -15.19
CA GLY H 243 -62.40 -58.60 -14.92
C GLY H 243 -61.34 -58.74 -13.87
N VAL H 244 -60.52 -59.77 -13.99
CA VAL H 244 -59.52 -60.12 -12.96
C VAL H 244 -58.17 -60.31 -13.65
N TYR H 245 -57.12 -59.77 -13.04
CA TYR H 245 -55.72 -59.91 -13.48
C TYR H 245 -55.01 -60.70 -12.40
N ILE H 246 -54.26 -61.72 -12.79
CA ILE H 246 -53.50 -62.61 -11.88
C ILE H 246 -52.02 -62.39 -12.16
N SER H 247 -51.27 -61.90 -11.16
CA SER H 247 -49.81 -61.74 -11.21
C SER H 247 -49.19 -62.82 -10.34
N ILE H 248 -48.39 -63.70 -10.92
CA ILE H 248 -47.69 -64.72 -10.13
C ILE H 248 -46.19 -64.47 -10.13
N ASP H 249 -45.65 -64.10 -8.97
CA ASP H 249 -44.20 -64.19 -8.69
C ASP H 249 -43.90 -65.64 -8.32
N VAL H 250 -42.99 -66.28 -9.03
CA VAL H 250 -42.66 -67.71 -8.78
C VAL H 250 -42.23 -67.89 -7.32
N ASP H 251 -41.78 -66.84 -6.62
CA ASP H 251 -41.35 -66.96 -5.20
C ASP H 251 -42.54 -66.97 -4.23
N CYS H 252 -43.77 -66.98 -4.72
CA CYS H 252 -44.93 -67.33 -3.85
C CYS H 252 -44.71 -68.76 -3.35
N LEU H 253 -44.09 -69.58 -4.20
CA LEU H 253 -43.79 -71.00 -3.94
C LEU H 253 -42.67 -71.11 -2.94
N ASP H 254 -42.78 -72.01 -2.01
CA ASP H 254 -41.61 -72.34 -1.19
C ASP H 254 -40.42 -72.64 -2.10
N PRO H 255 -39.20 -72.24 -1.70
CA PRO H 255 -38.01 -72.52 -2.49
C PRO H 255 -37.74 -74.02 -2.73
N ALA H 256 -38.28 -74.92 -1.90
CA ALA H 256 -38.21 -76.36 -2.16
C ALA H 256 -38.76 -76.64 -3.57
N PHE H 257 -39.82 -75.94 -3.98
CA PHE H 257 -40.53 -76.13 -5.26
C PHE H 257 -39.91 -75.24 -6.32
N ALA H 258 -39.44 -74.05 -5.95
CA ALA H 258 -39.04 -72.98 -6.89
C ALA H 258 -37.76 -72.34 -6.39
N PRO H 259 -36.61 -73.06 -6.51
CA PRO H 259 -35.33 -72.48 -6.12
C PRO H 259 -34.85 -71.44 -7.13
N GLY H 260 -35.39 -71.44 -8.35
CA GLY H 260 -34.85 -70.54 -9.40
C GLY H 260 -35.48 -69.17 -9.33
N VAL H 261 -35.23 -68.49 -8.22
CA VAL H 261 -35.67 -67.11 -7.95
C VAL H 261 -34.50 -66.33 -7.37
N SER H 262 -34.63 -65.02 -7.43
CA SER H 262 -33.62 -64.09 -6.92
C SER H 262 -33.75 -64.02 -5.39
N HIS H 263 -34.91 -64.30 -4.84
CA HIS H 263 -35.17 -64.08 -3.42
C HIS H 263 -35.68 -65.35 -2.76
N ILE H 264 -34.79 -66.08 -2.10
CA ILE H 264 -35.10 -67.36 -1.40
C ILE H 264 -35.78 -67.00 -0.09
N GLU H 265 -36.98 -67.49 0.10
CA GLU H 265 -37.76 -67.05 1.28
C GLU H 265 -38.53 -68.26 1.81
N PRO H 266 -37.91 -69.04 2.72
CA PRO H 266 -38.54 -70.27 3.18
C PRO H 266 -39.94 -70.09 3.77
N GLY H 267 -40.78 -71.12 3.67
CA GLY H 267 -42.12 -71.15 4.29
C GLY H 267 -43.19 -70.67 3.33
N GLY H 268 -43.10 -71.07 2.08
CA GLY H 268 -44.06 -70.68 1.03
C GLY H 268 -45.14 -71.71 0.73
N LEU H 269 -45.84 -71.47 -0.35
CA LEU H 269 -46.93 -72.33 -0.87
C LEU H 269 -46.35 -73.56 -1.60
N SER H 270 -47.02 -74.69 -1.55
CA SER H 270 -46.69 -75.79 -2.48
C SER H 270 -47.23 -75.46 -3.87
N PHE H 271 -46.75 -76.19 -4.87
CA PHE H 271 -47.23 -76.00 -6.24
C PHE H 271 -48.73 -76.37 -6.23
N ARG H 272 -49.11 -77.48 -5.60
CA ARG H 272 -50.51 -77.91 -5.48
C ARG H 272 -51.33 -76.81 -4.75
N ASP H 273 -50.78 -76.10 -3.77
CA ASP H 273 -51.53 -75.04 -3.07
C ASP H 273 -51.89 -74.00 -4.12
N VAL H 274 -50.95 -73.59 -4.95
CA VAL H 274 -51.19 -72.53 -5.96
C VAL H 274 -52.23 -73.04 -6.95
N LEU H 275 -52.17 -74.31 -7.35
CA LEU H 275 -53.19 -74.74 -8.34
C LEU H 275 -54.56 -74.83 -7.66
N ASN H 276 -54.64 -75.26 -6.39
CA ASN H 276 -55.92 -75.29 -5.67
C ASN H 276 -56.55 -73.87 -5.69
N ILE H 277 -55.75 -72.85 -5.44
CA ILE H 277 -56.24 -71.45 -5.51
C ILE H 277 -56.66 -71.15 -6.95
N LEU H 278 -55.80 -71.41 -7.92
CA LEU H 278 -56.11 -70.98 -9.31
C LEU H 278 -57.30 -71.75 -9.84
N HIS H 279 -57.38 -73.06 -9.60
CA HIS H 279 -58.43 -73.91 -10.20
C HIS H 279 -59.78 -73.50 -9.59
N ASN H 280 -59.81 -73.08 -8.33
CA ASN H 280 -61.09 -72.88 -7.59
C ASN H 280 -61.55 -71.42 -7.75
N LEU H 281 -60.66 -70.53 -8.18
CA LEU H 281 -60.98 -69.11 -8.32
C LEU H 281 -62.11 -68.95 -9.34
N GLN H 282 -63.19 -68.27 -8.97
CA GLN H 282 -64.20 -67.79 -9.94
C GLN H 282 -63.82 -66.37 -10.35
N ALA H 283 -63.58 -66.19 -11.64
CA ALA H 283 -63.05 -64.95 -12.22
C ALA H 283 -63.20 -65.01 -13.73
N ASP H 284 -63.53 -63.87 -14.33
CA ASP H 284 -63.27 -63.60 -15.76
C ASP H 284 -61.86 -63.02 -15.86
N VAL H 285 -60.90 -63.87 -16.14
CA VAL H 285 -59.47 -63.48 -16.11
C VAL H 285 -59.24 -62.75 -17.43
N VAL H 286 -58.88 -61.49 -17.36
CA VAL H 286 -58.63 -60.65 -18.57
C VAL H 286 -57.15 -60.63 -18.90
N GLY H 287 -56.30 -61.06 -17.98
CA GLY H 287 -54.85 -61.00 -18.20
C GLY H 287 -54.14 -61.63 -17.06
N ALA H 288 -52.88 -61.99 -17.24
CA ALA H 288 -52.06 -62.54 -16.15
C ALA H 288 -50.60 -62.37 -16.51
N ASP H 289 -49.75 -62.61 -15.52
CA ASP H 289 -48.30 -62.66 -15.73
C ASP H 289 -47.68 -63.71 -14.81
N VAL H 290 -46.57 -64.29 -15.28
CA VAL H 290 -45.66 -65.13 -14.46
C VAL H 290 -44.26 -64.49 -14.54
N VAL H 291 -43.79 -64.01 -13.39
CA VAL H 291 -42.57 -63.16 -13.28
C VAL H 291 -41.60 -63.79 -12.29
N GLU H 292 -40.33 -63.35 -12.38
CA GLU H 292 -39.29 -63.52 -11.33
C GLU H 292 -38.76 -64.95 -11.34
N PHE H 293 -39.06 -65.75 -12.37
CA PHE H 293 -38.26 -66.96 -12.64
C PHE H 293 -36.86 -66.48 -13.04
N ASN H 294 -35.82 -66.93 -12.31
CA ASN H 294 -34.40 -66.57 -12.52
C ASN H 294 -33.68 -67.83 -12.99
N PRO H 295 -33.58 -68.11 -14.32
CA PRO H 295 -32.91 -69.31 -14.80
C PRO H 295 -31.50 -69.51 -14.22
N GLN H 296 -30.83 -68.43 -13.86
CA GLN H 296 -29.43 -68.55 -13.38
C GLN H 296 -29.42 -69.07 -11.94
N ARG H 297 -30.56 -69.07 -11.24
CA ARG H 297 -30.65 -69.62 -9.87
C ARG H 297 -31.35 -70.98 -9.91
N ASP H 298 -31.70 -71.47 -11.11
CA ASP H 298 -32.45 -72.73 -11.27
C ASP H 298 -31.47 -73.91 -11.05
N THR H 299 -32.00 -75.09 -10.81
CA THR H 299 -31.27 -76.36 -10.87
C THR H 299 -30.72 -76.63 -12.28
N VAL H 300 -29.74 -77.52 -12.35
CA VAL H 300 -29.04 -77.89 -13.62
C VAL H 300 -30.10 -78.50 -14.53
N ASP H 301 -31.17 -79.11 -14.01
CA ASP H 301 -32.16 -79.74 -14.93
C ASP H 301 -33.36 -78.81 -15.24
N GLY H 302 -33.39 -77.57 -14.74
CA GLY H 302 -34.43 -76.60 -15.15
C GLY H 302 -35.75 -76.86 -14.41
N MET H 303 -35.74 -77.32 -13.16
CA MET H 303 -36.99 -77.65 -12.42
C MET H 303 -37.89 -76.39 -12.32
N THR H 304 -37.34 -75.23 -12.05
CA THR H 304 -38.17 -74.03 -11.93
C THR H 304 -38.67 -73.58 -13.29
N ALA H 305 -37.93 -73.84 -14.38
CA ALA H 305 -38.44 -73.61 -15.75
C ALA H 305 -39.75 -74.44 -15.90
N MET H 306 -39.80 -75.69 -15.40
CA MET H 306 -41.02 -76.53 -15.55
C MET H 306 -42.13 -75.97 -14.64
N VAL H 307 -41.78 -75.45 -13.48
CA VAL H 307 -42.72 -74.77 -12.55
C VAL H 307 -43.37 -73.57 -13.25
N ALA H 308 -42.60 -72.71 -13.89
CA ALA H 308 -43.09 -71.48 -14.53
C ALA H 308 -43.93 -71.88 -15.75
N ALA H 309 -43.46 -72.85 -16.54
CA ALA H 309 -44.21 -73.33 -17.72
C ALA H 309 -45.61 -73.84 -17.27
N LYS H 310 -45.66 -74.64 -16.19
CA LYS H 310 -46.91 -75.26 -15.72
C LYS H 310 -47.85 -74.18 -15.14
N LEU H 311 -47.33 -73.16 -14.50
CA LEU H 311 -48.18 -72.01 -14.10
C LEU H 311 -48.77 -71.35 -15.36
N VAL H 312 -47.91 -71.08 -16.33
CA VAL H 312 -48.32 -70.50 -17.62
C VAL H 312 -49.38 -71.43 -18.22
N ARG H 313 -49.16 -72.74 -18.24
CA ARG H 313 -50.12 -73.68 -18.88
C ARG H 313 -51.48 -73.67 -18.17
N GLU H 314 -51.51 -73.61 -16.84
CA GLU H 314 -52.76 -73.66 -16.05
C GLU H 314 -53.47 -72.29 -16.17
N LEU H 315 -52.68 -71.22 -16.24
CA LEU H 315 -53.26 -69.88 -16.49
C LEU H 315 -53.91 -69.82 -17.86
N ALA H 316 -53.31 -70.43 -18.89
CA ALA H 316 -53.86 -70.37 -20.25
C ALA H 316 -55.21 -71.09 -20.30
N ALA H 317 -55.34 -72.20 -19.58
CA ALA H 317 -56.58 -73.02 -19.56
C ALA H 317 -57.69 -72.23 -18.90
N LYS H 318 -57.31 -71.39 -17.94
CA LYS H 318 -58.24 -70.55 -17.18
C LYS H 318 -58.69 -69.37 -18.03
N ILE H 319 -57.75 -68.70 -18.72
CA ILE H 319 -58.05 -67.49 -19.52
C ILE H 319 -58.83 -67.88 -20.78
N SER H 320 -58.40 -68.94 -21.43
CA SER H 320 -58.96 -69.31 -22.76
C SER H 320 -60.36 -69.89 -22.54
N LYS H 321 -61.31 -69.57 -23.38
CA LYS H 321 -62.66 -70.18 -23.28
C LYS H 321 -63.39 -69.91 -24.60
N SER I 6 2.04 -79.97 31.41
CA SER I 6 3.33 -79.29 31.76
C SER I 6 3.29 -77.84 31.25
N SER I 7 4.26 -77.41 30.41
CA SER I 7 4.13 -76.25 29.48
C SER I 7 2.98 -76.43 28.48
N ILE I 8 2.58 -77.66 28.16
CA ILE I 8 1.40 -77.92 27.27
C ILE I 8 0.10 -77.55 28.00
N GLU I 9 -0.02 -77.96 29.27
CA GLU I 9 -1.20 -77.75 30.15
C GLU I 9 -1.34 -76.25 30.42
N LYS I 10 -0.28 -75.55 30.75
CA LYS I 10 -0.36 -74.07 30.92
C LYS I 10 -0.85 -73.46 29.58
N GLY I 11 -0.23 -73.92 28.48
CA GLY I 11 -0.54 -73.45 27.12
C GLY I 11 -2.00 -73.65 26.84
N GLN I 12 -2.49 -74.87 27.07
CA GLN I 12 -3.92 -75.26 26.92
C GLN I 12 -4.82 -74.29 27.72
N ASN I 13 -4.50 -74.07 28.99
CA ASN I 13 -5.24 -73.13 29.88
C ASN I 13 -5.29 -71.71 29.27
N ARG I 14 -4.15 -71.18 28.78
CA ARG I 14 -4.12 -69.79 28.31
C ARG I 14 -4.88 -69.71 27.00
N VAL I 15 -4.84 -70.81 26.23
CA VAL I 15 -5.63 -70.90 24.96
C VAL I 15 -7.12 -70.88 25.34
N ILE I 16 -7.55 -71.72 26.29
CA ILE I 16 -8.98 -71.76 26.74
C ILE I 16 -9.38 -70.38 27.32
N ASP I 17 -8.58 -69.78 28.21
CA ASP I 17 -8.98 -68.50 28.86
C ASP I 17 -9.01 -67.37 27.82
N ALA I 18 -8.10 -67.34 26.85
CA ALA I 18 -8.13 -66.33 25.76
C ALA I 18 -9.37 -66.53 24.88
N SER I 19 -9.78 -67.79 24.72
CA SER I 19 -11.01 -68.11 23.95
C SER I 19 -12.23 -67.60 24.73
N LEU I 20 -12.26 -67.74 26.06
CA LEU I 20 -13.40 -67.27 26.88
C LEU I 20 -13.44 -65.74 26.91
N THR I 21 -12.27 -65.11 27.12
CA THR I 21 -12.10 -63.62 27.02
C THR I 21 -12.78 -63.09 25.74
N LEU I 22 -12.52 -63.67 24.58
CA LEU I 22 -13.11 -63.18 23.32
C LEU I 22 -14.64 -63.15 23.42
N ILE I 23 -15.20 -64.19 24.05
CA ILE I 23 -16.66 -64.32 24.20
C ILE I 23 -17.09 -63.33 25.29
N ARG I 24 -16.35 -63.27 26.40
CA ARG I 24 -16.79 -62.52 27.59
C ARG I 24 -16.83 -61.03 27.24
N GLU I 25 -15.74 -60.54 26.63
CA GLU I 25 -15.57 -59.14 26.16
C GLU I 25 -16.56 -58.80 25.05
N ARG I 26 -16.86 -59.67 24.10
CA ARG I 26 -17.82 -59.27 23.05
C ARG I 26 -19.20 -59.21 23.67
N ALA I 27 -19.49 -60.12 24.59
CA ALA I 27 -20.77 -60.17 25.32
C ALA I 27 -20.99 -58.88 26.11
N LYS I 28 -19.93 -58.36 26.69
CA LYS I 28 -19.99 -57.11 27.48
C LYS I 28 -20.41 -55.98 26.55
N LEU I 29 -19.88 -55.88 25.34
CA LEU I 29 -20.27 -54.76 24.44
C LEU I 29 -21.71 -54.95 23.93
N LYS I 30 -22.15 -56.18 23.67
CA LYS I 30 -23.55 -56.47 23.28
C LYS I 30 -24.49 -56.13 24.46
N GLY I 31 -24.20 -56.60 25.67
CA GLY I 31 -24.94 -56.27 26.90
C GLY I 31 -25.11 -54.76 27.10
N GLU I 32 -24.02 -54.02 27.05
CA GLU I 32 -24.05 -52.55 27.23
C GLU I 32 -24.88 -51.91 26.13
N LEU I 33 -24.88 -52.48 24.92
CA LEU I 33 -25.61 -51.87 23.80
C LEU I 33 -27.10 -52.00 24.07
N VAL I 34 -27.48 -53.20 24.52
CA VAL I 34 -28.89 -53.55 24.81
C VAL I 34 -29.34 -52.67 25.99
N ARG I 35 -28.52 -52.53 27.04
CA ARG I 35 -28.93 -51.78 28.26
C ARG I 35 -29.06 -50.28 27.94
N LEU I 36 -28.12 -49.71 27.21
CA LEU I 36 -28.16 -48.30 26.71
C LEU I 36 -29.51 -48.04 26.03
N LEU I 37 -29.92 -48.87 25.06
CA LEU I 37 -31.17 -48.63 24.29
C LEU I 37 -32.37 -48.72 25.24
N GLY I 38 -32.38 -49.65 26.21
CA GLY I 38 -33.39 -49.71 27.30
C GLY I 38 -34.67 -50.46 26.89
N GLY I 39 -35.39 -51.01 27.89
CA GLY I 39 -36.76 -51.53 27.73
C GLY I 39 -36.85 -53.03 27.46
N ALA I 40 -35.78 -53.73 27.08
CA ALA I 40 -35.85 -55.19 26.78
C ALA I 40 -35.89 -55.99 28.09
N LYS I 41 -36.83 -56.91 28.20
CA LYS I 41 -36.84 -57.96 29.26
C LYS I 41 -35.98 -59.15 28.79
N ALA I 42 -35.78 -59.33 27.50
CA ALA I 42 -34.98 -60.48 26.99
C ALA I 42 -34.41 -60.11 25.63
N SER I 43 -33.16 -60.49 25.39
CA SER I 43 -32.45 -60.18 24.13
C SER I 43 -31.65 -61.39 23.68
N THR I 44 -32.09 -61.96 22.57
CA THR I 44 -31.40 -63.07 21.88
C THR I 44 -30.01 -62.61 21.49
N SER I 45 -29.01 -63.38 21.91
CA SER I 45 -27.63 -63.21 21.44
C SER I 45 -27.14 -64.52 20.85
N LEU I 46 -26.65 -64.49 19.61
CA LEU I 46 -26.15 -65.71 18.93
C LEU I 46 -24.79 -66.08 19.50
N LEU I 47 -24.59 -67.37 19.72
CA LEU I 47 -23.29 -67.96 20.10
C LEU I 47 -23.06 -69.13 19.16
N GLY I 48 -21.97 -69.09 18.45
CA GLY I 48 -21.68 -70.18 17.51
C GLY I 48 -20.80 -71.20 18.18
N VAL I 49 -20.97 -72.46 17.81
CA VAL I 49 -20.13 -73.60 18.26
C VAL I 49 -19.86 -74.48 17.04
N PRO I 50 -18.84 -74.08 16.29
CA PRO I 50 -18.44 -74.76 15.06
C PRO I 50 -17.68 -76.06 15.32
N LEU I 51 -18.43 -77.06 15.75
CA LEU I 51 -17.98 -78.41 16.20
C LEU I 51 -18.69 -79.47 15.32
N GLY I 52 -17.94 -80.33 14.66
CA GLY I 52 -18.53 -81.39 13.85
C GLY I 52 -17.94 -82.75 14.17
N HIS I 53 -16.98 -82.84 15.11
CA HIS I 53 -16.22 -84.10 15.26
C HIS I 53 -17.01 -85.12 16.07
N ASN I 54 -18.23 -84.82 16.51
CA ASN I 54 -19.09 -85.80 17.22
C ASN I 54 -20.08 -86.45 16.23
N SER I 55 -20.02 -86.11 14.94
CA SER I 55 -20.96 -86.58 13.88
C SER I 55 -20.62 -88.04 13.59
N SER I 56 -21.61 -88.87 13.27
CA SER I 56 -21.42 -90.29 12.87
C SER I 56 -21.16 -90.41 11.37
N PHE I 57 -21.41 -89.40 10.55
CA PHE I 57 -21.42 -89.62 9.07
C PHE I 57 -20.56 -88.56 8.37
N LEU I 58 -20.87 -87.28 8.58
CA LEU I 58 -20.12 -86.12 8.03
C LEU I 58 -20.01 -85.03 9.10
N GLN I 59 -18.91 -84.28 9.02
CA GLN I 59 -18.52 -83.24 10.01
C GLN I 59 -18.78 -81.84 9.48
N GLY I 60 -19.44 -81.73 8.33
CA GLY I 60 -19.81 -80.46 7.70
C GLY I 60 -20.41 -79.38 8.60
N PRO I 61 -21.25 -79.67 9.61
CA PRO I 61 -21.81 -78.63 10.49
C PRO I 61 -20.76 -77.83 11.24
N ALA I 62 -19.54 -78.30 11.34
CA ALA I 62 -18.41 -77.48 11.85
C ALA I 62 -18.34 -76.14 11.13
N PHE I 63 -18.77 -76.06 9.86
CA PHE I 63 -18.66 -74.85 9.01
C PHE I 63 -19.97 -74.05 9.00
N ALA I 64 -21.00 -74.49 9.72
CA ALA I 64 -22.34 -73.84 9.61
C ALA I 64 -22.38 -72.42 10.16
N PRO I 65 -21.86 -72.08 11.36
CA PRO I 65 -22.23 -70.78 11.95
C PRO I 65 -21.90 -69.60 11.08
N PRO I 66 -20.71 -69.49 10.46
CA PRO I 66 -20.46 -68.33 9.59
C PRO I 66 -21.42 -68.27 8.38
N ARG I 67 -21.89 -69.41 7.88
CA ARG I 67 -22.76 -69.43 6.69
C ARG I 67 -24.15 -68.96 7.12
N ILE I 68 -24.58 -69.34 8.32
CA ILE I 68 -25.89 -68.94 8.87
C ILE I 68 -25.93 -67.40 9.00
N ARG I 69 -24.89 -66.77 9.54
CA ARG I 69 -24.80 -65.29 9.69
C ARG I 69 -24.86 -64.61 8.32
N GLU I 70 -24.13 -65.12 7.34
CA GLU I 70 -24.20 -64.56 5.98
C GLU I 70 -25.65 -64.54 5.50
N ALA I 71 -26.39 -65.62 5.70
CA ALA I 71 -27.77 -65.77 5.17
C ALA I 71 -28.72 -64.82 5.94
N ILE I 72 -28.50 -64.66 7.23
CA ILE I 72 -29.35 -63.77 8.07
C ILE I 72 -29.33 -62.36 7.49
N TRP I 73 -28.18 -61.89 7.01
CA TRP I 73 -27.96 -60.50 6.56
C TRP I 73 -27.89 -60.39 5.03
N CYS I 74 -28.31 -61.42 4.29
CA CYS I 74 -28.27 -61.44 2.80
C CYS I 74 -29.02 -60.21 2.26
N GLY I 75 -28.41 -59.47 1.34
CA GLY I 75 -29.03 -58.31 0.66
C GLY I 75 -30.37 -58.65 0.00
N SER I 76 -30.66 -59.94 -0.30
CA SER I 76 -31.92 -60.46 -0.91
C SER I 76 -33.10 -60.38 0.07
N THR I 77 -32.86 -60.40 1.38
CA THR I 77 -33.91 -60.47 2.43
C THR I 77 -34.09 -59.07 2.98
N ASN I 78 -35.11 -58.85 3.80
CA ASN I 78 -35.20 -57.63 4.62
C ASN I 78 -35.05 -58.01 6.09
N SER I 79 -34.92 -57.03 6.95
CA SER I 79 -34.49 -57.23 8.35
C SER I 79 -35.69 -57.48 9.25
N ALA I 80 -36.92 -57.54 8.74
CA ALA I 80 -38.11 -57.80 9.60
C ALA I 80 -38.36 -59.29 9.71
N THR I 81 -38.75 -59.78 10.88
CA THR I 81 -39.29 -61.16 11.04
C THR I 81 -40.76 -61.17 10.60
N GLU I 82 -41.30 -62.38 10.45
CA GLU I 82 -42.69 -62.62 10.00
C GLU I 82 -43.70 -61.85 10.87
N GLU I 83 -43.43 -61.74 12.17
CA GLU I 83 -44.35 -61.00 13.07
C GLU I 83 -43.94 -59.52 13.20
N GLY I 84 -42.93 -59.06 12.46
CA GLY I 84 -42.59 -57.63 12.40
C GLY I 84 -41.55 -57.13 13.41
N LYS I 85 -40.76 -57.99 14.05
CA LYS I 85 -39.60 -57.52 14.86
C LYS I 85 -38.44 -57.18 13.94
N GLU I 86 -37.69 -56.18 14.38
CA GLU I 86 -36.62 -55.51 13.63
C GLU I 86 -35.29 -56.10 14.07
N LEU I 87 -34.70 -56.93 13.21
CA LEU I 87 -33.44 -57.65 13.50
C LEU I 87 -32.24 -56.67 13.63
N LYS I 88 -32.31 -55.45 13.06
CA LYS I 88 -31.23 -54.43 13.19
C LYS I 88 -31.23 -53.85 14.62
N ASP I 89 -32.29 -54.06 15.38
CA ASP I 89 -32.43 -53.59 16.79
C ASP I 89 -31.67 -54.57 17.69
N PRO I 90 -30.59 -54.14 18.41
CA PRO I 90 -29.85 -55.02 19.32
C PRO I 90 -30.66 -55.74 20.42
N ARG I 91 -31.75 -55.12 20.83
CA ARG I 91 -32.73 -55.66 21.81
C ARG I 91 -33.45 -56.86 21.22
N VAL I 92 -33.53 -56.95 19.91
CA VAL I 92 -34.12 -58.13 19.22
C VAL I 92 -32.98 -59.14 18.97
N LEU I 93 -31.81 -58.72 18.44
CA LEU I 93 -30.69 -59.66 18.10
C LEU I 93 -29.31 -59.02 18.24
N THR I 94 -28.44 -59.69 19.02
CA THR I 94 -26.97 -59.48 19.01
C THR I 94 -26.30 -60.80 18.70
N ASP I 95 -24.98 -60.76 18.54
CA ASP I 95 -24.14 -61.88 18.07
C ASP I 95 -22.81 -61.77 18.81
N VAL I 96 -22.40 -62.77 19.61
CA VAL I 96 -21.10 -62.77 20.38
C VAL I 96 -20.07 -63.65 19.67
N GLY I 97 -20.38 -64.06 18.45
CA GLY I 97 -19.47 -64.79 17.56
C GLY I 97 -19.36 -66.25 17.93
N ASP I 98 -18.27 -66.86 17.53
CA ASP I 98 -18.06 -68.33 17.64
C ASP I 98 -17.04 -68.62 18.75
N VAL I 99 -17.34 -69.66 19.54
CA VAL I 99 -16.33 -70.42 20.34
C VAL I 99 -15.24 -70.93 19.41
N PRO I 100 -13.96 -70.57 19.64
CA PRO I 100 -12.82 -71.13 18.90
C PRO I 100 -12.60 -72.64 19.14
N VAL I 101 -13.52 -73.46 18.66
CA VAL I 101 -13.51 -74.94 18.90
C VAL I 101 -12.24 -75.54 18.28
N GLN I 102 -11.91 -75.21 17.05
CA GLN I 102 -10.85 -75.99 16.33
C GLN I 102 -9.49 -75.72 16.98
N GLU I 103 -9.30 -74.48 17.48
CA GLU I 103 -8.07 -74.02 18.19
C GLU I 103 -7.94 -74.79 19.52
N ILE I 104 -9.01 -74.86 20.31
CA ILE I 104 -9.03 -75.61 21.58
C ILE I 104 -8.75 -77.08 21.27
N ARG I 105 -9.38 -77.63 20.23
CA ARG I 105 -9.08 -79.04 19.86
C ARG I 105 -7.61 -79.16 19.53
N ASP I 106 -7.07 -78.25 18.75
CA ASP I 106 -5.68 -78.39 18.24
C ASP I 106 -4.64 -78.32 19.37
N CYS I 107 -4.83 -77.59 20.48
CA CYS I 107 -3.86 -77.62 21.62
C CYS I 107 -3.95 -78.94 22.43
N GLY I 108 -4.75 -79.92 21.99
CA GLY I 108 -4.79 -81.32 22.48
C GLY I 108 -5.79 -81.52 23.62
N VAL I 109 -6.64 -80.54 23.92
CA VAL I 109 -7.68 -80.60 25.00
C VAL I 109 -8.71 -81.72 24.70
N ASP I 110 -9.08 -82.47 25.75
CA ASP I 110 -10.04 -83.61 25.62
C ASP I 110 -11.47 -83.10 25.48
N ASP I 111 -12.37 -83.98 25.10
CA ASP I 111 -13.79 -83.66 24.86
C ASP I 111 -14.44 -83.19 26.16
N ASP I 112 -14.07 -83.75 27.31
CA ASP I 112 -14.60 -83.29 28.62
C ASP I 112 -14.37 -81.79 28.73
N ARG I 113 -13.13 -81.36 28.58
CA ARG I 113 -12.75 -79.94 28.75
C ARG I 113 -13.45 -79.08 27.70
N LEU I 114 -13.52 -79.54 26.45
CA LEU I 114 -14.11 -78.73 25.35
C LEU I 114 -15.58 -78.45 25.67
N MET I 115 -16.31 -79.47 26.11
CA MET I 115 -17.75 -79.32 26.41
C MET I 115 -17.91 -78.41 27.63
N ASN I 116 -16.99 -78.46 28.60
CA ASN I 116 -16.93 -77.50 29.74
C ASN I 116 -16.74 -76.07 29.20
N VAL I 117 -15.87 -75.88 28.22
CA VAL I 117 -15.66 -74.54 27.62
C VAL I 117 -16.94 -74.08 26.93
N ILE I 118 -17.59 -74.96 26.16
CA ILE I 118 -18.89 -74.63 25.53
C ILE I 118 -19.89 -74.22 26.64
N SER I 119 -20.02 -74.97 27.73
CA SER I 119 -20.98 -74.53 28.78
C SER I 119 -20.55 -73.16 29.31
N GLU I 120 -19.27 -73.00 29.68
CA GLU I 120 -18.77 -71.70 30.20
C GLU I 120 -19.13 -70.58 29.21
N SER I 121 -19.05 -70.80 27.91
CA SER I 121 -19.37 -69.75 26.93
C SER I 121 -20.83 -69.35 27.05
N VAL I 122 -21.70 -70.33 27.10
CA VAL I 122 -23.16 -70.11 27.24
C VAL I 122 -23.41 -69.29 28.52
N LYS I 123 -22.71 -69.59 29.59
CA LYS I 123 -22.92 -68.88 30.88
C LYS I 123 -22.49 -67.42 30.70
N LEU I 124 -21.40 -67.20 29.97
CA LEU I 124 -20.86 -65.83 29.75
C LEU I 124 -21.96 -64.98 29.14
N VAL I 125 -22.73 -65.56 28.21
CA VAL I 125 -23.86 -64.81 27.61
C VAL I 125 -25.00 -64.57 28.65
N MET I 126 -25.39 -65.60 29.42
CA MET I 126 -26.51 -65.47 30.39
C MET I 126 -26.18 -64.43 31.47
N GLU I 127 -24.87 -64.25 31.79
CA GLU I 127 -24.35 -63.33 32.83
C GLU I 127 -24.44 -61.84 32.39
N GLU I 128 -24.62 -61.56 31.09
CA GLU I 128 -24.89 -60.19 30.61
C GLU I 128 -26.40 -59.98 30.46
N GLU I 129 -27.06 -59.42 31.48
CA GLU I 129 -28.52 -59.18 31.45
C GLU I 129 -28.82 -58.16 30.38
N PRO I 130 -29.93 -58.29 29.63
CA PRO I 130 -30.79 -59.47 29.68
C PRO I 130 -30.59 -60.44 28.49
N LEU I 131 -29.34 -60.73 28.10
CA LEU I 131 -29.11 -61.57 26.90
C LEU I 131 -29.56 -62.99 27.23
N ARG I 132 -30.13 -63.67 26.25
CA ARG I 132 -30.43 -65.12 26.31
C ARG I 132 -29.78 -65.77 25.10
N PRO I 133 -29.16 -66.95 25.29
CA PRO I 133 -28.41 -67.60 24.22
C PRO I 133 -29.23 -68.30 23.15
N LEU I 134 -28.90 -68.05 21.88
CA LEU I 134 -29.34 -68.89 20.75
C LEU I 134 -28.07 -69.41 20.09
N VAL I 135 -27.86 -70.72 20.17
CA VAL I 135 -26.55 -71.32 19.83
C VAL I 135 -26.65 -71.83 18.40
N LEU I 136 -25.69 -71.45 17.56
CA LEU I 136 -25.55 -71.95 16.16
C LEU I 136 -24.54 -73.10 16.16
N GLY I 137 -25.05 -74.31 15.95
CA GLY I 137 -24.22 -75.51 15.70
C GLY I 137 -23.63 -75.50 14.29
N GLY I 138 -22.73 -76.43 14.02
CA GLY I 138 -22.30 -77.46 14.96
C GLY I 138 -23.22 -78.67 14.88
N ASP I 139 -22.69 -79.84 15.23
CA ASP I 139 -23.49 -81.08 15.31
C ASP I 139 -24.29 -81.07 16.63
N HIS I 140 -25.18 -82.05 16.76
CA HIS I 140 -26.16 -82.14 17.86
C HIS I 140 -25.47 -82.40 19.21
N SER I 141 -24.20 -82.75 19.26
CA SER I 141 -23.50 -83.01 20.55
C SER I 141 -23.54 -81.75 21.44
N ILE I 142 -23.66 -80.57 20.83
CA ILE I 142 -23.45 -79.29 21.52
C ILE I 142 -24.69 -79.01 22.36
N SER I 143 -25.83 -79.63 22.07
CA SER I 143 -27.05 -79.36 22.86
C SER I 143 -26.82 -79.73 24.34
N TYR I 144 -25.99 -80.73 24.65
CA TYR I 144 -25.84 -81.27 26.01
C TYR I 144 -25.13 -80.22 26.83
N PRO I 145 -23.90 -79.78 26.49
CA PRO I 145 -23.24 -78.71 27.24
C PRO I 145 -24.09 -77.42 27.27
N VAL I 146 -24.88 -77.15 26.23
CA VAL I 146 -25.62 -75.86 26.22
C VAL I 146 -26.80 -75.95 27.21
N VAL I 147 -27.58 -77.01 27.12
CA VAL I 147 -28.72 -77.18 28.07
C VAL I 147 -28.20 -77.32 29.49
N ARG I 148 -27.12 -78.07 29.69
CA ARG I 148 -26.55 -78.23 31.05
C ARG I 148 -26.28 -76.82 31.61
N ALA I 149 -25.70 -75.93 30.79
CA ALA I 149 -25.33 -74.56 31.24
C ALA I 149 -26.59 -73.77 31.57
N VAL I 150 -27.61 -73.82 30.73
CA VAL I 150 -28.88 -73.06 30.95
C VAL I 150 -29.52 -73.51 32.26
N SER I 151 -29.63 -74.84 32.47
CA SER I 151 -30.25 -75.43 33.67
C SER I 151 -29.45 -75.06 34.91
N GLU I 152 -28.11 -75.07 34.86
CA GLU I 152 -27.26 -74.82 36.07
C GLU I 152 -27.37 -73.33 36.48
N LYS I 153 -27.39 -72.44 35.50
CA LYS I 153 -27.52 -70.99 35.70
C LYS I 153 -28.94 -70.65 36.19
N LEU I 154 -30.00 -71.21 35.60
CA LEU I 154 -31.39 -70.95 36.10
C LEU I 154 -31.70 -71.74 37.38
N GLY I 155 -30.88 -72.73 37.75
CA GLY I 155 -31.03 -73.45 39.04
C GLY I 155 -32.20 -74.41 38.98
N GLY I 156 -32.50 -75.02 37.85
CA GLY I 156 -33.59 -76.01 37.84
C GLY I 156 -33.73 -76.56 36.44
N PRO I 157 -34.56 -77.61 36.27
CA PRO I 157 -34.72 -78.20 34.93
C PRO I 157 -35.59 -77.31 34.03
N VAL I 158 -35.53 -77.57 32.74
CA VAL I 158 -36.36 -76.86 31.71
C VAL I 158 -37.21 -77.91 31.03
N ASP I 159 -38.29 -77.49 30.41
CA ASP I 159 -38.98 -78.31 29.40
C ASP I 159 -38.28 -78.08 28.07
N ILE I 160 -38.15 -79.11 27.24
CA ILE I 160 -37.45 -78.98 25.95
C ILE I 160 -38.35 -79.41 24.80
N LEU I 161 -38.48 -78.53 23.82
CA LEU I 161 -38.99 -78.92 22.50
C LEU I 161 -37.80 -79.21 21.60
N HIS I 162 -37.73 -80.48 21.16
CA HIS I 162 -36.64 -81.02 20.30
C HIS I 162 -37.23 -81.39 18.92
N LEU I 163 -36.96 -80.56 17.92
CA LEU I 163 -37.36 -80.79 16.51
C LEU I 163 -36.23 -81.49 15.77
N ASP I 164 -36.51 -82.70 15.36
CA ASP I 164 -35.49 -83.63 14.85
C ASP I 164 -36.14 -84.84 14.17
N ALA I 165 -35.49 -85.39 13.15
CA ALA I 165 -35.87 -86.67 12.54
C ALA I 165 -35.45 -87.85 13.42
N HIS I 166 -34.46 -87.61 14.28
CA HIS I 166 -33.76 -88.62 15.12
C HIS I 166 -33.89 -88.26 16.59
N PRO I 167 -34.11 -89.23 17.48
CA PRO I 167 -34.24 -88.91 18.90
C PRO I 167 -32.93 -88.61 19.64
N ASP I 168 -31.79 -89.02 19.10
CA ASP I 168 -30.45 -88.66 19.65
C ASP I 168 -30.36 -89.02 21.12
N ILE I 169 -30.80 -90.23 21.43
CA ILE I 169 -30.98 -90.68 22.82
C ILE I 169 -30.32 -92.04 23.00
N TYR I 170 -29.42 -92.39 22.08
CA TYR I 170 -28.63 -93.63 22.20
C TYR I 170 -27.76 -93.48 23.46
N ASP I 171 -27.56 -94.58 24.20
CA ASP I 171 -26.79 -94.55 25.46
C ASP I 171 -25.35 -94.10 25.14
N CYS I 172 -24.72 -94.78 24.18
CA CYS I 172 -23.31 -94.52 23.82
C CYS I 172 -23.11 -94.83 22.35
N PHE I 173 -23.48 -93.90 21.48
CA PHE I 173 -23.43 -94.18 20.03
C PHE I 173 -21.99 -94.37 19.61
N GLU I 174 -21.68 -95.59 19.17
CA GLU I 174 -20.39 -96.01 18.58
C GLU I 174 -19.24 -95.72 19.54
N GLY I 175 -19.43 -95.84 20.85
CA GLY I 175 -18.34 -95.69 21.86
C GLY I 175 -18.09 -94.24 22.31
N ASN I 176 -18.84 -93.27 21.82
CA ASN I 176 -18.64 -91.83 22.11
C ASN I 176 -19.83 -91.29 22.92
N LYS I 177 -19.63 -91.00 24.19
CA LYS I 177 -20.70 -90.48 25.05
C LYS I 177 -21.07 -89.07 24.60
N TYR I 178 -20.19 -88.41 23.84
CA TYR I 178 -20.46 -87.07 23.28
C TYR I 178 -20.97 -87.18 21.84
N SER I 179 -21.36 -88.37 21.36
CA SER I 179 -21.90 -88.57 19.99
C SER I 179 -23.06 -87.63 19.76
N HIS I 180 -23.19 -87.09 18.57
CA HIS I 180 -24.39 -86.29 18.23
C HIS I 180 -25.66 -87.11 18.39
N ALA I 181 -25.60 -88.43 18.36
CA ALA I 181 -26.78 -89.30 18.48
C ALA I 181 -27.03 -89.66 19.94
N SER I 182 -26.27 -89.06 20.91
CA SER I 182 -26.42 -89.37 22.37
C SER I 182 -26.71 -88.14 23.25
N SER I 183 -26.85 -86.95 22.68
CA SER I 183 -26.82 -85.70 23.49
C SER I 183 -28.06 -85.61 24.37
N PHE I 184 -29.22 -86.09 23.93
CA PHE I 184 -30.45 -86.13 24.74
C PHE I 184 -30.38 -87.23 25.80
N ALA I 185 -29.69 -88.36 25.62
CA ALA I 185 -29.42 -89.29 26.74
C ALA I 185 -28.66 -88.53 27.83
N ARG I 186 -27.63 -87.77 27.48
CA ARG I 186 -26.76 -87.01 28.44
C ARG I 186 -27.66 -86.02 29.19
N ILE I 187 -28.52 -85.32 28.45
CA ILE I 187 -29.40 -84.27 29.01
C ILE I 187 -30.34 -84.90 30.05
N MET I 188 -31.01 -85.99 29.69
CA MET I 188 -32.01 -86.64 30.57
C MET I 188 -31.28 -87.29 31.76
N GLU I 189 -30.10 -87.87 31.61
CA GLU I 189 -29.36 -88.47 32.75
C GLU I 189 -29.05 -87.41 33.83
N GLY I 190 -28.83 -86.16 33.44
CA GLY I 190 -28.36 -85.11 34.35
C GLY I 190 -29.48 -84.38 35.06
N GLY I 191 -30.75 -84.68 34.79
CA GLY I 191 -31.87 -83.95 35.42
C GLY I 191 -31.99 -82.52 34.88
N TYR I 192 -31.42 -82.20 33.72
CA TYR I 192 -31.44 -80.84 33.14
C TYR I 192 -32.79 -80.53 32.47
N ALA I 193 -33.60 -81.55 32.14
CA ALA I 193 -34.94 -81.37 31.53
C ALA I 193 -35.99 -82.09 32.35
N ARG I 194 -37.21 -81.55 32.36
CA ARG I 194 -38.40 -82.22 32.91
C ARG I 194 -39.05 -82.92 31.71
N ARG I 195 -39.84 -82.20 30.91
CA ARG I 195 -40.42 -82.81 29.69
C ARG I 195 -39.47 -82.62 28.54
N LEU I 196 -39.43 -83.64 27.70
CA LEU I 196 -38.71 -83.61 26.41
C LEU I 196 -39.73 -84.06 25.36
N LEU I 197 -40.15 -83.13 24.49
CA LEU I 197 -41.07 -83.43 23.39
C LEU I 197 -40.21 -83.47 22.14
N GLN I 198 -40.15 -84.62 21.50
CA GLN I 198 -39.38 -84.83 20.26
C GLN I 198 -40.41 -84.84 19.14
N VAL I 199 -40.27 -83.90 18.21
CA VAL I 199 -41.22 -83.72 17.11
C VAL I 199 -40.48 -83.82 15.79
N GLY I 200 -41.08 -84.50 14.82
CA GLY I 200 -40.48 -84.72 13.48
C GLY I 200 -39.84 -86.09 13.33
N ILE I 201 -39.90 -86.93 14.37
CA ILE I 201 -39.10 -88.20 14.50
C ILE I 201 -39.56 -89.17 13.41
N ARG I 202 -38.63 -89.66 12.59
CA ARG I 202 -38.91 -90.65 11.52
C ARG I 202 -37.78 -91.67 11.34
N SER I 203 -36.71 -91.60 12.14
CA SER I 203 -35.61 -92.58 12.10
C SER I 203 -35.31 -92.90 13.56
N ILE I 204 -35.82 -94.00 14.04
CA ILE I 204 -35.70 -94.41 15.46
C ILE I 204 -35.73 -95.95 15.45
N ASN I 205 -34.91 -96.57 16.29
CA ASN I 205 -34.86 -98.03 16.46
C ASN I 205 -35.34 -98.42 17.88
N GLN I 206 -35.17 -99.70 18.23
CA GLN I 206 -35.69 -100.26 19.50
C GLN I 206 -35.04 -99.49 20.65
N GLU I 207 -33.75 -99.19 20.57
CA GLU I 207 -33.01 -98.46 21.62
C GLU I 207 -33.58 -97.05 21.77
N GLY I 208 -33.84 -96.36 20.67
CA GLY I 208 -34.47 -95.03 20.73
C GLY I 208 -35.81 -95.04 21.48
N ARG I 209 -36.65 -96.07 21.24
CA ARG I 209 -37.98 -96.17 21.85
C ARG I 209 -37.82 -96.47 23.35
N GLU I 210 -37.04 -97.49 23.71
CA GLU I 210 -36.83 -97.95 25.10
C GLU I 210 -36.17 -96.84 25.91
N GLN I 211 -35.12 -96.19 25.37
CA GLN I 211 -34.47 -95.04 26.07
C GLN I 211 -35.52 -93.95 26.28
N GLY I 212 -36.37 -93.75 25.28
CA GLY I 212 -37.53 -92.84 25.35
C GLY I 212 -38.45 -93.15 26.53
N LYS I 213 -38.79 -94.42 26.75
CA LYS I 213 -39.68 -94.82 27.85
C LYS I 213 -38.91 -94.69 29.18
N ARG I 214 -37.64 -95.05 29.19
CA ARG I 214 -36.82 -95.03 30.40
C ARG I 214 -36.79 -93.61 30.95
N PHE I 215 -36.74 -92.61 30.08
CA PHE I 215 -36.55 -91.20 30.50
C PHE I 215 -37.87 -90.43 30.43
N GLY I 216 -38.98 -91.09 30.11
CA GLY I 216 -40.30 -90.43 30.11
C GLY I 216 -40.36 -89.40 29.01
N VAL I 217 -39.76 -89.67 27.88
CA VAL I 217 -39.77 -88.73 26.73
C VAL I 217 -41.08 -88.88 25.95
N GLU I 218 -41.61 -87.78 25.42
CA GLU I 218 -42.79 -87.80 24.55
C GLU I 218 -42.29 -87.68 23.11
N GLN I 219 -42.39 -88.78 22.37
CA GLN I 219 -41.82 -88.96 21.03
C GLN I 219 -42.99 -88.87 20.06
N TYR I 220 -43.08 -87.81 19.27
CA TYR I 220 -44.11 -87.62 18.23
C TYR I 220 -43.46 -88.01 16.90
N GLU I 221 -43.87 -89.16 16.36
CA GLU I 221 -43.35 -89.73 15.10
C GLU I 221 -44.15 -89.14 13.93
N MET I 222 -43.49 -88.84 12.82
CA MET I 222 -44.19 -88.28 11.64
C MET I 222 -45.28 -89.23 11.14
N ARG I 223 -45.20 -90.52 11.41
CA ARG I 223 -46.28 -91.42 10.96
C ARG I 223 -47.59 -91.13 11.70
N THR I 224 -47.63 -90.35 12.77
CA THR I 224 -48.90 -89.94 13.43
C THR I 224 -49.01 -88.40 13.37
N PHE I 225 -48.33 -87.75 12.45
CA PHE I 225 -48.39 -86.27 12.37
C PHE I 225 -49.79 -85.77 12.00
N SER I 226 -50.50 -86.41 11.08
CA SER I 226 -51.89 -86.07 10.74
C SER I 226 -52.73 -85.93 12.00
N LYS I 227 -52.66 -86.92 12.86
CA LYS I 227 -53.45 -86.93 14.11
C LYS I 227 -52.91 -85.83 15.04
N ASP I 228 -51.61 -85.68 15.16
CA ASP I 228 -50.96 -84.91 16.25
C ASP I 228 -50.85 -83.42 15.91
N ARG I 229 -50.98 -83.03 14.65
CA ARG I 229 -50.75 -81.64 14.19
C ARG I 229 -51.53 -80.63 15.04
N PRO I 230 -52.88 -80.71 15.27
CA PRO I 230 -53.58 -79.69 16.05
C PRO I 230 -52.98 -79.49 17.45
N MET I 231 -52.50 -80.57 18.05
CA MET I 231 -51.91 -80.54 19.38
C MET I 231 -50.52 -79.90 19.26
N LEU I 232 -49.72 -80.30 18.27
CA LEU I 232 -48.33 -79.81 18.13
C LEU I 232 -48.31 -78.33 17.71
N GLU I 233 -49.39 -77.85 17.10
CA GLU I 233 -49.57 -76.43 16.68
C GLU I 233 -50.18 -75.62 17.83
N ASN I 234 -50.23 -76.18 19.05
CA ASN I 234 -50.90 -75.54 20.20
C ASN I 234 -50.22 -75.94 21.50
N LEU I 235 -48.89 -76.03 21.50
CA LEU I 235 -48.10 -76.49 22.66
C LEU I 235 -48.03 -75.39 23.73
N LYS I 236 -48.04 -75.79 25.00
CA LYS I 236 -47.78 -74.97 26.20
C LYS I 236 -46.74 -75.73 27.02
N LEU I 237 -45.57 -75.14 27.28
CA LEU I 237 -44.52 -75.83 28.06
C LEU I 237 -43.99 -74.90 29.15
N GLY I 238 -43.25 -75.46 30.09
CA GLY I 238 -42.48 -74.68 31.07
C GLY I 238 -43.22 -74.38 32.38
N GLU I 239 -44.54 -74.55 32.48
CA GLU I 239 -45.30 -74.15 33.68
C GLU I 239 -44.70 -74.91 34.89
N GLY I 240 -44.23 -74.18 35.91
CA GLY I 240 -43.75 -74.79 37.17
C GLY I 240 -42.30 -75.23 37.14
N VAL I 241 -41.57 -74.94 36.05
CA VAL I 241 -40.09 -75.09 35.97
C VAL I 241 -39.45 -73.78 35.44
N LYS I 242 -38.16 -73.77 35.11
CA LYS I 242 -37.41 -72.49 34.91
C LYS I 242 -37.62 -71.90 33.52
N GLY I 243 -38.15 -72.67 32.58
CA GLY I 243 -38.45 -72.17 31.23
C GLY I 243 -38.34 -73.31 30.24
N VAL I 244 -38.16 -72.93 28.99
CA VAL I 244 -38.28 -73.83 27.83
C VAL I 244 -37.06 -73.62 26.96
N TYR I 245 -36.47 -74.72 26.54
CA TYR I 245 -35.36 -74.69 25.58
C TYR I 245 -35.90 -75.31 24.30
N ILE I 246 -35.56 -74.74 23.15
CA ILE I 246 -35.92 -75.29 21.84
C ILE I 246 -34.64 -75.66 21.08
N SER I 247 -34.48 -76.95 20.78
CA SER I 247 -33.35 -77.49 20.00
C SER I 247 -33.90 -77.84 18.61
N ILE I 248 -33.41 -77.21 17.57
CA ILE I 248 -33.89 -77.51 16.20
C ILE I 248 -32.77 -78.11 15.36
N ASP I 249 -32.83 -79.39 15.12
CA ASP I 249 -32.01 -80.06 14.07
C ASP I 249 -32.74 -79.75 12.77
N VAL I 250 -32.07 -79.09 11.86
CA VAL I 250 -32.57 -78.72 10.53
C VAL I 250 -33.13 -79.95 9.83
N ASP I 251 -32.73 -81.17 10.15
CA ASP I 251 -33.28 -82.37 9.45
C ASP I 251 -34.68 -82.71 10.00
N CYS I 252 -35.22 -81.95 10.95
CA CYS I 252 -36.66 -82.07 11.25
C CYS I 252 -37.43 -81.80 9.96
N LEU I 253 -36.92 -80.92 9.11
CA LEU I 253 -37.53 -80.56 7.80
C LEU I 253 -37.33 -81.67 6.80
N ASP I 254 -38.32 -81.93 5.97
CA ASP I 254 -38.14 -82.80 4.81
C ASP I 254 -36.87 -82.35 4.10
N PRO I 255 -36.07 -83.30 3.57
CA PRO I 255 -34.93 -82.90 2.76
C PRO I 255 -35.30 -82.05 1.52
N ALA I 256 -36.53 -82.10 1.02
CA ALA I 256 -36.97 -81.15 -0.03
C ALA I 256 -36.71 -79.69 0.39
N PHE I 257 -36.96 -79.34 1.66
CA PHE I 257 -36.80 -77.97 2.21
C PHE I 257 -35.38 -77.80 2.71
N ALA I 258 -34.73 -78.87 3.16
CA ALA I 258 -33.43 -78.71 3.84
C ALA I 258 -32.50 -79.84 3.40
N PRO I 259 -31.98 -79.79 2.15
CA PRO I 259 -31.04 -80.82 1.70
C PRO I 259 -29.63 -80.77 2.34
N GLY I 260 -29.22 -79.62 2.89
CA GLY I 260 -27.88 -79.44 3.46
C GLY I 260 -27.84 -80.02 4.87
N VAL I 261 -27.89 -81.35 4.99
CA VAL I 261 -27.83 -82.02 6.28
C VAL I 261 -26.97 -83.25 6.04
N SER I 262 -26.39 -83.80 7.08
CA SER I 262 -25.59 -85.03 6.98
C SER I 262 -26.53 -86.26 6.81
N HIS I 263 -27.77 -86.16 7.24
CA HIS I 263 -28.66 -87.34 7.31
C HIS I 263 -29.96 -87.05 6.55
N ILE I 264 -29.99 -87.38 5.27
CA ILE I 264 -31.20 -87.25 4.40
C ILE I 264 -32.20 -88.33 4.88
N GLU I 265 -33.36 -87.87 5.31
CA GLU I 265 -34.43 -88.74 5.87
C GLU I 265 -35.76 -88.25 5.33
N PRO I 266 -36.23 -88.80 4.20
CA PRO I 266 -37.50 -88.36 3.63
C PRO I 266 -38.72 -88.47 4.55
N GLY I 267 -39.70 -87.58 4.35
CA GLY I 267 -41.00 -87.57 5.08
C GLY I 267 -40.98 -86.68 6.31
N GLY I 268 -40.37 -85.52 6.21
CA GLY I 268 -40.27 -84.54 7.30
C GLY I 268 -41.32 -83.43 7.24
N LEU I 269 -41.09 -82.41 8.05
CA LEU I 269 -42.01 -81.27 8.22
C LEU I 269 -41.67 -80.26 7.13
N SER I 270 -42.64 -79.46 6.71
CA SER I 270 -42.43 -78.32 5.79
C SER I 270 -41.89 -77.20 6.66
N PHE I 271 -41.34 -76.20 6.03
CA PHE I 271 -40.82 -75.03 6.77
C PHE I 271 -42.01 -74.38 7.47
N ARG I 272 -43.09 -74.23 6.73
CA ARG I 272 -44.32 -73.64 7.29
C ARG I 272 -44.83 -74.47 8.48
N ASP I 273 -44.74 -75.81 8.41
CA ASP I 273 -45.15 -76.64 9.58
C ASP I 273 -44.33 -76.23 10.80
N VAL I 274 -43.02 -76.06 10.65
CA VAL I 274 -42.11 -75.70 11.80
C VAL I 274 -42.50 -74.32 12.34
N LEU I 275 -42.70 -73.30 11.52
CA LEU I 275 -43.17 -71.98 12.03
C LEU I 275 -44.59 -72.08 12.66
N ASN I 276 -45.51 -72.89 12.15
CA ASN I 276 -46.81 -72.99 12.86
C ASN I 276 -46.56 -73.43 14.30
N ILE I 277 -45.68 -74.39 14.50
CA ILE I 277 -45.39 -74.90 15.86
C ILE I 277 -44.71 -73.79 16.67
N LEU I 278 -43.65 -73.19 16.13
CA LEU I 278 -42.86 -72.17 16.87
C LEU I 278 -43.73 -70.98 17.23
N HIS I 279 -44.43 -70.35 16.28
CA HIS I 279 -45.28 -69.13 16.49
C HIS I 279 -46.40 -69.39 17.51
N ASN I 280 -46.98 -70.60 17.59
CA ASN I 280 -48.15 -70.90 18.46
C ASN I 280 -47.64 -71.41 19.81
N LEU I 281 -46.37 -71.78 19.95
CA LEU I 281 -45.92 -72.38 21.24
C LEU I 281 -46.08 -71.34 22.37
N GLN I 282 -46.75 -71.70 23.46
CA GLN I 282 -46.71 -70.87 24.70
C GLN I 282 -45.59 -71.36 25.60
N ALA I 283 -44.63 -70.48 25.86
CA ALA I 283 -43.35 -70.84 26.50
C ALA I 283 -42.57 -69.58 26.85
N ASP I 284 -41.96 -69.61 28.03
CA ASP I 284 -40.91 -68.65 28.41
C ASP I 284 -39.58 -69.23 27.89
N VAL I 285 -39.18 -68.83 26.69
CA VAL I 285 -38.00 -69.48 26.04
C VAL I 285 -36.69 -68.90 26.59
N VAL I 286 -35.89 -69.74 27.23
CA VAL I 286 -34.65 -69.31 27.91
C VAL I 286 -33.40 -69.62 27.07
N GLY I 287 -33.49 -70.47 26.06
CA GLY I 287 -32.38 -70.75 25.14
C GLY I 287 -32.94 -71.54 23.98
N ALA I 288 -32.17 -71.62 22.91
CA ALA I 288 -32.52 -72.44 21.74
C ALA I 288 -31.23 -72.76 21.03
N ASP I 289 -31.28 -73.69 20.09
CA ASP I 289 -30.15 -73.99 19.18
C ASP I 289 -30.74 -74.36 17.83
N VAL I 290 -29.97 -74.09 16.79
CA VAL I 290 -30.22 -74.55 15.42
C VAL I 290 -28.95 -75.27 15.00
N VAL I 291 -29.04 -76.58 14.79
CA VAL I 291 -27.90 -77.50 14.59
C VAL I 291 -28.06 -78.33 13.33
N GLU I 292 -26.94 -78.91 12.90
CA GLU I 292 -26.87 -79.99 11.87
C GLU I 292 -27.10 -79.40 10.50
N PHE I 293 -27.01 -78.08 10.34
CA PHE I 293 -26.90 -77.48 8.98
C PHE I 293 -25.51 -77.86 8.48
N ASN I 294 -25.44 -78.62 7.40
CA ASN I 294 -24.20 -79.05 6.73
C ASN I 294 -24.08 -78.29 5.42
N PRO I 295 -23.32 -77.18 5.38
CA PRO I 295 -23.14 -76.39 4.16
C PRO I 295 -22.55 -77.21 3.02
N GLN I 296 -21.74 -78.21 3.33
CA GLN I 296 -21.08 -79.03 2.27
C GLN I 296 -22.11 -79.92 1.56
N ARG I 297 -23.34 -80.06 2.07
CA ARG I 297 -24.44 -80.82 1.44
C ARG I 297 -25.50 -79.87 0.88
N ASP I 298 -25.28 -78.57 0.94
CA ASP I 298 -26.29 -77.56 0.59
C ASP I 298 -26.25 -77.33 -0.90
N THR I 299 -27.30 -76.73 -1.42
CA THR I 299 -27.38 -76.37 -2.86
C THR I 299 -26.32 -75.33 -3.14
N VAL I 300 -26.00 -75.07 -4.40
CA VAL I 300 -24.88 -74.16 -4.81
C VAL I 300 -25.25 -72.74 -4.41
N ASP I 301 -26.54 -72.43 -4.19
CA ASP I 301 -26.97 -71.06 -3.80
C ASP I 301 -27.33 -70.98 -2.33
N GLY I 302 -27.08 -71.99 -1.53
CA GLY I 302 -27.19 -71.92 -0.07
C GLY I 302 -28.64 -71.89 0.39
N MET I 303 -29.53 -72.67 -0.20
CA MET I 303 -30.94 -72.71 0.20
C MET I 303 -31.04 -73.11 1.69
N THR I 304 -30.26 -74.09 2.15
CA THR I 304 -30.36 -74.55 3.55
C THR I 304 -29.82 -73.47 4.50
N ALA I 305 -28.81 -72.72 4.06
CA ALA I 305 -28.31 -71.55 4.78
C ALA I 305 -29.50 -70.61 5.03
N MET I 306 -30.33 -70.36 4.02
CA MET I 306 -31.49 -69.43 4.15
C MET I 306 -32.52 -70.03 5.10
N VAL I 307 -32.78 -71.33 5.00
CA VAL I 307 -33.61 -72.08 5.98
C VAL I 307 -33.04 -71.86 7.39
N ALA I 308 -31.77 -72.14 7.63
CA ALA I 308 -31.26 -72.08 9.02
C ALA I 308 -31.34 -70.64 9.52
N ALA I 309 -31.00 -69.70 8.66
CA ALA I 309 -31.05 -68.28 9.01
C ALA I 309 -32.47 -67.96 9.49
N LYS I 310 -33.46 -68.37 8.72
CA LYS I 310 -34.84 -67.94 9.00
C LYS I 310 -35.31 -68.65 10.28
N LEU I 311 -34.90 -69.88 10.57
CA LEU I 311 -35.23 -70.47 11.89
C LEU I 311 -34.65 -69.60 13.02
N VAL I 312 -33.39 -69.18 12.86
CA VAL I 312 -32.70 -68.32 13.87
C VAL I 312 -33.52 -67.03 14.02
N ARG I 313 -33.92 -66.42 12.90
CA ARG I 313 -34.60 -65.11 12.94
C ARG I 313 -35.94 -65.25 13.71
N GLU I 314 -36.71 -66.29 13.38
CA GLU I 314 -38.04 -66.48 14.01
C GLU I 314 -37.86 -66.90 15.49
N LEU I 315 -36.83 -67.67 15.81
CA LEU I 315 -36.51 -67.97 17.24
C LEU I 315 -36.11 -66.69 17.97
N ALA I 316 -35.34 -65.82 17.34
CA ALA I 316 -34.91 -64.56 18.00
C ALA I 316 -36.13 -63.73 18.39
N ALA I 317 -37.15 -63.66 17.50
CA ALA I 317 -38.35 -62.83 17.67
C ALA I 317 -39.16 -63.39 18.85
N LYS I 318 -39.10 -64.72 19.02
CA LYS I 318 -39.80 -65.46 20.11
C LYS I 318 -39.11 -65.28 21.47
N ILE I 319 -37.79 -65.34 21.48
CA ILE I 319 -36.94 -65.27 22.71
C ILE I 319 -36.90 -63.81 23.22
N SER I 320 -36.72 -62.86 22.30
CA SER I 320 -36.52 -61.44 22.64
C SER I 320 -37.89 -60.86 23.03
N LYS I 321 -37.93 -60.05 24.08
CA LYS I 321 -39.22 -59.48 24.54
C LYS I 321 -38.97 -58.30 25.45
N ALA J 5 -26.24 -122.85 7.22
CA ALA J 5 -26.03 -124.31 7.14
C ALA J 5 -24.84 -124.61 6.21
N SER J 6 -24.44 -125.89 6.14
CA SER J 6 -23.29 -126.36 5.33
C SER J 6 -23.51 -126.10 3.83
N SER J 7 -24.76 -126.17 3.36
CA SER J 7 -25.07 -125.91 1.93
C SER J 7 -24.89 -124.43 1.60
N ILE J 8 -23.80 -123.82 2.08
CA ILE J 8 -23.50 -122.39 1.84
C ILE J 8 -22.34 -122.33 0.87
N GLU J 9 -21.25 -123.07 1.12
CA GLU J 9 -20.07 -123.14 0.20
C GLU J 9 -20.58 -123.65 -1.17
N LYS J 10 -21.60 -124.51 -1.12
CA LYS J 10 -22.22 -125.23 -2.27
C LYS J 10 -22.97 -124.23 -3.15
N GLY J 11 -23.87 -123.50 -2.49
CA GLY J 11 -24.65 -122.41 -3.11
C GLY J 11 -23.73 -121.36 -3.70
N GLN J 12 -22.68 -120.99 -2.99
CA GLN J 12 -21.72 -119.95 -3.46
C GLN J 12 -21.10 -120.44 -4.75
N ASN J 13 -20.71 -121.71 -4.81
CA ASN J 13 -20.07 -122.25 -6.02
C ASN J 13 -21.08 -122.29 -7.16
N ARG J 14 -22.33 -122.60 -6.87
CA ARG J 14 -23.39 -122.63 -7.91
C ARG J 14 -23.53 -121.21 -8.49
N VAL J 15 -23.46 -120.19 -7.64
CA VAL J 15 -23.63 -118.80 -8.12
C VAL J 15 -22.43 -118.43 -8.96
N ILE J 16 -21.21 -118.83 -8.55
CA ILE J 16 -19.94 -118.57 -9.27
C ILE J 16 -20.02 -119.26 -10.62
N ASP J 17 -20.45 -120.52 -10.67
CA ASP J 17 -20.41 -121.32 -11.92
C ASP J 17 -21.44 -120.75 -12.87
N ALA J 18 -22.58 -120.35 -12.33
CA ALA J 18 -23.67 -119.75 -13.13
C ALA J 18 -23.20 -118.41 -13.71
N SER J 19 -22.45 -117.64 -12.93
CA SER J 19 -21.93 -116.34 -13.39
C SER J 19 -20.91 -116.57 -14.49
N LEU J 20 -20.02 -117.55 -14.35
CA LEU J 20 -18.96 -117.81 -15.36
C LEU J 20 -19.61 -118.31 -16.64
N THR J 21 -20.66 -119.14 -16.50
CA THR J 21 -21.39 -119.78 -17.63
C THR J 21 -22.04 -118.67 -18.44
N LEU J 22 -22.46 -117.60 -17.79
CA LEU J 22 -23.10 -116.47 -18.48
C LEU J 22 -22.03 -115.75 -19.32
N ILE J 23 -20.88 -115.45 -18.74
CA ILE J 23 -19.80 -114.78 -19.51
C ILE J 23 -19.31 -115.73 -20.64
N ARG J 24 -19.28 -117.03 -20.39
CA ARG J 24 -18.77 -117.99 -21.41
C ARG J 24 -19.71 -117.95 -22.62
N GLU J 25 -21.03 -117.93 -22.41
CA GLU J 25 -22.01 -118.03 -23.51
C GLU J 25 -21.96 -116.71 -24.29
N ARG J 26 -21.82 -115.59 -23.58
CA ARG J 26 -21.77 -114.24 -24.18
C ARG J 26 -20.49 -114.17 -25.02
N ALA J 27 -19.34 -114.66 -24.52
CA ALA J 27 -18.04 -114.59 -25.21
C ALA J 27 -18.09 -115.46 -26.48
N LYS J 28 -18.76 -116.60 -26.40
CA LYS J 28 -18.92 -117.55 -27.53
C LYS J 28 -19.65 -116.82 -28.66
N LEU J 29 -20.71 -116.04 -28.38
CA LEU J 29 -21.45 -115.36 -29.48
C LEU J 29 -20.54 -114.27 -30.10
N LYS J 30 -19.81 -113.52 -29.31
CA LYS J 30 -18.95 -112.46 -29.90
C LYS J 30 -17.78 -113.08 -30.67
N GLY J 31 -17.18 -114.13 -30.12
CA GLY J 31 -16.09 -114.88 -30.79
C GLY J 31 -16.54 -115.39 -32.15
N GLU J 32 -17.72 -116.00 -32.20
CA GLU J 32 -18.28 -116.56 -33.44
C GLU J 32 -18.57 -115.43 -34.43
N LEU J 33 -19.07 -114.29 -33.94
CA LEU J 33 -19.32 -113.08 -34.77
C LEU J 33 -17.99 -112.63 -35.39
N VAL J 34 -16.98 -112.45 -34.55
CA VAL J 34 -15.70 -111.85 -35.05
C VAL J 34 -15.09 -112.81 -36.09
N ARG J 35 -15.16 -114.12 -35.82
CA ARG J 35 -14.58 -115.16 -36.69
C ARG J 35 -15.39 -115.25 -37.98
N LEU J 36 -16.72 -115.16 -37.92
CA LEU J 36 -17.58 -115.17 -39.14
C LEU J 36 -17.20 -113.98 -40.05
N LEU J 37 -16.97 -112.78 -39.52
CA LEU J 37 -16.61 -111.64 -40.38
C LEU J 37 -15.25 -111.83 -41.03
N GLY J 38 -14.30 -112.49 -40.39
CA GLY J 38 -12.98 -112.83 -40.97
C GLY J 38 -11.93 -111.72 -40.94
N GLY J 39 -10.65 -112.13 -40.86
CA GLY J 39 -9.49 -111.28 -41.19
C GLY J 39 -8.88 -110.58 -39.97
N ALA J 40 -9.50 -110.63 -38.81
CA ALA J 40 -8.94 -109.96 -37.61
C ALA J 40 -7.81 -110.81 -36.99
N LYS J 41 -6.69 -110.21 -36.60
CA LYS J 41 -5.60 -110.88 -35.86
C LYS J 41 -5.84 -110.70 -34.37
N ALA J 42 -6.46 -109.59 -33.98
CA ALA J 42 -6.81 -109.26 -32.58
C ALA J 42 -8.09 -108.41 -32.59
N SER J 43 -9.03 -108.73 -31.71
CA SER J 43 -10.31 -107.99 -31.54
C SER J 43 -10.49 -107.65 -30.07
N THR J 44 -10.49 -106.36 -29.76
CA THR J 44 -10.84 -105.91 -28.39
C THR J 44 -12.26 -106.35 -27.98
N SER J 45 -12.39 -106.94 -26.81
CA SER J 45 -13.67 -107.27 -26.16
C SER J 45 -13.67 -106.63 -24.77
N LEU J 46 -14.70 -105.84 -24.46
CA LEU J 46 -14.90 -105.19 -23.15
C LEU J 46 -15.39 -106.21 -22.16
N LEU J 47 -14.82 -106.19 -20.97
CA LEU J 47 -15.27 -107.01 -19.81
C LEU J 47 -15.42 -106.06 -18.62
N GLY J 48 -16.65 -105.89 -18.09
CA GLY J 48 -16.86 -105.01 -16.93
C GLY J 48 -16.65 -105.75 -15.63
N VAL J 49 -16.00 -105.12 -14.68
CA VAL J 49 -15.81 -105.63 -13.31
C VAL J 49 -16.26 -104.52 -12.33
N PRO J 50 -17.57 -104.45 -12.04
CA PRO J 50 -18.16 -103.41 -11.21
C PRO J 50 -17.92 -103.67 -9.71
N LEU J 51 -16.74 -103.28 -9.29
CA LEU J 51 -16.16 -103.66 -7.97
C LEU J 51 -15.59 -102.40 -7.37
N GLY J 52 -15.99 -102.01 -6.18
CA GLY J 52 -15.41 -100.80 -5.57
C GLY J 52 -15.00 -100.98 -4.12
N HIS J 53 -15.19 -102.18 -3.57
CA HIS J 53 -15.08 -102.37 -2.11
C HIS J 53 -13.61 -102.54 -1.70
N ASN J 54 -12.65 -102.49 -2.63
CA ASN J 54 -11.21 -102.49 -2.25
C ASN J 54 -10.66 -101.06 -2.21
N SER J 55 -11.52 -100.08 -2.44
CA SER J 55 -11.19 -98.64 -2.42
C SER J 55 -10.93 -98.20 -0.99
N SER J 56 -10.11 -97.18 -0.82
CA SER J 56 -9.68 -96.65 0.49
C SER J 56 -10.52 -95.45 0.93
N PHE J 57 -11.21 -94.79 0.01
CA PHE J 57 -11.92 -93.52 0.28
C PHE J 57 -13.39 -93.59 -0.17
N LEU J 58 -13.67 -93.92 -1.44
CA LEU J 58 -15.05 -93.94 -2.00
C LEU J 58 -15.18 -95.16 -2.89
N GLN J 59 -16.34 -95.81 -2.86
CA GLN J 59 -16.58 -97.06 -3.61
C GLN J 59 -17.29 -96.79 -4.94
N GLY J 60 -17.49 -95.53 -5.32
CA GLY J 60 -18.16 -95.12 -6.59
C GLY J 60 -17.76 -95.89 -7.86
N PRO J 61 -16.49 -96.31 -8.05
CA PRO J 61 -16.14 -97.01 -9.29
C PRO J 61 -16.91 -98.30 -9.53
N ALA J 62 -17.52 -98.84 -8.50
CA ALA J 62 -18.41 -100.01 -8.66
C ALA J 62 -19.48 -99.72 -9.68
N PHE J 63 -19.89 -98.47 -9.87
CA PHE J 63 -21.00 -98.07 -10.78
C PHE J 63 -20.49 -97.75 -12.20
N ALA J 64 -19.18 -97.76 -12.45
CA ALA J 64 -18.60 -97.12 -13.65
C ALA J 64 -18.90 -97.91 -14.91
N PRO J 65 -18.77 -99.23 -14.97
CA PRO J 65 -18.87 -99.85 -16.30
C PRO J 65 -20.10 -99.51 -17.14
N PRO J 66 -21.36 -99.58 -16.63
CA PRO J 66 -22.52 -99.25 -17.46
C PRO J 66 -22.49 -97.78 -17.94
N ARG J 67 -21.93 -96.86 -17.14
CA ARG J 67 -21.78 -95.45 -17.51
C ARG J 67 -20.81 -95.30 -18.66
N ILE J 68 -19.67 -95.97 -18.60
CA ILE J 68 -18.67 -95.89 -19.69
C ILE J 68 -19.31 -96.38 -20.99
N ARG J 69 -19.99 -97.55 -21.00
CA ARG J 69 -20.63 -98.08 -22.21
C ARG J 69 -21.63 -97.07 -22.75
N GLU J 70 -22.45 -96.44 -21.90
CA GLU J 70 -23.41 -95.43 -22.42
C GLU J 70 -22.59 -94.35 -23.17
N ALA J 71 -21.55 -93.83 -22.54
CA ALA J 71 -20.80 -92.69 -23.13
C ALA J 71 -20.07 -93.13 -24.44
N ILE J 72 -19.72 -94.39 -24.60
CA ILE J 72 -19.02 -94.86 -25.82
C ILE J 72 -19.96 -94.72 -27.00
N TRP J 73 -21.25 -94.97 -26.78
CA TRP J 73 -22.30 -95.01 -27.84
C TRP J 73 -23.16 -93.76 -27.78
N CYS J 74 -22.73 -92.72 -27.09
CA CYS J 74 -23.53 -91.48 -26.97
C CYS J 74 -23.83 -90.92 -28.37
N GLY J 75 -25.05 -90.45 -28.58
CA GLY J 75 -25.48 -89.84 -29.86
C GLY J 75 -24.77 -88.53 -30.18
N SER J 76 -24.12 -87.89 -29.19
CA SER J 76 -23.29 -86.69 -29.41
C SER J 76 -21.98 -87.04 -30.15
N THR J 77 -21.59 -88.30 -30.18
CA THR J 77 -20.28 -88.76 -30.72
C THR J 77 -20.51 -89.47 -32.05
N ASN J 78 -19.44 -89.74 -32.79
CA ASN J 78 -19.49 -90.65 -33.94
C ASN J 78 -18.70 -91.87 -33.55
N SER J 79 -18.81 -92.94 -34.33
CA SER J 79 -18.29 -94.29 -34.01
C SER J 79 -16.86 -94.51 -34.54
N ALA J 80 -16.16 -93.47 -34.99
CA ALA J 80 -14.76 -93.58 -35.48
C ALA J 80 -13.80 -93.19 -34.37
N THR J 81 -12.68 -93.91 -34.25
CA THR J 81 -11.63 -93.52 -33.28
C THR J 81 -10.79 -92.40 -33.89
N GLU J 82 -9.87 -91.81 -33.14
CA GLU J 82 -9.06 -90.70 -33.69
C GLU J 82 -8.26 -91.14 -34.92
N GLU J 83 -7.73 -92.37 -34.94
CA GLU J 83 -6.94 -92.89 -36.07
C GLU J 83 -7.83 -93.54 -37.15
N GLY J 84 -9.15 -93.48 -36.99
CA GLY J 84 -10.05 -93.95 -38.07
C GLY J 84 -10.65 -95.33 -37.93
N LYS J 85 -10.53 -96.02 -36.80
CA LYS J 85 -11.17 -97.36 -36.71
C LYS J 85 -12.68 -97.24 -36.46
N GLU J 86 -13.43 -98.20 -36.98
CA GLU J 86 -14.91 -98.23 -36.86
C GLU J 86 -15.31 -99.10 -35.67
N LEU J 87 -15.77 -98.47 -34.59
CA LEU J 87 -16.19 -99.15 -33.34
C LEU J 87 -17.42 -100.04 -33.55
N LYS J 88 -18.22 -99.82 -34.61
CA LYS J 88 -19.38 -100.69 -34.97
C LYS J 88 -18.91 -102.00 -35.61
N ASP J 89 -17.65 -102.09 -36.10
CA ASP J 89 -17.09 -103.37 -36.59
C ASP J 89 -16.77 -104.25 -35.38
N PRO J 90 -17.47 -105.41 -35.22
CA PRO J 90 -17.16 -106.38 -34.14
C PRO J 90 -15.69 -106.77 -34.06
N ARG J 91 -14.99 -106.73 -35.19
CA ARG J 91 -13.54 -107.00 -35.27
C ARG J 91 -12.74 -105.93 -34.52
N VAL J 92 -13.24 -104.69 -34.49
CA VAL J 92 -12.58 -103.60 -33.72
C VAL J 92 -13.02 -103.62 -32.26
N LEU J 93 -14.32 -103.84 -31.97
CA LEU J 93 -14.83 -103.83 -30.56
C LEU J 93 -16.07 -104.71 -30.41
N THR J 94 -16.05 -105.60 -29.44
CA THR J 94 -17.23 -106.25 -28.91
C THR J 94 -17.26 -106.06 -27.38
N ASP J 95 -18.26 -106.65 -26.72
CA ASP J 95 -18.57 -106.42 -25.30
C ASP J 95 -19.16 -107.70 -24.78
N VAL J 96 -18.51 -108.34 -23.82
CA VAL J 96 -19.07 -109.55 -23.17
C VAL J 96 -19.79 -109.17 -21.85
N GLY J 97 -19.95 -107.88 -21.57
CA GLY J 97 -20.74 -107.44 -20.44
C GLY J 97 -19.95 -107.52 -19.15
N ASP J 98 -20.68 -107.61 -18.04
CA ASP J 98 -20.11 -107.36 -16.70
C ASP J 98 -20.09 -108.67 -15.92
N VAL J 99 -19.04 -108.82 -15.18
CA VAL J 99 -18.99 -109.85 -14.13
C VAL J 99 -19.98 -109.37 -13.06
N PRO J 100 -20.93 -110.24 -12.65
CA PRO J 100 -21.91 -109.89 -11.62
C PRO J 100 -21.27 -109.97 -10.23
N VAL J 101 -20.39 -109.01 -9.97
CA VAL J 101 -19.58 -108.84 -8.74
C VAL J 101 -20.48 -108.74 -7.54
N GLN J 102 -21.49 -107.86 -7.59
CA GLN J 102 -22.25 -107.53 -6.34
C GLN J 102 -22.98 -108.77 -5.87
N GLU J 103 -23.55 -109.52 -6.82
CA GLU J 103 -24.31 -110.76 -6.54
C GLU J 103 -23.39 -111.81 -5.93
N ILE J 104 -22.16 -111.95 -6.44
CA ILE J 104 -21.18 -112.90 -5.87
C ILE J 104 -20.86 -112.47 -4.42
N ARG J 105 -20.64 -111.20 -4.18
CA ARG J 105 -20.32 -110.69 -2.82
C ARG J 105 -21.52 -110.93 -1.90
N ASP J 106 -22.76 -110.71 -2.41
CA ASP J 106 -24.01 -110.72 -1.60
C ASP J 106 -24.27 -112.14 -1.13
N CYS J 107 -23.73 -113.19 -1.75
CA CYS J 107 -23.92 -114.56 -1.22
C CYS J 107 -22.72 -115.05 -0.39
N GLY J 108 -21.80 -114.14 -0.03
CA GLY J 108 -20.88 -114.34 1.08
C GLY J 108 -19.50 -114.83 0.64
N VAL J 109 -19.20 -114.71 -0.65
CA VAL J 109 -17.91 -115.18 -1.26
C VAL J 109 -16.77 -114.27 -0.81
N ASP J 110 -15.67 -114.85 -0.36
CA ASP J 110 -14.46 -114.14 0.13
C ASP J 110 -13.77 -113.53 -1.09
N ASP J 111 -12.82 -112.65 -0.83
CA ASP J 111 -12.12 -111.89 -1.87
C ASP J 111 -11.23 -112.85 -2.70
N ASP J 112 -10.58 -113.84 -2.10
CA ASP J 112 -9.73 -114.79 -2.85
C ASP J 112 -10.54 -115.41 -3.99
N ARG J 113 -11.71 -115.97 -3.68
CA ARG J 113 -12.56 -116.64 -4.72
C ARG J 113 -13.14 -115.61 -5.67
N LEU J 114 -13.42 -114.39 -5.23
CA LEU J 114 -13.99 -113.36 -6.13
C LEU J 114 -12.91 -112.94 -7.13
N MET J 115 -11.71 -112.65 -6.66
CA MET J 115 -10.59 -112.31 -7.60
C MET J 115 -10.33 -113.55 -8.54
N ASN J 116 -10.47 -114.79 -8.06
CA ASN J 116 -10.34 -115.97 -8.94
C ASN J 116 -11.40 -115.94 -10.05
N VAL J 117 -12.60 -115.49 -9.74
CA VAL J 117 -13.70 -115.40 -10.74
C VAL J 117 -13.35 -114.38 -11.81
N ILE J 118 -12.86 -113.22 -11.42
CA ILE J 118 -12.47 -112.19 -12.42
C ILE J 118 -11.34 -112.76 -13.34
N SER J 119 -10.32 -113.42 -12.76
CA SER J 119 -9.25 -114.11 -13.52
C SER J 119 -9.89 -115.08 -14.52
N GLU J 120 -10.82 -115.94 -14.09
CA GLU J 120 -11.47 -116.91 -15.00
C GLU J 120 -12.23 -116.18 -16.10
N SER J 121 -12.83 -115.04 -15.76
CA SER J 121 -13.68 -114.27 -16.70
C SER J 121 -12.79 -113.75 -17.81
N VAL J 122 -11.67 -113.15 -17.43
CA VAL J 122 -10.61 -112.74 -18.40
C VAL J 122 -10.16 -113.94 -19.25
N LYS J 123 -9.96 -115.11 -18.67
CA LYS J 123 -9.49 -116.27 -19.49
C LYS J 123 -10.56 -116.65 -20.50
N LEU J 124 -11.82 -116.57 -20.10
CA LEU J 124 -12.99 -116.90 -20.98
C LEU J 124 -12.94 -116.04 -22.25
N VAL J 125 -12.49 -114.80 -22.10
CA VAL J 125 -12.40 -113.88 -23.26
C VAL J 125 -11.24 -114.33 -24.16
N MET J 126 -10.08 -114.59 -23.54
CA MET J 126 -8.80 -114.91 -24.26
C MET J 126 -8.96 -116.22 -25.00
N GLU J 127 -9.80 -117.11 -24.52
CA GLU J 127 -10.03 -118.43 -25.16
C GLU J 127 -10.99 -118.40 -26.33
N GLU J 128 -11.58 -117.24 -26.61
CA GLU J 128 -12.41 -116.99 -27.81
C GLU J 128 -11.54 -116.17 -28.79
N GLU J 129 -10.82 -116.88 -29.62
CA GLU J 129 -9.92 -116.30 -30.64
C GLU J 129 -10.72 -115.43 -31.60
N PRO J 130 -10.26 -114.23 -31.99
CA PRO J 130 -9.04 -113.60 -31.49
C PRO J 130 -9.27 -112.40 -30.56
N LEU J 131 -10.19 -112.57 -29.63
CA LEU J 131 -10.54 -111.53 -28.68
C LEU J 131 -9.37 -111.32 -27.71
N ARG J 132 -9.13 -110.06 -27.40
CA ARG J 132 -8.21 -109.58 -26.34
C ARG J 132 -8.99 -108.70 -25.36
N PRO J 133 -8.80 -108.91 -24.05
CA PRO J 133 -9.66 -108.27 -23.05
C PRO J 133 -9.26 -106.82 -22.77
N LEU J 134 -10.26 -105.96 -22.73
CA LEU J 134 -10.18 -104.58 -22.21
C LEU J 134 -11.20 -104.49 -21.05
N VAL J 135 -10.65 -104.34 -19.87
CA VAL J 135 -11.44 -104.42 -18.62
C VAL J 135 -11.86 -103.02 -18.18
N LEU J 136 -13.16 -102.84 -18.00
CA LEU J 136 -13.75 -101.62 -17.42
C LEU J 136 -13.89 -101.84 -15.92
N GLY J 137 -13.14 -101.06 -15.15
CA GLY J 137 -13.34 -101.10 -13.69
C GLY J 137 -14.46 -100.12 -13.29
N GLY J 138 -14.81 -100.12 -12.01
CA GLY J 138 -14.16 -100.87 -10.96
C GLY J 138 -12.93 -100.14 -10.44
N ASP J 139 -12.56 -100.38 -9.18
CA ASP J 139 -11.37 -99.81 -8.52
C ASP J 139 -10.11 -100.59 -8.96
N HIS J 140 -8.94 -100.07 -8.65
CA HIS J 140 -7.68 -100.54 -9.23
C HIS J 140 -7.36 -101.96 -8.74
N SER J 141 -8.03 -102.46 -7.69
CA SER J 141 -7.72 -103.81 -7.17
C SER J 141 -7.84 -104.82 -8.33
N ILE J 142 -8.67 -104.54 -9.33
CA ILE J 142 -9.04 -105.58 -10.33
C ILE J 142 -7.87 -105.84 -11.29
N SER J 143 -6.89 -104.93 -11.39
CA SER J 143 -5.70 -105.11 -12.29
C SER J 143 -4.90 -106.36 -11.91
N TYR J 144 -4.87 -106.70 -10.66
CA TYR J 144 -4.12 -107.89 -10.22
C TYR J 144 -4.69 -109.18 -10.88
N PRO J 145 -5.95 -109.57 -10.62
CA PRO J 145 -6.50 -110.79 -11.20
C PRO J 145 -6.57 -110.76 -12.74
N VAL J 146 -6.72 -109.57 -13.31
CA VAL J 146 -6.70 -109.40 -14.79
C VAL J 146 -5.29 -109.69 -15.30
N VAL J 147 -4.27 -108.97 -14.81
CA VAL J 147 -2.88 -109.21 -15.29
C VAL J 147 -2.44 -110.64 -14.97
N ARG J 148 -2.79 -111.17 -13.82
CA ARG J 148 -2.50 -112.56 -13.49
C ARG J 148 -3.06 -113.47 -14.59
N ALA J 149 -4.32 -113.26 -14.99
CA ALA J 149 -4.97 -114.14 -15.99
C ALA J 149 -4.22 -114.06 -17.32
N VAL J 150 -3.93 -112.84 -17.76
CA VAL J 150 -3.26 -112.55 -19.06
C VAL J 150 -1.89 -113.27 -19.06
N SER J 151 -1.06 -113.13 -18.00
CA SER J 151 0.29 -113.77 -17.86
C SER J 151 0.19 -115.32 -17.84
N GLU J 152 -0.71 -115.87 -17.04
CA GLU J 152 -0.93 -117.34 -16.96
C GLU J 152 -1.28 -117.85 -18.35
N LYS J 153 -2.12 -117.12 -19.06
CA LYS J 153 -2.66 -117.59 -20.33
C LYS J 153 -1.52 -117.57 -21.36
N LEU J 154 -0.78 -116.46 -21.38
CA LEU J 154 0.35 -116.28 -22.31
C LEU J 154 1.52 -117.16 -21.95
N GLY J 155 1.76 -117.47 -20.67
CA GLY J 155 2.91 -118.32 -20.28
C GLY J 155 4.17 -117.49 -20.11
N GLY J 156 4.04 -116.26 -19.64
CA GLY J 156 5.19 -115.42 -19.28
C GLY J 156 4.75 -114.06 -18.76
N PRO J 157 5.69 -113.28 -18.21
CA PRO J 157 5.37 -111.97 -17.69
C PRO J 157 5.13 -111.03 -18.86
N VAL J 158 4.35 -109.99 -18.58
CA VAL J 158 4.14 -108.85 -19.51
C VAL J 158 4.95 -107.65 -19.06
N ASP J 159 5.25 -106.77 -20.01
CA ASP J 159 5.65 -105.39 -19.68
C ASP J 159 4.37 -104.57 -19.51
N ILE J 160 4.34 -103.74 -18.46
CA ILE J 160 3.17 -102.93 -18.10
C ILE J 160 3.46 -101.43 -18.26
N LEU J 161 2.57 -100.71 -18.94
CA LEU J 161 2.43 -99.24 -18.85
C LEU J 161 1.24 -98.96 -17.94
N HIS J 162 1.52 -98.30 -16.81
CA HIS J 162 0.59 -98.01 -15.70
C HIS J 162 0.55 -96.48 -15.54
N LEU J 163 -0.57 -95.88 -15.97
CA LEU J 163 -0.86 -94.45 -15.94
C LEU J 163 -1.68 -94.19 -14.69
N ASP J 164 -1.16 -93.34 -13.82
CA ASP J 164 -1.78 -93.25 -12.49
C ASP J 164 -1.17 -92.12 -11.74
N ALA J 165 -1.94 -91.42 -10.89
CA ALA J 165 -1.36 -90.44 -9.94
C ALA J 165 -0.64 -91.21 -8.84
N HIS J 166 -1.00 -92.47 -8.61
CA HIS J 166 -0.51 -93.25 -7.46
C HIS J 166 0.21 -94.50 -7.95
N PRO J 167 1.21 -95.00 -7.22
CA PRO J 167 1.92 -96.22 -7.63
C PRO J 167 1.25 -97.55 -7.28
N ASP J 168 0.33 -97.50 -6.32
CA ASP J 168 -0.51 -98.66 -5.90
C ASP J 168 0.41 -99.84 -5.65
N ILE J 169 1.49 -99.59 -4.92
CA ILE J 169 2.52 -100.63 -4.66
C ILE J 169 2.73 -100.88 -3.15
N TYR J 170 1.84 -100.37 -2.29
CA TYR J 170 1.89 -100.67 -0.85
C TYR J 170 1.82 -102.18 -0.67
N ASP J 171 2.53 -102.68 0.32
CA ASP J 171 2.51 -104.12 0.66
C ASP J 171 1.09 -104.61 1.02
N CYS J 172 0.39 -103.85 1.86
CA CYS J 172 -0.96 -104.22 2.39
C CYS J 172 -1.55 -102.97 3.01
N PHE J 173 -2.17 -102.15 2.19
CA PHE J 173 -2.78 -100.89 2.60
C PHE J 173 -3.98 -101.22 3.49
N GLU J 174 -3.88 -100.85 4.76
CA GLU J 174 -4.98 -100.88 5.74
C GLU J 174 -5.39 -102.33 5.95
N GLY J 175 -4.42 -103.25 5.99
CA GLY J 175 -4.68 -104.65 6.32
C GLY J 175 -5.24 -105.42 5.10
N ASN J 176 -5.48 -104.76 3.98
CA ASN J 176 -6.23 -105.44 2.89
C ASN J 176 -5.25 -105.78 1.77
N LYS J 177 -4.92 -107.05 1.59
CA LYS J 177 -3.96 -107.39 0.52
C LYS J 177 -4.55 -107.09 -0.86
N TYR J 178 -5.87 -106.96 -0.98
CA TYR J 178 -6.51 -106.70 -2.30
C TYR J 178 -6.87 -105.22 -2.35
N SER J 179 -6.28 -104.37 -1.50
CA SER J 179 -6.48 -102.91 -1.60
C SER J 179 -6.18 -102.45 -3.03
N HIS J 180 -6.94 -101.46 -3.50
CA HIS J 180 -6.67 -100.80 -4.80
C HIS J 180 -5.31 -100.11 -4.76
N ALA J 181 -4.74 -99.85 -3.59
CA ALA J 181 -3.40 -99.20 -3.43
C ALA J 181 -2.23 -100.23 -3.31
N SER J 182 -2.54 -101.52 -3.53
CA SER J 182 -1.64 -102.70 -3.39
C SER J 182 -1.60 -103.59 -4.64
N SER J 183 -2.44 -103.33 -5.64
CA SER J 183 -2.60 -104.32 -6.73
C SER J 183 -1.30 -104.50 -7.52
N PHE J 184 -0.48 -103.48 -7.64
CA PHE J 184 0.79 -103.61 -8.39
C PHE J 184 1.81 -104.39 -7.55
N ALA J 185 1.71 -104.36 -6.23
CA ALA J 185 2.60 -105.16 -5.37
C ALA J 185 2.24 -106.63 -5.65
N ARG J 186 0.95 -106.94 -5.72
CA ARG J 186 0.47 -108.34 -5.95
C ARG J 186 0.98 -108.84 -7.30
N ILE J 187 0.91 -107.99 -8.31
CA ILE J 187 1.34 -108.28 -9.70
C ILE J 187 2.87 -108.58 -9.70
N MET J 188 3.68 -107.73 -9.12
CA MET J 188 5.14 -107.83 -9.25
C MET J 188 5.61 -109.03 -8.40
N GLU J 189 5.01 -109.23 -7.23
CA GLU J 189 5.36 -110.35 -6.31
C GLU J 189 5.11 -111.68 -7.02
N GLY J 190 4.04 -111.75 -7.80
CA GLY J 190 3.59 -112.97 -8.45
C GLY J 190 4.43 -113.34 -9.68
N GLY J 191 5.27 -112.42 -10.20
CA GLY J 191 6.08 -112.70 -11.39
C GLY J 191 5.26 -112.50 -12.66
N TYR J 192 4.16 -111.74 -12.61
CA TYR J 192 3.25 -111.61 -13.78
C TYR J 192 3.70 -110.49 -14.71
N ALA J 193 4.61 -109.64 -14.27
CA ALA J 193 5.12 -108.50 -15.04
C ALA J 193 6.65 -108.46 -14.96
N ARG J 194 7.28 -108.03 -16.04
CA ARG J 194 8.72 -107.74 -16.04
C ARG J 194 8.89 -106.24 -15.80
N ARG J 195 8.73 -105.42 -16.85
CA ARG J 195 8.85 -103.96 -16.70
C ARG J 195 7.49 -103.45 -16.24
N LEU J 196 7.53 -102.50 -15.31
CA LEU J 196 6.36 -101.70 -14.89
C LEU J 196 6.80 -100.24 -15.00
N LEU J 197 6.23 -99.52 -15.97
CA LEU J 197 6.44 -98.07 -16.16
C LEU J 197 5.22 -97.33 -15.66
N GLN J 198 5.41 -96.50 -14.66
CA GLN J 198 4.32 -95.82 -13.91
C GLN J 198 4.48 -94.39 -14.35
N VAL J 199 3.45 -93.87 -14.97
CA VAL J 199 3.47 -92.53 -15.58
C VAL J 199 2.30 -91.73 -15.01
N GLY J 200 2.62 -90.53 -14.54
CA GLY J 200 1.68 -89.55 -14.02
C GLY J 200 1.76 -89.48 -12.52
N ILE J 201 2.71 -90.18 -11.90
CA ILE J 201 2.81 -90.32 -10.43
C ILE J 201 3.03 -88.95 -9.81
N ARG J 202 2.25 -88.60 -8.81
CA ARG J 202 2.41 -87.30 -8.07
C ARG J 202 1.92 -87.41 -6.62
N SER J 203 1.47 -88.59 -6.20
CA SER J 203 1.09 -88.90 -4.80
C SER J 203 1.78 -90.20 -4.38
N ILE J 204 2.88 -90.10 -3.67
CA ILE J 204 3.77 -91.25 -3.39
C ILE J 204 4.52 -90.94 -2.11
N ASN J 205 4.67 -91.93 -1.26
CA ASN J 205 5.41 -91.76 0.01
C ASN J 205 6.62 -92.71 -0.01
N GLN J 206 7.32 -92.77 1.11
CA GLN J 206 8.59 -93.50 1.21
C GLN J 206 8.36 -94.97 0.87
N GLU J 207 7.28 -95.60 1.37
CA GLU J 207 6.96 -97.01 1.09
C GLU J 207 6.73 -97.16 -0.43
N GLY J 208 5.99 -96.26 -1.09
CA GLY J 208 5.83 -96.30 -2.55
C GLY J 208 7.22 -96.30 -3.25
N ARG J 209 8.14 -95.43 -2.81
CA ARG J 209 9.48 -95.36 -3.43
C ARG J 209 10.30 -96.64 -3.17
N GLU J 210 10.31 -97.13 -1.92
CA GLU J 210 11.08 -98.35 -1.54
C GLU J 210 10.54 -99.57 -2.30
N GLN J 211 9.22 -99.72 -2.35
CA GLN J 211 8.60 -100.86 -3.06
C GLN J 211 8.89 -100.76 -4.57
N GLY J 212 8.85 -99.55 -5.12
CA GLY J 212 9.23 -99.29 -6.52
C GLY J 212 10.67 -99.80 -6.81
N LYS J 213 11.63 -99.43 -5.97
CA LYS J 213 13.02 -99.92 -6.10
C LYS J 213 13.05 -101.44 -6.01
N ARG J 214 12.32 -102.02 -5.06
CA ARG J 214 12.39 -103.45 -4.73
C ARG J 214 11.93 -104.26 -5.96
N PHE J 215 10.90 -103.77 -6.63
CA PHE J 215 10.31 -104.48 -7.78
C PHE J 215 10.96 -104.03 -9.10
N GLY J 216 11.85 -103.04 -9.07
CA GLY J 216 12.51 -102.51 -10.28
C GLY J 216 11.56 -101.74 -11.16
N VAL J 217 10.63 -101.02 -10.56
CA VAL J 217 9.62 -100.20 -11.27
C VAL J 217 10.31 -98.95 -11.86
N GLU J 218 9.92 -98.52 -13.07
CA GLU J 218 10.37 -97.19 -13.58
C GLU J 218 9.28 -96.15 -13.27
N GLN J 219 9.52 -95.31 -12.26
CA GLN J 219 8.50 -94.40 -11.74
C GLN J 219 8.75 -93.02 -12.34
N TYR J 220 7.91 -92.64 -13.28
CA TYR J 220 7.97 -91.30 -13.89
C TYR J 220 7.06 -90.38 -13.07
N GLU J 221 7.64 -89.49 -12.30
CA GLU J 221 6.90 -88.52 -11.43
C GLU J 221 6.64 -87.29 -12.27
N MET J 222 5.53 -86.64 -11.98
CA MET J 222 5.09 -85.48 -12.76
C MET J 222 6.06 -84.34 -12.55
N ARG J 223 6.81 -84.34 -11.47
CA ARG J 223 7.80 -83.24 -11.20
C ARG J 223 9.00 -83.34 -12.17
N THR J 224 9.16 -84.45 -12.92
CA THR J 224 10.19 -84.49 -14.01
C THR J 224 9.55 -84.68 -15.40
N PHE J 225 8.24 -84.45 -15.53
CA PHE J 225 7.51 -84.64 -16.81
C PHE J 225 8.03 -83.71 -17.92
N SER J 226 8.43 -82.48 -17.62
CA SER J 226 9.10 -81.58 -18.58
C SER J 226 10.27 -82.32 -19.24
N LYS J 227 11.15 -82.89 -18.45
CA LYS J 227 12.35 -83.53 -19.00
C LYS J 227 11.90 -84.83 -19.69
N ASP J 228 10.90 -85.54 -19.15
CA ASP J 228 10.61 -86.92 -19.58
C ASP J 228 9.63 -86.99 -20.78
N ARG J 229 8.95 -85.90 -21.10
CA ARG J 229 7.89 -85.92 -22.14
C ARG J 229 8.39 -86.60 -23.41
N PRO J 230 9.50 -86.16 -24.02
CA PRO J 230 9.93 -86.71 -25.32
C PRO J 230 10.09 -88.23 -25.28
N MET J 231 10.62 -88.75 -24.18
CA MET J 231 10.78 -90.20 -24.02
C MET J 231 9.39 -90.84 -23.87
N LEU J 232 8.47 -90.24 -23.10
CA LEU J 232 7.17 -90.90 -22.74
C LEU J 232 6.23 -90.87 -23.94
N GLU J 233 6.48 -89.96 -24.87
CA GLU J 233 5.76 -89.89 -26.16
C GLU J 233 6.48 -90.68 -27.27
N ASN J 234 7.50 -91.50 -26.97
CA ASN J 234 8.24 -92.34 -27.95
C ASN J 234 8.56 -93.71 -27.33
N LEU J 235 7.59 -94.30 -26.62
CA LEU J 235 7.82 -95.52 -25.85
C LEU J 235 7.78 -96.73 -26.78
N LYS J 236 8.72 -97.64 -26.55
CA LYS J 236 8.76 -98.98 -27.19
C LYS J 236 8.72 -99.99 -26.05
N LEU J 237 7.72 -100.86 -25.96
CA LEU J 237 7.66 -101.83 -24.83
C LEU J 237 7.42 -103.25 -25.36
N GLY J 238 7.81 -104.18 -24.51
CA GLY J 238 7.47 -105.60 -24.67
C GLY J 238 8.46 -106.37 -25.53
N GLU J 239 9.53 -105.78 -26.08
CA GLU J 239 10.58 -106.59 -26.75
C GLU J 239 11.21 -107.54 -25.71
N GLY J 240 11.16 -108.84 -25.99
CA GLY J 240 11.71 -109.92 -25.15
C GLY J 240 10.65 -110.55 -24.26
N VAL J 241 9.37 -110.13 -24.34
CA VAL J 241 8.26 -110.79 -23.56
C VAL J 241 7.04 -111.00 -24.47
N LYS J 242 6.04 -111.69 -23.94
CA LYS J 242 4.93 -112.17 -24.77
C LYS J 242 3.87 -111.07 -24.96
N GLY J 243 3.98 -109.93 -24.34
CA GLY J 243 3.02 -108.87 -24.61
C GLY J 243 3.16 -107.70 -23.66
N VAL J 244 2.35 -106.68 -23.94
CA VAL J 244 2.29 -105.43 -23.14
C VAL J 244 0.86 -105.25 -22.64
N TYR J 245 0.75 -104.86 -21.38
CA TYR J 245 -0.55 -104.61 -20.72
C TYR J 245 -0.56 -103.13 -20.33
N ILE J 246 -1.67 -102.44 -20.58
CA ILE J 246 -1.79 -101.01 -20.22
C ILE J 246 -2.93 -100.86 -19.19
N SER J 247 -2.60 -100.33 -18.02
CA SER J 247 -3.58 -100.03 -16.95
C SER J 247 -3.65 -98.53 -16.86
N ILE J 248 -4.86 -97.98 -17.02
CA ILE J 248 -5.09 -96.51 -16.97
C ILE J 248 -6.04 -96.22 -15.84
N ASP J 249 -5.51 -95.64 -14.81
CA ASP J 249 -6.32 -95.03 -13.73
C ASP J 249 -6.68 -93.69 -14.27
N VAL J 250 -7.94 -93.36 -14.27
CA VAL J 250 -8.46 -92.03 -14.75
C VAL J 250 -7.78 -90.85 -14.04
N ASP J 251 -7.30 -91.04 -12.82
CA ASP J 251 -6.68 -89.93 -12.06
C ASP J 251 -5.25 -89.72 -12.53
N CYS J 252 -4.76 -90.47 -13.53
CA CYS J 252 -3.50 -90.05 -14.20
C CYS J 252 -3.70 -88.66 -14.75
N LEU J 253 -4.93 -88.35 -15.18
CA LEU J 253 -5.37 -87.02 -15.71
C LEU J 253 -5.47 -86.04 -14.55
N ASP J 254 -5.16 -84.79 -14.81
CA ASP J 254 -5.44 -83.70 -13.87
C ASP J 254 -6.94 -83.64 -13.62
N PRO J 255 -7.37 -83.33 -12.39
CA PRO J 255 -8.79 -83.26 -12.06
C PRO J 255 -9.55 -82.24 -12.94
N ALA J 256 -8.83 -81.33 -13.61
CA ALA J 256 -9.45 -80.36 -14.52
C ALA J 256 -10.06 -81.18 -15.64
N PHE J 257 -9.43 -82.28 -16.06
CA PHE J 257 -9.94 -83.15 -17.15
C PHE J 257 -10.86 -84.26 -16.60
N ALA J 258 -10.58 -84.76 -15.40
CA ALA J 258 -11.16 -85.97 -14.81
C ALA J 258 -11.51 -85.70 -13.35
N PRO J 259 -12.58 -84.90 -13.05
CA PRO J 259 -13.02 -84.69 -11.66
C PRO J 259 -13.75 -85.92 -11.09
N GLY J 260 -14.26 -86.78 -11.96
CA GLY J 260 -15.01 -87.98 -11.59
C GLY J 260 -14.12 -89.10 -11.11
N VAL J 261 -13.40 -88.89 -9.99
CA VAL J 261 -12.43 -89.85 -9.41
C VAL J 261 -12.57 -89.77 -7.88
N SER J 262 -12.15 -90.80 -7.14
CA SER J 262 -12.20 -90.79 -5.66
C SER J 262 -11.07 -89.94 -5.08
N HIS J 263 -9.98 -89.78 -5.83
CA HIS J 263 -8.72 -89.18 -5.34
C HIS J 263 -8.35 -87.98 -6.23
N ILE J 264 -8.76 -86.80 -5.79
CA ILE J 264 -8.46 -85.53 -6.50
C ILE J 264 -6.99 -85.20 -6.19
N GLU J 265 -6.17 -85.17 -7.23
CA GLU J 265 -4.71 -84.99 -7.03
C GLU J 265 -4.19 -84.02 -8.08
N PRO J 266 -4.23 -82.71 -7.78
CA PRO J 266 -3.83 -81.69 -8.77
C PRO J 266 -2.44 -81.94 -9.40
N GLY J 267 -2.26 -81.49 -10.65
CA GLY J 267 -0.94 -81.50 -11.31
C GLY J 267 -0.75 -82.70 -12.22
N GLY J 268 -1.78 -83.06 -12.96
CA GLY J 268 -1.73 -84.28 -13.76
C GLY J 268 -1.51 -84.05 -15.23
N LEU J 269 -1.65 -85.14 -15.99
CA LEU J 269 -1.61 -85.14 -17.46
C LEU J 269 -2.89 -84.49 -18.02
N SER J 270 -2.79 -83.94 -19.22
CA SER J 270 -3.92 -83.52 -20.04
C SER J 270 -4.45 -84.76 -20.75
N PHE J 271 -5.71 -84.72 -21.23
CA PHE J 271 -6.21 -85.83 -22.07
C PHE J 271 -5.31 -85.99 -23.31
N ARG J 272 -4.91 -84.92 -23.96
CA ARG J 272 -4.04 -84.99 -25.16
C ARG J 272 -2.68 -85.57 -24.79
N ASP J 273 -2.14 -85.30 -23.61
CA ASP J 273 -0.86 -85.89 -23.13
C ASP J 273 -1.00 -87.43 -23.10
N VAL J 274 -2.11 -87.91 -22.53
CA VAL J 274 -2.28 -89.36 -22.47
C VAL J 274 -2.40 -89.95 -23.88
N LEU J 275 -3.16 -89.33 -24.78
CA LEU J 275 -3.24 -89.89 -26.15
C LEU J 275 -1.88 -89.79 -26.87
N ASN J 276 -1.06 -88.77 -26.65
CA ASN J 276 0.29 -88.67 -27.26
C ASN J 276 1.06 -89.94 -26.88
N ILE J 277 0.89 -90.41 -25.65
CA ILE J 277 1.67 -91.58 -25.17
C ILE J 277 1.04 -92.83 -25.82
N LEU J 278 -0.29 -93.00 -25.69
CA LEU J 278 -0.95 -94.20 -26.21
C LEU J 278 -0.70 -94.32 -27.72
N HIS J 279 -0.93 -93.26 -28.48
CA HIS J 279 -0.83 -93.32 -29.95
C HIS J 279 0.58 -93.65 -30.44
N ASN J 280 1.60 -93.20 -29.72
CA ASN J 280 3.00 -93.27 -30.15
C ASN J 280 3.65 -94.55 -29.59
N LEU J 281 3.05 -95.18 -28.61
CA LEU J 281 3.64 -96.37 -27.97
C LEU J 281 3.76 -97.46 -29.00
N GLN J 282 4.94 -98.07 -29.13
CA GLN J 282 5.12 -99.28 -29.97
C GLN J 282 5.08 -100.49 -29.04
N ALA J 283 4.09 -101.35 -29.25
CA ALA J 283 3.80 -102.45 -28.31
C ALA J 283 2.82 -103.45 -28.93
N ASP J 284 3.03 -104.73 -28.69
CA ASP J 284 2.00 -105.76 -28.95
C ASP J 284 1.07 -105.77 -27.71
N VAL J 285 -0.04 -105.03 -27.73
CA VAL J 285 -0.88 -104.82 -26.51
C VAL J 285 -1.80 -106.05 -26.36
N VAL J 286 -1.67 -106.80 -25.26
CA VAL J 286 -2.38 -108.09 -25.12
C VAL J 286 -3.60 -107.91 -24.21
N GLY J 287 -3.70 -106.74 -23.57
CA GLY J 287 -4.78 -106.43 -22.63
C GLY J 287 -4.63 -105.04 -22.04
N ALA J 288 -5.75 -104.51 -21.55
CA ALA J 288 -5.75 -103.17 -20.92
C ALA J 288 -6.93 -103.03 -19.97
N ASP J 289 -6.83 -102.05 -19.08
CA ASP J 289 -7.95 -101.68 -18.18
C ASP J 289 -8.04 -100.16 -18.04
N VAL J 290 -9.27 -99.69 -17.86
CA VAL J 290 -9.56 -98.29 -17.50
C VAL J 290 -10.37 -98.33 -16.19
N VAL J 291 -9.80 -97.78 -15.15
CA VAL J 291 -10.27 -98.00 -13.77
C VAL J 291 -10.41 -96.64 -13.09
N GLU J 292 -11.12 -96.68 -11.95
CA GLU J 292 -11.20 -95.61 -10.93
C GLU J 292 -12.00 -94.42 -11.48
N PHE J 293 -12.71 -94.62 -12.58
CA PHE J 293 -13.78 -93.66 -12.90
C PHE J 293 -14.86 -93.79 -11.79
N ASN J 294 -15.15 -92.68 -11.08
CA ASN J 294 -16.17 -92.62 -10.00
C ASN J 294 -17.34 -91.72 -10.47
N PRO J 295 -18.42 -92.29 -11.03
CA PRO J 295 -19.51 -91.46 -11.52
C PRO J 295 -20.17 -90.57 -10.46
N GLN J 296 -20.06 -90.92 -9.18
CA GLN J 296 -20.74 -90.15 -8.09
C GLN J 296 -19.94 -88.88 -7.84
N ARG J 297 -18.71 -88.81 -8.33
CA ARG J 297 -17.90 -87.57 -8.23
C ARG J 297 -17.85 -86.83 -9.58
N ASP J 298 -18.54 -87.32 -10.59
CA ASP J 298 -18.48 -86.76 -11.96
C ASP J 298 -19.31 -85.48 -12.02
N THR J 299 -19.17 -84.71 -13.09
CA THR J 299 -19.99 -83.49 -13.36
C THR J 299 -21.42 -83.94 -13.63
N VAL J 300 -22.39 -83.03 -13.48
CA VAL J 300 -23.82 -83.35 -13.76
C VAL J 300 -24.02 -83.81 -15.21
N ASP J 301 -23.16 -83.43 -16.16
CA ASP J 301 -23.28 -83.82 -17.60
C ASP J 301 -22.38 -85.03 -17.92
N GLY J 302 -21.57 -85.55 -17.00
CA GLY J 302 -20.89 -86.83 -17.27
C GLY J 302 -19.61 -86.68 -18.07
N MET J 303 -18.90 -85.58 -17.83
CA MET J 303 -17.64 -85.24 -18.49
C MET J 303 -16.62 -86.38 -18.29
N THR J 304 -16.51 -86.95 -17.10
CA THR J 304 -15.47 -87.97 -16.88
C THR J 304 -15.96 -89.28 -17.52
N ALA J 305 -17.27 -89.49 -17.67
CA ALA J 305 -17.78 -90.67 -18.38
C ALA J 305 -17.29 -90.63 -19.86
N MET J 306 -17.27 -89.45 -20.48
CA MET J 306 -16.80 -89.32 -21.88
C MET J 306 -15.26 -89.47 -21.91
N VAL J 307 -14.56 -88.89 -20.95
CA VAL J 307 -13.12 -89.15 -20.72
C VAL J 307 -12.85 -90.68 -20.74
N ALA J 308 -13.51 -91.41 -19.88
CA ALA J 308 -13.25 -92.85 -19.71
C ALA J 308 -13.65 -93.55 -21.00
N ALA J 309 -14.78 -93.19 -21.60
CA ALA J 309 -15.20 -93.82 -22.88
C ALA J 309 -14.10 -93.63 -23.95
N LYS J 310 -13.57 -92.42 -24.08
CA LYS J 310 -12.63 -92.10 -25.17
C LYS J 310 -11.29 -92.86 -24.94
N LEU J 311 -10.84 -93.03 -23.69
CA LEU J 311 -9.65 -93.87 -23.35
C LEU J 311 -9.95 -95.29 -23.80
N VAL J 312 -11.17 -95.73 -23.52
CA VAL J 312 -11.55 -97.11 -23.91
C VAL J 312 -11.47 -97.18 -25.44
N ARG J 313 -12.01 -96.21 -26.11
CA ARG J 313 -12.16 -96.28 -27.57
C ARG J 313 -10.75 -96.30 -28.23
N GLU J 314 -9.85 -95.45 -27.75
CA GLU J 314 -8.47 -95.31 -28.26
C GLU J 314 -7.70 -96.60 -27.89
N LEU J 315 -7.92 -97.18 -26.71
CA LEU J 315 -7.25 -98.47 -26.43
C LEU J 315 -7.79 -99.55 -27.37
N ALA J 316 -9.08 -99.54 -27.72
CA ALA J 316 -9.62 -100.60 -28.59
C ALA J 316 -8.92 -100.54 -29.96
N ALA J 317 -8.69 -99.32 -30.45
CA ALA J 317 -8.07 -99.05 -31.76
C ALA J 317 -6.63 -99.60 -31.78
N LYS J 318 -5.92 -99.51 -30.69
CA LYS J 318 -4.52 -100.01 -30.52
C LYS J 318 -4.49 -101.55 -30.34
N ILE J 319 -5.40 -102.10 -29.57
CA ILE J 319 -5.43 -103.56 -29.27
C ILE J 319 -5.85 -104.30 -30.55
N SER J 320 -6.92 -103.86 -31.20
CA SER J 320 -7.49 -104.54 -32.40
C SER J 320 -6.58 -104.34 -33.64
N LYS J 321 -6.46 -105.39 -34.45
CA LYS J 321 -5.69 -105.32 -35.72
C LYS J 321 -5.98 -106.59 -36.56
N SER K 6 -50.65 -66.57 -48.75
CA SER K 6 -51.96 -65.98 -48.42
C SER K 6 -51.74 -64.66 -47.66
N SER K 7 -52.62 -64.40 -46.68
CA SER K 7 -52.43 -63.46 -45.54
C SER K 7 -51.15 -63.80 -44.75
N ILE K 8 -50.78 -65.08 -44.76
CA ILE K 8 -49.58 -65.65 -44.07
C ILE K 8 -48.30 -65.16 -44.77
N GLU K 9 -48.12 -65.50 -46.05
CA GLU K 9 -46.91 -65.17 -46.88
C GLU K 9 -46.61 -63.67 -46.79
N LYS K 10 -47.61 -62.82 -46.82
CA LYS K 10 -47.40 -61.35 -46.73
C LYS K 10 -47.07 -60.96 -45.29
N GLY K 11 -47.75 -61.58 -44.33
CA GLY K 11 -47.45 -61.48 -42.89
C GLY K 11 -46.00 -61.83 -42.62
N GLN K 12 -45.54 -62.98 -43.14
CA GLN K 12 -44.14 -63.47 -43.01
C GLN K 12 -43.19 -62.37 -43.47
N ASN K 13 -43.45 -61.76 -44.63
CA ASN K 13 -42.55 -60.72 -45.19
C ASN K 13 -42.52 -59.52 -44.25
N ARG K 14 -43.66 -59.17 -43.65
CA ARG K 14 -43.74 -58.00 -42.73
C ARG K 14 -42.91 -58.25 -41.47
N VAL K 15 -42.99 -59.47 -40.93
CA VAL K 15 -42.16 -59.92 -39.76
C VAL K 15 -40.69 -59.87 -40.16
N ILE K 16 -40.32 -60.47 -41.27
CA ILE K 16 -38.92 -60.42 -41.81
C ILE K 16 -38.50 -58.95 -42.04
N ASP K 17 -39.33 -58.10 -42.64
CA ASP K 17 -38.91 -56.70 -42.91
C ASP K 17 -38.74 -55.94 -41.58
N ALA K 18 -39.58 -56.16 -40.57
CA ALA K 18 -39.44 -55.49 -39.24
C ALA K 18 -38.24 -56.08 -38.49
N SER K 19 -37.96 -57.38 -38.65
CA SER K 19 -36.70 -57.99 -38.13
C SER K 19 -35.49 -57.25 -38.74
N LEU K 20 -35.38 -57.16 -40.07
CA LEU K 20 -34.20 -56.52 -40.73
C LEU K 20 -34.17 -55.06 -40.34
N THR K 21 -35.31 -54.36 -40.30
CA THR K 21 -35.34 -52.92 -39.93
C THR K 21 -34.68 -52.69 -38.55
N LEU K 22 -34.90 -53.62 -37.64
CA LEU K 22 -34.34 -53.50 -36.26
C LEU K 22 -32.82 -53.51 -36.34
N ILE K 23 -32.24 -54.46 -37.06
CA ILE K 23 -30.77 -54.56 -37.25
C ILE K 23 -30.36 -53.28 -37.99
N ARG K 24 -31.10 -52.93 -39.06
CA ARG K 24 -30.75 -51.82 -39.97
C ARG K 24 -30.65 -50.51 -39.17
N GLU K 25 -31.64 -50.18 -38.35
CA GLU K 25 -31.60 -48.90 -37.60
C GLU K 25 -30.47 -48.90 -36.56
N ARG K 26 -30.24 -50.04 -35.86
CA ARG K 26 -29.22 -50.13 -34.79
C ARG K 26 -27.82 -50.06 -35.45
N ALA K 27 -27.63 -50.78 -36.56
CA ALA K 27 -26.35 -50.71 -37.30
C ALA K 27 -26.03 -49.24 -37.58
N LYS K 28 -27.04 -48.48 -38.00
CA LYS K 28 -26.89 -47.08 -38.45
C LYS K 28 -26.41 -46.19 -37.30
N LEU K 29 -26.97 -46.32 -36.10
CA LEU K 29 -26.49 -45.54 -34.89
C LEU K 29 -25.06 -45.94 -34.52
N LYS K 30 -24.74 -47.23 -34.62
CA LYS K 30 -23.38 -47.70 -34.24
C LYS K 30 -22.41 -47.22 -35.31
N GLY K 31 -22.79 -47.39 -36.58
CA GLY K 31 -22.05 -46.86 -37.74
C GLY K 31 -21.74 -45.38 -37.57
N GLU K 32 -22.75 -44.59 -37.17
CA GLU K 32 -22.61 -43.12 -36.98
C GLU K 32 -21.69 -42.82 -35.80
N LEU K 33 -21.78 -43.57 -34.70
CA LEU K 33 -20.97 -43.34 -33.49
C LEU K 33 -19.48 -43.59 -33.81
N VAL K 34 -19.19 -44.64 -34.57
CA VAL K 34 -17.79 -45.01 -34.96
C VAL K 34 -17.21 -43.92 -35.88
N ARG K 35 -17.95 -43.57 -36.94
CA ARG K 35 -17.60 -42.49 -37.91
C ARG K 35 -17.51 -41.16 -37.18
N LEU K 36 -18.40 -40.87 -36.22
CA LEU K 36 -18.29 -39.61 -35.44
C LEU K 36 -16.95 -39.63 -34.70
N LEU K 37 -16.59 -40.71 -34.03
CA LEU K 37 -15.31 -40.70 -33.26
C LEU K 37 -14.11 -40.60 -34.22
N GLY K 38 -14.17 -41.24 -35.38
CA GLY K 38 -13.14 -41.08 -36.43
C GLY K 38 -11.90 -41.96 -36.22
N GLY K 39 -11.19 -42.27 -37.32
CA GLY K 39 -9.86 -42.93 -37.31
C GLY K 39 -9.92 -44.45 -37.48
N ALA K 40 -11.01 -45.14 -37.20
CA ALA K 40 -11.03 -46.62 -37.36
C ALA K 40 -10.96 -47.00 -38.85
N LYS K 41 -10.08 -47.91 -39.23
CA LYS K 41 -10.15 -48.60 -40.56
C LYS K 41 -11.16 -49.77 -40.48
N ALA K 42 -11.25 -50.44 -39.36
CA ALA K 42 -12.23 -51.52 -39.09
C ALA K 42 -12.68 -51.44 -37.64
N SER K 43 -13.93 -51.82 -37.42
CA SER K 43 -14.61 -51.79 -36.08
C SER K 43 -15.51 -53.00 -35.98
N THR K 44 -15.13 -53.88 -35.08
CA THR K 44 -15.91 -55.08 -34.75
C THR K 44 -17.30 -54.67 -34.25
N SER K 45 -18.34 -55.26 -34.83
CA SER K 45 -19.74 -55.11 -34.36
C SER K 45 -20.39 -56.48 -34.19
N LEU K 46 -20.95 -56.72 -33.01
CA LEU K 46 -21.61 -58.00 -32.65
C LEU K 46 -23.00 -58.11 -33.27
N LEU K 47 -23.27 -59.29 -33.84
CA LEU K 47 -24.60 -59.70 -34.36
C LEU K 47 -24.90 -61.05 -33.74
N GLY K 48 -25.97 -61.16 -32.95
CA GLY K 48 -26.39 -62.44 -32.40
C GLY K 48 -27.26 -63.18 -33.41
N VAL K 49 -27.08 -64.49 -33.54
CA VAL K 49 -28.05 -65.33 -34.30
C VAL K 49 -28.44 -66.45 -33.36
N PRO K 50 -29.45 -66.22 -32.50
CA PRO K 50 -29.86 -67.19 -31.49
C PRO K 50 -30.70 -68.33 -32.12
N LEU K 51 -29.99 -69.25 -32.75
CA LEU K 51 -30.54 -70.36 -33.54
C LEU K 51 -29.90 -71.65 -32.99
N GLY K 52 -30.72 -72.66 -32.68
CA GLY K 52 -30.28 -73.96 -32.14
C GLY K 52 -30.85 -75.17 -32.86
N HIS K 53 -31.74 -74.96 -33.82
CA HIS K 53 -32.63 -76.05 -34.29
C HIS K 53 -31.92 -76.88 -35.37
N ASN K 54 -30.72 -76.49 -35.80
CA ASN K 54 -29.85 -77.22 -36.79
C ASN K 54 -28.86 -78.13 -36.03
N SER K 55 -29.01 -78.16 -34.71
CA SER K 55 -28.22 -79.01 -33.81
C SER K 55 -28.70 -80.45 -33.93
N SER K 56 -27.77 -81.40 -33.86
CA SER K 56 -28.03 -82.87 -33.96
C SER K 56 -28.25 -83.48 -32.58
N PHE K 57 -27.85 -82.83 -31.50
CA PHE K 57 -27.92 -83.46 -30.15
C PHE K 57 -28.65 -82.53 -29.16
N LEU K 58 -28.25 -81.27 -28.98
CA LEU K 58 -28.92 -80.34 -28.05
C LEU K 58 -29.00 -78.97 -28.70
N GLN K 59 -30.12 -78.28 -28.45
CA GLN K 59 -30.44 -76.98 -29.10
C GLN K 59 -30.04 -75.78 -28.22
N GLY K 60 -29.38 -76.02 -27.11
CA GLY K 60 -28.99 -75.00 -26.11
C GLY K 60 -28.27 -73.77 -26.67
N PRO K 61 -27.44 -73.84 -27.72
CA PRO K 61 -26.79 -72.63 -28.22
C PRO K 61 -27.75 -71.53 -28.67
N ALA K 62 -29.02 -71.85 -28.90
CA ALA K 62 -30.06 -70.85 -29.19
C ALA K 62 -29.99 -69.76 -28.12
N PHE K 63 -29.63 -70.08 -26.88
CA PHE K 63 -29.70 -69.17 -25.71
C PHE K 63 -28.39 -68.44 -25.49
N ALA K 64 -27.35 -68.71 -26.30
CA ALA K 64 -25.99 -68.25 -26.00
C ALA K 64 -25.83 -66.73 -26.11
N PRO K 65 -26.28 -66.04 -27.18
CA PRO K 65 -25.81 -64.67 -27.40
C PRO K 65 -26.10 -63.73 -26.23
N PRO K 66 -27.26 -63.69 -25.58
CA PRO K 66 -27.41 -62.81 -24.41
C PRO K 66 -26.51 -63.22 -23.22
N ARG K 67 -26.17 -64.52 -23.04
CA ARG K 67 -25.28 -64.91 -21.92
C ARG K 67 -23.85 -64.41 -22.20
N ILE K 68 -23.38 -64.56 -23.44
CA ILE K 68 -22.04 -64.09 -23.87
C ILE K 68 -21.93 -62.59 -23.57
N ARG K 69 -22.95 -61.81 -23.90
CA ARG K 69 -22.95 -60.33 -23.65
C ARG K 69 -22.81 -60.07 -22.16
N GLU K 70 -23.53 -60.82 -21.33
CA GLU K 70 -23.48 -60.59 -19.87
C GLU K 70 -22.04 -60.82 -19.37
N ALA K 71 -21.37 -61.87 -19.86
CA ALA K 71 -19.98 -62.24 -19.48
C ALA K 71 -18.95 -61.23 -20.06
N ILE K 72 -19.15 -60.65 -21.22
CA ILE K 72 -18.22 -59.59 -21.73
C ILE K 72 -18.15 -58.39 -20.73
N TRP K 73 -19.29 -57.95 -20.20
CA TRP K 73 -19.42 -56.75 -19.34
C TRP K 73 -19.48 -57.13 -17.88
N CYS K 74 -19.20 -58.38 -17.54
CA CYS K 74 -19.21 -58.87 -16.14
C CYS K 74 -18.37 -57.94 -15.27
N GLY K 75 -18.86 -57.61 -14.08
CA GLY K 75 -18.18 -56.65 -13.20
C GLY K 75 -16.94 -57.28 -12.56
N SER K 76 -16.68 -58.56 -12.81
CA SER K 76 -15.48 -59.30 -12.29
C SER K 76 -14.27 -59.03 -13.21
N THR K 77 -14.52 -58.53 -14.43
CA THR K 77 -13.51 -58.36 -15.49
C THR K 77 -13.22 -56.87 -15.67
N ASN K 78 -12.13 -56.54 -16.39
CA ASN K 78 -11.95 -55.14 -16.82
C ASN K 78 -12.19 -55.17 -18.32
N SER K 79 -12.26 -53.99 -18.89
CA SER K 79 -12.67 -53.81 -20.30
C SER K 79 -11.43 -53.78 -21.22
N ALA K 80 -10.21 -54.05 -20.74
CA ALA K 80 -9.00 -54.13 -21.60
C ALA K 80 -8.88 -55.54 -22.18
N THR K 81 -8.67 -55.70 -23.47
CA THR K 81 -8.21 -56.99 -24.05
C THR K 81 -6.74 -57.28 -23.67
N GLU K 82 -6.28 -58.50 -23.92
CA GLU K 82 -4.95 -58.98 -23.44
C GLU K 82 -3.82 -58.12 -24.06
N GLU K 83 -3.96 -57.65 -25.31
CA GLU K 83 -2.96 -56.82 -26.04
C GLU K 83 -3.22 -55.33 -25.83
N GLY K 84 -4.19 -54.90 -25.02
CA GLY K 84 -4.33 -53.52 -24.52
C GLY K 84 -5.44 -52.70 -25.19
N LYS K 85 -6.31 -53.24 -26.02
CA LYS K 85 -7.37 -52.42 -26.63
C LYS K 85 -8.53 -52.26 -25.64
N GLU K 86 -9.22 -51.14 -25.74
CA GLU K 86 -10.33 -50.71 -24.84
C GLU K 86 -11.72 -51.08 -25.46
N LEU K 87 -12.43 -52.04 -24.85
CA LEU K 87 -13.74 -52.57 -25.33
C LEU K 87 -14.87 -51.55 -25.20
N LYS K 88 -14.75 -50.56 -24.31
CA LYS K 88 -15.75 -49.48 -24.17
C LYS K 88 -15.69 -48.53 -25.39
N ASP K 89 -14.58 -48.55 -26.16
CA ASP K 89 -14.39 -47.71 -27.38
C ASP K 89 -15.20 -48.35 -28.51
N PRO K 90 -16.23 -47.63 -29.01
CA PRO K 90 -17.09 -48.15 -30.08
C PRO K 90 -16.33 -48.58 -31.34
N ARG K 91 -15.17 -47.96 -31.59
CA ARG K 91 -14.27 -48.22 -32.73
C ARG K 91 -13.65 -49.62 -32.59
N VAL K 92 -13.48 -50.10 -31.36
CA VAL K 92 -12.95 -51.46 -31.07
C VAL K 92 -14.15 -52.42 -31.03
N LEU K 93 -15.21 -52.02 -30.35
CA LEU K 93 -16.45 -52.84 -30.22
C LEU K 93 -17.75 -52.02 -30.12
N THR K 94 -18.70 -52.41 -30.98
CA THR K 94 -20.16 -52.13 -30.85
C THR K 94 -20.95 -53.44 -30.98
N ASP K 95 -22.27 -53.32 -30.84
CA ASP K 95 -23.23 -54.44 -30.76
C ASP K 95 -24.52 -54.03 -31.48
N VAL K 96 -24.91 -54.77 -32.53
CA VAL K 96 -26.21 -54.51 -33.21
C VAL K 96 -27.34 -55.45 -32.72
N GLY K 97 -27.10 -56.25 -31.68
CA GLY K 97 -28.12 -57.11 -31.07
C GLY K 97 -28.32 -58.37 -31.85
N ASP K 98 -29.51 -58.95 -31.75
CA ASP K 98 -29.85 -60.34 -32.17
C ASP K 98 -30.86 -60.29 -33.33
N VAL K 99 -30.61 -61.07 -34.36
CA VAL K 99 -31.63 -61.52 -35.34
C VAL K 99 -32.73 -62.21 -34.56
N PRO K 100 -33.98 -61.72 -34.65
CA PRO K 100 -35.18 -62.36 -34.07
C PRO K 100 -35.54 -63.71 -34.73
N VAL K 101 -34.70 -64.69 -34.49
CA VAL K 101 -34.77 -65.99 -35.17
C VAL K 101 -36.05 -66.71 -34.81
N GLN K 102 -36.35 -66.82 -33.53
CA GLN K 102 -37.50 -67.66 -33.06
C GLN K 102 -38.79 -67.05 -33.63
N GLU K 103 -38.83 -65.72 -33.73
CA GLU K 103 -39.99 -64.98 -34.29
C GLU K 103 -40.20 -65.33 -35.76
N ILE K 104 -39.12 -65.35 -36.55
CA ILE K 104 -39.19 -65.69 -37.99
C ILE K 104 -39.59 -67.17 -38.14
N ARG K 105 -39.02 -68.09 -37.37
CA ARG K 105 -39.44 -69.51 -37.42
C ARG K 105 -40.93 -69.58 -37.09
N ASP K 106 -41.36 -68.86 -36.06
CA ASP K 106 -42.72 -69.07 -35.54
C ASP K 106 -43.82 -68.72 -36.57
N CYS K 107 -43.59 -67.81 -37.50
CA CYS K 107 -44.57 -67.44 -38.53
C CYS K 107 -44.49 -68.36 -39.78
N GLY K 108 -43.74 -69.48 -39.71
CA GLY K 108 -43.81 -70.61 -40.65
C GLY K 108 -42.80 -70.48 -41.77
N VAL K 109 -41.80 -69.64 -41.57
CA VAL K 109 -40.73 -69.31 -42.57
C VAL K 109 -39.80 -70.51 -42.67
N ASP K 110 -39.57 -71.02 -43.89
CA ASP K 110 -38.68 -72.20 -44.12
C ASP K 110 -37.21 -71.84 -43.88
N ASP K 111 -36.34 -72.84 -43.78
CA ASP K 111 -34.90 -72.64 -43.46
C ASP K 111 -34.23 -71.87 -44.61
N ASP K 112 -34.56 -72.12 -45.88
CA ASP K 112 -33.89 -71.39 -47.00
C ASP K 112 -34.02 -69.88 -46.73
N ARG K 113 -35.24 -69.45 -46.45
CA ARG K 113 -35.55 -68.04 -46.22
C ARG K 113 -34.96 -67.51 -44.90
N LEU K 114 -35.05 -68.27 -43.78
CA LEU K 114 -34.40 -67.87 -42.51
C LEU K 114 -32.89 -67.63 -42.71
N MET K 115 -32.18 -68.54 -43.41
CA MET K 115 -30.73 -68.36 -43.67
C MET K 115 -30.55 -67.12 -44.58
N ASN K 116 -31.46 -66.89 -45.54
CA ASN K 116 -31.45 -65.65 -46.36
C ASN K 116 -31.52 -64.43 -45.44
N VAL K 117 -32.39 -64.42 -44.42
CA VAL K 117 -32.49 -63.26 -43.50
C VAL K 117 -31.17 -63.03 -42.74
N ILE K 118 -30.54 -64.10 -42.27
CA ILE K 118 -29.29 -64.01 -41.48
C ILE K 118 -28.21 -63.42 -42.42
N SER K 119 -28.12 -63.96 -43.65
CA SER K 119 -27.15 -63.44 -44.64
C SER K 119 -27.44 -61.94 -44.79
N GLU K 120 -28.69 -61.54 -45.01
CA GLU K 120 -29.09 -60.11 -45.14
C GLU K 120 -28.67 -59.27 -43.91
N SER K 121 -28.77 -59.81 -42.71
CA SER K 121 -28.50 -59.04 -41.46
C SER K 121 -27.00 -58.71 -41.36
N VAL K 122 -26.17 -59.70 -41.70
CA VAL K 122 -24.69 -59.52 -41.78
C VAL K 122 -24.39 -58.42 -42.82
N LYS K 123 -25.08 -58.41 -43.97
CA LYS K 123 -24.88 -57.38 -45.02
C LYS K 123 -25.30 -56.00 -44.48
N LEU K 124 -26.33 -55.94 -43.61
CA LEU K 124 -26.74 -54.64 -42.95
C LEU K 124 -25.55 -54.10 -42.14
N VAL K 125 -24.79 -54.96 -41.51
CA VAL K 125 -23.62 -54.49 -40.71
C VAL K 125 -22.49 -54.01 -41.63
N MET K 126 -22.14 -54.84 -42.63
CA MET K 126 -20.99 -54.59 -43.54
C MET K 126 -21.21 -53.30 -44.31
N GLU K 127 -22.48 -52.96 -44.57
CA GLU K 127 -22.95 -51.78 -45.35
C GLU K 127 -22.77 -50.49 -44.54
N GLU K 128 -22.54 -50.54 -43.23
CA GLU K 128 -22.18 -49.35 -42.41
C GLU K 128 -20.66 -49.28 -42.21
N GLU K 129 -19.94 -48.44 -42.97
CA GLU K 129 -18.47 -48.26 -42.84
C GLU K 129 -18.13 -47.72 -41.45
N PRO K 130 -17.08 -48.23 -40.77
CA PRO K 130 -16.31 -49.41 -41.19
C PRO K 130 -16.52 -50.67 -40.32
N LEU K 131 -17.79 -50.99 -40.02
CA LEU K 131 -18.13 -52.14 -39.16
C LEU K 131 -17.75 -53.43 -39.89
N ARG K 132 -17.28 -54.40 -39.13
CA ARG K 132 -17.04 -55.78 -39.62
C ARG K 132 -17.78 -56.71 -38.65
N PRO K 133 -18.50 -57.70 -39.18
CA PRO K 133 -19.35 -58.55 -38.34
C PRO K 133 -18.57 -59.62 -37.55
N LEU K 134 -18.88 -59.69 -36.25
CA LEU K 134 -18.54 -60.83 -35.38
C LEU K 134 -19.85 -61.40 -34.84
N VAL K 135 -20.12 -62.62 -35.25
CA VAL K 135 -21.47 -63.24 -35.11
C VAL K 135 -21.39 -64.16 -33.89
N LEU K 136 -22.35 -63.95 -32.97
CA LEU K 136 -22.58 -64.78 -31.75
C LEU K 136 -23.60 -65.85 -32.09
N GLY K 137 -23.14 -67.10 -32.15
CA GLY K 137 -24.05 -68.26 -32.25
C GLY K 137 -24.62 -68.59 -30.88
N GLY K 138 -25.58 -69.51 -30.87
CA GLY K 138 -26.14 -70.13 -32.06
C GLY K 138 -25.33 -71.36 -32.43
N ASP K 139 -25.92 -72.33 -33.13
CA ASP K 139 -25.23 -73.56 -33.55
C ASP K 139 -24.42 -73.25 -34.83
N HIS K 140 -23.54 -74.16 -35.22
CA HIS K 140 -22.60 -73.99 -36.35
C HIS K 140 -23.31 -73.83 -37.70
N SER K 141 -24.63 -74.08 -37.81
CA SER K 141 -25.37 -73.94 -39.10
C SER K 141 -25.24 -72.50 -39.59
N ILE K 142 -25.05 -71.57 -38.64
CA ILE K 142 -25.05 -70.13 -38.97
C ILE K 142 -23.82 -69.70 -39.75
N SER K 143 -22.68 -70.38 -39.67
CA SER K 143 -21.46 -69.92 -40.38
C SER K 143 -21.74 -69.86 -41.88
N TYR K 144 -22.59 -70.74 -42.41
CA TYR K 144 -22.86 -70.82 -43.86
C TYR K 144 -23.48 -69.52 -44.37
N PRO K 145 -24.68 -69.10 -43.94
CA PRO K 145 -25.21 -67.78 -44.38
C PRO K 145 -24.32 -66.58 -44.04
N VAL K 146 -23.54 -66.66 -42.95
CA VAL K 146 -22.67 -65.52 -42.55
C VAL K 146 -21.52 -65.47 -43.58
N VAL K 147 -20.88 -66.59 -43.86
CA VAL K 147 -19.71 -66.57 -44.78
C VAL K 147 -20.20 -66.22 -46.18
N ARG K 148 -21.35 -66.75 -46.57
CA ARG K 148 -21.98 -66.44 -47.86
C ARG K 148 -22.16 -64.93 -47.95
N ALA K 149 -22.63 -64.26 -46.90
CA ALA K 149 -22.87 -62.80 -46.95
C ALA K 149 -21.54 -62.06 -47.12
N VAL K 150 -20.54 -62.47 -46.36
CA VAL K 150 -19.19 -61.83 -46.34
C VAL K 150 -18.55 -61.97 -47.73
N SER K 151 -18.53 -63.19 -48.30
CA SER K 151 -17.99 -63.51 -49.66
C SER K 151 -18.74 -62.72 -50.71
N GLU K 152 -20.08 -62.71 -50.66
CA GLU K 152 -20.89 -62.02 -51.72
C GLU K 152 -20.61 -60.50 -51.74
N LYS K 153 -20.49 -59.87 -50.59
CA LYS K 153 -20.24 -58.43 -50.39
C LYS K 153 -18.83 -58.09 -50.84
N LEU K 154 -17.83 -58.90 -50.49
CA LEU K 154 -16.43 -58.68 -50.93
C LEU K 154 -16.23 -58.98 -52.43
N GLY K 155 -16.97 -59.90 -53.02
CA GLY K 155 -16.85 -60.23 -54.45
C GLY K 155 -15.79 -61.28 -54.68
N GLY K 156 -15.63 -62.20 -53.71
CA GLY K 156 -14.65 -63.28 -53.87
C GLY K 156 -14.65 -64.23 -52.69
N PRO K 157 -13.98 -65.38 -52.80
CA PRO K 157 -13.95 -66.34 -51.70
C PRO K 157 -12.99 -65.80 -50.64
N VAL K 158 -13.21 -66.22 -49.39
CA VAL K 158 -12.31 -65.91 -48.25
C VAL K 158 -11.51 -67.15 -47.98
N ASP K 159 -10.37 -66.99 -47.34
CA ASP K 159 -9.71 -68.12 -46.63
C ASP K 159 -10.22 -68.15 -45.19
N ILE K 160 -10.36 -69.37 -44.66
CA ILE K 160 -11.04 -69.63 -43.37
C ILE K 160 -10.09 -70.34 -42.40
N LEU K 161 -9.93 -69.76 -41.22
CA LEU K 161 -9.48 -70.53 -40.02
C LEU K 161 -10.70 -71.00 -39.21
N HIS K 162 -10.85 -72.32 -39.12
CA HIS K 162 -11.99 -73.05 -38.51
C HIS K 162 -11.48 -73.87 -37.32
N LEU K 163 -11.78 -73.38 -36.12
CA LEU K 163 -11.38 -74.00 -34.81
C LEU K 163 -12.55 -74.82 -34.31
N ASP K 164 -12.32 -76.13 -34.17
CA ASP K 164 -13.40 -77.11 -33.96
C ASP K 164 -12.86 -78.50 -33.67
N ALA K 165 -13.53 -79.22 -32.79
CA ALA K 165 -13.27 -80.66 -32.60
C ALA K 165 -13.78 -81.44 -33.84
N HIS K 166 -14.70 -80.83 -34.62
CA HIS K 166 -15.48 -81.51 -35.68
C HIS K 166 -15.24 -80.81 -37.02
N PRO K 167 -15.14 -81.55 -38.14
CA PRO K 167 -14.96 -80.88 -39.44
C PRO K 167 -16.20 -80.19 -40.02
N ASP K 168 -17.38 -80.68 -39.68
CA ASP K 168 -18.68 -80.02 -40.02
C ASP K 168 -18.83 -79.91 -41.54
N ILE K 169 -18.60 -81.01 -42.20
CA ILE K 169 -18.43 -81.03 -43.69
C ILE K 169 -19.11 -82.28 -44.25
N TYR K 170 -20.00 -82.87 -43.45
CA TYR K 170 -20.94 -83.90 -43.93
C TYR K 170 -21.85 -83.27 -44.99
N ASP K 171 -22.16 -84.05 -46.03
CA ASP K 171 -23.01 -83.60 -47.15
C ASP K 171 -24.36 -83.12 -46.62
N CYS K 172 -25.00 -83.91 -45.78
CA CYS K 172 -26.45 -83.81 -45.47
C CYS K 172 -26.72 -84.66 -44.25
N PHE K 173 -26.18 -84.20 -43.14
CA PHE K 173 -26.27 -84.86 -41.83
C PHE K 173 -27.73 -85.07 -41.39
N GLU K 174 -28.16 -86.33 -41.41
CA GLU K 174 -29.50 -86.82 -41.00
C GLU K 174 -30.64 -86.21 -41.84
N GLY K 175 -30.47 -85.99 -43.16
CA GLY K 175 -31.52 -85.42 -44.02
C GLY K 175 -31.49 -83.88 -44.08
N ASN K 176 -30.73 -83.20 -43.21
CA ASN K 176 -30.83 -81.72 -43.03
C ASN K 176 -29.65 -81.03 -43.70
N LYS K 177 -29.87 -80.41 -44.86
CA LYS K 177 -28.80 -79.67 -45.59
C LYS K 177 -28.26 -78.48 -44.78
N TYR K 178 -29.00 -77.94 -43.80
CA TYR K 178 -28.60 -76.80 -42.94
C TYR K 178 -28.07 -77.33 -41.58
N SER K 179 -27.80 -78.63 -41.48
CA SER K 179 -27.29 -79.24 -40.24
C SER K 179 -26.09 -78.40 -39.75
N HIS K 180 -25.88 -78.31 -38.43
CA HIS K 180 -24.66 -77.69 -37.85
C HIS K 180 -23.44 -78.52 -38.26
N ALA K 181 -23.60 -79.78 -38.70
CA ALA K 181 -22.46 -80.65 -39.09
C ALA K 181 -22.22 -80.63 -40.60
N SER K 182 -22.88 -79.73 -41.32
CA SER K 182 -22.88 -79.69 -42.80
C SER K 182 -22.53 -78.26 -43.25
N SER K 183 -22.29 -77.31 -42.32
CA SER K 183 -22.22 -75.88 -42.70
C SER K 183 -21.00 -75.66 -43.61
N PHE K 184 -19.88 -76.31 -43.36
CA PHE K 184 -18.65 -76.11 -44.20
C PHE K 184 -18.74 -76.83 -45.54
N ALA K 185 -19.56 -77.86 -45.65
CA ALA K 185 -19.93 -78.44 -46.95
C ALA K 185 -20.71 -77.40 -47.78
N ARG K 186 -21.66 -76.72 -47.15
CA ARG K 186 -22.48 -75.69 -47.85
C ARG K 186 -21.55 -74.57 -48.33
N ILE K 187 -20.67 -74.07 -47.45
CA ILE K 187 -19.66 -72.99 -47.76
C ILE K 187 -18.74 -73.44 -48.94
N MET K 188 -18.03 -74.55 -48.83
CA MET K 188 -17.07 -74.90 -49.91
C MET K 188 -17.84 -75.15 -51.23
N GLU K 189 -19.05 -75.72 -51.17
CA GLU K 189 -19.86 -76.05 -52.37
C GLU K 189 -20.19 -74.78 -53.14
N GLY K 190 -20.44 -73.71 -52.42
CA GLY K 190 -20.92 -72.49 -53.07
C GLY K 190 -19.78 -71.60 -53.52
N GLY K 191 -18.52 -71.98 -53.30
CA GLY K 191 -17.36 -71.15 -53.75
C GLY K 191 -17.14 -69.93 -52.84
N TYR K 192 -17.62 -69.94 -51.61
CA TYR K 192 -17.51 -68.77 -50.69
C TYR K 192 -16.14 -68.73 -49.99
N ALA K 193 -15.36 -69.83 -50.09
CA ALA K 193 -14.03 -69.97 -49.46
C ALA K 193 -13.04 -70.66 -50.42
N ARG K 194 -11.78 -70.24 -50.35
CA ARG K 194 -10.65 -70.87 -51.07
C ARG K 194 -9.98 -71.82 -50.08
N ARG K 195 -9.20 -71.34 -49.11
CA ARG K 195 -8.53 -72.26 -48.17
C ARG K 195 -9.43 -72.46 -46.96
N LEU K 196 -9.54 -73.71 -46.53
CA LEU K 196 -10.22 -73.98 -45.23
C LEU K 196 -9.22 -74.74 -44.38
N LEU K 197 -8.65 -74.11 -43.35
CA LEU K 197 -7.84 -74.81 -42.32
C LEU K 197 -8.68 -75.09 -41.08
N GLN K 198 -8.74 -76.36 -40.73
CA GLN K 198 -9.53 -76.87 -39.60
C GLN K 198 -8.51 -77.32 -38.57
N VAL K 199 -8.60 -76.72 -37.39
CA VAL K 199 -7.67 -76.91 -36.25
C VAL K 199 -8.49 -77.35 -35.05
N GLY K 200 -8.00 -78.37 -34.32
CA GLY K 200 -8.64 -78.97 -33.15
C GLY K 200 -9.34 -80.27 -33.48
N ILE K 201 -9.30 -80.68 -34.73
CA ILE K 201 -10.14 -81.80 -35.19
C ILE K 201 -9.79 -83.04 -34.37
N ARG K 202 -10.77 -83.68 -33.74
CA ARG K 202 -10.53 -84.95 -32.99
C ARG K 202 -11.71 -85.92 -33.09
N SER K 203 -12.75 -85.53 -33.82
CA SER K 203 -13.98 -86.34 -34.00
C SER K 203 -14.30 -86.23 -35.49
N ILE K 204 -13.90 -87.26 -36.25
CA ILE K 204 -13.99 -87.28 -37.72
C ILE K 204 -14.13 -88.73 -38.20
N ASN K 205 -15.05 -88.98 -39.12
CA ASN K 205 -15.18 -90.35 -39.71
C ASN K 205 -14.76 -90.29 -41.17
N GLN K 206 -14.93 -91.43 -41.82
CA GLN K 206 -14.50 -91.70 -43.21
C GLN K 206 -15.14 -90.65 -44.10
N GLU K 207 -16.44 -90.33 -43.87
CA GLU K 207 -17.19 -89.30 -44.64
C GLU K 207 -16.56 -87.92 -44.42
N GLY K 208 -16.16 -87.58 -43.21
CA GLY K 208 -15.55 -86.28 -42.95
C GLY K 208 -14.19 -86.18 -43.62
N ARG K 209 -13.48 -87.30 -43.74
CA ARG K 209 -12.12 -87.34 -44.35
C ARG K 209 -12.24 -87.24 -45.88
N GLU K 210 -13.19 -87.96 -46.46
CA GLU K 210 -13.45 -87.98 -47.92
C GLU K 210 -13.93 -86.58 -48.33
N GLN K 211 -14.92 -86.00 -47.60
CA GLN K 211 -15.41 -84.60 -47.87
C GLN K 211 -14.24 -83.62 -47.69
N GLY K 212 -13.40 -83.79 -46.68
CA GLY K 212 -12.24 -82.89 -46.44
C GLY K 212 -11.32 -82.89 -47.66
N LYS K 213 -11.08 -84.08 -48.21
CA LYS K 213 -10.23 -84.23 -49.41
C LYS K 213 -10.97 -83.64 -50.62
N ARG K 214 -12.26 -83.89 -50.77
CA ARG K 214 -13.04 -83.34 -51.93
C ARG K 214 -12.94 -81.80 -52.00
N PHE K 215 -12.99 -81.11 -50.87
CA PHE K 215 -13.02 -79.62 -50.85
C PHE K 215 -11.62 -79.03 -50.68
N GLY K 216 -10.59 -79.88 -50.64
CA GLY K 216 -9.19 -79.39 -50.52
C GLY K 216 -8.94 -78.76 -49.15
N VAL K 217 -9.54 -79.31 -48.10
CA VAL K 217 -9.41 -78.76 -46.71
C VAL K 217 -8.07 -79.14 -46.09
N GLU K 218 -7.50 -78.26 -45.29
CA GLU K 218 -6.25 -78.58 -44.58
C GLU K 218 -6.62 -78.87 -43.15
N GLN K 219 -6.79 -80.16 -42.83
CA GLN K 219 -7.33 -80.67 -41.56
C GLN K 219 -6.18 -81.04 -40.66
N TYR K 220 -5.93 -80.19 -39.65
CA TYR K 220 -5.03 -80.44 -38.51
C TYR K 220 -5.75 -81.16 -37.36
N GLU K 221 -5.44 -82.45 -37.23
CA GLU K 221 -5.98 -83.34 -36.17
C GLU K 221 -5.13 -83.16 -34.91
N MET K 222 -5.79 -83.21 -33.75
CA MET K 222 -5.09 -83.10 -32.46
C MET K 222 -4.06 -84.23 -32.27
N ARG K 223 -4.17 -85.33 -33.01
CA ARG K 223 -3.21 -86.47 -32.90
C ARG K 223 -1.84 -86.10 -33.48
N THR K 224 -1.74 -85.02 -34.26
CA THR K 224 -0.46 -84.47 -34.79
C THR K 224 -0.20 -83.07 -34.23
N PHE K 225 -0.93 -82.61 -33.19
CA PHE K 225 -0.77 -81.24 -32.67
C PHE K 225 0.63 -81.05 -32.09
N SER K 226 1.26 -82.02 -31.43
CA SER K 226 2.60 -81.74 -30.84
C SER K 226 3.59 -81.40 -31.99
N LYS K 227 3.47 -82.04 -33.17
CA LYS K 227 4.29 -81.70 -34.39
C LYS K 227 3.82 -80.39 -35.03
N ASP K 228 2.53 -80.12 -35.09
CA ASP K 228 1.95 -79.04 -35.91
C ASP K 228 1.91 -77.72 -35.13
N ARG K 229 2.20 -77.69 -33.83
CA ARG K 229 1.98 -76.46 -33.02
C ARG K 229 2.80 -75.27 -33.53
N PRO K 230 4.11 -75.39 -33.78
CA PRO K 230 4.91 -74.24 -34.23
C PRO K 230 4.31 -73.55 -35.46
N MET K 231 3.87 -74.35 -36.43
CA MET K 231 3.21 -73.93 -37.69
C MET K 231 1.85 -73.28 -37.39
N LEU K 232 1.04 -73.84 -36.48
CA LEU K 232 -0.28 -73.28 -36.08
C LEU K 232 -0.16 -71.99 -35.25
N GLU K 233 0.98 -71.74 -34.60
CA GLU K 233 1.24 -70.52 -33.80
C GLU K 233 1.99 -69.48 -34.66
N ASN K 234 2.07 -69.70 -35.98
CA ASN K 234 2.72 -68.75 -36.92
C ASN K 234 1.93 -68.76 -38.23
N LEU K 235 0.59 -68.77 -38.16
CA LEU K 235 -0.25 -68.80 -39.37
C LEU K 235 -0.16 -67.45 -40.10
N LYS K 236 -0.07 -67.49 -41.43
CA LYS K 236 -0.32 -66.33 -42.35
C LYS K 236 -1.39 -66.77 -43.35
N LEU K 237 -2.53 -66.11 -43.40
CA LEU K 237 -3.65 -66.53 -44.29
C LEU K 237 -4.10 -65.34 -45.12
N GLY K 238 -4.75 -65.69 -46.23
CA GLY K 238 -5.50 -64.74 -47.06
C GLY K 238 -4.73 -64.19 -48.24
N GLU K 239 -3.46 -64.51 -48.44
CA GLU K 239 -2.70 -63.92 -49.59
C GLU K 239 -3.34 -64.41 -50.90
N GLY K 240 -3.68 -63.48 -51.80
CA GLY K 240 -4.33 -63.76 -53.10
C GLY K 240 -5.84 -63.90 -52.99
N VAL K 241 -6.42 -63.63 -51.83
CA VAL K 241 -7.90 -63.50 -51.72
C VAL K 241 -8.27 -62.21 -50.97
N LYS K 242 -9.57 -61.92 -50.96
CA LYS K 242 -10.10 -60.64 -50.44
C LYS K 242 -10.21 -60.69 -48.93
N GLY K 243 -9.92 -61.80 -48.27
CA GLY K 243 -9.94 -61.77 -46.79
C GLY K 243 -9.99 -63.10 -46.11
N VAL K 244 -9.85 -63.01 -44.80
CA VAL K 244 -9.86 -64.16 -43.88
C VAL K 244 -11.04 -64.06 -42.91
N TYR K 245 -11.72 -65.19 -42.76
CA TYR K 245 -12.82 -65.38 -41.83
C TYR K 245 -12.39 -66.42 -40.79
N ILE K 246 -12.68 -66.15 -39.52
CA ILE K 246 -12.37 -67.10 -38.40
C ILE K 246 -13.65 -67.58 -37.74
N SER K 247 -13.83 -68.91 -37.75
CA SER K 247 -15.02 -69.53 -37.12
C SER K 247 -14.51 -70.33 -35.95
N ILE K 248 -14.94 -69.97 -34.74
CA ILE K 248 -14.54 -70.69 -33.51
C ILE K 248 -15.75 -71.39 -32.88
N ASP K 249 -15.77 -72.70 -32.97
CA ASP K 249 -16.63 -73.59 -32.17
C ASP K 249 -15.90 -73.75 -30.85
N VAL K 250 -16.63 -73.43 -29.77
CA VAL K 250 -16.09 -73.44 -28.39
C VAL K 250 -15.62 -74.87 -28.11
N ASP K 251 -16.13 -75.90 -28.81
CA ASP K 251 -15.68 -77.28 -28.52
C ASP K 251 -14.29 -77.52 -29.12
N CYS K 252 -13.66 -76.52 -29.72
CA CYS K 252 -12.24 -76.69 -30.12
C CYS K 252 -11.43 -76.87 -28.83
N LEU K 253 -11.87 -76.18 -27.77
CA LEU K 253 -11.26 -76.28 -26.40
C LEU K 253 -11.52 -77.68 -25.80
N ASP K 254 -10.53 -78.23 -25.11
CA ASP K 254 -10.79 -79.36 -24.20
C ASP K 254 -12.01 -79.01 -23.33
N PRO K 255 -12.91 -79.97 -23.09
CA PRO K 255 -14.02 -79.77 -22.18
C PRO K 255 -13.60 -79.39 -20.76
N ALA K 256 -12.36 -79.63 -20.35
CA ALA K 256 -11.83 -79.07 -19.09
C ALA K 256 -11.98 -77.55 -19.09
N PHE K 257 -11.78 -76.88 -20.22
CA PHE K 257 -11.83 -75.41 -20.37
C PHE K 257 -13.25 -74.91 -20.71
N ALA K 258 -13.96 -75.68 -21.54
CA ALA K 258 -15.29 -75.33 -22.09
C ALA K 258 -16.32 -76.46 -21.93
N PRO K 259 -16.86 -76.72 -20.72
CA PRO K 259 -17.83 -77.80 -20.55
C PRO K 259 -19.21 -77.46 -21.15
N GLY K 260 -19.37 -76.18 -21.38
CA GLY K 260 -20.64 -75.59 -21.82
C GLY K 260 -20.85 -75.78 -23.30
N VAL K 261 -20.95 -77.03 -23.73
CA VAL K 261 -21.04 -77.37 -25.18
C VAL K 261 -21.94 -78.58 -25.28
N SER K 262 -22.53 -78.78 -26.44
CA SER K 262 -23.39 -79.93 -26.74
C SER K 262 -22.58 -81.22 -26.97
N HIS K 263 -21.34 -81.16 -27.44
CA HIS K 263 -20.55 -82.35 -27.85
C HIS K 263 -19.26 -82.38 -27.03
N ILE K 264 -19.24 -83.11 -25.90
CA ILE K 264 -18.08 -83.21 -24.99
C ILE K 264 -17.08 -84.10 -25.72
N GLU K 265 -15.89 -83.60 -26.03
CA GLU K 265 -14.93 -84.38 -26.85
C GLU K 265 -13.55 -84.19 -26.24
N PRO K 266 -13.10 -85.12 -25.37
CA PRO K 266 -11.79 -85.00 -24.73
C PRO K 266 -10.64 -84.91 -25.77
N GLY K 267 -9.62 -84.18 -25.37
CA GLY K 267 -8.31 -84.17 -26.04
C GLY K 267 -8.13 -82.93 -26.90
N GLY K 268 -8.61 -81.78 -26.40
CA GLY K 268 -8.70 -80.52 -27.15
C GLY K 268 -7.62 -79.51 -26.79
N LEU K 269 -7.78 -78.32 -27.35
CA LEU K 269 -6.87 -77.17 -27.14
C LEU K 269 -7.09 -76.62 -25.75
N SER K 270 -6.08 -76.01 -25.17
CA SER K 270 -6.27 -75.15 -23.99
C SER K 270 -6.72 -73.80 -24.48
N PHE K 271 -7.19 -72.97 -23.56
CA PHE K 271 -7.60 -71.59 -23.89
C PHE K 271 -6.35 -70.87 -24.40
N ARG K 272 -5.25 -70.98 -23.65
CA ARG K 272 -3.95 -70.38 -24.09
C ARG K 272 -3.54 -70.89 -25.49
N ASP K 273 -3.65 -72.17 -25.79
CA ASP K 273 -3.39 -72.69 -27.17
C ASP K 273 -4.14 -71.84 -28.21
N VAL K 274 -5.43 -71.64 -28.03
CA VAL K 274 -6.26 -70.88 -29.00
C VAL K 274 -5.76 -69.42 -29.06
N LEU K 275 -5.45 -68.75 -27.94
CA LEU K 275 -4.99 -67.34 -28.08
C LEU K 275 -3.60 -67.32 -28.75
N ASN K 276 -2.72 -68.25 -28.45
CA ASN K 276 -1.43 -68.27 -29.22
C ASN K 276 -1.72 -68.27 -30.73
N ILE K 277 -2.67 -69.10 -31.20
CA ILE K 277 -2.99 -69.21 -32.64
C ILE K 277 -3.58 -67.87 -33.10
N LEU K 278 -4.53 -67.35 -32.33
CA LEU K 278 -5.24 -66.11 -32.68
C LEU K 278 -4.26 -64.94 -32.70
N HIS K 279 -3.54 -64.71 -31.61
CA HIS K 279 -2.65 -63.52 -31.54
C HIS K 279 -1.55 -63.61 -32.60
N ASN K 280 -1.06 -64.78 -33.00
CA ASN K 280 0.08 -64.86 -33.95
C ASN K 280 -0.40 -64.89 -35.39
N LEU K 281 -1.68 -65.07 -35.60
CA LEU K 281 -2.24 -65.16 -36.96
C LEU K 281 -2.01 -63.83 -37.67
N GLN K 282 -1.29 -63.89 -38.79
CA GLN K 282 -1.22 -62.73 -39.72
C GLN K 282 -2.32 -62.90 -40.77
N ALA K 283 -3.22 -61.93 -40.84
CA ALA K 283 -4.47 -61.99 -41.61
C ALA K 283 -5.26 -60.66 -41.54
N ASP K 284 -5.83 -60.31 -42.70
CA ASP K 284 -6.88 -59.28 -42.86
C ASP K 284 -8.22 -59.96 -42.49
N VAL K 285 -8.62 -59.87 -41.23
CA VAL K 285 -9.85 -60.56 -40.74
C VAL K 285 -11.05 -59.69 -41.11
N VAL K 286 -11.88 -60.26 -41.97
CA VAL K 286 -13.08 -59.54 -42.55
C VAL K 286 -14.35 -59.94 -41.79
N GLY K 287 -14.28 -60.97 -40.98
CA GLY K 287 -15.45 -61.58 -40.29
C GLY K 287 -15.04 -62.77 -39.43
N ALA K 288 -15.85 -63.04 -38.40
CA ALA K 288 -15.63 -64.14 -37.47
C ALA K 288 -16.94 -64.56 -36.82
N ASP K 289 -16.99 -65.80 -36.28
CA ASP K 289 -18.12 -66.28 -35.46
C ASP K 289 -17.59 -67.06 -34.24
N VAL K 290 -18.35 -66.94 -33.14
CA VAL K 290 -18.13 -67.76 -31.92
C VAL K 290 -19.43 -68.51 -31.66
N VAL K 291 -19.36 -69.83 -31.89
CA VAL K 291 -20.57 -70.68 -31.96
C VAL K 291 -20.50 -71.84 -30.95
N GLU K 292 -21.66 -72.46 -30.72
CA GLU K 292 -21.82 -73.78 -30.10
C GLU K 292 -21.52 -73.67 -28.60
N PHE K 293 -21.48 -72.45 -28.06
CA PHE K 293 -21.61 -72.23 -26.58
C PHE K 293 -23.03 -72.66 -26.14
N ASN K 294 -23.14 -73.66 -25.24
CA ASN K 294 -24.43 -74.24 -24.81
C ASN K 294 -24.59 -73.93 -23.32
N PRO K 295 -25.21 -72.78 -22.93
CA PRO K 295 -25.35 -72.39 -21.53
C PRO K 295 -26.04 -73.44 -20.62
N GLN K 296 -26.90 -74.31 -21.17
CA GLN K 296 -27.59 -75.32 -20.36
C GLN K 296 -26.62 -76.46 -20.01
N ARG K 297 -25.41 -76.49 -20.62
CA ARG K 297 -24.36 -77.51 -20.36
C ARG K 297 -23.23 -76.87 -19.52
N ASP K 298 -23.37 -75.62 -19.13
CA ASP K 298 -22.30 -74.85 -18.51
C ASP K 298 -22.35 -75.12 -17.00
N THR K 299 -21.33 -74.62 -16.31
CA THR K 299 -21.24 -74.72 -14.82
C THR K 299 -22.26 -73.77 -14.27
N VAL K 300 -22.55 -73.88 -12.98
CA VAL K 300 -23.56 -73.04 -12.29
C VAL K 300 -23.08 -71.57 -12.30
N ASP K 301 -21.77 -71.30 -12.41
CA ASP K 301 -21.22 -69.92 -12.42
C ASP K 301 -20.92 -69.41 -13.83
N GLY K 302 -21.22 -70.18 -14.87
CA GLY K 302 -21.08 -69.67 -16.25
C GLY K 302 -19.65 -69.63 -16.75
N MET K 303 -18.80 -70.60 -16.36
CA MET K 303 -17.40 -70.62 -16.77
C MET K 303 -17.32 -70.54 -18.31
N THR K 304 -18.10 -71.32 -19.05
CA THR K 304 -18.01 -71.34 -20.51
C THR K 304 -18.48 -70.00 -21.08
N ALA K 305 -19.41 -69.31 -20.43
CA ALA K 305 -19.86 -67.96 -20.82
C ALA K 305 -18.62 -67.05 -20.82
N MET K 306 -17.77 -67.13 -19.80
CA MET K 306 -16.55 -66.30 -19.72
C MET K 306 -15.56 -66.68 -20.83
N VAL K 307 -15.35 -67.98 -21.07
CA VAL K 307 -14.53 -68.49 -22.21
C VAL K 307 -15.03 -67.89 -23.56
N ALA K 308 -16.31 -68.00 -23.86
CA ALA K 308 -16.88 -67.48 -25.11
C ALA K 308 -16.70 -65.94 -25.18
N ALA K 309 -16.99 -65.25 -24.07
CA ALA K 309 -16.82 -63.80 -23.98
C ALA K 309 -15.37 -63.43 -24.27
N LYS K 310 -14.40 -64.14 -23.74
CA LYS K 310 -12.99 -63.74 -23.91
C LYS K 310 -12.58 -64.06 -25.36
N LEU K 311 -13.10 -65.11 -25.95
CA LEU K 311 -12.84 -65.39 -27.39
C LEU K 311 -13.37 -64.21 -28.21
N VAL K 312 -14.54 -63.72 -27.83
CA VAL K 312 -15.22 -62.60 -28.53
C VAL K 312 -14.33 -61.35 -28.39
N ARG K 313 -13.92 -61.02 -27.17
CA ARG K 313 -13.08 -59.84 -26.90
C ARG K 313 -11.74 -59.94 -27.68
N GLU K 314 -11.09 -61.09 -27.69
CA GLU K 314 -9.78 -61.23 -28.38
C GLU K 314 -9.97 -61.21 -29.90
N LEU K 315 -11.07 -61.74 -30.43
CA LEU K 315 -11.40 -61.62 -31.86
C LEU K 315 -11.67 -60.13 -32.16
N ALA K 316 -12.35 -59.42 -31.27
CA ALA K 316 -12.66 -57.99 -31.48
C ALA K 316 -11.34 -57.26 -31.62
N ALA K 317 -10.41 -57.53 -30.73
CA ALA K 317 -9.12 -56.84 -30.69
C ALA K 317 -8.44 -57.04 -32.06
N LYS K 318 -8.55 -58.25 -32.62
CA LYS K 318 -7.87 -58.59 -33.87
C LYS K 318 -8.58 -57.94 -35.07
N ILE K 319 -9.91 -57.88 -35.10
CA ILE K 319 -10.68 -57.45 -36.31
C ILE K 319 -10.62 -55.91 -36.44
N SER K 320 -10.86 -55.25 -35.30
CA SER K 320 -10.73 -53.78 -35.15
C SER K 320 -9.29 -53.32 -35.47
N LYS K 321 -9.17 -52.24 -36.23
CA LYS K 321 -7.87 -51.58 -36.56
C LYS K 321 -8.16 -50.14 -37.00
N ALA L 5 -18.38 -45.73 25.05
CA ALA L 5 -17.52 -45.03 24.03
C ALA L 5 -16.06 -45.48 24.24
N SER L 6 -15.48 -45.00 25.35
CA SER L 6 -14.22 -45.53 25.95
C SER L 6 -14.44 -47.01 26.32
N SER L 7 -15.66 -47.40 26.71
CA SER L 7 -16.01 -48.83 26.96
C SER L 7 -15.70 -49.64 25.70
N ILE L 8 -16.04 -49.10 24.51
CA ILE L 8 -15.87 -49.79 23.20
C ILE L 8 -14.36 -49.89 22.88
N GLU L 9 -13.64 -48.76 23.04
CA GLU L 9 -12.16 -48.70 22.90
C GLU L 9 -11.49 -49.75 23.80
N LYS L 10 -11.97 -49.94 25.02
CA LYS L 10 -11.43 -50.92 26.00
C LYS L 10 -11.71 -52.35 25.52
N GLY L 11 -12.96 -52.61 25.13
CA GLY L 11 -13.38 -53.89 24.55
C GLY L 11 -12.56 -54.16 23.31
N GLN L 12 -12.43 -53.15 22.44
CA GLN L 12 -11.71 -53.36 21.16
C GLN L 12 -10.31 -53.87 21.51
N ASN L 13 -9.62 -53.15 22.42
CA ASN L 13 -8.23 -53.46 22.85
C ASN L 13 -8.22 -54.85 23.52
N ARG L 14 -9.26 -55.19 24.29
CA ARG L 14 -9.25 -56.49 25.02
C ARG L 14 -9.49 -57.66 24.04
N VAL L 15 -10.40 -57.45 23.10
CA VAL L 15 -10.64 -58.43 22.00
C VAL L 15 -9.34 -58.63 21.22
N ILE L 16 -8.64 -57.53 20.90
CA ILE L 16 -7.36 -57.60 20.14
C ILE L 16 -6.31 -58.38 20.97
N ASP L 17 -6.20 -58.06 22.27
CA ASP L 17 -5.23 -58.77 23.14
C ASP L 17 -5.46 -60.28 23.07
N ALA L 18 -6.72 -60.70 23.29
CA ALA L 18 -7.10 -62.14 23.25
C ALA L 18 -6.78 -62.69 21.84
N SER L 19 -7.09 -61.88 20.81
CA SER L 19 -6.83 -62.32 19.43
C SER L 19 -5.32 -62.63 19.30
N LEU L 20 -4.47 -61.73 19.82
CA LEU L 20 -2.99 -61.91 19.76
C LEU L 20 -2.56 -63.05 20.69
N THR L 21 -3.16 -63.19 21.85
CA THR L 21 -2.79 -64.25 22.81
C THR L 21 -3.04 -65.67 22.23
N LEU L 22 -4.22 -65.89 21.61
CA LEU L 22 -4.53 -67.14 20.90
C LEU L 22 -3.34 -67.50 20.04
N ILE L 23 -2.86 -66.56 19.22
CA ILE L 23 -1.81 -66.87 18.22
C ILE L 23 -0.51 -67.11 18.99
N ARG L 24 -0.20 -66.19 19.92
CA ARG L 24 1.06 -66.22 20.70
C ARG L 24 1.18 -67.62 21.34
N GLU L 25 0.14 -68.04 22.05
CA GLU L 25 0.13 -69.31 22.83
C GLU L 25 0.32 -70.50 21.89
N ARG L 26 -0.36 -70.48 20.75
CA ARG L 26 -0.35 -71.62 19.80
C ARG L 26 1.05 -71.70 19.19
N ALA L 27 1.57 -70.55 18.76
CA ALA L 27 2.96 -70.42 18.27
C ALA L 27 3.95 -70.97 19.31
N LYS L 28 3.74 -70.69 20.59
CA LYS L 28 4.66 -71.18 21.64
C LYS L 28 4.66 -72.72 21.61
N LEU L 29 3.46 -73.32 21.64
CA LEU L 29 3.31 -74.80 21.66
C LEU L 29 3.95 -75.41 20.40
N LYS L 30 3.76 -74.76 19.24
CA LYS L 30 4.32 -75.28 17.96
C LYS L 30 5.85 -75.12 17.97
N GLY L 31 6.41 -74.01 18.51
CA GLY L 31 7.87 -73.81 18.63
C GLY L 31 8.50 -74.90 19.47
N GLU L 32 7.89 -75.15 20.61
CA GLU L 32 8.39 -76.16 21.57
C GLU L 32 8.44 -77.53 20.89
N LEU L 33 7.43 -77.81 20.11
CA LEU L 33 7.30 -79.15 19.52
C LEU L 33 8.40 -79.31 18.46
N VAL L 34 8.59 -78.26 17.66
CA VAL L 34 9.66 -78.26 16.61
C VAL L 34 11.03 -78.43 17.29
N ARG L 35 11.27 -77.70 18.38
CA ARG L 35 12.62 -77.65 19.00
C ARG L 35 12.85 -78.96 19.74
N LEU L 36 11.82 -79.48 20.40
CA LEU L 36 11.92 -80.81 21.06
C LEU L 36 12.40 -81.89 20.07
N LEU L 37 11.97 -81.83 18.80
CA LEU L 37 12.28 -82.91 17.82
C LEU L 37 13.73 -82.74 17.28
N GLY L 38 14.26 -81.51 17.13
CA GLY L 38 15.65 -81.23 16.74
C GLY L 38 15.89 -81.21 15.22
N GLY L 39 16.90 -80.48 14.76
CA GLY L 39 17.45 -80.47 13.38
C GLY L 39 16.89 -79.40 12.41
N ALA L 40 15.69 -78.86 12.61
CA ALA L 40 15.08 -77.88 11.66
C ALA L 40 15.81 -76.54 11.70
N LYS L 41 16.24 -76.04 10.54
CA LYS L 41 16.66 -74.63 10.33
C LYS L 41 15.44 -73.74 10.08
N ALA L 42 14.36 -74.30 9.55
CA ALA L 42 13.13 -73.56 9.26
C ALA L 42 11.92 -74.52 9.26
N SER L 43 10.76 -74.05 9.74
CA SER L 43 9.52 -74.88 9.83
C SER L 43 8.32 -74.03 9.40
N THR L 44 7.65 -74.47 8.37
CA THR L 44 6.44 -73.78 7.90
C THR L 44 5.35 -73.89 8.96
N SER L 45 4.77 -72.76 9.35
CA SER L 45 3.63 -72.69 10.28
C SER L 45 2.50 -71.88 9.61
N LEU L 46 1.31 -72.49 9.52
CA LEU L 46 0.12 -71.90 8.89
C LEU L 46 -0.53 -70.88 9.82
N LEU L 47 -0.92 -69.76 9.25
CA LEU L 47 -1.70 -68.68 9.89
C LEU L 47 -2.81 -68.31 8.93
N GLY L 48 -4.06 -68.50 9.37
CA GLY L 48 -5.26 -68.15 8.59
C GLY L 48 -5.56 -66.69 8.80
N VAL L 49 -6.00 -66.00 7.75
CA VAL L 49 -6.52 -64.62 7.79
C VAL L 49 -7.84 -64.61 7.04
N PRO L 50 -8.96 -64.93 7.74
CA PRO L 50 -10.28 -65.07 7.13
C PRO L 50 -10.96 -63.72 6.87
N LEU L 51 -10.47 -63.05 5.85
CA LEU L 51 -10.77 -61.67 5.45
C LEU L 51 -11.19 -61.62 3.97
N GLY L 52 -12.38 -61.10 3.70
CA GLY L 52 -12.89 -61.08 2.34
C GLY L 52 -13.46 -59.74 1.94
N HIS L 53 -13.66 -58.85 2.91
CA HIS L 53 -14.42 -57.60 2.71
C HIS L 53 -13.61 -56.57 1.92
N ASN L 54 -12.35 -56.84 1.54
CA ASN L 54 -11.59 -55.94 0.61
C ASN L 54 -11.74 -56.41 -0.87
N SER L 55 -12.65 -57.34 -1.16
CA SER L 55 -12.83 -57.87 -2.53
C SER L 55 -13.66 -56.87 -3.35
N SER L 56 -13.46 -56.82 -4.67
CA SER L 56 -14.20 -55.94 -5.60
C SER L 56 -15.55 -56.57 -6.02
N PHE L 57 -15.72 -57.88 -5.97
CA PHE L 57 -16.87 -58.57 -6.60
C PHE L 57 -17.56 -59.58 -5.65
N LEU L 58 -16.83 -60.49 -5.01
CA LEU L 58 -17.40 -61.48 -4.04
C LEU L 58 -16.46 -61.62 -2.82
N GLN L 59 -17.02 -61.85 -1.63
CA GLN L 59 -16.27 -61.93 -0.34
C GLN L 59 -16.03 -63.37 0.10
N GLY L 60 -16.38 -64.34 -0.74
CA GLY L 60 -16.19 -65.77 -0.45
C GLY L 60 -14.86 -66.19 0.15
N PRO L 61 -13.69 -65.59 -0.22
CA PRO L 61 -12.43 -66.02 0.40
C PRO L 61 -12.36 -65.87 1.93
N ALA L 62 -13.21 -65.06 2.53
CA ALA L 62 -13.38 -65.03 3.99
C ALA L 62 -13.50 -66.47 4.56
N PHE L 63 -14.05 -67.41 3.80
CA PHE L 63 -14.43 -68.76 4.32
C PHE L 63 -13.35 -69.77 3.97
N ALA L 64 -12.29 -69.37 3.25
CA ALA L 64 -11.34 -70.35 2.72
C ALA L 64 -10.55 -71.07 3.82
N PRO L 65 -9.94 -70.43 4.82
CA PRO L 65 -8.90 -71.15 5.58
C PRO L 65 -9.32 -72.48 6.20
N PRO L 66 -10.49 -72.59 6.88
CA PRO L 66 -10.95 -73.86 7.41
C PRO L 66 -11.11 -74.92 6.31
N ARG L 67 -11.53 -74.51 5.11
CA ARG L 67 -11.69 -75.45 3.97
C ARG L 67 -10.34 -75.93 3.46
N ILE L 68 -9.36 -75.04 3.44
CA ILE L 68 -7.98 -75.43 3.00
C ILE L 68 -7.43 -76.47 3.97
N ARG L 69 -7.53 -76.23 5.26
CA ARG L 69 -7.08 -77.18 6.33
C ARG L 69 -7.71 -78.55 6.13
N GLU L 70 -9.03 -78.58 5.90
CA GLU L 70 -9.72 -79.86 5.74
C GLU L 70 -9.08 -80.63 4.56
N ALA L 71 -8.79 -79.93 3.45
CA ALA L 71 -8.34 -80.56 2.21
C ALA L 71 -6.89 -81.06 2.41
N ILE L 72 -6.09 -80.36 3.17
CA ILE L 72 -4.67 -80.76 3.45
C ILE L 72 -4.67 -82.15 4.11
N TRP L 73 -5.63 -82.40 5.00
CA TRP L 73 -5.71 -83.65 5.81
C TRP L 73 -6.77 -84.61 5.27
N CYS L 74 -7.30 -84.41 4.06
CA CYS L 74 -8.36 -85.28 3.47
C CYS L 74 -7.82 -86.73 3.45
N GLY L 75 -8.61 -87.68 3.90
CA GLY L 75 -8.20 -89.08 3.97
C GLY L 75 -8.06 -89.70 2.57
N SER L 76 -8.45 -88.98 1.51
CA SER L 76 -8.16 -89.35 0.08
C SER L 76 -6.67 -89.16 -0.28
N THR L 77 -5.96 -88.34 0.48
CA THR L 77 -4.57 -87.92 0.19
C THR L 77 -3.61 -88.72 1.06
N ASN L 78 -2.31 -88.63 0.83
CA ASN L 78 -1.36 -89.09 1.87
C ASN L 78 -0.56 -87.87 2.32
N SER L 79 0.22 -88.02 3.37
CA SER L 79 0.86 -86.91 4.09
C SER L 79 2.23 -86.55 3.49
N ALA L 80 2.65 -87.19 2.39
CA ALA L 80 3.96 -86.91 1.77
C ALA L 80 3.76 -85.88 0.67
N THR L 81 4.64 -84.88 0.58
CA THR L 81 4.67 -83.85 -0.49
C THR L 81 5.34 -84.48 -1.70
N GLU L 82 5.26 -83.83 -2.85
CA GLU L 82 5.72 -84.46 -4.11
C GLU L 82 7.21 -84.82 -3.99
N GLU L 83 8.01 -83.97 -3.36
CA GLU L 83 9.47 -84.20 -3.16
C GLU L 83 9.71 -85.32 -2.14
N GLY L 84 8.79 -85.53 -1.21
CA GLY L 84 8.87 -86.62 -0.23
C GLY L 84 8.84 -86.20 1.23
N LYS L 85 8.63 -84.92 1.57
CA LYS L 85 8.60 -84.48 2.98
C LYS L 85 7.27 -84.88 3.65
N GLU L 86 7.36 -85.16 4.93
CA GLU L 86 6.30 -85.78 5.75
C GLU L 86 5.57 -84.65 6.48
N LEU L 87 4.33 -84.36 6.09
CA LEU L 87 3.54 -83.19 6.57
C LEU L 87 3.16 -83.36 8.05
N LYS L 88 3.18 -84.58 8.57
CA LYS L 88 2.82 -84.82 9.99
C LYS L 88 4.03 -84.55 10.88
N ASP L 89 5.25 -84.46 10.34
CA ASP L 89 6.43 -83.92 11.06
C ASP L 89 6.19 -82.43 11.33
N PRO L 90 6.05 -82.00 12.60
CA PRO L 90 5.90 -80.58 12.90
C PRO L 90 7.06 -79.74 12.36
N ARG L 91 8.27 -80.29 12.26
CA ARG L 91 9.43 -79.53 11.70
C ARG L 91 9.17 -79.16 10.22
N VAL L 92 8.27 -79.90 9.56
CA VAL L 92 7.85 -79.70 8.14
C VAL L 92 6.62 -78.79 8.09
N LEU L 93 5.67 -78.94 9.02
CA LEU L 93 4.39 -78.16 9.01
C LEU L 93 3.78 -78.10 10.40
N THR L 94 3.48 -76.90 10.89
CA THR L 94 2.55 -76.77 12.03
C THR L 94 1.51 -75.73 11.62
N ASP L 95 0.58 -75.45 12.49
CA ASP L 95 -0.60 -74.62 12.19
C ASP L 95 -0.89 -73.81 13.46
N VAL L 96 -0.96 -72.50 13.39
CA VAL L 96 -1.30 -71.69 14.58
C VAL L 96 -2.74 -71.21 14.46
N GLY L 97 -3.52 -71.70 13.51
CA GLY L 97 -4.95 -71.34 13.38
C GLY L 97 -5.16 -69.94 12.76
N ASP L 98 -6.30 -69.34 13.09
CA ASP L 98 -6.85 -68.20 12.32
C ASP L 98 -6.87 -66.95 13.22
N VAL L 99 -6.44 -65.81 12.66
CA VAL L 99 -6.79 -64.48 13.22
C VAL L 99 -8.33 -64.41 13.27
N PRO L 100 -8.90 -64.03 14.43
CA PRO L 100 -10.34 -63.76 14.53
C PRO L 100 -10.76 -62.47 13.82
N VAL L 101 -10.62 -62.45 12.50
CA VAL L 101 -10.84 -61.22 11.70
C VAL L 101 -12.24 -60.69 11.96
N GLN L 102 -13.27 -61.56 11.89
CA GLN L 102 -14.71 -61.15 11.94
C GLN L 102 -15.05 -60.54 13.32
N GLU L 103 -14.46 -61.09 14.39
CA GLU L 103 -14.64 -60.61 15.79
C GLU L 103 -14.05 -59.20 15.92
N ILE L 104 -12.84 -58.99 15.40
CA ILE L 104 -12.13 -57.68 15.34
C ILE L 104 -12.95 -56.70 14.47
N ARG L 105 -13.55 -57.14 13.36
CA ARG L 105 -14.49 -56.30 12.58
C ARG L 105 -15.70 -55.94 13.45
N ASP L 106 -16.26 -56.93 14.10
CA ASP L 106 -17.58 -56.78 14.71
C ASP L 106 -17.56 -55.70 15.80
N CYS L 107 -16.45 -55.52 16.52
CA CYS L 107 -16.37 -54.60 17.68
C CYS L 107 -16.00 -53.18 17.21
N GLY L 108 -15.94 -52.97 15.88
CA GLY L 108 -15.86 -51.64 15.22
C GLY L 108 -14.43 -51.23 14.89
N VAL L 109 -13.46 -52.15 14.84
CA VAL L 109 -12.03 -51.77 14.64
C VAL L 109 -11.87 -51.37 13.16
N ASP L 110 -11.14 -50.28 12.86
CA ASP L 110 -10.96 -49.77 11.48
C ASP L 110 -9.95 -50.69 10.73
N ASP L 111 -9.87 -50.55 9.42
CA ASP L 111 -9.04 -51.42 8.55
C ASP L 111 -7.55 -51.22 8.89
N ASP L 112 -7.14 -49.98 9.15
CA ASP L 112 -5.72 -49.69 9.49
C ASP L 112 -5.30 -50.56 10.67
N ARG L 113 -6.11 -50.56 11.74
CA ARG L 113 -5.78 -51.30 12.98
C ARG L 113 -5.90 -52.82 12.72
N LEU L 114 -6.91 -53.26 11.97
CA LEU L 114 -7.10 -54.70 11.67
C LEU L 114 -5.84 -55.23 10.99
N MET L 115 -5.36 -54.52 9.96
CA MET L 115 -4.18 -54.93 9.15
C MET L 115 -2.95 -54.97 10.06
N ASN L 116 -2.86 -54.08 11.06
CA ASN L 116 -1.73 -54.03 12.04
C ASN L 116 -1.76 -55.32 12.88
N VAL L 117 -2.95 -55.73 13.32
CA VAL L 117 -3.17 -57.05 14.03
C VAL L 117 -2.66 -58.19 13.13
N ILE L 118 -3.04 -58.18 11.86
CA ILE L 118 -2.61 -59.28 10.97
C ILE L 118 -1.09 -59.28 10.94
N SER L 119 -0.48 -58.11 10.76
CA SER L 119 0.98 -57.88 10.81
C SER L 119 1.58 -58.39 12.14
N GLU L 120 1.00 -57.99 13.30
CA GLU L 120 1.47 -58.48 14.63
C GLU L 120 1.44 -60.01 14.64
N SER L 121 0.29 -60.59 14.21
CA SER L 121 0.06 -62.05 14.29
C SER L 121 1.19 -62.74 13.52
N VAL L 122 1.61 -62.17 12.39
CA VAL L 122 2.72 -62.75 11.57
C VAL L 122 4.04 -62.69 12.36
N LYS L 123 4.28 -61.61 13.11
CA LYS L 123 5.52 -61.45 13.91
C LYS L 123 5.54 -62.46 15.05
N LEU L 124 4.37 -62.78 15.60
CA LEU L 124 4.23 -63.75 16.70
C LEU L 124 4.71 -65.12 16.22
N VAL L 125 4.48 -65.43 14.96
CA VAL L 125 4.95 -66.71 14.37
C VAL L 125 6.48 -66.65 14.23
N MET L 126 6.97 -65.59 13.60
CA MET L 126 8.41 -65.32 13.30
C MET L 126 9.23 -65.31 14.58
N GLU L 127 8.70 -64.84 15.70
CA GLU L 127 9.40 -64.75 17.04
C GLU L 127 9.62 -66.15 17.66
N GLU L 128 8.86 -67.18 17.29
CA GLU L 128 9.13 -68.56 17.77
C GLU L 128 10.04 -69.23 16.73
N GLU L 129 11.33 -69.17 16.96
CA GLU L 129 12.32 -69.86 16.09
C GLU L 129 11.98 -71.35 16.11
N PRO L 130 12.05 -72.08 14.97
CA PRO L 130 12.31 -71.48 13.66
C PRO L 130 11.10 -71.43 12.72
N LEU L 131 9.93 -71.06 13.25
CA LEU L 131 8.70 -71.01 12.42
C LEU L 131 8.90 -69.94 11.34
N ARG L 132 8.43 -70.22 10.14
CA ARG L 132 8.27 -69.25 9.03
C ARG L 132 6.80 -69.35 8.59
N PRO L 133 6.14 -68.19 8.44
CA PRO L 133 4.70 -68.13 8.22
C PRO L 133 4.30 -68.47 6.78
N LEU L 134 3.23 -69.24 6.66
CA LEU L 134 2.54 -69.46 5.38
C LEU L 134 1.08 -69.09 5.61
N VAL L 135 0.65 -68.00 4.99
CA VAL L 135 -0.65 -67.38 5.36
C VAL L 135 -1.75 -67.94 4.45
N LEU L 136 -2.89 -68.40 5.01
CA LEU L 136 -4.08 -68.84 4.25
C LEU L 136 -5.06 -67.65 4.15
N GLY L 137 -5.20 -67.09 2.95
CA GLY L 137 -6.22 -66.09 2.64
C GLY L 137 -7.59 -66.76 2.54
N GLY L 138 -8.69 -66.00 2.66
CA GLY L 138 -8.67 -64.53 2.59
C GLY L 138 -8.43 -63.96 1.20
N ASP L 139 -8.81 -62.69 0.99
CA ASP L 139 -8.55 -62.00 -0.31
C ASP L 139 -7.13 -61.39 -0.33
N HIS L 140 -6.75 -60.91 -1.51
CA HIS L 140 -5.36 -60.52 -1.83
C HIS L 140 -4.92 -59.31 -1.02
N SER L 141 -5.88 -58.63 -0.37
CA SER L 141 -5.52 -57.44 0.41
C SER L 141 -4.51 -57.85 1.50
N ILE L 142 -4.56 -59.11 1.96
CA ILE L 142 -3.83 -59.53 3.19
C ILE L 142 -2.32 -59.55 2.91
N SER L 143 -1.91 -59.71 1.64
CA SER L 143 -0.47 -59.82 1.30
C SER L 143 0.27 -58.57 1.81
N TYR L 144 -0.40 -57.42 1.87
CA TYR L 144 0.26 -56.14 2.28
C TYR L 144 0.79 -56.27 3.72
N PRO L 145 -0.10 -56.41 4.71
CA PRO L 145 0.35 -56.49 6.11
C PRO L 145 1.26 -57.72 6.35
N VAL L 146 1.06 -58.83 5.64
CA VAL L 146 1.95 -60.01 5.89
C VAL L 146 3.41 -59.66 5.44
N VAL L 147 3.59 -59.16 4.22
CA VAL L 147 4.90 -58.81 3.60
C VAL L 147 5.48 -57.62 4.39
N ARG L 148 4.65 -56.65 4.75
CA ARG L 148 5.10 -55.58 5.68
C ARG L 148 5.78 -56.21 6.92
N ALA L 149 5.08 -57.13 7.60
CA ALA L 149 5.56 -57.81 8.82
C ALA L 149 6.86 -58.60 8.54
N VAL L 150 6.89 -59.44 7.48
CA VAL L 150 8.13 -60.20 7.18
C VAL L 150 9.31 -59.22 6.97
N SER L 151 9.09 -58.18 6.14
CA SER L 151 10.11 -57.13 5.80
C SER L 151 10.57 -56.38 7.07
N GLU L 152 9.64 -55.94 7.94
CA GLU L 152 10.02 -55.22 9.20
C GLU L 152 10.82 -56.17 10.09
N LYS L 153 10.35 -57.41 10.22
CA LYS L 153 10.98 -58.37 11.16
C LYS L 153 12.41 -58.67 10.69
N LEU L 154 12.60 -58.88 9.39
CA LEU L 154 13.91 -59.31 8.83
C LEU L 154 14.81 -58.10 8.61
N GLY L 155 14.25 -56.89 8.74
CA GLY L 155 15.02 -55.65 8.74
C GLY L 155 15.41 -55.22 7.34
N GLY L 156 14.55 -55.37 6.35
CA GLY L 156 14.87 -54.95 4.98
C GLY L 156 14.01 -55.63 3.91
N PRO L 157 14.19 -55.27 2.64
CA PRO L 157 13.32 -55.79 1.58
C PRO L 157 13.51 -57.28 1.21
N VAL L 158 12.45 -57.85 0.63
CA VAL L 158 12.50 -59.22 0.06
C VAL L 158 12.20 -59.16 -1.42
N ASP L 159 12.66 -60.17 -2.16
CA ASP L 159 12.19 -60.45 -3.53
C ASP L 159 10.84 -61.16 -3.45
N ILE L 160 9.95 -60.87 -4.39
CA ILE L 160 8.57 -61.46 -4.38
C ILE L 160 8.27 -62.15 -5.70
N LEU L 161 7.86 -63.40 -5.63
CA LEU L 161 7.21 -64.09 -6.77
C LEU L 161 5.69 -64.03 -6.55
N HIS L 162 5.00 -63.35 -7.45
CA HIS L 162 3.55 -63.06 -7.35
C HIS L 162 2.90 -63.80 -8.51
N LEU L 163 2.24 -64.90 -8.19
CA LEU L 163 1.46 -65.69 -9.16
C LEU L 163 -0.01 -65.24 -9.11
N ASP L 164 -0.54 -64.80 -10.25
CA ASP L 164 -1.81 -64.05 -10.35
C ASP L 164 -2.21 -63.82 -11.81
N ALA L 165 -3.52 -63.89 -12.10
CA ALA L 165 -4.10 -63.41 -13.37
C ALA L 165 -4.03 -61.86 -13.43
N HIS L 166 -3.98 -61.21 -12.26
CA HIS L 166 -4.10 -59.74 -12.13
C HIS L 166 -2.89 -59.16 -11.40
N PRO L 167 -2.37 -58.02 -11.87
CA PRO L 167 -1.20 -57.41 -11.23
C PRO L 167 -1.48 -56.73 -9.86
N ASP L 168 -2.75 -56.44 -9.57
CA ASP L 168 -3.13 -55.86 -8.25
C ASP L 168 -2.20 -54.71 -7.84
N ILE L 169 -1.87 -53.78 -8.75
CA ILE L 169 -1.10 -52.53 -8.45
C ILE L 169 -1.92 -51.30 -8.85
N TYR L 170 -3.25 -51.34 -8.75
CA TYR L 170 -4.08 -50.10 -8.84
C TYR L 170 -3.66 -49.19 -7.70
N ASP L 171 -3.38 -47.91 -7.98
CA ASP L 171 -3.12 -46.89 -6.94
C ASP L 171 -4.23 -46.94 -5.88
N CYS L 172 -5.48 -46.70 -6.27
CA CYS L 172 -6.63 -46.72 -5.33
C CYS L 172 -7.86 -47.31 -6.03
N PHE L 173 -8.13 -48.59 -5.79
CA PHE L 173 -9.26 -49.31 -6.45
C PHE L 173 -10.57 -48.99 -5.74
N GLU L 174 -11.40 -48.14 -6.37
CA GLU L 174 -12.71 -47.71 -5.87
C GLU L 174 -12.57 -47.05 -4.48
N GLY L 175 -11.53 -46.25 -4.24
CA GLY L 175 -11.38 -45.51 -2.97
C GLY L 175 -11.03 -46.39 -1.76
N ASN L 176 -10.64 -47.66 -1.94
CA ASN L 176 -10.12 -48.53 -0.86
C ASN L 176 -8.62 -48.78 -1.05
N LYS L 177 -7.81 -48.17 -0.17
CA LYS L 177 -6.34 -48.31 -0.26
C LYS L 177 -6.00 -49.76 0.10
N TYR L 178 -6.89 -50.47 0.79
CA TYR L 178 -6.73 -51.91 1.12
C TYR L 178 -7.43 -52.82 0.09
N SER L 179 -7.86 -52.30 -1.07
CA SER L 179 -8.46 -53.14 -2.14
C SER L 179 -7.56 -54.37 -2.39
N HIS L 180 -8.14 -55.52 -2.60
CA HIS L 180 -7.34 -56.69 -3.02
C HIS L 180 -6.65 -56.40 -4.38
N ALA L 181 -7.08 -55.35 -5.11
CA ALA L 181 -6.52 -54.99 -6.43
C ALA L 181 -5.47 -53.86 -6.29
N SER L 182 -5.04 -53.52 -5.06
CA SER L 182 -3.97 -52.53 -4.79
C SER L 182 -2.84 -53.06 -3.95
N SER L 183 -2.93 -54.29 -3.46
CA SER L 183 -2.05 -54.66 -2.33
C SER L 183 -0.57 -54.61 -2.77
N PHE L 184 -0.23 -54.83 -4.04
CA PHE L 184 1.18 -54.81 -4.51
C PHE L 184 1.63 -53.36 -4.75
N ALA L 185 0.72 -52.42 -4.97
CA ALA L 185 1.05 -50.96 -4.96
C ALA L 185 1.45 -50.57 -3.53
N ARG L 186 0.68 -50.97 -2.53
CA ARG L 186 1.00 -50.70 -1.09
C ARG L 186 2.33 -51.35 -0.72
N ILE L 187 2.54 -52.62 -1.13
CA ILE L 187 3.83 -53.30 -0.88
C ILE L 187 4.98 -52.51 -1.52
N MET L 188 4.90 -52.16 -2.82
CA MET L 188 6.03 -51.52 -3.53
C MET L 188 6.22 -50.08 -3.03
N GLU L 189 5.16 -49.30 -2.77
CA GLU L 189 5.31 -47.93 -2.19
C GLU L 189 6.10 -47.97 -0.87
N GLY L 190 5.96 -49.02 -0.05
CA GLY L 190 6.58 -49.08 1.29
C GLY L 190 8.03 -49.53 1.27
N GLY L 191 8.55 -49.83 0.08
CA GLY L 191 9.89 -50.40 -0.16
C GLY L 191 10.09 -51.74 0.52
N TYR L 192 9.03 -52.54 0.68
CA TYR L 192 9.15 -53.84 1.40
C TYR L 192 9.70 -54.92 0.42
N ALA L 193 9.59 -54.61 -0.87
CA ALA L 193 10.08 -55.45 -1.99
C ALA L 193 11.21 -54.79 -2.81
N ARG L 194 12.13 -55.62 -3.27
CA ARG L 194 13.17 -55.18 -4.21
C ARG L 194 12.62 -55.56 -5.58
N ARG L 195 12.76 -56.81 -6.00
CA ARG L 195 12.15 -57.30 -7.26
C ARG L 195 10.72 -57.85 -7.00
N LEU L 196 9.84 -57.68 -7.96
CA LEU L 196 8.45 -58.21 -7.91
C LEU L 196 8.24 -58.88 -9.26
N LEU L 197 8.23 -60.20 -9.29
CA LEU L 197 7.97 -60.93 -10.56
C LEU L 197 6.49 -61.31 -10.56
N GLN L 198 5.76 -60.91 -11.60
CA GLN L 198 4.32 -61.23 -11.72
C GLN L 198 4.16 -62.26 -12.84
N VAL L 199 3.59 -63.41 -12.48
CA VAL L 199 3.53 -64.56 -13.40
C VAL L 199 2.09 -65.03 -13.50
N GLY L 200 1.64 -65.25 -14.73
CA GLY L 200 0.28 -65.67 -15.10
C GLY L 200 -0.66 -64.50 -15.43
N ILE L 201 -0.13 -63.27 -15.49
CA ILE L 201 -0.89 -62.01 -15.76
C ILE L 201 -1.57 -62.16 -17.12
N ARG L 202 -2.88 -61.89 -17.14
CA ARG L 202 -3.70 -61.98 -18.36
C ARG L 202 -4.87 -60.99 -18.31
N SER L 203 -5.03 -60.20 -17.25
CA SER L 203 -6.13 -59.22 -17.09
C SER L 203 -5.45 -57.98 -16.58
N ILE L 204 -5.09 -57.08 -17.49
CA ILE L 204 -4.24 -55.92 -17.16
C ILE L 204 -4.61 -54.75 -18.07
N ASN L 205 -4.75 -53.56 -17.49
CA ASN L 205 -5.18 -52.36 -18.25
C ASN L 205 -3.99 -51.36 -18.30
N GLN L 206 -4.16 -50.16 -18.86
CA GLN L 206 -3.08 -49.14 -19.03
C GLN L 206 -2.46 -48.83 -17.66
N GLU L 207 -3.31 -48.55 -16.65
CA GLU L 207 -2.82 -48.26 -15.29
C GLU L 207 -1.95 -49.46 -14.85
N GLY L 208 -2.40 -50.68 -15.01
CA GLY L 208 -1.57 -51.81 -14.59
C GLY L 208 -0.15 -51.77 -15.20
N ARG L 209 -0.06 -51.48 -16.50
CA ARG L 209 1.22 -51.46 -17.27
C ARG L 209 2.07 -50.32 -16.71
N GLU L 210 1.45 -49.16 -16.52
CA GLU L 210 2.10 -47.91 -16.06
C GLU L 210 2.63 -48.10 -14.64
N GLN L 211 1.83 -48.63 -13.74
CA GLN L 211 2.28 -48.91 -12.35
C GLN L 211 3.45 -49.94 -12.41
N GLY L 212 3.33 -50.98 -13.23
CA GLY L 212 4.37 -52.03 -13.37
C GLY L 212 5.72 -51.43 -13.71
N LYS L 213 5.77 -50.50 -14.66
CA LYS L 213 7.00 -49.81 -15.07
C LYS L 213 7.51 -48.83 -13.97
N ARG L 214 6.60 -48.04 -13.38
CA ARG L 214 6.87 -47.16 -12.22
C ARG L 214 7.61 -47.98 -11.15
N PHE L 215 7.11 -49.14 -10.73
CA PHE L 215 7.72 -49.89 -9.59
C PHE L 215 8.76 -50.91 -10.07
N GLY L 216 9.09 -50.96 -11.37
CA GLY L 216 10.08 -51.87 -11.97
C GLY L 216 9.66 -53.32 -11.81
N VAL L 217 8.37 -53.61 -11.96
CA VAL L 217 7.84 -54.98 -11.84
C VAL L 217 8.23 -55.77 -13.09
N GLU L 218 8.62 -57.03 -12.89
CA GLU L 218 8.87 -57.95 -14.05
C GLU L 218 7.54 -58.69 -14.33
N GLN L 219 6.79 -58.17 -15.30
CA GLN L 219 5.40 -58.63 -15.57
C GLN L 219 5.46 -59.65 -16.72
N TYR L 220 5.20 -60.91 -16.39
CA TYR L 220 5.12 -62.01 -17.39
C TYR L 220 3.64 -62.27 -17.73
N GLU L 221 3.24 -61.82 -18.91
CA GLU L 221 1.86 -61.94 -19.42
C GLU L 221 1.77 -63.30 -20.11
N MET L 222 0.60 -63.89 -20.03
CA MET L 222 0.37 -65.27 -20.53
C MET L 222 0.57 -65.27 -22.05
N ARG L 223 0.36 -64.14 -22.70
CA ARG L 223 0.48 -64.02 -24.17
C ARG L 223 1.94 -64.18 -24.65
N THR L 224 2.96 -64.18 -23.77
CA THR L 224 4.41 -64.51 -24.09
C THR L 224 4.88 -65.76 -23.31
N PHE L 225 3.98 -66.46 -22.62
CA PHE L 225 4.38 -67.65 -21.80
C PHE L 225 5.09 -68.67 -22.68
N SER L 226 4.71 -68.80 -23.95
CA SER L 226 5.31 -69.77 -24.88
C SER L 226 6.82 -69.58 -24.82
N LYS L 227 7.25 -68.34 -24.99
CA LYS L 227 8.67 -67.92 -25.01
C LYS L 227 9.24 -67.87 -23.59
N ASP L 228 8.46 -67.54 -22.54
CA ASP L 228 9.05 -67.23 -21.21
C ASP L 228 9.22 -68.49 -20.36
N ARG L 229 8.55 -69.58 -20.73
CA ARG L 229 8.50 -70.82 -19.91
C ARG L 229 9.90 -71.25 -19.48
N PRO L 230 10.96 -71.35 -20.34
CA PRO L 230 12.31 -71.74 -19.87
C PRO L 230 12.87 -70.82 -18.77
N MET L 231 12.71 -69.49 -18.89
CA MET L 231 13.12 -68.53 -17.83
C MET L 231 12.33 -68.82 -16.55
N LEU L 232 11.00 -68.95 -16.65
CA LEU L 232 10.12 -69.01 -15.45
C LEU L 232 10.32 -70.32 -14.66
N GLU L 233 10.80 -71.37 -15.34
CA GLU L 233 11.05 -72.69 -14.70
C GLU L 233 12.51 -72.80 -14.22
N ASN L 234 13.25 -71.69 -14.28
CA ASN L 234 14.68 -71.61 -13.87
C ASN L 234 14.94 -70.29 -13.12
N LEU L 235 14.02 -69.85 -12.24
CA LEU L 235 14.16 -68.55 -11.53
C LEU L 235 15.11 -68.68 -10.35
N LYS L 236 15.84 -67.59 -10.09
CA LYS L 236 16.66 -67.35 -8.86
C LYS L 236 16.32 -65.96 -8.33
N LEU L 237 15.98 -65.86 -7.05
CA LEU L 237 15.60 -64.59 -6.39
C LEU L 237 16.22 -64.52 -4.99
N GLY L 238 16.13 -63.34 -4.37
CA GLY L 238 16.56 -63.12 -2.99
C GLY L 238 18.04 -62.80 -2.89
N GLU L 239 18.79 -62.81 -4.00
CA GLU L 239 20.26 -62.57 -3.89
C GLU L 239 20.48 -61.11 -3.42
N GLY L 240 21.19 -60.95 -2.31
CA GLY L 240 21.57 -59.64 -1.74
C GLY L 240 20.45 -58.95 -0.96
N VAL L 241 19.36 -59.63 -0.66
CA VAL L 241 18.24 -59.04 0.14
C VAL L 241 17.85 -60.02 1.25
N LYS L 242 16.75 -59.77 1.94
CA LYS L 242 16.45 -60.49 3.21
C LYS L 242 15.86 -61.88 2.92
N GLY L 243 15.31 -62.11 1.73
CA GLY L 243 14.82 -63.44 1.29
C GLY L 243 13.76 -63.34 0.21
N VAL L 244 13.06 -64.42 -0.04
CA VAL L 244 12.04 -64.52 -1.11
C VAL L 244 10.69 -64.77 -0.44
N TYR L 245 9.70 -64.01 -0.88
CA TYR L 245 8.29 -64.16 -0.46
C TYR L 245 7.50 -64.56 -1.69
N ILE L 246 6.64 -65.57 -1.54
CA ILE L 246 5.83 -66.11 -2.67
C ILE L 246 4.36 -65.88 -2.37
N SER L 247 3.69 -65.03 -3.14
CA SER L 247 2.21 -64.80 -3.04
C SER L 247 1.51 -65.54 -4.19
N ILE L 248 0.61 -66.47 -3.86
CA ILE L 248 -0.14 -67.24 -4.90
C ILE L 248 -1.64 -66.96 -4.81
N ASP L 249 -2.13 -66.22 -5.80
CA ASP L 249 -3.58 -66.08 -6.09
C ASP L 249 -3.89 -67.35 -6.86
N VAL L 250 -4.84 -68.09 -6.34
CA VAL L 250 -5.35 -69.32 -6.98
C VAL L 250 -5.79 -69.03 -8.42
N ASP L 251 -6.19 -67.79 -8.74
CA ASP L 251 -6.58 -67.49 -10.15
C ASP L 251 -5.38 -67.34 -11.07
N CYS L 252 -4.14 -67.55 -10.62
CA CYS L 252 -3.01 -67.66 -11.59
C CYS L 252 -3.32 -68.87 -12.46
N LEU L 253 -4.02 -69.86 -11.87
CA LEU L 253 -4.41 -71.11 -12.58
C LEU L 253 -5.54 -70.80 -13.59
N ASP L 254 -5.48 -71.40 -14.78
CA ASP L 254 -6.71 -71.46 -15.62
C ASP L 254 -7.92 -71.91 -14.76
N PRO L 255 -9.09 -71.31 -15.00
CA PRO L 255 -10.31 -71.72 -14.32
C PRO L 255 -10.69 -73.20 -14.53
N ALA L 256 -10.20 -73.87 -15.60
CA ALA L 256 -10.34 -75.35 -15.74
C ALA L 256 -9.78 -76.04 -14.46
N PHE L 257 -8.66 -75.54 -13.93
CA PHE L 257 -7.96 -76.11 -12.74
C PHE L 257 -8.54 -75.52 -11.45
N ALA L 258 -8.90 -74.24 -11.45
CA ALA L 258 -9.26 -73.50 -10.21
C ALA L 258 -10.54 -72.70 -10.45
N PRO L 259 -11.72 -73.36 -10.50
CA PRO L 259 -12.97 -72.64 -10.74
C PRO L 259 -13.41 -71.85 -9.50
N GLY L 260 -12.85 -72.23 -8.35
CA GLY L 260 -13.25 -71.72 -7.01
C GLY L 260 -12.60 -70.38 -6.72
N VAL L 261 -12.91 -69.37 -7.56
CA VAL L 261 -12.34 -67.98 -7.44
C VAL L 261 -13.42 -66.93 -7.70
N SER L 262 -13.17 -65.68 -7.33
CA SER L 262 -14.15 -64.61 -7.60
C SER L 262 -14.04 -64.12 -9.04
N HIS L 263 -12.90 -64.37 -9.68
CA HIS L 263 -12.50 -63.70 -10.94
C HIS L 263 -12.10 -64.79 -11.94
N ILE L 264 -13.08 -65.23 -12.71
CA ILE L 264 -12.89 -66.26 -13.76
C ILE L 264 -12.18 -65.55 -14.92
N GLU L 265 -10.99 -66.01 -15.28
CA GLU L 265 -10.14 -65.37 -16.31
C GLU L 265 -9.48 -66.45 -17.15
N PRO L 266 -10.14 -66.89 -18.22
CA PRO L 266 -9.58 -67.93 -19.09
C PRO L 266 -8.13 -67.73 -19.59
N GLY L 267 -7.41 -68.83 -19.81
CA GLY L 267 -6.04 -68.80 -20.38
C GLY L 267 -4.93 -68.68 -19.34
N GLY L 268 -5.07 -69.33 -18.19
CA GLY L 268 -4.08 -69.32 -17.10
C GLY L 268 -3.08 -70.48 -17.18
N LEU L 269 -2.32 -70.63 -16.10
CA LEU L 269 -1.31 -71.69 -15.92
C LEU L 269 -2.01 -72.99 -15.53
N SER L 270 -1.43 -74.14 -15.89
CA SER L 270 -1.83 -75.48 -15.39
C SER L 270 -1.32 -75.59 -13.95
N PHE L 271 -1.83 -76.57 -13.19
CA PHE L 271 -1.25 -76.78 -11.85
C PHE L 271 0.21 -77.23 -12.00
N ARG L 272 0.50 -78.12 -12.93
CA ARG L 272 1.89 -78.60 -13.15
C ARG L 272 2.76 -77.40 -13.55
N ASP L 273 2.24 -76.46 -14.34
CA ASP L 273 3.04 -75.27 -14.75
C ASP L 273 3.48 -74.61 -13.43
N VAL L 274 2.56 -74.43 -12.51
CA VAL L 274 2.87 -73.71 -11.25
C VAL L 274 3.89 -74.55 -10.46
N LEU L 275 3.75 -75.86 -10.40
CA LEU L 275 4.71 -76.65 -9.58
C LEU L 275 6.10 -76.65 -10.28
N ASN L 276 6.16 -76.60 -11.61
CA ASN L 276 7.42 -76.53 -12.38
C ASN L 276 8.15 -75.27 -11.90
N ILE L 277 7.41 -74.18 -11.70
CA ILE L 277 8.01 -72.87 -11.29
C ILE L 277 8.49 -72.97 -9.84
N LEU L 278 7.62 -73.43 -8.95
CA LEU L 278 7.90 -73.47 -7.48
C LEU L 278 9.05 -74.45 -7.20
N HIS L 279 8.98 -75.69 -7.67
CA HIS L 279 10.04 -76.72 -7.45
C HIS L 279 11.39 -76.22 -7.96
N ASN L 280 11.46 -75.55 -9.12
CA ASN L 280 12.81 -75.19 -9.67
C ASN L 280 13.28 -73.83 -9.17
N LEU L 281 12.46 -73.03 -8.51
CA LEU L 281 12.90 -71.70 -8.03
C LEU L 281 14.02 -71.87 -7.00
N GLN L 282 15.15 -71.20 -7.18
CA GLN L 282 16.24 -71.09 -6.18
C GLN L 282 15.99 -69.83 -5.30
N ALA L 283 15.77 -70.05 -4.01
CA ALA L 283 15.26 -69.01 -3.10
C ALA L 283 15.33 -69.51 -1.65
N ASP L 284 15.82 -68.62 -0.80
CA ASP L 284 15.60 -68.67 0.65
C ASP L 284 14.20 -68.08 0.86
N VAL L 285 13.19 -68.95 0.98
CA VAL L 285 11.76 -68.53 1.14
C VAL L 285 11.50 -68.24 2.63
N VAL L 286 11.17 -66.98 2.93
CA VAL L 286 11.01 -66.47 4.32
C VAL L 286 9.52 -66.35 4.68
N GLY L 287 8.64 -66.45 3.68
CA GLY L 287 7.19 -66.35 3.83
C GLY L 287 6.45 -66.58 2.53
N ALA L 288 5.17 -66.91 2.62
CA ALA L 288 4.32 -67.11 1.45
C ALA L 288 2.86 -66.98 1.89
N ASP L 289 1.98 -66.79 0.90
CA ASP L 289 0.52 -66.87 1.09
C ASP L 289 -0.13 -67.64 -0.08
N VAL L 290 -1.28 -68.23 0.22
CA VAL L 290 -2.22 -68.78 -0.77
C VAL L 290 -3.57 -68.08 -0.52
N VAL L 291 -4.00 -67.23 -1.48
CA VAL L 291 -5.15 -66.32 -1.27
C VAL L 291 -6.18 -66.51 -2.41
N GLU L 292 -7.38 -65.98 -2.20
CA GLU L 292 -8.44 -65.86 -3.23
C GLU L 292 -9.03 -67.21 -3.63
N PHE L 293 -8.90 -68.24 -2.80
CA PHE L 293 -9.73 -69.44 -2.93
C PHE L 293 -11.12 -69.02 -2.45
N ASN L 294 -12.14 -69.14 -3.31
CA ASN L 294 -13.55 -68.78 -2.95
C ASN L 294 -14.36 -70.08 -2.84
N PRO L 295 -14.55 -70.66 -1.65
CA PRO L 295 -15.29 -71.92 -1.54
C PRO L 295 -16.72 -71.83 -2.11
N GLN L 296 -17.38 -70.66 -2.02
CA GLN L 296 -18.74 -70.46 -2.56
C GLN L 296 -18.72 -70.61 -4.08
N ARG L 297 -17.57 -70.53 -4.75
CA ARG L 297 -17.54 -70.68 -6.22
C ARG L 297 -16.93 -72.02 -6.65
N ASP L 298 -16.59 -72.87 -5.68
CA ASP L 298 -15.95 -74.17 -5.95
C ASP L 298 -17.00 -75.20 -6.40
N THR L 299 -16.52 -76.31 -6.96
CA THR L 299 -17.32 -77.49 -7.32
C THR L 299 -17.90 -78.09 -6.06
N VAL L 300 -18.91 -78.92 -6.23
CA VAL L 300 -19.65 -79.47 -5.06
C VAL L 300 -18.73 -80.40 -4.28
N ASP L 301 -17.64 -80.87 -4.89
CA ASP L 301 -16.71 -81.80 -4.22
C ASP L 301 -15.46 -81.07 -3.74
N GLY L 302 -15.36 -79.75 -3.84
CA GLY L 302 -14.20 -79.04 -3.26
C GLY L 302 -12.93 -79.15 -4.11
N MET L 303 -13.02 -79.11 -5.43
CA MET L 303 -11.81 -79.34 -6.28
C MET L 303 -10.81 -78.23 -6.04
N THR L 304 -11.26 -76.99 -5.93
CA THR L 304 -10.35 -75.85 -5.70
C THR L 304 -9.78 -75.91 -4.28
N ALA L 305 -10.56 -76.39 -3.30
CA ALA L 305 -9.97 -76.64 -1.96
C ALA L 305 -8.76 -77.59 -2.09
N MET L 306 -8.87 -78.65 -2.88
CA MET L 306 -7.72 -79.59 -3.04
C MET L 306 -6.56 -78.84 -3.73
N VAL L 307 -6.86 -78.02 -4.72
CA VAL L 307 -5.84 -77.21 -5.44
C VAL L 307 -5.13 -76.28 -4.44
N ALA L 308 -5.86 -75.53 -3.63
CA ALA L 308 -5.27 -74.57 -2.67
C ALA L 308 -4.44 -75.34 -1.65
N ALA L 309 -4.97 -76.46 -1.13
CA ALA L 309 -4.26 -77.30 -0.15
C ALA L 309 -2.93 -77.83 -0.74
N LYS L 310 -2.89 -78.26 -2.01
CA LYS L 310 -1.65 -78.85 -2.55
C LYS L 310 -0.63 -77.73 -2.75
N LEU L 311 -1.11 -76.54 -3.10
CA LEU L 311 -0.23 -75.35 -3.16
C LEU L 311 0.39 -75.14 -1.77
N VAL L 312 -0.42 -75.15 -0.70
CA VAL L 312 0.11 -74.93 0.66
C VAL L 312 1.14 -76.02 0.97
N ARG L 313 0.83 -77.26 0.57
CA ARG L 313 1.67 -78.41 0.97
C ARG L 313 3.04 -78.25 0.28
N GLU L 314 3.03 -77.97 -1.02
CA GLU L 314 4.26 -77.88 -1.83
C GLU L 314 5.08 -76.66 -1.37
N LEU L 315 4.40 -75.58 -0.96
CA LEU L 315 5.07 -74.39 -0.41
C LEU L 315 5.75 -74.75 0.92
N ALA L 316 5.04 -75.48 1.78
CA ALA L 316 5.58 -75.93 3.08
C ALA L 316 6.85 -76.72 2.85
N ALA L 317 6.91 -77.62 1.86
CA ALA L 317 8.08 -78.46 1.53
C ALA L 317 9.28 -77.58 1.15
N LYS L 318 9.02 -76.48 0.48
CA LYS L 318 10.06 -75.51 0.07
C LYS L 318 10.45 -74.59 1.25
N ILE L 319 9.51 -74.09 2.00
CA ILE L 319 9.90 -73.21 3.14
C ILE L 319 10.65 -74.07 4.19
N SER L 320 10.17 -75.28 4.48
CA SER L 320 10.72 -76.05 5.62
C SER L 320 12.09 -76.60 5.24
N LYS L 321 13.05 -76.59 6.16
CA LYS L 321 14.40 -77.14 5.91
C LYS L 321 15.14 -77.33 7.25
N SER M 6 3.89 -28.74 -13.00
CA SER M 6 5.31 -29.19 -12.84
C SER M 6 6.14 -28.00 -12.35
N SER M 7 7.09 -27.52 -13.15
CA SER M 7 8.09 -26.49 -12.73
C SER M 7 7.49 -25.07 -12.71
N ILE M 8 6.19 -24.89 -12.47
CA ILE M 8 5.60 -23.56 -12.09
C ILE M 8 5.98 -23.27 -10.62
N GLU M 9 6.20 -24.36 -9.86
CA GLU M 9 6.72 -24.43 -8.47
C GLU M 9 8.20 -23.98 -8.41
N LYS M 10 8.90 -23.95 -9.54
CA LYS M 10 10.23 -23.30 -9.61
C LYS M 10 10.06 -21.77 -9.62
N GLY M 11 9.25 -21.25 -10.54
CA GLY M 11 8.84 -19.83 -10.54
C GLY M 11 8.44 -19.36 -9.14
N GLN M 12 7.64 -20.17 -8.44
CA GLN M 12 7.10 -19.84 -7.09
C GLN M 12 8.26 -19.65 -6.10
N ASN M 13 9.23 -20.56 -6.11
CA ASN M 13 10.39 -20.49 -5.16
C ASN M 13 11.21 -19.23 -5.42
N ARG M 14 11.40 -18.87 -6.69
CA ARG M 14 12.22 -17.69 -7.04
C ARG M 14 11.59 -16.42 -6.46
N VAL M 15 10.27 -16.30 -6.65
CA VAL M 15 9.49 -15.13 -6.14
C VAL M 15 9.70 -15.00 -4.64
N ILE M 16 9.62 -16.09 -3.87
CA ILE M 16 9.72 -16.11 -2.39
C ILE M 16 11.14 -15.70 -1.97
N ASP M 17 12.15 -16.28 -2.61
CA ASP M 17 13.55 -15.91 -2.29
C ASP M 17 13.76 -14.46 -2.71
N ALA M 18 13.33 -14.11 -3.94
CA ALA M 18 13.43 -12.69 -4.34
C ALA M 18 12.62 -11.83 -3.35
N SER M 19 11.45 -12.31 -2.90
CA SER M 19 10.64 -11.59 -1.88
C SER M 19 11.46 -11.50 -0.59
N LEU M 20 11.86 -12.64 -0.01
CA LEU M 20 12.62 -12.62 1.28
C LEU M 20 13.95 -11.90 1.10
N THR M 21 14.65 -12.17 0.00
CA THR M 21 15.93 -11.49 -0.35
C THR M 21 15.72 -10.00 -0.08
N LEU M 22 14.68 -9.42 -0.69
CA LEU M 22 14.39 -7.97 -0.63
C LEU M 22 14.17 -7.55 0.82
N ILE M 23 13.43 -8.36 1.59
CA ILE M 23 13.18 -8.05 3.03
C ILE M 23 14.49 -8.13 3.82
N ARG M 24 15.33 -9.15 3.54
CA ARG M 24 16.65 -9.33 4.25
C ARG M 24 17.55 -8.11 3.95
N GLU M 25 17.70 -7.78 2.66
CA GLU M 25 18.58 -6.65 2.23
C GLU M 25 18.13 -5.38 2.95
N ARG M 26 16.81 -5.11 2.93
CA ARG M 26 16.14 -3.93 3.56
C ARG M 26 16.41 -3.91 5.10
N ALA M 27 16.24 -5.11 5.70
CA ALA M 27 16.46 -5.32 7.15
C ALA M 27 17.96 -5.17 7.49
N LYS M 28 18.84 -5.51 6.52
CA LYS M 28 20.32 -5.39 6.68
C LYS M 28 20.66 -3.90 6.83
N LEU M 29 20.16 -3.05 5.93
CA LEU M 29 20.46 -1.60 6.01
C LEU M 29 19.89 -1.01 7.30
N LYS M 30 18.68 -1.43 7.70
CA LYS M 30 18.05 -0.88 8.93
C LYS M 30 18.76 -1.46 10.16
N GLY M 31 19.06 -2.76 10.14
CA GLY M 31 19.91 -3.41 11.15
C GLY M 31 21.22 -2.67 11.28
N GLU M 32 21.95 -2.50 10.17
CA GLU M 32 23.29 -1.86 10.21
C GLU M 32 23.16 -0.42 10.72
N LEU M 33 22.02 0.22 10.44
CA LEU M 33 21.84 1.66 10.81
C LEU M 33 21.72 1.79 12.34
N VAL M 34 20.86 0.97 12.96
CA VAL M 34 20.65 1.00 14.43
C VAL M 34 21.93 0.57 15.15
N ARG M 35 22.76 -0.26 14.50
CA ARG M 35 24.03 -0.76 15.10
C ARG M 35 25.10 0.34 15.03
N LEU M 36 25.27 0.98 13.85
CA LEU M 36 26.18 2.14 13.61
C LEU M 36 25.81 3.29 14.57
N LEU M 37 24.52 3.51 14.87
CA LEU M 37 24.10 4.61 15.78
C LEU M 37 24.37 4.22 17.23
N GLY M 38 24.40 2.92 17.56
CA GLY M 38 24.77 2.40 18.88
C GLY M 38 23.80 2.77 19.99
N GLY M 39 23.83 2.02 21.10
CA GLY M 39 23.23 2.39 22.39
C GLY M 39 21.75 2.12 22.44
N ALA M 40 21.28 0.95 22.00
CA ALA M 40 19.86 0.52 22.08
C ALA M 40 19.81 -0.93 22.59
N LYS M 41 18.90 -1.21 23.53
CA LYS M 41 18.51 -2.58 24.02
C LYS M 41 17.51 -3.23 23.06
N ALA M 42 16.50 -2.48 22.60
CA ALA M 42 15.55 -2.93 21.55
C ALA M 42 15.03 -1.72 20.80
N SER M 43 14.77 -1.91 19.50
CA SER M 43 14.26 -0.88 18.56
C SER M 43 13.13 -1.43 17.67
N THR M 44 11.93 -0.86 17.81
CA THR M 44 10.72 -1.24 17.02
C THR M 44 11.09 -1.09 15.53
N SER M 45 10.88 -2.21 14.76
CA SER M 45 10.94 -2.16 13.27
C SER M 45 9.58 -2.58 12.71
N LEU M 46 9.04 -1.83 11.73
CA LEU M 46 7.71 -2.09 11.11
C LEU M 46 7.83 -3.14 10.01
N LEU M 47 6.95 -4.13 10.02
CA LEU M 47 6.78 -5.09 8.90
C LEU M 47 5.31 -5.06 8.46
N GLY M 48 5.06 -4.70 7.20
CA GLY M 48 3.69 -4.70 6.65
C GLY M 48 3.36 -6.04 6.04
N VAL M 49 2.13 -6.51 6.21
CA VAL M 49 1.65 -7.78 5.60
C VAL M 49 0.33 -7.43 4.92
N PRO M 50 0.36 -6.97 3.65
CA PRO M 50 -0.84 -6.50 2.96
C PRO M 50 -1.69 -7.67 2.47
N LEU M 51 -2.33 -8.33 3.45
CA LEU M 51 -3.10 -9.60 3.32
C LEU M 51 -4.54 -9.35 3.81
N GLY M 52 -5.50 -9.49 2.91
CA GLY M 52 -6.93 -9.33 3.26
C GLY M 52 -7.78 -10.58 3.10
N HIS M 53 -7.29 -11.66 2.50
CA HIS M 53 -8.14 -12.68 1.82
C HIS M 53 -8.62 -13.77 2.80
N ASN M 54 -8.18 -13.73 4.06
CA ASN M 54 -8.67 -14.61 5.16
C ASN M 54 -9.78 -13.89 5.97
N SER M 55 -10.22 -12.70 5.53
CA SER M 55 -11.34 -11.94 6.12
C SER M 55 -12.67 -12.61 5.74
N SER M 56 -13.67 -12.56 6.61
CA SER M 56 -14.99 -13.23 6.44
C SER M 56 -16.01 -12.33 5.71
N PHE M 57 -15.76 -11.04 5.61
CA PHE M 57 -16.76 -10.05 5.17
C PHE M 57 -16.12 -9.05 4.21
N LEU M 58 -15.04 -8.37 4.60
CA LEU M 58 -14.37 -7.41 3.66
C LEU M 58 -12.86 -7.57 3.72
N GLN M 59 -12.19 -7.32 2.58
CA GLN M 59 -10.75 -7.59 2.35
C GLN M 59 -9.96 -6.29 2.34
N GLY M 60 -10.59 -5.18 2.72
CA GLY M 60 -9.98 -3.85 2.75
C GLY M 60 -8.69 -3.79 3.55
N PRO M 61 -8.49 -4.53 4.67
CA PRO M 61 -7.23 -4.46 5.40
C PRO M 61 -5.96 -4.83 4.62
N ALA M 62 -6.12 -5.39 3.40
CA ALA M 62 -5.04 -5.63 2.42
C ALA M 62 -4.30 -4.33 2.12
N PHE M 63 -5.04 -3.22 2.02
CA PHE M 63 -4.59 -1.89 1.54
C PHE M 63 -4.05 -1.02 2.67
N ALA M 64 -4.05 -1.56 3.90
CA ALA M 64 -3.82 -0.81 5.16
C ALA M 64 -2.38 -0.32 5.27
N PRO M 65 -1.34 -1.18 5.18
CA PRO M 65 -0.03 -0.79 5.69
C PRO M 65 0.52 0.55 5.17
N PRO M 66 0.41 0.84 3.87
CA PRO M 66 0.95 2.10 3.31
C PRO M 66 0.20 3.32 3.86
N ARG M 67 -1.10 3.16 4.12
CA ARG M 67 -1.96 4.23 4.70
C ARG M 67 -1.54 4.56 6.13
N ILE M 68 -1.21 3.53 6.91
CA ILE M 68 -0.76 3.70 8.32
C ILE M 68 0.56 4.48 8.35
N ARG M 69 1.48 4.15 7.44
CA ARG M 69 2.83 4.81 7.30
C ARG M 69 2.65 6.31 7.00
N GLU M 70 1.87 6.64 5.98
CA GLU M 70 1.50 8.04 5.64
C GLU M 70 1.02 8.82 6.90
N ALA M 71 0.18 8.14 7.74
CA ALA M 71 -0.47 8.80 8.90
C ALA M 71 0.54 9.03 10.05
N ILE M 72 1.50 8.09 10.21
CA ILE M 72 2.56 8.19 11.24
C ILE M 72 3.35 9.52 11.08
N TRP M 73 3.60 9.86 9.80
CA TRP M 73 4.50 10.96 9.36
C TRP M 73 3.72 12.15 8.82
N CYS M 74 2.40 12.15 9.02
CA CYS M 74 1.55 13.27 8.53
C CYS M 74 2.05 14.60 9.10
N GLY M 75 1.97 15.67 8.31
CA GLY M 75 2.43 17.03 8.66
C GLY M 75 1.70 17.65 9.83
N SER M 76 0.46 17.23 10.06
CA SER M 76 -0.39 17.69 11.20
C SER M 76 0.24 17.29 12.54
N THR M 77 0.93 16.15 12.60
CA THR M 77 1.52 15.66 13.87
C THR M 77 3.03 15.91 13.96
N ASN M 78 3.58 15.76 15.17
CA ASN M 78 5.04 15.82 15.37
C ASN M 78 5.54 14.38 15.46
N SER M 79 6.78 14.23 15.89
CA SER M 79 7.53 12.95 15.89
C SER M 79 7.68 12.47 17.33
N ALA M 80 6.99 13.10 18.28
CA ALA M 80 7.05 12.68 19.71
C ALA M 80 5.85 11.80 20.09
N THR M 81 6.12 10.63 20.66
CA THR M 81 5.09 9.79 21.32
C THR M 81 4.65 10.52 22.60
N GLU M 82 3.53 10.10 23.18
CA GLU M 82 2.90 10.79 24.34
C GLU M 82 3.88 10.82 25.51
N GLU M 83 4.70 9.76 25.62
CA GLU M 83 5.75 9.65 26.67
C GLU M 83 6.91 10.62 26.37
N GLY M 84 7.42 10.65 25.13
CA GLY M 84 8.48 11.59 24.75
C GLY M 84 9.55 11.00 23.85
N LYS M 85 9.38 9.79 23.33
CA LYS M 85 10.39 9.19 22.41
C LYS M 85 10.31 9.92 21.06
N GLU M 86 11.41 9.84 20.28
CA GLU M 86 11.54 10.49 18.95
C GLU M 86 11.45 9.39 17.90
N LEU M 87 10.58 9.57 16.91
CA LEU M 87 10.29 8.50 15.90
C LEU M 87 11.30 8.52 14.71
N LYS M 88 11.99 9.69 14.55
CA LYS M 88 12.98 9.90 13.45
C LYS M 88 14.29 9.18 13.82
N ASP M 89 14.43 8.91 15.12
CA ASP M 89 15.61 8.21 15.71
C ASP M 89 15.37 6.72 15.46
N PRO M 90 16.12 6.12 14.51
CA PRO M 90 15.92 4.71 14.10
C PRO M 90 15.89 3.67 15.25
N ARG M 91 16.68 3.95 16.30
CA ARG M 91 16.73 3.15 17.55
C ARG M 91 15.34 3.12 18.22
N VAL M 92 14.47 4.07 17.86
CA VAL M 92 13.06 4.15 18.33
C VAL M 92 12.13 3.56 17.25
N LEU M 93 12.44 3.79 15.97
CA LEU M 93 11.58 3.29 14.88
C LEU M 93 12.32 3.21 13.53
N THR M 94 12.16 2.05 12.88
CA THR M 94 12.58 1.73 11.50
C THR M 94 11.44 1.00 10.77
N ASP M 95 11.64 0.71 9.48
CA ASP M 95 10.59 0.19 8.58
C ASP M 95 11.31 -0.61 7.51
N VAL M 96 11.02 -1.91 7.45
CA VAL M 96 11.61 -2.84 6.45
C VAL M 96 10.60 -3.03 5.31
N GLY M 97 9.47 -2.34 5.36
CA GLY M 97 8.51 -2.33 4.24
C GLY M 97 7.55 -3.52 4.28
N ASP M 98 6.97 -3.84 3.10
CA ASP M 98 5.80 -4.74 2.93
C ASP M 98 6.34 -6.09 2.41
N VAL M 99 5.91 -7.18 3.01
CA VAL M 99 5.94 -8.50 2.34
C VAL M 99 5.13 -8.33 1.07
N PRO M 100 5.64 -8.72 -0.13
CA PRO M 100 4.84 -8.64 -1.35
C PRO M 100 3.78 -9.76 -1.43
N VAL M 101 2.78 -9.72 -0.51
CA VAL M 101 1.73 -10.75 -0.36
C VAL M 101 1.04 -10.98 -1.71
N GLN M 102 0.69 -9.92 -2.42
CA GLN M 102 -0.26 -10.01 -3.57
C GLN M 102 0.39 -10.64 -4.81
N GLU M 103 1.67 -10.38 -5.05
CA GLU M 103 2.38 -10.93 -6.24
C GLU M 103 2.60 -12.43 -6.04
N ILE M 104 3.05 -12.82 -4.83
CA ILE M 104 3.13 -14.24 -4.40
C ILE M 104 1.82 -14.95 -4.80
N ARG M 105 0.69 -14.50 -4.26
CA ARG M 105 -0.64 -15.14 -4.47
C ARG M 105 -0.92 -15.26 -5.98
N ASP M 106 -0.54 -14.24 -6.77
CA ASP M 106 -0.85 -14.13 -8.23
C ASP M 106 -0.20 -15.25 -9.04
N CYS M 107 0.88 -15.85 -8.55
CA CYS M 107 1.61 -16.88 -9.34
C CYS M 107 1.27 -18.27 -8.79
N GLY M 108 0.13 -18.38 -8.07
CA GLY M 108 -0.54 -19.65 -7.73
C GLY M 108 -0.21 -20.22 -6.35
N VAL M 109 0.64 -19.55 -5.55
CA VAL M 109 1.09 -20.05 -4.21
C VAL M 109 -0.09 -20.12 -3.19
N ASP M 110 -0.12 -21.22 -2.42
CA ASP M 110 -1.18 -21.62 -1.47
C ASP M 110 -0.90 -21.01 -0.10
N ASP M 111 -1.92 -21.03 0.76
CA ASP M 111 -1.93 -20.29 2.04
C ASP M 111 -0.93 -20.87 3.04
N ASP M 112 -0.73 -22.18 3.03
CA ASP M 112 0.29 -22.85 3.88
C ASP M 112 1.66 -22.20 3.61
N ARG M 113 2.10 -22.18 2.36
CA ARG M 113 3.40 -21.59 1.94
C ARG M 113 3.43 -20.08 2.26
N LEU M 114 2.30 -19.37 2.07
CA LEU M 114 2.24 -17.91 2.26
C LEU M 114 2.54 -17.55 3.73
N MET M 115 1.96 -18.28 4.69
CA MET M 115 2.08 -17.93 6.14
C MET M 115 3.51 -18.24 6.62
N ASN M 116 4.14 -19.25 6.01
CA ASN M 116 5.56 -19.58 6.23
C ASN M 116 6.44 -18.39 5.84
N VAL M 117 6.17 -17.76 4.67
CA VAL M 117 6.94 -16.60 4.15
C VAL M 117 6.86 -15.47 5.19
N ILE M 118 5.68 -15.26 5.74
CA ILE M 118 5.43 -14.14 6.69
C ILE M 118 6.24 -14.42 7.97
N SER M 119 6.17 -15.65 8.48
CA SER M 119 6.99 -16.14 9.62
C SER M 119 8.50 -15.89 9.34
N GLU M 120 8.97 -16.28 8.14
CA GLU M 120 10.38 -16.03 7.72
C GLU M 120 10.64 -14.52 7.80
N SER M 121 9.75 -13.73 7.19
CA SER M 121 9.90 -12.25 7.15
C SER M 121 10.12 -11.73 8.57
N VAL M 122 9.32 -12.17 9.55
CA VAL M 122 9.40 -11.72 10.96
C VAL M 122 10.77 -12.08 11.58
N LYS M 123 11.29 -13.27 11.30
CA LYS M 123 12.58 -13.74 11.89
C LYS M 123 13.71 -12.85 11.37
N LEU M 124 13.64 -12.47 10.07
CA LEU M 124 14.63 -11.61 9.35
C LEU M 124 14.77 -10.29 10.09
N VAL M 125 13.71 -9.84 10.74
CA VAL M 125 13.70 -8.59 11.56
C VAL M 125 14.37 -8.88 12.91
N MET M 126 14.07 -10.02 13.53
CA MET M 126 14.65 -10.36 14.85
C MET M 126 16.13 -10.76 14.68
N GLU M 127 16.45 -11.46 13.55
CA GLU M 127 17.82 -11.91 13.21
C GLU M 127 18.74 -10.72 12.94
N GLU M 128 18.19 -9.50 12.91
CA GLU M 128 18.94 -8.22 12.83
C GLU M 128 18.80 -7.46 14.16
N GLU M 129 19.78 -7.64 15.05
CA GLU M 129 19.83 -7.14 16.45
C GLU M 129 19.92 -5.63 16.46
N PRO M 130 19.26 -4.88 17.38
CA PRO M 130 18.29 -5.39 18.34
C PRO M 130 16.83 -5.07 17.98
N LEU M 131 16.47 -5.29 16.72
CA LEU M 131 15.15 -4.94 16.15
C LEU M 131 14.10 -5.95 16.63
N ARG M 132 12.95 -5.44 17.04
CA ARG M 132 11.78 -6.26 17.44
C ARG M 132 10.66 -5.88 16.49
N PRO M 133 9.90 -6.88 15.96
CA PRO M 133 8.93 -6.63 14.90
C PRO M 133 7.63 -6.02 15.43
N LEU M 134 7.08 -5.08 14.67
CA LEU M 134 5.70 -4.53 14.82
C LEU M 134 5.03 -4.71 13.46
N VAL M 135 4.05 -5.62 13.37
CA VAL M 135 3.48 -6.05 12.07
C VAL M 135 2.22 -5.24 11.79
N LEU M 136 2.18 -4.59 10.64
CA LEU M 136 1.01 -3.82 10.16
C LEU M 136 0.15 -4.75 9.32
N GLY M 137 -1.00 -5.16 9.84
CA GLY M 137 -2.02 -5.84 9.03
C GLY M 137 -2.63 -4.87 8.01
N GLY M 138 -3.38 -5.43 7.05
CA GLY M 138 -3.68 -6.86 6.97
C GLY M 138 -4.75 -7.33 7.93
N ASP M 139 -5.36 -8.49 7.67
CA ASP M 139 -6.43 -9.07 8.54
C ASP M 139 -5.80 -9.92 9.64
N HIS M 140 -6.57 -10.27 10.68
CA HIS M 140 -6.07 -10.86 11.96
C HIS M 140 -5.48 -12.24 11.77
N SER M 141 -5.55 -12.82 10.57
CA SER M 141 -4.97 -14.15 10.28
C SER M 141 -3.46 -14.11 10.46
N ILE M 142 -2.86 -12.92 10.41
CA ILE M 142 -1.39 -12.81 10.33
C ILE M 142 -0.81 -13.04 11.72
N SER M 143 -1.60 -12.81 12.78
CA SER M 143 -1.12 -12.88 14.18
C SER M 143 -0.53 -14.28 14.46
N TYR M 144 -1.09 -15.32 13.84
CA TYR M 144 -0.66 -16.73 13.99
C TYR M 144 0.72 -16.97 13.38
N PRO M 145 0.98 -16.73 12.06
CA PRO M 145 2.34 -16.86 11.53
C PRO M 145 3.37 -15.91 12.15
N VAL M 146 2.90 -14.78 12.67
CA VAL M 146 3.79 -13.79 13.35
C VAL M 146 4.15 -14.40 14.69
N VAL M 147 3.18 -14.65 15.57
CA VAL M 147 3.45 -15.12 16.96
C VAL M 147 4.22 -16.45 16.91
N ARG M 148 4.02 -17.28 15.88
CA ARG M 148 4.83 -18.50 15.63
C ARG M 148 6.31 -18.12 15.48
N ALA M 149 6.62 -17.27 14.52
CA ALA M 149 7.98 -16.77 14.21
C ALA M 149 8.67 -16.34 15.51
N VAL M 150 7.98 -15.50 16.31
CA VAL M 150 8.49 -14.90 17.58
C VAL M 150 8.73 -16.02 18.61
N SER M 151 7.73 -16.89 18.84
CA SER M 151 7.91 -17.89 19.92
C SER M 151 9.13 -18.78 19.65
N GLU M 152 9.29 -19.25 18.43
CA GLU M 152 10.42 -20.14 18.11
C GLU M 152 11.75 -19.41 18.32
N LYS M 153 11.83 -18.16 17.89
CA LYS M 153 13.08 -17.38 17.98
C LYS M 153 13.49 -17.27 19.44
N LEU M 154 12.52 -17.01 20.32
CA LEU M 154 12.84 -16.91 21.76
C LEU M 154 12.76 -18.31 22.39
N GLY M 155 12.34 -19.33 21.64
CA GLY M 155 12.26 -20.71 22.16
C GLY M 155 11.50 -20.78 23.46
N GLY M 156 10.36 -20.11 23.55
CA GLY M 156 9.54 -20.14 24.77
C GLY M 156 8.15 -19.64 24.47
N PRO M 157 7.13 -19.99 25.26
CA PRO M 157 5.82 -19.46 25.04
C PRO M 157 5.80 -17.99 25.49
N VAL M 158 5.06 -17.18 24.75
CA VAL M 158 4.89 -15.77 25.21
C VAL M 158 3.50 -15.65 25.86
N ASP M 159 3.31 -14.63 26.69
CA ASP M 159 1.99 -14.20 27.21
C ASP M 159 1.46 -13.16 26.23
N ILE M 160 0.29 -13.40 25.62
CA ILE M 160 -0.30 -12.53 24.57
C ILE M 160 -1.37 -11.61 25.17
N LEU M 161 -1.21 -10.31 24.97
CA LEU M 161 -2.31 -9.33 25.17
C LEU M 161 -3.03 -9.17 23.84
N HIS M 162 -4.33 -9.43 23.81
CA HIS M 162 -5.17 -9.44 22.60
C HIS M 162 -6.30 -8.43 22.75
N LEU M 163 -6.17 -7.26 22.15
CA LEU M 163 -7.25 -6.24 22.16
C LEU M 163 -8.12 -6.44 20.92
N ASP M 164 -9.42 -6.68 21.14
CA ASP M 164 -10.36 -7.09 20.07
C ASP M 164 -11.81 -7.09 20.58
N ALA M 165 -12.76 -6.83 19.66
CA ALA M 165 -14.20 -7.01 19.91
C ALA M 165 -14.53 -8.50 19.89
N HIS M 166 -13.77 -9.28 19.11
CA HIS M 166 -13.97 -10.73 18.84
C HIS M 166 -12.81 -11.58 19.41
N PRO M 167 -13.08 -12.80 19.92
CA PRO M 167 -12.01 -13.68 20.45
C PRO M 167 -11.18 -14.43 19.38
N ASP M 168 -11.73 -14.52 18.17
CA ASP M 168 -11.05 -15.01 16.94
C ASP M 168 -10.41 -16.35 17.25
N ILE M 169 -11.21 -17.26 17.78
CA ILE M 169 -10.75 -18.55 18.35
C ILE M 169 -11.67 -19.67 17.88
N TYR M 170 -12.44 -19.45 16.80
CA TYR M 170 -13.20 -20.52 16.09
C TYR M 170 -12.23 -21.63 15.66
N ASP M 171 -12.60 -22.91 15.78
CA ASP M 171 -11.76 -24.05 15.33
C ASP M 171 -11.43 -23.88 13.84
N CYS M 172 -12.46 -23.84 13.00
CA CYS M 172 -12.39 -23.68 11.53
C CYS M 172 -13.57 -22.82 11.07
N PHE M 173 -13.31 -21.55 10.78
CA PHE M 173 -14.37 -20.63 10.29
C PHE M 173 -14.54 -20.85 8.78
N GLU M 174 -15.76 -21.23 8.39
CA GLU M 174 -16.19 -21.51 7.00
C GLU M 174 -15.10 -22.33 6.31
N GLY M 175 -14.57 -23.31 7.05
CA GLY M 175 -13.64 -24.31 6.53
C GLY M 175 -12.27 -23.75 6.15
N ASN M 176 -11.94 -22.48 6.45
CA ASN M 176 -10.57 -21.90 6.26
C ASN M 176 -9.83 -21.98 7.59
N LYS M 177 -8.72 -22.73 7.70
CA LYS M 177 -8.03 -22.83 9.01
C LYS M 177 -7.28 -21.53 9.34
N TYR M 178 -6.96 -20.72 8.34
CA TYR M 178 -6.24 -19.44 8.53
C TYR M 178 -7.24 -18.27 8.69
N SER M 179 -8.55 -18.52 8.87
CA SER M 179 -9.56 -17.43 9.03
C SER M 179 -9.02 -16.40 10.03
N HIS M 180 -9.24 -15.11 9.77
CA HIS M 180 -8.93 -14.05 10.77
C HIS M 180 -9.76 -14.29 12.02
N ALA M 181 -10.79 -15.13 11.96
CA ALA M 181 -11.67 -15.52 13.10
C ALA M 181 -11.18 -16.80 13.79
N SER M 182 -10.03 -17.37 13.39
CA SER M 182 -9.47 -18.63 13.95
C SER M 182 -8.01 -18.47 14.44
N SER M 183 -7.36 -17.33 14.28
CA SER M 183 -5.86 -17.25 14.35
C SER M 183 -5.39 -17.54 15.78
N PHE M 184 -6.15 -17.16 16.78
CA PHE M 184 -5.81 -17.38 18.20
C PHE M 184 -6.10 -18.83 18.67
N ALA M 185 -6.88 -19.60 17.90
CA ALA M 185 -6.96 -21.07 18.04
C ALA M 185 -5.66 -21.71 17.53
N ARG M 186 -5.15 -21.28 16.37
CA ARG M 186 -3.88 -21.84 15.80
C ARG M 186 -2.73 -21.53 16.76
N ILE M 187 -2.71 -20.32 17.29
CA ILE M 187 -1.70 -19.87 18.29
C ILE M 187 -1.76 -20.82 19.52
N MET M 188 -2.94 -21.04 20.11
CA MET M 188 -3.04 -21.81 21.38
C MET M 188 -2.76 -23.31 21.11
N GLU M 189 -3.31 -23.87 20.02
CA GLU M 189 -3.07 -25.26 19.54
C GLU M 189 -1.57 -25.62 19.50
N GLY M 190 -0.73 -24.71 18.98
CA GLY M 190 0.69 -24.98 18.70
C GLY M 190 1.57 -24.63 19.89
N GLY M 191 0.95 -24.07 20.94
CA GLY M 191 1.59 -23.79 22.25
C GLY M 191 2.50 -22.58 22.19
N TYR M 192 2.18 -21.59 21.35
CA TYR M 192 3.07 -20.41 21.17
C TYR M 192 2.80 -19.40 22.29
N ALA M 193 1.68 -19.56 22.98
CA ALA M 193 1.27 -18.69 24.09
C ALA M 193 0.99 -19.54 25.34
N ARG M 194 1.54 -19.09 26.47
CA ARG M 194 1.15 -19.53 27.83
C ARG M 194 -0.18 -18.86 28.20
N ARG M 195 -0.12 -17.60 28.61
CA ARG M 195 -1.26 -16.79 29.06
C ARG M 195 -1.82 -16.02 27.86
N LEU M 196 -3.14 -15.95 27.68
CA LEU M 196 -3.79 -15.16 26.61
C LEU M 196 -4.96 -14.35 27.19
N LEU M 197 -4.80 -13.01 27.21
CA LEU M 197 -5.82 -12.06 27.70
C LEU M 197 -6.49 -11.44 26.48
N GLN M 198 -7.80 -11.65 26.33
CA GLN M 198 -8.64 -10.99 25.31
C GLN M 198 -9.45 -9.91 26.02
N VAL M 199 -9.32 -8.69 25.52
CA VAL M 199 -9.83 -7.42 26.13
C VAL M 199 -10.64 -6.66 25.08
N GLY M 200 -11.82 -6.20 25.48
CA GLY M 200 -12.78 -5.53 24.59
C GLY M 200 -13.78 -6.49 23.93
N ILE M 201 -13.74 -7.79 24.25
CA ILE M 201 -14.66 -8.80 23.66
C ILE M 201 -16.12 -8.38 23.84
N ARG M 202 -16.83 -8.18 22.72
CA ARG M 202 -18.28 -7.85 22.74
C ARG M 202 -19.06 -8.70 21.73
N SER M 203 -18.38 -9.45 20.85
CA SER M 203 -19.05 -10.34 19.87
C SER M 203 -18.48 -11.75 20.03
N ILE M 204 -19.20 -12.57 20.78
CA ILE M 204 -18.72 -13.94 21.15
C ILE M 204 -19.94 -14.87 21.23
N ASN M 205 -19.80 -16.09 20.71
CA ASN M 205 -20.90 -17.08 20.72
C ASN M 205 -20.47 -18.28 21.59
N GLN M 206 -21.32 -19.29 21.69
CA GLN M 206 -21.06 -20.47 22.56
C GLN M 206 -19.68 -21.03 22.22
N GLU M 207 -19.38 -21.17 20.92
CA GLU M 207 -18.10 -21.80 20.47
C GLU M 207 -16.91 -20.99 21.00
N GLY M 208 -16.99 -19.66 21.01
CA GLY M 208 -15.94 -18.77 21.52
C GLY M 208 -15.68 -18.94 23.01
N ARG M 209 -16.73 -19.13 23.80
CA ARG M 209 -16.60 -19.32 25.27
C ARG M 209 -16.00 -20.68 25.53
N GLU M 210 -16.50 -21.72 24.83
CA GLU M 210 -16.04 -23.12 24.98
C GLU M 210 -14.55 -23.15 24.63
N GLN M 211 -14.17 -22.52 23.52
CA GLN M 211 -12.75 -22.51 23.06
C GLN M 211 -11.90 -21.86 24.17
N GLY M 212 -12.38 -20.75 24.74
CA GLY M 212 -11.68 -20.02 25.81
C GLY M 212 -11.53 -20.90 27.05
N LYS M 213 -12.64 -21.46 27.52
CA LYS M 213 -12.64 -22.47 28.60
C LYS M 213 -11.59 -23.51 28.22
N ARG M 214 -11.52 -23.92 26.96
CA ARG M 214 -10.69 -25.08 26.50
C ARG M 214 -9.19 -24.77 26.63
N PHE M 215 -8.75 -23.56 26.26
CA PHE M 215 -7.31 -23.19 26.11
C PHE M 215 -6.85 -22.34 27.32
N GLY M 216 -7.65 -22.27 28.39
CA GLY M 216 -7.36 -21.46 29.61
C GLY M 216 -7.25 -19.97 29.30
N VAL M 217 -8.05 -19.46 28.37
CA VAL M 217 -7.99 -18.06 27.87
C VAL M 217 -8.80 -17.18 28.82
N GLU M 218 -8.21 -16.07 29.25
CA GLU M 218 -8.91 -15.10 30.14
C GLU M 218 -9.54 -14.08 29.21
N GLN M 219 -10.86 -14.16 29.08
CA GLN M 219 -11.70 -13.41 28.12
C GLN M 219 -12.46 -12.30 28.86
N TYR M 220 -12.03 -11.05 28.66
CA TYR M 220 -12.58 -9.84 29.32
C TYR M 220 -13.60 -9.20 28.38
N GLU M 221 -14.90 -9.29 28.75
CA GLU M 221 -16.05 -8.81 27.96
C GLU M 221 -16.45 -7.42 28.47
N MET M 222 -16.92 -6.58 27.57
CA MET M 222 -17.20 -5.15 27.83
C MET M 222 -18.36 -5.04 28.83
N ARG M 223 -19.23 -6.02 28.90
CA ARG M 223 -20.37 -5.96 29.85
C ARG M 223 -19.90 -6.06 31.29
N THR M 224 -18.65 -6.46 31.55
CA THR M 224 -18.06 -6.47 32.91
C THR M 224 -16.90 -5.46 33.01
N PHE M 225 -16.79 -4.53 32.04
CA PHE M 225 -15.60 -3.65 31.91
C PHE M 225 -15.57 -2.63 33.05
N SER M 226 -16.74 -2.19 33.54
CA SER M 226 -16.88 -1.32 34.73
C SER M 226 -16.17 -1.94 35.92
N LYS M 227 -16.46 -3.21 36.25
CA LYS M 227 -15.81 -3.89 37.39
C LYS M 227 -14.32 -4.09 37.09
N ASP M 228 -13.97 -4.50 35.86
CA ASP M 228 -12.62 -5.00 35.51
C ASP M 228 -11.62 -3.85 35.26
N ARG M 229 -12.08 -2.60 35.14
CA ARG M 229 -11.20 -1.49 34.70
C ARG M 229 -9.95 -1.40 35.57
N PRO M 230 -10.00 -1.38 36.93
CA PRO M 230 -8.77 -1.25 37.71
C PRO M 230 -7.76 -2.33 37.33
N MET M 231 -8.22 -3.59 37.24
CA MET M 231 -7.39 -4.78 36.89
C MET M 231 -6.71 -4.50 35.55
N LEU M 232 -7.48 -4.07 34.56
CA LEU M 232 -7.06 -3.98 33.14
C LEU M 232 -6.04 -2.83 32.95
N GLU M 233 -6.13 -1.76 33.77
CA GLU M 233 -5.25 -0.53 33.70
C GLU M 233 -4.06 -0.65 34.67
N ASN M 234 -3.83 -1.85 35.22
CA ASN M 234 -2.63 -2.22 36.01
C ASN M 234 -2.19 -3.66 35.71
N LEU M 235 -1.94 -3.99 34.44
CA LEU M 235 -1.57 -5.35 34.00
C LEU M 235 -0.06 -5.55 34.15
N LYS M 236 0.30 -6.80 34.45
CA LYS M 236 1.70 -7.33 34.46
C LYS M 236 1.66 -8.69 33.74
N LEU M 237 2.44 -8.88 32.67
CA LEU M 237 2.45 -10.14 31.90
C LEU M 237 3.90 -10.60 31.67
N GLY M 238 4.07 -11.82 31.15
CA GLY M 238 5.35 -12.36 30.65
C GLY M 238 6.27 -12.82 31.76
N GLU M 239 5.79 -12.81 33.00
CA GLU M 239 6.56 -13.35 34.15
C GLU M 239 6.79 -14.87 33.95
N GLY M 240 8.07 -15.27 33.81
CA GLY M 240 8.49 -16.68 33.71
C GLY M 240 8.50 -17.20 32.28
N VAL M 241 7.75 -16.60 31.37
CA VAL M 241 7.82 -16.92 29.91
C VAL M 241 8.81 -15.95 29.24
N LYS M 242 9.01 -16.09 27.93
CA LYS M 242 9.93 -15.24 27.12
C LYS M 242 9.53 -13.75 27.11
N GLY M 243 8.31 -13.41 27.52
CA GLY M 243 7.83 -12.02 27.45
C GLY M 243 6.46 -11.95 26.81
N VAL M 244 6.10 -10.76 26.37
CA VAL M 244 4.70 -10.38 26.04
C VAL M 244 4.62 -9.96 24.57
N TYR M 245 3.66 -10.53 23.84
CA TYR M 245 3.26 -10.13 22.46
C TYR M 245 1.90 -9.46 22.54
N ILE M 246 1.76 -8.28 21.90
CA ILE M 246 0.50 -7.50 21.89
C ILE M 246 -0.05 -7.49 20.47
N SER M 247 -1.23 -8.08 20.25
CA SER M 247 -2.01 -7.99 19.00
C SER M 247 -3.20 -7.04 19.18
N ILE M 248 -3.21 -5.94 18.43
CA ILE M 248 -4.35 -4.96 18.46
C ILE M 248 -5.15 -5.05 17.18
N ASP M 249 -6.38 -5.57 17.29
CA ASP M 249 -7.44 -5.37 16.28
C ASP M 249 -8.01 -3.97 16.52
N VAL M 250 -8.08 -3.17 15.49
CA VAL M 250 -8.59 -1.78 15.57
C VAL M 250 -10.05 -1.80 16.05
N ASP M 251 -10.81 -2.88 15.78
CA ASP M 251 -12.23 -3.01 16.20
C ASP M 251 -12.32 -3.23 17.70
N CYS M 252 -11.20 -3.29 18.46
CA CYS M 252 -11.26 -3.25 19.95
C CYS M 252 -11.86 -1.89 20.38
N LEU M 253 -11.58 -0.84 19.60
CA LEU M 253 -12.17 0.49 19.76
C LEU M 253 -13.63 0.51 19.30
N ASP M 254 -14.46 1.28 20.02
CA ASP M 254 -15.86 1.60 19.62
C ASP M 254 -15.78 2.21 18.23
N PRO M 255 -16.69 1.84 17.31
CA PRO M 255 -16.68 2.41 15.97
C PRO M 255 -16.74 3.94 15.92
N ALA M 256 -17.15 4.62 17.01
CA ALA M 256 -17.08 6.09 17.16
C ALA M 256 -15.64 6.58 16.94
N PHE M 257 -14.69 5.81 17.42
CA PHE M 257 -13.24 6.16 17.37
C PHE M 257 -12.63 5.49 16.14
N ALA M 258 -13.11 4.30 15.79
CA ALA M 258 -12.48 3.49 14.71
C ALA M 258 -13.57 2.93 13.82
N PRO M 259 -14.18 3.81 12.97
CA PRO M 259 -15.14 3.37 11.97
C PRO M 259 -14.50 2.59 10.81
N GLY M 260 -13.21 2.75 10.56
CA GLY M 260 -12.52 2.09 9.45
C GLY M 260 -12.19 0.66 9.76
N VAL M 261 -13.20 -0.20 9.78
CA VAL M 261 -13.06 -1.64 10.10
C VAL M 261 -14.10 -2.41 9.28
N SER M 262 -13.89 -3.70 9.10
CA SER M 262 -14.83 -4.60 8.39
C SER M 262 -16.02 -4.97 9.29
N HIS M 263 -15.82 -4.95 10.61
CA HIS M 263 -16.79 -5.42 11.60
C HIS M 263 -17.11 -4.31 12.60
N ILE M 264 -18.09 -3.48 12.29
CA ILE M 264 -18.75 -2.49 13.21
C ILE M 264 -19.43 -3.24 14.35
N GLU M 265 -18.98 -2.96 15.56
CA GLU M 265 -19.45 -3.63 16.79
C GLU M 265 -19.59 -2.57 17.87
N PRO M 266 -20.79 -1.96 18.04
CA PRO M 266 -20.95 -0.92 19.05
C PRO M 266 -20.70 -1.33 20.50
N GLY M 267 -20.17 -0.38 21.28
CA GLY M 267 -19.92 -0.55 22.72
C GLY M 267 -18.50 -0.99 23.02
N GLY M 268 -17.52 -0.41 22.36
CA GLY M 268 -16.11 -0.78 22.65
C GLY M 268 -15.35 0.22 23.52
N LEU M 269 -14.04 0.17 23.42
CA LEU M 269 -13.10 0.95 24.27
C LEU M 269 -12.92 2.33 23.66
N SER M 270 -12.63 3.34 24.47
CA SER M 270 -12.15 4.65 23.98
C SER M 270 -10.67 4.50 23.61
N PHE M 271 -10.16 5.37 22.76
CA PHE M 271 -8.72 5.41 22.42
C PHE M 271 -7.93 5.56 23.74
N ARG M 272 -8.40 6.45 24.60
CA ARG M 272 -7.79 6.70 25.92
C ARG M 272 -7.78 5.41 26.73
N ASP M 273 -8.89 4.66 26.77
CA ASP M 273 -8.98 3.35 27.50
C ASP M 273 -7.79 2.47 27.09
N VAL M 274 -7.51 2.38 25.79
CA VAL M 274 -6.48 1.47 25.20
C VAL M 274 -5.09 1.99 25.56
N LEU M 275 -4.89 3.30 25.55
CA LEU M 275 -3.57 3.86 25.94
C LEU M 275 -3.35 3.67 27.45
N ASN M 276 -4.41 3.78 28.26
CA ASN M 276 -4.38 3.60 29.73
C ASN M 276 -3.82 2.19 30.02
N ILE M 277 -4.22 1.20 29.22
CA ILE M 277 -3.81 -0.22 29.32
C ILE M 277 -2.39 -0.41 28.80
N LEU M 278 -2.08 -0.01 27.57
CA LEU M 278 -0.70 -0.14 27.00
C LEU M 278 0.32 0.55 27.91
N HIS M 279 -0.01 1.72 28.45
CA HIS M 279 0.90 2.61 29.21
C HIS M 279 1.25 2.02 30.58
N ASN M 280 0.28 1.48 31.31
CA ASN M 280 0.47 0.95 32.70
C ASN M 280 0.95 -0.51 32.66
N LEU M 281 0.77 -1.17 31.51
CA LEU M 281 1.17 -2.58 31.29
C LEU M 281 2.66 -2.72 31.62
N GLN M 282 2.96 -3.37 32.75
CA GLN M 282 4.31 -3.95 33.03
C GLN M 282 4.50 -5.20 32.16
N ALA M 283 5.46 -5.16 31.26
CA ALA M 283 5.67 -6.20 30.24
C ALA M 283 7.00 -5.93 29.56
N ASP M 284 7.70 -7.00 29.22
CA ASP M 284 8.89 -6.99 28.35
C ASP M 284 8.35 -7.30 26.96
N VAL M 285 8.00 -6.27 26.22
CA VAL M 285 7.28 -6.49 24.94
C VAL M 285 8.29 -6.87 23.87
N VAL M 286 8.04 -8.05 23.28
CA VAL M 286 8.97 -8.78 22.37
C VAL M 286 8.39 -8.75 20.96
N GLY M 287 7.14 -8.32 20.78
CA GLY M 287 6.58 -8.14 19.43
C GLY M 287 5.12 -7.73 19.50
N ALA M 288 4.59 -7.17 18.41
CA ALA M 288 3.24 -6.59 18.38
C ALA M 288 2.70 -6.56 16.95
N ASP M 289 1.37 -6.48 16.84
CA ASP M 289 0.69 -6.21 15.54
C ASP M 289 -0.45 -5.20 15.75
N VAL M 290 -0.76 -4.50 14.67
CA VAL M 290 -1.95 -3.61 14.56
C VAL M 290 -2.64 -4.01 13.26
N VAL M 291 -3.79 -4.66 13.39
CA VAL M 291 -4.46 -5.36 12.26
C VAL M 291 -5.89 -4.81 12.11
N GLU M 292 -6.48 -5.09 10.96
CA GLU M 292 -7.92 -4.99 10.67
C GLU M 292 -8.31 -3.52 10.51
N PHE M 293 -7.37 -2.60 10.37
CA PHE M 293 -7.68 -1.26 9.79
C PHE M 293 -8.10 -1.50 8.34
N ASN M 294 -9.31 -1.07 7.98
CA ASN M 294 -9.91 -1.14 6.63
C ASN M 294 -10.04 0.29 6.11
N PRO M 295 -9.06 0.77 5.32
CA PRO M 295 -9.11 2.13 4.77
C PRO M 295 -10.38 2.40 3.95
N GLN M 296 -10.96 1.35 3.34
CA GLN M 296 -12.14 1.47 2.44
C GLN M 296 -13.36 1.76 3.28
N ARG M 297 -13.31 1.52 4.58
CA ARG M 297 -14.43 1.81 5.50
C ARG M 297 -14.11 3.06 6.31
N ASP M 298 -12.98 3.70 6.05
CA ASP M 298 -12.51 4.84 6.88
C ASP M 298 -13.22 6.09 6.41
N THR M 299 -13.19 7.15 7.22
CA THR M 299 -13.76 8.46 6.84
C THR M 299 -12.92 9.03 5.70
N VAL M 300 -13.45 10.03 5.02
CA VAL M 300 -12.82 10.62 3.81
C VAL M 300 -11.48 11.25 4.20
N ASP M 301 -11.28 11.65 5.46
CA ASP M 301 -10.05 12.33 5.93
C ASP M 301 -9.14 11.33 6.65
N GLY M 302 -9.49 10.06 6.77
CA GLY M 302 -8.55 9.02 7.23
C GLY M 302 -8.38 9.00 8.74
N MET M 303 -9.47 9.21 9.48
CA MET M 303 -9.45 9.24 10.97
C MET M 303 -8.93 7.91 11.53
N THR M 304 -9.36 6.77 10.97
CA THR M 304 -8.93 5.43 11.44
C THR M 304 -7.46 5.21 11.08
N ALA M 305 -7.02 5.75 9.94
CA ALA M 305 -5.57 5.77 9.60
C ALA M 305 -4.77 6.40 10.75
N MET M 306 -5.18 7.56 11.28
CA MET M 306 -4.46 8.28 12.36
C MET M 306 -4.60 7.47 13.66
N VAL M 307 -5.77 6.87 13.87
CA VAL M 307 -5.99 5.91 15.00
C VAL M 307 -4.93 4.79 14.95
N ALA M 308 -4.83 4.07 13.83
CA ALA M 308 -3.87 2.97 13.62
C ALA M 308 -2.45 3.53 13.83
N ALA M 309 -2.09 4.59 13.12
CA ALA M 309 -0.74 5.19 13.20
C ALA M 309 -0.39 5.42 14.67
N LYS M 310 -1.32 5.90 15.49
CA LYS M 310 -0.96 6.32 16.86
C LYS M 310 -0.78 5.05 17.72
N LEU M 311 -1.56 4.00 17.50
CA LEU M 311 -1.31 2.70 18.15
C LEU M 311 0.11 2.28 17.78
N VAL M 312 0.45 2.27 16.49
CA VAL M 312 1.78 1.82 16.01
C VAL M 312 2.86 2.66 16.73
N ARG M 313 2.64 3.95 16.84
CA ARG M 313 3.62 4.88 17.45
C ARG M 313 3.73 4.56 18.94
N GLU M 314 2.60 4.44 19.64
CA GLU M 314 2.63 4.26 21.12
C GLU M 314 3.19 2.87 21.44
N LEU M 315 2.92 1.88 20.60
CA LEU M 315 3.52 0.53 20.77
C LEU M 315 5.02 0.68 20.75
N ALA M 316 5.58 1.44 19.79
CA ALA M 316 7.04 1.63 19.59
C ALA M 316 7.69 2.23 20.84
N ALA M 317 7.04 3.22 21.47
CA ALA M 317 7.48 3.88 22.73
C ALA M 317 7.59 2.85 23.88
N LYS M 318 6.94 1.70 23.74
CA LYS M 318 6.82 0.66 24.81
C LYS M 318 7.85 -0.44 24.53
N ILE M 319 8.00 -0.80 23.26
CA ILE M 319 8.91 -1.86 22.76
C ILE M 319 10.33 -1.32 22.84
N SER M 320 10.67 -0.37 21.95
CA SER M 320 12.02 0.25 21.85
C SER M 320 12.46 0.70 23.24
N LYS M 321 13.67 0.36 23.65
CA LYS M 321 14.16 0.65 25.03
C LYS M 321 15.69 0.88 24.98
N SER N 6 -69.13 9.03 5.61
CA SER N 6 -68.84 9.48 4.20
C SER N 6 -68.37 8.27 3.38
N SER N 7 -68.47 8.35 2.04
CA SER N 7 -67.97 7.36 1.05
C SER N 7 -66.44 7.26 1.14
N ILE N 8 -65.74 8.39 0.94
CA ILE N 8 -64.24 8.47 0.92
C ILE N 8 -63.68 8.01 2.27
N GLU N 9 -64.48 8.05 3.35
CA GLU N 9 -64.16 7.55 4.72
C GLU N 9 -64.39 6.04 4.83
N LYS N 10 -65.38 5.51 4.10
CA LYS N 10 -65.71 4.07 4.13
C LYS N 10 -64.59 3.26 3.47
N GLY N 11 -64.04 3.74 2.36
CA GLY N 11 -62.94 3.06 1.63
C GLY N 11 -61.65 2.97 2.46
N GLN N 12 -61.37 4.07 3.17
CA GLN N 12 -60.29 4.15 4.18
C GLN N 12 -60.39 2.98 5.15
N ASN N 13 -61.60 2.66 5.59
CA ASN N 13 -61.86 1.63 6.63
C ASN N 13 -61.54 0.26 6.02
N ARG N 14 -61.71 0.07 4.70
CA ARG N 14 -61.41 -1.23 4.03
C ARG N 14 -59.88 -1.44 3.97
N VAL N 15 -59.13 -0.36 3.68
CA VAL N 15 -57.64 -0.32 3.68
C VAL N 15 -57.12 -0.60 5.09
N ILE N 16 -57.66 0.11 6.08
CA ILE N 16 -57.23 -0.11 7.49
C ILE N 16 -57.49 -1.56 7.86
N ASP N 17 -58.71 -2.03 7.61
CA ASP N 17 -59.04 -3.41 8.06
C ASP N 17 -58.11 -4.42 7.39
N ALA N 18 -57.77 -4.17 6.13
CA ALA N 18 -56.83 -5.06 5.38
C ALA N 18 -55.41 -5.00 6.00
N SER N 19 -54.95 -3.80 6.36
CA SER N 19 -53.64 -3.59 7.02
C SER N 19 -53.55 -4.40 8.31
N LEU N 20 -54.59 -4.37 9.14
CA LEU N 20 -54.58 -5.10 10.43
C LEU N 20 -54.65 -6.61 10.19
N THR N 21 -55.55 -7.03 9.29
CA THR N 21 -55.64 -8.45 8.84
C THR N 21 -54.22 -8.93 8.45
N LEU N 22 -53.50 -8.10 7.72
CA LEU N 22 -52.15 -8.50 7.28
C LEU N 22 -51.25 -8.69 8.51
N ILE N 23 -51.35 -7.82 9.50
CA ILE N 23 -50.52 -7.99 10.73
C ILE N 23 -50.99 -9.22 11.51
N ARG N 24 -52.32 -9.39 11.69
CA ARG N 24 -52.92 -10.56 12.40
C ARG N 24 -52.40 -11.88 11.78
N GLU N 25 -52.41 -12.00 10.45
CA GLU N 25 -51.97 -13.27 9.78
C GLU N 25 -50.47 -13.50 10.01
N ARG N 26 -49.65 -12.44 9.93
CA ARG N 26 -48.18 -12.54 10.12
C ARG N 26 -47.92 -12.93 11.59
N ALA N 27 -48.59 -12.30 12.56
CA ALA N 27 -48.41 -12.61 13.99
C ALA N 27 -48.87 -14.04 14.32
N LYS N 28 -49.90 -14.57 13.67
CA LYS N 28 -50.35 -15.96 13.96
C LYS N 28 -49.22 -16.94 13.56
N LEU N 29 -48.57 -16.79 12.40
CA LEU N 29 -47.53 -17.78 12.03
C LEU N 29 -46.40 -17.73 13.05
N LYS N 30 -46.09 -16.57 13.63
CA LYS N 30 -44.92 -16.43 14.54
C LYS N 30 -45.32 -16.93 15.93
N GLY N 31 -46.54 -16.63 16.36
CA GLY N 31 -47.05 -17.24 17.58
C GLY N 31 -46.93 -18.74 17.45
N GLU N 32 -47.38 -19.29 16.33
CA GLU N 32 -47.49 -20.76 16.19
C GLU N 32 -46.08 -21.36 16.18
N LEU N 33 -45.16 -20.71 15.50
CA LEU N 33 -43.75 -21.15 15.42
C LEU N 33 -43.20 -21.22 16.85
N VAL N 34 -43.46 -20.16 17.62
CA VAL N 34 -42.86 -19.98 18.97
C VAL N 34 -43.47 -21.07 19.87
N ARG N 35 -44.80 -21.21 19.83
CA ARG N 35 -45.53 -22.19 20.69
C ARG N 35 -45.10 -23.62 20.34
N LEU N 36 -44.93 -23.96 19.05
CA LEU N 36 -44.50 -25.32 18.62
C LEU N 36 -43.13 -25.59 19.22
N LEU N 37 -42.25 -24.61 19.33
CA LEU N 37 -40.88 -24.88 19.85
C LEU N 37 -40.99 -25.10 21.37
N GLY N 38 -41.91 -24.42 22.05
CA GLY N 38 -42.21 -24.65 23.47
C GLY N 38 -41.20 -24.06 24.43
N GLY N 39 -41.58 -23.92 25.70
CA GLY N 39 -40.68 -23.48 26.80
C GLY N 39 -40.74 -21.98 27.10
N ALA N 40 -40.99 -21.10 26.12
CA ALA N 40 -40.83 -19.64 26.32
C ALA N 40 -41.96 -19.04 27.17
N LYS N 41 -41.61 -18.17 28.12
CA LYS N 41 -42.61 -17.34 28.85
C LYS N 41 -42.80 -16.02 28.13
N ALA N 42 -41.80 -15.57 27.40
CA ALA N 42 -41.86 -14.30 26.65
C ALA N 42 -40.94 -14.38 25.43
N SER N 43 -41.44 -13.89 24.30
CA SER N 43 -40.72 -13.95 22.99
C SER N 43 -40.85 -12.61 22.30
N THR N 44 -39.71 -11.91 22.15
CA THR N 44 -39.64 -10.61 21.45
C THR N 44 -40.10 -10.77 20.00
N SER N 45 -41.04 -9.94 19.57
CA SER N 45 -41.47 -9.87 18.16
C SER N 45 -41.41 -8.42 17.71
N LEU N 46 -40.64 -8.17 16.65
CA LEU N 46 -40.48 -6.82 16.05
C LEU N 46 -41.77 -6.42 15.36
N LEU N 47 -42.10 -5.16 15.49
CA LEU N 47 -43.16 -4.50 14.71
C LEU N 47 -42.58 -3.18 14.24
N GLY N 48 -42.43 -3.01 12.93
CA GLY N 48 -41.99 -1.73 12.36
C GLY N 48 -43.12 -0.72 12.29
N VAL N 49 -42.82 0.52 12.60
CA VAL N 49 -43.76 1.66 12.38
C VAL N 49 -43.06 2.75 11.61
N PRO N 50 -42.96 2.62 10.26
CA PRO N 50 -42.20 3.53 9.42
C PRO N 50 -42.96 4.85 9.22
N LEU N 51 -42.92 5.67 10.25
CA LEU N 51 -43.63 6.97 10.40
C LEU N 51 -42.60 8.06 10.71
N GLY N 52 -42.63 9.14 9.95
CA GLY N 52 -41.73 10.27 10.20
C GLY N 52 -42.40 11.63 10.15
N HIS N 53 -43.71 11.74 9.92
CA HIS N 53 -44.29 13.07 9.56
C HIS N 53 -44.66 13.90 10.80
N ASN N 54 -44.43 13.39 12.00
CA ASN N 54 -44.63 14.09 13.30
C ASN N 54 -43.28 14.64 13.75
N SER N 55 -42.22 14.41 13.00
CA SER N 55 -40.90 15.03 13.26
C SER N 55 -40.97 16.56 13.11
N SER N 56 -40.14 17.31 13.86
CA SER N 56 -40.07 18.80 13.85
C SER N 56 -38.98 19.34 12.90
N PHE N 57 -38.01 18.51 12.46
CA PHE N 57 -36.82 18.91 11.66
C PHE N 57 -36.66 18.03 10.39
N LEU N 58 -36.56 16.71 10.52
CA LEU N 58 -36.28 15.79 9.39
C LEU N 58 -37.11 14.53 9.61
N GLN N 59 -37.67 14.02 8.52
CA GLN N 59 -38.66 12.92 8.54
C GLN N 59 -38.00 11.57 8.22
N GLY N 60 -36.66 11.50 8.17
CA GLY N 60 -35.86 10.33 7.78
C GLY N 60 -36.12 9.09 8.63
N PRO N 61 -36.54 9.21 9.91
CA PRO N 61 -36.91 8.00 10.65
C PRO N 61 -38.01 7.14 10.01
N ALA N 62 -38.81 7.70 9.09
CA ALA N 62 -39.76 6.95 8.26
C ALA N 62 -39.03 5.76 7.63
N PHE N 63 -37.75 5.90 7.28
CA PHE N 63 -37.06 4.86 6.47
C PHE N 63 -36.28 3.86 7.35
N ALA N 64 -36.26 4.03 8.67
CA ALA N 64 -35.38 3.29 9.59
C ALA N 64 -35.70 1.80 9.68
N PRO N 65 -36.95 1.31 9.80
CA PRO N 65 -37.16 -0.09 10.16
C PRO N 65 -36.50 -1.11 9.23
N PRO N 66 -36.64 -1.02 7.89
CA PRO N 66 -36.00 -1.99 7.00
C PRO N 66 -34.48 -1.97 7.17
N ARG N 67 -33.86 -0.82 7.44
CA ARG N 67 -32.38 -0.68 7.58
C ARG N 67 -31.92 -1.31 8.90
N ILE N 68 -32.73 -1.20 9.94
CA ILE N 68 -32.43 -1.81 11.26
C ILE N 68 -32.43 -3.35 11.07
N ARG N 69 -33.40 -3.89 10.36
CA ARG N 69 -33.52 -5.35 10.11
C ARG N 69 -32.30 -5.82 9.32
N GLU N 70 -31.94 -5.06 8.29
CA GLU N 70 -30.74 -5.43 7.53
C GLU N 70 -29.58 -5.56 8.53
N ALA N 71 -29.35 -4.60 9.43
CA ALA N 71 -28.14 -4.57 10.29
C ALA N 71 -28.15 -5.73 11.33
N ILE N 72 -29.32 -6.10 11.81
CA ILE N 72 -29.46 -7.21 12.78
C ILE N 72 -28.84 -8.48 12.18
N TRP N 73 -29.08 -8.76 10.90
CA TRP N 73 -28.68 -10.04 10.24
C TRP N 73 -27.45 -9.84 9.36
N CYS N 74 -26.80 -8.67 9.41
CA CYS N 74 -25.64 -8.36 8.57
C CYS N 74 -24.61 -9.48 8.71
N GLY N 75 -24.04 -9.88 7.57
CA GLY N 75 -23.05 -10.96 7.50
C GLY N 75 -21.77 -10.66 8.28
N SER N 76 -21.51 -9.40 8.69
CA SER N 76 -20.32 -9.00 9.49
C SER N 76 -20.47 -9.46 10.97
N THR N 77 -21.70 -9.67 11.42
CA THR N 77 -22.03 -9.88 12.85
C THR N 77 -22.22 -11.36 13.09
N ASN N 78 -22.37 -11.76 14.34
CA ASN N 78 -22.86 -13.12 14.63
C ASN N 78 -24.20 -13.02 15.39
N SER N 79 -24.89 -14.14 15.48
CA SER N 79 -26.31 -14.20 15.88
C SER N 79 -26.45 -14.30 17.41
N ALA N 80 -25.37 -14.17 18.19
CA ALA N 80 -25.43 -14.20 19.67
C ALA N 80 -25.54 -12.78 20.24
N THR N 81 -26.39 -12.59 21.23
CA THR N 81 -26.39 -11.32 22.02
C THR N 81 -25.21 -11.33 23.00
N GLU N 82 -24.97 -10.21 23.64
CA GLU N 82 -23.80 -10.05 24.53
C GLU N 82 -23.89 -11.03 25.69
N GLU N 83 -25.08 -11.27 26.25
CA GLU N 83 -25.31 -12.22 27.38
C GLU N 83 -25.23 -13.69 26.91
N GLY N 84 -25.47 -13.96 25.63
CA GLY N 84 -25.36 -15.32 25.05
C GLY N 84 -26.66 -15.87 24.47
N LYS N 85 -27.69 -15.04 24.21
CA LYS N 85 -28.96 -15.54 23.60
C LYS N 85 -28.78 -15.66 22.08
N GLU N 86 -29.30 -16.75 21.51
CA GLU N 86 -29.26 -17.10 20.07
C GLU N 86 -30.41 -16.38 19.33
N LEU N 87 -30.10 -15.43 18.41
CA LEU N 87 -31.13 -14.56 17.79
C LEU N 87 -31.93 -15.32 16.71
N LYS N 88 -31.42 -16.45 16.21
CA LYS N 88 -32.11 -17.27 15.18
C LYS N 88 -33.21 -18.15 15.84
N ASP N 89 -33.19 -18.32 17.16
CA ASP N 89 -34.31 -18.93 17.95
C ASP N 89 -35.51 -17.99 17.93
N PRO N 90 -36.61 -18.39 17.28
CA PRO N 90 -37.85 -17.59 17.28
C PRO N 90 -38.39 -17.28 18.67
N ARG N 91 -38.14 -18.17 19.64
CA ARG N 91 -38.51 -17.92 21.07
C ARG N 91 -37.73 -16.70 21.60
N VAL N 92 -36.62 -16.35 20.96
CA VAL N 92 -35.78 -15.19 21.39
C VAL N 92 -36.17 -13.98 20.53
N LEU N 93 -36.43 -14.15 19.24
CA LEU N 93 -36.78 -13.05 18.33
C LEU N 93 -37.61 -13.56 17.15
N THR N 94 -38.70 -12.86 16.86
CA THR N 94 -39.47 -12.98 15.61
C THR N 94 -39.74 -11.56 15.11
N ASP N 95 -40.35 -11.48 13.94
CA ASP N 95 -40.59 -10.21 13.22
C ASP N 95 -41.96 -10.36 12.54
N VAL N 96 -42.88 -9.48 12.87
CA VAL N 96 -44.21 -9.44 12.21
C VAL N 96 -44.18 -8.37 11.12
N GLY N 97 -43.06 -7.70 10.87
CA GLY N 97 -42.95 -6.72 9.78
C GLY N 97 -43.51 -5.35 10.13
N ASP N 98 -43.85 -4.61 9.08
CA ASP N 98 -44.11 -3.15 9.21
C ASP N 98 -45.60 -2.90 9.11
N VAL N 99 -46.11 -2.02 9.94
CA VAL N 99 -47.44 -1.38 9.73
C VAL N 99 -47.30 -0.60 8.44
N PRO N 100 -48.20 -0.78 7.44
CA PRO N 100 -48.10 0.01 6.21
C PRO N 100 -48.61 1.45 6.42
N VAL N 101 -47.85 2.24 7.19
CA VAL N 101 -48.20 3.63 7.60
C VAL N 101 -48.44 4.50 6.36
N GLN N 102 -47.53 4.51 5.40
CA GLN N 102 -47.52 5.48 4.26
C GLN N 102 -48.72 5.28 3.37
N GLU N 103 -49.17 4.03 3.23
CA GLU N 103 -50.36 3.67 2.41
C GLU N 103 -51.64 4.09 3.14
N ILE N 104 -51.69 3.98 4.45
CA ILE N 104 -52.84 4.52 5.25
C ILE N 104 -52.82 6.05 5.15
N ARG N 105 -51.67 6.70 5.27
CA ARG N 105 -51.60 8.17 5.06
C ARG N 105 -52.07 8.56 3.66
N ASP N 106 -51.69 7.82 2.61
CA ASP N 106 -51.88 8.27 1.20
C ASP N 106 -53.37 8.21 0.87
N CYS N 107 -54.18 7.46 1.60
CA CYS N 107 -55.61 7.33 1.26
C CYS N 107 -56.48 8.30 2.08
N GLY N 108 -55.84 9.21 2.83
CA GLY N 108 -56.41 10.45 3.40
C GLY N 108 -56.75 10.33 4.87
N VAL N 109 -56.22 9.31 5.55
CA VAL N 109 -56.57 8.95 6.97
C VAL N 109 -55.91 9.96 7.91
N ASP N 110 -56.69 10.55 8.81
CA ASP N 110 -56.18 11.53 9.82
C ASP N 110 -55.33 10.77 10.84
N ASP N 111 -54.58 11.52 11.67
CA ASP N 111 -53.57 11.00 12.62
C ASP N 111 -54.26 10.29 13.78
N ASP N 112 -55.42 10.74 14.20
CA ASP N 112 -56.20 10.04 15.25
C ASP N 112 -56.37 8.57 14.86
N ARG N 113 -56.84 8.32 13.64
CA ARG N 113 -57.10 6.93 13.17
C ARG N 113 -55.78 6.20 12.95
N LEU N 114 -54.79 6.86 12.35
CA LEU N 114 -53.50 6.22 12.09
C LEU N 114 -52.90 5.76 13.43
N MET N 115 -52.89 6.60 14.46
CA MET N 115 -52.31 6.21 15.77
C MET N 115 -53.14 5.08 16.38
N ASN N 116 -54.46 5.06 16.18
CA ASN N 116 -55.29 3.90 16.62
C ASN N 116 -54.87 2.65 15.86
N VAL N 117 -54.57 2.74 14.57
CA VAL N 117 -54.10 1.57 13.77
C VAL N 117 -52.82 1.01 14.37
N ILE N 118 -51.89 1.89 14.72
CA ILE N 118 -50.63 1.49 15.41
C ILE N 118 -50.94 0.79 16.74
N SER N 119 -51.78 1.38 17.60
CA SER N 119 -52.22 0.77 18.87
C SER N 119 -52.82 -0.61 18.61
N GLU N 120 -53.70 -0.71 17.62
CA GLU N 120 -54.38 -1.99 17.29
C GLU N 120 -53.34 -3.02 16.85
N SER N 121 -52.32 -2.58 16.09
CA SER N 121 -51.29 -3.50 15.54
C SER N 121 -50.48 -4.09 16.69
N VAL N 122 -50.11 -3.27 17.67
CA VAL N 122 -49.41 -3.76 18.87
C VAL N 122 -50.30 -4.79 19.59
N LYS N 123 -51.61 -4.55 19.71
CA LYS N 123 -52.45 -5.53 20.44
C LYS N 123 -52.44 -6.87 19.66
N LEU N 124 -52.44 -6.82 18.32
CA LEU N 124 -52.41 -8.06 17.51
C LEU N 124 -51.17 -8.87 17.92
N VAL N 125 -50.05 -8.23 18.25
CA VAL N 125 -48.84 -8.99 18.64
C VAL N 125 -49.07 -9.59 20.03
N MET N 126 -49.58 -8.79 20.96
CA MET N 126 -49.74 -9.17 22.39
C MET N 126 -50.69 -10.36 22.53
N GLU N 127 -51.73 -10.41 21.69
CA GLU N 127 -52.81 -11.42 21.66
C GLU N 127 -52.27 -12.78 21.20
N GLU N 128 -51.08 -12.83 20.56
CA GLU N 128 -50.39 -14.10 20.21
C GLU N 128 -49.38 -14.43 21.32
N GLU N 129 -49.79 -15.22 22.30
CA GLU N 129 -48.96 -15.58 23.49
C GLU N 129 -47.85 -16.52 23.04
N PRO N 130 -46.59 -16.36 23.51
CA PRO N 130 -46.19 -15.32 24.46
C PRO N 130 -45.39 -14.16 23.84
N LEU N 131 -45.76 -13.72 22.65
CA LEU N 131 -45.03 -12.59 21.99
C LEU N 131 -45.13 -11.34 22.86
N ARG N 132 -44.04 -10.56 22.95
CA ARG N 132 -44.06 -9.18 23.46
C ARG N 132 -43.45 -8.28 22.40
N PRO N 133 -44.05 -7.07 22.22
CA PRO N 133 -43.71 -6.20 21.10
C PRO N 133 -42.47 -5.33 21.33
N LEU N 134 -41.64 -5.23 20.28
CA LEU N 134 -40.49 -4.31 20.27
C LEU N 134 -40.62 -3.48 19.02
N VAL N 135 -41.01 -2.24 19.18
CA VAL N 135 -41.38 -1.43 18.00
C VAL N 135 -40.12 -0.76 17.40
N LEU N 136 -39.93 -0.88 16.09
CA LEU N 136 -38.93 -0.13 15.30
C LEU N 136 -39.59 1.15 14.75
N GLY N 137 -39.24 2.30 15.33
CA GLY N 137 -39.66 3.57 14.73
C GLY N 137 -38.78 3.87 13.51
N GLY N 138 -39.11 4.95 12.79
CA GLY N 138 -40.21 5.80 13.18
C GLY N 138 -39.76 6.88 14.14
N ASP N 139 -40.43 8.03 14.10
CA ASP N 139 -40.13 9.15 15.03
C ASP N 139 -40.81 8.85 16.38
N HIS N 140 -40.57 9.67 17.39
CA HIS N 140 -40.93 9.37 18.80
C HIS N 140 -42.44 9.53 19.00
N SER N 141 -43.24 9.98 18.01
CA SER N 141 -44.72 10.10 18.15
C SER N 141 -45.35 8.70 18.39
N ILE N 142 -44.75 7.65 17.83
CA ILE N 142 -45.30 6.27 17.86
C ILE N 142 -45.33 5.77 19.31
N SER N 143 -44.43 6.27 20.17
CA SER N 143 -44.34 5.77 21.57
C SER N 143 -45.69 5.92 22.29
N TYR N 144 -46.45 6.97 22.00
CA TYR N 144 -47.78 7.23 22.64
C TYR N 144 -48.73 6.10 22.27
N PRO N 145 -49.10 5.89 20.98
CA PRO N 145 -50.01 4.79 20.66
C PRO N 145 -49.48 3.42 21.10
N VAL N 146 -48.17 3.23 21.19
CA VAL N 146 -47.66 1.87 21.55
C VAL N 146 -47.87 1.63 23.04
N VAL N 147 -47.41 2.58 23.86
CA VAL N 147 -47.59 2.51 25.34
C VAL N 147 -49.06 2.54 25.67
N ARG N 148 -49.90 3.27 24.92
CA ARG N 148 -51.38 3.26 25.14
C ARG N 148 -51.92 1.82 25.00
N ALA N 149 -51.60 1.14 23.89
CA ALA N 149 -51.97 -0.27 23.60
C ALA N 149 -51.47 -1.23 24.69
N VAL N 150 -50.19 -1.17 25.05
CA VAL N 150 -49.59 -2.10 26.04
C VAL N 150 -50.36 -1.92 27.33
N SER N 151 -50.52 -0.67 27.75
CA SER N 151 -51.20 -0.33 29.02
C SER N 151 -52.67 -0.81 29.01
N GLU N 152 -53.46 -0.40 28.02
CA GLU N 152 -54.88 -0.86 27.87
C GLU N 152 -54.92 -2.40 27.95
N LYS N 153 -54.00 -3.08 27.27
CA LYS N 153 -54.02 -4.56 27.14
C LYS N 153 -53.73 -5.25 28.49
N LEU N 154 -52.83 -4.70 29.29
CA LEU N 154 -52.39 -5.27 30.59
C LEU N 154 -53.26 -4.77 31.75
N GLY N 155 -54.13 -3.78 31.48
CA GLY N 155 -55.18 -3.31 32.40
C GLY N 155 -54.63 -2.42 33.50
N GLY N 156 -53.59 -1.62 33.21
CA GLY N 156 -52.94 -0.81 34.26
C GLY N 156 -51.76 -0.05 33.70
N PRO N 157 -51.25 0.93 34.48
CA PRO N 157 -50.06 1.69 34.09
C PRO N 157 -48.81 0.79 34.11
N VAL N 158 -47.81 1.19 33.32
CA VAL N 158 -46.45 0.59 33.35
C VAL N 158 -45.51 1.62 33.91
N ASP N 159 -44.35 1.18 34.39
CA ASP N 159 -43.19 2.08 34.60
C ASP N 159 -42.42 2.18 33.27
N ILE N 160 -41.88 3.37 32.95
CA ILE N 160 -41.16 3.65 31.69
C ILE N 160 -39.72 4.08 31.96
N LEU N 161 -38.79 3.43 31.26
CA LEU N 161 -37.41 3.89 31.11
C LEU N 161 -37.27 4.49 29.72
N HIS N 162 -37.06 5.79 29.68
CA HIS N 162 -37.08 6.63 28.46
C HIS N 162 -35.69 7.22 28.29
N LEU N 163 -34.94 6.70 27.34
CA LEU N 163 -33.54 7.11 27.03
C LEU N 163 -33.57 8.10 25.87
N ASP N 164 -33.22 9.36 26.12
CA ASP N 164 -33.43 10.46 25.15
C ASP N 164 -32.60 11.67 25.54
N ALA N 165 -32.06 12.39 24.55
CA ALA N 165 -31.44 13.72 24.73
C ALA N 165 -32.54 14.74 25.09
N HIS N 166 -33.80 14.46 24.70
CA HIS N 166 -34.98 15.37 24.88
C HIS N 166 -36.04 14.69 25.75
N PRO N 167 -36.80 15.46 26.56
CA PRO N 167 -37.91 14.88 27.33
C PRO N 167 -39.26 14.70 26.60
N ASP N 168 -39.43 15.35 25.46
CA ASP N 168 -40.56 15.10 24.53
C ASP N 168 -41.87 15.21 25.33
N ILE N 169 -41.99 16.27 26.09
CA ILE N 169 -43.12 16.46 27.06
C ILE N 169 -43.74 17.87 26.88
N TYR N 170 -43.41 18.58 25.80
CA TYR N 170 -44.17 19.76 25.34
C TYR N 170 -45.66 19.37 25.31
N ASP N 171 -46.53 20.30 25.70
CA ASP N 171 -47.98 20.04 25.73
C ASP N 171 -48.49 19.88 24.28
N CYS N 172 -48.23 20.87 23.42
CA CYS N 172 -48.70 20.91 22.01
C CYS N 172 -47.64 21.63 21.17
N PHE N 173 -46.57 20.91 20.81
CA PHE N 173 -45.40 21.41 20.04
C PHE N 173 -45.80 21.78 18.61
N GLU N 174 -45.74 23.06 18.25
CA GLU N 174 -46.05 23.64 16.91
C GLU N 174 -47.45 23.22 16.42
N GLY N 175 -48.42 23.10 17.33
CA GLY N 175 -49.85 22.85 17.00
C GLY N 175 -50.16 21.38 16.83
N ASN N 176 -49.14 20.53 16.87
CA ASN N 176 -49.30 19.06 16.64
C ASN N 176 -49.38 18.30 17.98
N LYS N 177 -50.54 17.75 18.33
CA LYS N 177 -50.70 16.98 19.59
C LYS N 177 -49.90 15.68 19.51
N TYR N 178 -49.66 15.21 18.29
CA TYR N 178 -48.95 13.96 17.96
C TYR N 178 -47.51 14.27 17.57
N SER N 179 -47.01 15.48 17.89
CA SER N 179 -45.58 15.85 17.70
C SER N 179 -44.65 14.83 18.38
N HIS N 180 -43.51 14.54 17.78
CA HIS N 180 -42.56 13.58 18.41
C HIS N 180 -42.00 14.21 19.70
N ALA N 181 -42.18 15.52 19.91
CA ALA N 181 -41.73 16.26 21.11
C ALA N 181 -42.87 16.36 22.14
N SER N 182 -44.01 15.73 21.89
CA SER N 182 -45.16 15.74 22.83
C SER N 182 -45.60 14.32 23.24
N SER N 183 -45.03 13.23 22.68
CA SER N 183 -45.59 11.87 22.90
C SER N 183 -45.60 11.53 24.39
N PHE N 184 -44.68 12.04 25.21
CA PHE N 184 -44.65 11.71 26.67
C PHE N 184 -45.62 12.57 27.49
N ALA N 185 -46.05 13.74 26.99
CA ALA N 185 -47.17 14.50 27.60
C ALA N 185 -48.47 13.69 27.38
N ARG N 186 -48.63 13.15 26.17
CA ARG N 186 -49.83 12.35 25.80
C ARG N 186 -49.91 11.15 26.74
N ILE N 187 -48.77 10.47 26.92
CA ILE N 187 -48.64 9.22 27.73
C ILE N 187 -48.97 9.54 29.18
N MET N 188 -48.42 10.61 29.75
CA MET N 188 -48.66 10.97 31.17
C MET N 188 -50.09 11.47 31.34
N GLU N 189 -50.62 12.29 30.42
CA GLU N 189 -52.03 12.79 30.47
C GLU N 189 -52.98 11.59 30.60
N GLY N 190 -52.71 10.48 29.89
CA GLY N 190 -53.61 9.31 29.79
C GLY N 190 -53.51 8.37 30.99
N GLY N 191 -52.57 8.57 31.90
CA GLY N 191 -52.32 7.64 33.02
C GLY N 191 -51.86 6.27 32.55
N TYR N 192 -51.18 6.16 31.41
CA TYR N 192 -50.61 4.88 30.88
C TYR N 192 -49.31 4.53 31.60
N ALA N 193 -48.70 5.49 32.29
CA ALA N 193 -47.40 5.37 32.96
C ALA N 193 -47.53 5.88 34.39
N ARG N 194 -46.95 5.13 35.31
CA ARG N 194 -46.80 5.52 36.74
C ARG N 194 -45.49 6.29 36.82
N ARG N 195 -44.35 5.60 36.78
CA ARG N 195 -43.01 6.26 36.79
C ARG N 195 -42.54 6.51 35.35
N LEU N 196 -41.96 7.67 35.08
CA LEU N 196 -41.24 7.93 33.81
C LEU N 196 -39.81 8.35 34.17
N LEU N 197 -38.82 7.48 33.92
CA LEU N 197 -37.40 7.86 34.16
C LEU N 197 -36.83 8.29 32.81
N GLN N 198 -36.44 9.55 32.69
CA GLN N 198 -35.90 10.11 31.43
C GLN N 198 -34.39 10.20 31.64
N VAL N 199 -33.62 9.52 30.81
CA VAL N 199 -32.15 9.37 31.05
C VAL N 199 -31.39 9.83 29.79
N GLY N 200 -30.39 10.69 29.99
CA GLY N 200 -29.56 11.31 28.93
C GLY N 200 -30.08 12.68 28.51
N ILE N 201 -30.99 13.28 29.28
CA ILE N 201 -31.61 14.61 28.97
C ILE N 201 -30.49 15.64 28.93
N ARG N 202 -30.34 16.37 27.82
CA ARG N 202 -29.37 17.48 27.71
C ARG N 202 -29.91 18.59 26.80
N SER N 203 -31.18 18.56 26.41
CA SER N 203 -31.87 19.63 25.63
C SER N 203 -33.31 19.70 26.15
N ILE N 204 -33.47 20.55 27.15
CA ILE N 204 -34.73 20.75 27.91
C ILE N 204 -34.82 22.26 28.20
N ASN N 205 -36.02 22.78 28.04
CA ASN N 205 -36.36 24.21 28.25
C ASN N 205 -37.38 24.30 29.38
N GLN N 206 -37.74 25.52 29.74
CA GLN N 206 -38.64 25.80 30.87
C GLN N 206 -39.85 24.87 30.79
N GLU N 207 -40.54 24.83 29.65
CA GLU N 207 -41.83 24.10 29.55
C GLU N 207 -41.59 22.64 29.92
N GLY N 208 -40.44 22.10 29.51
CA GLY N 208 -40.03 20.70 29.79
C GLY N 208 -39.82 20.43 31.28
N ARG N 209 -39.23 21.38 32.00
CA ARG N 209 -39.06 21.24 33.46
C ARG N 209 -40.42 21.31 34.17
N GLU N 210 -41.29 22.21 33.70
CA GLU N 210 -42.64 22.47 34.28
C GLU N 210 -43.51 21.24 34.00
N GLN N 211 -43.42 20.68 32.80
CA GLN N 211 -44.23 19.49 32.46
C GLN N 211 -43.65 18.30 33.27
N GLY N 212 -42.33 18.28 33.51
CA GLY N 212 -41.67 17.18 34.26
C GLY N 212 -42.16 17.14 35.70
N LYS N 213 -42.12 18.28 36.38
CA LYS N 213 -42.60 18.40 37.77
C LYS N 213 -44.12 18.13 37.79
N ARG N 214 -44.87 18.63 36.79
CA ARG N 214 -46.35 18.52 36.80
C ARG N 214 -46.75 17.03 36.80
N PHE N 215 -46.13 16.22 35.94
CA PHE N 215 -46.46 14.78 35.80
C PHE N 215 -45.63 13.91 36.77
N GLY N 216 -44.93 14.51 37.70
CA GLY N 216 -44.02 13.77 38.59
C GLY N 216 -43.04 12.91 37.82
N VAL N 217 -42.44 13.45 36.75
CA VAL N 217 -41.36 12.78 35.96
C VAL N 217 -39.99 12.93 36.63
N GLU N 218 -39.19 11.87 36.60
CA GLU N 218 -37.81 11.79 37.17
C GLU N 218 -36.81 11.98 36.03
N GLN N 219 -36.32 13.23 35.91
CA GLN N 219 -35.46 13.69 34.80
C GLN N 219 -34.00 13.69 35.24
N TYR N 220 -33.22 12.75 34.71
CA TYR N 220 -31.76 12.61 34.94
C TYR N 220 -31.02 13.31 33.78
N GLU N 221 -30.60 14.56 34.02
CA GLU N 221 -29.79 15.35 33.04
C GLU N 221 -28.34 14.89 33.06
N MET N 222 -27.70 14.98 31.89
CA MET N 222 -26.31 14.52 31.64
C MET N 222 -25.33 15.36 32.46
N ARG N 223 -25.74 16.56 32.88
CA ARG N 223 -24.89 17.46 33.70
C ARG N 223 -24.65 16.84 35.09
N THR N 224 -25.57 16.01 35.57
CA THR N 224 -25.48 15.36 36.91
C THR N 224 -25.20 13.86 36.71
N PHE N 225 -24.63 13.47 35.58
CA PHE N 225 -24.44 12.05 35.21
C PHE N 225 -23.30 11.42 36.02
N SER N 226 -22.27 12.21 36.37
CA SER N 226 -21.15 11.81 37.29
C SER N 226 -21.76 11.20 38.55
N LYS N 227 -22.59 11.99 39.24
CA LYS N 227 -23.33 11.63 40.47
C LYS N 227 -24.33 10.50 40.20
N ASP N 228 -25.12 10.59 39.13
CA ASP N 228 -26.28 9.71 38.86
C ASP N 228 -25.90 8.29 38.41
N ARG N 229 -24.73 8.08 37.80
CA ARG N 229 -24.37 6.80 37.10
C ARG N 229 -24.51 5.55 37.98
N PRO N 230 -24.04 5.52 39.25
CA PRO N 230 -24.23 4.35 40.10
C PRO N 230 -25.68 3.83 40.19
N MET N 231 -26.64 4.76 40.34
CA MET N 231 -28.09 4.51 40.50
C MET N 231 -28.64 4.07 39.14
N LEU N 232 -28.22 4.76 38.08
CA LEU N 232 -28.74 4.51 36.72
C LEU N 232 -28.26 3.12 36.22
N GLU N 233 -27.09 2.66 36.67
CA GLU N 233 -26.54 1.32 36.37
C GLU N 233 -27.06 0.27 37.35
N ASN N 234 -28.13 0.58 38.10
CA ASN N 234 -28.65 -0.31 39.18
C ASN N 234 -30.14 -0.08 39.41
N LEU N 235 -30.90 0.07 38.34
CA LEU N 235 -32.35 0.40 38.40
C LEU N 235 -33.15 -0.87 38.61
N LYS N 236 -34.31 -0.67 39.22
CA LYS N 236 -35.37 -1.67 39.44
C LYS N 236 -36.67 -0.94 39.15
N LEU N 237 -37.47 -1.42 38.22
CA LEU N 237 -38.74 -0.75 37.88
C LEU N 237 -39.88 -1.78 37.89
N GLY N 238 -41.08 -1.25 38.07
CA GLY N 238 -42.31 -1.95 37.71
C GLY N 238 -42.98 -2.62 38.87
N GLU N 239 -42.35 -2.70 40.06
CA GLU N 239 -42.94 -3.38 41.25
C GLU N 239 -44.26 -2.68 41.61
N GLY N 240 -45.38 -3.36 41.52
CA GLY N 240 -46.70 -2.76 41.83
C GLY N 240 -47.46 -2.27 40.60
N VAL N 241 -46.87 -2.31 39.42
CA VAL N 241 -47.60 -2.00 38.15
C VAL N 241 -47.54 -3.19 37.19
N LYS N 242 -48.02 -3.02 35.97
CA LYS N 242 -48.24 -4.14 35.01
C LYS N 242 -46.94 -4.52 34.32
N GLY N 243 -45.93 -3.65 34.35
CA GLY N 243 -44.57 -4.02 33.89
C GLY N 243 -43.76 -2.79 33.57
N VAL N 244 -42.71 -2.98 32.80
CA VAL N 244 -41.80 -1.90 32.40
C VAL N 244 -41.74 -1.85 30.87
N TYR N 245 -41.84 -0.65 30.33
CA TYR N 245 -41.60 -0.35 28.89
C TYR N 245 -40.35 0.49 28.79
N ILE N 246 -39.52 0.19 27.81
CA ILE N 246 -38.26 0.95 27.55
C ILE N 246 -38.40 1.61 26.18
N SER N 247 -38.39 2.94 26.16
CA SER N 247 -38.29 3.75 24.92
C SER N 247 -36.86 4.26 24.74
N ILE N 248 -36.20 3.83 23.68
CA ILE N 248 -34.84 4.35 23.35
C ILE N 248 -34.87 5.21 22.09
N ASP N 249 -34.68 6.51 22.27
CA ASP N 249 -34.35 7.43 21.14
C ASP N 249 -32.86 7.23 20.94
N VAL N 250 -32.41 6.95 19.74
CA VAL N 250 -30.96 6.77 19.42
C VAL N 250 -30.19 8.03 19.83
N ASP N 251 -30.84 9.19 19.89
CA ASP N 251 -30.14 10.46 20.24
C ASP N 251 -29.82 10.49 21.74
N CYS N 252 -30.14 9.46 22.53
CA CYS N 252 -29.63 9.37 23.92
C CYS N 252 -28.11 9.19 23.84
N LEU N 253 -27.65 8.57 22.76
CA LEU N 253 -26.20 8.40 22.50
C LEU N 253 -25.59 9.75 22.07
N ASP N 254 -24.33 9.94 22.46
CA ASP N 254 -23.52 11.03 21.90
C ASP N 254 -23.48 10.82 20.39
N PRO N 255 -23.58 11.90 19.60
CA PRO N 255 -23.48 11.81 18.15
C PRO N 255 -22.16 11.22 17.62
N ALA N 256 -21.08 11.21 18.40
CA ALA N 256 -19.89 10.38 18.08
C ALA N 256 -20.33 8.94 17.77
N PHE N 257 -21.27 8.39 18.55
CA PHE N 257 -21.71 6.96 18.49
C PHE N 257 -22.87 6.82 17.51
N ALA N 258 -23.65 7.89 17.36
CA ALA N 258 -24.95 7.85 16.69
C ALA N 258 -25.21 9.14 15.92
N PRO N 259 -24.46 9.38 14.83
CA PRO N 259 -24.68 10.58 14.02
C PRO N 259 -26.00 10.51 13.26
N GLY N 260 -26.52 9.30 13.03
CA GLY N 260 -27.72 9.09 12.21
C GLY N 260 -29.00 9.46 12.93
N VAL N 261 -29.14 10.72 13.30
CA VAL N 261 -30.29 11.26 14.06
C VAL N 261 -30.64 12.63 13.45
N SER N 262 -31.91 12.98 13.53
CA SER N 262 -32.44 14.30 13.12
C SER N 262 -31.88 15.40 14.06
N HIS N 263 -31.59 15.11 15.32
CA HIS N 263 -31.22 16.16 16.34
C HIS N 263 -29.85 15.85 16.94
N ILE N 264 -28.78 16.37 16.32
CA ILE N 264 -27.38 16.28 16.84
C ILE N 264 -27.30 17.15 18.09
N GLU N 265 -26.87 16.53 19.17
CA GLU N 265 -26.94 17.11 20.52
C GLU N 265 -25.73 16.58 21.29
N PRO N 266 -24.57 17.31 21.19
CA PRO N 266 -23.34 16.92 21.86
C PRO N 266 -23.44 16.67 23.37
N GLY N 267 -22.64 15.72 23.82
CA GLY N 267 -22.43 15.37 25.23
C GLY N 267 -23.39 14.29 25.73
N GLY N 268 -23.60 13.23 24.97
CA GLY N 268 -24.54 12.16 25.39
C GLY N 268 -23.86 10.92 25.98
N LEU N 269 -24.61 9.83 26.06
CA LEU N 269 -24.14 8.55 26.63
C LEU N 269 -23.26 7.84 25.59
N SER N 270 -22.29 7.04 26.03
CA SER N 270 -21.62 6.07 25.13
C SER N 270 -22.58 4.89 24.90
N PHE N 271 -22.31 4.09 23.85
CA PHE N 271 -23.04 2.81 23.62
C PHE N 271 -22.90 1.89 24.84
N ARG N 272 -21.68 1.82 25.40
CA ARG N 272 -21.45 1.00 26.61
C ARG N 272 -22.25 1.55 27.79
N ASP N 273 -22.37 2.88 27.94
CA ASP N 273 -23.21 3.45 29.04
C ASP N 273 -24.62 2.87 28.92
N VAL N 274 -25.20 2.87 27.73
CA VAL N 274 -26.62 2.44 27.56
C VAL N 274 -26.72 0.95 27.92
N LEU N 275 -25.80 0.10 27.47
CA LEU N 275 -25.80 -1.36 27.75
C LEU N 275 -25.62 -1.60 29.25
N ASN N 276 -24.77 -0.82 29.94
CA ASN N 276 -24.62 -0.97 31.41
C ASN N 276 -26.00 -0.75 32.04
N ILE N 277 -26.74 0.28 31.63
CA ILE N 277 -28.09 0.61 32.19
C ILE N 277 -29.01 -0.59 31.86
N LEU N 278 -29.07 -0.99 30.59
CA LEU N 278 -30.00 -2.06 30.13
C LEU N 278 -29.65 -3.40 30.79
N HIS N 279 -28.38 -3.82 30.76
CA HIS N 279 -27.98 -5.12 31.33
C HIS N 279 -28.45 -5.19 32.77
N ASN N 280 -28.23 -4.15 33.59
CA ASN N 280 -28.30 -4.20 35.07
C ASN N 280 -29.71 -3.87 35.53
N LEU N 281 -30.54 -3.33 34.66
CA LEU N 281 -31.95 -3.05 34.95
C LEU N 281 -32.68 -4.33 35.41
N GLN N 282 -33.22 -4.31 36.63
CA GLN N 282 -34.19 -5.34 37.11
C GLN N 282 -35.59 -4.91 36.66
N ALA N 283 -36.22 -5.68 35.76
CA ALA N 283 -37.55 -5.31 35.26
C ALA N 283 -38.23 -6.49 34.56
N ASP N 284 -39.55 -6.57 34.71
CA ASP N 284 -40.39 -7.38 33.80
C ASP N 284 -40.72 -6.49 32.61
N VAL N 285 -39.91 -6.59 31.55
CA VAL N 285 -40.05 -5.74 30.35
C VAL N 285 -41.20 -6.31 29.53
N VAL N 286 -42.23 -5.50 29.31
CA VAL N 286 -43.49 -5.91 28.63
C VAL N 286 -43.55 -5.35 27.21
N GLY N 287 -42.69 -4.40 26.89
CA GLY N 287 -42.65 -3.73 25.58
C GLY N 287 -41.47 -2.78 25.47
N ALA N 288 -41.09 -2.44 24.25
CA ALA N 288 -40.01 -1.46 24.01
C ALA N 288 -40.10 -0.90 22.59
N ASP N 289 -39.38 0.20 22.38
CA ASP N 289 -39.20 0.80 21.03
C ASP N 289 -37.76 1.31 20.88
N VAL N 290 -37.31 1.33 19.64
CA VAL N 290 -36.05 2.00 19.21
C VAL N 290 -36.44 2.97 18.10
N VAL N 291 -36.35 4.27 18.40
CA VAL N 291 -36.96 5.33 17.55
C VAL N 291 -35.88 6.32 17.12
N GLU N 292 -36.17 7.11 16.10
CA GLU N 292 -35.44 8.34 15.74
C GLU N 292 -34.08 8.04 15.14
N PHE N 293 -33.78 6.80 14.79
CA PHE N 293 -32.68 6.49 13.85
C PHE N 293 -33.08 7.04 12.47
N ASN N 294 -32.24 7.90 11.91
CA ASN N 294 -32.50 8.60 10.63
C ASN N 294 -31.41 8.18 9.64
N PRO N 295 -31.68 7.16 8.80
CA PRO N 295 -30.69 6.60 7.90
C PRO N 295 -30.10 7.67 6.97
N GLN N 296 -30.83 8.75 6.72
CA GLN N 296 -30.38 9.80 5.77
C GLN N 296 -29.30 10.66 6.44
N ARG N 297 -29.13 10.65 7.76
CA ARG N 297 -28.05 11.40 8.43
C ARG N 297 -26.93 10.44 8.86
N ASP N 298 -27.08 9.17 8.55
CA ASP N 298 -26.10 8.13 8.95
C ASP N 298 -24.85 8.24 8.05
N THR N 299 -23.82 7.51 8.45
CA THR N 299 -22.51 7.46 7.77
C THR N 299 -22.78 6.62 6.53
N VAL N 300 -21.94 6.78 5.51
CA VAL N 300 -22.06 6.03 4.23
C VAL N 300 -22.00 4.53 4.52
N ASP N 301 -21.47 4.07 5.64
CA ASP N 301 -21.42 2.61 5.91
C ASP N 301 -22.53 2.20 6.90
N GLY N 302 -23.40 3.11 7.34
CA GLY N 302 -24.54 2.78 8.21
C GLY N 302 -24.11 2.38 9.62
N MET N 303 -23.16 3.11 10.21
CA MET N 303 -22.76 2.90 11.63
C MET N 303 -23.99 2.99 12.53
N THR N 304 -24.86 4.00 12.38
CA THR N 304 -26.02 4.17 13.29
C THR N 304 -27.03 3.04 13.06
N ALA N 305 -27.13 2.45 11.84
CA ALA N 305 -27.95 1.25 11.63
C ALA N 305 -27.47 0.12 12.57
N MET N 306 -26.16 -0.07 12.68
CA MET N 306 -25.61 -1.15 13.54
C MET N 306 -25.88 -0.82 15.00
N VAL N 307 -25.79 0.45 15.37
CA VAL N 307 -26.11 0.90 16.75
C VAL N 307 -27.59 0.57 17.07
N ALA N 308 -28.52 0.95 16.22
CA ALA N 308 -29.96 0.64 16.33
C ALA N 308 -30.14 -0.88 16.45
N ALA N 309 -29.57 -1.60 15.49
CA ALA N 309 -29.67 -3.06 15.46
C ALA N 309 -29.23 -3.65 16.80
N LYS N 310 -28.12 -3.16 17.37
CA LYS N 310 -27.50 -3.79 18.55
C LYS N 310 -28.35 -3.47 19.78
N LEU N 311 -28.96 -2.29 19.83
CA LEU N 311 -29.97 -1.96 20.83
C LEU N 311 -31.15 -2.91 20.74
N VAL N 312 -31.66 -3.17 19.56
CA VAL N 312 -32.83 -4.04 19.37
C VAL N 312 -32.47 -5.42 19.92
N ARG N 313 -31.30 -5.89 19.52
CA ARG N 313 -30.77 -7.24 19.83
C ARG N 313 -30.70 -7.40 21.36
N GLU N 314 -30.13 -6.40 22.04
CA GLU N 314 -29.93 -6.48 23.51
C GLU N 314 -31.27 -6.33 24.22
N LEU N 315 -32.15 -5.53 23.67
CA LEU N 315 -33.53 -5.39 24.19
C LEU N 315 -34.24 -6.74 24.02
N ALA N 316 -34.11 -7.39 22.87
CA ALA N 316 -34.70 -8.72 22.60
C ALA N 316 -34.24 -9.73 23.68
N ALA N 317 -32.94 -9.73 23.98
CA ALA N 317 -32.30 -10.66 24.94
C ALA N 317 -32.97 -10.46 26.30
N LYS N 318 -33.31 -9.21 26.60
CA LYS N 318 -33.90 -8.81 27.90
C LYS N 318 -35.37 -9.18 27.97
N ILE N 319 -36.13 -9.00 26.89
CA ILE N 319 -37.61 -9.13 26.87
C ILE N 319 -37.92 -10.62 26.89
N SER N 320 -37.13 -11.38 26.14
CA SER N 320 -37.35 -12.81 25.89
C SER N 320 -36.85 -13.56 27.14
N LYS N 321 -37.57 -14.59 27.56
CA LYS N 321 -37.17 -15.43 28.72
C LYS N 321 -37.99 -16.73 28.69
N SER O 6 3.18 55.49 0.95
CA SER O 6 2.35 55.87 -0.26
C SER O 6 0.92 56.24 0.17
N SER O 7 0.07 56.58 -0.78
CA SER O 7 -1.41 56.62 -0.60
C SER O 7 -1.99 55.19 -0.48
N ILE O 8 -1.13 54.14 -0.42
CA ILE O 8 -1.57 52.74 -0.15
C ILE O 8 -1.73 52.57 1.37
N GLU O 9 -0.63 52.76 2.14
CA GLU O 9 -0.61 52.67 3.64
C GLU O 9 -1.70 53.60 4.18
N LYS O 10 -1.91 54.73 3.51
CA LYS O 10 -3.01 55.69 3.80
C LYS O 10 -4.36 54.99 3.62
N GLY O 11 -4.55 54.31 2.49
CA GLY O 11 -5.79 53.55 2.17
C GLY O 11 -6.00 52.41 3.16
N GLN O 12 -4.90 51.74 3.54
CA GLN O 12 -4.90 50.66 4.57
C GLN O 12 -5.63 51.17 5.82
N ASN O 13 -5.34 52.40 6.26
CA ASN O 13 -5.87 52.97 7.52
C ASN O 13 -7.37 53.25 7.37
N ARG O 14 -7.81 53.71 6.19
CA ARG O 14 -9.24 54.00 5.88
C ARG O 14 -10.04 52.68 5.93
N VAL O 15 -9.47 51.59 5.41
CA VAL O 15 -10.08 50.22 5.52
C VAL O 15 -10.05 49.79 7.01
N ILE O 16 -8.90 49.83 7.67
CA ILE O 16 -8.82 49.46 9.11
C ILE O 16 -9.88 50.23 9.92
N ASP O 17 -9.95 51.55 9.72
CA ASP O 17 -10.88 52.43 10.47
C ASP O 17 -12.35 52.11 10.15
N ALA O 18 -12.71 51.95 8.87
CA ALA O 18 -14.06 51.49 8.46
C ALA O 18 -14.36 50.11 9.07
N SER O 19 -13.40 49.19 9.06
CA SER O 19 -13.56 47.88 9.74
C SER O 19 -13.93 48.11 11.21
N LEU O 20 -13.12 48.89 11.95
CA LEU O 20 -13.34 49.14 13.40
C LEU O 20 -14.65 49.90 13.63
N THR O 21 -15.04 50.83 12.76
CA THR O 21 -16.34 51.52 12.91
C THR O 21 -17.48 50.48 12.93
N LEU O 22 -17.50 49.56 11.96
CA LEU O 22 -18.54 48.48 11.88
C LEU O 22 -18.74 47.88 13.29
N ILE O 23 -17.65 47.36 13.86
CA ILE O 23 -17.67 46.69 15.20
C ILE O 23 -18.23 47.66 16.26
N ARG O 24 -17.75 48.92 16.30
CA ARG O 24 -18.20 49.92 17.31
C ARG O 24 -19.71 50.08 17.22
N GLU O 25 -20.23 50.35 16.03
CA GLU O 25 -21.67 50.65 15.84
C GLU O 25 -22.49 49.46 16.36
N ARG O 26 -22.16 48.23 15.92
CA ARG O 26 -22.91 46.99 16.28
C ARG O 26 -22.83 46.81 17.80
N ALA O 27 -21.63 46.93 18.37
CA ALA O 27 -21.39 46.94 19.83
C ALA O 27 -22.37 47.89 20.54
N LYS O 28 -22.64 49.09 19.99
CA LYS O 28 -23.50 50.08 20.69
C LYS O 28 -24.98 49.62 20.67
N LEU O 29 -25.48 49.24 19.48
CA LEU O 29 -26.85 48.68 19.36
C LEU O 29 -27.10 47.65 20.47
N LYS O 30 -26.12 46.78 20.73
CA LYS O 30 -26.24 45.59 21.62
C LYS O 30 -26.23 46.07 23.07
N GLY O 31 -25.21 46.86 23.41
CA GLY O 31 -25.18 47.63 24.67
C GLY O 31 -26.54 48.27 24.95
N GLU O 32 -27.07 49.03 23.99
CA GLU O 32 -28.32 49.82 24.18
C GLU O 32 -29.52 48.88 24.35
N LEU O 33 -29.48 47.70 23.72
CA LEU O 33 -30.51 46.65 23.89
C LEU O 33 -30.37 45.99 25.26
N VAL O 34 -29.12 45.67 25.68
CA VAL O 34 -28.85 45.01 26.98
C VAL O 34 -29.25 45.95 28.13
N ARG O 35 -28.90 47.23 28.02
CA ARG O 35 -29.15 48.22 29.11
C ARG O 35 -30.65 48.52 29.15
N LEU O 36 -31.32 48.68 27.99
CA LEU O 36 -32.80 48.91 27.92
C LEU O 36 -33.55 47.82 28.69
N LEU O 37 -33.15 46.58 28.48
CA LEU O 37 -33.83 45.40 29.07
C LEU O 37 -33.71 45.38 30.58
N GLY O 38 -32.53 45.66 31.12
CA GLY O 38 -32.48 45.62 32.59
C GLY O 38 -31.14 45.24 33.16
N GLY O 39 -31.11 45.13 34.49
CA GLY O 39 -29.86 44.81 35.18
C GLY O 39 -29.31 43.48 34.71
N ALA O 40 -28.01 43.48 34.42
CA ALA O 40 -27.25 42.29 34.01
C ALA O 40 -25.79 42.57 34.38
N LYS O 41 -25.23 41.82 35.32
CA LYS O 41 -23.82 42.14 35.65
C LYS O 41 -22.98 41.92 34.41
N ALA O 42 -23.22 40.81 33.69
CA ALA O 42 -22.46 40.48 32.48
C ALA O 42 -23.38 39.91 31.41
N SER O 43 -23.04 40.19 30.15
CA SER O 43 -23.77 39.77 28.93
C SER O 43 -22.73 39.33 27.90
N THR O 44 -22.73 38.05 27.50
CA THR O 44 -21.80 37.51 26.47
C THR O 44 -22.08 38.18 25.12
N SER O 45 -21.04 38.56 24.39
CA SER O 45 -21.16 39.14 23.05
C SER O 45 -20.14 38.51 22.11
N LEU O 46 -20.67 37.83 21.08
CA LEU O 46 -19.87 37.03 20.11
C LEU O 46 -19.10 38.01 19.26
N LEU O 47 -17.82 37.70 19.05
CA LEU O 47 -16.96 38.38 18.07
C LEU O 47 -16.23 37.35 17.24
N GLY O 48 -16.42 37.35 15.92
CA GLY O 48 -15.78 36.38 15.01
C GLY O 48 -14.48 36.90 14.44
N VAL O 49 -13.43 36.07 14.42
CA VAL O 49 -12.12 36.41 13.80
C VAL O 49 -11.82 35.32 12.77
N PRO O 50 -12.31 35.49 11.52
CA PRO O 50 -12.14 34.49 10.48
C PRO O 50 -10.73 34.58 9.89
N LEU O 51 -9.77 33.98 10.60
CA LEU O 51 -8.31 34.05 10.32
C LEU O 51 -7.77 32.63 10.44
N GLY O 52 -7.14 32.10 9.39
CA GLY O 52 -6.50 30.77 9.47
C GLY O 52 -5.12 30.72 8.83
N HIS O 53 -4.52 31.85 8.47
CA HIS O 53 -3.28 31.83 7.66
C HIS O 53 -2.04 31.54 8.53
N ASN O 54 -2.18 31.53 9.87
CA ASN O 54 -1.11 31.23 10.86
C ASN O 54 -1.10 29.73 11.21
N SER O 55 -1.75 28.91 10.39
CA SER O 55 -1.91 27.44 10.57
C SER O 55 -0.75 26.72 9.89
N SER O 56 -0.30 25.63 10.50
CA SER O 56 0.86 24.81 10.05
C SER O 56 0.42 23.80 8.99
N PHE O 57 -0.85 23.37 8.98
CA PHE O 57 -1.24 22.29 8.04
C PHE O 57 -2.38 22.67 7.08
N LEU O 58 -3.46 23.27 7.60
CA LEU O 58 -4.70 23.62 6.84
C LEU O 58 -5.27 24.90 7.41
N GLN O 59 -5.92 25.69 6.56
CA GLN O 59 -6.42 27.06 6.88
C GLN O 59 -7.94 27.05 7.07
N GLY O 60 -8.58 25.89 7.00
CA GLY O 60 -10.04 25.79 7.08
C GLY O 60 -10.67 26.67 8.17
N PRO O 61 -10.09 26.83 9.38
CA PRO O 61 -10.72 27.65 10.43
C PRO O 61 -11.07 29.11 10.09
N ALA O 62 -10.51 29.67 9.03
CA ALA O 62 -10.92 30.98 8.48
C ALA O 62 -12.43 30.98 8.20
N PHE O 63 -12.99 29.80 7.90
CA PHE O 63 -14.41 29.70 7.46
C PHE O 63 -15.33 29.40 8.64
N ALA O 64 -14.83 29.26 9.87
CA ALA O 64 -15.53 28.65 11.02
C ALA O 64 -16.64 29.55 11.57
N PRO O 65 -16.39 30.84 11.90
CA PRO O 65 -17.38 31.63 12.64
C PRO O 65 -18.81 31.66 12.07
N PRO O 66 -19.03 31.83 10.73
CA PRO O 66 -20.40 31.82 10.17
C PRO O 66 -21.10 30.48 10.34
N ARG O 67 -20.36 29.36 10.30
CA ARG O 67 -20.92 28.02 10.50
C ARG O 67 -21.28 27.80 11.96
N ILE O 68 -20.47 28.31 12.88
CA ILE O 68 -20.82 28.23 14.32
C ILE O 68 -22.15 28.93 14.59
N ARG O 69 -22.36 30.14 14.07
CA ARG O 69 -23.61 30.92 14.30
C ARG O 69 -24.82 30.15 13.75
N GLU O 70 -24.70 29.61 12.54
CA GLU O 70 -25.78 28.80 11.96
C GLU O 70 -26.13 27.68 12.95
N ALA O 71 -25.14 27.00 13.55
CA ALA O 71 -25.37 25.81 14.39
C ALA O 71 -26.01 26.19 15.73
N ILE O 72 -25.67 27.36 16.27
CA ILE O 72 -26.26 27.95 17.52
C ILE O 72 -27.75 28.13 17.31
N TRP O 73 -28.17 28.54 16.10
CA TRP O 73 -29.59 28.87 15.84
C TRP O 73 -30.28 27.79 15.00
N CYS O 74 -29.71 26.60 14.88
CA CYS O 74 -30.26 25.53 14.00
C CYS O 74 -31.66 25.13 14.50
N GLY O 75 -32.61 24.97 13.58
CA GLY O 75 -34.00 24.56 13.88
C GLY O 75 -34.11 23.24 14.65
N SER O 76 -33.09 22.37 14.63
CA SER O 76 -33.10 21.07 15.36
C SER O 76 -32.93 21.29 16.88
N THR O 77 -32.44 22.44 17.29
CA THR O 77 -32.11 22.78 18.71
C THR O 77 -33.13 23.73 19.33
N ASN O 78 -33.21 23.77 20.66
CA ASN O 78 -33.97 24.85 21.34
C ASN O 78 -32.96 25.89 21.83
N SER O 79 -33.47 27.05 22.25
CA SER O 79 -32.69 28.24 22.62
C SER O 79 -32.28 28.21 24.10
N ALA O 80 -32.43 27.10 24.82
CA ALA O 80 -32.09 26.97 26.25
C ALA O 80 -30.75 26.28 26.45
N THR O 81 -29.87 26.80 27.33
CA THR O 81 -28.58 26.16 27.64
C THR O 81 -28.81 25.04 28.64
N GLU O 82 -27.80 24.23 28.92
CA GLU O 82 -28.00 23.02 29.73
C GLU O 82 -28.55 23.39 31.10
N GLU O 83 -28.15 24.53 31.68
CA GLU O 83 -28.58 24.91 33.05
C GLU O 83 -29.73 25.93 33.00
N GLY O 84 -30.29 26.19 31.81
CA GLY O 84 -31.60 26.83 31.68
C GLY O 84 -31.54 28.32 31.36
N LYS O 85 -30.41 28.84 30.91
CA LYS O 85 -30.32 30.21 30.34
C LYS O 85 -31.03 30.29 28.96
N GLU O 86 -31.68 31.42 28.69
CA GLU O 86 -32.48 31.70 27.48
C GLU O 86 -31.64 32.52 26.48
N LEU O 87 -31.14 31.87 25.42
CA LEU O 87 -30.16 32.48 24.48
C LEU O 87 -30.81 33.57 23.64
N LYS O 88 -32.15 33.63 23.55
CA LYS O 88 -32.81 34.69 22.75
C LYS O 88 -32.84 35.99 23.56
N ASP O 89 -32.39 35.95 24.81
CA ASP O 89 -32.39 37.13 25.70
C ASP O 89 -31.01 37.80 25.56
N PRO O 90 -31.01 39.04 25.01
CA PRO O 90 -29.75 39.75 24.75
C PRO O 90 -28.83 39.91 25.99
N ARG O 91 -29.46 39.88 27.18
CA ARG O 91 -28.75 39.93 28.50
C ARG O 91 -27.89 38.67 28.69
N VAL O 92 -28.23 37.60 27.98
CA VAL O 92 -27.52 36.28 28.01
C VAL O 92 -26.54 36.17 26.83
N LEU O 93 -26.91 36.62 25.62
CA LEU O 93 -26.06 36.49 24.41
C LEU O 93 -26.42 37.58 23.38
N THR O 94 -25.40 38.24 22.83
CA THR O 94 -25.55 39.13 21.66
C THR O 94 -24.43 38.78 20.69
N ASP O 95 -24.49 39.38 19.50
CA ASP O 95 -23.50 39.13 18.42
C ASP O 95 -23.15 40.44 17.74
N VAL O 96 -21.87 40.83 17.74
CA VAL O 96 -21.36 42.05 17.04
C VAL O 96 -20.76 41.66 15.69
N GLY O 97 -20.93 40.43 15.23
CA GLY O 97 -20.42 39.96 13.94
C GLY O 97 -18.91 39.72 13.94
N ASP O 98 -18.36 39.74 12.73
CA ASP O 98 -17.00 39.29 12.37
C ASP O 98 -16.12 40.49 12.02
N VAL O 99 -14.87 40.40 12.45
CA VAL O 99 -13.79 41.29 12.01
C VAL O 99 -13.50 40.94 10.56
N PRO O 100 -13.54 41.91 9.62
CA PRO O 100 -13.25 41.63 8.22
C PRO O 100 -11.73 41.48 8.05
N VAL O 101 -11.22 40.36 8.58
CA VAL O 101 -9.79 39.93 8.50
C VAL O 101 -9.34 39.89 7.03
N GLN O 102 -10.07 39.15 6.19
CA GLN O 102 -9.64 38.76 4.81
C GLN O 102 -9.41 40.01 3.96
N GLU O 103 -10.14 41.07 4.29
CA GLU O 103 -10.24 42.31 3.50
C GLU O 103 -9.15 43.24 3.99
N ILE O 104 -8.83 43.18 5.28
CA ILE O 104 -7.64 43.88 5.85
C ILE O 104 -6.38 43.27 5.20
N ARG O 105 -6.32 41.93 5.05
CA ARG O 105 -5.15 41.20 4.49
C ARG O 105 -4.96 41.54 3.02
N ASP O 106 -6.07 41.72 2.32
CA ASP O 106 -6.08 41.81 0.85
C ASP O 106 -5.50 43.15 0.38
N CYS O 107 -5.53 44.18 1.23
CA CYS O 107 -4.97 45.52 0.87
C CYS O 107 -3.51 45.67 1.35
N GLY O 108 -2.86 44.55 1.75
CA GLY O 108 -1.41 44.41 1.95
C GLY O 108 -0.94 44.51 3.41
N VAL O 109 -1.88 44.55 4.36
CA VAL O 109 -1.54 44.82 5.78
C VAL O 109 -0.84 43.59 6.38
N ASP O 110 0.27 43.86 7.09
CA ASP O 110 1.20 42.86 7.66
C ASP O 110 0.62 42.27 8.96
N ASP O 111 1.15 41.13 9.37
CA ASP O 111 0.52 40.33 10.46
C ASP O 111 0.47 41.19 11.74
N ASP O 112 1.45 42.06 11.95
CA ASP O 112 1.64 42.86 13.20
C ASP O 112 0.45 43.83 13.41
N ARG O 113 0.13 44.63 12.39
CA ARG O 113 -0.99 45.62 12.41
C ARG O 113 -2.35 44.91 12.54
N LEU O 114 -2.56 43.81 11.80
CA LEU O 114 -3.79 42.98 11.86
C LEU O 114 -4.07 42.57 13.31
N MET O 115 -3.09 41.99 14.00
CA MET O 115 -3.36 41.45 15.36
C MET O 115 -3.78 42.62 16.27
N ASN O 116 -3.22 43.82 16.02
CA ASN O 116 -3.56 45.06 16.75
C ASN O 116 -5.05 45.35 16.58
N VAL O 117 -5.55 45.22 15.36
CA VAL O 117 -6.99 45.44 15.03
C VAL O 117 -7.87 44.41 15.77
N ILE O 118 -7.45 43.16 15.83
CA ILE O 118 -8.23 42.15 16.58
C ILE O 118 -8.34 42.64 18.04
N SER O 119 -7.24 43.13 18.62
CA SER O 119 -7.20 43.65 20.01
C SER O 119 -8.18 44.82 20.15
N GLU O 120 -8.14 45.79 19.24
CA GLU O 120 -8.98 47.02 19.40
C GLU O 120 -10.46 46.62 19.24
N SER O 121 -10.76 45.55 18.49
CA SER O 121 -12.14 45.06 18.25
C SER O 121 -12.69 44.48 19.56
N VAL O 122 -11.86 43.71 20.28
CA VAL O 122 -12.17 43.18 21.64
C VAL O 122 -12.38 44.36 22.62
N LYS O 123 -11.47 45.33 22.66
CA LYS O 123 -11.62 46.55 23.50
C LYS O 123 -12.99 47.22 23.22
N LEU O 124 -13.40 47.30 21.93
CA LEU O 124 -14.68 47.93 21.52
C LEU O 124 -15.87 47.17 22.15
N VAL O 125 -15.76 45.84 22.29
CA VAL O 125 -16.81 45.03 22.97
C VAL O 125 -16.79 45.32 24.47
N MET O 126 -15.61 45.17 25.12
CA MET O 126 -15.43 45.38 26.58
C MET O 126 -15.97 46.76 26.96
N GLU O 127 -15.70 47.75 26.11
CA GLU O 127 -16.01 49.19 26.34
C GLU O 127 -17.51 49.44 26.51
N GLU O 128 -18.35 48.65 25.87
CA GLU O 128 -19.83 48.84 25.95
C GLU O 128 -20.34 47.93 27.08
N GLU O 129 -20.70 48.56 28.19
CA GLU O 129 -21.06 47.93 29.49
C GLU O 129 -22.45 47.30 29.35
N PRO O 130 -22.69 46.05 29.81
CA PRO O 130 -21.66 45.15 30.35
C PRO O 130 -21.30 43.94 29.47
N LEU O 131 -20.99 44.17 28.19
CA LEU O 131 -20.63 43.06 27.28
C LEU O 131 -19.30 42.47 27.73
N ARG O 132 -19.13 41.19 27.54
CA ARG O 132 -17.84 40.49 27.68
C ARG O 132 -17.63 39.69 26.39
N PRO O 133 -16.37 39.63 25.90
CA PRO O 133 -16.05 38.99 24.64
C PRO O 133 -15.90 37.46 24.71
N LEU O 134 -16.68 36.79 23.87
CA LEU O 134 -16.48 35.37 23.48
C LEU O 134 -16.13 35.36 21.99
N VAL O 135 -14.89 34.96 21.70
CA VAL O 135 -14.33 35.09 20.33
C VAL O 135 -14.45 33.76 19.56
N LEU O 136 -15.06 33.81 18.37
CA LEU O 136 -15.15 32.65 17.46
C LEU O 136 -13.96 32.69 16.48
N GLY O 137 -13.02 31.75 16.65
CA GLY O 137 -11.91 31.57 15.71
C GLY O 137 -12.38 30.90 14.43
N GLY O 138 -11.54 30.87 13.39
CA GLY O 138 -10.16 31.32 13.47
C GLY O 138 -9.24 30.26 14.06
N ASP O 139 -7.95 30.36 13.76
CA ASP O 139 -6.91 29.43 14.26
C ASP O 139 -6.44 29.94 15.62
N HIS O 140 -5.65 29.15 16.32
CA HIS O 140 -5.28 29.48 17.72
C HIS O 140 -4.57 30.82 17.89
N SER O 141 -3.98 31.34 16.81
CA SER O 141 -3.16 32.59 16.82
C SER O 141 -3.93 33.72 17.48
N ILE O 142 -5.26 33.72 17.37
CA ILE O 142 -6.05 34.92 17.75
C ILE O 142 -6.13 35.03 19.29
N SER O 143 -5.89 33.95 20.01
CA SER O 143 -5.92 33.98 21.50
C SER O 143 -4.87 35.00 22.02
N TYR O 144 -3.68 35.07 21.43
CA TYR O 144 -2.64 36.07 21.81
C TYR O 144 -3.27 37.48 21.78
N PRO O 145 -3.60 38.05 20.61
CA PRO O 145 -4.12 39.42 20.57
C PRO O 145 -5.42 39.63 21.35
N VAL O 146 -6.25 38.59 21.54
CA VAL O 146 -7.51 38.70 22.36
C VAL O 146 -7.11 38.83 23.83
N VAL O 147 -6.33 37.89 24.36
CA VAL O 147 -6.02 37.89 25.82
C VAL O 147 -5.28 39.21 26.13
N ARG O 148 -4.27 39.57 25.33
CA ARG O 148 -3.64 40.92 25.40
C ARG O 148 -4.70 41.97 25.73
N ALA O 149 -5.70 42.16 24.85
CA ALA O 149 -6.69 43.25 24.97
C ALA O 149 -7.46 43.16 26.29
N VAL O 150 -7.90 41.96 26.65
CA VAL O 150 -8.63 41.67 27.91
C VAL O 150 -7.76 42.11 29.09
N SER O 151 -6.47 41.72 29.11
CA SER O 151 -5.55 42.00 30.23
C SER O 151 -5.32 43.52 30.35
N GLU O 152 -5.04 44.18 29.21
CA GLU O 152 -4.83 45.65 29.23
C GLU O 152 -6.12 46.36 29.67
N LYS O 153 -7.28 45.97 29.14
CA LYS O 153 -8.54 46.69 29.49
C LYS O 153 -8.88 46.56 30.98
N LEU O 154 -8.56 45.42 31.58
CA LEU O 154 -8.88 45.12 33.01
C LEU O 154 -7.70 45.55 33.91
N GLY O 155 -6.53 45.75 33.30
CA GLY O 155 -5.34 46.41 33.88
C GLY O 155 -4.66 45.48 34.85
N GLY O 156 -4.20 44.32 34.38
CA GLY O 156 -3.58 43.29 35.23
C GLY O 156 -3.80 41.89 34.66
N PRO O 157 -3.04 40.88 35.10
CA PRO O 157 -3.17 39.53 34.54
C PRO O 157 -4.48 38.78 34.89
N VAL O 158 -4.75 37.72 34.12
CA VAL O 158 -5.94 36.86 34.38
C VAL O 158 -5.49 35.39 34.38
N ASP O 159 -6.30 34.57 35.03
CA ASP O 159 -6.11 33.09 35.13
C ASP O 159 -6.64 32.45 33.83
N ILE O 160 -5.83 31.67 33.10
CA ILE O 160 -6.29 31.06 31.82
C ILE O 160 -6.48 29.54 31.95
N LEU O 161 -7.65 29.07 31.52
CA LEU O 161 -7.96 27.63 31.28
C LEU O 161 -7.83 27.40 29.79
N HIS O 162 -6.85 26.61 29.36
CA HIS O 162 -6.56 26.30 27.94
C HIS O 162 -6.85 24.82 27.68
N LEU O 163 -7.95 24.55 26.96
CA LEU O 163 -8.38 23.18 26.56
C LEU O 163 -7.83 22.93 25.14
N ASP O 164 -6.94 21.97 24.99
CA ASP O 164 -6.30 21.72 23.68
C ASP O 164 -5.46 20.44 23.76
N ALA O 165 -5.26 19.82 22.60
CA ALA O 165 -4.44 18.60 22.44
C ALA O 165 -2.98 19.00 22.32
N HIS O 166 -2.71 20.15 21.71
CA HIS O 166 -1.30 20.60 21.65
C HIS O 166 -1.12 21.70 22.67
N PRO O 167 0.13 22.11 22.97
CA PRO O 167 0.44 23.15 23.96
C PRO O 167 0.55 24.57 23.37
N ASP O 168 0.93 24.66 22.10
CA ASP O 168 0.97 25.97 21.39
C ASP O 168 1.90 26.93 22.14
N ILE O 169 3.11 26.45 22.41
CA ILE O 169 4.06 27.22 23.26
C ILE O 169 5.48 27.12 22.67
N TYR O 170 5.60 26.67 21.41
CA TYR O 170 6.83 26.71 20.59
C TYR O 170 7.41 28.14 20.54
N ASP O 171 8.75 28.25 20.53
CA ASP O 171 9.50 29.53 20.43
C ASP O 171 8.86 30.37 19.31
N CYS O 172 8.99 29.90 18.07
CA CYS O 172 8.29 30.39 16.85
C CYS O 172 8.33 29.26 15.81
N PHE O 173 7.17 28.74 15.41
CA PHE O 173 7.03 27.57 14.49
C PHE O 173 7.32 28.02 13.05
N GLU O 174 8.39 27.49 12.46
CA GLU O 174 8.88 27.78 11.07
C GLU O 174 9.13 29.29 10.90
N GLY O 175 9.65 29.94 11.95
CA GLY O 175 9.93 31.39 11.97
C GLY O 175 8.70 32.24 12.22
N ASN O 176 7.46 31.72 12.10
CA ASN O 176 6.23 32.55 12.25
C ASN O 176 5.97 32.75 13.75
N LYS O 177 6.15 33.99 14.23
CA LYS O 177 6.05 34.29 15.69
C LYS O 177 4.57 34.17 16.09
N TYR O 178 3.64 34.58 15.22
CA TYR O 178 2.16 34.54 15.42
C TYR O 178 1.57 33.14 15.21
N SER O 179 2.38 32.07 15.06
CA SER O 179 1.90 30.71 14.67
C SER O 179 0.87 30.28 15.71
N HIS O 180 -0.18 29.58 15.29
CA HIS O 180 -1.15 29.16 16.34
C HIS O 180 -0.42 28.23 17.30
N ALA O 181 0.72 27.66 16.89
CA ALA O 181 1.53 26.72 17.69
C ALA O 181 2.53 27.45 18.61
N SER O 182 2.53 28.80 18.62
CA SER O 182 3.40 29.69 19.45
C SER O 182 2.55 30.71 20.22
N SER O 183 1.24 30.50 20.28
CA SER O 183 0.24 31.51 20.70
C SER O 183 0.40 31.77 22.19
N PHE O 184 0.68 30.72 22.97
CA PHE O 184 0.62 30.76 24.47
C PHE O 184 1.98 31.18 25.06
N ALA O 185 3.07 30.92 24.31
CA ALA O 185 4.41 31.54 24.52
C ALA O 185 4.25 33.06 24.57
N ARG O 186 3.63 33.67 23.54
CA ARG O 186 3.44 35.14 23.43
C ARG O 186 2.61 35.69 24.60
N ILE O 187 1.59 34.95 25.05
CA ILE O 187 0.63 35.42 26.08
C ILE O 187 1.36 35.54 27.43
N MET O 188 2.10 34.50 27.82
CA MET O 188 2.81 34.41 29.11
C MET O 188 3.87 35.53 29.18
N GLU O 189 4.75 35.64 28.17
CA GLU O 189 5.78 36.71 27.98
C GLU O 189 5.20 38.10 28.30
N GLY O 190 4.05 38.47 27.72
CA GLY O 190 3.42 39.79 27.96
C GLY O 190 3.05 40.01 29.42
N GLY O 191 3.07 38.92 30.21
CA GLY O 191 2.57 38.88 31.60
C GLY O 191 1.09 39.19 31.65
N TYR O 192 0.32 38.68 30.68
CA TYR O 192 -1.16 38.84 30.60
C TYR O 192 -1.84 37.71 31.38
N ALA O 193 -1.13 36.61 31.66
CA ALA O 193 -1.64 35.51 32.50
C ALA O 193 -0.77 35.38 33.76
N ARG O 194 -1.40 34.87 34.82
CA ARG O 194 -0.80 34.43 36.11
C ARG O 194 -0.67 32.91 36.10
N ARG O 195 -1.78 32.21 36.35
CA ARG O 195 -1.86 30.76 36.12
C ARG O 195 -2.22 30.49 34.65
N LEU O 196 -1.61 29.48 34.05
CA LEU O 196 -2.05 28.86 32.78
C LEU O 196 -2.21 27.35 32.97
N LEU O 197 -3.44 26.84 32.84
CA LEU O 197 -3.76 25.39 32.91
C LEU O 197 -4.03 24.87 31.49
N GLN O 198 -3.20 23.93 31.04
CA GLN O 198 -3.32 23.22 29.75
C GLN O 198 -3.96 21.85 30.00
N VAL O 199 -5.14 21.59 29.42
CA VAL O 199 -5.93 20.34 29.69
C VAL O 199 -6.27 19.67 28.36
N GLY O 200 -6.05 18.34 28.32
CA GLY O 200 -6.29 17.51 27.11
C GLY O 200 -5.05 17.40 26.25
N ILE O 201 -3.88 17.80 26.78
CA ILE O 201 -2.62 17.71 26.00
C ILE O 201 -2.12 16.30 25.72
N ARG O 202 -1.84 15.96 24.47
CA ARG O 202 -1.47 14.58 24.08
C ARG O 202 -0.53 14.60 22.86
N SER O 203 -0.28 15.78 22.30
CA SER O 203 0.76 15.98 21.26
C SER O 203 1.71 17.09 21.71
N ILE O 204 2.88 16.70 22.24
CA ILE O 204 3.89 17.58 22.90
C ILE O 204 5.31 17.00 22.71
N ASN O 205 6.29 17.86 22.48
CA ASN O 205 7.71 17.47 22.27
C ASN O 205 8.57 18.11 23.36
N GLN O 206 9.84 17.71 23.50
CA GLN O 206 10.56 18.22 24.68
C GLN O 206 10.44 19.76 24.76
N GLU O 207 10.38 20.44 23.62
CA GLU O 207 10.30 21.93 23.64
C GLU O 207 9.05 22.36 24.41
N GLY O 208 7.96 21.62 24.28
CA GLY O 208 6.68 21.98 24.91
C GLY O 208 6.73 21.99 26.42
N ARG O 209 7.32 20.95 27.01
CA ARG O 209 7.54 20.88 28.49
C ARG O 209 8.54 21.96 28.92
N GLU O 210 9.63 22.11 28.15
CA GLU O 210 10.70 23.15 28.36
C GLU O 210 10.02 24.49 28.70
N GLN O 211 9.20 25.00 27.78
CA GLN O 211 8.48 26.30 27.95
C GLN O 211 7.46 26.22 29.09
N GLY O 212 6.76 25.08 29.21
CA GLY O 212 5.73 24.89 30.25
C GLY O 212 6.29 25.15 31.65
N LYS O 213 7.55 24.73 31.89
CA LYS O 213 8.22 24.94 33.19
C LYS O 213 8.68 26.40 33.31
N ARG O 214 9.02 27.09 32.20
CA ARG O 214 9.52 28.48 32.27
C ARG O 214 8.47 29.36 32.95
N PHE O 215 7.22 29.25 32.50
CA PHE O 215 6.15 30.20 32.90
C PHE O 215 5.32 29.60 34.05
N GLY O 216 5.83 28.58 34.72
CA GLY O 216 5.10 27.84 35.78
C GLY O 216 3.75 27.38 35.27
N VAL O 217 3.68 26.93 34.02
CA VAL O 217 2.41 26.47 33.39
C VAL O 217 2.02 25.14 34.02
N GLU O 218 0.76 25.01 34.41
CA GLU O 218 0.17 23.78 34.98
C GLU O 218 -0.42 23.00 33.79
N GLN O 219 0.39 22.07 33.27
CA GLN O 219 0.06 21.24 32.08
C GLN O 219 -0.50 19.90 32.57
N TYR O 220 -1.70 19.53 32.11
CA TYR O 220 -2.37 18.24 32.45
C TYR O 220 -2.45 17.38 31.19
N GLU O 221 -1.60 16.36 31.08
CA GLU O 221 -1.59 15.39 29.95
C GLU O 221 -2.71 14.37 30.15
N MET O 222 -3.33 14.00 29.02
CA MET O 222 -4.37 12.96 28.96
C MET O 222 -3.86 11.66 29.61
N ARG O 223 -2.56 11.32 29.49
CA ARG O 223 -2.04 10.00 29.97
C ARG O 223 -2.12 9.88 31.49
N THR O 224 -2.51 10.95 32.18
CA THR O 224 -2.71 11.00 33.65
C THR O 224 -4.13 11.47 33.95
N PHE O 225 -5.01 11.53 32.94
CA PHE O 225 -6.40 12.05 33.12
C PHE O 225 -7.15 11.18 34.13
N SER O 226 -7.01 9.88 33.99
CA SER O 226 -7.42 8.91 35.05
C SER O 226 -7.28 9.62 36.40
N LYS O 227 -6.06 9.94 36.83
CA LYS O 227 -5.86 10.43 38.21
C LYS O 227 -6.34 11.89 38.36
N ASP O 228 -6.34 12.69 37.30
CA ASP O 228 -6.53 14.16 37.43
C ASP O 228 -8.01 14.58 37.31
N ARG O 229 -8.96 13.66 37.05
CA ARG O 229 -10.38 14.00 36.70
C ARG O 229 -11.07 14.73 37.85
N PRO O 230 -11.15 14.18 39.08
CA PRO O 230 -11.79 14.88 40.20
C PRO O 230 -11.25 16.31 40.45
N MET O 231 -10.00 16.57 40.07
CA MET O 231 -9.34 17.89 40.27
C MET O 231 -9.83 18.86 39.18
N LEU O 232 -9.81 18.44 37.92
CA LEU O 232 -10.27 19.29 36.78
C LEU O 232 -11.77 19.58 36.91
N GLU O 233 -12.53 18.61 37.40
CA GLU O 233 -14.00 18.72 37.54
C GLU O 233 -14.37 19.47 38.83
N ASN O 234 -13.41 20.13 39.50
CA ASN O 234 -13.68 20.99 40.69
C ASN O 234 -12.64 22.12 40.71
N LEU O 235 -12.32 22.66 39.55
CA LEU O 235 -11.37 23.78 39.39
C LEU O 235 -11.96 25.05 40.01
N LYS O 236 -11.09 25.88 40.60
CA LYS O 236 -11.43 27.28 41.02
C LYS O 236 -10.29 28.20 40.62
N LEU O 237 -10.64 29.33 39.96
CA LEU O 237 -9.65 30.34 39.51
C LEU O 237 -10.20 31.74 39.74
N GLY O 238 -9.38 32.76 39.49
CA GLY O 238 -9.78 34.18 39.62
C GLY O 238 -9.65 34.76 41.02
N GLU O 239 -9.23 34.01 42.04
CA GLU O 239 -9.15 34.66 43.38
C GLU O 239 -7.94 35.58 43.40
N GLY O 240 -8.18 36.87 43.59
CA GLY O 240 -7.13 37.90 43.66
C GLY O 240 -6.63 38.42 42.33
N VAL O 241 -7.24 38.07 41.19
CA VAL O 241 -6.71 38.60 39.90
C VAL O 241 -7.80 39.39 39.17
N LYS O 242 -7.60 39.72 37.90
CA LYS O 242 -8.69 40.59 37.33
C LYS O 242 -9.74 39.71 36.66
N GLY O 243 -9.58 38.38 36.74
CA GLY O 243 -10.59 37.42 36.28
C GLY O 243 -9.98 36.21 35.59
N VAL O 244 -10.88 35.47 34.93
CA VAL O 244 -10.65 34.16 34.25
C VAL O 244 -10.96 34.21 32.74
N TYR O 245 -10.06 33.66 31.93
CA TYR O 245 -10.17 33.51 30.46
C TYR O 245 -10.06 32.03 30.10
N ILE O 246 -10.95 31.56 29.20
CA ILE O 246 -11.03 30.13 28.79
C ILE O 246 -10.80 30.05 27.28
N SER O 247 -9.63 29.56 26.83
CA SER O 247 -9.40 29.24 25.40
C SER O 247 -9.70 27.75 25.14
N ILE O 248 -10.66 27.43 24.27
CA ILE O 248 -11.02 26.04 23.88
C ILE O 248 -10.66 25.80 22.40
N ASP O 249 -9.68 24.93 22.23
CA ASP O 249 -9.36 24.38 20.91
C ASP O 249 -10.29 23.17 20.82
N VAL O 250 -10.98 23.01 19.71
CA VAL O 250 -12.02 21.96 19.54
C VAL O 250 -11.33 20.59 19.53
N ASP O 251 -10.04 20.54 19.20
CA ASP O 251 -9.29 19.26 19.17
C ASP O 251 -8.86 18.83 20.57
N CYS O 252 -9.25 19.58 21.62
CA CYS O 252 -9.21 19.07 23.02
C CYS O 252 -10.07 17.79 23.00
N LEU O 253 -11.19 17.84 22.26
CA LEU O 253 -12.11 16.72 22.07
C LEU O 253 -11.45 15.61 21.24
N ASP O 254 -11.69 14.36 21.62
CA ASP O 254 -11.27 13.20 20.80
C ASP O 254 -11.85 13.44 19.42
N PRO O 255 -11.13 13.12 18.35
CA PRO O 255 -11.70 13.22 17.00
C PRO O 255 -13.03 12.45 16.78
N ALA O 256 -13.35 11.43 17.58
CA ALA O 256 -14.67 10.77 17.54
C ALA O 256 -15.81 11.82 17.66
N PHE O 257 -15.61 12.83 18.53
CA PHE O 257 -16.60 13.86 18.93
C PHE O 257 -16.46 15.06 17.99
N ALA O 258 -15.22 15.35 17.60
CA ALA O 258 -14.84 16.54 16.83
C ALA O 258 -13.84 16.20 15.73
N PRO O 259 -14.29 15.60 14.62
CA PRO O 259 -13.40 15.32 13.49
C PRO O 259 -13.09 16.57 12.69
N GLY O 260 -13.93 17.59 12.81
CA GLY O 260 -13.77 18.82 12.02
C GLY O 260 -12.68 19.70 12.57
N VAL O 261 -11.44 19.24 12.54
CA VAL O 261 -10.23 19.97 13.00
C VAL O 261 -9.13 19.72 11.96
N SER O 262 -8.09 20.56 11.97
CA SER O 262 -6.95 20.37 11.03
C SER O 262 -6.00 19.34 11.62
N HIS O 263 -6.10 19.06 12.92
CA HIS O 263 -5.16 18.13 13.58
C HIS O 263 -5.89 16.98 14.31
N ILE O 264 -6.06 15.84 13.63
CA ILE O 264 -6.64 14.62 14.25
C ILE O 264 -5.66 14.06 15.29
N GLU O 265 -6.04 14.06 16.57
CA GLU O 265 -5.18 13.57 17.66
C GLU O 265 -5.95 12.59 18.55
N PRO O 266 -5.89 11.28 18.23
CA PRO O 266 -6.62 10.27 18.99
C PRO O 266 -6.31 10.22 20.50
N GLY O 267 -7.34 9.97 21.30
CA GLY O 267 -7.28 9.80 22.75
C GLY O 267 -7.58 11.07 23.51
N GLY O 268 -8.60 11.80 23.12
CA GLY O 268 -8.92 13.11 23.69
C GLY O 268 -10.09 13.04 24.65
N LEU O 269 -10.61 14.19 25.03
CA LEU O 269 -11.71 14.31 26.02
C LEU O 269 -13.03 14.04 25.29
N SER O 270 -14.04 13.54 25.99
CA SER O 270 -15.43 13.49 25.47
C SER O 270 -16.03 14.90 25.61
N PHE O 271 -17.18 15.16 24.97
CA PHE O 271 -17.90 16.45 25.13
C PHE O 271 -18.43 16.55 26.58
N ARG O 272 -18.99 15.46 27.11
CA ARG O 272 -19.48 15.46 28.51
C ARG O 272 -18.31 15.83 29.43
N ASP O 273 -17.11 15.28 29.19
CA ASP O 273 -15.89 15.54 30.00
C ASP O 273 -15.63 17.05 30.11
N VAL O 274 -15.64 17.75 28.97
CA VAL O 274 -15.45 19.21 28.85
C VAL O 274 -16.55 19.93 29.61
N LEU O 275 -17.83 19.54 29.45
CA LEU O 275 -18.93 20.25 30.16
C LEU O 275 -18.85 20.03 31.67
N ASN O 276 -18.36 18.89 32.12
CA ASN O 276 -18.18 18.65 33.57
C ASN O 276 -17.18 19.70 34.04
N ILE O 277 -16.08 19.89 33.31
CA ILE O 277 -15.06 20.89 33.71
C ILE O 277 -15.72 22.28 33.71
N LEU O 278 -16.40 22.68 32.65
CA LEU O 278 -16.92 24.07 32.51
C LEU O 278 -18.05 24.37 33.50
N HIS O 279 -19.00 23.45 33.67
CA HIS O 279 -20.14 23.65 34.60
C HIS O 279 -19.63 23.83 36.04
N ASN O 280 -18.52 23.17 36.42
CA ASN O 280 -18.07 22.99 37.84
C ASN O 280 -16.93 23.98 38.20
N LEU O 281 -16.15 24.46 37.22
CA LEU O 281 -15.21 25.61 37.34
C LEU O 281 -15.89 26.79 38.04
N GLN O 282 -15.32 27.19 39.18
CA GLN O 282 -15.71 28.42 39.91
C GLN O 282 -14.81 29.50 39.31
N ALA O 283 -15.42 30.59 38.85
CA ALA O 283 -14.69 31.70 38.18
C ALA O 283 -15.64 32.87 37.84
N ASP O 284 -15.12 34.09 38.04
CA ASP O 284 -15.55 35.31 37.31
C ASP O 284 -14.89 35.21 35.95
N VAL O 285 -15.62 34.62 34.99
CA VAL O 285 -15.15 34.50 33.59
C VAL O 285 -15.34 35.88 32.98
N VAL O 286 -14.27 36.40 32.40
CA VAL O 286 -14.20 37.80 31.86
C VAL O 286 -14.15 37.78 30.33
N GLY O 287 -13.76 36.65 29.73
CA GLY O 287 -13.80 36.39 28.27
C GLY O 287 -13.43 34.97 27.92
N ALA O 288 -13.55 34.57 26.65
CA ALA O 288 -13.23 33.19 26.19
C ALA O 288 -13.17 33.12 24.67
N ASP O 289 -12.55 32.06 24.14
CA ASP O 289 -12.57 31.71 22.69
C ASP O 289 -12.89 30.23 22.46
N VAL O 290 -13.45 29.94 21.30
CA VAL O 290 -13.58 28.59 20.69
C VAL O 290 -12.89 28.67 19.34
N VAL O 291 -11.82 27.91 19.13
CA VAL O 291 -10.93 28.04 17.94
C VAL O 291 -10.70 26.66 17.32
N GLU O 292 -10.07 26.67 16.13
CA GLU O 292 -9.58 25.49 15.37
C GLU O 292 -10.68 24.60 14.80
N PHE O 293 -11.93 25.01 14.93
CA PHE O 293 -13.02 24.34 14.17
C PHE O 293 -12.74 24.55 12.69
N ASN O 294 -12.57 23.45 11.96
CA ASN O 294 -12.27 23.42 10.51
C ASN O 294 -13.43 22.82 9.75
N PRO O 295 -14.36 23.64 9.19
CA PRO O 295 -15.53 23.11 8.52
C PRO O 295 -15.18 22.22 7.32
N GLN O 296 -14.07 22.45 6.65
CA GLN O 296 -13.68 21.64 5.45
C GLN O 296 -13.32 20.20 5.90
N ARG O 297 -13.08 20.00 7.20
CA ARG O 297 -12.76 18.64 7.72
C ARG O 297 -13.96 18.07 8.48
N ASP O 298 -15.11 18.72 8.40
CA ASP O 298 -16.29 18.32 9.19
C ASP O 298 -17.06 17.23 8.43
N THR O 299 -17.90 16.46 9.12
CA THR O 299 -18.87 15.54 8.52
C THR O 299 -19.75 16.34 7.57
N VAL O 300 -20.46 15.65 6.66
CA VAL O 300 -21.33 16.30 5.65
C VAL O 300 -22.50 17.03 6.36
N ASP O 301 -22.89 16.60 7.55
CA ASP O 301 -24.06 17.12 8.30
C ASP O 301 -23.65 18.18 9.33
N GLY O 302 -22.35 18.41 9.53
CA GLY O 302 -21.88 19.54 10.37
C GLY O 302 -21.87 19.22 11.84
N MET O 303 -21.46 18.00 12.21
CA MET O 303 -21.47 17.55 13.62
C MET O 303 -20.53 18.45 14.43
N THR O 304 -19.35 18.76 13.89
CA THR O 304 -18.38 19.61 14.61
C THR O 304 -18.92 21.04 14.70
N ALA O 305 -19.73 21.48 13.74
CA ALA O 305 -20.38 22.82 13.85
C ALA O 305 -21.28 22.84 15.10
N MET O 306 -22.04 21.77 15.33
CA MET O 306 -22.92 21.62 16.51
C MET O 306 -22.09 21.59 17.79
N VAL O 307 -20.94 20.90 17.76
CA VAL O 307 -19.99 20.79 18.90
C VAL O 307 -19.54 22.21 19.27
N ALA O 308 -19.01 22.95 18.30
CA ALA O 308 -18.57 24.35 18.49
C ALA O 308 -19.74 25.19 19.00
N ALA O 309 -20.88 25.15 18.33
CA ALA O 309 -22.06 25.95 18.76
C ALA O 309 -22.42 25.65 20.23
N LYS O 310 -22.30 24.41 20.68
CA LYS O 310 -22.73 24.04 22.06
C LYS O 310 -21.69 24.49 23.12
N LEU O 311 -20.40 24.34 22.84
CA LEU O 311 -19.32 25.00 23.64
C LEU O 311 -19.59 26.50 23.76
N VAL O 312 -19.80 27.16 22.63
CA VAL O 312 -20.12 28.61 22.66
C VAL O 312 -21.29 28.82 23.63
N ARG O 313 -22.35 28.04 23.50
CA ARG O 313 -23.61 28.32 24.22
C ARG O 313 -23.37 28.15 25.74
N GLU O 314 -22.67 27.09 26.13
CA GLU O 314 -22.41 26.79 27.56
C GLU O 314 -21.48 27.86 28.11
N LEU O 315 -20.55 28.37 27.30
CA LEU O 315 -19.65 29.48 27.73
C LEU O 315 -20.48 30.76 27.96
N ALA O 316 -21.36 31.09 27.04
CA ALA O 316 -22.31 32.22 27.17
C ALA O 316 -23.07 32.11 28.50
N ALA O 317 -23.55 30.93 28.89
CA ALA O 317 -24.36 30.73 30.13
C ALA O 317 -23.52 31.02 31.38
N LYS O 318 -22.24 30.68 31.29
CA LYS O 318 -21.27 30.79 32.40
C LYS O 318 -20.92 32.27 32.62
N ILE O 319 -20.68 32.96 31.51
CA ILE O 319 -20.23 34.37 31.47
C ILE O 319 -21.40 35.30 31.83
N SER O 320 -22.53 35.15 31.13
CA SER O 320 -23.73 36.00 31.38
C SER O 320 -24.25 35.82 32.81
N LYS O 321 -24.65 36.91 33.45
CA LYS O 321 -25.19 36.87 34.84
C LYS O 321 -25.69 38.26 35.22
N SER P 6 28.72 5.93 -1.09
CA SER P 6 30.05 5.29 -1.02
C SER P 6 29.88 3.77 -0.98
N SER P 7 29.83 3.19 0.23
CA SER P 7 29.37 1.79 0.51
C SER P 7 27.84 1.72 0.47
N ILE P 8 27.12 2.78 0.85
CA ILE P 8 25.62 2.74 0.91
C ILE P 8 25.05 2.82 -0.52
N GLU P 9 25.85 3.27 -1.49
CA GLU P 9 25.47 3.31 -2.94
C GLU P 9 25.23 1.87 -3.39
N LYS P 10 26.06 0.94 -2.88
CA LYS P 10 26.11 -0.48 -3.33
C LYS P 10 25.04 -1.29 -2.58
N GLY P 11 24.74 -0.98 -1.32
CA GLY P 11 23.62 -1.61 -0.58
C GLY P 11 22.27 -1.23 -1.20
N GLN P 12 22.14 0.02 -1.58
CA GLN P 12 20.98 0.49 -2.37
C GLN P 12 20.84 -0.38 -3.63
N ASN P 13 21.96 -0.78 -4.27
CA ASN P 13 22.00 -1.54 -5.55
C ASN P 13 21.60 -2.99 -5.26
N ARG P 14 21.85 -3.45 -4.02
CA ARG P 14 21.32 -4.74 -3.51
C ARG P 14 19.78 -4.70 -3.55
N VAL P 15 19.19 -3.67 -2.95
CA VAL P 15 17.71 -3.52 -2.90
C VAL P 15 17.17 -3.39 -4.33
N ILE P 16 17.81 -2.60 -5.19
CA ILE P 16 17.39 -2.41 -6.61
C ILE P 16 17.43 -3.76 -7.35
N ASP P 17 18.54 -4.47 -7.30
CA ASP P 17 18.71 -5.75 -8.05
C ASP P 17 17.72 -6.82 -7.56
N ALA P 18 17.41 -6.89 -6.26
CA ALA P 18 16.37 -7.80 -5.74
C ALA P 18 15.00 -7.38 -6.27
N SER P 19 14.74 -6.06 -6.35
CA SER P 19 13.48 -5.47 -6.86
C SER P 19 13.27 -5.88 -8.31
N LEU P 20 14.29 -5.70 -9.15
CA LEU P 20 14.26 -5.99 -10.61
C LEU P 20 14.17 -7.52 -10.83
N THR P 21 14.87 -8.29 -10.00
CA THR P 21 14.74 -9.78 -9.92
C THR P 21 13.27 -10.16 -9.77
N LEU P 22 12.61 -9.62 -8.75
CA LEU P 22 11.18 -9.89 -8.47
C LEU P 22 10.33 -9.70 -9.74
N ILE P 23 10.51 -8.56 -10.43
CA ILE P 23 9.75 -8.26 -11.67
C ILE P 23 10.11 -9.27 -12.77
N ARG P 24 11.39 -9.59 -12.93
CA ARG P 24 11.85 -10.49 -14.01
C ARG P 24 11.27 -11.90 -13.82
N GLU P 25 11.30 -12.41 -12.59
CA GLU P 25 10.74 -13.77 -12.33
C GLU P 25 9.24 -13.76 -12.60
N ARG P 26 8.56 -12.70 -12.17
CA ARG P 26 7.09 -12.60 -12.36
C ARG P 26 6.78 -12.55 -13.86
N ALA P 27 7.55 -11.76 -14.62
CA ALA P 27 7.35 -11.65 -16.08
C ALA P 27 7.59 -13.01 -16.75
N LYS P 28 8.59 -13.75 -16.28
CA LYS P 28 8.92 -15.08 -16.86
C LYS P 28 7.71 -16.00 -16.72
N LEU P 29 7.06 -16.01 -15.56
CA LEU P 29 5.88 -16.89 -15.37
C LEU P 29 4.76 -16.46 -16.33
N LYS P 30 4.57 -15.15 -16.51
CA LYS P 30 3.52 -14.62 -17.43
C LYS P 30 3.87 -14.98 -18.87
N GLY P 31 5.08 -14.64 -19.30
CA GLY P 31 5.58 -15.00 -20.65
C GLY P 31 5.31 -16.47 -21.00
N GLU P 32 5.68 -17.36 -20.08
CA GLU P 32 5.59 -18.83 -20.29
C GLU P 32 4.14 -19.24 -20.43
N LEU P 33 3.28 -18.69 -19.57
CA LEU P 33 1.83 -18.98 -19.59
C LEU P 33 1.23 -18.56 -20.93
N VAL P 34 1.63 -17.39 -21.45
CA VAL P 34 1.13 -16.84 -22.74
C VAL P 34 1.60 -17.72 -23.91
N ARG P 35 2.88 -18.11 -23.89
CA ARG P 35 3.51 -18.92 -24.97
C ARG P 35 2.89 -20.32 -24.95
N LEU P 36 2.71 -20.91 -23.76
CA LEU P 36 2.06 -22.25 -23.60
C LEU P 36 0.67 -22.25 -24.24
N LEU P 37 -0.08 -21.16 -24.15
CA LEU P 37 -1.45 -21.10 -24.76
C LEU P 37 -1.30 -20.90 -26.27
N GLY P 38 -0.27 -20.20 -26.73
CA GLY P 38 0.06 -20.04 -28.17
C GLY P 38 -0.88 -19.09 -28.91
N GLY P 39 -0.43 -18.63 -30.10
CA GLY P 39 -1.22 -17.87 -31.08
C GLY P 39 -1.55 -16.47 -30.57
N ALA P 40 -0.53 -15.67 -30.26
CA ALA P 40 -0.70 -14.23 -29.93
C ALA P 40 0.48 -13.43 -30.47
N LYS P 41 0.17 -12.36 -31.20
CA LYS P 41 1.18 -11.39 -31.68
C LYS P 41 1.56 -10.49 -30.50
N ALA P 42 0.66 -10.31 -29.53
CA ALA P 42 0.87 -9.30 -28.46
C ALA P 42 -0.02 -9.60 -27.27
N SER P 43 0.54 -9.43 -26.08
CA SER P 43 -0.22 -9.70 -24.84
C SER P 43 0.06 -8.58 -23.83
N THR P 44 -0.98 -7.83 -23.52
CA THR P 44 -0.91 -6.77 -22.51
C THR P 44 -0.49 -7.41 -21.17
N SER P 45 0.49 -6.83 -20.50
CA SER P 45 0.91 -7.22 -19.14
C SER P 45 0.97 -5.93 -18.31
N LEU P 46 0.27 -5.89 -17.19
CA LEU P 46 0.22 -4.69 -16.34
C LEU P 46 1.51 -4.58 -15.53
N LEU P 47 2.05 -3.38 -15.45
CA LEU P 47 3.19 -3.08 -14.56
C LEU P 47 2.82 -1.87 -13.74
N GLY P 48 2.74 -2.04 -12.43
CA GLY P 48 2.41 -0.93 -11.53
C GLY P 48 3.65 -0.14 -11.14
N VAL P 49 3.53 1.19 -11.08
CA VAL P 49 4.59 2.11 -10.59
C VAL P 49 3.96 3.00 -9.53
N PRO P 50 3.89 2.54 -8.27
CA PRO P 50 3.22 3.29 -7.20
C PRO P 50 4.09 4.47 -6.73
N LEU P 51 4.22 5.46 -7.60
CA LEU P 51 5.10 6.62 -7.34
C LEU P 51 4.20 7.87 -7.35
N GLY P 52 4.25 8.68 -6.29
CA GLY P 52 3.53 9.96 -6.30
C GLY P 52 4.37 11.17 -5.89
N HIS P 53 5.66 11.06 -5.57
CA HIS P 53 6.38 12.23 -4.99
C HIS P 53 6.85 13.28 -6.01
N ASN P 54 6.53 13.17 -7.30
CA ASN P 54 6.86 14.18 -8.34
C ASN P 54 5.60 15.03 -8.61
N SER P 55 4.53 14.77 -7.86
CA SER P 55 3.27 15.54 -7.93
C SER P 55 3.47 16.92 -7.32
N SER P 56 2.76 17.91 -7.86
CA SER P 56 2.84 19.33 -7.49
C SER P 56 1.86 19.67 -6.39
N PHE P 57 0.82 18.86 -6.19
CA PHE P 57 -0.29 19.24 -5.27
C PHE P 57 -0.56 18.13 -4.26
N LEU P 58 -0.92 16.92 -4.70
CA LEU P 58 -1.18 15.72 -3.83
C LEU P 58 -0.46 14.49 -4.40
N GLN P 59 0.00 13.64 -3.48
CA GLN P 59 0.82 12.44 -3.75
C GLN P 59 -0.05 11.15 -3.84
N GLY P 60 -1.38 11.27 -3.81
CA GLY P 60 -2.32 10.16 -3.68
C GLY P 60 -2.16 9.11 -4.78
N PRO P 61 -1.74 9.45 -6.04
CA PRO P 61 -1.51 8.44 -7.07
C PRO P 61 -0.51 7.33 -6.69
N ALA P 62 0.36 7.52 -5.72
CA ALA P 62 1.22 6.42 -5.23
C ALA P 62 0.36 5.20 -4.85
N PHE P 63 -0.94 5.37 -4.54
CA PHE P 63 -1.82 4.27 -4.04
C PHE P 63 -2.69 3.69 -5.15
N ALA P 64 -2.69 4.27 -6.34
CA ALA P 64 -3.64 3.91 -7.42
C ALA P 64 -3.52 2.43 -7.81
N PRO P 65 -2.32 1.87 -8.08
CA PRO P 65 -2.27 0.61 -8.80
C PRO P 65 -3.00 -0.56 -8.11
N PRO P 66 -2.89 -0.76 -6.78
CA PRO P 66 -3.66 -1.82 -6.15
C PRO P 66 -5.19 -1.58 -6.21
N ARG P 67 -5.65 -0.32 -6.12
CA ARG P 67 -7.08 0.00 -6.28
C ARG P 67 -7.55 -0.28 -7.70
N ILE P 68 -6.74 -0.04 -8.71
CA ILE P 68 -7.16 -0.28 -10.12
C ILE P 68 -7.33 -1.78 -10.31
N ARG P 69 -6.38 -2.59 -9.85
CA ARG P 69 -6.45 -4.07 -9.93
C ARG P 69 -7.76 -4.58 -9.32
N GLU P 70 -8.11 -4.14 -8.11
CA GLU P 70 -9.37 -4.54 -7.42
C GLU P 70 -10.58 -4.20 -8.33
N ALA P 71 -10.59 -3.03 -8.97
CA ALA P 71 -11.72 -2.57 -9.78
C ALA P 71 -11.81 -3.39 -11.06
N ILE P 72 -10.69 -3.86 -11.60
CA ILE P 72 -10.74 -4.66 -12.85
C ILE P 72 -11.48 -5.97 -12.60
N TRP P 73 -11.24 -6.60 -11.46
CA TRP P 73 -11.77 -7.95 -11.11
C TRP P 73 -12.99 -7.84 -10.20
N CYS P 74 -13.55 -6.64 -10.02
CA CYS P 74 -14.69 -6.41 -9.11
C CYS P 74 -15.80 -7.39 -9.47
N GLY P 75 -16.36 -8.07 -8.46
CA GLY P 75 -17.54 -8.95 -8.58
C GLY P 75 -18.72 -8.33 -9.32
N SER P 76 -18.83 -6.99 -9.36
CA SER P 76 -19.95 -6.27 -10.03
C SER P 76 -19.81 -6.29 -11.58
N THR P 77 -18.63 -6.57 -12.12
CA THR P 77 -18.28 -6.50 -13.57
C THR P 77 -18.28 -7.90 -14.19
N ASN P 78 -18.27 -8.02 -15.52
CA ASN P 78 -17.84 -9.29 -16.17
C ASN P 78 -16.47 -9.04 -16.79
N SER P 79 -15.86 -10.13 -17.27
CA SER P 79 -14.43 -10.17 -17.70
C SER P 79 -14.32 -9.86 -19.19
N ALA P 80 -15.38 -9.37 -19.85
CA ALA P 80 -15.38 -9.13 -21.32
C ALA P 80 -15.23 -7.63 -21.56
N THR P 81 -14.44 -7.22 -22.52
CA THR P 81 -14.27 -5.78 -22.84
C THR P 81 -15.46 -5.42 -23.74
N GLU P 82 -15.60 -4.14 -24.04
CA GLU P 82 -16.76 -3.66 -24.82
C GLU P 82 -16.78 -4.35 -26.19
N GLU P 83 -15.59 -4.57 -26.76
CA GLU P 83 -15.39 -5.22 -28.09
C GLU P 83 -15.55 -6.75 -28.01
N GLY P 84 -15.50 -7.32 -26.81
CA GLY P 84 -15.75 -8.76 -26.60
C GLY P 84 -14.48 -9.54 -26.30
N LYS P 85 -13.34 -8.91 -25.99
CA LYS P 85 -12.12 -9.62 -25.55
C LYS P 85 -12.37 -10.16 -24.14
N GLU P 86 -11.78 -11.31 -23.83
CA GLU P 86 -11.92 -12.04 -22.54
C GLU P 86 -10.70 -11.80 -21.65
N LEU P 87 -10.87 -11.09 -20.53
CA LEU P 87 -9.75 -10.63 -19.68
C LEU P 87 -9.10 -11.79 -18.88
N LYS P 88 -9.76 -12.94 -18.72
CA LYS P 88 -9.19 -14.08 -17.96
C LYS P 88 -8.24 -14.89 -18.85
N ASP P 89 -8.25 -14.63 -20.16
CA ASP P 89 -7.25 -15.18 -21.14
C ASP P 89 -5.93 -14.44 -20.92
N PRO P 90 -4.88 -15.12 -20.42
CA PRO P 90 -3.55 -14.51 -20.31
C PRO P 90 -3.01 -13.86 -21.60
N ARG P 91 -3.43 -14.34 -22.78
CA ARG P 91 -2.97 -13.76 -24.07
C ARG P 91 -3.55 -12.34 -24.27
N VAL P 92 -4.67 -12.06 -23.58
CA VAL P 92 -5.38 -10.75 -23.51
C VAL P 92 -4.84 -9.92 -22.34
N LEU P 93 -4.60 -10.50 -21.16
CA LEU P 93 -4.09 -9.69 -20.02
C LEU P 93 -3.33 -10.58 -19.06
N THR P 94 -2.14 -10.16 -18.66
CA THR P 94 -1.45 -10.65 -17.45
C THR P 94 -1.06 -9.43 -16.61
N ASP P 95 -0.50 -9.71 -15.45
CA ASP P 95 -0.13 -8.70 -14.45
C ASP P 95 1.22 -9.12 -13.90
N VAL P 96 2.25 -8.28 -14.07
CA VAL P 96 3.59 -8.61 -13.52
C VAL P 96 3.76 -7.90 -12.17
N GLY P 97 2.68 -7.36 -11.63
CA GLY P 97 2.74 -6.73 -10.30
C GLY P 97 3.31 -5.32 -10.31
N ASP P 98 3.74 -4.85 -9.13
CA ASP P 98 4.23 -3.46 -8.97
C ASP P 98 5.71 -3.36 -8.65
N VAL P 99 6.36 -2.36 -9.24
CA VAL P 99 7.74 -1.91 -8.88
C VAL P 99 7.72 -1.48 -7.42
N PRO P 100 8.60 -1.97 -6.53
CA PRO P 100 8.56 -1.59 -5.13
C PRO P 100 9.25 -0.24 -4.92
N VAL P 101 8.57 0.81 -5.35
CA VAL P 101 9.08 2.21 -5.46
C VAL P 101 9.44 2.71 -4.06
N GLN P 102 8.50 2.61 -3.12
CA GLN P 102 8.60 3.22 -1.77
C GLN P 102 9.80 2.61 -1.03
N GLU P 103 10.10 1.32 -1.30
CA GLU P 103 11.18 0.54 -0.66
C GLU P 103 12.51 1.06 -1.20
N ILE P 104 12.59 1.31 -2.50
CA ILE P 104 13.76 1.90 -3.21
C ILE P 104 13.99 3.31 -2.69
N ARG P 105 12.94 4.11 -2.50
CA ARG P 105 13.04 5.49 -1.97
C ARG P 105 13.49 5.46 -0.52
N ASP P 106 12.98 4.53 0.30
CA ASP P 106 13.24 4.57 1.77
C ASP P 106 14.71 4.28 2.07
N CYS P 107 15.41 3.57 1.19
CA CYS P 107 16.86 3.30 1.40
C CYS P 107 17.70 4.40 0.74
N GLY P 108 17.06 5.43 0.15
CA GLY P 108 17.65 6.75 -0.18
C GLY P 108 18.17 6.86 -1.62
N VAL P 109 17.65 6.08 -2.56
CA VAL P 109 18.06 6.11 -3.98
C VAL P 109 17.54 7.42 -4.58
N ASP P 110 18.35 8.13 -5.34
CA ASP P 110 18.05 9.44 -5.96
C ASP P 110 17.04 9.20 -7.08
N ASP P 111 16.41 10.26 -7.58
CA ASP P 111 15.35 10.10 -8.59
C ASP P 111 15.96 9.59 -9.89
N ASP P 112 17.17 10.00 -10.26
CA ASP P 112 17.83 9.51 -11.49
C ASP P 112 17.78 7.97 -11.50
N ARG P 113 18.37 7.33 -10.49
CA ARG P 113 18.43 5.85 -10.40
C ARG P 113 17.04 5.23 -10.28
N LEU P 114 16.11 5.88 -9.56
CA LEU P 114 14.72 5.38 -9.44
C LEU P 114 14.04 5.33 -10.80
N MET P 115 14.20 6.37 -11.62
CA MET P 115 13.51 6.40 -12.94
C MET P 115 14.23 5.41 -13.89
N ASN P 116 15.51 5.13 -13.65
CA ASN P 116 16.21 4.06 -14.42
C ASN P 116 15.60 2.70 -14.06
N VAL P 117 15.33 2.49 -12.78
CA VAL P 117 14.73 1.22 -12.26
C VAL P 117 13.39 1.02 -12.94
N ILE P 118 12.61 2.09 -13.03
CA ILE P 118 11.29 2.01 -13.69
C ILE P 118 11.53 1.66 -15.15
N SER P 119 12.49 2.31 -15.80
CA SER P 119 12.81 2.05 -17.23
C SER P 119 13.19 0.58 -17.39
N GLU P 120 14.00 0.03 -16.50
CA GLU P 120 14.53 -1.36 -16.61
C GLU P 120 13.36 -2.34 -16.43
N SER P 121 12.47 -2.06 -15.47
CA SER P 121 11.25 -2.85 -15.17
C SER P 121 10.40 -2.97 -16.46
N VAL P 122 10.13 -1.86 -17.12
CA VAL P 122 9.44 -1.88 -18.44
C VAL P 122 10.24 -2.77 -19.40
N LYS P 123 11.57 -2.72 -19.41
CA LYS P 123 12.31 -3.53 -20.41
C LYS P 123 12.17 -5.01 -20.07
N LEU P 124 12.14 -5.37 -18.77
CA LEU P 124 11.98 -6.77 -18.28
C LEU P 124 10.68 -7.39 -18.82
N VAL P 125 9.63 -6.59 -18.94
CA VAL P 125 8.32 -7.05 -19.48
C VAL P 125 8.49 -7.29 -20.97
N MET P 126 8.97 -6.28 -21.69
CA MET P 126 9.09 -6.29 -23.18
C MET P 126 9.98 -7.44 -23.63
N GLU P 127 10.97 -7.85 -22.84
CA GLU P 127 11.90 -8.97 -23.17
C GLU P 127 11.17 -10.32 -23.14
N GLU P 128 10.07 -10.45 -22.39
CA GLU P 128 9.29 -11.71 -22.38
C GLU P 128 8.28 -11.65 -23.52
N GLU P 129 8.60 -12.09 -24.72
CA GLU P 129 7.67 -11.85 -25.85
C GLU P 129 6.57 -12.91 -25.77
N PRO P 130 5.31 -12.59 -26.17
CA PRO P 130 4.98 -11.32 -26.83
C PRO P 130 4.36 -10.27 -25.89
N LEU P 131 4.92 -10.08 -24.69
CA LEU P 131 4.27 -9.15 -23.73
C LEU P 131 4.51 -7.70 -24.18
N ARG P 132 3.49 -6.82 -24.01
CA ARG P 132 3.61 -5.36 -24.18
C ARG P 132 3.12 -4.68 -22.90
N PRO P 133 3.86 -3.70 -22.37
CA PRO P 133 3.53 -3.10 -21.08
C PRO P 133 2.36 -2.12 -21.11
N LEU P 134 1.51 -2.24 -20.11
CA LEU P 134 0.46 -1.25 -19.79
C LEU P 134 0.71 -0.88 -18.35
N VAL P 135 1.24 0.32 -18.15
CA VAL P 135 1.72 0.82 -16.84
C VAL P 135 0.56 1.52 -16.10
N LEU P 136 0.31 1.05 -14.88
CA LEU P 136 -0.56 1.71 -13.85
C LEU P 136 0.27 2.74 -13.06
N GLY P 137 -0.04 4.02 -13.21
CA GLY P 137 0.52 5.04 -12.32
C GLY P 137 -0.23 5.06 -11.01
N GLY P 138 0.20 5.90 -10.07
CA GLY P 138 1.38 6.71 -10.27
C GLY P 138 1.06 8.08 -10.88
N ASP P 139 1.88 9.07 -10.55
CA ASP P 139 1.79 10.41 -11.15
C ASP P 139 2.44 10.41 -12.53
N HIS P 140 2.26 11.51 -13.25
CA HIS P 140 2.60 11.56 -14.69
C HIS P 140 4.12 11.60 -14.90
N SER P 141 4.94 11.79 -13.87
CA SER P 141 6.43 11.69 -14.00
C SER P 141 6.84 10.35 -14.63
N ILE P 142 6.08 9.29 -14.37
CA ILE P 142 6.53 7.91 -14.72
C ILE P 142 6.57 7.78 -16.24
N SER P 143 5.82 8.61 -16.99
CA SER P 143 5.66 8.42 -18.45
C SER P 143 7.00 8.58 -19.14
N TYR P 144 7.88 9.47 -18.67
CA TYR P 144 9.21 9.70 -19.29
C TYR P 144 10.00 8.37 -19.30
N PRO P 145 10.34 7.75 -18.14
CA PRO P 145 11.07 6.48 -18.16
C PRO P 145 10.32 5.36 -18.89
N VAL P 146 8.99 5.34 -18.82
CA VAL P 146 8.28 4.28 -19.56
C VAL P 146 8.51 4.47 -21.07
N VAL P 147 8.32 5.68 -21.60
CA VAL P 147 8.42 5.95 -23.06
C VAL P 147 9.90 5.86 -23.47
N ARG P 148 10.85 6.23 -22.61
CA ARG P 148 12.31 6.05 -22.86
C ARG P 148 12.60 4.56 -23.10
N ALA P 149 12.08 3.71 -22.22
CA ALA P 149 12.29 2.25 -22.20
C ALA P 149 11.71 1.68 -23.49
N VAL P 150 10.49 2.04 -23.84
CA VAL P 150 9.78 1.49 -25.03
C VAL P 150 10.53 1.87 -26.32
N SER P 151 10.83 3.16 -26.52
CA SER P 151 11.59 3.68 -27.68
C SER P 151 12.97 3.05 -27.76
N GLU P 152 13.76 3.04 -26.68
CA GLU P 152 15.13 2.47 -26.70
C GLU P 152 15.04 1.00 -27.11
N LYS P 153 14.08 0.26 -26.56
CA LYS P 153 13.98 -1.20 -26.77
C LYS P 153 13.55 -1.49 -28.21
N LEU P 154 12.55 -0.77 -28.73
CA LEU P 154 12.13 -0.95 -30.13
C LEU P 154 13.16 -0.36 -31.10
N GLY P 155 14.09 0.49 -30.63
CA GLY P 155 15.23 1.06 -31.37
C GLY P 155 14.84 2.25 -32.27
N GLY P 156 13.85 3.05 -31.89
CA GLY P 156 13.26 4.05 -32.78
C GLY P 156 12.11 4.85 -32.15
N PRO P 157 11.74 5.98 -32.77
CA PRO P 157 10.65 6.82 -32.29
C PRO P 157 9.27 6.16 -32.39
N VAL P 158 8.34 6.64 -31.59
CA VAL P 158 6.90 6.28 -31.71
C VAL P 158 6.05 7.56 -31.88
N ASP P 159 4.83 7.44 -32.38
CA ASP P 159 3.80 8.51 -32.26
C ASP P 159 3.11 8.33 -30.91
N ILE P 160 2.84 9.43 -30.23
CA ILE P 160 2.17 9.43 -28.88
C ILE P 160 0.81 10.12 -28.96
N LEU P 161 -0.18 9.49 -28.35
CA LEU P 161 -1.45 10.12 -28.02
C LEU P 161 -1.43 10.33 -26.50
N HIS P 162 -1.47 11.60 -26.08
CA HIS P 162 -1.45 12.00 -24.66
C HIS P 162 -2.81 12.65 -24.35
N LEU P 163 -3.60 11.96 -23.54
CA LEU P 163 -4.93 12.41 -23.08
C LEU P 163 -4.77 12.99 -21.68
N ASP P 164 -5.05 14.27 -21.53
CA ASP P 164 -4.71 15.03 -20.31
C ASP P 164 -5.39 16.39 -20.36
N ALA P 165 -5.80 16.92 -19.21
CA ALA P 165 -6.23 18.34 -19.11
C ALA P 165 -4.99 19.26 -19.22
N HIS P 166 -3.80 18.72 -19.00
CA HIS P 166 -2.57 19.53 -18.88
C HIS P 166 -1.59 19.05 -19.94
N PRO P 167 -0.83 19.97 -20.57
CA PRO P 167 0.23 19.54 -21.48
C PRO P 167 1.46 18.91 -20.81
N ASP P 168 1.73 19.19 -19.54
CA ASP P 168 2.89 18.66 -18.78
C ASP P 168 4.19 18.79 -19.59
N ILE P 169 4.49 20.02 -19.98
CA ILE P 169 5.59 20.32 -20.92
C ILE P 169 6.38 21.52 -20.38
N TYR P 170 6.13 21.94 -19.14
CA TYR P 170 7.00 22.90 -18.43
C TYR P 170 8.44 22.37 -18.52
N ASP P 171 9.40 23.27 -18.62
CA ASP P 171 10.81 22.87 -18.84
C ASP P 171 11.34 22.24 -17.55
N CYS P 172 10.99 22.83 -16.40
CA CYS P 172 11.51 22.43 -15.08
C CYS P 172 10.63 23.03 -13.97
N PHE P 173 9.47 22.42 -13.75
CA PHE P 173 8.42 22.91 -12.82
C PHE P 173 8.89 22.79 -11.37
N GLU P 174 8.88 23.94 -10.68
CA GLU P 174 9.32 24.09 -9.27
C GLU P 174 10.70 23.42 -9.10
N GLY P 175 11.59 23.56 -10.08
CA GLY P 175 13.01 23.10 -9.99
C GLY P 175 13.17 21.59 -9.94
N ASN P 176 12.13 20.79 -10.26
CA ASN P 176 12.19 19.31 -10.38
C ASN P 176 12.10 18.89 -11.85
N LYS P 177 13.18 18.38 -12.42
CA LYS P 177 13.19 17.94 -13.84
C LYS P 177 12.27 16.72 -14.01
N TYR P 178 12.00 15.99 -12.95
CA TYR P 178 11.08 14.84 -13.01
C TYR P 178 9.66 15.25 -12.58
N SER P 179 9.33 16.54 -12.47
CA SER P 179 7.96 16.96 -12.11
C SER P 179 6.95 16.20 -12.99
N HIS P 180 5.77 15.91 -12.46
CA HIS P 180 4.67 15.30 -13.27
C HIS P 180 4.20 16.31 -14.33
N ALA P 181 4.51 17.60 -14.15
CA ALA P 181 4.19 18.66 -15.14
C ALA P 181 5.31 18.90 -16.16
N SER P 182 6.35 18.04 -16.21
CA SER P 182 7.52 18.23 -17.12
C SER P 182 7.84 16.97 -17.92
N SER P 183 7.08 15.88 -17.77
CA SER P 183 7.50 14.58 -18.33
C SER P 183 7.42 14.63 -19.87
N PHE P 184 6.63 15.49 -20.48
CA PHE P 184 6.56 15.50 -21.98
C PHE P 184 7.59 16.45 -22.60
N ALA P 185 8.09 17.42 -21.84
CA ALA P 185 9.36 18.13 -22.13
C ALA P 185 10.49 17.10 -22.12
N ARG P 186 10.59 16.25 -21.11
CA ARG P 186 11.62 15.19 -21.05
C ARG P 186 11.52 14.30 -22.31
N ILE P 187 10.31 13.84 -22.66
CA ILE P 187 10.09 12.87 -23.77
C ILE P 187 10.48 13.52 -25.09
N MET P 188 10.07 14.77 -25.33
CA MET P 188 10.32 15.49 -26.60
C MET P 188 11.79 15.90 -26.72
N GLU P 189 12.42 16.37 -25.64
CA GLU P 189 13.90 16.57 -25.57
C GLU P 189 14.64 15.29 -25.97
N GLY P 190 14.11 14.11 -25.65
CA GLY P 190 14.84 12.84 -25.79
C GLY P 190 14.78 12.30 -27.21
N GLY P 191 13.87 12.79 -28.05
CA GLY P 191 13.72 12.27 -29.42
C GLY P 191 13.00 10.92 -29.44
N TYR P 192 12.16 10.62 -28.45
CA TYR P 192 11.48 9.31 -28.38
C TYR P 192 10.19 9.35 -29.20
N ALA P 193 9.68 10.56 -29.46
CA ALA P 193 8.41 10.80 -30.17
C ALA P 193 8.72 11.39 -31.53
N ARG P 194 7.99 10.95 -32.57
CA ARG P 194 7.89 11.70 -33.84
C ARG P 194 6.75 12.71 -33.66
N ARG P 195 5.54 12.22 -33.49
CA ARG P 195 4.33 13.04 -33.27
C ARG P 195 3.84 12.85 -31.84
N LEU P 196 3.49 13.97 -31.20
CA LEU P 196 2.79 14.01 -29.89
C LEU P 196 1.49 14.75 -30.09
N LEU P 197 0.36 14.09 -29.90
CA LEU P 197 -0.99 14.71 -29.93
C LEU P 197 -1.46 14.79 -28.50
N GLN P 198 -1.67 16.00 -28.01
CA GLN P 198 -2.15 16.25 -26.63
C GLN P 198 -3.64 16.56 -26.78
N VAL P 199 -4.49 15.75 -26.17
CA VAL P 199 -5.96 15.83 -26.38
C VAL P 199 -6.64 16.01 -25.03
N GLY P 200 -7.55 16.98 -24.95
CA GLY P 200 -8.35 17.24 -23.74
C GLY P 200 -7.79 18.40 -22.96
N ILE P 201 -6.85 19.14 -23.56
CA ILE P 201 -6.11 20.23 -22.85
C ILE P 201 -7.10 21.32 -22.51
N ARG P 202 -7.07 21.77 -21.27
CA ARG P 202 -7.96 22.89 -20.83
C ARG P 202 -7.33 23.66 -19.67
N SER P 203 -6.07 23.37 -19.33
CA SER P 203 -5.27 24.14 -18.33
C SER P 203 -3.85 24.30 -18.85
N ILE P 204 -3.58 25.41 -19.52
CA ILE P 204 -2.29 25.59 -20.24
C ILE P 204 -1.97 27.06 -20.15
N ASN P 205 -0.72 27.41 -19.97
CA ASN P 205 -0.30 28.83 -19.92
C ASN P 205 0.64 29.08 -21.10
N GLN P 206 1.21 30.31 -21.14
CA GLN P 206 2.04 30.79 -22.28
C GLN P 206 3.28 29.89 -22.39
N GLU P 207 3.92 29.47 -21.30
CA GLU P 207 5.04 28.49 -21.38
C GLU P 207 4.54 27.15 -21.97
N GLY P 208 3.33 26.69 -21.62
CA GLY P 208 2.73 25.49 -22.22
C GLY P 208 2.71 25.56 -23.74
N ARG P 209 2.18 26.65 -24.30
CA ARG P 209 1.94 26.79 -25.75
C ARG P 209 3.27 26.95 -26.50
N GLU P 210 4.19 27.71 -25.90
CA GLU P 210 5.52 28.04 -26.44
C GLU P 210 6.31 26.74 -26.55
N GLN P 211 6.24 25.88 -25.53
CA GLN P 211 6.99 24.60 -25.56
C GLN P 211 6.35 23.75 -26.67
N GLY P 212 5.03 23.76 -26.74
CA GLY P 212 4.27 23.07 -27.80
C GLY P 212 4.81 23.45 -29.17
N LYS P 213 5.07 24.73 -29.42
CA LYS P 213 5.64 25.18 -30.71
C LYS P 213 7.11 24.77 -30.79
N ARG P 214 7.84 24.86 -29.68
CA ARG P 214 9.28 24.56 -29.71
C ARG P 214 9.47 23.10 -30.14
N PHE P 215 8.52 22.21 -29.85
CA PHE P 215 8.67 20.76 -30.12
C PHE P 215 7.78 20.27 -31.26
N GLY P 216 7.08 21.16 -31.95
CA GLY P 216 6.08 20.80 -32.96
C GLY P 216 5.00 19.86 -32.43
N VAL P 217 4.49 20.10 -31.21
CA VAL P 217 3.43 19.29 -30.56
C VAL P 217 2.07 19.67 -31.17
N GLU P 218 1.19 18.70 -31.36
CA GLU P 218 -0.22 18.97 -31.76
C GLU P 218 -1.12 19.01 -30.51
N GLN P 219 -1.45 20.24 -30.10
CA GLN P 219 -2.16 20.53 -28.83
C GLN P 219 -3.62 20.77 -29.19
N TYR P 220 -4.53 19.84 -28.86
CA TYR P 220 -5.98 19.98 -29.08
C TYR P 220 -6.61 20.40 -27.74
N GLU P 221 -7.04 21.63 -27.70
CA GLU P 221 -7.67 22.24 -26.51
C GLU P 221 -9.17 21.93 -26.56
N MET P 222 -9.77 21.74 -25.40
CA MET P 222 -11.22 21.47 -25.29
C MET P 222 -12.00 22.65 -25.85
N ARG P 223 -11.46 23.87 -25.85
CA ARG P 223 -12.22 25.02 -26.36
C ARG P 223 -12.45 24.87 -27.88
N THR P 224 -11.76 23.96 -28.59
CA THR P 224 -12.02 23.77 -30.04
C THR P 224 -12.56 22.37 -30.26
N PHE P 225 -12.98 21.68 -29.21
CA PHE P 225 -13.36 20.24 -29.30
C PHE P 225 -14.61 20.03 -30.19
N SER P 226 -15.56 20.98 -30.25
CA SER P 226 -16.73 20.96 -31.17
C SER P 226 -16.27 20.73 -32.62
N LYS P 227 -15.30 21.49 -33.11
CA LYS P 227 -14.77 21.34 -34.49
C LYS P 227 -13.93 20.06 -34.56
N ASP P 228 -13.12 19.76 -33.56
CA ASP P 228 -12.04 18.78 -33.67
C ASP P 228 -12.57 17.36 -33.49
N ARG P 229 -13.79 17.16 -32.98
CA ARG P 229 -14.29 15.81 -32.60
C ARG P 229 -14.18 14.83 -33.79
N PRO P 230 -14.71 15.13 -35.00
CA PRO P 230 -14.63 14.18 -36.11
C PRO P 230 -13.21 13.64 -36.37
N MET P 231 -12.23 14.54 -36.31
CA MET P 231 -10.80 14.24 -36.57
C MET P 231 -10.28 13.36 -35.42
N LEU P 232 -10.51 13.74 -34.17
CA LEU P 232 -10.01 13.01 -32.98
C LEU P 232 -10.69 11.64 -32.85
N GLU P 233 -11.89 11.46 -33.38
CA GLU P 233 -12.61 10.17 -33.34
C GLU P 233 -12.28 9.37 -34.60
N ASN P 234 -11.28 9.81 -35.38
CA ASN P 234 -10.82 9.06 -36.57
C ASN P 234 -9.29 9.18 -36.73
N LEU P 235 -8.51 8.99 -35.66
CA LEU P 235 -7.03 9.13 -35.74
C LEU P 235 -6.34 7.88 -36.34
N LYS P 236 -5.20 8.12 -36.95
CA LYS P 236 -4.26 7.11 -37.51
C LYS P 236 -2.87 7.57 -37.13
N LEU P 237 -2.18 6.81 -36.28
CA LEU P 237 -0.82 7.09 -35.78
C LEU P 237 0.08 5.88 -36.02
N GLY P 238 1.40 6.12 -35.97
CA GLY P 238 2.48 5.10 -35.93
C GLY P 238 3.00 4.69 -37.29
N GLU P 239 2.33 5.03 -38.39
CA GLU P 239 2.73 4.59 -39.75
C GLU P 239 4.15 5.07 -40.02
N GLY P 240 5.07 4.14 -40.35
CA GLY P 240 6.48 4.42 -40.70
C GLY P 240 7.40 4.49 -39.50
N VAL P 241 6.87 4.43 -38.27
CA VAL P 241 7.72 4.43 -37.04
C VAL P 241 7.46 3.16 -36.21
N LYS P 242 7.94 3.08 -34.96
CA LYS P 242 7.99 1.78 -34.23
C LYS P 242 6.59 1.44 -33.68
N GLY P 243 5.69 2.42 -33.60
CA GLY P 243 4.29 2.18 -33.22
C GLY P 243 3.67 3.37 -32.51
N VAL P 244 2.69 3.10 -31.67
CA VAL P 244 1.97 4.16 -30.93
C VAL P 244 2.06 3.86 -29.44
N TYR P 245 2.38 4.87 -28.66
CA TYR P 245 2.22 4.86 -27.18
C TYR P 245 1.06 5.75 -26.83
N ILE P 246 0.19 5.28 -25.93
CA ILE P 246 -0.97 6.08 -25.44
C ILE P 246 -0.80 6.39 -23.94
N SER P 247 -0.78 7.66 -23.57
CA SER P 247 -0.72 8.05 -22.14
C SER P 247 -2.05 8.71 -21.77
N ILE P 248 -2.77 8.10 -20.86
CA ILE P 248 -4.08 8.63 -20.37
C ILE P 248 -3.92 9.14 -18.94
N ASP P 249 -3.98 10.46 -18.78
CA ASP P 249 -4.22 11.10 -17.46
C ASP P 249 -5.72 11.03 -17.27
N VAL P 250 -6.12 10.39 -16.21
CA VAL P 250 -7.54 10.29 -15.78
C VAL P 250 -8.18 11.68 -15.82
N ASP P 251 -7.46 12.77 -15.58
CA ASP P 251 -8.06 14.12 -15.57
C ASP P 251 -8.31 14.63 -17.01
N CYS P 252 -8.00 13.86 -18.05
CA CYS P 252 -8.53 14.17 -19.39
C CYS P 252 -10.06 14.24 -19.27
N LEU P 253 -10.61 13.35 -18.46
CA LEU P 253 -12.07 13.22 -18.22
C LEU P 253 -12.55 14.41 -17.39
N ASP P 254 -13.74 14.92 -17.67
CA ASP P 254 -14.41 15.91 -16.79
C ASP P 254 -14.49 15.32 -15.39
N PRO P 255 -14.24 16.13 -14.30
CA PRO P 255 -14.34 15.64 -12.93
C PRO P 255 -15.71 15.06 -12.52
N ALA P 256 -16.80 15.36 -13.25
CA ALA P 256 -18.08 14.64 -13.14
C ALA P 256 -17.87 13.12 -13.27
N PHE P 257 -16.98 12.69 -14.19
CA PHE P 257 -16.73 11.26 -14.50
C PHE P 257 -15.59 10.74 -13.63
N ALA P 258 -14.62 11.59 -13.30
CA ALA P 258 -13.36 11.20 -12.65
C ALA P 258 -12.99 12.24 -11.62
N PRO P 259 -13.70 12.28 -10.45
CA PRO P 259 -13.37 13.21 -9.38
C PRO P 259 -12.13 12.78 -8.60
N GLY P 260 -11.69 11.52 -8.76
CA GLY P 260 -10.52 10.99 -8.03
C GLY P 260 -9.23 11.37 -8.72
N VAL P 261 -8.88 12.63 -8.65
CA VAL P 261 -7.67 13.21 -9.28
C VAL P 261 -7.17 14.34 -8.37
N SER P 262 -5.90 14.69 -8.47
CA SER P 262 -5.28 15.77 -7.67
C SER P 262 -5.68 17.14 -8.24
N HIS P 263 -6.04 17.22 -9.53
CA HIS P 263 -6.28 18.50 -10.26
C HIS P 263 -7.70 18.49 -10.86
N ILE P 264 -8.67 18.99 -10.11
CA ILE P 264 -10.08 19.17 -10.60
C ILE P 264 -10.06 20.33 -11.61
N GLU P 265 -10.42 20.03 -12.86
CA GLU P 265 -10.38 20.97 -14.00
C GLU P 265 -11.67 20.81 -14.81
N PRO P 266 -12.74 21.56 -14.48
CA PRO P 266 -14.01 21.38 -15.17
C PRO P 266 -13.86 21.57 -16.69
N GLY P 267 -14.73 20.90 -17.44
CA GLY P 267 -14.80 21.14 -18.90
C GLY P 267 -14.08 20.09 -19.72
N GLY P 268 -14.10 18.85 -19.27
CA GLY P 268 -13.32 17.77 -19.89
C GLY P 268 -14.15 16.83 -20.74
N LEU P 269 -13.53 15.72 -21.09
CA LEU P 269 -14.15 14.71 -21.96
C LEU P 269 -15.08 13.85 -21.12
N SER P 270 -16.09 13.26 -21.76
CA SER P 270 -16.94 12.20 -21.14
C SER P 270 -16.18 10.89 -21.21
N PHE P 271 -16.60 9.89 -20.43
CA PHE P 271 -16.02 8.53 -20.59
C PHE P 271 -16.25 8.04 -22.03
N ARG P 272 -17.46 8.18 -22.57
CA ARG P 272 -17.75 7.69 -23.93
C ARG P 272 -16.87 8.46 -24.93
N ASP P 273 -16.60 9.75 -24.69
CA ASP P 273 -15.76 10.57 -25.60
C ASP P 273 -14.42 9.86 -25.76
N VAL P 274 -13.80 9.49 -24.63
CA VAL P 274 -12.47 8.85 -24.60
C VAL P 274 -12.54 7.50 -25.31
N LEU P 275 -13.60 6.73 -25.14
CA LEU P 275 -13.57 5.39 -25.76
C LEU P 275 -13.79 5.52 -27.28
N ASN P 276 -14.53 6.54 -27.70
CA ASN P 276 -14.74 6.83 -29.13
C ASN P 276 -13.37 7.07 -29.79
N ILE P 277 -12.51 7.85 -29.14
CA ILE P 277 -11.13 8.09 -29.61
C ILE P 277 -10.35 6.74 -29.58
N LEU P 278 -10.29 6.02 -28.47
CA LEU P 278 -9.41 4.80 -28.39
C LEU P 278 -9.94 3.74 -29.37
N HIS P 279 -11.23 3.48 -29.38
CA HIS P 279 -11.81 2.39 -30.22
C HIS P 279 -11.58 2.67 -31.70
N ASN P 280 -11.65 3.93 -32.14
CA ASN P 280 -11.52 4.26 -33.58
C ASN P 280 -10.08 4.55 -33.98
N LEU P 281 -9.15 4.75 -33.04
CA LEU P 281 -7.73 5.00 -33.34
C LEU P 281 -7.14 3.78 -34.09
N GLN P 282 -6.63 3.96 -35.30
CA GLN P 282 -5.89 2.90 -36.02
C GLN P 282 -4.42 3.06 -35.63
N ALA P 283 -3.83 2.01 -35.07
CA ALA P 283 -2.47 2.12 -34.56
C ALA P 283 -2.02 0.76 -34.11
N ASP P 284 -0.74 0.49 -34.31
CA ASP P 284 -0.01 -0.59 -33.61
C ASP P 284 0.38 -0.04 -32.23
N VAL P 285 -0.41 -0.32 -31.18
CA VAL P 285 -0.08 0.18 -29.82
C VAL P 285 1.02 -0.72 -29.21
N VAL P 286 2.18 -0.12 -28.93
CA VAL P 286 3.36 -0.80 -28.36
C VAL P 286 3.41 -0.59 -26.84
N GLY P 287 2.61 0.32 -26.29
CA GLY P 287 2.62 0.62 -24.85
C GLY P 287 1.60 1.69 -24.48
N ALA P 288 1.32 1.83 -23.18
CA ALA P 288 0.31 2.76 -22.66
C ALA P 288 0.47 2.87 -21.14
N ASP P 289 -0.10 3.92 -20.58
CA ASP P 289 -0.15 4.09 -19.13
C ASP P 289 -1.50 4.70 -18.80
N VAL P 290 -1.96 4.43 -17.58
CA VAL P 290 -3.12 5.13 -16.97
C VAL P 290 -2.61 5.71 -15.66
N VAL P 291 -2.58 7.04 -15.60
CA VAL P 291 -1.85 7.76 -14.52
C VAL P 291 -2.80 8.70 -13.82
N GLU P 292 -2.38 9.15 -12.66
CA GLU P 292 -2.93 10.33 -11.93
C GLU P 292 -4.33 10.04 -11.41
N PHE P 293 -4.73 8.77 -11.36
CA PHE P 293 -5.82 8.29 -10.47
C PHE P 293 -5.37 8.47 -9.02
N ASN P 294 -6.11 9.30 -8.28
CA ASN P 294 -5.84 9.58 -6.85
C ASN P 294 -6.98 8.99 -6.03
N PRO P 295 -6.80 7.79 -5.45
CA PRO P 295 -7.87 7.20 -4.65
C PRO P 295 -8.24 7.97 -3.38
N GLN P 296 -7.38 8.84 -2.85
CA GLN P 296 -7.71 9.62 -1.62
C GLN P 296 -8.68 10.75 -1.96
N ARG P 297 -8.92 10.97 -3.26
CA ARG P 297 -9.85 12.02 -3.75
C ARG P 297 -11.09 11.41 -4.42
N ASP P 298 -11.20 10.07 -4.40
CA ASP P 298 -12.33 9.32 -5.03
C ASP P 298 -13.57 9.37 -4.12
N THR P 299 -14.72 9.04 -4.70
CA THR P 299 -15.98 8.79 -3.99
C THR P 299 -15.75 7.64 -3.01
N VAL P 300 -16.60 7.54 -2.01
CA VAL P 300 -16.49 6.44 -1.00
C VAL P 300 -16.65 5.09 -1.72
N ASP P 301 -17.34 5.00 -2.86
CA ASP P 301 -17.55 3.69 -3.55
C ASP P 301 -16.50 3.47 -4.64
N GLY P 302 -15.50 4.33 -4.82
CA GLY P 302 -14.41 4.08 -5.77
C GLY P 302 -14.82 4.25 -7.23
N MET P 303 -15.68 5.21 -7.53
CA MET P 303 -16.13 5.43 -8.92
C MET P 303 -14.91 5.64 -9.84
N THR P 304 -13.90 6.42 -9.41
CA THR P 304 -12.71 6.71 -10.26
C THR P 304 -11.84 5.45 -10.41
N ALA P 305 -11.87 4.53 -9.45
CA ALA P 305 -11.20 3.22 -9.58
C ALA P 305 -11.86 2.46 -10.73
N MET P 306 -13.20 2.50 -10.84
CA MET P 306 -13.90 1.77 -11.93
C MET P 306 -13.57 2.43 -13.27
N VAL P 307 -13.53 3.76 -13.28
CA VAL P 307 -13.07 4.54 -14.47
C VAL P 307 -11.66 4.11 -14.91
N ALA P 308 -10.66 4.25 -14.06
CA ALA P 308 -9.26 3.82 -14.36
C ALA P 308 -9.27 2.35 -14.84
N ALA P 309 -10.00 1.49 -14.16
CA ALA P 309 -10.03 0.05 -14.50
C ALA P 309 -10.53 -0.12 -15.94
N LYS P 310 -11.60 0.56 -16.30
CA LYS P 310 -12.25 0.36 -17.62
C LYS P 310 -11.31 0.87 -18.71
N LEU P 311 -10.56 1.95 -18.43
CA LEU P 311 -9.52 2.49 -19.36
C LEU P 311 -8.45 1.43 -19.61
N VAL P 312 -7.92 0.86 -18.52
CA VAL P 312 -6.91 -0.24 -18.55
C VAL P 312 -7.48 -1.38 -19.39
N ARG P 313 -8.73 -1.79 -19.09
CA ARG P 313 -9.35 -2.95 -19.76
C ARG P 313 -9.43 -2.68 -21.27
N GLU P 314 -9.94 -1.51 -21.66
CA GLU P 314 -10.15 -1.19 -23.09
C GLU P 314 -8.80 -1.02 -23.78
N LEU P 315 -7.83 -0.42 -23.12
CA LEU P 315 -6.46 -0.37 -23.68
C LEU P 315 -5.96 -1.80 -23.94
N ALA P 316 -6.14 -2.74 -22.99
CA ALA P 316 -5.60 -4.11 -23.12
C ALA P 316 -6.21 -4.83 -24.33
N ALA P 317 -7.51 -4.64 -24.58
CA ALA P 317 -8.24 -5.23 -25.73
C ALA P 317 -7.64 -4.71 -27.04
N LYS P 318 -7.13 -3.48 -27.00
CA LYS P 318 -6.52 -2.80 -28.16
C LYS P 318 -5.06 -3.25 -28.38
N ILE P 319 -4.29 -3.40 -27.30
CA ILE P 319 -2.84 -3.76 -27.32
C ILE P 319 -2.70 -5.25 -27.65
N SER P 320 -3.56 -6.08 -27.08
CA SER P 320 -3.51 -7.54 -27.19
C SER P 320 -4.09 -7.92 -28.55
N LYS P 321 -3.36 -8.70 -29.32
CA LYS P 321 -3.81 -9.24 -30.63
C LYS P 321 -3.04 -10.53 -30.89
N SER Q 6 -46.94 -28.11 5.01
CA SER Q 6 -48.30 -28.73 5.21
C SER Q 6 -49.32 -27.62 5.55
N SER Q 7 -49.44 -27.31 6.84
CA SER Q 7 -50.23 -26.17 7.37
C SER Q 7 -49.45 -24.85 7.26
N ILE Q 8 -48.14 -24.89 6.97
CA ILE Q 8 -47.33 -23.63 6.82
C ILE Q 8 -47.60 -23.05 5.43
N GLU Q 9 -47.85 -23.90 4.43
CA GLU Q 9 -48.26 -23.48 3.05
C GLU Q 9 -49.64 -22.83 3.13
N LYS Q 10 -50.54 -23.35 3.98
CA LYS Q 10 -51.86 -22.74 4.23
C LYS Q 10 -51.66 -21.36 4.86
N GLY Q 11 -50.76 -21.24 5.83
CA GLY Q 11 -50.52 -19.95 6.51
C GLY Q 11 -49.94 -18.89 5.58
N GLN Q 12 -48.97 -19.28 4.76
CA GLN Q 12 -48.40 -18.42 3.69
C GLN Q 12 -49.52 -17.80 2.81
N ASN Q 13 -50.52 -18.62 2.44
CA ASN Q 13 -51.61 -18.25 1.51
C ASN Q 13 -52.46 -17.14 2.13
N ARG Q 14 -52.64 -17.15 3.43
CA ARG Q 14 -53.45 -16.11 4.15
C ARG Q 14 -52.68 -14.77 4.09
N VAL Q 15 -51.36 -14.79 4.23
CA VAL Q 15 -50.55 -13.53 4.11
C VAL Q 15 -50.52 -13.07 2.65
N ILE Q 16 -50.40 -14.00 1.71
CA ILE Q 16 -50.45 -13.64 0.25
C ILE Q 16 -51.80 -12.95 -0.02
N ASP Q 17 -52.90 -13.58 0.33
CA ASP Q 17 -54.27 -13.07 0.00
C ASP Q 17 -54.49 -11.72 0.70
N ALA Q 18 -54.09 -11.58 1.96
CA ALA Q 18 -54.23 -10.30 2.70
C ALA Q 18 -53.36 -9.22 2.06
N SER Q 19 -52.17 -9.56 1.58
CA SER Q 19 -51.29 -8.60 0.85
C SER Q 19 -52.01 -8.10 -0.41
N LEU Q 20 -52.48 -9.00 -1.27
CA LEU Q 20 -53.12 -8.59 -2.54
C LEU Q 20 -54.43 -7.85 -2.22
N THR Q 21 -55.18 -8.33 -1.23
CA THR Q 21 -56.41 -7.63 -0.75
C THR Q 21 -56.11 -6.16 -0.48
N LEU Q 22 -54.91 -5.84 0.01
CA LEU Q 22 -54.56 -4.46 0.41
C LEU Q 22 -54.28 -3.64 -0.86
N ILE Q 23 -53.59 -4.22 -1.87
CA ILE Q 23 -53.32 -3.53 -3.17
C ILE Q 23 -54.68 -3.27 -3.84
N ARG Q 24 -55.55 -4.28 -3.86
CA ARG Q 24 -56.89 -4.18 -4.52
C ARG Q 24 -57.61 -2.97 -3.90
N GLU Q 25 -57.58 -2.84 -2.57
CA GLU Q 25 -58.38 -1.81 -1.84
C GLU Q 25 -57.81 -0.42 -2.18
N ARG Q 26 -56.48 -0.32 -2.20
CA ARG Q 26 -55.75 0.92 -2.55
C ARG Q 26 -56.02 1.26 -4.02
N ALA Q 27 -55.84 0.31 -4.93
CA ALA Q 27 -56.08 0.53 -6.37
C ALA Q 27 -57.50 1.09 -6.58
N LYS Q 28 -58.50 0.55 -5.87
CA LYS Q 28 -59.94 0.89 -6.06
C LYS Q 28 -60.15 2.36 -5.76
N LEU Q 29 -59.57 2.87 -4.67
CA LEU Q 29 -59.70 4.32 -4.32
C LEU Q 29 -59.13 5.17 -5.47
N LYS Q 30 -57.99 4.78 -6.01
CA LYS Q 30 -57.31 5.61 -7.03
C LYS Q 30 -58.08 5.57 -8.33
N GLY Q 31 -58.44 4.38 -8.82
CA GLY Q 31 -59.32 4.23 -10.00
C GLY Q 31 -60.59 5.05 -9.79
N GLU Q 32 -61.26 4.86 -8.65
CA GLU Q 32 -62.47 5.65 -8.33
C GLU Q 32 -62.16 7.13 -8.40
N LEU Q 33 -61.01 7.57 -7.83
CA LEU Q 33 -60.68 9.02 -7.79
C LEU Q 33 -60.48 9.54 -9.22
N VAL Q 34 -59.80 8.76 -10.06
CA VAL Q 34 -59.48 9.14 -11.46
C VAL Q 34 -60.76 9.21 -12.29
N ARG Q 35 -61.62 8.19 -12.19
CA ARG Q 35 -62.85 8.13 -13.00
C ARG Q 35 -63.78 9.26 -12.58
N LEU Q 36 -63.80 9.61 -11.29
CA LEU Q 36 -64.63 10.73 -10.73
C LEU Q 36 -64.17 12.06 -11.34
N LEU Q 37 -62.87 12.33 -11.42
CA LEU Q 37 -62.41 13.59 -12.04
C LEU Q 37 -62.90 13.59 -13.49
N GLY Q 38 -62.72 12.45 -14.21
CA GLY Q 38 -63.23 12.17 -15.56
C GLY Q 38 -62.26 12.56 -16.66
N GLY Q 39 -62.47 12.05 -17.88
CA GLY Q 39 -61.76 12.48 -19.11
C GLY Q 39 -60.42 11.80 -19.31
N ALA Q 40 -59.91 10.96 -18.42
CA ALA Q 40 -58.59 10.34 -18.70
C ALA Q 40 -58.76 9.15 -19.64
N LYS Q 41 -57.92 9.06 -20.67
CA LYS Q 41 -57.70 7.84 -21.50
C LYS Q 41 -56.78 6.85 -20.77
N ALA Q 42 -55.71 7.34 -20.13
CA ALA Q 42 -54.71 6.48 -19.43
C ALA Q 42 -54.17 7.26 -18.24
N SER Q 43 -54.16 6.67 -17.05
CA SER Q 43 -53.64 7.33 -15.83
C SER Q 43 -52.50 6.51 -15.22
N THR Q 44 -51.30 7.07 -15.14
CA THR Q 44 -50.11 6.38 -14.57
C THR Q 44 -50.33 6.14 -13.07
N SER Q 45 -50.14 4.90 -12.63
CA SER Q 45 -50.32 4.54 -11.20
C SER Q 45 -49.07 3.82 -10.76
N LEU Q 46 -48.39 4.32 -9.72
CA LEU Q 46 -47.13 3.72 -9.22
C LEU Q 46 -47.43 2.45 -8.44
N LEU Q 47 -46.59 1.45 -8.61
CA LEU Q 47 -46.60 0.21 -7.80
C LEU Q 47 -45.16 -0.09 -7.39
N GLY Q 48 -44.87 -0.01 -6.10
CA GLY Q 48 -43.55 -0.35 -5.53
C GLY Q 48 -43.37 -1.85 -5.46
N VAL Q 49 -42.23 -2.35 -5.93
CA VAL Q 49 -41.83 -3.75 -5.62
C VAL Q 49 -40.47 -3.74 -4.91
N PRO Q 50 -40.45 -3.59 -3.58
CA PRO Q 50 -39.18 -3.50 -2.83
C PRO Q 50 -38.46 -4.85 -2.74
N LEU Q 51 -37.82 -5.28 -3.83
CA LEU Q 51 -37.22 -6.63 -3.93
C LEU Q 51 -35.77 -6.47 -4.38
N GLY Q 52 -34.81 -7.03 -3.64
CA GLY Q 52 -33.36 -6.93 -3.96
C GLY Q 52 -32.65 -8.27 -3.99
N HIS Q 53 -33.30 -9.35 -3.58
CA HIS Q 53 -32.56 -10.59 -3.19
C HIS Q 53 -32.15 -11.36 -4.46
N ASN Q 54 -32.54 -10.87 -5.65
CA ASN Q 54 -32.25 -11.53 -6.96
C ASN Q 54 -31.02 -10.85 -7.61
N SER Q 55 -30.43 -9.90 -6.89
CA SER Q 55 -29.24 -9.12 -7.31
C SER Q 55 -28.01 -10.03 -7.22
N SER Q 56 -27.02 -9.81 -8.07
CA SER Q 56 -25.77 -10.61 -8.12
C SER Q 56 -24.67 -9.97 -7.23
N PHE Q 57 -24.86 -8.77 -6.68
CA PHE Q 57 -23.73 -8.04 -6.03
C PHE Q 57 -24.24 -7.31 -4.79
N LEU Q 58 -25.22 -6.44 -4.91
CA LEU Q 58 -25.76 -5.72 -3.74
C LEU Q 58 -27.26 -5.76 -3.85
N GLN Q 59 -27.92 -5.87 -2.70
CA GLN Q 59 -29.40 -5.98 -2.58
C GLN Q 59 -30.07 -4.62 -2.31
N GLY Q 60 -29.29 -3.53 -2.32
CA GLY Q 60 -29.76 -2.18 -1.95
C GLY Q 60 -31.02 -1.70 -2.69
N PRO Q 61 -31.32 -2.10 -3.95
CA PRO Q 61 -32.56 -1.66 -4.58
C PRO Q 61 -33.83 -2.11 -3.84
N ALA Q 62 -33.74 -3.08 -2.97
CA ALA Q 62 -34.89 -3.43 -2.09
C ALA Q 62 -35.39 -2.19 -1.34
N PHE Q 63 -34.55 -1.17 -1.08
CA PHE Q 63 -34.95 0.03 -0.30
C PHE Q 63 -35.37 1.18 -1.20
N ALA Q 64 -35.35 1.05 -2.51
CA ALA Q 64 -35.49 2.22 -3.40
C ALA Q 64 -36.89 2.81 -3.41
N PRO Q 65 -38.00 2.03 -3.53
CA PRO Q 65 -39.27 2.66 -3.87
C PRO Q 65 -39.66 3.83 -2.99
N PRO Q 66 -39.57 3.75 -1.65
CA PRO Q 66 -39.97 4.89 -0.83
C PRO Q 66 -39.05 6.11 -1.02
N ARG Q 67 -37.76 5.89 -1.29
CA ARG Q 67 -36.80 7.00 -1.53
C ARG Q 67 -37.20 7.70 -2.82
N ILE Q 68 -37.64 6.93 -3.79
CA ILE Q 68 -38.09 7.51 -5.08
C ILE Q 68 -39.33 8.36 -4.84
N ARG Q 69 -40.30 7.89 -4.05
CA ARG Q 69 -41.52 8.70 -3.81
C ARG Q 69 -41.13 10.02 -3.13
N GLU Q 70 -40.24 9.97 -2.15
CA GLU Q 70 -39.83 11.20 -1.43
C GLU Q 70 -39.24 12.21 -2.42
N ALA Q 71 -38.40 11.77 -3.34
CA ALA Q 71 -37.73 12.61 -4.35
C ALA Q 71 -38.76 13.17 -5.35
N ILE Q 72 -39.80 12.40 -5.69
CA ILE Q 72 -40.88 12.88 -6.61
C ILE Q 72 -41.48 14.17 -6.01
N TRP Q 73 -41.74 14.18 -4.71
CA TRP Q 73 -42.49 15.28 -4.05
C TRP Q 73 -41.55 16.21 -3.27
N CYS Q 74 -40.25 16.25 -3.58
CA CYS Q 74 -39.27 17.05 -2.81
C CYS Q 74 -39.69 18.52 -2.89
N GLY Q 75 -39.57 19.26 -1.78
CA GLY Q 75 -39.86 20.72 -1.70
C GLY Q 75 -38.97 21.57 -2.63
N SER Q 76 -37.89 21.01 -3.18
CA SER Q 76 -36.89 21.71 -4.04
C SER Q 76 -37.36 21.76 -5.51
N THR Q 77 -38.33 20.92 -5.85
CA THR Q 77 -38.88 20.68 -7.21
C THR Q 77 -40.26 21.29 -7.31
N ASN Q 78 -40.74 21.51 -8.53
CA ASN Q 78 -42.18 21.82 -8.74
C ASN Q 78 -42.85 20.59 -9.33
N SER Q 79 -44.17 20.59 -9.35
CA SER Q 79 -45.02 19.43 -9.70
C SER Q 79 -45.25 19.34 -11.20
N ALA Q 80 -44.54 20.11 -12.04
CA ALA Q 80 -44.74 20.14 -13.50
C ALA Q 80 -43.66 19.27 -14.14
N THR Q 81 -44.05 18.37 -15.06
CA THR Q 81 -43.12 17.60 -15.91
C THR Q 81 -42.56 18.56 -16.96
N GLU Q 82 -41.46 18.19 -17.57
CA GLU Q 82 -40.80 19.08 -18.56
C GLU Q 82 -41.78 19.51 -19.63
N GLU Q 83 -42.63 18.58 -20.07
CA GLU Q 83 -43.63 18.85 -21.13
C GLU Q 83 -44.68 19.83 -20.62
N GLY Q 84 -44.97 19.75 -19.33
CA GLY Q 84 -45.89 20.65 -18.63
C GLY Q 84 -47.12 19.96 -18.04
N LYS Q 85 -47.07 18.65 -17.78
CA LYS Q 85 -48.19 17.94 -17.12
C LYS Q 85 -48.07 18.14 -15.61
N GLU Q 86 -49.23 18.15 -14.94
CA GLU Q 86 -49.39 18.47 -13.51
C GLU Q 86 -49.40 17.16 -12.72
N LEU Q 87 -48.36 16.88 -11.95
CA LEU Q 87 -48.20 15.58 -11.22
C LEU Q 87 -49.21 15.45 -10.08
N LYS Q 88 -49.82 16.54 -9.62
CA LYS Q 88 -50.81 16.54 -8.50
C LYS Q 88 -52.20 16.14 -9.00
N ASP Q 89 -52.39 16.07 -10.32
CA ASP Q 89 -53.67 15.63 -10.94
C ASP Q 89 -53.59 14.10 -10.95
N PRO Q 90 -54.51 13.45 -10.20
CA PRO Q 90 -54.57 11.99 -10.17
C PRO Q 90 -54.69 11.31 -11.55
N ARG Q 91 -55.23 12.01 -12.56
CA ARG Q 91 -55.35 11.53 -13.97
C ARG Q 91 -53.96 11.43 -14.62
N VAL Q 92 -52.99 12.17 -14.10
CA VAL Q 92 -51.55 12.17 -14.53
C VAL Q 92 -50.74 11.19 -13.66
N LEU Q 93 -50.99 11.15 -12.35
CA LEU Q 93 -50.23 10.25 -11.42
C LEU Q 93 -51.06 9.90 -10.19
N THR Q 94 -51.22 8.61 -9.92
CA THR Q 94 -51.59 8.07 -8.60
C THR Q 94 -50.51 7.07 -8.15
N ASP Q 95 -50.68 6.55 -6.95
CA ASP Q 95 -49.73 5.63 -6.30
C ASP Q 95 -50.54 4.64 -5.46
N VAL Q 96 -50.43 3.36 -5.81
CA VAL Q 96 -51.12 2.26 -5.07
C VAL Q 96 -50.16 1.64 -4.04
N GLY Q 97 -48.97 2.21 -3.80
CA GLY Q 97 -48.04 1.82 -2.72
C GLY Q 97 -47.21 0.60 -3.09
N ASP Q 98 -46.69 -0.11 -2.09
CA ASP Q 98 -45.69 -1.20 -2.25
C ASP Q 98 -46.32 -2.57 -2.04
N VAL Q 99 -45.95 -3.52 -2.89
CA VAL Q 99 -46.15 -4.96 -2.60
C VAL Q 99 -45.28 -5.23 -1.39
N PRO Q 100 -45.84 -5.83 -0.32
CA PRO Q 100 -45.07 -6.12 0.90
C PRO Q 100 -44.22 -7.39 0.71
N VAL Q 101 -43.18 -7.24 -0.09
CA VAL Q 101 -42.27 -8.33 -0.53
C VAL Q 101 -41.57 -8.98 0.67
N GLN Q 102 -40.95 -8.18 1.55
CA GLN Q 102 -40.07 -8.76 2.62
C GLN Q 102 -40.87 -9.62 3.59
N GLU Q 103 -42.16 -9.31 3.76
CA GLU Q 103 -43.04 -9.98 4.74
C GLU Q 103 -43.49 -11.30 4.15
N ILE Q 104 -43.78 -11.33 2.85
CA ILE Q 104 -44.03 -12.59 2.08
C ILE Q 104 -42.77 -13.47 2.13
N ARG Q 105 -41.59 -12.91 1.86
CA ARG Q 105 -40.29 -13.63 2.02
C ARG Q 105 -40.12 -14.19 3.44
N ASP Q 106 -40.44 -13.42 4.48
CA ASP Q 106 -40.12 -13.76 5.88
C ASP Q 106 -41.01 -14.92 6.32
N CYS Q 107 -42.08 -15.24 5.60
CA CYS Q 107 -42.96 -16.35 6.05
C CYS Q 107 -42.67 -17.63 5.26
N GLY Q 108 -41.62 -17.62 4.46
CA GLY Q 108 -41.02 -18.84 3.87
C GLY Q 108 -41.42 -19.08 2.42
N VAL Q 109 -42.14 -18.12 1.82
CA VAL Q 109 -42.70 -18.26 0.45
C VAL Q 109 -41.55 -18.28 -0.58
N ASP Q 110 -41.67 -19.20 -1.54
CA ASP Q 110 -40.67 -19.49 -2.59
C ASP Q 110 -40.79 -18.39 -3.64
N ASP Q 111 -39.76 -18.31 -4.48
CA ASP Q 111 -39.62 -17.27 -5.51
C ASP Q 111 -40.71 -17.39 -6.58
N ASP Q 112 -41.18 -18.59 -6.91
CA ASP Q 112 -42.27 -18.80 -7.88
C ASP Q 112 -43.53 -18.09 -7.39
N ARG Q 113 -43.94 -18.38 -6.16
CA ARG Q 113 -45.15 -17.77 -5.56
C ARG Q 113 -44.95 -16.26 -5.41
N LEU Q 114 -43.78 -15.83 -4.97
CA LEU Q 114 -43.49 -14.38 -4.78
C LEU Q 114 -43.67 -13.65 -6.11
N MET Q 115 -43.09 -14.19 -7.18
CA MET Q 115 -43.17 -13.56 -8.52
C MET Q 115 -44.62 -13.61 -9.01
N ASN Q 116 -45.38 -14.66 -8.69
CA ASN Q 116 -46.85 -14.73 -8.96
C ASN Q 116 -47.54 -13.57 -8.22
N VAL Q 117 -47.19 -13.27 -6.97
CA VAL Q 117 -47.85 -12.14 -6.26
C VAL Q 117 -47.57 -10.81 -6.97
N ILE Q 118 -46.36 -10.58 -7.41
CA ILE Q 118 -46.05 -9.33 -8.15
C ILE Q 118 -46.92 -9.24 -9.41
N SER Q 119 -47.04 -10.34 -10.16
CA SER Q 119 -47.88 -10.41 -11.38
C SER Q 119 -49.35 -10.08 -11.01
N GLU Q 120 -49.93 -10.69 -9.97
CA GLU Q 120 -51.34 -10.44 -9.58
C GLU Q 120 -51.52 -8.97 -9.18
N SER Q 121 -50.48 -8.37 -8.55
CA SER Q 121 -50.53 -6.98 -8.04
C SER Q 121 -50.61 -6.00 -9.22
N VAL Q 122 -49.81 -6.24 -10.27
CA VAL Q 122 -49.88 -5.52 -11.58
C VAL Q 122 -51.28 -5.66 -12.21
N LYS Q 123 -51.82 -6.85 -12.33
CA LYS Q 123 -53.20 -7.03 -12.88
C LYS Q 123 -54.20 -6.25 -12.01
N LEU Q 124 -54.04 -6.25 -10.68
CA LEU Q 124 -54.94 -5.48 -9.77
C LEU Q 124 -54.98 -4.04 -10.25
N VAL Q 125 -53.87 -3.47 -10.66
CA VAL Q 125 -53.81 -2.05 -11.09
C VAL Q 125 -54.52 -1.91 -12.44
N MET Q 126 -54.19 -2.77 -13.40
CA MET Q 126 -54.72 -2.67 -14.79
C MET Q 126 -56.24 -2.87 -14.78
N GLU Q 127 -56.74 -3.77 -13.93
CA GLU Q 127 -58.18 -4.08 -13.79
C GLU Q 127 -58.93 -2.83 -13.27
N GLU Q 128 -58.27 -1.76 -12.79
CA GLU Q 128 -58.95 -0.47 -12.40
C GLU Q 128 -58.76 0.58 -13.51
N GLU Q 129 -59.69 0.68 -14.44
CA GLU Q 129 -59.59 1.53 -15.65
C GLU Q 129 -59.68 2.99 -15.24
N PRO Q 130 -58.88 3.94 -15.78
CA PRO Q 130 -57.87 3.67 -16.81
C PRO Q 130 -56.43 3.66 -16.30
N LEU Q 131 -56.18 3.13 -15.10
CA LEU Q 131 -54.83 3.10 -14.52
C LEU Q 131 -53.88 2.24 -15.37
N ARG Q 132 -52.66 2.68 -15.59
CA ARG Q 132 -51.60 1.86 -16.22
C ARG Q 132 -50.40 1.86 -15.29
N PRO Q 133 -49.78 0.67 -15.09
CA PRO Q 133 -48.82 0.47 -14.01
C PRO Q 133 -47.45 1.05 -14.39
N LEU Q 134 -46.85 1.75 -13.44
CA LEU Q 134 -45.45 2.18 -13.49
C LEU Q 134 -44.81 1.67 -12.21
N VAL Q 135 -43.92 0.69 -12.37
CA VAL Q 135 -43.41 -0.11 -11.24
C VAL Q 135 -42.08 0.47 -10.80
N LEU Q 136 -41.94 0.70 -9.49
CA LEU Q 136 -40.68 1.16 -8.88
C LEU Q 136 -39.96 -0.06 -8.34
N GLY Q 137 -38.77 -0.34 -8.85
CA GLY Q 137 -37.92 -1.41 -8.30
C GLY Q 137 -37.12 -0.83 -7.14
N GLY Q 138 -36.36 -1.70 -6.46
CA GLY Q 138 -36.28 -3.13 -6.80
C GLY Q 138 -35.23 -3.47 -7.87
N ASP Q 139 -34.69 -4.67 -7.83
CA ASP Q 139 -33.70 -5.17 -8.82
C ASP Q 139 -34.45 -5.57 -10.10
N HIS Q 140 -33.71 -5.78 -11.18
CA HIS Q 140 -34.30 -6.01 -12.51
C HIS Q 140 -35.07 -7.34 -12.59
N SER Q 141 -34.95 -8.24 -11.63
CA SER Q 141 -35.73 -9.51 -11.67
C SER Q 141 -37.22 -9.19 -11.81
N ILE Q 142 -37.68 -8.05 -11.28
CA ILE Q 142 -39.14 -7.78 -11.24
C ILE Q 142 -39.69 -7.57 -12.64
N SER Q 143 -38.90 -7.16 -13.63
CA SER Q 143 -39.45 -6.88 -14.97
C SER Q 143 -40.14 -8.13 -15.54
N TYR Q 144 -39.73 -9.33 -15.15
CA TYR Q 144 -40.28 -10.55 -15.76
C TYR Q 144 -41.75 -10.69 -15.31
N PRO Q 145 -42.02 -10.87 -13.99
CA PRO Q 145 -43.41 -10.94 -13.52
C PRO Q 145 -44.28 -9.74 -13.97
N VAL Q 146 -43.75 -8.53 -14.05
CA VAL Q 146 -44.56 -7.33 -14.44
C VAL Q 146 -44.93 -7.45 -15.93
N VAL Q 147 -43.96 -7.73 -16.80
CA VAL Q 147 -44.23 -7.79 -18.28
C VAL Q 147 -45.19 -8.98 -18.57
N ARG Q 148 -44.98 -10.12 -17.91
CA ARG Q 148 -45.89 -11.30 -18.04
C ARG Q 148 -47.30 -10.85 -17.72
N ALA Q 149 -47.46 -10.07 -16.66
CA ALA Q 149 -48.80 -9.67 -16.20
C ALA Q 149 -49.42 -8.77 -17.26
N VAL Q 150 -48.68 -7.75 -17.71
CA VAL Q 150 -49.17 -6.78 -18.72
C VAL Q 150 -49.56 -7.51 -20.00
N SER Q 151 -48.72 -8.45 -20.45
CA SER Q 151 -48.93 -9.24 -21.69
C SER Q 151 -50.12 -10.21 -21.51
N GLU Q 152 -50.23 -10.92 -20.38
CA GLU Q 152 -51.37 -11.85 -20.15
C GLU Q 152 -52.67 -11.03 -20.15
N LYS Q 153 -52.69 -9.89 -19.43
CA LYS Q 153 -53.89 -9.05 -19.26
C LYS Q 153 -54.30 -8.40 -20.59
N LEU Q 154 -53.34 -7.98 -21.41
CA LEU Q 154 -53.61 -7.32 -22.73
C LEU Q 154 -53.89 -8.34 -23.83
N GLY Q 155 -53.54 -9.62 -23.65
CA GLY Q 155 -53.90 -10.73 -24.57
C GLY Q 155 -52.90 -10.90 -25.71
N GLY Q 156 -51.66 -10.47 -25.50
CA GLY Q 156 -50.67 -10.57 -26.58
C GLY Q 156 -49.33 -9.98 -26.16
N PRO Q 157 -48.32 -10.10 -27.03
CA PRO Q 157 -47.01 -9.51 -26.77
C PRO Q 157 -47.02 -7.99 -26.88
N VAL Q 158 -46.00 -7.36 -26.30
CA VAL Q 158 -45.67 -5.92 -26.40
C VAL Q 158 -44.26 -5.76 -26.98
N ASP Q 159 -43.96 -4.59 -27.54
CA ASP Q 159 -42.57 -4.22 -27.82
C ASP Q 159 -41.95 -3.58 -26.56
N ILE Q 160 -40.69 -3.84 -26.33
CA ILE Q 160 -40.01 -3.33 -25.11
C ILE Q 160 -38.84 -2.44 -25.52
N LEU Q 161 -38.80 -1.22 -24.98
CA LEU Q 161 -37.56 -0.40 -24.91
C LEU Q 161 -36.92 -0.70 -23.56
N HIS Q 162 -35.69 -1.21 -23.57
CA HIS Q 162 -34.96 -1.62 -22.35
C HIS Q 162 -33.68 -0.80 -22.30
N LEU Q 163 -33.64 0.16 -21.36
CA LEU Q 163 -32.50 1.08 -21.09
C LEU Q 163 -31.63 0.48 -19.97
N ASP Q 164 -30.45 0.04 -20.34
CA ASP Q 164 -29.62 -0.73 -19.39
C ASP Q 164 -28.21 -0.79 -19.91
N ALA Q 165 -27.26 -0.80 -18.99
CA ALA Q 165 -25.85 -0.99 -19.30
C ALA Q 165 -25.65 -2.46 -19.65
N HIS Q 166 -26.58 -3.31 -19.19
CA HIS Q 166 -26.49 -4.79 -19.24
C HIS Q 166 -27.68 -5.35 -20.02
N PRO Q 167 -27.56 -6.44 -20.77
CA PRO Q 167 -28.69 -6.98 -21.52
C PRO Q 167 -29.61 -7.90 -20.71
N ASP Q 168 -29.08 -8.51 -19.64
CA ASP Q 168 -29.82 -9.35 -18.66
C ASP Q 168 -30.59 -10.46 -19.37
N ILE Q 169 -29.92 -11.21 -20.26
CA ILE Q 169 -30.53 -12.35 -20.99
C ILE Q 169 -29.69 -13.59 -20.79
N TYR Q 170 -28.91 -13.66 -19.72
CA TYR Q 170 -28.22 -14.91 -19.32
C TYR Q 170 -29.34 -15.96 -19.14
N ASP Q 171 -29.14 -17.14 -19.69
CA ASP Q 171 -30.08 -18.28 -19.53
C ASP Q 171 -30.36 -18.51 -18.04
N CYS Q 172 -29.33 -18.62 -17.19
CA CYS Q 172 -29.50 -18.86 -15.72
C CYS Q 172 -28.31 -18.26 -14.94
N PHE Q 173 -28.36 -17.00 -14.54
CA PHE Q 173 -27.21 -16.40 -13.82
C PHE Q 173 -27.04 -17.07 -12.45
N GLU Q 174 -25.92 -17.78 -12.27
CA GLU Q 174 -25.50 -18.45 -11.00
C GLU Q 174 -26.58 -19.38 -10.49
N GLY Q 175 -27.24 -20.15 -11.35
CA GLY Q 175 -28.27 -21.13 -10.94
C GLY Q 175 -29.59 -20.48 -10.56
N ASN Q 176 -29.72 -19.15 -10.59
CA ASN Q 176 -31.00 -18.50 -10.19
C ASN Q 176 -31.78 -18.12 -11.46
N LYS Q 177 -32.83 -18.84 -11.80
CA LYS Q 177 -33.65 -18.47 -12.98
C LYS Q 177 -34.28 -17.10 -12.76
N TYR Q 178 -34.42 -16.64 -11.51
CA TYR Q 178 -35.04 -15.32 -11.25
C TYR Q 178 -33.95 -14.25 -11.06
N SER Q 179 -32.69 -14.54 -11.41
CA SER Q 179 -31.55 -13.57 -11.39
C SER Q 179 -31.98 -12.27 -12.04
N HIS Q 180 -31.57 -11.13 -11.51
CA HIS Q 180 -31.80 -9.85 -12.21
C HIS Q 180 -31.04 -9.81 -13.53
N ALA Q 181 -30.08 -10.71 -13.76
CA ALA Q 181 -29.28 -10.79 -15.02
C ALA Q 181 -29.91 -11.78 -16.01
N SER Q 182 -31.11 -12.33 -15.72
CA SER Q 182 -31.82 -13.29 -16.59
C SER Q 182 -33.27 -12.86 -16.91
N SER Q 183 -33.72 -11.69 -16.43
CA SER Q 183 -35.12 -11.20 -16.58
C SER Q 183 -35.56 -11.23 -18.04
N PHE Q 184 -34.73 -10.73 -18.95
CA PHE Q 184 -35.14 -10.56 -20.36
C PHE Q 184 -35.07 -11.90 -21.10
N ALA Q 185 -34.27 -12.85 -20.60
CA ALA Q 185 -34.34 -14.26 -21.06
C ALA Q 185 -35.71 -14.88 -20.68
N ARG Q 186 -36.13 -14.78 -19.41
CA ARG Q 186 -37.49 -15.22 -18.99
C ARG Q 186 -38.58 -14.60 -19.90
N ILE Q 187 -38.54 -13.29 -20.14
CA ILE Q 187 -39.57 -12.54 -20.94
C ILE Q 187 -39.57 -13.05 -22.39
N MET Q 188 -38.40 -13.24 -22.99
CA MET Q 188 -38.34 -13.55 -24.44
C MET Q 188 -38.81 -15.01 -24.62
N GLU Q 189 -38.29 -15.95 -23.81
CA GLU Q 189 -38.74 -17.37 -23.72
C GLU Q 189 -40.26 -17.47 -23.61
N GLY Q 190 -40.94 -16.55 -22.92
CA GLY Q 190 -42.40 -16.68 -22.71
C GLY Q 190 -43.24 -16.12 -23.85
N GLY Q 191 -42.59 -15.50 -24.84
CA GLY Q 191 -43.23 -14.74 -25.94
C GLY Q 191 -44.02 -13.54 -25.45
N TYR Q 192 -43.69 -12.94 -24.31
CA TYR Q 192 -44.41 -11.72 -23.83
C TYR Q 192 -43.96 -10.46 -24.58
N ALA Q 193 -42.86 -10.53 -25.35
CA ALA Q 193 -42.33 -9.41 -26.16
C ALA Q 193 -42.09 -9.83 -27.59
N ARG Q 194 -42.47 -8.99 -28.51
CA ARG Q 194 -42.14 -9.13 -29.95
C ARG Q 194 -40.75 -8.51 -30.10
N ARG Q 195 -40.65 -7.19 -30.19
CA ARG Q 195 -39.35 -6.51 -30.37
C ARG Q 195 -38.78 -6.26 -28.99
N LEU Q 196 -37.48 -6.42 -28.85
CA LEU Q 196 -36.78 -5.98 -27.64
C LEU Q 196 -35.61 -5.13 -28.10
N LEU Q 197 -35.68 -3.84 -27.78
CA LEU Q 197 -34.61 -2.86 -28.07
C LEU Q 197 -33.87 -2.58 -26.77
N GLN Q 198 -32.58 -2.94 -26.72
CA GLN Q 198 -31.67 -2.66 -25.57
C GLN Q 198 -30.80 -1.47 -25.93
N VAL Q 199 -30.81 -0.44 -25.10
CA VAL Q 199 -30.06 0.82 -25.39
C VAL Q 199 -29.22 1.20 -24.17
N GLY Q 200 -27.95 1.59 -24.37
CA GLY Q 200 -26.97 1.96 -23.33
C GLY Q 200 -26.08 0.77 -22.99
N ILE Q 201 -26.24 -0.33 -23.69
CA ILE Q 201 -25.47 -1.58 -23.42
C ILE Q 201 -23.96 -1.30 -23.58
N ARG Q 202 -23.17 -1.72 -22.58
CA ARG Q 202 -21.71 -1.55 -22.57
C ARG Q 202 -20.97 -2.61 -21.72
N SER Q 203 -21.69 -3.55 -21.11
CA SER Q 203 -21.19 -4.69 -20.30
C SER Q 203 -21.96 -5.89 -20.79
N ILE Q 204 -21.40 -6.63 -21.74
CA ILE Q 204 -22.05 -7.76 -22.47
C ILE Q 204 -20.92 -8.71 -22.83
N ASN Q 205 -21.17 -10.03 -22.72
CA ASN Q 205 -20.21 -11.12 -23.04
C ASN Q 205 -20.76 -11.97 -24.18
N GLN Q 206 -19.98 -12.94 -24.62
CA GLN Q 206 -20.42 -13.77 -25.75
C GLN Q 206 -21.84 -14.28 -25.45
N GLU Q 207 -22.11 -14.80 -24.26
CA GLU Q 207 -23.45 -15.39 -23.99
C GLU Q 207 -24.53 -14.34 -24.22
N GLY Q 208 -24.24 -13.10 -23.83
CA GLY Q 208 -25.19 -11.98 -24.01
C GLY Q 208 -25.43 -11.70 -25.48
N ARG Q 209 -24.40 -11.83 -26.32
CA ARG Q 209 -24.60 -11.51 -27.76
C ARG Q 209 -25.36 -12.68 -28.38
N GLU Q 210 -25.05 -13.91 -27.98
CA GLU Q 210 -25.64 -15.11 -28.57
C GLU Q 210 -27.11 -15.17 -28.16
N GLN Q 211 -27.47 -14.91 -26.91
CA GLN Q 211 -28.90 -14.88 -26.52
C GLN Q 211 -29.60 -13.76 -27.30
N GLY Q 212 -28.92 -12.63 -27.49
CA GLY Q 212 -29.48 -11.49 -28.23
C GLY Q 212 -29.85 -11.92 -29.63
N LYS Q 213 -28.99 -12.68 -30.26
CA LYS Q 213 -29.23 -13.13 -31.64
C LYS Q 213 -30.34 -14.21 -31.63
N ARG Q 214 -30.32 -15.13 -30.66
CA ARG Q 214 -31.31 -16.22 -30.51
C ARG Q 214 -32.70 -15.59 -30.39
N PHE Q 215 -32.90 -14.60 -29.52
CA PHE Q 215 -34.23 -14.03 -29.22
C PHE Q 215 -34.56 -12.85 -30.16
N GLY Q 216 -33.70 -12.54 -31.13
CA GLY Q 216 -33.95 -11.47 -32.10
C GLY Q 216 -33.91 -10.08 -31.49
N VAL Q 217 -33.08 -9.90 -30.48
CA VAL Q 217 -33.03 -8.64 -29.72
C VAL Q 217 -32.31 -7.62 -30.59
N GLU Q 218 -32.75 -6.37 -30.56
CA GLU Q 218 -32.00 -5.30 -31.23
C GLU Q 218 -31.16 -4.66 -30.13
N GLN Q 219 -29.86 -4.97 -30.11
CA GLN Q 219 -28.91 -4.55 -29.06
C GLN Q 219 -28.08 -3.36 -29.58
N TYR Q 220 -28.31 -2.19 -28.99
CA TYR Q 220 -27.59 -0.94 -29.28
C TYR Q 220 -26.51 -0.76 -28.20
N GLU Q 221 -25.25 -0.89 -28.59
CA GLU Q 221 -24.08 -0.77 -27.70
C GLU Q 221 -23.58 0.68 -27.72
N MET Q 222 -23.10 1.17 -26.58
CA MET Q 222 -22.63 2.57 -26.49
C MET Q 222 -21.43 2.80 -27.42
N ARG Q 223 -20.68 1.77 -27.80
CA ARG Q 223 -19.54 1.98 -28.70
C ARG Q 223 -20.00 2.37 -30.12
N THR Q 224 -21.30 2.32 -30.46
CA THR Q 224 -21.82 2.77 -31.77
C THR Q 224 -22.91 3.83 -31.56
N PHE Q 225 -23.02 4.47 -30.39
CA PHE Q 225 -24.05 5.49 -30.07
C PHE Q 225 -23.91 6.76 -30.92
N SER Q 226 -22.68 7.15 -31.29
CA SER Q 226 -22.41 8.23 -32.27
C SER Q 226 -23.27 8.04 -33.53
N LYS Q 227 -23.09 6.94 -34.23
CA LYS Q 227 -23.91 6.61 -35.42
C LYS Q 227 -25.38 6.42 -35.04
N ASP Q 228 -25.69 5.83 -33.88
CA ASP Q 228 -27.08 5.38 -33.58
C ASP Q 228 -27.96 6.51 -33.01
N ARG Q 229 -27.38 7.56 -32.42
CA ARG Q 229 -28.18 8.63 -31.73
C ARG Q 229 -29.36 9.07 -32.61
N PRO Q 230 -29.15 9.48 -33.88
CA PRO Q 230 -30.24 9.93 -34.74
C PRO Q 230 -31.42 8.96 -34.72
N MET Q 231 -31.15 7.68 -34.90
CA MET Q 231 -32.21 6.65 -34.89
C MET Q 231 -32.77 6.47 -33.47
N LEU Q 232 -31.95 6.54 -32.41
CA LEU Q 232 -32.47 6.33 -31.03
C LEU Q 232 -33.33 7.53 -30.57
N GLU Q 233 -33.14 8.69 -31.16
CA GLU Q 233 -33.95 9.89 -30.78
C GLU Q 233 -35.12 10.04 -31.76
N ASN Q 234 -35.44 9.01 -32.55
CA ASN Q 234 -36.65 9.02 -33.40
C ASN Q 234 -37.25 7.63 -33.45
N LEU Q 235 -37.29 6.93 -32.32
CA LEU Q 235 -37.87 5.58 -32.29
C LEU Q 235 -39.40 5.61 -32.49
N LYS Q 236 -39.89 4.60 -33.19
CA LYS Q 236 -41.33 4.23 -33.34
C LYS Q 236 -41.47 2.76 -32.95
N LEU Q 237 -42.38 2.44 -32.02
CA LEU Q 237 -42.57 1.05 -31.52
C LEU Q 237 -44.06 0.77 -31.29
N GLY Q 238 -44.42 -0.52 -31.24
CA GLY Q 238 -45.77 -0.94 -30.85
C GLY Q 238 -46.69 -1.28 -32.02
N GLU Q 239 -46.32 -0.99 -33.26
CA GLU Q 239 -47.21 -1.18 -34.45
C GLU Q 239 -47.41 -2.68 -34.69
N GLY Q 240 -48.68 -3.13 -34.67
CA GLY Q 240 -49.08 -4.54 -34.84
C GLY Q 240 -49.16 -5.35 -33.54
N VAL Q 241 -48.63 -4.86 -32.42
CA VAL Q 241 -48.64 -5.59 -31.11
C VAL Q 241 -49.46 -4.75 -30.11
N LYS Q 242 -49.67 -5.25 -28.89
CA LYS Q 242 -50.69 -4.72 -27.93
C LYS Q 242 -50.27 -3.43 -27.22
N GLY Q 243 -49.11 -2.89 -27.53
CA GLY Q 243 -48.58 -1.71 -26.83
C GLY Q 243 -47.08 -1.80 -26.65
N VAL Q 244 -46.49 -0.80 -25.99
CA VAL Q 244 -45.03 -0.67 -25.75
C VAL Q 244 -44.78 -0.63 -24.24
N TYR Q 245 -43.75 -1.34 -23.79
CA TYR Q 245 -43.33 -1.37 -22.37
C TYR Q 245 -41.91 -0.82 -22.30
N ILE Q 246 -41.67 0.12 -21.36
CA ILE Q 246 -40.34 0.72 -21.19
C ILE Q 246 -39.75 0.26 -19.85
N SER Q 247 -38.62 -0.42 -19.89
CA SER Q 247 -37.90 -0.82 -18.67
C SER Q 247 -36.60 -0.01 -18.56
N ILE Q 248 -36.47 0.75 -17.47
CA ILE Q 248 -35.29 1.64 -17.29
C ILE Q 248 -34.53 1.16 -16.08
N ASP Q 249 -33.36 0.60 -16.34
CA ASP Q 249 -32.33 0.37 -15.31
C ASP Q 249 -31.58 1.70 -15.17
N VAL Q 250 -31.56 2.22 -13.99
CA VAL Q 250 -30.85 3.51 -13.71
C VAL Q 250 -29.39 3.48 -14.21
N ASP Q 251 -28.73 2.33 -14.25
CA ASP Q 251 -27.33 2.21 -14.73
C ASP Q 251 -27.25 2.33 -16.26
N CYS Q 252 -28.35 2.59 -16.99
CA CYS Q 252 -28.25 3.04 -18.40
C CYS Q 252 -27.49 4.36 -18.44
N LEU Q 253 -27.67 5.18 -17.40
CA LEU Q 253 -26.92 6.45 -17.19
C LEU Q 253 -25.47 6.17 -16.81
N ASP Q 254 -24.59 6.99 -17.36
CA ASP Q 254 -23.20 7.02 -16.90
C ASP Q 254 -23.23 7.17 -15.37
N PRO Q 255 -22.37 6.46 -14.62
CA PRO Q 255 -22.27 6.70 -13.19
C PRO Q 255 -22.04 8.17 -12.77
N ALA Q 256 -21.53 9.03 -13.67
CA ALA Q 256 -21.39 10.48 -13.37
C ALA Q 256 -22.77 11.00 -12.98
N PHE Q 257 -23.81 10.54 -13.67
CA PHE Q 257 -25.20 11.03 -13.47
C PHE Q 257 -25.91 10.19 -12.41
N ALA Q 258 -25.57 8.90 -12.30
CA ALA Q 258 -26.32 7.92 -11.47
C ALA Q 258 -25.35 7.03 -10.72
N PRO Q 259 -24.70 7.52 -9.67
CA PRO Q 259 -23.78 6.70 -8.91
C PRO Q 259 -24.46 5.71 -7.98
N GLY Q 260 -25.71 5.99 -7.65
CA GLY Q 260 -26.53 5.12 -6.77
C GLY Q 260 -27.05 3.88 -7.48
N VAL Q 261 -26.15 2.97 -7.86
CA VAL Q 261 -26.45 1.70 -8.54
C VAL Q 261 -25.52 0.62 -8.01
N SER Q 262 -25.85 -0.66 -8.20
CA SER Q 262 -24.97 -1.75 -7.72
C SER Q 262 -23.84 -1.98 -8.71
N HIS Q 263 -24.00 -1.61 -9.98
CA HIS Q 263 -23.06 -1.96 -11.07
C HIS Q 263 -22.54 -0.66 -11.73
N ILE Q 264 -21.41 -0.15 -11.24
CA ILE Q 264 -20.77 1.06 -11.82
C ILE Q 264 -20.14 0.63 -13.15
N GLU Q 265 -20.56 1.27 -14.25
CA GLU Q 265 -20.14 0.89 -15.61
C GLU Q 265 -19.91 2.17 -16.40
N PRO Q 266 -18.69 2.71 -16.39
CA PRO Q 266 -18.48 3.93 -17.14
C PRO Q 266 -18.84 3.83 -18.64
N GLY Q 267 -19.19 5.02 -19.16
CA GLY Q 267 -19.33 5.28 -20.60
C GLY Q 267 -20.77 5.13 -20.98
N GLY Q 268 -21.68 5.62 -20.14
CA GLY Q 268 -23.13 5.55 -20.36
C GLY Q 268 -23.77 6.83 -20.89
N LEU Q 269 -25.09 6.84 -20.89
CA LEU Q 269 -25.91 7.93 -21.43
C LEU Q 269 -25.92 9.09 -20.44
N SER Q 270 -26.10 10.32 -20.92
CA SER Q 270 -26.45 11.47 -20.06
C SER Q 270 -27.92 11.38 -19.69
N PHE Q 271 -28.33 12.12 -18.68
CA PHE Q 271 -29.76 12.14 -18.31
C PHE Q 271 -30.53 12.75 -19.49
N ARG Q 272 -29.96 13.77 -20.12
CA ARG Q 272 -30.62 14.46 -21.25
C ARG Q 272 -30.70 13.45 -22.40
N ASP Q 273 -29.66 12.66 -22.66
CA ASP Q 273 -29.76 11.65 -23.75
C ASP Q 273 -31.01 10.77 -23.52
N VAL Q 274 -31.21 10.28 -22.29
CA VAL Q 274 -32.35 9.39 -21.94
C VAL Q 274 -33.66 10.11 -22.24
N LEU Q 275 -33.79 11.38 -21.84
CA LEU Q 275 -35.06 12.14 -22.10
C LEU Q 275 -35.20 12.43 -23.59
N ASN Q 276 -34.11 12.68 -24.34
CA ASN Q 276 -34.24 12.85 -25.81
C ASN Q 276 -34.94 11.59 -26.37
N ILE Q 277 -34.56 10.41 -25.86
CA ILE Q 277 -35.12 9.12 -26.34
C ILE Q 277 -36.58 9.02 -25.84
N LEU Q 278 -36.83 9.21 -24.55
CA LEU Q 278 -38.22 9.05 -24.06
C LEU Q 278 -39.17 10.07 -24.73
N HIS Q 279 -38.79 11.34 -24.83
CA HIS Q 279 -39.65 12.42 -25.35
C HIS Q 279 -39.95 12.18 -26.83
N ASN Q 280 -39.01 11.65 -27.60
CA ASN Q 280 -39.16 11.49 -29.07
C ASN Q 280 -39.79 10.13 -29.40
N LEU Q 281 -39.93 9.24 -28.43
CA LEU Q 281 -40.48 7.90 -28.74
C LEU Q 281 -41.96 8.02 -29.13
N GLN Q 282 -42.32 7.48 -30.30
CA GLN Q 282 -43.71 7.20 -30.70
C GLN Q 282 -44.10 5.80 -30.23
N ALA Q 283 -45.03 5.73 -29.28
CA ALA Q 283 -45.43 4.48 -28.61
C ALA Q 283 -46.71 4.71 -27.84
N ASP Q 284 -47.54 3.71 -27.81
CA ASP Q 284 -48.70 3.59 -26.91
C ASP Q 284 -48.17 2.88 -25.66
N VAL Q 285 -47.68 3.64 -24.69
CA VAL Q 285 -46.96 3.01 -23.55
C VAL Q 285 -48.03 2.41 -22.64
N VAL Q 286 -47.97 1.10 -22.41
CA VAL Q 286 -48.98 0.35 -21.60
C VAL Q 286 -48.44 0.04 -20.20
N GLY Q 287 -47.15 0.23 -19.94
CA GLY Q 287 -46.50 -0.05 -18.66
C GLY Q 287 -45.03 0.35 -18.70
N ALA Q 288 -44.41 0.63 -17.54
CA ALA Q 288 -42.96 0.88 -17.45
C ALA Q 288 -42.44 0.50 -16.07
N ASP Q 289 -41.13 0.48 -15.92
CA ASP Q 289 -40.46 0.25 -14.63
C ASP Q 289 -39.16 1.06 -14.59
N VAL Q 290 -38.82 1.47 -13.38
CA VAL Q 290 -37.55 2.17 -13.07
C VAL Q 290 -36.93 1.36 -11.95
N VAL Q 291 -35.83 0.71 -12.23
CA VAL Q 291 -35.24 -0.33 -11.37
C VAL Q 291 -33.76 -0.02 -11.13
N GLU Q 292 -33.21 -0.71 -10.15
CA GLU Q 292 -31.76 -0.81 -9.86
C GLU Q 292 -31.23 0.51 -9.31
N PHE Q 293 -32.12 1.43 -8.89
CA PHE Q 293 -31.68 2.52 -7.96
C PHE Q 293 -31.30 1.85 -6.63
N ASN Q 294 -30.05 2.04 -6.19
CA ASN Q 294 -29.51 1.47 -4.93
C ASN Q 294 -29.18 2.63 -3.99
N PRO Q 295 -30.13 3.02 -3.11
CA PRO Q 295 -29.92 4.12 -2.19
C PRO Q 295 -28.63 4.04 -1.35
N GLN Q 296 -28.15 2.84 -1.03
CA GLN Q 296 -26.93 2.61 -0.21
C GLN Q 296 -25.67 2.96 -0.98
N ARG Q 297 -25.72 3.21 -2.30
CA ARG Q 297 -24.56 3.63 -3.12
C ARG Q 297 -24.74 5.08 -3.59
N ASP Q 298 -25.78 5.77 -3.13
CA ASP Q 298 -26.14 7.13 -3.61
C ASP Q 298 -25.27 8.12 -2.86
N THR Q 299 -25.17 9.35 -3.39
CA THR Q 299 -24.49 10.47 -2.71
C THR Q 299 -25.24 10.72 -1.41
N VAL Q 300 -24.63 11.43 -0.48
CA VAL Q 300 -25.27 11.75 0.83
C VAL Q 300 -26.49 12.66 0.67
N ASP Q 301 -26.68 13.35 -0.47
CA ASP Q 301 -27.84 14.25 -0.71
C ASP Q 301 -28.86 13.61 -1.65
N GLY Q 302 -28.61 12.42 -2.12
CA GLY Q 302 -29.70 11.64 -2.74
C GLY Q 302 -29.84 11.99 -4.20
N MET Q 303 -28.72 12.12 -4.89
CA MET Q 303 -28.72 12.65 -6.26
C MET Q 303 -29.37 11.61 -7.15
N THR Q 304 -29.07 10.34 -6.96
CA THR Q 304 -29.63 9.28 -7.82
C THR Q 304 -31.13 9.10 -7.49
N ALA Q 305 -31.57 9.38 -6.26
CA ALA Q 305 -33.03 9.42 -5.93
C ALA Q 305 -33.76 10.47 -6.81
N MET Q 306 -33.15 11.64 -7.03
CA MET Q 306 -33.74 12.69 -7.88
C MET Q 306 -33.72 12.22 -9.35
N VAL Q 307 -32.66 11.59 -9.82
CA VAL Q 307 -32.54 10.97 -11.18
C VAL Q 307 -33.69 9.96 -11.38
N ALA Q 308 -33.91 9.07 -10.43
CA ALA Q 308 -34.96 8.04 -10.51
C ALA Q 308 -36.37 8.69 -10.53
N ALA Q 309 -36.60 9.66 -9.64
CA ALA Q 309 -37.87 10.41 -9.52
C ALA Q 309 -38.12 11.12 -10.84
N LYS Q 310 -37.10 11.71 -11.46
CA LYS Q 310 -37.39 12.46 -12.72
C LYS Q 310 -37.71 11.49 -13.88
N LEU Q 311 -37.08 10.32 -13.96
CA LEU Q 311 -37.45 9.29 -14.95
C LEU Q 311 -38.90 8.89 -14.75
N VAL Q 312 -39.26 8.56 -13.51
CA VAL Q 312 -40.68 8.26 -13.16
C VAL Q 312 -41.58 9.41 -13.63
N ARG Q 313 -41.26 10.64 -13.29
CA ARG Q 313 -42.12 11.78 -13.63
C ARG Q 313 -42.29 11.84 -15.15
N GLU Q 314 -41.20 11.73 -15.88
CA GLU Q 314 -41.24 11.87 -17.35
C GLU Q 314 -41.97 10.67 -17.95
N LEU Q 315 -41.84 9.47 -17.38
CA LEU Q 315 -42.58 8.29 -17.89
C LEU Q 315 -44.09 8.48 -17.62
N ALA Q 316 -44.45 9.02 -16.48
CA ALA Q 316 -45.86 9.30 -16.12
C ALA Q 316 -46.50 10.21 -17.15
N ALA Q 317 -45.81 11.27 -17.60
CA ALA Q 317 -46.36 12.25 -18.56
C ALA Q 317 -46.54 11.56 -19.91
N LYS Q 318 -45.67 10.59 -20.20
CA LYS Q 318 -45.75 9.80 -21.47
C LYS Q 318 -46.88 8.77 -21.38
N ILE Q 319 -47.04 8.08 -20.26
CA ILE Q 319 -48.06 7.02 -20.13
C ILE Q 319 -49.45 7.66 -20.02
N SER Q 320 -49.56 8.74 -19.26
CA SER Q 320 -50.87 9.37 -18.99
C SER Q 320 -51.33 10.14 -20.26
N LYS Q 321 -52.61 10.11 -20.56
CA LYS Q 321 -53.21 10.83 -21.72
C LYS Q 321 -54.72 10.88 -21.57
N SER R 6 -37.18 57.08 15.40
CA SER R 6 -36.77 55.69 15.78
C SER R 6 -35.25 55.65 15.93
N SER R 7 -34.74 55.75 17.17
CA SER R 7 -33.30 55.91 17.50
C SER R 7 -32.46 54.68 17.10
N ILE R 8 -33.09 53.53 16.88
CA ILE R 8 -32.46 52.30 16.30
C ILE R 8 -32.06 52.58 14.84
N GLU R 9 -32.65 53.62 14.23
CA GLU R 9 -32.44 53.97 12.80
C GLU R 9 -31.03 54.56 12.68
N LYS R 10 -30.63 55.34 13.68
CA LYS R 10 -29.29 55.98 13.71
C LYS R 10 -28.24 54.88 13.53
N GLY R 11 -28.30 53.85 14.37
CA GLY R 11 -27.31 52.75 14.43
C GLY R 11 -27.33 51.92 13.15
N GLN R 12 -28.52 51.62 12.64
CA GLN R 12 -28.68 50.84 11.38
C GLN R 12 -28.03 51.62 10.22
N ASN R 13 -28.29 52.94 10.17
CA ASN R 13 -27.71 53.83 9.14
C ASN R 13 -26.19 53.82 9.27
N ARG R 14 -25.67 53.89 10.50
CA ARG R 14 -24.21 53.94 10.80
C ARG R 14 -23.55 52.66 10.30
N VAL R 15 -24.17 51.54 10.60
CA VAL R 15 -23.74 50.18 10.15
C VAL R 15 -23.74 50.14 8.62
N ILE R 16 -24.82 50.61 8.00
CA ILE R 16 -24.90 50.60 6.52
C ILE R 16 -23.81 51.53 5.97
N ASP R 17 -23.63 52.76 6.49
CA ASP R 17 -22.68 53.71 5.86
C ASP R 17 -21.26 53.15 6.03
N ALA R 18 -20.96 52.55 7.18
CA ALA R 18 -19.62 51.98 7.46
C ALA R 18 -19.37 50.79 6.53
N SER R 19 -20.43 50.04 6.21
CA SER R 19 -20.41 48.86 5.30
C SER R 19 -20.07 49.28 3.86
N LEU R 20 -20.82 50.24 3.30
CA LEU R 20 -20.53 50.90 1.99
C LEU R 20 -19.14 51.54 2.00
N THR R 21 -18.81 52.33 3.02
CA THR R 21 -17.46 52.95 3.18
C THR R 21 -16.37 51.89 2.96
N LEU R 22 -16.56 50.67 3.46
CA LEU R 22 -15.52 49.63 3.40
C LEU R 22 -15.34 49.18 1.94
N ILE R 23 -16.43 49.06 1.17
CA ILE R 23 -16.37 48.65 -0.27
C ILE R 23 -15.79 49.81 -1.07
N ARG R 24 -16.22 51.05 -0.76
CA ARG R 24 -15.72 52.28 -1.43
C ARG R 24 -14.19 52.29 -1.34
N GLU R 25 -13.63 52.13 -0.14
CA GLU R 25 -12.17 52.31 0.09
C GLU R 25 -11.40 51.16 -0.60
N ARG R 26 -11.87 49.92 -0.45
CA ARG R 26 -11.25 48.75 -1.12
CA ARG R 26 -11.24 48.77 -1.13
C ARG R 26 -11.31 48.99 -2.64
N ALA R 27 -12.48 49.32 -3.18
CA ALA R 27 -12.64 49.57 -4.64
C ALA R 27 -11.60 50.57 -5.14
N LYS R 28 -11.33 51.60 -4.32
CA LYS R 28 -10.45 52.73 -4.69
C LYS R 28 -9.00 52.23 -4.80
N LEU R 29 -8.54 51.34 -3.92
CA LEU R 29 -7.19 50.72 -4.05
C LEU R 29 -7.12 49.90 -5.35
N LYS R 30 -8.19 49.17 -5.67
CA LYS R 30 -8.19 48.29 -6.88
C LYS R 30 -8.16 49.20 -8.12
N GLY R 31 -9.04 50.19 -8.17
CA GLY R 31 -9.09 51.14 -9.30
C GLY R 31 -7.74 51.75 -9.56
N GLU R 32 -7.06 52.18 -8.51
CA GLU R 32 -5.77 52.87 -8.62
C GLU R 32 -4.73 51.88 -9.17
N LEU R 33 -4.72 50.66 -8.67
CA LEU R 33 -3.75 49.65 -9.17
C LEU R 33 -3.98 49.39 -10.67
N VAL R 34 -5.23 49.18 -11.09
CA VAL R 34 -5.56 48.99 -12.52
C VAL R 34 -5.11 50.22 -13.31
N ARG R 35 -5.32 51.43 -12.78
CA ARG R 35 -5.05 52.66 -13.55
C ARG R 35 -3.53 52.91 -13.64
N LEU R 36 -2.78 52.68 -12.55
CA LEU R 36 -1.29 52.77 -12.50
C LEU R 36 -0.65 51.83 -13.55
N LEU R 37 -1.20 50.64 -13.80
CA LEU R 37 -0.59 49.66 -14.75
C LEU R 37 -0.91 50.09 -16.17
N GLY R 38 -2.09 50.66 -16.42
CA GLY R 38 -2.45 51.35 -17.69
C GLY R 38 -2.90 50.38 -18.77
N GLY R 39 -3.60 50.89 -19.77
CA GLY R 39 -4.03 50.10 -20.94
C GLY R 39 -5.38 49.39 -20.79
N ALA R 40 -5.91 49.14 -19.58
CA ALA R 40 -7.19 48.40 -19.48
C ALA R 40 -8.37 49.30 -19.90
N LYS R 41 -9.28 48.79 -20.75
CA LYS R 41 -10.58 49.42 -21.12
C LYS R 41 -11.68 48.93 -20.19
N ALA R 42 -11.59 47.68 -19.75
CA ALA R 42 -12.51 47.05 -18.77
C ALA R 42 -11.67 46.11 -17.94
N SER R 43 -11.92 46.04 -16.64
CA SER R 43 -11.19 45.15 -15.71
C SER R 43 -12.20 44.53 -14.76
N THR R 44 -12.28 43.20 -14.77
CA THR R 44 -13.29 42.51 -13.93
C THR R 44 -12.96 42.73 -12.45
N SER R 45 -13.95 43.07 -11.65
CA SER R 45 -13.80 43.21 -10.16
C SER R 45 -14.87 42.42 -9.45
N LEU R 46 -14.44 41.52 -8.57
CA LEU R 46 -15.32 40.59 -7.82
C LEU R 46 -16.02 41.36 -6.69
N LEU R 47 -17.32 41.21 -6.59
CA LEU R 47 -18.06 41.65 -5.38
C LEU R 47 -18.88 40.45 -4.88
N GLY R 48 -18.63 40.07 -3.66
CA GLY R 48 -19.38 39.01 -2.98
C GLY R 48 -20.61 39.57 -2.33
N VAL R 49 -21.71 38.85 -2.46
CA VAL R 49 -22.98 39.16 -1.73
C VAL R 49 -23.41 37.88 -1.03
N PRO R 50 -22.88 37.62 0.19
CA PRO R 50 -23.16 36.39 0.91
C PRO R 50 -24.58 36.38 1.52
N LEU R 51 -25.59 36.27 0.65
CA LEU R 51 -27.02 36.38 0.98
C LEU R 51 -27.70 35.05 0.59
N GLY R 52 -28.30 34.33 1.53
CA GLY R 52 -29.03 33.07 1.24
C GLY R 52 -30.47 33.02 1.72
N HIS R 53 -30.99 34.08 2.35
CA HIS R 53 -32.28 34.02 3.09
C HIS R 53 -33.48 34.26 2.17
N ASN R 54 -33.26 34.45 0.87
CA ASN R 54 -34.37 34.51 -0.11
C ASN R 54 -34.52 33.14 -0.80
N SER R 55 -33.70 32.15 -0.43
CA SER R 55 -33.80 30.75 -0.92
C SER R 55 -35.13 30.13 -0.45
N SER R 56 -35.68 29.22 -1.24
CA SER R 56 -36.97 28.55 -0.97
C SER R 56 -36.70 27.21 -0.26
N PHE R 57 -35.49 26.67 -0.34
CA PHE R 57 -35.22 25.27 0.12
C PHE R 57 -34.07 25.25 1.10
N LEU R 58 -32.92 25.73 0.69
CA LEU R 58 -31.70 25.77 1.55
C LEU R 58 -31.00 27.12 1.42
N GLN R 59 -30.36 27.56 2.49
CA GLN R 59 -29.72 28.91 2.56
C GLN R 59 -28.21 28.85 2.27
N GLY R 60 -27.69 27.66 1.98
CA GLY R 60 -26.24 27.44 1.90
C GLY R 60 -25.51 28.39 0.95
N PRO R 61 -26.10 28.96 -0.12
CA PRO R 61 -25.35 29.91 -0.93
C PRO R 61 -24.83 31.17 -0.20
N ALA R 62 -25.34 31.46 0.99
CA ALA R 62 -24.81 32.54 1.85
C ALA R 62 -23.31 32.35 2.06
N PHE R 63 -22.79 31.11 2.05
CA PHE R 63 -21.40 30.79 2.41
C PHE R 63 -20.55 30.61 1.14
N ALA R 64 -21.10 30.90 -0.04
CA ALA R 64 -20.46 30.57 -1.31
C ALA R 64 -19.24 31.45 -1.58
N PRO R 65 -19.33 32.81 -1.54
CA PRO R 65 -18.28 33.66 -2.09
C PRO R 65 -16.89 33.37 -1.50
N PRO R 66 -16.68 33.20 -0.19
CA PRO R 66 -15.32 32.87 0.27
C PRO R 66 -14.80 31.50 -0.25
N ARG R 67 -15.67 30.50 -0.49
CA ARG R 67 -15.25 29.18 -1.05
C ARG R 67 -14.91 29.36 -2.51
N ILE R 68 -15.63 30.20 -3.24
CA ILE R 68 -15.28 30.43 -4.65
C ILE R 68 -13.86 31.00 -4.70
N ARG R 69 -13.56 32.00 -3.89
CA ARG R 69 -12.26 32.72 -3.93
C ARG R 69 -11.14 31.71 -3.63
N GLU R 70 -11.33 30.84 -2.62
CA GLU R 70 -10.33 29.78 -2.31
C GLU R 70 -10.04 28.97 -3.58
N ALA R 71 -11.09 28.57 -4.30
CA ALA R 71 -11.00 27.68 -5.48
C ALA R 71 -10.31 28.40 -6.64
N ILE R 72 -10.56 29.71 -6.82
CA ILE R 72 -9.93 30.50 -7.90
C ILE R 72 -8.41 30.40 -7.75
N TRP R 73 -7.90 30.39 -6.52
CA TRP R 73 -6.46 30.57 -6.26
C TRP R 73 -5.85 29.24 -5.77
N CYS R 74 -6.56 28.12 -5.97
CA CYS R 74 -6.13 26.79 -5.51
C CYS R 74 -4.78 26.44 -6.15
N GLY R 75 -3.83 25.98 -5.34
CA GLY R 75 -2.50 25.53 -5.73
C GLY R 75 -2.55 24.44 -6.80
N SER R 76 -3.65 23.70 -6.92
CA SER R 76 -3.82 22.67 -7.96
C SER R 76 -3.95 23.30 -9.36
N THR R 77 -4.21 24.60 -9.48
CA THR R 77 -4.63 25.22 -10.74
C THR R 77 -3.51 26.12 -11.22
N ASN R 78 -3.53 26.56 -12.48
CA ASN R 78 -2.68 27.72 -12.88
C ASN R 78 -3.57 28.95 -13.08
N SER R 79 -2.93 30.09 -13.22
CA SER R 79 -3.57 31.42 -13.17
C SER R 79 -3.95 31.88 -14.58
N ALA R 80 -3.84 31.05 -15.61
CA ALA R 80 -4.25 31.42 -16.97
C ALA R 80 -5.66 30.89 -17.22
N THR R 81 -6.49 31.72 -17.87
CA THR R 81 -7.81 31.28 -18.42
C THR R 81 -7.58 30.42 -19.65
N GLU R 82 -8.62 29.75 -20.08
CA GLU R 82 -8.61 28.84 -21.23
C GLU R 82 -8.10 29.59 -22.47
N GLU R 83 -8.54 30.84 -22.66
CA GLU R 83 -8.11 31.74 -23.77
C GLU R 83 -6.65 32.19 -23.58
N GLY R 84 -6.22 32.42 -22.34
CA GLY R 84 -4.81 32.75 -22.09
C GLY R 84 -4.57 34.05 -21.33
N LYS R 85 -5.60 34.58 -20.69
CA LYS R 85 -5.48 35.80 -19.84
C LYS R 85 -4.89 35.42 -18.50
N GLU R 86 -4.18 36.36 -17.92
CA GLU R 86 -3.40 36.12 -16.69
C GLU R 86 -4.18 36.71 -15.50
N LEU R 87 -4.64 35.84 -14.62
CA LEU R 87 -5.56 36.23 -13.53
C LEU R 87 -4.84 37.03 -12.45
N LYS R 88 -3.52 36.96 -12.40
CA LYS R 88 -2.69 37.68 -11.41
C LYS R 88 -2.55 39.14 -11.84
N ASP R 89 -2.80 39.46 -13.12
CA ASP R 89 -2.82 40.86 -13.65
C ASP R 89 -4.08 41.57 -13.15
N PRO R 90 -3.94 42.60 -12.30
CA PRO R 90 -5.11 43.27 -11.74
C PRO R 90 -6.06 43.82 -12.80
N ARG R 91 -5.52 44.12 -13.99
CA ARG R 91 -6.30 44.61 -15.16
C ARG R 91 -7.26 43.51 -15.65
N VAL R 92 -6.97 42.23 -15.38
CA VAL R 92 -7.84 41.08 -15.74
C VAL R 92 -8.79 40.77 -14.57
N LEU R 93 -8.27 40.82 -13.35
CA LEU R 93 -9.09 40.49 -12.15
C LEU R 93 -8.57 41.24 -10.93
N THR R 94 -9.49 41.92 -10.25
CA THR R 94 -9.28 42.38 -8.86
C THR R 94 -10.47 41.87 -8.07
N ASP R 95 -10.51 42.19 -6.79
CA ASP R 95 -11.52 41.64 -5.85
C ASP R 95 -11.78 42.72 -4.82
N VAL R 96 -13.01 43.25 -4.74
CA VAL R 96 -13.37 44.23 -3.67
C VAL R 96 -14.04 43.57 -2.46
N GLY R 97 -14.01 42.26 -2.32
CA GLY R 97 -14.49 41.57 -1.11
C GLY R 97 -16.01 41.52 -1.01
N ASP R 98 -16.53 41.30 0.19
CA ASP R 98 -17.95 40.94 0.42
C ASP R 98 -18.70 42.10 1.06
N VAL R 99 -19.88 42.39 0.52
CA VAL R 99 -20.97 43.11 1.22
C VAL R 99 -21.27 42.39 2.53
N PRO R 100 -21.08 43.07 3.69
CA PRO R 100 -21.45 42.52 4.99
C PRO R 100 -22.97 42.36 5.15
N VAL R 101 -23.56 41.47 4.35
CA VAL R 101 -25.03 41.15 4.35
C VAL R 101 -25.46 40.72 5.76
N GLN R 102 -24.76 39.77 6.39
CA GLN R 102 -25.27 39.18 7.66
C GLN R 102 -25.32 40.24 8.77
N GLU R 103 -24.45 41.26 8.72
CA GLU R 103 -24.38 42.30 9.78
C GLU R 103 -25.48 43.32 9.51
N ILE R 104 -25.66 43.71 8.26
CA ILE R 104 -26.80 44.59 7.91
C ILE R 104 -28.13 43.95 8.33
N ARG R 105 -28.28 42.63 8.12
CA ARG R 105 -29.46 41.85 8.59
C ARG R 105 -29.52 41.79 10.13
N ASP R 106 -28.39 41.53 10.78
CA ASP R 106 -28.28 41.26 12.24
C ASP R 106 -28.83 42.43 13.06
N CYS R 107 -28.82 43.63 12.48
CA CYS R 107 -29.27 44.88 13.17
C CYS R 107 -30.67 45.27 12.65
N GLY R 108 -31.37 44.36 11.99
CA GLY R 108 -32.84 44.41 11.79
C GLY R 108 -33.24 45.23 10.58
N VAL R 109 -32.32 45.48 9.66
CA VAL R 109 -32.62 46.20 8.38
C VAL R 109 -33.50 45.30 7.53
N ASP R 110 -34.57 45.87 6.95
CA ASP R 110 -35.56 45.16 6.11
C ASP R 110 -34.94 44.88 4.74
N ASP R 111 -35.62 44.11 3.90
CA ASP R 111 -35.03 43.63 2.64
C ASP R 111 -34.97 44.79 1.64
N ASP R 112 -35.94 45.68 1.66
CA ASP R 112 -35.98 46.89 0.79
C ASP R 112 -34.61 47.57 0.89
N ARG R 113 -34.19 47.95 2.09
CA ARG R 113 -32.93 48.69 2.33
C ARG R 113 -31.73 47.78 2.03
N LEU R 114 -31.79 46.51 2.45
CA LEU R 114 -30.65 45.60 2.25
C LEU R 114 -30.38 45.45 0.75
N MET R 115 -31.42 45.30 -0.06
CA MET R 115 -31.22 45.17 -1.53
C MET R 115 -30.66 46.48 -2.07
N ASN R 116 -31.08 47.64 -1.50
CA ASN R 116 -30.55 48.98 -1.91
C ASN R 116 -29.05 49.04 -1.59
N VAL R 117 -28.60 48.51 -0.46
CA VAL R 117 -27.14 48.48 -0.13
C VAL R 117 -26.37 47.71 -1.20
N ILE R 118 -26.98 46.66 -1.72
CA ILE R 118 -26.29 45.75 -2.68
C ILE R 118 -26.14 46.53 -3.99
N SER R 119 -27.21 47.20 -4.42
CA SER R 119 -27.21 48.13 -5.57
C SER R 119 -26.12 49.20 -5.37
N GLU R 120 -26.11 49.93 -4.27
CA GLU R 120 -25.08 50.98 -4.00
C GLU R 120 -23.67 50.37 -4.08
N SER R 121 -23.47 49.15 -3.54
CA SER R 121 -22.16 48.47 -3.54
C SER R 121 -21.65 48.29 -4.97
N VAL R 122 -22.53 47.82 -5.86
CA VAL R 122 -22.25 47.60 -7.31
C VAL R 122 -21.91 48.95 -7.97
N LYS R 123 -22.63 50.02 -7.68
CA LYS R 123 -22.35 51.31 -8.33
C LYS R 123 -20.98 51.80 -7.85
N LEU R 124 -20.64 51.57 -6.57
CA LEU R 124 -19.30 51.88 -5.98
C LEU R 124 -18.18 51.26 -6.84
N VAL R 125 -18.36 50.03 -7.28
CA VAL R 125 -17.39 49.35 -8.16
C VAL R 125 -17.38 50.05 -9.52
N MET R 126 -18.55 50.32 -10.09
CA MET R 126 -18.69 50.85 -11.47
C MET R 126 -18.12 52.27 -11.54
N GLU R 127 -18.13 53.00 -10.41
CA GLU R 127 -17.67 54.41 -10.30
C GLU R 127 -16.13 54.50 -10.28
N GLU R 128 -15.44 53.35 -10.09
CA GLU R 128 -13.96 53.22 -10.14
C GLU R 128 -13.56 52.67 -11.51
N GLU R 129 -13.26 53.58 -12.44
CA GLU R 129 -12.94 53.24 -13.85
C GLU R 129 -11.55 52.63 -13.91
N PRO R 130 -11.40 51.50 -14.62
CA PRO R 130 -12.46 50.93 -15.46
C PRO R 130 -13.07 49.60 -14.98
N LEU R 131 -13.36 49.47 -13.68
CA LEU R 131 -13.85 48.18 -13.12
C LEU R 131 -15.24 47.90 -13.65
N ARG R 132 -15.49 46.63 -13.94
CA ARG R 132 -16.82 46.10 -14.24
C ARG R 132 -17.13 45.01 -13.22
N PRO R 133 -18.35 45.05 -12.63
CA PRO R 133 -18.68 44.15 -11.52
C PRO R 133 -18.92 42.71 -11.96
N LEU R 134 -18.24 41.76 -11.31
CA LEU R 134 -18.65 40.34 -11.37
C LEU R 134 -19.04 39.90 -9.94
N VAL R 135 -20.32 39.58 -9.73
CA VAL R 135 -20.88 39.38 -8.37
C VAL R 135 -20.92 37.87 -8.09
N LEU R 136 -20.44 37.49 -6.91
CA LEU R 136 -20.47 36.10 -6.39
C LEU R 136 -21.65 36.01 -5.42
N GLY R 137 -22.67 35.23 -5.74
CA GLY R 137 -23.74 34.97 -4.77
C GLY R 137 -23.32 33.86 -3.82
N GLY R 138 -24.14 33.58 -2.82
CA GLY R 138 -25.47 34.18 -2.66
C GLY R 138 -26.52 33.55 -3.57
N ASP R 139 -27.79 33.65 -3.18
CA ASP R 139 -28.92 33.03 -3.89
C ASP R 139 -29.28 34.01 -4.99
N HIS R 140 -30.15 33.59 -5.89
CA HIS R 140 -30.48 34.30 -7.16
C HIS R 140 -31.26 35.60 -6.93
N SER R 141 -31.76 35.89 -5.73
CA SER R 141 -32.47 37.17 -5.47
C SER R 141 -31.53 38.34 -5.82
N ILE R 142 -30.22 38.15 -5.65
CA ILE R 142 -29.26 39.29 -5.72
C ILE R 142 -29.19 39.82 -7.16
N SER R 143 -29.49 39.02 -8.17
CA SER R 143 -29.45 39.46 -9.58
C SER R 143 -30.34 40.71 -9.78
N TYR R 144 -31.43 40.84 -9.04
CA TYR R 144 -32.35 42.00 -9.17
C TYR R 144 -31.61 43.28 -8.83
N PRO R 145 -31.10 43.46 -7.60
CA PRO R 145 -30.44 44.72 -7.23
C PRO R 145 -29.16 45.02 -8.03
N VAL R 146 -28.47 43.97 -8.45
CA VAL R 146 -27.23 44.07 -9.25
C VAL R 146 -27.55 44.63 -10.65
N VAL R 147 -28.49 43.98 -11.35
CA VAL R 147 -28.87 44.32 -12.75
C VAL R 147 -29.49 45.72 -12.72
N ARG R 148 -30.38 45.96 -11.77
CA ARG R 148 -30.94 47.30 -11.52
C ARG R 148 -29.80 48.34 -11.46
N ALA R 149 -28.84 48.17 -10.56
CA ALA R 149 -27.72 49.13 -10.36
C ALA R 149 -26.96 49.31 -11.68
N VAL R 150 -26.61 48.24 -12.38
CA VAL R 150 -25.89 48.30 -13.69
C VAL R 150 -26.72 49.13 -14.68
N SER R 151 -28.03 48.90 -14.79
CA SER R 151 -28.87 49.61 -15.79
C SER R 151 -29.07 51.08 -15.40
N GLU R 152 -29.18 51.38 -14.11
CA GLU R 152 -29.37 52.78 -13.63
C GLU R 152 -28.10 53.59 -13.88
N LYS R 153 -26.96 53.01 -13.58
CA LYS R 153 -25.63 53.61 -13.81
C LYS R 153 -25.45 53.85 -15.32
N LEU R 154 -25.81 52.88 -16.16
CA LEU R 154 -25.45 52.92 -17.60
C LEU R 154 -26.45 53.79 -18.37
N GLY R 155 -27.64 53.97 -17.82
CA GLY R 155 -28.65 54.92 -18.33
C GLY R 155 -29.63 54.24 -19.25
N GLY R 156 -29.75 52.93 -19.23
CA GLY R 156 -30.66 52.25 -20.16
C GLY R 156 -30.70 50.75 -19.94
N PRO R 157 -31.51 50.07 -20.77
CA PRO R 157 -31.64 48.61 -20.68
C PRO R 157 -30.38 47.86 -21.13
N VAL R 158 -30.20 46.66 -20.58
CA VAL R 158 -29.17 45.69 -21.07
C VAL R 158 -29.90 44.44 -21.60
N ASP R 159 -29.22 43.69 -22.44
CA ASP R 159 -29.66 42.34 -22.86
C ASP R 159 -29.08 41.38 -21.83
N ILE R 160 -29.80 40.32 -21.50
CA ILE R 160 -29.37 39.42 -20.40
C ILE R 160 -29.32 37.99 -20.94
N LEU R 161 -28.21 37.32 -20.72
CA LEU R 161 -28.08 35.84 -20.78
C LEU R 161 -28.18 35.31 -19.35
N HIS R 162 -29.25 34.56 -19.12
CA HIS R 162 -29.63 33.87 -17.87
C HIS R 162 -29.48 32.35 -18.06
N LEU R 163 -28.44 31.75 -17.47
CA LEU R 163 -28.18 30.28 -17.53
C LEU R 163 -28.74 29.67 -16.24
N ASP R 164 -29.71 28.78 -16.33
CA ASP R 164 -30.48 28.36 -15.13
C ASP R 164 -31.37 27.17 -15.47
N ALA R 165 -31.49 26.23 -14.56
CA ALA R 165 -32.50 25.17 -14.67
C ALA R 165 -33.91 25.78 -14.56
N HIS R 166 -34.02 26.94 -13.89
CA HIS R 166 -35.30 27.56 -13.45
C HIS R 166 -35.41 28.95 -14.07
N PRO R 167 -36.60 29.39 -14.51
CA PRO R 167 -36.74 30.75 -15.02
C PRO R 167 -36.77 31.83 -13.94
N ASP R 168 -37.13 31.49 -12.69
CA ASP R 168 -37.09 32.47 -11.58
C ASP R 168 -37.87 33.72 -11.97
N ILE R 169 -39.11 33.52 -12.36
CA ILE R 169 -39.94 34.63 -12.91
C ILE R 169 -41.36 34.52 -12.38
N TYR R 170 -41.51 33.79 -11.29
CA TYR R 170 -42.70 33.82 -10.42
C TYR R 170 -42.96 35.27 -10.05
N ASP R 171 -44.22 35.67 -10.08
CA ASP R 171 -44.63 37.02 -9.67
C ASP R 171 -44.23 37.27 -8.20
N CYS R 172 -44.53 36.32 -7.31
CA CYS R 172 -44.40 36.48 -5.83
C CYS R 172 -44.30 35.07 -5.23
N PHE R 173 -43.13 34.44 -5.33
CA PHE R 173 -42.97 33.05 -4.85
C PHE R 173 -43.15 33.02 -3.33
N GLU R 174 -44.14 32.28 -2.83
CA GLU R 174 -44.40 32.11 -1.37
C GLU R 174 -44.44 33.46 -0.65
N GLY R 175 -44.96 34.51 -1.27
CA GLY R 175 -45.25 35.80 -0.59
C GLY R 175 -44.03 36.67 -0.43
N ASN R 176 -42.87 36.28 -0.97
CA ASN R 176 -41.62 37.07 -0.87
C ASN R 176 -41.32 37.67 -2.26
N LYS R 177 -41.47 39.00 -2.41
CA LYS R 177 -41.16 39.69 -3.70
C LYS R 177 -39.67 39.55 -4.00
N TYR R 178 -38.84 39.27 -3.00
CA TYR R 178 -37.38 39.14 -3.15
C TYR R 178 -36.95 37.67 -3.21
N SER R 179 -37.90 36.75 -3.44
CA SER R 179 -37.57 35.31 -3.58
C SER R 179 -36.53 35.14 -4.69
N HIS R 180 -35.58 34.24 -4.50
CA HIS R 180 -34.65 33.82 -5.57
C HIS R 180 -35.43 33.32 -6.81
N ALA R 181 -36.71 32.96 -6.65
CA ALA R 181 -37.55 32.38 -7.73
C ALA R 181 -38.35 33.50 -8.42
N SER R 182 -38.06 34.77 -8.09
CA SER R 182 -38.81 35.92 -8.62
C SER R 182 -37.88 36.99 -9.18
N SER R 183 -36.55 36.83 -9.04
CA SER R 183 -35.58 37.92 -9.36
C SER R 183 -35.82 38.46 -10.77
N PHE R 184 -36.10 37.61 -11.74
CA PHE R 184 -36.17 38.04 -13.15
C PHE R 184 -37.56 38.64 -13.43
N ALA R 185 -38.61 38.28 -12.70
CA ALA R 185 -39.89 39.04 -12.73
C ALA R 185 -39.61 40.46 -12.27
N ARG R 186 -38.88 40.61 -11.17
CA ARG R 186 -38.46 41.96 -10.67
C ARG R 186 -37.67 42.69 -11.75
N ILE R 187 -36.73 42.00 -12.41
CA ILE R 187 -35.88 42.66 -13.45
C ILE R 187 -36.73 43.13 -14.65
N MET R 188 -37.58 42.27 -15.24
CA MET R 188 -38.38 42.61 -16.45
C MET R 188 -39.43 43.67 -16.09
N GLU R 189 -40.06 43.61 -14.90
CA GLU R 189 -41.02 44.65 -14.45
C GLU R 189 -40.35 46.03 -14.50
N GLY R 190 -39.08 46.14 -14.07
CA GLY R 190 -38.40 47.43 -13.83
C GLY R 190 -37.91 48.11 -15.11
N GLY R 191 -37.96 47.41 -16.25
CA GLY R 191 -37.49 47.90 -17.57
C GLY R 191 -35.98 47.88 -17.72
N TYR R 192 -35.26 47.04 -16.95
CA TYR R 192 -33.78 47.03 -16.92
C TYR R 192 -33.20 46.17 -18.05
N ALA R 193 -34.04 45.27 -18.58
CA ALA R 193 -33.67 44.35 -19.68
C ALA R 193 -34.50 44.62 -20.95
N ARG R 194 -33.86 44.58 -22.12
CA ARG R 194 -34.59 44.40 -23.41
C ARG R 194 -34.85 42.89 -23.59
N ARG R 195 -33.85 42.16 -24.08
CA ARG R 195 -33.98 40.70 -24.26
C ARG R 195 -33.62 39.97 -22.98
N LEU R 196 -34.37 38.90 -22.71
CA LEU R 196 -33.96 37.94 -21.64
C LEU R 196 -33.93 36.57 -22.32
N LEU R 197 -32.73 36.01 -22.48
CA LEU R 197 -32.54 34.62 -22.95
C LEU R 197 -32.25 33.74 -21.76
N GLN R 198 -33.07 32.73 -21.57
CA GLN R 198 -32.95 31.76 -20.47
C GLN R 198 -32.58 30.43 -21.10
N VAL R 199 -31.42 29.92 -20.70
CA VAL R 199 -30.73 28.79 -21.31
C VAL R 199 -30.51 27.79 -20.19
N GLY R 200 -30.90 26.55 -20.40
CA GLY R 200 -30.72 25.42 -19.46
C GLY R 200 -32.01 25.03 -18.81
N ILE R 201 -33.10 25.74 -19.09
CA ILE R 201 -34.38 25.65 -18.35
C ILE R 201 -34.87 24.19 -18.42
N ARG R 202 -35.21 23.55 -17.30
CA ARG R 202 -35.86 22.20 -17.33
C ARG R 202 -36.76 21.98 -16.09
N SER R 203 -37.03 23.01 -15.30
CA SER R 203 -38.03 23.02 -14.22
C SER R 203 -38.83 24.31 -14.41
N ILE R 204 -39.94 24.20 -15.11
CA ILE R 204 -40.79 25.36 -15.46
C ILE R 204 -42.25 24.88 -15.46
N ASN R 205 -43.12 25.68 -14.84
CA ASN R 205 -44.55 25.34 -14.68
C ASN R 205 -45.37 26.37 -15.46
N GLN R 206 -46.69 26.27 -15.35
CA GLN R 206 -47.63 27.15 -16.11
C GLN R 206 -47.29 28.62 -15.87
N GLU R 207 -47.13 29.02 -14.61
CA GLU R 207 -46.86 30.44 -14.30
C GLU R 207 -45.53 30.86 -14.92
N GLY R 208 -44.52 30.01 -14.92
CA GLY R 208 -43.20 30.32 -15.52
C GLY R 208 -43.32 30.64 -17.01
N ARG R 209 -44.13 29.87 -17.74
CA ARG R 209 -44.33 30.01 -19.22
C ARG R 209 -45.16 31.27 -19.53
N GLU R 210 -46.24 31.46 -18.76
CA GLU R 210 -47.12 32.64 -18.86
C GLU R 210 -46.30 33.90 -18.56
N GLN R 211 -45.52 33.94 -17.48
CA GLN R 211 -44.65 35.12 -17.17
C GLN R 211 -43.62 35.29 -18.30
N GLY R 212 -43.09 34.20 -18.84
CA GLY R 212 -42.19 34.23 -20.01
C GLY R 212 -42.83 34.97 -21.17
N LYS R 213 -44.06 34.62 -21.48
CA LYS R 213 -44.72 35.19 -22.67
C LYS R 213 -45.07 36.66 -22.41
N ARG R 214 -45.52 36.97 -21.20
CA ARG R 214 -45.81 38.35 -20.73
C ARG R 214 -44.61 39.27 -20.95
N PHE R 215 -43.41 38.85 -20.62
CA PHE R 215 -42.23 39.76 -20.64
C PHE R 215 -41.41 39.60 -21.91
N GLY R 216 -41.92 38.87 -22.91
CA GLY R 216 -41.19 38.57 -24.16
C GLY R 216 -39.92 37.81 -23.91
N VAL R 217 -39.88 36.92 -22.93
CA VAL R 217 -38.63 36.21 -22.59
C VAL R 217 -38.41 35.11 -23.63
N GLU R 218 -37.16 34.89 -24.04
CA GLU R 218 -36.79 33.80 -24.99
C GLU R 218 -36.31 32.60 -24.15
N GLN R 219 -37.23 31.68 -23.86
CA GLN R 219 -37.02 30.51 -22.96
C GLN R 219 -36.61 29.28 -23.77
N TYR R 220 -35.32 28.94 -23.70
CA TYR R 220 -34.70 27.76 -24.33
C TYR R 220 -34.69 26.60 -23.32
N GLU R 221 -35.59 25.66 -23.46
CA GLU R 221 -35.70 24.48 -22.59
C GLU R 221 -34.77 23.36 -23.09
N MET R 222 -34.25 22.58 -22.15
CA MET R 222 -33.25 21.51 -22.43
C MET R 222 -33.86 20.48 -23.38
N ARG R 223 -35.17 20.30 -23.36
CA ARG R 223 -35.83 19.29 -24.22
C ARG R 223 -35.78 19.70 -25.70
N THR R 224 -35.31 20.92 -26.03
CA THR R 224 -35.04 21.31 -27.44
C THR R 224 -33.56 21.67 -27.63
N PHE R 225 -32.69 21.32 -26.67
CA PHE R 225 -31.26 21.73 -26.74
C PHE R 225 -30.58 21.05 -27.94
N SER R 226 -31.03 19.85 -28.34
CA SER R 226 -30.59 19.17 -29.60
C SER R 226 -30.66 20.17 -30.76
N LYS R 227 -31.86 20.66 -31.00
CA LYS R 227 -32.13 21.62 -32.11
C LYS R 227 -31.47 22.98 -31.78
N ASP R 228 -31.51 23.47 -30.55
CA ASP R 228 -31.10 24.87 -30.25
C ASP R 228 -29.57 25.02 -30.13
N ARG R 229 -28.80 23.95 -29.92
CA ARG R 229 -27.35 24.07 -29.59
C ARG R 229 -26.62 24.98 -30.57
N PRO R 230 -26.73 24.83 -31.91
CA PRO R 230 -25.95 25.64 -32.84
C PRO R 230 -26.22 27.14 -32.73
N MET R 231 -27.47 27.50 -32.48
CA MET R 231 -27.90 28.91 -32.25
C MET R 231 -27.37 29.38 -30.87
N LEU R 232 -27.49 28.56 -29.84
CA LEU R 232 -26.99 28.91 -28.48
C LEU R 232 -25.45 29.04 -28.46
N GLU R 233 -24.73 28.34 -29.32
CA GLU R 233 -23.26 28.41 -29.35
C GLU R 233 -22.83 29.47 -30.35
N ASN R 234 -23.74 30.28 -30.87
CA ASN R 234 -23.42 31.41 -31.79
C ASN R 234 -24.25 32.65 -31.43
N LEU R 235 -24.36 33.00 -30.13
CA LEU R 235 -25.19 34.17 -29.68
C LEU R 235 -24.49 35.50 -30.01
N LYS R 236 -25.29 36.56 -30.25
CA LYS R 236 -24.82 37.96 -30.34
C LYS R 236 -25.88 38.81 -29.63
N LEU R 237 -25.46 39.55 -28.61
CA LEU R 237 -26.40 40.29 -27.76
C LEU R 237 -25.93 41.72 -27.59
N GLY R 238 -26.84 42.54 -27.08
CA GLY R 238 -26.60 43.91 -26.63
C GLY R 238 -26.59 44.94 -27.74
N GLU R 239 -26.82 44.54 -28.99
CA GLU R 239 -26.58 45.50 -30.12
C GLU R 239 -27.70 46.53 -30.13
N GLY R 240 -27.35 47.80 -29.87
CA GLY R 240 -28.32 48.91 -29.80
C GLY R 240 -28.79 49.23 -28.39
N VAL R 241 -28.41 48.46 -27.37
CA VAL R 241 -28.71 48.76 -25.93
C VAL R 241 -27.37 48.99 -25.23
N LYS R 242 -27.35 49.02 -23.91
CA LYS R 242 -26.20 49.53 -23.11
C LYS R 242 -25.13 48.45 -22.93
N GLY R 243 -25.45 47.18 -23.20
CA GLY R 243 -24.48 46.09 -23.05
C GLY R 243 -25.18 44.80 -22.73
N VAL R 244 -24.44 43.85 -22.20
CA VAL R 244 -25.01 42.51 -21.89
C VAL R 244 -24.65 42.19 -20.45
N TYR R 245 -25.63 41.68 -19.73
CA TYR R 245 -25.37 41.12 -18.38
C TYR R 245 -25.53 39.59 -18.48
N ILE R 246 -24.69 38.85 -17.78
CA ILE R 246 -24.75 37.35 -17.80
C ILE R 246 -24.95 36.87 -16.37
N SER R 247 -26.06 36.15 -16.13
CA SER R 247 -26.39 35.56 -14.81
C SER R 247 -26.26 34.06 -14.96
N ILE R 248 -25.38 33.47 -14.18
CA ILE R 248 -25.17 31.99 -14.18
C ILE R 248 -25.55 31.43 -12.82
N ASP R 249 -26.68 30.76 -12.78
CA ASP R 249 -27.08 29.85 -11.70
C ASP R 249 -26.30 28.56 -11.97
N VAL R 250 -25.51 28.14 -11.04
CA VAL R 250 -24.67 26.91 -11.20
C VAL R 250 -25.52 25.67 -11.53
N ASP R 251 -26.81 25.70 -11.21
CA ASP R 251 -27.69 24.53 -11.48
C ASP R 251 -28.09 24.54 -12.95
N CYS R 252 -27.58 25.45 -13.77
CA CYS R 252 -27.70 25.31 -15.23
C CYS R 252 -26.98 24.03 -15.64
N LEU R 253 -25.89 23.71 -14.95
CA LEU R 253 -25.10 22.48 -15.19
C LEU R 253 -25.89 21.28 -14.65
N ASP R 254 -25.82 20.18 -15.33
CA ASP R 254 -26.36 18.91 -14.80
C ASP R 254 -25.72 18.71 -13.41
N PRO R 255 -26.48 18.18 -12.44
CA PRO R 255 -25.93 17.91 -11.11
C PRO R 255 -24.76 16.92 -11.11
N ALA R 256 -24.52 16.21 -12.22
CA ALA R 256 -23.29 15.40 -12.37
C ALA R 256 -22.07 16.33 -12.28
N PHE R 257 -22.17 17.54 -12.81
CA PHE R 257 -21.02 18.47 -12.90
C PHE R 257 -21.06 19.40 -11.69
N ALA R 258 -22.26 19.74 -11.22
CA ALA R 258 -22.48 20.75 -10.15
C ALA R 258 -23.48 20.22 -9.12
N PRO R 259 -23.07 19.29 -8.21
CA PRO R 259 -23.98 18.74 -7.19
C PRO R 259 -24.18 19.73 -6.03
N GLY R 260 -23.22 20.66 -5.89
CA GLY R 260 -23.17 21.72 -4.86
C GLY R 260 -24.19 22.79 -5.13
N VAL R 261 -25.47 22.41 -5.22
CA VAL R 261 -26.63 23.34 -5.37
C VAL R 261 -27.81 22.94 -4.46
N SER R 262 -28.73 23.88 -4.26
CA SER R 262 -29.93 23.62 -3.44
C SER R 262 -30.96 22.80 -4.24
N HIS R 263 -30.96 22.90 -5.56
CA HIS R 263 -32.08 22.42 -6.39
C HIS R 263 -31.50 21.42 -7.40
N ILE R 264 -31.47 20.14 -7.03
CA ILE R 264 -30.87 19.08 -7.89
C ILE R 264 -31.89 18.83 -8.99
N GLU R 265 -31.48 19.08 -10.24
CA GLU R 265 -32.45 19.00 -11.39
C GLU R 265 -31.75 18.30 -12.56
N PRO R 266 -31.91 16.96 -12.69
CA PRO R 266 -31.28 16.21 -13.77
C PRO R 266 -31.58 16.70 -15.19
N GLY R 267 -30.61 16.45 -16.06
CA GLY R 267 -30.72 16.67 -17.52
C GLY R 267 -30.25 18.07 -17.92
N GLY R 268 -29.14 18.56 -17.36
CA GLY R 268 -28.64 19.92 -17.59
C GLY R 268 -27.53 19.92 -18.61
N LEU R 269 -26.87 21.06 -18.70
CA LEU R 269 -25.72 21.33 -19.60
C LEU R 269 -24.48 20.69 -18.99
N SER R 270 -23.53 20.37 -19.83
CA SER R 270 -22.18 20.05 -19.34
C SER R 270 -21.45 21.36 -19.08
N PHE R 271 -20.29 21.28 -18.45
CA PHE R 271 -19.40 22.42 -18.22
C PHE R 271 -18.91 22.90 -19.58
N ARG R 272 -18.51 21.97 -20.44
CA ARG R 272 -18.01 22.36 -21.77
C ARG R 272 -19.13 23.08 -22.56
N ASP R 273 -20.38 22.62 -22.44
CA ASP R 273 -21.57 23.24 -23.07
C ASP R 273 -21.61 24.71 -22.65
N VAL R 274 -21.43 25.01 -21.37
CA VAL R 274 -21.54 26.41 -20.89
C VAL R 274 -20.41 27.26 -21.48
N LEU R 275 -19.16 26.75 -21.48
CA LEU R 275 -18.00 27.49 -22.03
C LEU R 275 -18.17 27.66 -23.53
N ASN R 276 -18.75 26.68 -24.22
CA ASN R 276 -19.06 26.87 -25.68
C ASN R 276 -19.93 28.12 -25.83
N ILE R 277 -20.97 28.26 -25.01
CA ILE R 277 -21.95 29.37 -25.09
C ILE R 277 -21.24 30.66 -24.75
N LEU R 278 -20.48 30.69 -23.65
CA LEU R 278 -19.81 31.94 -23.19
C LEU R 278 -18.69 32.30 -24.15
N HIS R 279 -17.84 31.35 -24.58
CA HIS R 279 -16.64 31.70 -25.38
C HIS R 279 -17.05 32.33 -26.71
N ASN R 280 -18.18 31.88 -27.27
CA ASN R 280 -18.63 32.20 -28.64
C ASN R 280 -19.58 33.40 -28.62
N LEU R 281 -20.15 33.77 -27.47
CA LEU R 281 -21.05 34.95 -27.33
C LEU R 281 -20.34 36.23 -27.83
N GLN R 282 -20.92 36.93 -28.79
CA GLN R 282 -20.48 38.31 -29.15
C GLN R 282 -21.29 39.30 -28.31
N ALA R 283 -20.62 40.05 -27.47
CA ALA R 283 -21.29 40.89 -26.47
C ALA R 283 -20.27 41.84 -25.84
N ASP R 284 -20.73 43.06 -25.60
CA ASP R 284 -20.08 44.01 -24.68
C ASP R 284 -20.63 43.69 -23.28
N VAL R 285 -19.91 42.90 -22.50
CA VAL R 285 -20.42 42.46 -21.18
C VAL R 285 -20.07 43.51 -20.14
N VAL R 286 -21.10 44.04 -19.49
CA VAL R 286 -21.00 45.18 -18.53
C VAL R 286 -21.09 44.64 -17.11
N GLY R 287 -21.57 43.43 -16.96
CA GLY R 287 -21.70 42.80 -15.63
C GLY R 287 -21.97 41.32 -15.75
N ALA R 288 -21.88 40.61 -14.63
CA ALA R 288 -22.24 39.18 -14.56
C ALA R 288 -22.31 38.77 -13.11
N ASP R 289 -22.99 37.64 -12.86
CA ASP R 289 -23.00 36.97 -11.53
C ASP R 289 -22.86 35.46 -11.71
N VAL R 290 -22.27 34.81 -10.72
CA VAL R 290 -22.29 33.34 -10.46
C VAL R 290 -22.98 33.12 -9.10
N VAL R 291 -24.16 32.51 -9.14
CA VAL R 291 -25.08 32.44 -7.99
C VAL R 291 -25.43 30.97 -7.77
N GLU R 292 -26.00 30.67 -6.59
CA GLU R 292 -26.61 29.39 -6.21
C GLU R 292 -25.56 28.27 -6.09
N PHE R 293 -24.27 28.59 -5.98
CA PHE R 293 -23.30 27.60 -5.43
C PHE R 293 -23.62 27.42 -3.95
N ASN R 294 -23.94 26.18 -3.55
CA ASN R 294 -24.25 25.80 -2.16
C ASN R 294 -23.14 24.89 -1.65
N PRO R 295 -22.13 25.39 -0.95
CA PRO R 295 -21.01 24.59 -0.45
C PRO R 295 -21.44 23.47 0.49
N GLN R 296 -22.55 23.63 1.21
CA GLN R 296 -23.07 22.64 2.17
C GLN R 296 -23.57 21.41 1.40
N ARG R 297 -23.77 21.50 0.08
CA ARG R 297 -24.30 20.38 -0.74
C ARG R 297 -23.15 19.87 -1.62
N ASP R 298 -21.97 20.49 -1.53
CA ASP R 298 -20.84 20.12 -2.41
C ASP R 298 -20.17 18.81 -1.97
N THR R 299 -19.42 18.19 -2.88
CA THR R 299 -18.58 17.00 -2.52
C THR R 299 -17.61 17.46 -1.45
N VAL R 300 -17.00 16.52 -0.75
CA VAL R 300 -16.05 16.80 0.37
C VAL R 300 -14.75 17.43 -0.16
N ASP R 301 -14.42 17.31 -1.45
CA ASP R 301 -13.20 17.90 -2.08
C ASP R 301 -13.53 19.20 -2.81
N GLY R 302 -14.78 19.65 -2.77
CA GLY R 302 -15.17 20.96 -3.31
C GLY R 302 -15.24 20.98 -4.84
N MET R 303 -15.82 19.94 -5.45
CA MET R 303 -15.89 19.93 -6.92
C MET R 303 -16.68 21.18 -7.40
N THR R 304 -17.75 21.56 -6.71
CA THR R 304 -18.66 22.59 -7.23
C THR R 304 -18.00 23.95 -7.03
N ALA R 305 -17.25 24.14 -5.94
CA ALA R 305 -16.38 25.32 -5.74
C ALA R 305 -15.43 25.52 -6.94
N MET R 306 -14.79 24.47 -7.46
CA MET R 306 -13.91 24.54 -8.66
C MET R 306 -14.71 24.88 -9.91
N VAL R 307 -15.92 24.35 -10.00
CA VAL R 307 -16.87 24.65 -11.11
C VAL R 307 -17.21 26.14 -11.07
N ALA R 308 -17.55 26.71 -9.93
CA ALA R 308 -17.95 28.13 -9.82
C ALA R 308 -16.71 28.98 -10.00
N ALA R 309 -15.57 28.53 -9.47
CA ALA R 309 -14.31 29.27 -9.64
C ALA R 309 -14.06 29.43 -11.14
N LYS R 310 -14.22 28.36 -11.92
CA LYS R 310 -13.80 28.39 -13.33
C LYS R 310 -14.81 29.20 -14.14
N LEU R 311 -16.09 29.22 -13.80
CA LEU R 311 -17.06 30.13 -14.47
C LEU R 311 -16.60 31.58 -14.24
N VAL R 312 -16.20 31.92 -13.02
CA VAL R 312 -15.81 33.30 -12.64
C VAL R 312 -14.59 33.68 -13.49
N ARG R 313 -13.63 32.75 -13.59
CA ARG R 313 -12.35 32.96 -14.28
C ARG R 313 -12.65 33.22 -15.74
N GLU R 314 -13.52 32.41 -16.36
CA GLU R 314 -13.84 32.54 -17.80
C GLU R 314 -14.68 33.81 -18.03
N LEU R 315 -15.59 34.11 -17.10
CA LEU R 315 -16.36 35.39 -17.21
C LEU R 315 -15.39 36.56 -17.13
N ALA R 316 -14.35 36.45 -16.32
CA ALA R 316 -13.41 37.58 -16.07
C ALA R 316 -12.63 37.82 -17.36
N ALA R 317 -12.21 36.76 -18.02
CA ALA R 317 -11.51 36.80 -19.32
C ALA R 317 -12.39 37.56 -20.32
N LYS R 318 -13.69 37.33 -20.27
CA LYS R 318 -14.61 37.87 -21.29
C LYS R 318 -14.91 39.35 -20.99
N ILE R 319 -15.01 39.66 -19.71
CA ILE R 319 -15.39 41.02 -19.25
C ILE R 319 -14.18 41.92 -19.35
N SER R 320 -13.01 41.43 -18.97
CA SER R 320 -11.79 42.26 -19.00
C SER R 320 -11.38 42.48 -20.47
N LYS R 321 -10.92 43.68 -20.80
CA LYS R 321 -10.36 43.95 -22.15
C LYS R 321 -9.51 45.23 -22.12
N SER S 6 98.92 -62.84 3.65
CA SER S 6 97.61 -62.74 2.91
C SER S 6 96.48 -63.28 3.80
N SER S 7 96.31 -62.62 4.94
CA SER S 7 95.20 -62.82 5.90
C SER S 7 93.91 -62.13 5.38
N ILE S 8 93.91 -61.65 4.13
CA ILE S 8 92.71 -61.07 3.47
C ILE S 8 91.53 -62.06 3.61
N GLU S 9 91.79 -63.36 3.42
CA GLU S 9 90.73 -64.41 3.45
C GLU S 9 90.06 -64.40 4.83
N LYS S 10 90.87 -64.28 5.89
CA LYS S 10 90.45 -64.32 7.33
C LYS S 10 89.34 -63.29 7.57
N GLY S 11 89.64 -62.02 7.27
CA GLY S 11 88.77 -60.87 7.57
C GLY S 11 87.49 -61.01 6.79
N GLN S 12 87.59 -61.28 5.48
CA GLN S 12 86.41 -61.58 4.63
C GLN S 12 85.49 -62.54 5.39
N ASN S 13 86.04 -63.61 5.97
CA ASN S 13 85.27 -64.74 6.54
C ASN S 13 84.55 -64.29 7.81
N ARG S 14 85.04 -63.25 8.47
CA ARG S 14 84.44 -62.73 9.73
C ARG S 14 83.21 -61.88 9.41
N VAL S 15 83.23 -61.11 8.31
CA VAL S 15 82.06 -60.28 7.86
C VAL S 15 80.96 -61.21 7.37
N ILE S 16 81.33 -62.10 6.43
CA ILE S 16 80.41 -63.18 5.97
C ILE S 16 79.68 -63.74 7.20
N ASP S 17 80.40 -64.32 8.18
CA ASP S 17 79.79 -65.09 9.31
C ASP S 17 78.97 -64.10 10.16
N ALA S 18 79.41 -62.85 10.28
CA ALA S 18 78.63 -61.85 11.03
C ALA S 18 77.37 -61.50 10.22
N SER S 19 77.45 -61.46 8.88
CA SER S 19 76.28 -61.22 7.99
C SER S 19 75.22 -62.32 8.24
N LEU S 20 75.64 -63.59 8.11
CA LEU S 20 74.81 -64.81 8.27
C LEU S 20 74.19 -64.86 9.67
N THR S 21 74.92 -64.40 10.70
CA THR S 21 74.45 -64.44 12.11
C THR S 21 73.28 -63.46 12.22
N LEU S 22 73.40 -62.32 11.55
CA LEU S 22 72.37 -61.24 11.57
C LEU S 22 71.10 -61.82 10.93
N ILE S 23 71.19 -62.41 9.74
CA ILE S 23 70.03 -63.16 9.16
C ILE S 23 69.48 -64.17 10.21
N ARG S 24 70.35 -65.07 10.75
CA ARG S 24 69.94 -66.19 11.63
C ARG S 24 69.16 -65.62 12.84
N GLU S 25 69.67 -64.53 13.43
CA GLU S 25 69.08 -63.96 14.68
C GLU S 25 67.72 -63.35 14.36
N ARG S 26 67.64 -62.63 13.23
CA ARG S 26 66.37 -61.98 12.75
C ARG S 26 65.41 -63.12 12.40
N ALA S 27 65.86 -64.14 11.69
CA ALA S 27 65.06 -65.33 11.36
C ALA S 27 64.44 -65.90 12.66
N LYS S 28 65.25 -66.08 13.73
CA LYS S 28 64.80 -66.69 15.01
C LYS S 28 63.60 -65.90 15.55
N LEU S 29 63.67 -64.57 15.62
CA LEU S 29 62.54 -63.78 16.18
C LEU S 29 61.30 -63.95 15.29
N LYS S 30 61.47 -63.95 13.97
CA LYS S 30 60.29 -64.18 13.08
C LYS S 30 59.74 -65.60 13.29
N GLY S 31 60.59 -66.62 13.15
CA GLY S 31 60.27 -68.01 13.53
C GLY S 31 59.42 -68.07 14.78
N GLU S 32 59.95 -67.55 15.89
CA GLU S 32 59.31 -67.69 17.23
C GLU S 32 57.97 -66.94 17.28
N LEU S 33 57.88 -65.80 16.59
CA LEU S 33 56.66 -64.97 16.57
C LEU S 33 55.56 -65.74 15.83
N VAL S 34 55.94 -66.41 14.73
CA VAL S 34 55.02 -67.24 13.91
C VAL S 34 54.59 -68.48 14.71
N ARG S 35 55.53 -69.15 15.37
CA ARG S 35 55.20 -70.36 16.21
C ARG S 35 54.38 -69.95 17.45
N LEU S 36 54.71 -68.86 18.15
CA LEU S 36 53.90 -68.41 19.32
C LEU S 36 52.47 -68.12 18.88
N LEU S 37 52.28 -67.60 17.67
CA LEU S 37 50.90 -67.26 17.24
C LEU S 37 50.12 -68.56 16.97
N GLY S 38 50.82 -69.60 16.50
CA GLY S 38 50.29 -70.98 16.26
C GLY S 38 49.54 -71.12 14.95
N GLY S 39 49.44 -72.34 14.41
CA GLY S 39 48.44 -72.80 13.44
C GLY S 39 48.92 -72.75 12.00
N ALA S 40 50.10 -72.17 11.72
CA ALA S 40 50.59 -71.97 10.33
C ALA S 40 51.29 -73.23 9.81
N LYS S 41 50.98 -73.61 8.57
CA LYS S 41 51.69 -74.68 7.84
C LYS S 41 52.88 -74.06 7.09
N ALA S 42 52.72 -72.84 6.61
CA ALA S 42 53.82 -72.13 5.92
C ALA S 42 53.58 -70.64 6.10
N SER S 43 54.67 -69.90 6.19
CA SER S 43 54.65 -68.45 6.48
C SER S 43 55.68 -67.79 5.58
N THR S 44 55.25 -66.99 4.63
CA THR S 44 56.17 -66.25 3.75
C THR S 44 57.05 -65.31 4.58
N SER S 45 58.37 -65.38 4.44
CA SER S 45 59.32 -64.42 5.04
C SER S 45 60.22 -63.83 3.94
N LEU S 46 60.28 -62.50 3.87
CA LEU S 46 61.03 -61.77 2.82
C LEU S 46 62.50 -61.83 3.16
N LEU S 47 63.31 -62.03 2.15
CA LEU S 47 64.79 -61.95 2.23
C LEU S 47 65.20 -61.03 1.10
N GLY S 48 65.72 -59.85 1.41
CA GLY S 48 66.18 -58.94 0.34
C GLY S 48 67.54 -59.38 -0.11
N VAL S 49 67.80 -59.39 -1.42
CA VAL S 49 69.16 -59.57 -2.00
C VAL S 49 69.46 -58.37 -2.90
N PRO S 50 69.94 -57.22 -2.31
CA PRO S 50 70.24 -55.98 -3.05
C PRO S 50 71.51 -56.11 -3.86
N LEU S 51 71.46 -56.97 -4.89
CA LEU S 51 72.56 -57.24 -5.83
C LEU S 51 72.13 -56.80 -7.23
N GLY S 52 72.95 -56.04 -7.96
CA GLY S 52 72.66 -55.64 -9.35
C GLY S 52 73.83 -55.76 -10.29
N HIS S 53 74.95 -56.28 -9.85
CA HIS S 53 76.20 -56.11 -10.60
C HIS S 53 76.38 -57.24 -11.62
N ASN S 54 75.42 -58.16 -11.70
CA ASN S 54 75.41 -59.23 -12.74
C ASN S 54 74.49 -58.80 -13.87
N SER S 55 73.92 -57.59 -13.76
CA SER S 55 73.14 -56.94 -14.85
C SER S 55 74.06 -56.63 -16.04
N SER S 56 73.48 -56.65 -17.24
CA SER S 56 74.17 -56.46 -18.53
C SER S 56 73.90 -55.06 -19.11
N PHE S 57 72.93 -54.30 -18.56
CA PHE S 57 72.65 -52.92 -19.06
C PHE S 57 72.73 -51.89 -17.93
N LEU S 58 72.07 -52.13 -16.79
CA LEU S 58 71.95 -51.17 -15.65
C LEU S 58 71.86 -51.99 -14.35
N GLN S 59 72.42 -51.46 -13.28
CA GLN S 59 72.61 -52.20 -12.01
C GLN S 59 71.54 -51.81 -11.00
N GLY S 60 70.63 -50.96 -11.45
CA GLY S 60 69.60 -50.32 -10.62
C GLY S 60 68.83 -51.28 -9.73
N PRO S 61 68.57 -52.55 -10.07
CA PRO S 61 67.86 -53.44 -9.15
C PRO S 61 68.54 -53.64 -7.80
N ALA S 62 69.83 -53.27 -7.69
CA ALA S 62 70.55 -53.27 -6.41
C ALA S 62 69.82 -52.39 -5.37
N PHE S 63 69.04 -51.40 -5.82
CA PHE S 63 68.32 -50.49 -4.90
C PHE S 63 66.86 -50.92 -4.66
N ALA S 64 66.37 -51.99 -5.28
CA ALA S 64 64.94 -52.33 -5.19
C ALA S 64 64.48 -52.74 -3.78
N PRO S 65 65.10 -53.71 -3.07
CA PRO S 65 64.38 -54.32 -1.94
C PRO S 65 63.77 -53.32 -0.97
N PRO S 66 64.50 -52.23 -0.59
CA PRO S 66 63.96 -51.26 0.35
C PRO S 66 62.81 -50.46 -0.24
N ARG S 67 62.79 -50.22 -1.54
CA ARG S 67 61.64 -49.55 -2.20
C ARG S 67 60.41 -50.45 -2.15
N ILE S 68 60.60 -51.74 -2.38
CA ILE S 68 59.48 -52.70 -2.43
C ILE S 68 58.84 -52.72 -1.04
N ARG S 69 59.66 -52.77 0.04
CA ARG S 69 59.13 -52.88 1.42
C ARG S 69 58.28 -51.65 1.69
N GLU S 70 58.76 -50.46 1.31
CA GLU S 70 58.06 -49.17 1.54
C GLU S 70 56.70 -49.22 0.81
N ALA S 71 56.69 -49.66 -0.44
CA ALA S 71 55.45 -49.76 -1.25
C ALA S 71 54.45 -50.73 -0.57
N ILE S 72 54.91 -51.86 -0.02
CA ILE S 72 54.05 -52.89 0.61
C ILE S 72 53.25 -52.23 1.73
N TRP S 73 53.87 -51.35 2.52
CA TRP S 73 53.28 -50.77 3.77
C TRP S 73 52.76 -49.37 3.47
N CYS S 74 52.80 -48.92 2.22
CA CYS S 74 52.44 -47.54 1.85
C CYS S 74 51.09 -47.21 2.49
N GLY S 75 51.00 -46.05 3.14
CA GLY S 75 49.77 -45.58 3.76
C GLY S 75 48.63 -45.52 2.76
N SER S 76 48.90 -45.52 1.45
CA SER S 76 47.85 -45.35 0.41
C SER S 76 47.08 -46.66 0.23
N THR S 77 47.64 -47.78 0.71
CA THR S 77 47.08 -49.15 0.49
C THR S 77 46.38 -49.61 1.76
N ASN S 78 45.68 -50.74 1.68
CA ASN S 78 45.38 -51.48 2.93
C ASN S 78 46.28 -52.72 2.95
N SER S 79 46.16 -53.46 4.04
CA SER S 79 47.03 -54.60 4.43
C SER S 79 46.33 -55.91 4.08
N ALA S 80 45.22 -55.87 3.34
CA ALA S 80 44.54 -57.09 2.86
C ALA S 80 45.02 -57.42 1.44
N THR S 81 45.40 -58.68 1.19
CA THR S 81 45.62 -59.20 -0.20
C THR S 81 44.26 -59.32 -0.90
N GLU S 82 44.29 -59.50 -2.22
CA GLU S 82 43.07 -59.55 -3.06
C GLU S 82 42.12 -60.65 -2.60
N GLU S 83 42.68 -61.82 -2.29
CA GLU S 83 41.96 -63.02 -1.78
C GLU S 83 41.38 -62.77 -0.38
N GLY S 84 42.11 -62.03 0.46
CA GLY S 84 41.56 -61.61 1.76
C GLY S 84 42.53 -61.84 2.93
N LYS S 85 43.82 -62.06 2.68
CA LYS S 85 44.78 -62.40 3.76
C LYS S 85 45.30 -61.12 4.39
N GLU S 86 45.54 -61.16 5.70
CA GLU S 86 45.93 -59.99 6.52
C GLU S 86 47.46 -59.99 6.62
N LEU S 87 48.14 -59.08 5.89
CA LEU S 87 49.62 -58.95 5.83
C LEU S 87 50.24 -58.57 7.18
N LYS S 88 49.46 -58.00 8.10
CA LYS S 88 50.05 -57.63 9.41
C LYS S 88 50.19 -58.87 10.29
N ASP S 89 49.55 -59.99 9.92
CA ASP S 89 49.63 -61.29 10.60
C ASP S 89 50.95 -61.97 10.23
N PRO S 90 51.86 -62.11 11.21
CA PRO S 90 53.20 -62.61 10.94
C PRO S 90 53.16 -63.97 10.25
N ARG S 91 52.10 -64.75 10.48
CA ARG S 91 51.91 -66.09 9.87
C ARG S 91 51.61 -65.99 8.37
N VAL S 92 51.25 -64.78 7.90
CA VAL S 92 51.00 -64.49 6.47
C VAL S 92 52.28 -63.90 5.88
N LEU S 93 53.00 -63.03 6.64
CA LEU S 93 54.22 -62.34 6.18
C LEU S 93 55.07 -61.88 7.34
N THR S 94 56.35 -62.27 7.32
CA THR S 94 57.43 -61.62 8.09
C THR S 94 58.52 -61.26 7.08
N ASP S 95 59.64 -60.72 7.54
CA ASP S 95 60.71 -60.16 6.72
C ASP S 95 61.94 -60.29 7.58
N VAL S 96 62.98 -60.97 7.12
CA VAL S 96 64.26 -61.07 7.85
C VAL S 96 65.22 -60.05 7.28
N GLY S 97 64.73 -59.10 6.48
CA GLY S 97 65.52 -57.97 5.96
C GLY S 97 66.49 -58.39 4.88
N ASP S 98 67.58 -57.64 4.73
CA ASP S 98 68.45 -57.69 3.52
C ASP S 98 69.78 -58.39 3.85
N VAL S 99 70.22 -59.22 2.91
CA VAL S 99 71.63 -59.68 2.86
C VAL S 99 72.47 -58.44 2.64
N PRO S 100 73.48 -58.15 3.51
CA PRO S 100 74.34 -56.99 3.33
C PRO S 100 75.33 -57.25 2.19
N VAL S 101 74.77 -57.40 0.98
CA VAL S 101 75.51 -57.74 -0.27
C VAL S 101 76.60 -56.68 -0.49
N GLN S 102 76.32 -55.39 -0.37
CA GLN S 102 77.29 -54.36 -0.83
C GLN S 102 78.48 -54.36 0.14
N GLU S 103 78.20 -54.67 1.41
CA GLU S 103 79.24 -54.65 2.47
C GLU S 103 80.17 -55.84 2.27
N ILE S 104 79.62 -57.01 1.96
CA ILE S 104 80.37 -58.22 1.52
C ILE S 104 81.23 -57.85 0.31
N ARG S 105 80.69 -57.09 -0.64
CA ARG S 105 81.34 -56.82 -1.93
C ARG S 105 82.55 -55.92 -1.68
N ASP S 106 82.32 -54.85 -0.93
CA ASP S 106 83.33 -53.82 -0.56
C ASP S 106 84.57 -54.45 0.07
N CYS S 107 84.51 -55.70 0.55
CA CYS S 107 85.69 -56.36 1.21
C CYS S 107 86.31 -57.47 0.34
N GLY S 108 86.05 -57.46 -0.99
CA GLY S 108 86.83 -58.19 -2.01
C GLY S 108 86.40 -59.65 -2.21
N VAL S 109 85.24 -60.01 -1.63
CA VAL S 109 84.69 -61.39 -1.64
C VAL S 109 84.24 -61.71 -3.08
N ASP S 110 84.74 -62.77 -3.72
CA ASP S 110 84.46 -63.09 -5.16
C ASP S 110 82.98 -63.47 -5.29
N ASP S 111 82.51 -63.71 -6.52
CA ASP S 111 81.08 -64.02 -6.79
C ASP S 111 80.68 -65.43 -6.29
N ASP S 112 81.56 -66.42 -6.35
CA ASP S 112 81.22 -67.80 -5.93
C ASP S 112 80.77 -67.77 -4.45
N ARG S 113 81.53 -67.04 -3.62
CA ARG S 113 81.29 -66.94 -2.16
C ARG S 113 80.12 -66.01 -1.87
N LEU S 114 80.02 -64.91 -2.61
CA LEU S 114 78.81 -64.06 -2.56
C LEU S 114 77.57 -64.95 -2.81
N MET S 115 77.58 -65.78 -3.85
CA MET S 115 76.34 -66.51 -4.21
C MET S 115 76.02 -67.55 -3.12
N ASN S 116 77.06 -68.15 -2.55
CA ASN S 116 76.91 -69.12 -1.43
C ASN S 116 76.29 -68.45 -0.20
N VAL S 117 76.72 -67.23 0.13
CA VAL S 117 76.13 -66.46 1.26
C VAL S 117 74.62 -66.27 1.00
N ILE S 118 74.25 -66.07 -0.26
CA ILE S 118 72.80 -65.96 -0.62
C ILE S 118 72.13 -67.33 -0.40
N SER S 119 72.75 -68.40 -0.89
CA SER S 119 72.26 -69.80 -0.68
C SER S 119 72.08 -70.07 0.82
N GLU S 120 73.11 -69.76 1.61
CA GLU S 120 73.13 -69.99 3.08
C GLU S 120 72.06 -69.13 3.75
N SER S 121 71.88 -67.86 3.35
CA SER S 121 70.85 -66.97 3.94
C SER S 121 69.48 -67.61 3.72
N VAL S 122 69.23 -68.14 2.53
CA VAL S 122 67.92 -68.75 2.20
C VAL S 122 67.70 -69.95 3.13
N LYS S 123 68.72 -70.80 3.21
CA LYS S 123 68.77 -71.96 4.13
C LYS S 123 68.47 -71.51 5.57
N LEU S 124 68.96 -70.35 6.00
CA LEU S 124 68.76 -69.88 7.39
C LEU S 124 67.26 -69.65 7.59
N VAL S 125 66.58 -69.15 6.57
CA VAL S 125 65.13 -68.86 6.62
C VAL S 125 64.38 -70.19 6.64
N MET S 126 64.77 -71.11 5.78
CA MET S 126 64.07 -72.41 5.65
C MET S 126 64.20 -73.20 6.95
N GLU S 127 65.27 -72.96 7.70
CA GLU S 127 65.61 -73.74 8.94
C GLU S 127 64.78 -73.28 10.13
N GLU S 128 64.07 -72.15 10.02
CA GLU S 128 63.06 -71.67 10.98
C GLU S 128 61.65 -72.08 10.51
N GLU S 129 61.21 -73.30 10.78
CA GLU S 129 59.82 -73.74 10.54
C GLU S 129 58.79 -72.78 11.14
N PRO S 130 57.69 -72.44 10.46
CA PRO S 130 57.39 -72.86 9.09
C PRO S 130 57.63 -71.80 8.00
N LEU S 131 58.66 -70.96 8.16
CA LEU S 131 58.97 -69.89 7.16
C LEU S 131 59.30 -70.50 5.80
N ARG S 132 58.92 -69.82 4.73
CA ARG S 132 59.37 -70.13 3.35
C ARG S 132 59.86 -68.84 2.70
N PRO S 133 60.94 -68.88 1.90
CA PRO S 133 61.56 -67.67 1.44
C PRO S 133 60.82 -67.09 0.22
N LEU S 134 60.63 -65.78 0.28
CA LEU S 134 60.26 -64.97 -0.89
C LEU S 134 61.36 -63.94 -1.01
N VAL S 135 62.19 -64.05 -2.06
CA VAL S 135 63.40 -63.21 -2.21
C VAL S 135 63.04 -61.93 -2.98
N LEU S 136 63.47 -60.76 -2.47
CA LEU S 136 63.39 -59.48 -3.22
C LEU S 136 64.71 -59.28 -3.94
N GLY S 137 64.69 -59.29 -5.26
CA GLY S 137 65.88 -58.88 -6.03
C GLY S 137 65.98 -57.37 -6.10
N GLY S 138 67.10 -56.86 -6.62
CA GLY S 138 68.15 -57.70 -7.13
C GLY S 138 67.94 -58.06 -8.60
N ASP S 139 69.03 -58.20 -9.36
CA ASP S 139 68.95 -58.68 -10.76
C ASP S 139 68.69 -60.20 -10.77
N HIS S 140 68.49 -60.76 -11.96
CA HIS S 140 67.95 -62.14 -12.11
C HIS S 140 68.98 -63.19 -11.70
N SER S 141 70.23 -62.80 -11.52
CA SER S 141 71.34 -63.74 -11.20
C SER S 141 71.00 -64.50 -9.91
N ILE S 142 70.26 -63.88 -9.00
CA ILE S 142 70.02 -64.37 -7.61
C ILE S 142 69.10 -65.61 -7.64
N SER S 143 68.41 -65.84 -8.76
CA SER S 143 67.44 -66.95 -8.81
C SER S 143 68.24 -68.25 -8.68
N TYR S 144 69.46 -68.30 -9.23
CA TYR S 144 70.33 -69.51 -9.23
C TYR S 144 70.69 -69.90 -7.79
N PRO S 145 71.48 -69.09 -7.03
CA PRO S 145 71.78 -69.46 -5.64
C PRO S 145 70.54 -69.70 -4.76
N VAL S 146 69.43 -68.98 -5.03
CA VAL S 146 68.19 -69.13 -4.22
C VAL S 146 67.58 -70.51 -4.52
N VAL S 147 67.49 -70.90 -5.81
CA VAL S 147 66.82 -72.15 -6.22
C VAL S 147 67.66 -73.33 -5.75
N ARG S 148 68.97 -73.17 -5.83
CA ARG S 148 69.96 -74.17 -5.38
C ARG S 148 69.69 -74.48 -3.91
N ALA S 149 69.61 -73.46 -3.06
CA ALA S 149 69.32 -73.60 -1.61
C ALA S 149 67.97 -74.30 -1.43
N VAL S 150 66.95 -73.83 -2.13
CA VAL S 150 65.60 -74.41 -1.92
C VAL S 150 65.65 -75.91 -2.22
N SER S 151 66.21 -76.26 -3.38
CA SER S 151 66.27 -77.65 -3.87
C SER S 151 67.14 -78.53 -2.94
N GLU S 152 68.32 -78.04 -2.56
CA GLU S 152 69.24 -78.81 -1.66
C GLU S 152 68.60 -79.05 -0.29
N LYS S 153 67.93 -78.04 0.27
CA LYS S 153 67.27 -78.12 1.58
C LYS S 153 66.13 -79.11 1.54
N LEU S 154 65.33 -79.13 0.45
CA LEU S 154 64.16 -80.05 0.33
C LEU S 154 64.58 -81.46 -0.15
N GLY S 155 65.82 -81.62 -0.61
CA GLY S 155 66.37 -82.90 -1.13
C GLY S 155 65.73 -83.40 -2.41
N GLY S 156 65.37 -82.54 -3.36
CA GLY S 156 65.05 -83.00 -4.72
C GLY S 156 64.70 -81.80 -5.61
N PRO S 157 64.29 -82.09 -6.87
CA PRO S 157 63.96 -81.05 -7.82
C PRO S 157 62.61 -80.38 -7.48
N VAL S 158 62.40 -79.17 -8.02
CA VAL S 158 61.08 -78.47 -8.06
C VAL S 158 60.69 -78.24 -9.53
N ASP S 159 59.40 -78.02 -9.76
CA ASP S 159 58.94 -77.34 -10.98
C ASP S 159 59.06 -75.84 -10.75
N ILE S 160 59.35 -75.13 -11.84
CA ILE S 160 59.58 -73.68 -11.79
C ILE S 160 58.65 -73.03 -12.80
N LEU S 161 57.91 -72.03 -12.35
CA LEU S 161 57.23 -71.06 -13.22
C LEU S 161 58.10 -69.82 -13.20
N HIS S 162 58.56 -69.48 -14.40
CA HIS S 162 59.47 -68.35 -14.66
C HIS S 162 58.72 -67.35 -15.55
N LEU S 163 58.36 -66.21 -14.98
CA LEU S 163 57.71 -65.11 -15.72
C LEU S 163 58.76 -64.07 -16.10
N ASP S 164 58.82 -63.79 -17.39
CA ASP S 164 59.92 -62.99 -17.94
C ASP S 164 59.70 -62.71 -19.42
N ALA S 165 60.18 -61.56 -19.89
CA ALA S 165 60.28 -61.28 -21.33
C ALA S 165 61.47 -62.04 -21.93
N HIS S 166 62.45 -62.47 -21.11
CA HIS S 166 63.74 -63.07 -21.57
C HIS S 166 63.88 -64.47 -20.97
N PRO S 167 64.50 -65.42 -21.67
CA PRO S 167 64.67 -66.75 -21.10
C PRO S 167 65.83 -66.90 -20.13
N ASP S 168 66.76 -65.97 -20.16
CA ASP S 168 67.86 -65.86 -19.16
C ASP S 168 68.53 -67.24 -19.12
N ILE S 169 68.77 -67.83 -20.30
CA ILE S 169 69.25 -69.24 -20.38
C ILE S 169 70.49 -69.35 -21.28
N TYR S 170 71.18 -68.20 -21.45
CA TYR S 170 72.46 -68.12 -22.19
C TYR S 170 73.52 -68.86 -21.37
N ASP S 171 74.45 -69.55 -22.04
CA ASP S 171 75.51 -70.33 -21.35
C ASP S 171 76.36 -69.38 -20.48
N CYS S 172 76.81 -68.27 -21.06
CA CYS S 172 77.82 -67.41 -20.39
C CYS S 172 77.78 -66.02 -21.03
N PHE S 173 76.82 -65.21 -20.61
CA PHE S 173 76.59 -63.89 -21.26
C PHE S 173 77.79 -62.95 -21.02
N GLU S 174 78.54 -62.65 -22.08
CA GLU S 174 79.79 -61.85 -22.05
C GLU S 174 80.78 -62.35 -20.97
N GLY S 175 80.93 -63.66 -20.76
CA GLY S 175 81.95 -64.25 -19.87
C GLY S 175 81.54 -64.36 -18.40
N ASN S 176 80.33 -63.95 -18.00
CA ASN S 176 79.88 -63.95 -16.58
C ASN S 176 78.89 -65.11 -16.41
N LYS S 177 79.39 -66.22 -15.87
CA LYS S 177 78.58 -67.43 -15.60
C LYS S 177 77.51 -67.02 -14.59
N TYR S 178 77.72 -65.97 -13.80
CA TYR S 178 76.67 -65.44 -12.90
C TYR S 178 75.84 -64.34 -13.57
N SER S 179 75.89 -64.18 -14.89
CA SER S 179 75.07 -63.15 -15.55
C SER S 179 73.58 -63.31 -15.18
N HIS S 180 72.85 -62.19 -15.14
CA HIS S 180 71.37 -62.19 -14.95
C HIS S 180 70.71 -62.85 -16.17
N ALA S 181 71.41 -63.01 -17.29
CA ALA S 181 70.92 -63.65 -18.52
C ALA S 181 71.33 -65.11 -18.59
N SER S 182 71.88 -65.72 -17.53
CA SER S 182 72.33 -67.13 -17.53
C SER S 182 71.79 -67.89 -16.35
N SER S 183 71.04 -67.26 -15.47
CA SER S 183 70.71 -67.93 -14.19
C SER S 183 69.99 -69.25 -14.44
N PHE S 184 69.17 -69.36 -15.49
CA PHE S 184 68.31 -70.54 -15.71
C PHE S 184 69.12 -71.60 -16.45
N ALA S 185 70.18 -71.24 -17.17
CA ALA S 185 71.18 -72.22 -17.66
C ALA S 185 71.87 -72.87 -16.46
N ARG S 186 72.27 -72.06 -15.46
CA ARG S 186 72.90 -72.55 -14.20
C ARG S 186 71.88 -73.42 -13.45
N ILE S 187 70.63 -72.98 -13.37
CA ILE S 187 69.61 -73.76 -12.62
C ILE S 187 69.36 -75.11 -13.32
N MET S 188 69.24 -75.12 -14.64
CA MET S 188 68.93 -76.40 -15.33
C MET S 188 70.16 -77.32 -15.29
N GLU S 189 71.36 -76.81 -15.50
CA GLU S 189 72.61 -77.63 -15.43
C GLU S 189 72.74 -78.36 -14.09
N GLY S 190 72.17 -77.83 -13.02
CA GLY S 190 72.36 -78.33 -11.65
C GLY S 190 71.36 -79.42 -11.30
N GLY S 191 70.34 -79.62 -12.13
CA GLY S 191 69.35 -80.69 -11.86
C GLY S 191 68.37 -80.30 -10.75
N TYR S 192 68.15 -79.00 -10.49
CA TYR S 192 67.29 -78.47 -9.41
C TYR S 192 65.84 -78.34 -9.88
N ALA S 193 65.63 -78.36 -11.18
CA ALA S 193 64.29 -78.29 -11.80
C ALA S 193 63.94 -79.57 -12.60
N ARG S 194 62.69 -80.01 -12.43
CA ARG S 194 62.06 -81.02 -13.33
C ARG S 194 61.57 -80.23 -14.52
N ARG S 195 60.46 -79.57 -14.39
CA ARG S 195 59.93 -78.73 -15.48
C ARG S 195 60.27 -77.27 -15.20
N LEU S 196 60.50 -76.51 -16.25
CA LEU S 196 60.68 -75.04 -16.21
C LEU S 196 59.75 -74.45 -17.24
N LEU S 197 58.67 -73.81 -16.79
CA LEU S 197 57.77 -73.11 -17.72
C LEU S 197 58.17 -71.63 -17.71
N GLN S 198 58.58 -71.11 -18.88
CA GLN S 198 58.91 -69.68 -19.14
C GLN S 198 57.68 -69.03 -19.77
N VAL S 199 57.13 -67.99 -19.12
CA VAL S 199 55.86 -67.39 -19.60
C VAL S 199 56.13 -65.89 -19.80
N GLY S 200 55.65 -65.36 -20.91
CA GLY S 200 55.82 -63.93 -21.21
C GLY S 200 57.02 -63.64 -22.12
N ILE S 201 57.66 -64.68 -22.65
CA ILE S 201 58.91 -64.54 -23.44
C ILE S 201 58.59 -63.80 -24.72
N ARG S 202 59.35 -62.77 -25.00
CA ARG S 202 59.24 -62.01 -26.25
C ARG S 202 60.59 -61.42 -26.68
N SER S 203 61.69 -61.72 -25.99
CA SER S 203 63.07 -61.32 -26.38
C SER S 203 63.93 -62.57 -26.33
N ILE S 204 64.11 -63.23 -27.47
CA ILE S 204 64.81 -64.53 -27.54
C ILE S 204 65.47 -64.68 -28.89
N ASN S 205 66.68 -65.24 -28.90
CA ASN S 205 67.50 -65.42 -30.12
C ASN S 205 67.68 -66.92 -30.30
N GLN S 206 68.44 -67.34 -31.31
CA GLN S 206 68.49 -68.79 -31.61
C GLN S 206 69.23 -69.44 -30.44
N GLU S 207 70.21 -68.77 -29.83
CA GLU S 207 70.91 -69.34 -28.65
C GLU S 207 69.88 -69.64 -27.53
N GLY S 208 68.95 -68.76 -27.23
CA GLY S 208 67.96 -69.02 -26.18
C GLY S 208 67.05 -70.21 -26.53
N ARG S 209 66.68 -70.34 -27.80
CA ARG S 209 65.82 -71.38 -28.32
C ARG S 209 66.58 -72.72 -28.24
N GLU S 210 67.84 -72.76 -28.68
CA GLU S 210 68.66 -74.00 -28.62
C GLU S 210 68.90 -74.42 -27.18
N GLN S 211 69.22 -73.48 -26.28
CA GLN S 211 69.39 -73.77 -24.85
C GLN S 211 68.05 -74.32 -24.33
N GLY S 212 66.93 -73.70 -24.73
CA GLY S 212 65.59 -74.21 -24.40
C GLY S 212 65.49 -75.71 -24.73
N LYS S 213 65.91 -76.08 -25.94
CA LYS S 213 65.77 -77.48 -26.38
C LYS S 213 66.71 -78.38 -25.59
N ARG S 214 67.92 -77.89 -25.34
CA ARG S 214 68.99 -78.66 -24.69
C ARG S 214 68.52 -79.11 -23.32
N PHE S 215 67.74 -78.28 -22.64
CA PHE S 215 67.27 -78.53 -21.26
C PHE S 215 65.81 -78.97 -21.22
N GLY S 216 65.08 -79.08 -22.34
CA GLY S 216 63.63 -79.41 -22.30
C GLY S 216 62.77 -78.35 -21.61
N VAL S 217 63.17 -77.08 -21.72
CA VAL S 217 62.38 -75.95 -21.15
C VAL S 217 61.08 -75.82 -21.95
N GLU S 218 59.98 -75.52 -21.29
CA GLU S 218 58.73 -75.16 -21.98
C GLU S 218 58.66 -73.64 -22.08
N GLN S 219 58.93 -73.10 -23.27
CA GLN S 219 58.92 -71.63 -23.52
C GLN S 219 57.56 -71.24 -24.11
N TYR S 220 56.79 -70.42 -23.42
CA TYR S 220 55.55 -69.80 -23.97
C TYR S 220 55.83 -68.34 -24.35
N GLU S 221 55.81 -68.10 -25.67
CA GLU S 221 56.10 -66.79 -26.31
C GLU S 221 54.83 -65.95 -26.36
N MET S 222 54.96 -64.64 -26.14
CA MET S 222 53.76 -63.78 -26.14
C MET S 222 53.07 -63.90 -27.50
N ARG S 223 53.81 -64.22 -28.55
CA ARG S 223 53.19 -64.30 -29.89
C ARG S 223 52.22 -65.48 -30.03
N THR S 224 52.13 -66.42 -29.06
CA THR S 224 51.10 -67.48 -29.02
C THR S 224 50.23 -67.25 -27.77
N PHE S 225 50.33 -66.10 -27.13
CA PHE S 225 49.62 -65.95 -25.84
C PHE S 225 48.09 -66.05 -26.05
N SER S 226 47.54 -65.55 -27.15
CA SER S 226 46.09 -65.67 -27.50
C SER S 226 45.59 -67.09 -27.33
N LYS S 227 46.27 -68.03 -27.96
CA LYS S 227 45.98 -69.46 -27.87
C LYS S 227 46.29 -70.03 -26.48
N ASP S 228 47.41 -69.65 -25.87
CA ASP S 228 47.97 -70.29 -24.66
C ASP S 228 47.25 -69.82 -23.38
N ARG S 229 46.54 -68.69 -23.45
CA ARG S 229 45.99 -68.03 -22.25
C ARG S 229 45.19 -69.04 -21.43
N PRO S 230 44.20 -69.77 -21.97
CA PRO S 230 43.39 -70.64 -21.13
C PRO S 230 44.21 -71.69 -20.34
N MET S 231 45.22 -72.24 -20.99
CA MET S 231 46.10 -73.26 -20.39
C MET S 231 46.96 -72.57 -19.30
N LEU S 232 47.53 -71.40 -19.59
CA LEU S 232 48.39 -70.65 -18.63
C LEU S 232 47.59 -70.16 -17.42
N GLU S 233 46.29 -69.91 -17.56
CA GLU S 233 45.49 -69.41 -16.43
C GLU S 233 44.88 -70.61 -15.69
N ASN S 234 45.41 -71.81 -15.95
CA ASN S 234 44.95 -73.07 -15.34
C ASN S 234 46.09 -74.02 -15.08
N LEU S 235 47.21 -73.53 -14.60
CA LEU S 235 48.43 -74.37 -14.48
C LEU S 235 48.34 -75.24 -13.24
N LYS S 236 48.90 -76.44 -13.38
CA LYS S 236 49.10 -77.40 -12.27
C LYS S 236 50.58 -77.79 -12.30
N LEU S 237 51.32 -77.48 -11.25
CA LEU S 237 52.77 -77.81 -11.15
C LEU S 237 53.12 -78.48 -9.83
N GLY S 238 54.27 -79.15 -9.82
CA GLY S 238 54.93 -79.74 -8.65
C GLY S 238 54.41 -81.11 -8.23
N GLU S 239 53.39 -81.67 -8.86
CA GLU S 239 52.90 -83.01 -8.45
C GLU S 239 54.08 -83.98 -8.59
N GLY S 240 54.43 -84.70 -7.51
CA GLY S 240 55.45 -85.78 -7.55
C GLY S 240 56.87 -85.32 -7.19
N VAL S 241 57.12 -84.02 -7.10
CA VAL S 241 58.44 -83.44 -6.72
C VAL S 241 58.26 -82.58 -5.45
N LYS S 242 59.28 -81.86 -5.00
CA LYS S 242 59.29 -81.23 -3.65
C LYS S 242 58.43 -79.99 -3.62
N GLY S 243 58.08 -79.45 -4.79
CA GLY S 243 57.26 -78.24 -4.82
C GLY S 243 57.44 -77.43 -6.09
N VAL S 244 56.99 -76.19 -5.99
CA VAL S 244 57.03 -75.22 -7.09
C VAL S 244 57.78 -73.97 -6.62
N TYR S 245 58.69 -73.51 -7.46
CA TYR S 245 59.29 -72.18 -7.32
C TYR S 245 58.73 -71.23 -8.38
N ILE S 246 58.48 -69.98 -7.98
CA ILE S 246 58.04 -68.91 -8.91
C ILE S 246 59.08 -67.78 -8.89
N SER S 247 59.77 -67.58 -10.01
CA SER S 247 60.61 -66.41 -10.31
C SER S 247 59.84 -65.44 -11.22
N ILE S 248 59.68 -64.22 -10.75
CA ILE S 248 58.95 -63.19 -11.51
C ILE S 248 59.95 -62.07 -11.75
N ASP S 249 60.35 -61.95 -13.01
CA ASP S 249 61.01 -60.75 -13.54
C ASP S 249 59.89 -59.78 -13.83
N VAL S 250 59.98 -58.58 -13.31
CA VAL S 250 58.99 -57.49 -13.47
C VAL S 250 58.83 -57.19 -14.97
N ASP S 251 59.82 -57.46 -15.81
CA ASP S 251 59.64 -57.16 -17.27
C ASP S 251 58.79 -58.23 -17.99
N CYS S 252 58.33 -59.28 -17.32
CA CYS S 252 57.22 -60.09 -17.84
C CYS S 252 56.07 -59.12 -18.20
N LEU S 253 55.89 -58.07 -17.42
CA LEU S 253 54.78 -57.13 -17.64
C LEU S 253 55.13 -56.24 -18.80
N ASP S 254 54.14 -55.87 -19.61
CA ASP S 254 54.35 -54.81 -20.63
C ASP S 254 54.87 -53.53 -19.95
N PRO S 255 55.82 -52.81 -20.55
CA PRO S 255 56.33 -51.59 -19.92
C PRO S 255 55.30 -50.50 -19.59
N ALA S 256 54.11 -50.58 -20.17
CA ALA S 256 52.99 -49.70 -19.79
C ALA S 256 52.70 -49.84 -18.30
N PHE S 257 52.78 -51.07 -17.79
CA PHE S 257 52.45 -51.48 -16.41
C PHE S 257 53.69 -51.38 -15.54
N ALA S 258 54.86 -51.65 -16.09
CA ALA S 258 56.13 -51.72 -15.33
C ALA S 258 57.26 -51.03 -16.11
N PRO S 259 57.32 -49.68 -16.17
CA PRO S 259 58.43 -49.01 -16.87
C PRO S 259 59.77 -49.11 -16.13
N GLY S 260 59.69 -49.37 -14.83
CA GLY S 260 60.86 -49.36 -13.93
C GLY S 260 61.61 -50.65 -14.03
N VAL S 261 62.24 -50.87 -15.18
CA VAL S 261 63.00 -52.09 -15.49
C VAL S 261 64.16 -51.63 -16.35
N SER S 262 65.20 -52.45 -16.37
CA SER S 262 66.42 -52.21 -17.18
C SER S 262 66.19 -52.46 -18.68
N HIS S 263 65.22 -53.29 -19.05
CA HIS S 263 65.05 -53.86 -20.42
C HIS S 263 63.61 -53.64 -20.87
N ILE S 264 63.36 -52.51 -21.50
CA ILE S 264 62.02 -52.16 -22.05
C ILE S 264 61.74 -53.05 -23.28
N GLU S 265 60.68 -53.87 -23.21
CA GLU S 265 60.31 -54.87 -24.23
C GLU S 265 58.80 -54.87 -24.44
N PRO S 266 58.35 -54.03 -25.36
CA PRO S 266 56.92 -53.88 -25.63
C PRO S 266 56.24 -55.21 -25.98
N GLY S 267 54.95 -55.31 -25.64
CA GLY S 267 54.06 -56.44 -25.94
C GLY S 267 54.04 -57.53 -24.87
N GLY S 268 53.98 -57.14 -23.59
CA GLY S 268 54.00 -58.04 -22.43
C GLY S 268 52.63 -58.29 -21.81
N LEU S 269 52.67 -58.87 -20.62
CA LEU S 269 51.46 -59.20 -19.87
C LEU S 269 50.98 -57.95 -19.19
N SER S 270 49.65 -57.83 -19.05
CA SER S 270 49.06 -56.92 -18.04
C SER S 270 49.32 -57.47 -16.62
N PHE S 271 49.21 -56.59 -15.63
CA PHE S 271 49.20 -56.91 -14.20
C PHE S 271 48.07 -57.91 -13.97
N ARG S 272 46.87 -57.64 -14.49
CA ARG S 272 45.75 -58.57 -14.30
C ARG S 272 46.06 -59.94 -14.95
N ASP S 273 46.76 -60.01 -16.09
CA ASP S 273 47.20 -61.30 -16.66
C ASP S 273 48.10 -62.06 -15.68
N VAL S 274 49.07 -61.40 -15.06
CA VAL S 274 49.94 -62.13 -14.09
C VAL S 274 49.13 -62.67 -12.90
N LEU S 275 48.23 -61.87 -12.30
CA LEU S 275 47.41 -62.35 -11.18
C LEU S 275 46.49 -63.50 -11.62
N ASN S 276 45.94 -63.45 -12.84
CA ASN S 276 45.10 -64.58 -13.33
C ASN S 276 45.95 -65.86 -13.27
N ILE S 277 47.21 -65.78 -13.71
CA ILE S 277 48.14 -66.95 -13.73
C ILE S 277 48.42 -67.39 -12.28
N LEU S 278 48.87 -66.47 -11.42
CA LEU S 278 49.19 -66.82 -9.99
C LEU S 278 47.98 -67.34 -9.19
N HIS S 279 46.82 -66.68 -9.24
CA HIS S 279 45.65 -66.99 -8.38
C HIS S 279 45.11 -68.37 -8.70
N ASN S 280 45.20 -68.72 -9.97
CA ASN S 280 44.63 -70.00 -10.50
C ASN S 280 45.66 -71.11 -10.50
N LEU S 281 46.94 -70.82 -10.30
CA LEU S 281 47.96 -71.89 -10.35
C LEU S 281 47.75 -72.83 -9.16
N GLN S 282 47.73 -74.13 -9.41
CA GLN S 282 47.67 -75.19 -8.38
C GLN S 282 49.08 -75.68 -8.13
N ALA S 283 49.57 -75.48 -6.93
CA ALA S 283 50.99 -75.63 -6.59
C ALA S 283 51.20 -75.41 -5.11
N ASP S 284 52.02 -76.29 -4.54
CA ASP S 284 52.66 -76.15 -3.22
C ASP S 284 53.87 -75.25 -3.43
N VAL S 285 53.71 -73.96 -3.22
CA VAL S 285 54.80 -73.03 -3.54
C VAL S 285 55.81 -73.05 -2.38
N VAL S 286 57.03 -73.45 -2.67
CA VAL S 286 58.08 -73.64 -1.63
C VAL S 286 59.00 -72.43 -1.60
N GLY S 287 59.01 -71.61 -2.64
CA GLY S 287 59.63 -70.27 -2.56
C GLY S 287 59.40 -69.47 -3.82
N ALA S 288 59.79 -68.19 -3.81
CA ALA S 288 59.60 -67.33 -4.98
C ALA S 288 60.57 -66.16 -4.91
N ASP S 289 60.70 -65.44 -6.02
CA ASP S 289 61.48 -64.19 -6.07
C ASP S 289 60.73 -63.18 -6.96
N VAL S 290 60.89 -61.92 -6.59
CA VAL S 290 60.51 -60.77 -7.44
C VAL S 290 61.77 -59.97 -7.77
N VAL S 291 62.14 -60.00 -9.05
CA VAL S 291 63.46 -59.49 -9.51
C VAL S 291 63.31 -58.43 -10.61
N GLU S 292 64.38 -57.66 -10.75
CA GLU S 292 64.63 -56.76 -11.92
C GLU S 292 63.74 -55.52 -11.84
N PHE S 293 63.15 -55.24 -10.68
CA PHE S 293 62.59 -53.91 -10.41
C PHE S 293 63.74 -52.94 -10.35
N ASN S 294 63.78 -51.97 -11.26
CA ASN S 294 64.84 -50.93 -11.36
C ASN S 294 64.26 -49.57 -10.92
N PRO S 295 64.41 -49.15 -9.65
CA PRO S 295 63.83 -47.89 -9.18
C PRO S 295 64.32 -46.64 -9.93
N GLN S 296 65.51 -46.70 -10.51
CA GLN S 296 66.11 -45.53 -11.18
C GLN S 296 65.39 -45.33 -12.52
N ARG S 297 64.63 -46.31 -12.97
CA ARG S 297 63.96 -46.28 -14.27
C ARG S 297 62.45 -46.14 -14.02
N ASP S 298 62.06 -46.02 -12.74
CA ASP S 298 60.64 -45.91 -12.36
C ASP S 298 60.15 -44.49 -12.58
N THR S 299 58.84 -44.32 -12.55
CA THR S 299 58.16 -43.00 -12.65
C THR S 299 58.57 -42.22 -11.41
N VAL S 300 58.28 -40.93 -11.39
CA VAL S 300 58.64 -40.10 -10.22
C VAL S 300 57.83 -40.60 -9.02
N ASP S 301 56.66 -41.22 -9.20
CA ASP S 301 55.77 -41.54 -8.05
C ASP S 301 55.92 -43.01 -7.66
N GLY S 302 56.88 -43.74 -8.25
CA GLY S 302 57.19 -45.14 -7.91
C GLY S 302 56.13 -46.13 -8.36
N MET S 303 55.60 -46.03 -9.59
CA MET S 303 54.48 -46.92 -9.99
C MET S 303 54.99 -48.36 -9.99
N THR S 304 56.21 -48.60 -10.48
CA THR S 304 56.72 -49.98 -10.58
C THR S 304 57.01 -50.49 -9.19
N ALA S 305 57.34 -49.62 -8.24
CA ALA S 305 57.47 -50.06 -6.84
C ALA S 305 56.13 -50.69 -6.41
N MET S 306 54.99 -50.04 -6.69
CA MET S 306 53.66 -50.56 -6.26
C MET S 306 53.43 -51.92 -6.96
N VAL S 307 53.87 -52.04 -8.22
CA VAL S 307 53.71 -53.26 -9.06
C VAL S 307 54.47 -54.39 -8.39
N ALA S 308 55.75 -54.17 -8.10
CA ALA S 308 56.60 -55.16 -7.40
C ALA S 308 55.98 -55.49 -6.04
N ALA S 309 55.55 -54.49 -5.27
CA ALA S 309 55.02 -54.72 -3.91
C ALA S 309 53.81 -55.67 -4.04
N LYS S 310 52.95 -55.39 -5.01
CA LYS S 310 51.67 -56.09 -5.10
C LYS S 310 51.97 -57.53 -5.50
N LEU S 311 52.93 -57.74 -6.38
CA LEU S 311 53.34 -59.12 -6.73
C LEU S 311 53.81 -59.85 -5.46
N VAL S 312 54.54 -59.17 -4.59
CA VAL S 312 55.09 -59.79 -3.35
C VAL S 312 53.92 -60.14 -2.45
N ARG S 313 52.99 -59.23 -2.32
CA ARG S 313 51.80 -59.42 -1.46
C ARG S 313 51.03 -60.66 -1.96
N GLU S 314 50.77 -60.76 -3.27
CA GLU S 314 49.95 -61.86 -3.85
C GLU S 314 50.73 -63.19 -3.76
N LEU S 315 52.05 -63.20 -3.99
CA LEU S 315 52.88 -64.40 -3.73
C LEU S 315 52.76 -64.83 -2.26
N ALA S 316 52.88 -63.92 -1.31
CA ALA S 316 52.78 -64.22 0.13
C ALA S 316 51.44 -64.86 0.46
N ALA S 317 50.34 -64.35 -0.10
CA ALA S 317 48.99 -64.92 0.14
C ALA S 317 48.98 -66.38 -0.36
N LYS S 318 49.81 -66.69 -1.34
CA LYS S 318 49.81 -68.02 -2.01
C LYS S 318 50.73 -69.01 -1.29
N ILE S 319 51.87 -68.50 -0.82
CA ILE S 319 52.92 -69.29 -0.12
C ILE S 319 52.42 -69.64 1.29
N SER S 320 51.83 -68.66 1.97
CA SER S 320 51.37 -68.78 3.36
C SER S 320 50.09 -69.64 3.39
N LYS S 321 50.05 -70.60 4.30
CA LYS S 321 48.85 -71.44 4.48
C LYS S 321 48.86 -71.95 5.92
N SER T 4 68.61 -12.64 -58.23
CA SER T 4 68.30 -13.13 -56.83
C SER T 4 67.45 -14.41 -56.90
N ALA T 5 66.35 -14.35 -57.69
CA ALA T 5 65.27 -15.37 -57.82
C ALA T 5 65.73 -16.54 -58.71
N SER T 6 66.61 -16.23 -59.68
CA SER T 6 67.32 -17.23 -60.52
C SER T 6 68.39 -17.90 -59.67
N SER T 7 69.22 -17.11 -58.99
CA SER T 7 70.29 -17.62 -58.12
C SER T 7 69.75 -18.61 -57.05
N ILE T 8 68.52 -18.38 -56.52
CA ILE T 8 67.79 -19.23 -55.52
C ILE T 8 67.21 -20.47 -56.21
N GLU T 9 66.69 -20.31 -57.44
CA GLU T 9 66.08 -21.44 -58.16
C GLU T 9 67.15 -22.52 -58.41
N LYS T 10 68.35 -22.10 -58.81
CA LYS T 10 69.51 -23.01 -59.08
C LYS T 10 70.03 -23.57 -57.76
N GLY T 11 70.10 -22.73 -56.72
CA GLY T 11 70.39 -23.17 -55.34
C GLY T 11 69.46 -24.30 -54.91
N GLN T 12 68.16 -24.18 -55.16
CA GLN T 12 67.16 -25.20 -54.78
C GLN T 12 67.52 -26.53 -55.46
N ASN T 13 67.78 -26.49 -56.77
CA ASN T 13 68.02 -27.69 -57.59
C ASN T 13 69.25 -28.40 -57.03
N ARG T 14 70.31 -27.67 -56.71
CA ARG T 14 71.59 -28.30 -56.25
C ARG T 14 71.40 -28.87 -54.85
N VAL T 15 70.55 -28.23 -54.04
CA VAL T 15 70.24 -28.72 -52.66
C VAL T 15 69.41 -30.00 -52.80
N ILE T 16 68.32 -29.96 -53.56
CA ILE T 16 67.52 -31.17 -53.90
C ILE T 16 68.42 -32.32 -54.45
N ASP T 17 69.22 -32.11 -55.50
CA ASP T 17 70.01 -33.22 -56.13
C ASP T 17 71.00 -33.79 -55.09
N ALA T 18 71.74 -32.98 -54.35
CA ALA T 18 72.60 -33.55 -53.29
C ALA T 18 71.73 -34.34 -52.30
N SER T 19 70.50 -33.92 -52.01
CA SER T 19 69.62 -34.65 -51.06
C SER T 19 69.27 -36.05 -51.63
N LEU T 20 68.93 -36.11 -52.92
CA LEU T 20 68.72 -37.38 -53.69
C LEU T 20 70.02 -38.19 -53.83
N THR T 21 71.15 -37.54 -54.05
CA THR T 21 72.48 -38.20 -54.12
C THR T 21 72.81 -38.91 -52.79
N LEU T 22 72.69 -38.25 -51.65
CA LEU T 22 72.94 -38.98 -50.40
C LEU T 22 72.12 -40.30 -50.42
N ILE T 23 70.83 -40.25 -50.82
CA ILE T 23 69.94 -41.44 -50.75
C ILE T 23 70.40 -42.45 -51.85
N ARG T 24 70.46 -42.06 -53.12
CA ARG T 24 70.88 -42.94 -54.23
C ARG T 24 72.16 -43.71 -53.85
N GLU T 25 73.18 -43.02 -53.33
CA GLU T 25 74.54 -43.58 -53.17
C GLU T 25 74.58 -44.54 -51.98
N ARG T 26 73.80 -44.26 -50.94
CA ARG T 26 73.71 -45.16 -49.76
C ARG T 26 72.89 -46.40 -50.17
N ALA T 27 71.75 -46.19 -50.86
CA ALA T 27 70.88 -47.26 -51.41
C ALA T 27 71.76 -48.25 -52.20
N LYS T 28 72.58 -47.72 -53.09
CA LYS T 28 73.54 -48.48 -53.93
C LYS T 28 74.39 -49.42 -53.04
N LEU T 29 75.09 -48.89 -52.05
CA LEU T 29 75.98 -49.71 -51.18
C LEU T 29 75.16 -50.80 -50.44
N LYS T 30 73.96 -50.43 -49.98
CA LYS T 30 73.06 -51.36 -49.25
C LYS T 30 72.60 -52.47 -50.23
N GLY T 31 72.12 -52.10 -51.42
CA GLY T 31 71.70 -53.09 -52.41
C GLY T 31 72.85 -54.06 -52.72
N GLU T 32 74.05 -53.55 -52.91
CA GLU T 32 75.25 -54.35 -53.29
C GLU T 32 75.64 -55.28 -52.14
N LEU T 33 75.59 -54.79 -50.89
CA LEU T 33 75.81 -55.65 -49.70
C LEU T 33 74.75 -56.75 -49.69
N VAL T 34 73.49 -56.43 -49.99
CA VAL T 34 72.38 -57.43 -49.97
C VAL T 34 72.60 -58.49 -51.06
N ARG T 35 73.01 -58.08 -52.26
CA ARG T 35 73.12 -58.97 -53.47
C ARG T 35 74.35 -59.86 -53.36
N LEU T 36 75.44 -59.35 -52.78
CA LEU T 36 76.67 -60.12 -52.49
C LEU T 36 76.41 -61.20 -51.41
N LEU T 37 75.61 -60.92 -50.37
CA LEU T 37 75.24 -62.00 -49.40
C LEU T 37 74.37 -63.06 -50.12
N GLY T 38 73.53 -62.63 -51.08
CA GLY T 38 72.75 -63.52 -51.97
C GLY T 38 71.57 -64.16 -51.24
N GLY T 39 70.54 -64.50 -52.00
CA GLY T 39 69.44 -65.36 -51.53
C GLY T 39 68.21 -64.56 -51.13
N ALA T 40 68.29 -63.25 -50.96
CA ALA T 40 67.10 -62.49 -50.48
C ALA T 40 66.22 -62.15 -51.71
N LYS T 41 64.90 -62.34 -51.45
CA LYS T 41 63.74 -62.01 -52.35
C LYS T 41 63.16 -60.65 -52.00
N ALA T 42 63.22 -60.24 -50.74
CA ALA T 42 62.89 -58.86 -50.32
C ALA T 42 63.71 -58.56 -49.07
N SER T 43 64.25 -57.35 -49.02
CA SER T 43 65.07 -56.85 -47.89
C SER T 43 64.64 -55.43 -47.49
N THR T 44 63.96 -55.32 -46.35
CA THR T 44 63.58 -54.06 -45.71
C THR T 44 64.78 -53.09 -45.69
N SER T 45 64.59 -51.89 -46.17
CA SER T 45 65.53 -50.75 -46.02
C SER T 45 64.75 -49.54 -45.47
N LEU T 46 65.22 -49.01 -44.34
CA LEU T 46 64.65 -47.83 -43.62
C LEU T 46 64.96 -46.57 -44.43
N LEU T 47 63.94 -45.71 -44.53
CA LEU T 47 64.04 -44.37 -45.11
C LEU T 47 63.39 -43.42 -44.12
N GLY T 48 64.18 -42.49 -43.59
CA GLY T 48 63.71 -41.48 -42.64
C GLY T 48 63.12 -40.30 -43.38
N VAL T 49 61.96 -39.85 -42.96
CA VAL T 49 61.40 -38.58 -43.47
C VAL T 49 61.12 -37.66 -42.28
N PRO T 50 62.13 -36.86 -41.81
CA PRO T 50 61.95 -36.04 -40.60
C PRO T 50 61.15 -34.75 -40.90
N LEU T 51 59.83 -34.91 -41.14
CA LEU T 51 58.86 -33.85 -41.54
C LEU T 51 57.80 -33.78 -40.43
N GLY T 52 57.50 -32.61 -39.89
CA GLY T 52 56.48 -32.48 -38.83
C GLY T 52 55.60 -31.25 -39.01
N HIS T 53 55.79 -30.51 -40.10
CA HIS T 53 55.16 -29.19 -40.26
C HIS T 53 53.75 -29.36 -40.84
N ASN T 54 53.33 -30.57 -41.20
CA ASN T 54 51.93 -30.83 -41.67
C ASN T 54 51.06 -31.17 -40.45
N SER T 55 51.65 -31.14 -39.28
CA SER T 55 50.94 -31.47 -38.01
C SER T 55 49.98 -30.34 -37.63
N SER T 56 48.90 -30.68 -36.91
CA SER T 56 47.80 -29.77 -36.49
C SER T 56 48.05 -29.25 -35.07
N PHE T 57 48.93 -29.87 -34.30
CA PHE T 57 49.07 -29.56 -32.86
C PHE T 57 50.55 -29.43 -32.41
N LEU T 58 51.38 -30.44 -32.61
CA LEU T 58 52.82 -30.44 -32.29
C LEU T 58 53.58 -31.04 -33.48
N GLN T 59 54.76 -30.47 -33.77
CA GLN T 59 55.64 -30.83 -34.90
C GLN T 59 56.75 -31.80 -34.45
N GLY T 60 56.73 -32.27 -33.21
CA GLY T 60 57.72 -33.23 -32.66
C GLY T 60 58.06 -34.41 -33.57
N PRO T 61 57.14 -35.03 -34.30
CA PRO T 61 57.53 -36.19 -35.12
C PRO T 61 58.67 -35.91 -36.12
N ALA T 62 58.96 -34.63 -36.40
CA ALA T 62 60.14 -34.19 -37.18
C ALA T 62 61.44 -34.77 -36.59
N PHE T 63 61.51 -34.99 -35.28
CA PHE T 63 62.74 -35.48 -34.59
C PHE T 63 62.68 -36.99 -34.40
N ALA T 64 61.71 -37.68 -34.95
CA ALA T 64 61.48 -39.11 -34.62
C ALA T 64 62.56 -40.03 -35.15
N PRO T 65 62.92 -39.99 -36.45
CA PRO T 65 63.67 -41.11 -37.06
C PRO T 65 65.01 -41.42 -36.39
N PRO T 66 65.89 -40.44 -36.10
CA PRO T 66 67.16 -40.76 -35.41
C PRO T 66 66.93 -41.40 -34.01
N ARG T 67 65.84 -41.02 -33.33
CA ARG T 67 65.51 -41.64 -32.02
C ARG T 67 65.05 -43.08 -32.25
N ILE T 68 64.29 -43.33 -33.31
CA ILE T 68 63.81 -44.71 -33.53
C ILE T 68 65.04 -45.59 -33.76
N ARG T 69 66.04 -45.13 -34.53
CA ARG T 69 67.26 -45.90 -34.84
C ARG T 69 67.99 -46.25 -33.56
N GLU T 70 68.16 -45.28 -32.66
CA GLU T 70 68.88 -45.47 -31.38
C GLU T 70 68.25 -46.68 -30.67
N ALA T 71 66.91 -46.71 -30.62
CA ALA T 71 66.13 -47.72 -29.90
C ALA T 71 66.25 -49.07 -30.64
N ILE T 72 66.27 -49.13 -31.96
CA ILE T 72 66.43 -50.43 -32.67
C ILE T 72 67.72 -51.12 -32.21
N TRP T 73 68.78 -50.36 -31.94
CA TRP T 73 70.15 -50.87 -31.62
C TRP T 73 70.54 -50.70 -30.15
N CYS T 74 69.61 -50.37 -29.26
CA CYS T 74 69.89 -50.23 -27.80
C CYS T 74 70.50 -51.52 -27.23
N GLY T 75 71.57 -51.41 -26.44
CA GLY T 75 72.26 -52.55 -25.82
C GLY T 75 71.37 -53.35 -24.86
N SER T 76 70.23 -52.79 -24.45
CA SER T 76 69.24 -53.46 -23.57
C SER T 76 68.48 -54.55 -24.35
N THR T 77 68.53 -54.54 -25.69
CA THR T 77 67.73 -55.42 -26.58
C THR T 77 68.65 -56.44 -27.22
N ASN T 78 68.11 -57.49 -27.79
CA ASN T 78 68.91 -58.31 -28.74
C ASN T 78 68.47 -57.96 -30.16
N SER T 79 69.25 -58.45 -31.12
CA SER T 79 69.08 -58.16 -32.56
C SER T 79 68.12 -59.17 -33.23
N ALA T 80 67.41 -60.03 -32.47
CA ALA T 80 66.44 -61.01 -33.03
C ALA T 80 65.02 -60.47 -32.92
N THR T 81 64.17 -60.62 -33.96
CA THR T 81 62.74 -60.22 -33.94
C THR T 81 61.97 -61.32 -33.23
N GLU T 82 60.70 -61.12 -32.90
CA GLU T 82 59.95 -62.13 -32.12
C GLU T 82 59.92 -63.49 -32.84
N GLU T 83 59.78 -63.45 -34.17
CA GLU T 83 59.73 -64.65 -35.05
C GLU T 83 61.12 -65.29 -35.22
N GLY T 84 62.20 -64.54 -35.02
CA GLY T 84 63.56 -65.10 -35.01
C GLY T 84 64.44 -64.67 -36.17
N LYS T 85 64.11 -63.57 -36.83
CA LYS T 85 64.99 -62.98 -37.86
C LYS T 85 66.08 -62.11 -37.23
N GLU T 86 67.24 -62.09 -37.88
CA GLU T 86 68.47 -61.41 -37.42
C GLU T 86 68.60 -60.02 -38.08
N LEU T 87 68.35 -58.95 -37.33
CA LEU T 87 68.33 -57.54 -37.79
C LEU T 87 69.73 -57.09 -38.24
N LYS T 88 70.80 -57.77 -37.79
CA LYS T 88 72.19 -57.45 -38.19
C LYS T 88 72.50 -58.15 -39.52
N ASP T 89 71.66 -59.06 -40.00
CA ASP T 89 71.72 -59.53 -41.40
C ASP T 89 71.19 -58.41 -42.28
N PRO T 90 72.01 -57.78 -43.16
CA PRO T 90 71.52 -56.81 -44.14
C PRO T 90 70.33 -57.24 -45.00
N ARG T 91 70.26 -58.53 -45.34
CA ARG T 91 69.16 -59.07 -46.17
C ARG T 91 67.87 -58.93 -45.37
N VAL T 92 67.96 -58.72 -44.04
CA VAL T 92 66.78 -58.62 -43.15
C VAL T 92 66.48 -57.14 -42.96
N LEU T 93 67.53 -56.35 -42.78
CA LEU T 93 67.40 -54.88 -42.57
C LEU T 93 68.64 -54.10 -43.03
N THR T 94 68.42 -53.04 -43.79
CA THR T 94 69.42 -51.98 -44.01
C THR T 94 68.72 -50.63 -43.83
N ASP T 95 69.45 -49.57 -44.10
CA ASP T 95 69.05 -48.21 -43.71
C ASP T 95 69.80 -47.25 -44.64
N VAL T 96 69.05 -46.46 -45.39
CA VAL T 96 69.60 -45.45 -46.35
C VAL T 96 69.58 -44.04 -45.72
N GLY T 97 69.17 -43.93 -44.46
CA GLY T 97 69.17 -42.65 -43.73
C GLY T 97 67.93 -41.83 -44.00
N ASP T 98 68.06 -40.54 -43.71
CA ASP T 98 66.96 -39.55 -43.65
C ASP T 98 67.03 -38.63 -44.86
N VAL T 99 65.89 -38.45 -45.52
CA VAL T 99 65.66 -37.34 -46.47
C VAL T 99 65.96 -36.04 -45.73
N PRO T 100 66.86 -35.20 -46.30
CA PRO T 100 67.19 -33.89 -45.70
C PRO T 100 66.04 -32.85 -45.80
N VAL T 101 64.95 -33.09 -45.10
CA VAL T 101 63.67 -32.35 -45.22
C VAL T 101 63.89 -30.89 -44.81
N GLN T 102 64.55 -30.66 -43.68
CA GLN T 102 64.71 -29.28 -43.13
C GLN T 102 65.63 -28.49 -44.07
N GLU T 103 66.64 -29.13 -44.64
CA GLU T 103 67.55 -28.49 -45.65
C GLU T 103 66.70 -27.97 -46.82
N ILE T 104 65.79 -28.81 -47.30
CA ILE T 104 64.96 -28.51 -48.50
C ILE T 104 63.97 -27.39 -48.12
N ARG T 105 63.33 -27.44 -46.95
CA ARG T 105 62.40 -26.35 -46.49
C ARG T 105 63.16 -25.02 -46.46
N ASP T 106 64.40 -25.04 -45.98
CA ASP T 106 65.14 -23.79 -45.68
C ASP T 106 65.46 -23.02 -46.97
N CYS T 107 65.82 -23.66 -48.07
CA CYS T 107 66.11 -22.93 -49.34
C CYS T 107 64.80 -22.51 -50.04
N GLY T 108 63.64 -22.80 -49.44
CA GLY T 108 62.36 -22.13 -49.76
C GLY T 108 61.50 -22.93 -50.73
N VAL T 109 61.74 -24.22 -50.88
CA VAL T 109 60.95 -25.14 -51.77
C VAL T 109 59.51 -25.30 -51.24
N ASP T 110 58.49 -25.23 -52.11
CA ASP T 110 57.06 -25.37 -51.72
C ASP T 110 56.76 -26.82 -51.32
N ASP T 111 55.53 -27.10 -50.89
CA ASP T 111 55.14 -28.43 -50.32
C ASP T 111 54.95 -29.46 -51.44
N ASP T 112 54.37 -29.06 -52.57
CA ASP T 112 54.30 -29.87 -53.82
C ASP T 112 55.69 -30.45 -54.14
N ARG T 113 56.71 -29.60 -54.30
CA ARG T 113 58.06 -30.09 -54.69
C ARG T 113 58.62 -31.01 -53.59
N LEU T 114 58.58 -30.57 -52.33
CA LEU T 114 59.21 -31.30 -51.19
C LEU T 114 58.60 -32.71 -51.14
N MET T 115 57.28 -32.81 -51.29
CA MET T 115 56.59 -34.13 -51.28
C MET T 115 57.08 -34.98 -52.48
N ASN T 116 57.27 -34.42 -53.68
CA ASN T 116 57.79 -35.18 -54.86
C ASN T 116 59.19 -35.72 -54.55
N VAL T 117 60.00 -34.94 -53.86
CA VAL T 117 61.38 -35.34 -53.47
C VAL T 117 61.29 -36.59 -52.60
N ILE T 118 60.30 -36.63 -51.73
CA ILE T 118 60.11 -37.78 -50.80
C ILE T 118 59.69 -38.99 -51.63
N SER T 119 58.79 -38.75 -52.58
CA SER T 119 58.26 -39.78 -53.51
C SER T 119 59.45 -40.38 -54.26
N GLU T 120 60.41 -39.53 -54.66
CA GLU T 120 61.53 -40.01 -55.51
C GLU T 120 62.50 -40.79 -54.62
N SER T 121 62.70 -40.33 -53.40
CA SER T 121 63.60 -40.98 -52.42
C SER T 121 63.14 -42.43 -52.19
N VAL T 122 61.82 -42.66 -52.14
CA VAL T 122 61.23 -44.01 -52.02
C VAL T 122 61.58 -44.80 -53.27
N LYS T 123 61.41 -44.22 -54.47
CA LYS T 123 61.75 -44.93 -55.73
C LYS T 123 63.27 -45.21 -55.76
N LEU T 124 64.10 -44.33 -55.18
CA LEU T 124 65.57 -44.61 -55.17
C LEU T 124 65.79 -45.95 -54.42
N VAL T 125 64.95 -46.26 -53.42
CA VAL T 125 65.11 -47.50 -52.64
C VAL T 125 64.56 -48.65 -53.46
N MET T 126 63.37 -48.47 -54.06
CA MET T 126 62.69 -49.57 -54.78
C MET T 126 63.56 -50.02 -55.97
N GLU T 127 64.27 -49.09 -56.61
CA GLU T 127 65.11 -49.37 -57.80
C GLU T 127 66.24 -50.36 -57.46
N GLU T 128 66.72 -50.32 -56.22
CA GLU T 128 67.82 -51.21 -55.77
C GLU T 128 67.22 -52.56 -55.33
N GLU T 129 67.27 -53.57 -56.19
CA GLU T 129 66.66 -54.88 -55.88
C GLU T 129 67.54 -55.56 -54.81
N PRO T 130 66.93 -56.29 -53.86
CA PRO T 130 65.48 -56.33 -53.66
C PRO T 130 65.03 -55.54 -52.41
N LEU T 131 65.59 -54.34 -52.20
CA LEU T 131 65.13 -53.44 -51.11
C LEU T 131 63.63 -53.15 -51.28
N ARG T 132 62.92 -53.14 -50.14
CA ARG T 132 61.53 -52.64 -50.02
C ARG T 132 61.51 -51.58 -48.94
N PRO T 133 60.88 -50.42 -49.19
CA PRO T 133 60.99 -49.28 -48.29
C PRO T 133 60.13 -49.41 -47.02
N LEU T 134 60.71 -49.15 -45.86
CA LEU T 134 60.00 -48.95 -44.55
C LEU T 134 60.31 -47.52 -44.11
N VAL T 135 59.31 -46.66 -44.10
CA VAL T 135 59.49 -45.21 -43.86
C VAL T 135 59.27 -44.90 -42.37
N LEU T 136 60.26 -44.21 -41.80
CA LEU T 136 60.21 -43.61 -40.45
C LEU T 136 59.78 -42.16 -40.61
N GLY T 137 58.53 -41.87 -40.18
CA GLY T 137 58.03 -40.52 -40.02
C GLY T 137 58.62 -39.88 -38.75
N GLY T 138 58.37 -38.58 -38.53
CA GLY T 138 57.64 -37.74 -39.47
C GLY T 138 56.16 -37.84 -39.20
N ASP T 139 55.40 -36.81 -39.57
CA ASP T 139 53.94 -36.81 -39.30
C ASP T 139 53.24 -37.61 -40.40
N HIS T 140 51.95 -37.82 -40.28
CA HIS T 140 51.22 -38.75 -41.18
C HIS T 140 51.07 -38.20 -42.59
N SER T 141 51.38 -36.93 -42.85
CA SER T 141 51.30 -36.32 -44.21
C SER T 141 52.12 -37.16 -45.19
N ILE T 142 53.22 -37.73 -44.72
CA ILE T 142 54.21 -38.43 -45.59
C ILE T 142 53.62 -39.69 -46.21
N SER T 143 52.62 -40.31 -45.60
CA SER T 143 52.00 -41.54 -46.14
C SER T 143 51.51 -41.30 -47.59
N TYR T 144 50.97 -40.12 -47.89
CA TYR T 144 50.52 -39.76 -49.25
C TYR T 144 51.69 -39.90 -50.25
N PRO T 145 52.81 -39.14 -50.21
CA PRO T 145 53.86 -39.29 -51.22
C PRO T 145 54.56 -40.65 -51.26
N VAL T 146 54.55 -41.36 -50.14
CA VAL T 146 55.17 -42.72 -50.08
C VAL T 146 54.24 -43.73 -50.77
N VAL T 147 52.94 -43.71 -50.48
CA VAL T 147 51.97 -44.69 -51.06
C VAL T 147 51.84 -44.38 -52.54
N ARG T 148 51.91 -43.10 -52.90
CA ARG T 148 51.89 -42.69 -54.34
C ARG T 148 53.09 -43.32 -55.08
N ALA T 149 54.30 -43.20 -54.52
CA ALA T 149 55.52 -43.71 -55.17
C ALA T 149 55.42 -45.22 -55.35
N VAL T 150 55.08 -45.92 -54.27
CA VAL T 150 55.03 -47.42 -54.26
C VAL T 150 54.08 -47.86 -55.38
N SER T 151 52.88 -47.24 -55.44
CA SER T 151 51.81 -47.61 -56.41
C SER T 151 52.27 -47.27 -57.83
N GLU T 152 52.88 -46.11 -58.02
CA GLU T 152 53.39 -45.70 -59.35
C GLU T 152 54.49 -46.66 -59.81
N LYS T 153 55.42 -47.00 -58.93
CA LYS T 153 56.56 -47.87 -59.28
C LYS T 153 56.05 -49.27 -59.65
N LEU T 154 55.18 -49.84 -58.81
CA LEU T 154 54.64 -51.22 -58.99
C LEU T 154 53.55 -51.21 -60.08
N GLY T 155 53.03 -50.04 -60.47
CA GLY T 155 52.16 -49.91 -61.67
C GLY T 155 50.72 -50.38 -61.46
N GLY T 156 50.21 -50.31 -60.23
CA GLY T 156 48.81 -50.60 -59.90
C GLY T 156 48.47 -50.22 -58.45
N PRO T 157 47.19 -50.41 -58.09
CA PRO T 157 46.75 -50.12 -56.73
C PRO T 157 47.33 -51.11 -55.69
N VAL T 158 47.30 -50.72 -54.43
CA VAL T 158 47.63 -51.62 -53.30
C VAL T 158 46.42 -51.64 -52.35
N ASP T 159 46.38 -52.71 -51.54
CA ASP T 159 45.49 -52.80 -50.35
C ASP T 159 46.30 -52.18 -49.20
N ILE T 160 45.66 -51.40 -48.36
CA ILE T 160 46.30 -50.66 -47.23
C ILE T 160 45.62 -51.07 -45.93
N LEU T 161 46.46 -51.49 -44.99
CA LEU T 161 46.12 -51.54 -43.56
C LEU T 161 46.69 -50.29 -42.89
N HIS T 162 45.78 -49.49 -42.34
CA HIS T 162 46.02 -48.19 -41.67
C HIS T 162 45.67 -48.32 -40.19
N LEU T 163 46.67 -48.39 -39.31
CA LEU T 163 46.50 -48.50 -37.86
C LEU T 163 46.55 -47.08 -37.29
N ASP T 164 45.47 -46.67 -36.63
CA ASP T 164 45.41 -45.25 -36.21
C ASP T 164 44.19 -44.96 -35.35
N ALA T 165 44.35 -44.05 -34.39
CA ALA T 165 43.22 -43.53 -33.61
C ALA T 165 42.29 -42.68 -34.49
N HIS T 166 42.82 -42.13 -35.61
CA HIS T 166 42.23 -41.07 -36.48
C HIS T 166 42.16 -41.56 -37.93
N PRO T 167 41.07 -41.28 -38.65
CA PRO T 167 40.97 -41.74 -40.05
C PRO T 167 41.79 -40.87 -41.04
N ASP T 168 42.20 -39.67 -40.66
CA ASP T 168 43.06 -38.81 -41.52
C ASP T 168 42.51 -38.73 -42.94
N ILE T 169 41.23 -38.44 -43.06
CA ILE T 169 40.48 -38.46 -44.34
C ILE T 169 39.69 -37.14 -44.49
N TYR T 170 40.04 -36.08 -43.74
CA TYR T 170 39.39 -34.76 -43.91
C TYR T 170 39.73 -34.30 -45.34
N ASP T 171 38.76 -33.71 -46.02
CA ASP T 171 39.00 -33.20 -47.38
C ASP T 171 40.15 -32.18 -47.35
N CYS T 172 40.09 -31.17 -46.46
CA CYS T 172 41.12 -30.10 -46.37
C CYS T 172 41.14 -29.59 -44.92
N PHE T 173 41.86 -30.29 -44.03
CA PHE T 173 42.02 -29.87 -42.60
C PHE T 173 42.74 -28.51 -42.54
N GLU T 174 42.03 -27.48 -42.07
CA GLU T 174 42.63 -26.13 -41.79
C GLU T 174 43.30 -25.58 -43.06
N GLY T 175 42.75 -25.84 -44.25
CA GLY T 175 43.26 -25.30 -45.52
C GLY T 175 44.52 -25.99 -46.01
N ASN T 176 45.06 -27.00 -45.34
CA ASN T 176 46.33 -27.60 -45.81
C ASN T 176 46.04 -28.97 -46.47
N LYS T 177 46.04 -29.02 -47.81
CA LYS T 177 45.77 -30.27 -48.55
C LYS T 177 46.75 -31.35 -48.12
N TYR T 178 47.94 -30.97 -47.64
CA TYR T 178 48.94 -31.95 -47.12
C TYR T 178 48.82 -32.11 -45.60
N SER T 179 47.74 -31.71 -44.94
CA SER T 179 47.58 -31.91 -43.48
C SER T 179 47.78 -33.41 -43.17
N HIS T 180 48.43 -33.73 -42.06
CA HIS T 180 48.50 -35.12 -41.52
C HIS T 180 47.10 -35.66 -41.36
N ALA T 181 46.07 -34.82 -41.25
CA ALA T 181 44.69 -35.28 -41.05
C ALA T 181 43.97 -35.43 -42.38
N SER T 182 44.69 -35.35 -43.50
CA SER T 182 44.08 -35.48 -44.85
C SER T 182 44.82 -36.47 -45.76
N SER T 183 45.87 -37.17 -45.30
CA SER T 183 46.77 -37.97 -46.18
C SER T 183 46.03 -39.15 -46.80
N PHE T 184 45.00 -39.68 -46.13
CA PHE T 184 44.17 -40.80 -46.67
C PHE T 184 43.07 -40.30 -47.62
N ALA T 185 42.55 -39.08 -47.47
CA ALA T 185 41.78 -38.44 -48.55
C ALA T 185 42.66 -38.32 -49.80
N ARG T 186 43.88 -37.84 -49.68
CA ARG T 186 44.76 -37.70 -50.88
C ARG T 186 44.97 -39.09 -51.51
N ILE T 187 45.24 -40.11 -50.70
CA ILE T 187 45.58 -41.46 -51.20
C ILE T 187 44.38 -42.02 -51.98
N MET T 188 43.16 -41.93 -51.46
CA MET T 188 41.96 -42.49 -52.11
C MET T 188 41.58 -41.69 -53.36
N GLU T 189 41.85 -40.38 -53.41
CA GLU T 189 41.58 -39.53 -54.60
C GLU T 189 42.46 -40.00 -55.77
N GLY T 190 43.67 -40.45 -55.47
CA GLY T 190 44.71 -40.65 -56.51
C GLY T 190 44.67 -42.09 -57.00
N GLY T 191 43.75 -42.88 -56.44
CA GLY T 191 43.41 -44.23 -56.92
C GLY T 191 44.48 -45.22 -56.53
N TYR T 192 45.28 -44.95 -55.48
CA TYR T 192 46.50 -45.76 -55.21
C TYR T 192 46.13 -47.01 -54.42
N ALA T 193 44.91 -47.03 -53.89
CA ALA T 193 44.44 -48.03 -52.92
C ALA T 193 43.28 -48.79 -53.52
N ARG T 194 43.19 -50.10 -53.34
CA ARG T 194 41.89 -50.73 -53.60
C ARG T 194 41.12 -50.65 -52.28
N ARG T 195 41.45 -51.51 -51.31
CA ARG T 195 40.82 -51.46 -49.95
C ARG T 195 41.72 -50.62 -49.02
N LEU T 196 41.05 -49.94 -48.11
CA LEU T 196 41.64 -49.22 -46.95
C LEU T 196 40.87 -49.65 -45.72
N LEU T 197 41.57 -50.37 -44.84
CA LEU T 197 41.07 -50.86 -43.54
C LEU T 197 41.73 -49.98 -42.50
N GLN T 198 40.95 -49.17 -41.81
CA GLN T 198 41.42 -48.27 -40.75
C GLN T 198 41.08 -49.00 -39.45
N VAL T 199 42.10 -49.29 -38.69
CA VAL T 199 41.99 -50.13 -37.48
C VAL T 199 42.51 -49.33 -36.29
N GLY T 200 41.70 -49.28 -35.23
CA GLY T 200 41.98 -48.66 -33.93
C GLY T 200 41.29 -47.32 -33.85
N ILE T 201 40.36 -47.03 -34.77
CA ILE T 201 39.76 -45.68 -34.89
C ILE T 201 38.95 -45.38 -33.62
N ARG T 202 39.18 -44.23 -32.99
CA ARG T 202 38.38 -43.86 -31.81
C ARG T 202 38.21 -42.34 -31.67
N SER T 203 38.67 -41.54 -32.64
CA SER T 203 38.40 -40.09 -32.79
C SER T 203 37.99 -39.85 -34.26
N ILE T 204 36.71 -39.73 -34.50
CA ILE T 204 36.18 -39.63 -35.88
C ILE T 204 34.91 -38.81 -35.78
N ASN T 205 34.64 -37.97 -36.77
CA ASN T 205 33.45 -37.08 -36.71
C ASN T 205 32.59 -37.42 -37.94
N GLN T 206 31.51 -36.68 -38.16
CA GLN T 206 30.55 -36.94 -39.26
C GLN T 206 31.32 -36.95 -40.59
N GLU T 207 32.23 -35.98 -40.78
CA GLU T 207 33.04 -35.82 -42.00
C GLU T 207 33.92 -37.05 -42.19
N GLY T 208 34.56 -37.53 -41.13
CA GLY T 208 35.34 -38.76 -41.27
C GLY T 208 34.48 -39.92 -41.76
N ARG T 209 33.25 -40.05 -41.25
CA ARG T 209 32.33 -41.17 -41.57
C ARG T 209 31.84 -41.00 -43.00
N GLU T 210 31.52 -39.78 -43.42
CA GLU T 210 31.01 -39.52 -44.81
C GLU T 210 32.12 -39.79 -45.83
N GLN T 211 33.36 -39.39 -45.51
CA GLN T 211 34.51 -39.58 -46.41
C GLN T 211 34.81 -41.09 -46.47
N GLY T 212 34.65 -41.81 -45.37
CA GLY T 212 34.83 -43.28 -45.40
C GLY T 212 33.82 -43.91 -46.38
N LYS T 213 32.54 -43.58 -46.25
CA LYS T 213 31.43 -44.13 -47.06
C LYS T 213 31.66 -43.78 -48.53
N ARG T 214 32.19 -42.59 -48.81
CA ARG T 214 32.39 -42.05 -50.17
C ARG T 214 33.52 -42.82 -50.89
N PHE T 215 34.57 -43.21 -50.17
CA PHE T 215 35.80 -43.78 -50.74
C PHE T 215 35.82 -45.33 -50.50
N GLY T 216 34.72 -45.84 -49.96
CA GLY T 216 34.47 -47.30 -49.70
C GLY T 216 35.39 -47.80 -48.60
N VAL T 217 35.77 -46.95 -47.67
CA VAL T 217 36.76 -47.30 -46.62
C VAL T 217 36.10 -48.20 -45.56
N GLU T 218 36.85 -49.20 -45.11
CA GLU T 218 36.35 -50.08 -44.02
C GLU T 218 36.92 -49.50 -42.71
N GLN T 219 36.04 -48.94 -41.88
CA GLN T 219 36.45 -48.25 -40.62
C GLN T 219 36.08 -49.11 -39.41
N TYR T 220 37.07 -49.69 -38.76
CA TYR T 220 36.93 -50.47 -37.49
C TYR T 220 37.21 -49.53 -36.30
N GLU T 221 36.16 -49.09 -35.64
CA GLU T 221 36.16 -48.25 -34.44
C GLU T 221 36.35 -49.13 -33.19
N MET T 222 37.07 -48.61 -32.21
CA MET T 222 37.42 -49.37 -31.00
C MET T 222 36.15 -49.77 -30.24
N ARG T 223 35.05 -49.04 -30.42
CA ARG T 223 33.82 -49.31 -29.65
C ARG T 223 33.17 -50.61 -30.14
N THR T 224 33.59 -51.20 -31.28
CA THR T 224 33.17 -52.56 -31.69
C THR T 224 34.35 -53.56 -31.63
N PHE T 225 35.47 -53.26 -30.98
CA PHE T 225 36.70 -54.07 -31.17
C PHE T 225 36.51 -55.48 -30.58
N SER T 226 35.74 -55.57 -29.51
CA SER T 226 35.34 -56.84 -28.88
C SER T 226 34.82 -57.81 -29.95
N LYS T 227 33.89 -57.35 -30.80
CA LYS T 227 33.27 -58.17 -31.87
C LYS T 227 34.25 -58.34 -33.04
N ASP T 228 35.05 -57.33 -33.41
CA ASP T 228 35.87 -57.29 -34.64
C ASP T 228 37.21 -58.05 -34.49
N ARG T 229 37.70 -58.26 -33.28
CA ARG T 229 39.06 -58.83 -33.01
C ARG T 229 39.30 -60.15 -33.77
N PRO T 230 38.43 -61.18 -33.70
CA PRO T 230 38.72 -62.42 -34.43
C PRO T 230 39.02 -62.10 -35.91
N MET T 231 38.20 -61.27 -36.52
CA MET T 231 38.37 -60.93 -37.94
C MET T 231 39.70 -60.15 -38.11
N LEU T 232 39.99 -59.15 -37.25
CA LEU T 232 41.21 -58.31 -37.44
C LEU T 232 42.50 -59.11 -37.15
N GLU T 233 42.41 -60.19 -36.39
CA GLU T 233 43.58 -61.06 -36.07
C GLU T 233 43.70 -62.19 -37.09
N ASN T 234 42.79 -62.23 -38.07
CA ASN T 234 42.88 -63.19 -39.19
C ASN T 234 42.68 -62.46 -40.51
N LEU T 235 43.42 -61.38 -40.76
CA LEU T 235 43.31 -60.59 -42.02
C LEU T 235 43.97 -61.28 -43.20
N LYS T 236 43.42 -61.07 -44.39
CA LYS T 236 44.06 -61.47 -45.67
C LYS T 236 43.89 -60.33 -46.68
N LEU T 237 44.99 -59.79 -47.17
CA LEU T 237 44.89 -58.65 -48.10
C LEU T 237 45.91 -58.80 -49.23
N GLY T 238 45.65 -58.05 -50.30
CA GLY T 238 46.57 -57.92 -51.44
C GLY T 238 46.27 -58.90 -52.56
N GLU T 239 45.29 -59.80 -52.41
CA GLU T 239 45.06 -60.79 -53.50
C GLU T 239 44.55 -60.10 -54.76
N GLY T 240 45.31 -60.21 -55.85
CA GLY T 240 44.97 -59.67 -57.19
C GLY T 240 45.31 -58.20 -57.37
N VAL T 241 46.10 -57.61 -56.47
CA VAL T 241 46.66 -56.23 -56.65
C VAL T 241 48.18 -56.32 -56.41
N LYS T 242 48.87 -55.18 -56.52
CA LYS T 242 50.35 -55.18 -56.62
C LYS T 242 50.97 -55.48 -55.27
N GLY T 243 50.19 -55.36 -54.18
CA GLY T 243 50.60 -55.82 -52.84
C GLY T 243 49.89 -55.08 -51.72
N VAL T 244 50.53 -55.06 -50.55
CA VAL T 244 49.93 -54.50 -49.31
C VAL T 244 50.90 -53.48 -48.75
N TYR T 245 50.35 -52.34 -48.37
CA TYR T 245 51.05 -51.23 -47.69
C TYR T 245 50.44 -51.15 -46.29
N ILE T 246 51.31 -51.07 -45.28
CA ILE T 246 50.88 -50.94 -43.85
C ILE T 246 51.40 -49.60 -43.32
N SER T 247 50.48 -48.73 -42.89
CA SER T 247 50.74 -47.42 -42.23
C SER T 247 50.33 -47.53 -40.76
N ILE T 248 51.31 -47.44 -39.86
CA ILE T 248 51.06 -47.40 -38.40
C ILE T 248 51.36 -46.00 -37.87
N ASP T 249 50.28 -45.32 -37.46
CA ASP T 249 50.37 -44.14 -36.56
C ASP T 249 50.50 -44.81 -35.18
N VAL T 250 51.57 -44.49 -34.46
CA VAL T 250 51.90 -44.98 -33.10
C VAL T 250 50.70 -44.77 -32.17
N ASP T 251 49.84 -43.80 -32.46
CA ASP T 251 48.68 -43.51 -31.59
C ASP T 251 47.52 -44.49 -31.83
N CYS T 252 47.67 -45.47 -32.71
CA CYS T 252 46.74 -46.63 -32.73
C CYS T 252 46.75 -47.29 -31.34
N LEU T 253 47.94 -47.35 -30.71
CA LEU T 253 48.19 -47.85 -29.34
C LEU T 253 47.53 -46.91 -28.33
N ASP T 254 46.98 -47.49 -27.27
CA ASP T 254 46.54 -46.71 -26.13
C ASP T 254 47.72 -45.91 -25.56
N PRO T 255 47.49 -44.65 -25.13
CA PRO T 255 48.58 -43.82 -24.65
C PRO T 255 49.32 -44.46 -23.47
N ALA T 256 48.70 -45.44 -22.82
CA ALA T 256 49.37 -46.20 -21.76
C ALA T 256 50.61 -46.86 -22.38
N PHE T 257 50.51 -47.34 -23.62
CA PHE T 257 51.63 -48.02 -24.32
C PHE T 257 52.45 -47.01 -25.10
N ALA T 258 51.85 -45.94 -25.60
CA ALA T 258 52.56 -44.98 -26.47
C ALA T 258 52.21 -43.54 -26.08
N PRO T 259 52.79 -42.98 -24.98
CA PRO T 259 52.52 -41.63 -24.57
C PRO T 259 53.26 -40.59 -25.44
N GLY T 260 54.29 -41.03 -26.15
CA GLY T 260 55.07 -40.19 -27.06
C GLY T 260 54.31 -39.90 -28.35
N VAL T 261 53.18 -39.21 -28.25
CA VAL T 261 52.36 -38.88 -29.46
C VAL T 261 51.89 -37.43 -29.32
N SER T 262 51.55 -36.77 -30.41
CA SER T 262 50.94 -35.43 -30.33
C SER T 262 49.47 -35.53 -29.92
N HIS T 263 48.80 -36.65 -30.18
CA HIS T 263 47.32 -36.74 -30.01
C HIS T 263 47.03 -37.86 -29.01
N ILE T 264 46.97 -37.56 -27.71
CA ILE T 264 46.66 -38.52 -26.65
C ILE T 264 45.17 -38.83 -26.75
N GLU T 265 44.86 -40.10 -27.02
CA GLU T 265 43.46 -40.51 -27.27
C GLU T 265 43.13 -41.82 -26.56
N PRO T 266 42.60 -41.76 -25.33
CA PRO T 266 42.43 -42.96 -24.53
C PRO T 266 41.52 -44.01 -25.18
N GLY T 267 41.70 -45.28 -24.85
CA GLY T 267 40.87 -46.41 -25.34
C GLY T 267 41.40 -47.08 -26.62
N GLY T 268 42.72 -47.24 -26.73
CA GLY T 268 43.44 -47.71 -27.92
C GLY T 268 43.79 -49.19 -27.79
N LEU T 269 44.58 -49.64 -28.72
CA LEU T 269 45.03 -51.03 -28.76
C LEU T 269 46.20 -51.21 -27.79
N SER T 270 46.41 -52.44 -27.37
CA SER T 270 47.66 -52.86 -26.72
C SER T 270 48.74 -53.11 -27.78
N PHE T 271 50.02 -53.07 -27.37
CA PHE T 271 51.16 -53.46 -28.24
C PHE T 271 50.95 -54.91 -28.69
N ARG T 272 50.61 -55.82 -27.78
CA ARG T 272 50.39 -57.21 -28.18
C ARG T 272 49.22 -57.28 -29.21
N ASP T 273 48.15 -56.49 -29.02
CA ASP T 273 46.99 -56.44 -29.95
C ASP T 273 47.53 -56.12 -31.34
N VAL T 274 48.44 -55.17 -31.44
CA VAL T 274 49.00 -54.78 -32.77
C VAL T 274 49.84 -55.92 -33.38
N LEU T 275 50.72 -56.58 -32.62
CA LEU T 275 51.53 -57.69 -33.19
C LEU T 275 50.62 -58.86 -33.52
N ASN T 276 49.53 -59.08 -32.77
CA ASN T 276 48.58 -60.17 -33.11
C ASN T 276 48.06 -59.88 -34.51
N ILE T 277 47.68 -58.64 -34.80
CA ILE T 277 47.21 -58.20 -36.15
C ILE T 277 48.33 -58.33 -37.19
N LEU T 278 49.51 -57.73 -36.93
CA LEU T 278 50.66 -57.82 -37.88
C LEU T 278 51.07 -59.27 -38.10
N HIS T 279 51.36 -60.03 -37.04
CA HIS T 279 51.92 -61.40 -37.16
C HIS T 279 50.97 -62.27 -37.99
N ASN T 280 49.66 -62.08 -37.86
CA ASN T 280 48.63 -63.02 -38.38
C ASN T 280 48.15 -62.55 -39.76
N LEU T 281 48.46 -61.32 -40.17
CA LEU T 281 48.09 -60.80 -41.52
C LEU T 281 48.75 -61.65 -42.61
N GLN T 282 47.95 -62.14 -43.56
CA GLN T 282 48.48 -62.79 -44.77
C GLN T 282 48.58 -61.66 -45.86
N ALA T 283 49.76 -61.46 -46.43
CA ALA T 283 50.01 -60.26 -47.28
C ALA T 283 51.41 -60.27 -47.85
N ASP T 284 51.53 -59.98 -49.13
CA ASP T 284 52.78 -59.54 -49.79
C ASP T 284 52.97 -58.07 -49.40
N VAL T 285 53.66 -57.81 -48.29
CA VAL T 285 53.95 -56.39 -47.88
C VAL T 285 55.01 -55.80 -48.82
N VAL T 286 54.70 -54.69 -49.47
CA VAL T 286 55.60 -54.04 -50.46
C VAL T 286 56.14 -52.70 -49.88
N GLY T 287 55.62 -52.26 -48.76
CA GLY T 287 56.05 -51.01 -48.12
C GLY T 287 55.33 -50.83 -46.80
N ALA T 288 55.87 -49.98 -45.94
CA ALA T 288 55.22 -49.63 -44.67
C ALA T 288 55.74 -48.33 -44.12
N ASP T 289 55.08 -47.82 -43.07
CA ASP T 289 55.53 -46.59 -42.39
C ASP T 289 55.16 -46.71 -40.91
N VAL T 290 55.99 -46.08 -40.07
CA VAL T 290 55.76 -45.88 -38.62
C VAL T 290 55.90 -44.38 -38.41
N VAL T 291 54.77 -43.72 -38.21
CA VAL T 291 54.62 -42.26 -38.16
C VAL T 291 54.11 -41.82 -36.78
N GLU T 292 54.33 -40.56 -36.49
CA GLU T 292 53.66 -39.80 -35.43
C GLU T 292 54.25 -40.20 -34.08
N PHE T 293 55.41 -40.86 -34.03
CA PHE T 293 56.18 -40.90 -32.76
C PHE T 293 56.71 -39.48 -32.54
N ASN T 294 56.41 -38.93 -31.38
CA ASN T 294 56.76 -37.53 -30.99
C ASN T 294 57.68 -37.65 -29.78
N PRO T 295 59.00 -37.65 -29.99
CA PRO T 295 59.97 -37.81 -28.88
C PRO T 295 59.85 -36.77 -27.75
N GLN T 296 59.35 -35.58 -28.08
CA GLN T 296 59.23 -34.47 -27.12
C GLN T 296 58.06 -34.79 -26.18
N ARG T 297 57.18 -35.70 -26.54
CA ARG T 297 56.07 -36.09 -25.63
C ARG T 297 56.39 -37.44 -24.96
N ASP T 298 57.59 -37.99 -25.17
CA ASP T 298 57.89 -39.35 -24.69
C ASP T 298 58.36 -39.29 -23.23
N THR T 299 58.43 -40.43 -22.56
CA THR T 299 58.88 -40.55 -21.16
C THR T 299 60.37 -40.24 -21.11
N VAL T 300 60.93 -39.96 -19.94
CA VAL T 300 62.38 -39.63 -19.88
C VAL T 300 63.25 -40.82 -20.35
N ASP T 301 62.81 -42.07 -20.31
CA ASP T 301 63.69 -43.23 -20.67
C ASP T 301 63.41 -43.65 -22.11
N GLY T 302 62.51 -42.96 -22.81
CA GLY T 302 62.23 -43.14 -24.24
C GLY T 302 61.44 -44.41 -24.50
N MET T 303 60.39 -44.65 -23.73
CA MET T 303 59.56 -45.89 -23.88
C MET T 303 58.93 -45.92 -25.28
N THR T 304 58.36 -44.81 -25.74
CA THR T 304 57.72 -44.77 -27.06
C THR T 304 58.78 -44.95 -28.15
N ALA T 305 60.01 -44.52 -27.91
CA ALA T 305 61.11 -44.80 -28.85
C ALA T 305 61.23 -46.33 -28.96
N MET T 306 61.14 -47.06 -27.87
CA MET T 306 61.27 -48.53 -27.93
C MET T 306 60.06 -49.16 -28.65
N VAL T 307 58.86 -48.63 -28.34
CA VAL T 307 57.59 -49.02 -29.03
C VAL T 307 57.73 -48.82 -30.54
N ALA T 308 58.23 -47.67 -30.97
CA ALA T 308 58.33 -47.38 -32.42
C ALA T 308 59.34 -48.35 -33.05
N ALA T 309 60.46 -48.57 -32.36
CA ALA T 309 61.60 -49.36 -32.84
C ALA T 309 61.14 -50.81 -33.03
N LYS T 310 60.34 -51.32 -32.08
CA LYS T 310 59.82 -52.70 -32.12
C LYS T 310 58.80 -52.82 -33.27
N LEU T 311 57.95 -51.85 -33.51
CA LEU T 311 57.00 -51.88 -34.66
C LEU T 311 57.81 -52.00 -35.95
N VAL T 312 58.89 -51.23 -36.02
CA VAL T 312 59.81 -51.24 -37.19
C VAL T 312 60.43 -52.62 -37.30
N ARG T 313 60.94 -53.19 -36.20
CA ARG T 313 61.65 -54.50 -36.22
C ARG T 313 60.69 -55.58 -36.71
N GLU T 314 59.46 -55.56 -36.24
CA GLU T 314 58.42 -56.57 -36.60
C GLU T 314 57.92 -56.33 -38.04
N LEU T 315 57.71 -55.08 -38.47
CA LEU T 315 57.51 -54.80 -39.91
C LEU T 315 58.69 -55.34 -40.75
N ALA T 316 59.93 -55.10 -40.37
CA ALA T 316 61.12 -55.59 -41.11
C ALA T 316 61.05 -57.13 -41.28
N ALA T 317 60.70 -57.86 -40.22
CA ALA T 317 60.70 -59.33 -40.25
C ALA T 317 59.60 -59.75 -41.24
N LYS T 318 58.53 -58.97 -41.31
CA LYS T 318 57.38 -59.29 -42.18
C LYS T 318 57.67 -58.94 -43.64
N ILE T 319 58.41 -57.87 -43.91
CA ILE T 319 58.72 -57.41 -45.30
C ILE T 319 59.83 -58.28 -45.91
N SER T 320 60.89 -58.51 -45.15
CA SER T 320 62.09 -59.23 -45.60
C SER T 320 61.77 -60.74 -45.76
N LYS T 321 62.37 -61.39 -46.76
CA LYS T 321 62.12 -62.81 -47.08
C LYS T 321 63.06 -63.26 -48.21
N SER U 6 27.74 -17.47 16.76
CA SER U 6 26.56 -16.56 16.72
C SER U 6 26.79 -15.46 15.68
N SER U 7 27.60 -14.46 16.00
CA SER U 7 27.95 -13.36 15.07
C SER U 7 28.60 -13.96 13.81
N ILE U 8 29.49 -14.94 14.02
CA ILE U 8 30.36 -15.57 12.98
C ILE U 8 29.53 -16.54 12.10
N GLU U 9 28.45 -17.11 12.65
CA GLU U 9 27.48 -17.95 11.90
C GLU U 9 26.80 -17.05 10.85
N LYS U 10 26.36 -15.86 11.23
CA LYS U 10 25.65 -14.92 10.32
C LYS U 10 26.56 -14.60 9.13
N GLY U 11 27.83 -14.28 9.42
CA GLY U 11 28.88 -13.94 8.43
C GLY U 11 29.09 -15.06 7.42
N GLN U 12 29.17 -16.31 7.89
CA GLN U 12 29.36 -17.52 7.05
C GLN U 12 28.13 -17.75 6.17
N ASN U 13 26.93 -17.54 6.70
CA ASN U 13 25.65 -17.76 5.98
C ASN U 13 25.51 -16.77 4.81
N ARG U 14 26.14 -15.60 4.91
CA ARG U 14 26.08 -14.58 3.83
C ARG U 14 27.03 -14.98 2.72
N VAL U 15 28.22 -15.51 3.04
CA VAL U 15 29.19 -16.04 2.03
C VAL U 15 28.56 -17.27 1.35
N ILE U 16 27.98 -18.17 2.13
CA ILE U 16 27.37 -19.43 1.58
C ILE U 16 26.23 -19.03 0.64
N ASP U 17 25.38 -18.10 1.09
CA ASP U 17 24.18 -17.62 0.34
C ASP U 17 24.66 -16.90 -0.94
N ALA U 18 25.76 -16.15 -0.87
CA ALA U 18 26.39 -15.48 -2.04
C ALA U 18 27.03 -16.50 -2.98
N SER U 19 27.70 -17.55 -2.45
CA SER U 19 28.25 -18.70 -3.20
C SER U 19 27.13 -19.42 -3.98
N LEU U 20 26.03 -19.75 -3.31
CA LEU U 20 24.86 -20.45 -3.91
C LEU U 20 24.14 -19.54 -4.92
N THR U 21 23.87 -18.28 -4.55
CA THR U 21 23.37 -17.23 -5.48
C THR U 21 24.19 -17.27 -6.77
N LEU U 22 25.52 -17.37 -6.69
CA LEU U 22 26.39 -17.29 -7.90
C LEU U 22 26.23 -18.58 -8.73
N ILE U 23 26.20 -19.73 -8.09
CA ILE U 23 25.90 -21.02 -8.77
C ILE U 23 24.55 -20.85 -9.47
N ARG U 24 23.57 -20.25 -8.75
CA ARG U 24 22.15 -20.13 -9.19
C ARG U 24 22.12 -19.33 -10.49
N GLU U 25 22.88 -18.23 -10.57
CA GLU U 25 22.76 -17.24 -11.68
C GLU U 25 23.45 -17.81 -12.95
N ARG U 26 24.55 -18.53 -12.69
CA ARG U 26 25.28 -19.35 -13.71
C ARG U 26 24.37 -20.41 -14.29
N ALA U 27 23.76 -21.24 -13.42
CA ALA U 27 22.85 -22.34 -13.78
C ALA U 27 21.69 -21.78 -14.64
N LYS U 28 21.14 -20.64 -14.23
CA LYS U 28 20.03 -19.95 -14.94
C LYS U 28 20.37 -19.65 -16.41
N LEU U 29 21.60 -19.22 -16.75
CA LEU U 29 21.97 -18.90 -18.16
C LEU U 29 22.07 -20.18 -18.98
N LYS U 30 22.70 -21.20 -18.42
CA LYS U 30 22.92 -22.46 -19.13
C LYS U 30 21.57 -23.09 -19.46
N GLY U 31 20.72 -23.20 -18.44
CA GLY U 31 19.29 -23.55 -18.62
C GLY U 31 18.60 -22.80 -19.75
N GLU U 32 18.62 -21.46 -19.73
CA GLU U 32 17.91 -20.63 -20.75
C GLU U 32 18.51 -20.96 -22.12
N LEU U 33 19.83 -21.17 -22.18
CA LEU U 33 20.54 -21.35 -23.47
C LEU U 33 20.03 -22.64 -24.10
N VAL U 34 19.88 -23.68 -23.26
CA VAL U 34 19.46 -25.02 -23.71
C VAL U 34 18.01 -24.97 -24.21
N ARG U 35 17.11 -24.32 -23.49
CA ARG U 35 15.67 -24.36 -23.86
C ARG U 35 15.45 -23.67 -25.22
N LEU U 36 16.10 -22.51 -25.45
CA LEU U 36 15.94 -21.66 -26.67
C LEU U 36 16.47 -22.38 -27.91
N LEU U 37 17.34 -23.38 -27.76
CA LEU U 37 17.75 -24.23 -28.90
C LEU U 37 16.66 -25.27 -29.17
N GLY U 38 16.01 -25.80 -28.11
CA GLY U 38 14.84 -26.72 -28.16
C GLY U 38 15.18 -28.22 -28.12
N GLY U 39 14.16 -29.05 -27.85
CA GLY U 39 14.15 -30.51 -28.13
C GLY U 39 14.90 -31.40 -27.14
N ALA U 40 15.74 -30.87 -26.24
CA ALA U 40 16.49 -31.68 -25.24
C ALA U 40 15.57 -32.22 -24.14
N LYS U 41 15.60 -33.53 -23.89
CA LYS U 41 14.98 -34.22 -22.72
C LYS U 41 15.88 -34.09 -21.48
N ALA U 42 17.17 -34.07 -21.72
CA ALA U 42 18.22 -34.08 -20.67
C ALA U 42 19.47 -33.48 -21.30
N SER U 43 20.11 -32.61 -20.57
CA SER U 43 21.33 -31.87 -21.03
C SER U 43 22.34 -31.90 -19.90
N THR U 44 23.45 -32.61 -20.11
CA THR U 44 24.62 -32.68 -19.19
C THR U 44 25.11 -31.26 -18.88
N SER U 45 25.26 -30.93 -17.60
CA SER U 45 25.83 -29.64 -17.15
C SER U 45 26.88 -29.91 -16.09
N LEU U 46 28.13 -29.53 -16.35
CA LEU U 46 29.26 -29.86 -15.47
C LEU U 46 29.12 -29.02 -14.22
N LEU U 47 29.29 -29.62 -13.05
CA LEU U 47 29.45 -28.83 -11.81
C LEU U 47 30.74 -29.32 -11.14
N GLY U 48 31.68 -28.43 -10.95
CA GLY U 48 32.98 -28.76 -10.34
C GLY U 48 32.91 -28.60 -8.84
N VAL U 49 33.47 -29.55 -8.12
CA VAL U 49 33.56 -29.49 -6.65
C VAL U 49 35.00 -29.72 -6.27
N PRO U 50 35.84 -28.66 -6.31
CA PRO U 50 37.26 -28.78 -6.00
C PRO U 50 37.47 -28.91 -4.50
N LEU U 51 37.31 -30.11 -3.99
CA LEU U 51 37.45 -30.46 -2.56
C LEU U 51 38.43 -31.63 -2.47
N GLY U 52 39.54 -31.51 -1.72
CA GLY U 52 40.42 -32.68 -1.49
C GLY U 52 40.69 -33.04 -0.04
N HIS U 53 40.06 -32.41 0.94
CA HIS U 53 40.52 -32.44 2.37
C HIS U 53 39.96 -33.68 3.09
N ASN U 54 39.03 -34.39 2.45
CA ASN U 54 38.47 -35.65 2.99
C ASN U 54 39.36 -36.83 2.57
N SER U 55 40.43 -36.55 1.83
CA SER U 55 41.31 -37.64 1.32
C SER U 55 42.10 -38.19 2.50
N SER U 56 42.55 -39.44 2.40
CA SER U 56 43.33 -40.18 3.44
C SER U 56 44.82 -40.21 3.12
N PHE U 57 45.24 -39.74 1.94
CA PHE U 57 46.65 -39.84 1.51
C PHE U 57 47.16 -38.54 0.89
N LEU U 58 46.50 -38.09 -0.17
CA LEU U 58 46.84 -36.84 -0.92
C LEU U 58 45.55 -36.04 -1.25
N GLN U 59 45.64 -34.71 -1.23
CA GLN U 59 44.46 -33.83 -1.47
C GLN U 59 44.45 -33.25 -2.89
N GLY U 60 45.29 -33.77 -3.80
CA GLY U 60 45.49 -33.26 -5.16
C GLY U 60 44.20 -33.18 -5.97
N PRO U 61 43.20 -34.03 -5.77
CA PRO U 61 41.94 -33.87 -6.50
C PRO U 61 41.22 -32.54 -6.30
N ALA U 62 41.63 -31.73 -5.31
CA ALA U 62 41.15 -30.35 -5.11
C ALA U 62 41.42 -29.53 -6.38
N PHE U 63 42.51 -29.80 -7.11
CA PHE U 63 42.91 -29.02 -8.31
C PHE U 63 42.33 -29.59 -9.61
N ALA U 64 41.60 -30.70 -9.56
CA ALA U 64 41.25 -31.49 -10.75
C ALA U 64 40.32 -30.72 -11.67
N PRO U 65 39.16 -30.18 -11.22
CA PRO U 65 38.14 -29.74 -12.16
C PRO U 65 38.57 -28.81 -13.28
N PRO U 66 39.36 -27.74 -13.02
CA PRO U 66 39.79 -26.86 -14.10
C PRO U 66 40.70 -27.61 -15.12
N ARG U 67 41.53 -28.57 -14.70
CA ARG U 67 42.42 -29.32 -15.63
C ARG U 67 41.59 -30.24 -16.53
N ILE U 68 40.51 -30.80 -16.01
CA ILE U 68 39.62 -31.71 -16.77
C ILE U 68 38.97 -30.91 -17.90
N ARG U 69 38.48 -29.72 -17.59
CA ARG U 69 37.85 -28.80 -18.58
C ARG U 69 38.87 -28.47 -19.68
N GLU U 70 40.10 -28.19 -19.30
CA GLU U 70 41.09 -27.80 -20.32
C GLU U 70 41.29 -29.01 -21.27
N ALA U 71 41.28 -30.22 -20.72
CA ALA U 71 41.54 -31.46 -21.50
C ALA U 71 40.35 -31.79 -22.43
N ILE U 72 39.13 -31.47 -22.03
CA ILE U 72 37.90 -31.65 -22.85
C ILE U 72 38.04 -30.80 -24.13
N TRP U 73 38.58 -29.59 -24.05
CA TRP U 73 38.63 -28.62 -25.19
C TRP U 73 40.02 -28.58 -25.80
N CYS U 74 40.92 -29.51 -25.47
CA CYS U 74 42.34 -29.50 -25.98
C CYS U 74 42.29 -29.43 -27.51
N GLY U 75 43.16 -28.64 -28.11
CA GLY U 75 43.24 -28.47 -29.57
C GLY U 75 43.67 -29.74 -30.29
N SER U 76 44.13 -30.74 -29.55
CA SER U 76 44.63 -32.04 -30.06
C SER U 76 43.42 -32.93 -30.34
N THR U 77 42.26 -32.58 -29.79
CA THR U 77 41.07 -33.46 -29.82
C THR U 77 40.08 -32.95 -30.87
N ASN U 78 39.07 -33.74 -31.24
CA ASN U 78 37.92 -33.09 -31.91
C ASN U 78 36.76 -33.17 -30.94
N SER U 79 35.68 -32.46 -31.30
CA SER U 79 34.56 -32.20 -30.38
C SER U 79 33.52 -33.32 -30.48
N ALA U 80 33.78 -34.40 -31.25
CA ALA U 80 32.79 -35.47 -31.42
C ALA U 80 33.07 -36.56 -30.40
N THR U 81 32.05 -37.02 -29.69
CA THR U 81 32.16 -38.22 -28.81
C THR U 81 32.15 -39.48 -29.67
N GLU U 82 32.60 -40.60 -29.09
CA GLU U 82 32.91 -41.82 -29.85
C GLU U 82 31.66 -42.29 -30.63
N GLU U 83 30.48 -42.05 -30.03
CA GLU U 83 29.17 -42.45 -30.62
C GLU U 83 28.69 -41.42 -31.65
N GLY U 84 29.30 -40.23 -31.65
CA GLY U 84 29.06 -39.21 -32.68
C GLY U 84 28.23 -38.03 -32.21
N LYS U 85 28.12 -37.79 -30.90
CA LYS U 85 27.53 -36.54 -30.35
C LYS U 85 28.54 -35.38 -30.36
N GLU U 86 28.02 -34.16 -30.49
CA GLU U 86 28.76 -32.91 -30.78
C GLU U 86 28.82 -32.10 -29.47
N LEU U 87 29.99 -32.05 -28.87
CA LEU U 87 30.18 -31.47 -27.52
C LEU U 87 30.00 -29.95 -27.55
N LYS U 88 30.09 -29.29 -28.72
CA LYS U 88 29.91 -27.82 -28.83
C LYS U 88 28.42 -27.46 -28.71
N ASP U 89 27.51 -28.44 -28.82
CA ASP U 89 26.05 -28.21 -28.70
C ASP U 89 25.70 -28.13 -27.22
N PRO U 90 25.18 -26.98 -26.73
CA PRO U 90 24.82 -26.86 -25.30
C PRO U 90 23.87 -27.96 -24.78
N ARG U 91 23.05 -28.53 -25.68
CA ARG U 91 22.05 -29.59 -25.33
C ARG U 91 22.76 -30.90 -25.01
N VAL U 92 23.99 -31.07 -25.48
CA VAL U 92 24.90 -32.19 -25.13
C VAL U 92 25.70 -31.79 -23.88
N LEU U 93 26.31 -30.61 -23.87
CA LEU U 93 27.17 -30.24 -22.72
C LEU U 93 27.20 -28.73 -22.47
N THR U 94 26.93 -28.37 -21.22
CA THR U 94 27.22 -27.03 -20.65
C THR U 94 27.99 -27.22 -19.37
N ASP U 95 28.28 -26.10 -18.72
CA ASP U 95 29.20 -26.06 -17.57
C ASP U 95 28.74 -24.90 -16.72
N VAL U 96 28.36 -25.17 -15.47
CA VAL U 96 27.99 -24.12 -14.50
C VAL U 96 29.20 -23.77 -13.62
N GLY U 97 30.38 -24.35 -13.87
CA GLY U 97 31.62 -24.00 -13.14
C GLY U 97 31.73 -24.69 -11.80
N ASP U 98 32.51 -24.10 -10.89
CA ASP U 98 33.05 -24.71 -9.63
C ASP U 98 32.28 -24.16 -8.43
N VAL U 99 31.97 -25.02 -7.48
CA VAL U 99 31.52 -24.59 -6.14
C VAL U 99 32.76 -24.01 -5.46
N PRO U 100 32.70 -22.77 -4.91
CA PRO U 100 33.89 -22.11 -4.32
C PRO U 100 34.27 -22.71 -2.95
N VAL U 101 34.70 -23.97 -3.01
CA VAL U 101 34.83 -24.86 -1.82
C VAL U 101 35.84 -24.22 -0.86
N GLN U 102 37.03 -23.86 -1.38
CA GLN U 102 38.19 -23.45 -0.54
C GLN U 102 37.88 -22.14 0.20
N GLU U 103 37.06 -21.28 -0.41
CA GLU U 103 36.71 -19.94 0.10
C GLU U 103 35.82 -20.21 1.31
N ILE U 104 34.84 -21.08 1.13
CA ILE U 104 33.90 -21.54 2.18
C ILE U 104 34.66 -22.12 3.39
N ARG U 105 35.65 -22.97 3.16
CA ARG U 105 36.50 -23.56 4.24
C ARG U 105 37.29 -22.48 4.98
N ASP U 106 37.79 -21.48 4.24
CA ASP U 106 38.71 -20.40 4.73
C ASP U 106 37.95 -19.46 5.70
N CYS U 107 36.61 -19.42 5.67
CA CYS U 107 35.77 -18.59 6.58
C CYS U 107 35.25 -19.46 7.75
N GLY U 108 35.66 -20.74 7.77
CA GLY U 108 35.54 -21.64 8.94
C GLY U 108 34.24 -22.43 8.97
N VAL U 109 33.50 -22.53 7.86
CA VAL U 109 32.28 -23.38 7.78
C VAL U 109 32.67 -24.82 8.09
N ASP U 110 31.98 -25.48 9.02
CA ASP U 110 32.16 -26.92 9.39
C ASP U 110 31.83 -27.83 8.18
N ASP U 111 32.31 -29.08 8.23
CA ASP U 111 32.12 -30.09 7.16
C ASP U 111 30.62 -30.41 6.94
N ASP U 112 29.85 -30.58 8.00
CA ASP U 112 28.38 -30.77 7.88
C ASP U 112 27.81 -29.73 6.90
N ARG U 113 28.01 -28.46 7.21
CA ARG U 113 27.42 -27.34 6.43
C ARG U 113 28.09 -27.21 5.06
N LEU U 114 29.38 -27.52 4.90
CA LEU U 114 30.07 -27.48 3.56
C LEU U 114 29.45 -28.52 2.60
N MET U 115 29.20 -29.72 3.08
CA MET U 115 28.54 -30.77 2.27
C MET U 115 27.11 -30.34 1.91
N ASN U 116 26.42 -29.63 2.83
CA ASN U 116 25.08 -29.01 2.62
C ASN U 116 25.16 -28.08 1.42
N VAL U 117 26.20 -27.25 1.35
CA VAL U 117 26.40 -26.30 0.22
C VAL U 117 26.53 -27.13 -1.06
N ILE U 118 27.32 -28.20 -1.03
CA ILE U 118 27.54 -29.05 -2.25
C ILE U 118 26.18 -29.60 -2.69
N SER U 119 25.46 -30.21 -1.77
CA SER U 119 24.08 -30.70 -2.00
C SER U 119 23.20 -29.59 -2.62
N GLU U 120 23.12 -28.40 -2.02
CA GLU U 120 22.27 -27.28 -2.56
C GLU U 120 22.74 -26.88 -3.96
N SER U 121 24.03 -26.99 -4.26
CA SER U 121 24.64 -26.64 -5.57
C SER U 121 24.10 -27.56 -6.65
N VAL U 122 24.06 -28.86 -6.35
CA VAL U 122 23.52 -29.88 -7.28
C VAL U 122 22.04 -29.60 -7.53
N LYS U 123 21.29 -29.27 -6.46
CA LYS U 123 19.84 -28.97 -6.57
C LYS U 123 19.62 -27.75 -7.44
N LEU U 124 20.48 -26.74 -7.33
CA LEU U 124 20.35 -25.55 -8.20
C LEU U 124 20.48 -25.96 -9.67
N VAL U 125 21.43 -26.83 -9.99
CA VAL U 125 21.57 -27.37 -11.37
C VAL U 125 20.28 -28.10 -11.74
N MET U 126 19.77 -28.93 -10.84
CA MET U 126 18.66 -29.86 -11.14
C MET U 126 17.40 -29.08 -11.41
N GLU U 127 17.21 -28.00 -10.66
CA GLU U 127 16.01 -27.11 -10.72
C GLU U 127 15.91 -26.37 -12.05
N GLU U 128 16.91 -26.47 -12.91
CA GLU U 128 16.95 -25.71 -14.18
C GLU U 128 16.77 -26.66 -15.37
N GLU U 129 15.55 -27.17 -15.52
CA GLU U 129 15.14 -28.09 -16.63
C GLU U 129 15.76 -27.65 -17.96
N PRO U 130 16.28 -28.55 -18.82
CA PRO U 130 16.40 -29.97 -18.52
C PRO U 130 17.78 -30.46 -18.04
N LEU U 131 18.48 -29.65 -17.23
CA LEU U 131 19.90 -29.95 -16.89
C LEU U 131 19.97 -31.18 -15.97
N ARG U 132 21.04 -31.96 -16.12
CA ARG U 132 21.41 -33.09 -15.22
C ARG U 132 22.86 -32.92 -14.85
N PRO U 133 23.19 -33.07 -13.56
CA PRO U 133 24.52 -32.76 -13.08
C PRO U 133 25.54 -33.88 -13.35
N LEU U 134 26.70 -33.48 -13.86
CA LEU U 134 27.91 -34.34 -13.96
C LEU U 134 28.97 -33.63 -13.12
N VAL U 135 29.17 -34.11 -11.90
CA VAL U 135 30.06 -33.46 -10.92
C VAL U 135 31.51 -33.84 -11.22
N LEU U 136 32.35 -32.83 -11.28
CA LEU U 136 33.80 -33.07 -11.43
C LEU U 136 34.41 -33.04 -10.03
N GLY U 137 34.99 -34.16 -9.61
CA GLY U 137 35.71 -34.21 -8.32
C GLY U 137 37.08 -33.60 -8.50
N GLY U 138 37.85 -33.36 -7.43
CA GLY U 138 37.41 -33.55 -6.07
C GLY U 138 37.48 -35.00 -5.64
N ASP U 139 37.74 -35.25 -4.37
CA ASP U 139 37.91 -36.64 -3.82
C ASP U 139 36.52 -37.25 -3.69
N HIS U 140 36.47 -38.55 -3.45
CA HIS U 140 35.24 -39.38 -3.51
C HIS U 140 34.26 -39.01 -2.36
N SER U 141 34.68 -38.13 -1.44
CA SER U 141 33.82 -37.65 -0.33
C SER U 141 32.61 -36.91 -0.85
N ILE U 142 32.75 -36.29 -2.03
CA ILE U 142 31.68 -35.45 -2.67
C ILE U 142 30.49 -36.30 -3.15
N SER U 143 30.68 -37.58 -3.42
CA SER U 143 29.59 -38.46 -3.91
C SER U 143 28.47 -38.55 -2.85
N TYR U 144 28.76 -38.42 -1.56
CA TYR U 144 27.70 -38.56 -0.52
C TYR U 144 26.74 -37.38 -0.68
N PRO U 145 27.20 -36.11 -0.52
CA PRO U 145 26.27 -34.99 -0.65
C PRO U 145 25.68 -34.87 -2.06
N VAL U 146 26.37 -35.31 -3.10
CA VAL U 146 25.79 -35.21 -4.48
C VAL U 146 24.58 -36.15 -4.60
N VAL U 147 24.76 -37.42 -4.25
CA VAL U 147 23.73 -38.48 -4.41
C VAL U 147 22.54 -38.19 -3.47
N ARG U 148 22.84 -37.70 -2.26
CA ARG U 148 21.81 -37.30 -1.26
C ARG U 148 20.88 -36.24 -1.86
N ALA U 149 21.50 -35.27 -2.52
CA ALA U 149 20.80 -34.12 -3.13
C ALA U 149 20.00 -34.64 -4.32
N VAL U 150 20.60 -35.48 -5.19
CA VAL U 150 19.94 -36.12 -6.35
C VAL U 150 18.73 -36.89 -5.84
N SER U 151 18.89 -37.74 -4.82
CA SER U 151 17.82 -38.62 -4.28
C SER U 151 16.69 -37.78 -3.66
N GLU U 152 17.07 -36.88 -2.74
CA GLU U 152 16.16 -35.93 -2.06
C GLU U 152 15.37 -35.17 -3.13
N LYS U 153 16.02 -34.69 -4.18
CA LYS U 153 15.36 -33.82 -5.20
C LYS U 153 14.36 -34.66 -6.03
N LEU U 154 14.74 -35.87 -6.48
CA LEU U 154 13.85 -36.72 -7.34
C LEU U 154 12.78 -37.44 -6.50
N GLY U 155 12.90 -37.43 -5.17
CA GLY U 155 11.87 -37.94 -4.22
C GLY U 155 11.96 -39.44 -3.98
N GLY U 156 13.16 -40.03 -4.08
CA GLY U 156 13.38 -41.44 -3.71
C GLY U 156 14.79 -41.92 -4.03
N PRO U 157 15.06 -43.22 -3.77
CA PRO U 157 16.40 -43.78 -4.00
C PRO U 157 16.79 -43.91 -5.49
N VAL U 158 18.09 -44.05 -5.77
CA VAL U 158 18.61 -44.37 -7.14
C VAL U 158 19.34 -45.72 -7.09
N ASP U 159 19.48 -46.33 -8.26
CA ASP U 159 20.52 -47.36 -8.42
C ASP U 159 21.85 -46.61 -8.69
N ILE U 160 22.97 -47.18 -8.31
CA ILE U 160 24.30 -46.56 -8.49
C ILE U 160 25.22 -47.60 -9.12
N LEU U 161 25.95 -47.19 -10.13
CA LEU U 161 27.12 -47.89 -10.69
C LEU U 161 28.35 -47.12 -10.22
N HIS U 162 29.18 -47.79 -9.40
CA HIS U 162 30.38 -47.21 -8.76
C HIS U 162 31.59 -47.91 -9.38
N LEU U 163 32.38 -47.20 -10.17
CA LEU U 163 33.65 -47.75 -10.73
C LEU U 163 34.83 -47.26 -9.90
N ASP U 164 35.62 -48.21 -9.38
CA ASP U 164 36.61 -47.94 -8.31
C ASP U 164 37.45 -49.17 -8.00
N ALA U 165 38.73 -48.98 -7.74
CA ALA U 165 39.59 -49.99 -7.12
C ALA U 165 39.09 -50.30 -5.70
N HIS U 166 38.42 -49.33 -5.06
CA HIS U 166 38.04 -49.36 -3.62
C HIS U 166 36.54 -49.26 -3.42
N PRO U 167 36.00 -49.95 -2.40
CA PRO U 167 34.55 -49.89 -2.19
C PRO U 167 34.12 -48.66 -1.39
N ASP U 168 35.04 -47.98 -0.71
CA ASP U 168 34.78 -46.69 -0.03
C ASP U 168 33.60 -46.85 0.94
N ILE U 169 33.56 -47.93 1.76
CA ILE U 169 32.35 -48.31 2.56
C ILE U 169 32.67 -48.55 4.05
N TYR U 170 33.86 -48.14 4.48
CA TYR U 170 34.25 -48.06 5.91
C TYR U 170 33.21 -47.26 6.70
N ASP U 171 32.85 -47.75 7.89
CA ASP U 171 31.81 -47.09 8.72
C ASP U 171 32.28 -45.67 9.06
N CYS U 172 33.53 -45.53 9.49
CA CYS U 172 34.15 -44.24 9.93
C CYS U 172 35.66 -44.32 9.73
N PHE U 173 36.20 -43.79 8.64
CA PHE U 173 37.60 -44.07 8.32
C PHE U 173 38.50 -43.06 9.03
N GLU U 174 39.34 -43.51 9.95
CA GLU U 174 40.21 -42.61 10.75
C GLU U 174 39.37 -41.48 11.39
N GLY U 175 38.16 -41.75 11.89
CA GLY U 175 37.38 -40.77 12.67
C GLY U 175 36.58 -39.79 11.81
N ASN U 176 36.79 -39.74 10.50
CA ASN U 176 36.11 -38.74 9.62
C ASN U 176 34.91 -39.44 8.95
N LYS U 177 33.70 -38.98 9.24
CA LYS U 177 32.48 -39.61 8.69
C LYS U 177 32.33 -39.20 7.21
N TYR U 178 32.98 -38.10 6.82
CA TYR U 178 33.05 -37.55 5.43
C TYR U 178 34.33 -38.04 4.74
N SER U 179 35.08 -38.96 5.35
CA SER U 179 36.19 -39.67 4.65
C SER U 179 35.73 -40.07 3.24
N HIS U 180 36.61 -39.89 2.26
CA HIS U 180 36.42 -40.40 0.87
C HIS U 180 36.32 -41.94 0.85
N ALA U 181 36.77 -42.62 1.92
CA ALA U 181 36.77 -44.09 2.08
C ALA U 181 35.52 -44.56 2.81
N SER U 182 34.59 -43.65 3.17
CA SER U 182 33.35 -43.98 3.93
C SER U 182 32.13 -43.44 3.17
N SER U 183 32.38 -42.85 2.00
CA SER U 183 31.40 -42.09 1.19
C SER U 183 30.17 -42.96 0.88
N PHE U 184 30.34 -44.25 0.56
CA PHE U 184 29.23 -45.13 0.09
C PHE U 184 28.52 -45.79 1.29
N ALA U 185 29.19 -45.90 2.45
CA ALA U 185 28.54 -46.20 3.76
C ALA U 185 27.55 -45.07 4.14
N ARG U 186 27.94 -43.80 4.00
CA ARG U 186 27.05 -42.63 4.24
C ARG U 186 25.82 -42.76 3.32
N ILE U 187 26.03 -43.01 2.03
CA ILE U 187 24.94 -43.08 1.03
C ILE U 187 24.02 -44.23 1.41
N MET U 188 24.56 -45.38 1.80
CA MET U 188 23.72 -46.59 1.96
C MET U 188 22.87 -46.42 3.22
N GLU U 189 23.50 -46.04 4.34
CA GLU U 189 22.86 -45.70 5.63
C GLU U 189 21.63 -44.81 5.45
N GLY U 190 21.73 -43.82 4.57
CA GLY U 190 20.70 -42.77 4.40
C GLY U 190 19.57 -43.20 3.48
N GLY U 191 19.70 -44.36 2.83
CA GLY U 191 18.69 -44.94 1.93
C GLY U 191 18.56 -44.17 0.62
N TYR U 192 19.60 -43.46 0.19
CA TYR U 192 19.57 -42.68 -1.08
C TYR U 192 19.81 -43.61 -2.28
N ALA U 193 20.23 -44.85 -2.03
CA ALA U 193 20.52 -45.84 -3.10
C ALA U 193 19.85 -47.18 -2.81
N ARG U 194 19.40 -47.85 -3.86
CA ARG U 194 18.81 -49.20 -3.70
C ARG U 194 19.91 -50.18 -4.06
N ARG U 195 20.10 -50.43 -5.35
CA ARG U 195 21.26 -51.26 -5.76
C ARG U 195 22.51 -50.37 -5.84
N LEU U 196 23.63 -50.96 -5.47
CA LEU U 196 24.96 -50.38 -5.60
C LEU U 196 25.87 -51.46 -6.16
N LEU U 197 26.29 -51.28 -7.41
CA LEU U 197 27.20 -52.20 -8.13
C LEU U 197 28.57 -51.54 -8.13
N GLN U 198 29.52 -52.20 -7.52
CA GLN U 198 30.91 -51.74 -7.43
C GLN U 198 31.69 -52.59 -8.43
N VAL U 199 32.41 -51.94 -9.35
CA VAL U 199 33.18 -52.60 -10.45
C VAL U 199 34.62 -52.04 -10.56
N GLY U 200 35.56 -52.97 -10.75
CA GLY U 200 37.02 -52.77 -10.73
C GLY U 200 37.65 -52.93 -9.35
N ILE U 201 36.90 -53.47 -8.40
CA ILE U 201 37.35 -53.54 -6.98
C ILE U 201 38.58 -54.48 -6.92
N ARG U 202 39.67 -54.01 -6.30
CA ARG U 202 40.87 -54.88 -6.11
C ARG U 202 41.62 -54.51 -4.82
N SER U 203 41.10 -53.59 -4.03
CA SER U 203 41.64 -53.23 -2.69
C SER U 203 40.47 -53.19 -1.72
N ILE U 204 40.26 -54.28 -1.01
CA ILE U 204 39.05 -54.47 -0.17
C ILE U 204 39.43 -55.40 1.02
N ASN U 205 38.93 -55.10 2.23
CA ASN U 205 39.34 -55.81 3.46
C ASN U 205 38.08 -56.41 4.07
N GLN U 206 38.21 -57.11 5.20
CA GLN U 206 37.06 -57.78 5.80
C GLN U 206 35.93 -56.75 5.98
N GLU U 207 36.20 -55.58 6.56
CA GLU U 207 35.14 -54.57 6.87
C GLU U 207 34.46 -54.11 5.56
N GLY U 208 35.24 -53.95 4.49
CA GLY U 208 34.67 -53.67 3.17
C GLY U 208 33.70 -54.75 2.75
N ARG U 209 34.10 -56.03 2.90
CA ARG U 209 33.24 -57.20 2.54
C ARG U 209 32.00 -57.27 3.45
N GLU U 210 32.15 -57.02 4.75
CA GLU U 210 31.03 -57.15 5.73
C GLU U 210 30.04 -56.00 5.53
N GLN U 211 30.54 -54.80 5.23
CA GLN U 211 29.68 -53.61 4.95
C GLN U 211 28.95 -53.84 3.63
N GLY U 212 29.62 -54.43 2.64
CA GLY U 212 29.01 -54.90 1.37
C GLY U 212 27.81 -55.80 1.61
N LYS U 213 27.99 -56.81 2.42
CA LYS U 213 26.94 -57.83 2.61
C LYS U 213 25.78 -57.19 3.39
N ARG U 214 26.11 -56.37 4.39
CA ARG U 214 25.15 -55.65 5.26
C ARG U 214 24.23 -54.78 4.39
N PHE U 215 24.76 -54.08 3.41
CA PHE U 215 23.97 -53.10 2.62
C PHE U 215 23.37 -53.76 1.37
N GLY U 216 23.65 -55.04 1.13
CA GLY U 216 23.24 -55.71 -0.12
C GLY U 216 23.98 -55.13 -1.30
N VAL U 217 25.26 -54.85 -1.15
CA VAL U 217 26.10 -54.31 -2.26
C VAL U 217 26.51 -55.46 -3.17
N GLU U 218 26.57 -55.19 -4.47
CA GLU U 218 27.07 -56.18 -5.47
C GLU U 218 28.49 -55.77 -5.82
N GLN U 219 29.45 -56.48 -5.24
CA GLN U 219 30.91 -56.19 -5.27
C GLN U 219 31.54 -57.09 -6.32
N TYR U 220 31.92 -56.51 -7.48
CA TYR U 220 32.65 -57.19 -8.59
C TYR U 220 34.16 -56.92 -8.44
N GLU U 221 34.92 -57.96 -8.11
CA GLU U 221 36.38 -57.87 -7.85
C GLU U 221 37.11 -58.21 -9.16
N MET U 222 38.24 -57.57 -9.39
CA MET U 222 39.02 -57.84 -10.62
C MET U 222 39.48 -59.31 -10.68
N ARG U 223 39.56 -60.01 -9.55
CA ARG U 223 40.07 -61.41 -9.58
C ARG U 223 39.04 -62.35 -10.21
N THR U 224 37.80 -61.87 -10.41
CA THR U 224 36.74 -62.63 -11.11
C THR U 224 36.38 -61.90 -12.40
N PHE U 225 37.08 -60.86 -12.81
CA PHE U 225 36.69 -60.07 -14.02
C PHE U 225 36.59 -60.93 -15.30
N SER U 226 37.46 -61.93 -15.54
CA SER U 226 37.42 -62.78 -16.75
C SER U 226 36.02 -63.42 -16.85
N LYS U 227 35.48 -63.87 -15.72
CA LYS U 227 34.16 -64.53 -15.68
C LYS U 227 33.05 -63.47 -15.80
N ASP U 228 33.26 -62.30 -15.21
CA ASP U 228 32.20 -61.30 -14.97
C ASP U 228 32.06 -60.37 -16.19
N ARG U 229 33.01 -60.32 -17.13
CA ARG U 229 33.06 -59.29 -18.21
C ARG U 229 31.74 -59.29 -18.99
N PRO U 230 31.24 -60.45 -19.47
CA PRO U 230 29.95 -60.49 -20.17
C PRO U 230 28.79 -59.77 -19.46
N MET U 231 28.53 -60.09 -18.21
CA MET U 231 27.45 -59.46 -17.43
C MET U 231 27.70 -57.94 -17.23
N LEU U 232 28.95 -57.50 -17.06
CA LEU U 232 29.31 -56.09 -16.79
C LEU U 232 29.18 -55.23 -18.07
N GLU U 233 29.35 -55.84 -19.23
CA GLU U 233 29.16 -55.20 -20.53
C GLU U 233 27.70 -55.34 -21.01
N ASN U 234 26.75 -55.71 -20.15
CA ASN U 234 25.31 -55.84 -20.48
C ASN U 234 24.46 -55.47 -19.27
N LEU U 235 24.80 -54.43 -18.52
CA LEU U 235 24.09 -54.01 -17.28
C LEU U 235 22.77 -53.29 -17.59
N LYS U 236 21.72 -53.51 -16.79
CA LYS U 236 20.48 -52.70 -16.82
C LYS U 236 20.15 -52.30 -15.38
N LEU U 237 19.89 -51.02 -15.10
CA LEU U 237 19.68 -50.52 -13.71
C LEU U 237 18.55 -49.53 -13.70
N GLY U 238 17.94 -49.32 -12.53
CA GLY U 238 17.05 -48.18 -12.25
C GLY U 238 15.58 -48.52 -12.40
N GLU U 239 15.26 -49.69 -12.95
CA GLU U 239 13.85 -50.11 -13.11
C GLU U 239 13.20 -50.06 -11.73
N GLY U 240 12.35 -49.07 -11.48
CA GLY U 240 11.53 -49.04 -10.25
C GLY U 240 12.02 -48.02 -9.23
N VAL U 241 13.14 -47.35 -9.52
CA VAL U 241 13.63 -46.23 -8.68
C VAL U 241 13.77 -44.99 -9.58
N LYS U 242 14.18 -43.89 -8.96
CA LYS U 242 14.16 -42.53 -9.54
C LYS U 242 15.16 -42.43 -10.69
N GLY U 243 16.12 -43.35 -10.74
CA GLY U 243 17.15 -43.30 -11.79
C GLY U 243 18.44 -43.98 -11.39
N VAL U 244 19.45 -43.70 -12.20
CA VAL U 244 20.81 -44.29 -12.13
C VAL U 244 21.84 -43.16 -12.06
N TYR U 245 22.69 -43.27 -11.06
CA TYR U 245 23.86 -42.43 -10.78
C TYR U 245 25.11 -43.26 -11.04
N ILE U 246 26.09 -42.67 -11.69
CA ILE U 246 27.36 -43.34 -12.02
C ILE U 246 28.48 -42.56 -11.32
N SER U 247 29.21 -43.20 -10.39
CA SER U 247 30.40 -42.62 -9.74
C SER U 247 31.60 -43.26 -10.39
N ILE U 248 32.49 -42.49 -11.02
CA ILE U 248 33.75 -43.05 -11.59
C ILE U 248 34.93 -42.46 -10.81
N ASP U 249 35.54 -43.30 -9.99
CA ASP U 249 36.88 -43.04 -9.43
C ASP U 249 37.79 -43.39 -10.58
N VAL U 250 38.58 -42.45 -11.04
CA VAL U 250 39.59 -42.70 -12.08
C VAL U 250 40.48 -43.91 -11.74
N ASP U 251 40.67 -44.26 -10.46
CA ASP U 251 41.55 -45.42 -10.12
C ASP U 251 40.88 -46.76 -10.40
N CYS U 252 39.66 -46.80 -10.90
CA CYS U 252 39.14 -48.06 -11.49
C CYS U 252 40.05 -48.54 -12.62
N LEU U 253 40.68 -47.62 -13.31
CA LEU U 253 41.64 -47.93 -14.41
C LEU U 253 42.96 -48.42 -13.80
N ASP U 254 43.55 -49.39 -14.45
CA ASP U 254 44.96 -49.76 -14.19
C ASP U 254 45.79 -48.49 -14.17
N PRO U 255 46.74 -48.36 -13.22
CA PRO U 255 47.60 -47.20 -13.18
C PRO U 255 48.42 -46.95 -14.46
N ALA U 256 48.61 -47.97 -15.27
CA ALA U 256 49.16 -47.89 -16.65
C ALA U 256 48.40 -46.83 -17.47
N PHE U 257 47.06 -46.80 -17.33
CA PHE U 257 46.14 -45.93 -18.10
C PHE U 257 45.96 -44.64 -17.31
N ALA U 258 45.91 -44.74 -15.99
CA ALA U 258 45.55 -43.61 -15.13
C ALA U 258 46.52 -43.49 -13.95
N PRO U 259 47.75 -42.97 -14.16
CA PRO U 259 48.69 -42.79 -13.06
C PRO U 259 48.39 -41.61 -12.16
N GLY U 260 47.65 -40.62 -12.67
CA GLY U 260 47.30 -39.40 -11.95
C GLY U 260 46.21 -39.65 -10.90
N VAL U 261 46.53 -40.43 -9.87
CA VAL U 261 45.61 -40.81 -8.77
C VAL U 261 46.36 -40.81 -7.43
N SER U 262 45.63 -40.65 -6.33
CA SER U 262 46.26 -40.68 -4.99
C SER U 262 46.66 -42.13 -4.68
N HIS U 263 45.93 -43.10 -5.22
CA HIS U 263 45.99 -44.52 -4.81
C HIS U 263 46.32 -45.41 -6.02
N ILE U 264 47.60 -45.68 -6.20
CA ILE U 264 48.11 -46.61 -7.24
CA ILE U 264 48.11 -46.61 -7.24
C ILE U 264 47.81 -48.05 -6.81
N GLU U 265 46.95 -48.73 -7.57
CA GLU U 265 46.51 -50.10 -7.28
C GLU U 265 46.62 -50.92 -8.55
N PRO U 266 47.71 -51.69 -8.79
CA PRO U 266 47.87 -52.44 -10.04
C PRO U 266 46.78 -53.49 -10.28
N GLY U 267 46.52 -53.83 -11.53
CA GLY U 267 45.58 -54.89 -11.95
C GLY U 267 44.16 -54.35 -12.17
N GLY U 268 44.02 -53.19 -12.77
CA GLY U 268 42.70 -52.56 -13.01
C GLY U 268 42.13 -52.81 -14.41
N LEU U 269 41.10 -52.03 -14.69
CA LEU U 269 40.40 -52.00 -16.00
C LEU U 269 41.23 -51.19 -17.02
N SER U 270 41.17 -51.58 -18.28
CA SER U 270 41.68 -50.72 -19.40
C SER U 270 40.68 -49.59 -19.66
N PHE U 271 41.06 -48.53 -20.36
CA PHE U 271 40.12 -47.45 -20.69
C PHE U 271 38.99 -48.05 -21.57
N ARG U 272 39.38 -48.93 -22.48
CA ARG U 272 38.42 -49.60 -23.39
C ARG U 272 37.43 -50.46 -22.57
N ASP U 273 37.91 -51.12 -21.54
CA ASP U 273 37.00 -51.96 -20.75
C ASP U 273 35.95 -51.03 -20.14
N VAL U 274 36.33 -49.82 -19.71
CA VAL U 274 35.38 -48.91 -19.01
C VAL U 274 34.36 -48.38 -20.04
N LEU U 275 34.81 -48.08 -21.24
CA LEU U 275 33.89 -47.67 -22.33
C LEU U 275 32.93 -48.83 -22.64
N ASN U 276 33.40 -50.08 -22.73
CA ASN U 276 32.47 -51.20 -23.01
C ASN U 276 31.34 -51.20 -21.96
N ILE U 277 31.68 -50.97 -20.71
CA ILE U 277 30.64 -50.95 -19.65
C ILE U 277 29.68 -49.76 -19.83
N LEU U 278 30.22 -48.57 -19.95
CA LEU U 278 29.40 -47.33 -20.08
C LEU U 278 28.50 -47.41 -21.32
N HIS U 279 29.07 -47.81 -22.46
CA HIS U 279 28.37 -47.75 -23.76
C HIS U 279 27.17 -48.68 -23.70
N ASN U 280 27.29 -49.86 -23.10
CA ASN U 280 26.17 -50.86 -23.12
C ASN U 280 25.25 -50.76 -21.90
N LEU U 281 25.60 -49.97 -20.87
CA LEU U 281 24.73 -49.81 -19.68
C LEU U 281 23.36 -49.30 -20.13
N GLN U 282 22.29 -50.01 -19.86
CA GLN U 282 20.93 -49.49 -20.07
C GLN U 282 20.52 -48.77 -18.79
N ALA U 283 20.28 -47.48 -18.84
CA ALA U 283 20.06 -46.67 -17.62
C ALA U 283 19.49 -45.28 -17.98
N ASP U 284 18.50 -44.86 -17.20
CA ASP U 284 18.07 -43.46 -17.17
C ASP U 284 19.08 -42.75 -16.26
N VAL U 285 20.17 -42.20 -16.83
CA VAL U 285 21.27 -41.64 -16.01
C VAL U 285 20.87 -40.22 -15.57
N VAL U 286 20.65 -40.03 -14.27
CA VAL U 286 20.08 -38.75 -13.72
C VAL U 286 21.20 -37.87 -13.17
N GLY U 287 22.43 -38.41 -13.06
CA GLY U 287 23.60 -37.72 -12.48
C GLY U 287 24.82 -38.61 -12.47
N ALA U 288 26.01 -38.04 -12.48
CA ALA U 288 27.28 -38.81 -12.52
C ALA U 288 28.38 -37.94 -11.93
N ASP U 289 29.47 -38.59 -11.53
CA ASP U 289 30.69 -37.89 -11.11
C ASP U 289 31.93 -38.63 -11.66
N VAL U 290 32.98 -37.86 -11.90
CA VAL U 290 34.37 -38.31 -12.19
C VAL U 290 35.28 -37.72 -11.12
N VAL U 291 35.77 -38.59 -10.22
CA VAL U 291 36.45 -38.13 -8.99
C VAL U 291 37.84 -38.76 -8.90
N GLU U 292 38.70 -38.17 -8.08
CA GLU U 292 39.99 -38.76 -7.60
C GLU U 292 41.02 -38.71 -8.72
N PHE U 293 40.82 -37.88 -9.73
CA PHE U 293 41.91 -37.47 -10.63
C PHE U 293 42.77 -36.47 -9.85
N ASN U 294 44.05 -36.78 -9.77
CA ASN U 294 45.04 -36.08 -8.95
C ASN U 294 46.09 -35.54 -9.93
N PRO U 295 45.92 -34.27 -10.38
CA PRO U 295 46.85 -33.65 -11.32
C PRO U 295 48.28 -33.70 -10.80
N GLN U 296 48.48 -33.69 -9.49
CA GLN U 296 49.84 -33.62 -8.93
C GLN U 296 50.52 -34.98 -9.12
N ARG U 297 49.79 -36.06 -9.42
CA ARG U 297 50.42 -37.38 -9.66
C ARG U 297 50.38 -37.71 -11.15
N ASP U 298 49.93 -36.77 -11.99
CA ASP U 298 49.77 -37.02 -13.42
C ASP U 298 51.12 -36.93 -14.10
N THR U 299 51.25 -37.48 -15.31
CA THR U 299 52.45 -37.31 -16.16
C THR U 299 52.59 -35.84 -16.53
N VAL U 300 53.79 -35.45 -16.93
CA VAL U 300 54.09 -34.00 -17.21
C VAL U 300 53.19 -33.55 -18.39
N ASP U 301 52.68 -34.44 -19.23
CA ASP U 301 51.85 -33.99 -20.39
C ASP U 301 50.37 -34.11 -20.07
N GLY U 302 49.98 -34.50 -18.89
CA GLY U 302 48.57 -34.48 -18.50
C GLY U 302 47.80 -35.67 -19.03
N MET U 303 48.37 -36.87 -19.09
CA MET U 303 47.67 -38.04 -19.73
C MET U 303 46.39 -38.40 -18.95
N THR U 304 46.44 -38.36 -17.63
CA THR U 304 45.28 -38.67 -16.77
C THR U 304 44.26 -37.54 -16.95
N ALA U 305 44.70 -36.34 -17.25
CA ALA U 305 43.74 -35.26 -17.59
C ALA U 305 42.90 -35.67 -18.81
N MET U 306 43.53 -36.18 -19.86
CA MET U 306 42.84 -36.60 -21.09
C MET U 306 41.92 -37.78 -20.75
N VAL U 307 42.36 -38.66 -19.87
CA VAL U 307 41.57 -39.84 -19.43
C VAL U 307 40.27 -39.32 -18.78
N ALA U 308 40.40 -38.41 -17.83
CA ALA U 308 39.29 -37.87 -17.03
C ALA U 308 38.37 -37.16 -17.99
N ALA U 309 38.94 -36.35 -18.88
CA ALA U 309 38.17 -35.60 -19.89
C ALA U 309 37.35 -36.59 -20.74
N LYS U 310 37.95 -37.71 -21.15
CA LYS U 310 37.29 -38.59 -22.11
C LYS U 310 36.14 -39.30 -21.40
N LEU U 311 36.34 -39.66 -20.13
CA LEU U 311 35.23 -40.20 -19.30
C LEU U 311 34.11 -39.17 -19.22
N VAL U 312 34.39 -37.92 -18.91
CA VAL U 312 33.32 -36.90 -18.79
C VAL U 312 32.60 -36.79 -20.12
N ARG U 313 33.34 -36.80 -21.23
CA ARG U 313 32.73 -36.66 -22.58
C ARG U 313 31.79 -37.83 -22.90
N GLU U 314 32.23 -39.08 -22.68
CA GLU U 314 31.37 -40.26 -22.95
C GLU U 314 30.15 -40.27 -22.02
N LEU U 315 30.33 -39.93 -20.75
CA LEU U 315 29.21 -39.78 -19.77
C LEU U 315 28.20 -38.72 -20.23
N ALA U 316 28.67 -37.64 -20.87
CA ALA U 316 27.79 -36.52 -21.29
C ALA U 316 26.87 -37.00 -22.43
N ALA U 317 27.45 -37.74 -23.38
CA ALA U 317 26.75 -38.39 -24.51
C ALA U 317 25.70 -39.34 -23.93
N LYS U 318 26.02 -40.04 -22.86
CA LYS U 318 25.07 -40.95 -22.22
C LYS U 318 23.97 -40.17 -21.47
N ILE U 319 24.32 -39.14 -20.72
CA ILE U 319 23.33 -38.45 -19.84
C ILE U 319 22.42 -37.59 -20.71
N SER U 320 22.98 -37.02 -21.77
CA SER U 320 22.25 -36.07 -22.63
C SER U 320 21.38 -36.87 -23.60
N LYS U 321 20.21 -36.33 -23.96
CA LYS U 321 19.21 -36.97 -24.86
C LYS U 321 18.04 -36.01 -25.10
N SER V 6 62.23 -59.92 30.45
CA SER V 6 61.36 -59.91 29.22
C SER V 6 62.05 -60.72 28.09
N SER V 7 61.39 -61.79 27.66
CA SER V 7 61.84 -62.69 26.56
C SER V 7 62.09 -61.86 25.28
N ILE V 8 61.28 -60.81 25.11
CA ILE V 8 61.13 -60.00 23.85
C ILE V 8 62.23 -58.92 23.79
N GLU V 9 62.60 -58.31 24.93
CA GLU V 9 63.80 -57.41 25.03
C GLU V 9 65.09 -58.22 24.80
N LYS V 10 65.14 -59.49 25.23
CA LYS V 10 66.34 -60.36 25.16
C LYS V 10 66.76 -60.53 23.70
N GLY V 11 65.76 -60.79 22.81
CA GLY V 11 65.92 -61.09 21.37
C GLY V 11 66.41 -59.87 20.59
N GLN V 12 65.74 -58.72 20.80
CA GLN V 12 66.18 -57.37 20.32
C GLN V 12 67.68 -57.17 20.61
N ASN V 13 68.20 -57.54 21.79
CA ASN V 13 69.65 -57.37 22.12
C ASN V 13 70.53 -58.30 21.26
N ARG V 14 70.10 -59.54 21.07
CA ARG V 14 70.79 -60.50 20.16
C ARG V 14 70.86 -59.89 18.74
N VAL V 15 69.84 -59.13 18.32
CA VAL V 15 69.83 -58.50 16.96
C VAL V 15 70.80 -57.31 16.98
N ILE V 16 70.64 -56.42 17.99
CA ILE V 16 71.46 -55.18 18.14
C ILE V 16 72.93 -55.60 18.22
N ASP V 17 73.20 -56.71 18.94
CA ASP V 17 74.56 -57.20 19.26
C ASP V 17 75.19 -57.65 17.92
N ALA V 18 74.46 -58.42 17.12
CA ALA V 18 74.98 -58.90 15.82
C ALA V 18 75.05 -57.72 14.82
N SER V 19 74.19 -56.73 14.95
CA SER V 19 74.27 -55.56 14.02
C SER V 19 75.58 -54.83 14.31
N LEU V 20 75.86 -54.56 15.60
CA LEU V 20 77.07 -53.77 15.97
C LEU V 20 78.27 -54.64 15.63
N THR V 21 78.14 -55.95 15.84
CA THR V 21 79.26 -56.93 15.62
C THR V 21 79.69 -56.81 14.17
N LEU V 22 78.73 -56.83 13.24
CA LEU V 22 79.03 -56.73 11.78
C LEU V 22 79.69 -55.37 11.43
N ILE V 23 79.24 -54.27 12.02
CA ILE V 23 79.88 -52.93 11.78
C ILE V 23 81.32 -52.95 12.30
N ARG V 24 81.59 -53.58 13.44
CA ARG V 24 82.98 -53.64 14.02
C ARG V 24 83.86 -54.48 13.06
N GLU V 25 83.35 -55.60 12.60
CA GLU V 25 84.15 -56.54 11.76
C GLU V 25 84.60 -55.75 10.53
N ARG V 26 83.65 -55.07 9.88
CA ARG V 26 83.89 -54.14 8.74
C ARG V 26 84.88 -53.06 9.15
N ALA V 27 84.60 -52.29 10.20
CA ALA V 27 85.47 -51.19 10.66
C ALA V 27 86.90 -51.71 10.88
N LYS V 28 87.05 -52.96 11.34
CA LYS V 28 88.39 -53.55 11.62
C LYS V 28 89.13 -53.71 10.27
N LEU V 29 88.45 -54.12 9.21
CA LEU V 29 89.15 -54.32 7.90
C LEU V 29 89.63 -52.96 7.36
N LYS V 30 88.75 -51.96 7.45
CA LYS V 30 89.04 -50.58 6.98
C LYS V 30 90.14 -50.00 7.88
N GLY V 31 90.07 -50.26 9.20
CA GLY V 31 91.13 -49.90 10.16
C GLY V 31 92.52 -50.40 9.73
N GLU V 32 92.67 -51.73 9.55
CA GLU V 32 93.92 -52.43 9.15
C GLU V 32 94.39 -51.93 7.78
N LEU V 33 93.45 -51.65 6.90
CA LEU V 33 93.75 -51.24 5.50
C LEU V 33 94.58 -49.93 5.48
N VAL V 34 94.11 -48.92 6.22
CA VAL V 34 94.72 -47.54 6.34
C VAL V 34 96.05 -47.63 7.11
N ARG V 35 96.12 -48.51 8.13
CA ARG V 35 97.29 -48.66 9.04
C ARG V 35 98.42 -49.31 8.25
N LEU V 36 98.12 -50.30 7.39
CA LEU V 36 99.11 -50.91 6.45
C LEU V 36 99.72 -49.82 5.56
N LEU V 37 98.95 -48.87 5.08
CA LEU V 37 99.48 -47.96 4.04
C LEU V 37 100.39 -46.94 4.73
N GLY V 38 99.95 -46.35 5.85
CA GLY V 38 100.73 -45.45 6.74
C GLY V 38 100.74 -43.99 6.30
N GLY V 39 101.00 -43.06 7.22
CA GLY V 39 101.15 -41.62 6.94
C GLY V 39 99.87 -40.81 7.15
N ALA V 40 98.72 -41.46 7.43
CA ALA V 40 97.45 -40.77 7.79
C ALA V 40 97.45 -40.33 9.27
N LYS V 41 97.29 -39.04 9.55
CA LYS V 41 96.92 -38.54 10.91
C LYS V 41 95.44 -38.84 11.16
N ALA V 42 94.56 -38.56 10.18
CA ALA V 42 93.09 -38.84 10.20
C ALA V 42 92.65 -39.41 8.84
N SER V 43 91.55 -40.18 8.83
CA SER V 43 91.02 -40.89 7.64
C SER V 43 89.49 -40.89 7.65
N THR V 44 88.90 -40.16 6.71
CA THR V 44 87.43 -40.18 6.48
C THR V 44 87.05 -41.64 6.13
N SER V 45 86.04 -42.13 6.86
CA SER V 45 85.37 -43.45 6.71
C SER V 45 83.86 -43.22 6.77
N LEU V 46 83.15 -43.58 5.69
CA LEU V 46 81.70 -43.33 5.60
C LEU V 46 80.99 -44.30 6.54
N LEU V 47 79.89 -43.84 7.11
CA LEU V 47 78.93 -44.64 7.90
C LEU V 47 77.50 -44.18 7.59
N GLY V 48 76.73 -45.01 6.89
CA GLY V 48 75.38 -44.62 6.48
C GLY V 48 74.37 -44.97 7.56
N VAL V 49 73.36 -44.12 7.70
CA VAL V 49 72.30 -44.29 8.73
C VAL V 49 70.99 -44.07 8.01
N PRO V 50 70.53 -45.11 7.29
CA PRO V 50 69.28 -45.06 6.56
C PRO V 50 68.07 -44.93 7.52
N LEU V 51 67.93 -43.75 8.12
CA LEU V 51 66.82 -43.47 9.08
C LEU V 51 66.10 -42.24 8.53
N GLY V 52 64.78 -42.18 8.63
CA GLY V 52 63.98 -41.07 8.10
C GLY V 52 62.65 -40.97 8.84
N HIS V 53 62.44 -41.75 9.93
CA HIS V 53 61.12 -41.85 10.62
C HIS V 53 61.02 -40.76 11.71
N ASN V 54 62.09 -40.02 11.94
CA ASN V 54 62.10 -38.79 12.80
C ASN V 54 61.74 -37.55 11.97
N SER V 55 61.58 -37.73 10.65
CA SER V 55 61.30 -36.67 9.65
C SER V 55 59.88 -36.16 9.94
N SER V 56 59.58 -34.90 9.64
CA SER V 56 58.26 -34.25 9.95
C SER V 56 57.39 -34.18 8.68
N PHE V 57 57.96 -34.38 7.50
CA PHE V 57 57.25 -34.20 6.21
C PHE V 57 57.34 -35.43 5.28
N LEU V 58 58.57 -35.88 4.97
CA LEU V 58 58.85 -37.08 4.13
C LEU V 58 60.07 -37.81 4.69
N GLN V 59 60.06 -39.15 4.61
CA GLN V 59 61.05 -40.09 5.22
C GLN V 59 62.12 -40.52 4.21
N GLY V 60 62.04 -40.01 2.98
CA GLY V 60 62.94 -40.28 1.84
C GLY V 60 64.42 -40.44 2.18
N PRO V 61 65.00 -39.63 3.09
CA PRO V 61 66.42 -39.73 3.39
C PRO V 61 66.89 -41.13 3.79
N ALA V 62 65.96 -42.01 4.18
CA ALA V 62 66.30 -43.37 4.64
C ALA V 62 67.04 -44.13 3.52
N PHE V 63 66.76 -43.80 2.25
CA PHE V 63 67.33 -44.45 1.04
C PHE V 63 68.58 -43.73 0.54
N ALA V 64 69.02 -42.69 1.22
CA ALA V 64 70.02 -41.76 0.67
C ALA V 64 71.39 -42.42 0.61
N PRO V 65 71.93 -43.06 1.68
CA PRO V 65 73.34 -43.47 1.67
C PRO V 65 73.77 -44.29 0.46
N PRO V 66 73.05 -45.35 0.05
CA PRO V 66 73.50 -46.12 -1.11
C PRO V 66 73.57 -45.33 -2.44
N ARG V 67 72.64 -44.38 -2.68
CA ARG V 67 72.67 -43.48 -3.88
C ARG V 67 73.87 -42.54 -3.82
N ILE V 68 74.09 -41.91 -2.65
CA ILE V 68 75.28 -41.03 -2.43
C ILE V 68 76.52 -41.86 -2.81
N ARG V 69 76.64 -43.08 -2.20
CA ARG V 69 77.75 -44.03 -2.52
C ARG V 69 77.89 -44.18 -4.04
N GLU V 70 76.86 -44.62 -4.76
CA GLU V 70 76.91 -44.79 -6.24
C GLU V 70 77.40 -43.49 -6.93
N ALA V 71 76.88 -42.33 -6.52
CA ALA V 71 77.19 -41.06 -7.20
C ALA V 71 78.68 -40.66 -6.99
N ILE V 72 79.23 -40.92 -5.80
CA ILE V 72 80.69 -40.72 -5.49
C ILE V 72 81.61 -41.37 -6.54
N TRP V 73 81.21 -42.54 -7.08
CA TRP V 73 82.05 -43.46 -7.89
C TRP V 73 81.56 -43.49 -9.31
N CYS V 74 80.53 -42.67 -9.60
CA CYS V 74 79.83 -42.65 -10.92
C CYS V 74 80.89 -42.55 -12.02
N GLY V 75 80.70 -43.31 -13.09
CA GLY V 75 81.63 -43.37 -14.23
C GLY V 75 81.83 -42.01 -14.88
N SER V 76 80.84 -41.11 -14.78
CA SER V 76 80.88 -39.75 -15.38
C SER V 76 81.88 -38.83 -14.61
N THR V 77 82.33 -39.21 -13.41
CA THR V 77 83.25 -38.38 -12.58
C THR V 77 84.65 -39.02 -12.64
N ASN V 78 85.66 -38.28 -12.17
CA ASN V 78 87.00 -38.78 -11.83
C ASN V 78 87.10 -38.74 -10.30
N SER V 79 88.16 -39.34 -9.75
CA SER V 79 88.30 -39.67 -8.30
C SER V 79 89.10 -38.58 -7.55
N ALA V 80 89.39 -37.43 -8.20
CA ALA V 80 90.17 -36.30 -7.65
C ALA V 80 89.24 -35.32 -6.91
N THR V 81 89.50 -35.01 -5.64
CA THR V 81 88.79 -33.86 -5.00
C THR V 81 89.28 -32.56 -5.66
N GLU V 82 88.51 -31.49 -5.46
CA GLU V 82 88.71 -30.20 -6.17
C GLU V 82 90.14 -29.71 -5.90
N GLU V 83 90.68 -30.00 -4.69
CA GLU V 83 92.01 -29.59 -4.18
C GLU V 83 93.07 -30.64 -4.53
N GLY V 84 92.69 -31.80 -5.10
CA GLY V 84 93.63 -32.73 -5.77
C GLY V 84 93.85 -34.05 -5.04
N LYS V 85 93.26 -34.21 -3.85
CA LYS V 85 93.30 -35.47 -3.04
C LYS V 85 92.63 -36.64 -3.80
N GLU V 86 93.12 -37.86 -3.55
CA GLU V 86 92.76 -39.09 -4.29
C GLU V 86 91.84 -39.97 -3.41
N LEU V 87 90.60 -40.17 -3.89
CA LEU V 87 89.47 -40.88 -3.22
C LEU V 87 89.65 -42.41 -3.24
N LYS V 88 90.32 -42.96 -4.27
CA LYS V 88 90.75 -44.38 -4.36
C LYS V 88 91.75 -44.71 -3.23
N ASP V 89 92.56 -43.74 -2.77
CA ASP V 89 93.48 -43.85 -1.59
C ASP V 89 92.61 -44.05 -0.36
N PRO V 90 92.75 -45.20 0.34
CA PRO V 90 91.97 -45.47 1.54
C PRO V 90 92.19 -44.56 2.77
N ARG V 91 93.36 -43.90 2.84
CA ARG V 91 93.80 -42.99 3.93
C ARG V 91 92.97 -41.70 3.88
N VAL V 92 92.45 -41.43 2.67
CA VAL V 92 91.56 -40.29 2.28
C VAL V 92 90.10 -40.70 2.55
N LEU V 93 89.68 -41.87 2.05
CA LEU V 93 88.26 -42.33 2.13
C LEU V 93 88.18 -43.85 2.19
N THR V 94 87.51 -44.34 3.23
CA THR V 94 86.96 -45.72 3.32
C THR V 94 85.45 -45.70 3.65
N ASP V 95 84.86 -46.90 3.67
CA ASP V 95 83.40 -47.05 3.90
C ASP V 95 83.17 -48.28 4.74
N VAL V 96 82.60 -48.04 5.93
CA VAL V 96 82.17 -49.12 6.85
C VAL V 96 80.70 -49.50 6.59
N GLY V 97 79.97 -48.83 5.66
CA GLY V 97 78.60 -49.19 5.27
C GLY V 97 77.51 -48.71 6.23
N ASP V 98 76.43 -49.46 6.26
CA ASP V 98 75.13 -49.02 6.82
C ASP V 98 74.87 -49.75 8.14
N VAL V 99 74.49 -48.96 9.10
CA VAL V 99 73.71 -49.41 10.29
C VAL V 99 72.36 -49.93 9.77
N PRO V 100 72.08 -51.24 9.93
CA PRO V 100 70.82 -51.83 9.45
C PRO V 100 69.65 -51.33 10.30
N VAL V 101 69.39 -50.04 10.18
CA VAL V 101 68.42 -49.28 11.02
C VAL V 101 67.06 -50.00 10.93
N GLN V 102 66.63 -50.33 9.71
CA GLN V 102 65.21 -50.71 9.45
C GLN V 102 64.95 -52.08 10.04
N GLU V 103 65.97 -52.94 10.13
CA GLU V 103 65.79 -54.33 10.65
C GLU V 103 65.69 -54.23 12.18
N ILE V 104 66.42 -53.27 12.72
CA ILE V 104 66.40 -52.98 14.16
C ILE V 104 65.01 -52.45 14.51
N ARG V 105 64.44 -51.56 13.72
CA ARG V 105 63.05 -51.04 13.94
C ARG V 105 62.04 -52.19 13.75
N ASP V 106 62.21 -53.03 12.72
CA ASP V 106 61.31 -54.17 12.36
C ASP V 106 61.07 -55.06 13.58
N CYS V 107 62.06 -55.25 14.47
CA CYS V 107 61.98 -56.21 15.61
C CYS V 107 61.45 -55.52 16.90
N GLY V 108 61.08 -54.23 16.84
CA GLY V 108 60.29 -53.51 17.87
C GLY V 108 61.12 -52.62 18.79
N VAL V 109 62.44 -52.49 18.58
CA VAL V 109 63.36 -51.63 19.37
C VAL V 109 62.79 -50.18 19.41
N ASP V 110 62.89 -49.49 20.54
CA ASP V 110 62.41 -48.09 20.68
C ASP V 110 63.52 -47.12 20.24
N ASP V 111 63.22 -45.83 20.06
CA ASP V 111 64.19 -44.88 19.44
C ASP V 111 65.39 -44.67 20.38
N ASP V 112 65.13 -44.49 21.69
CA ASP V 112 66.15 -44.51 22.77
C ASP V 112 67.26 -45.53 22.44
N ARG V 113 66.93 -46.83 22.42
CA ARG V 113 67.89 -47.95 22.18
C ARG V 113 68.47 -47.82 20.76
N LEU V 114 67.60 -47.53 19.78
CA LEU V 114 68.02 -47.32 18.37
C LEU V 114 69.03 -46.17 18.28
N MET V 115 68.75 -45.04 18.93
CA MET V 115 69.66 -43.87 18.88
C MET V 115 70.99 -44.26 19.53
N ASN V 116 70.94 -45.02 20.64
CA ASN V 116 72.13 -45.61 21.30
C ASN V 116 72.97 -46.43 20.30
N VAL V 117 72.32 -47.26 19.50
CA VAL V 117 73.01 -48.11 18.48
C VAL V 117 73.79 -47.25 17.50
N ILE V 118 73.19 -46.17 17.01
CA ILE V 118 73.94 -45.20 16.15
C ILE V 118 75.14 -44.62 16.92
N SER V 119 74.95 -44.13 18.16
CA SER V 119 76.07 -43.58 18.96
C SER V 119 77.21 -44.61 18.98
N GLU V 120 76.85 -45.87 19.22
CA GLU V 120 77.79 -47.01 19.39
C GLU V 120 78.52 -47.31 18.08
N SER V 121 77.80 -47.41 16.97
CA SER V 121 78.38 -47.61 15.62
C SER V 121 79.44 -46.53 15.28
N VAL V 122 79.07 -45.25 15.48
CA VAL V 122 80.00 -44.08 15.44
C VAL V 122 81.20 -44.37 16.35
N LYS V 123 80.97 -44.83 17.58
CA LYS V 123 82.09 -45.02 18.54
C LYS V 123 82.99 -46.14 17.99
N LEU V 124 82.37 -47.09 17.28
CA LEU V 124 83.07 -48.29 16.76
C LEU V 124 84.00 -47.80 15.64
N VAL V 125 83.60 -46.71 15.00
CA VAL V 125 84.40 -46.13 13.89
C VAL V 125 85.58 -45.43 14.53
N MET V 126 85.30 -44.67 15.59
CA MET V 126 86.32 -43.80 16.25
C MET V 126 87.39 -44.69 16.90
N GLU V 127 87.06 -45.92 17.33
CA GLU V 127 87.96 -46.85 18.10
C GLU V 127 88.86 -47.64 17.14
N GLU V 128 88.81 -47.29 15.85
CA GLU V 128 89.73 -47.76 14.79
C GLU V 128 90.60 -46.57 14.40
N GLU V 129 91.82 -46.47 14.95
CA GLU V 129 92.77 -45.38 14.60
C GLU V 129 93.28 -45.56 13.17
N PRO V 130 93.39 -44.47 12.36
CA PRO V 130 92.95 -43.12 12.71
C PRO V 130 91.62 -42.66 12.04
N LEU V 131 90.71 -43.62 11.79
CA LEU V 131 89.40 -43.35 11.14
C LEU V 131 88.65 -42.20 11.86
N ARG V 132 88.01 -41.40 11.01
CA ARG V 132 87.11 -40.30 11.44
C ARG V 132 85.80 -40.46 10.69
N PRO V 133 84.68 -40.53 11.44
CA PRO V 133 83.36 -40.75 10.88
C PRO V 133 82.87 -39.54 10.06
N LEU V 134 82.42 -39.86 8.85
CA LEU V 134 81.48 -39.07 8.00
C LEU V 134 80.22 -39.90 7.85
N VAL V 135 79.16 -39.46 8.51
CA VAL V 135 77.84 -40.14 8.67
C VAL V 135 76.94 -39.69 7.51
N LEU V 136 76.42 -40.67 6.80
CA LEU V 136 75.53 -40.46 5.62
C LEU V 136 74.09 -40.53 6.12
N GLY V 137 73.45 -39.36 6.13
CA GLY V 137 72.02 -39.17 6.45
C GLY V 137 71.19 -39.92 5.42
N GLY V 138 69.94 -40.27 5.78
CA GLY V 138 69.39 -40.10 7.12
C GLY V 138 68.75 -38.72 7.35
N ASP V 139 67.68 -38.63 8.17
CA ASP V 139 67.02 -37.34 8.52
C ASP V 139 67.90 -36.68 9.62
N HIS V 140 67.70 -35.37 9.89
CA HIS V 140 68.58 -34.58 10.81
C HIS V 140 68.49 -35.12 12.24
N SER V 141 67.52 -36.00 12.57
CA SER V 141 67.47 -36.70 13.88
C SER V 141 68.83 -37.31 14.20
N ILE V 142 69.63 -37.77 13.21
CA ILE V 142 70.82 -38.61 13.54
C ILE V 142 71.97 -37.76 14.12
N SER V 143 72.01 -36.46 13.87
CA SER V 143 73.09 -35.56 14.38
C SER V 143 73.25 -35.67 15.91
N TYR V 144 72.14 -35.84 16.66
CA TYR V 144 72.22 -35.84 18.14
C TYR V 144 72.96 -37.08 18.63
N PRO V 145 72.57 -38.32 18.21
CA PRO V 145 73.34 -39.53 18.54
C PRO V 145 74.79 -39.47 18.00
N VAL V 146 75.00 -38.99 16.77
CA VAL V 146 76.39 -38.95 16.24
C VAL V 146 77.20 -37.99 17.10
N VAL V 147 76.73 -36.75 17.28
CA VAL V 147 77.45 -35.64 17.99
C VAL V 147 77.68 -36.04 19.47
N ARG V 148 76.64 -36.60 20.13
CA ARG V 148 76.71 -37.18 21.52
C ARG V 148 77.77 -38.30 21.62
N ALA V 149 77.88 -39.17 20.63
CA ALA V 149 78.93 -40.20 20.52
C ALA V 149 80.28 -39.47 20.39
N VAL V 150 80.40 -38.47 19.51
CA VAL V 150 81.72 -37.91 19.15
C VAL V 150 82.33 -37.21 20.37
N SER V 151 81.49 -36.42 21.05
CA SER V 151 81.77 -35.62 22.27
C SER V 151 82.13 -36.57 23.43
N GLU V 152 81.27 -37.58 23.67
CA GLU V 152 81.54 -38.71 24.61
C GLU V 152 82.91 -39.30 24.31
N LYS V 153 83.20 -39.72 23.08
CA LYS V 153 84.50 -40.35 22.74
C LYS V 153 85.68 -39.39 22.95
N LEU V 154 85.53 -38.09 22.72
CA LEU V 154 86.69 -37.14 22.82
C LEU V 154 86.86 -36.48 24.21
N GLY V 155 85.86 -36.62 25.09
CA GLY V 155 85.93 -36.25 26.53
C GLY V 155 85.62 -34.77 26.78
N GLY V 156 84.61 -34.23 26.08
CA GLY V 156 84.24 -32.81 26.20
C GLY V 156 83.47 -32.28 24.99
N PRO V 157 83.16 -30.96 24.97
CA PRO V 157 82.34 -30.40 23.90
C PRO V 157 83.12 -30.23 22.58
N VAL V 158 82.42 -30.15 21.43
CA VAL V 158 83.05 -29.71 20.15
C VAL V 158 82.35 -28.41 19.70
N ASP V 159 82.90 -27.63 18.75
CA ASP V 159 82.17 -26.53 18.06
C ASP V 159 81.57 -27.07 16.77
N ILE V 160 80.39 -26.54 16.42
CA ILE V 160 79.52 -27.04 15.32
C ILE V 160 79.22 -25.89 14.35
N LEU V 161 79.50 -26.17 13.08
CA LEU V 161 79.04 -25.49 11.83
C LEU V 161 77.87 -26.28 11.24
N HIS V 162 76.64 -25.80 11.39
CA HIS V 162 75.38 -26.48 10.99
C HIS V 162 74.90 -25.76 9.73
N LEU V 163 74.99 -26.41 8.58
CA LEU V 163 74.48 -25.86 7.28
C LEU V 163 73.03 -26.30 7.12
N ASP V 164 72.11 -25.34 7.08
CA ASP V 164 70.65 -25.63 7.19
C ASP V 164 69.81 -24.42 6.82
N ALA V 165 68.71 -24.62 6.14
CA ALA V 165 67.64 -23.62 6.04
C ALA V 165 66.99 -23.44 7.43
N HIS V 166 67.10 -24.47 8.26
CA HIS V 166 66.31 -24.64 9.50
C HIS V 166 67.26 -24.74 10.70
N PRO V 167 66.90 -24.08 11.83
CA PRO V 167 67.68 -24.18 13.06
C PRO V 167 67.50 -25.49 13.87
N ASP V 168 66.44 -26.27 13.67
CA ASP V 168 66.32 -27.63 14.30
C ASP V 168 66.67 -27.59 15.80
N ILE V 169 65.99 -26.67 16.49
CA ILE V 169 66.20 -26.45 17.95
C ILE V 169 64.85 -26.41 18.69
N TYR V 170 63.76 -26.80 18.02
CA TYR V 170 62.44 -26.93 18.70
C TYR V 170 62.67 -27.82 19.92
N ASP V 171 61.96 -27.53 21.01
CA ASP V 171 62.13 -28.31 22.27
C ASP V 171 61.66 -29.76 21.99
N CYS V 172 60.40 -29.91 21.59
CA CYS V 172 59.71 -31.21 21.33
C CYS V 172 58.75 -31.01 20.16
N PHE V 173 59.29 -31.06 18.94
CA PHE V 173 58.50 -30.90 17.69
C PHE V 173 57.54 -32.10 17.53
N GLU V 174 56.22 -31.82 17.65
CA GLU V 174 55.03 -32.69 17.45
C GLU V 174 54.95 -33.79 18.52
N GLY V 175 55.53 -33.57 19.70
CA GLY V 175 55.61 -34.56 20.79
C GLY V 175 56.84 -35.47 20.66
N ASN V 176 57.60 -35.33 19.55
CA ASN V 176 58.75 -36.21 19.21
C ASN V 176 60.06 -35.58 19.68
N LYS V 177 60.72 -36.20 20.66
CA LYS V 177 62.00 -35.68 21.25
C LYS V 177 63.18 -36.05 20.32
N TYR V 178 62.97 -36.99 19.41
CA TYR V 178 64.00 -37.36 18.41
C TYR V 178 63.69 -36.73 17.05
N SER V 179 62.77 -35.75 17.00
CA SER V 179 62.44 -34.94 15.78
C SER V 179 63.72 -34.45 15.08
N HIS V 180 63.71 -34.35 13.75
CA HIS V 180 64.86 -33.84 12.95
C HIS V 180 64.95 -32.33 13.22
N ALA V 181 63.77 -31.76 13.55
CA ALA V 181 63.50 -30.37 13.97
C ALA V 181 63.91 -30.08 15.44
N SER V 182 64.25 -31.09 16.26
CA SER V 182 64.62 -30.92 17.70
C SER V 182 66.05 -31.38 18.00
N SER V 183 66.87 -31.76 17.03
CA SER V 183 68.15 -32.50 17.19
C SER V 183 69.24 -31.63 17.78
N PHE V 184 69.35 -30.38 17.35
CA PHE V 184 70.31 -29.41 17.94
C PHE V 184 69.82 -28.88 19.32
N ALA V 185 68.51 -29.00 19.63
CA ALA V 185 67.96 -28.77 20.99
C ALA V 185 68.54 -29.80 21.97
N ARG V 186 68.58 -31.08 21.55
CA ARG V 186 69.10 -32.26 22.32
C ARG V 186 70.64 -32.14 22.49
N ILE V 187 71.36 -31.69 21.42
CA ILE V 187 72.84 -31.53 21.44
C ILE V 187 73.21 -30.39 22.42
N MET V 188 72.56 -29.22 22.32
CA MET V 188 72.93 -28.03 23.17
C MET V 188 72.64 -28.36 24.65
N GLU V 189 71.44 -28.88 24.97
CA GLU V 189 70.97 -29.33 26.31
C GLU V 189 72.02 -30.20 27.00
N GLY V 190 72.71 -31.04 26.20
CA GLY V 190 73.57 -32.12 26.71
C GLY V 190 75.01 -31.72 26.98
N GLY V 191 75.46 -30.56 26.47
CA GLY V 191 76.85 -30.05 26.63
C GLY V 191 77.81 -30.62 25.57
N TYR V 192 77.31 -31.29 24.56
CA TYR V 192 78.20 -31.88 23.53
C TYR V 192 78.85 -30.74 22.67
N ALA V 193 78.19 -29.56 22.58
CA ALA V 193 78.56 -28.40 21.74
C ALA V 193 78.86 -27.17 22.64
N ARG V 194 79.98 -26.48 22.38
CA ARG V 194 80.32 -25.16 22.97
C ARG V 194 79.69 -24.05 22.12
N ARG V 195 80.26 -23.75 20.92
CA ARG V 195 79.65 -22.82 19.92
C ARG V 195 78.77 -23.66 18.94
N LEU V 196 77.82 -22.98 18.27
CA LEU V 196 76.90 -23.50 17.23
C LEU V 196 76.66 -22.36 16.25
N LEU V 197 77.35 -22.43 15.10
CA LEU V 197 77.14 -21.55 13.91
C LEU V 197 76.20 -22.28 12.93
N GLN V 198 74.99 -21.76 12.83
CA GLN V 198 73.94 -22.15 11.87
C GLN V 198 74.04 -21.20 10.67
N VAL V 199 74.23 -21.75 9.48
CA VAL V 199 74.55 -20.93 8.27
C VAL V 199 73.60 -21.37 7.15
N GLY V 200 72.91 -20.44 6.47
CA GLY V 200 71.93 -20.69 5.42
C GLY V 200 70.49 -20.58 5.94
N ILE V 201 70.30 -20.16 7.19
CA ILE V 201 68.98 -20.15 7.89
C ILE V 201 68.06 -19.16 7.16
N ARG V 202 66.85 -19.64 6.80
CA ARG V 202 65.80 -18.83 6.18
C ARG V 202 64.39 -19.37 6.50
N SER V 203 64.29 -20.40 7.34
CA SER V 203 63.01 -20.91 7.94
C SER V 203 63.23 -21.01 9.46
N ILE V 204 62.76 -20.00 10.19
CA ILE V 204 62.90 -19.91 11.68
C ILE V 204 61.74 -19.07 12.24
N ASN V 205 61.17 -19.49 13.38
CA ASN V 205 59.99 -18.78 13.96
C ASN V 205 60.35 -18.27 15.34
N GLN V 206 59.36 -17.68 16.01
CA GLN V 206 59.55 -17.09 17.37
C GLN V 206 60.24 -18.12 18.27
N GLU V 207 59.87 -19.40 18.21
CA GLU V 207 60.52 -20.46 19.04
C GLU V 207 61.95 -20.76 18.55
N GLY V 208 62.24 -20.70 17.25
CA GLY V 208 63.60 -21.07 16.80
C GLY V 208 64.62 -20.11 17.39
N ARG V 209 64.19 -18.85 17.47
CA ARG V 209 65.02 -17.67 17.79
C ARG V 209 65.27 -17.62 19.31
N GLU V 210 64.20 -17.80 20.11
CA GLU V 210 64.26 -17.88 21.61
C GLU V 210 65.23 -18.99 22.00
N GLN V 211 65.12 -20.21 21.44
CA GLN V 211 66.06 -21.33 21.73
C GLN V 211 67.47 -20.99 21.20
N GLY V 212 67.56 -20.15 20.17
CA GLY V 212 68.84 -19.58 19.70
C GLY V 212 69.53 -18.81 20.81
N LYS V 213 68.78 -17.83 21.33
CA LYS V 213 69.24 -16.93 22.41
C LYS V 213 69.57 -17.83 23.61
N ARG V 214 68.61 -18.68 24.02
CA ARG V 214 68.71 -19.59 25.21
C ARG V 214 70.04 -20.39 25.18
N PHE V 215 70.40 -21.01 24.06
CA PHE V 215 71.60 -21.89 23.94
C PHE V 215 72.85 -21.15 23.44
N GLY V 216 72.75 -19.85 23.24
CA GLY V 216 73.84 -18.94 22.81
C GLY V 216 74.34 -19.38 21.44
N VAL V 217 73.38 -19.54 20.53
CA VAL V 217 73.55 -19.93 19.11
C VAL V 217 73.95 -18.70 18.25
N GLU V 218 74.93 -18.86 17.36
CA GLU V 218 75.32 -17.88 16.30
C GLU V 218 74.56 -18.21 15.00
N GLN V 219 73.32 -17.72 14.94
CA GLN V 219 72.39 -17.97 13.82
C GLN V 219 72.60 -16.92 12.73
N TYR V 220 73.23 -17.33 11.61
CA TYR V 220 73.44 -16.53 10.37
C TYR V 220 72.27 -16.64 9.37
N GLU V 221 71.26 -15.78 9.50
CA GLU V 221 70.07 -15.77 8.59
C GLU V 221 70.49 -15.31 7.18
N MET V 222 69.92 -15.90 6.11
CA MET V 222 70.33 -15.63 4.70
C MET V 222 70.07 -14.16 4.28
N ARG V 223 69.06 -13.55 4.91
CA ARG V 223 68.64 -12.15 4.71
C ARG V 223 69.80 -11.16 4.96
N THR V 224 70.85 -11.58 5.67
CA THR V 224 72.05 -10.74 5.91
C THR V 224 73.30 -11.43 5.36
N PHE V 225 73.18 -12.25 4.31
CA PHE V 225 74.31 -13.05 3.75
C PHE V 225 75.32 -12.18 2.98
N SER V 226 74.86 -11.15 2.29
CA SER V 226 75.72 -10.28 1.43
C SER V 226 76.69 -9.49 2.32
N LYS V 227 76.33 -9.18 3.57
CA LYS V 227 77.23 -8.58 4.57
C LYS V 227 77.96 -9.63 5.41
N ASP V 228 77.44 -10.86 5.55
CA ASP V 228 78.09 -11.88 6.41
C ASP V 228 79.02 -12.80 5.60
N ARG V 229 79.18 -12.58 4.30
CA ARG V 229 79.91 -13.52 3.39
C ARG V 229 81.42 -13.48 3.64
N PRO V 230 82.01 -12.31 3.95
CA PRO V 230 83.45 -12.21 4.23
C PRO V 230 83.87 -13.00 5.47
N MET V 231 83.06 -12.90 6.52
CA MET V 231 83.23 -13.64 7.79
C MET V 231 82.99 -15.15 7.58
N LEU V 232 81.99 -15.53 6.75
CA LEU V 232 81.65 -16.96 6.46
C LEU V 232 82.66 -17.57 5.47
N GLU V 233 83.24 -16.80 4.54
CA GLU V 233 84.31 -17.29 3.63
C GLU V 233 85.68 -17.28 4.33
N ASN V 234 85.74 -16.97 5.64
CA ASN V 234 86.99 -17.03 6.44
C ASN V 234 86.67 -17.36 7.91
N LEU V 235 85.95 -18.47 8.14
CA LEU V 235 85.64 -18.97 9.53
C LEU V 235 86.87 -19.65 10.20
N LYS V 236 86.97 -19.53 11.55
CA LYS V 236 87.96 -20.21 12.45
C LYS V 236 87.20 -20.80 13.68
N LEU V 237 87.27 -22.13 13.87
CA LEU V 237 86.49 -22.87 14.92
C LEU V 237 87.34 -23.86 15.75
N GLY V 238 86.85 -24.22 16.94
CA GLY V 238 87.35 -25.36 17.73
C GLY V 238 88.46 -25.01 18.74
N GLU V 239 89.13 -23.86 18.63
CA GLU V 239 90.19 -23.55 19.63
C GLU V 239 89.49 -23.41 21.00
N GLY V 240 90.14 -23.91 22.06
CA GLY V 240 89.61 -24.05 23.44
C GLY V 240 88.89 -25.38 23.70
N VAL V 241 88.35 -26.00 22.63
CA VAL V 241 87.50 -27.23 22.66
C VAL V 241 88.10 -28.43 21.91
N LYS V 242 87.42 -29.59 21.98
CA LYS V 242 87.84 -30.93 21.48
C LYS V 242 87.96 -30.94 19.97
N GLY V 243 87.15 -30.15 19.25
CA GLY V 243 87.18 -30.15 17.78
C GLY V 243 86.04 -29.42 17.14
N VAL V 244 85.78 -29.75 15.88
CA VAL V 244 84.77 -29.05 15.02
C VAL V 244 83.95 -30.09 14.22
N TYR V 245 82.65 -30.10 14.48
CA TYR V 245 81.67 -30.97 13.80
C TYR V 245 80.96 -30.18 12.69
N ILE V 246 80.96 -30.70 11.45
CA ILE V 246 80.30 -30.06 10.27
C ILE V 246 79.02 -30.85 9.90
N SER V 247 77.81 -30.42 10.28
CA SER V 247 76.53 -31.01 9.81
C SER V 247 75.99 -30.14 8.69
N ILE V 248 75.79 -30.79 7.55
CA ILE V 248 75.27 -30.21 6.29
C ILE V 248 73.92 -30.85 5.94
N ASP V 249 72.86 -30.09 6.12
CA ASP V 249 71.52 -30.49 5.66
C ASP V 249 71.54 -29.95 4.25
N VAL V 250 71.16 -30.75 3.27
CA VAL V 250 71.22 -30.44 1.80
C VAL V 250 70.39 -29.21 1.43
N ASP V 251 69.34 -28.89 2.20
CA ASP V 251 68.45 -27.72 2.09
C ASP V 251 69.14 -26.39 2.47
N CYS V 252 70.40 -26.41 2.94
CA CYS V 252 71.20 -25.19 3.14
C CYS V 252 71.34 -24.54 1.75
N LEU V 253 71.62 -25.35 0.74
CA LEU V 253 71.67 -24.93 -0.69
C LEU V 253 70.27 -24.54 -1.16
N ASP V 254 70.22 -23.59 -2.08
CA ASP V 254 69.01 -23.20 -2.84
C ASP V 254 68.49 -24.45 -3.55
N PRO V 255 67.19 -24.74 -3.47
CA PRO V 255 66.63 -25.89 -4.17
C PRO V 255 66.84 -25.93 -5.69
N ALA V 256 67.19 -24.82 -6.33
CA ALA V 256 67.75 -24.80 -7.71
C ALA V 256 68.95 -25.75 -7.81
N PHE V 257 69.80 -25.81 -6.80
CA PHE V 257 71.01 -26.68 -6.74
C PHE V 257 70.66 -28.05 -6.14
N ALA V 258 69.78 -28.08 -5.13
CA ALA V 258 69.49 -29.35 -4.43
C ALA V 258 67.98 -29.58 -4.32
N PRO V 259 67.31 -29.98 -5.43
CA PRO V 259 65.88 -30.27 -5.41
C PRO V 259 65.48 -31.46 -4.53
N GLY V 260 66.37 -32.44 -4.44
CA GLY V 260 66.17 -33.70 -3.70
C GLY V 260 66.21 -33.54 -2.21
N VAL V 261 65.20 -32.87 -1.65
CA VAL V 261 65.09 -32.59 -0.20
C VAL V 261 63.63 -32.67 0.17
N SER V 262 63.37 -32.80 1.47
CA SER V 262 61.99 -32.85 1.99
C SER V 262 61.47 -31.40 2.18
N HIS V 263 62.31 -30.40 2.34
CA HIS V 263 61.88 -29.00 2.65
C HIS V 263 62.44 -28.04 1.61
N ILE V 264 61.69 -27.81 0.54
CA ILE V 264 62.02 -26.81 -0.51
C ILE V 264 61.94 -25.43 0.17
N GLU V 265 63.03 -24.72 0.26
CA GLU V 265 63.07 -23.37 0.92
C GLU V 265 63.86 -22.43 0.03
N PRO V 266 63.20 -21.67 -0.88
CA PRO V 266 63.89 -20.75 -1.76
C PRO V 266 64.75 -19.73 -1.01
N GLY V 267 65.88 -19.38 -1.63
CA GLY V 267 66.71 -18.27 -1.15
C GLY V 267 67.92 -18.78 -0.40
N GLY V 268 68.40 -19.94 -0.82
CA GLY V 268 69.55 -20.58 -0.19
C GLY V 268 70.88 -20.24 -0.84
N LEU V 269 71.92 -20.95 -0.37
CA LEU V 269 73.33 -20.87 -0.86
C LEU V 269 73.44 -21.58 -2.20
N SER V 270 74.36 -21.10 -3.03
CA SER V 270 74.80 -21.87 -4.22
C SER V 270 75.69 -22.98 -3.69
N PHE V 271 76.00 -23.94 -4.57
CA PHE V 271 77.00 -25.00 -4.31
C PHE V 271 78.34 -24.31 -4.08
N ARG V 272 78.71 -23.39 -4.96
CA ARG V 272 80.04 -22.71 -4.86
C ARG V 272 80.17 -22.01 -3.47
N ASP V 273 79.13 -21.27 -3.06
CA ASP V 273 79.00 -20.58 -1.74
C ASP V 273 79.25 -21.60 -0.61
N VAL V 274 78.79 -22.85 -0.74
CA VAL V 274 79.08 -23.88 0.32
C VAL V 274 80.57 -24.30 0.26
N LEU V 275 81.13 -24.54 -0.94
CA LEU V 275 82.56 -24.93 -1.04
C LEU V 275 83.43 -23.80 -0.54
N ASN V 276 83.04 -22.55 -0.78
CA ASN V 276 83.90 -21.42 -0.32
C ASN V 276 84.02 -21.54 1.21
N ILE V 277 82.89 -21.57 1.90
CA ILE V 277 82.79 -21.76 3.37
C ILE V 277 83.60 -22.99 3.79
N LEU V 278 83.50 -24.13 3.08
CA LEU V 278 84.23 -25.40 3.44
C LEU V 278 85.74 -25.27 3.14
N HIS V 279 86.17 -24.89 1.94
CA HIS V 279 87.62 -24.85 1.63
C HIS V 279 88.38 -23.86 2.55
N ASN V 280 87.70 -22.89 3.16
CA ASN V 280 88.37 -21.79 3.93
C ASN V 280 88.20 -21.93 5.44
N LEU V 281 87.32 -22.81 5.91
CA LEU V 281 87.12 -23.02 7.36
C LEU V 281 88.44 -23.50 7.96
N GLN V 282 88.90 -22.86 9.04
CA GLN V 282 90.09 -23.23 9.87
C GLN V 282 89.59 -24.07 11.06
N ALA V 283 89.78 -25.38 10.97
CA ALA V 283 89.09 -26.35 11.84
C ALA V 283 89.86 -27.67 11.88
N ASP V 284 89.96 -28.20 13.09
CA ASP V 284 90.34 -29.60 13.38
C ASP V 284 89.01 -30.35 13.36
N VAL V 285 88.62 -30.86 12.18
CA VAL V 285 87.34 -31.58 11.97
C VAL V 285 87.51 -33.06 12.34
N VAL V 286 86.73 -33.47 13.35
CA VAL V 286 86.73 -34.79 14.06
C VAL V 286 85.50 -35.59 13.62
N GLY V 287 84.62 -34.95 12.86
CA GLY V 287 83.35 -35.57 12.44
C GLY V 287 82.49 -34.60 11.69
N ALA V 288 81.48 -35.16 11.03
CA ALA V 288 80.67 -34.43 10.05
C ALA V 288 79.55 -35.36 9.62
N ASP V 289 78.52 -34.80 9.00
CA ASP V 289 77.39 -35.55 8.49
C ASP V 289 76.90 -34.78 7.28
N VAL V 290 76.15 -35.45 6.41
CA VAL V 290 75.48 -34.95 5.17
C VAL V 290 74.11 -35.59 5.25
N VAL V 291 73.10 -34.82 5.64
CA VAL V 291 71.74 -35.37 5.91
C VAL V 291 70.66 -34.71 5.05
N GLU V 292 69.49 -35.36 5.02
CA GLU V 292 68.20 -34.84 4.45
C GLU V 292 68.24 -34.76 2.90
N PHE V 293 69.18 -35.46 2.26
CA PHE V 293 69.11 -35.72 0.81
C PHE V 293 68.01 -36.77 0.68
N ASN V 294 67.00 -36.51 -0.15
CA ASN V 294 65.78 -37.34 -0.33
C ASN V 294 65.74 -37.76 -1.78
N PRO V 295 66.22 -38.97 -2.13
CA PRO V 295 66.24 -39.42 -3.52
C PRO V 295 64.87 -39.45 -4.21
N GLN V 296 63.80 -39.57 -3.43
CA GLN V 296 62.42 -39.62 -3.97
C GLN V 296 62.00 -38.21 -4.40
N ARG V 297 62.77 -37.19 -4.03
CA ARG V 297 62.47 -35.79 -4.43
C ARG V 297 63.49 -35.31 -5.46
N ASP V 298 64.48 -36.12 -5.79
CA ASP V 298 65.53 -35.77 -6.77
C ASP V 298 65.07 -35.90 -8.22
N THR V 299 65.84 -35.33 -9.15
CA THR V 299 65.58 -35.32 -10.60
C THR V 299 65.71 -36.76 -11.10
N VAL V 300 65.18 -37.08 -12.29
CA VAL V 300 65.24 -38.46 -12.88
C VAL V 300 66.70 -38.89 -13.07
N ASP V 301 67.61 -37.93 -13.25
CA ASP V 301 69.06 -38.18 -13.48
C ASP V 301 69.89 -38.09 -12.19
N GLY V 302 69.26 -37.79 -11.04
CA GLY V 302 69.90 -37.82 -9.72
C GLY V 302 70.87 -36.65 -9.48
N MET V 303 70.50 -35.44 -9.86
CA MET V 303 71.43 -34.30 -9.69
C MET V 303 71.76 -34.15 -8.20
N THR V 304 70.75 -34.11 -7.30
CA THR V 304 70.96 -33.92 -5.83
C THR V 304 71.84 -35.02 -5.27
N ALA V 305 71.80 -36.22 -5.87
CA ALA V 305 72.74 -37.31 -5.55
C ALA V 305 74.18 -36.90 -5.87
N MET V 306 74.45 -36.19 -6.98
CA MET V 306 75.85 -35.72 -7.27
C MET V 306 76.21 -34.62 -6.27
N VAL V 307 75.29 -33.71 -5.99
CA VAL V 307 75.50 -32.63 -4.99
C VAL V 307 75.86 -33.23 -3.61
N ALA V 308 75.11 -34.22 -3.15
CA ALA V 308 75.38 -34.88 -1.85
C ALA V 308 76.75 -35.55 -1.91
N ALA V 309 77.03 -36.28 -2.99
CA ALA V 309 78.31 -36.96 -3.24
C ALA V 309 79.43 -35.93 -3.12
N LYS V 310 79.34 -34.84 -3.85
CA LYS V 310 80.52 -33.95 -3.95
C LYS V 310 80.82 -33.31 -2.57
N LEU V 311 79.76 -33.03 -1.81
CA LEU V 311 79.82 -32.53 -0.41
C LEU V 311 80.54 -33.58 0.43
N VAL V 312 80.15 -34.84 0.33
CA VAL V 312 80.89 -35.98 0.97
C VAL V 312 82.36 -35.95 0.54
N ARG V 313 82.64 -35.89 -0.79
CA ARG V 313 84.03 -35.91 -1.33
C ARG V 313 84.81 -34.72 -0.78
N GLU V 314 84.25 -33.52 -0.83
CA GLU V 314 85.00 -32.34 -0.32
C GLU V 314 85.18 -32.43 1.20
N LEU V 315 84.13 -32.76 1.95
CA LEU V 315 84.19 -32.97 3.41
C LEU V 315 85.27 -34.01 3.70
N ALA V 316 85.45 -34.99 2.80
CA ALA V 316 86.46 -36.06 2.97
C ALA V 316 87.87 -35.48 2.88
N ALA V 317 88.18 -34.69 1.85
CA ALA V 317 89.54 -34.09 1.65
C ALA V 317 89.91 -33.24 2.88
N LYS V 318 88.95 -32.47 3.41
CA LYS V 318 89.14 -31.56 4.55
C LYS V 318 89.34 -32.34 5.87
N ILE V 319 88.63 -33.46 6.06
CA ILE V 319 88.69 -34.28 7.30
C ILE V 319 89.98 -35.12 7.20
N SER V 320 90.30 -35.64 6.00
CA SER V 320 91.54 -36.42 5.78
C SER V 320 92.78 -35.50 5.85
N LYS V 321 93.80 -36.00 6.52
CA LYS V 321 95.12 -35.35 6.63
C LYS V 321 96.13 -36.42 7.04
N ALA W 5 84.52 -53.40 -52.99
CA ALA W 5 85.86 -52.87 -52.52
C ALA W 5 86.06 -51.45 -53.08
N SER W 6 86.20 -51.37 -54.41
CA SER W 6 86.21 -50.14 -55.24
C SER W 6 84.88 -49.37 -55.14
N SER W 7 83.75 -50.07 -55.16
CA SER W 7 82.39 -49.46 -55.16
C SER W 7 82.14 -48.75 -53.82
N ILE W 8 82.76 -49.20 -52.72
CA ILE W 8 82.61 -48.60 -51.35
C ILE W 8 83.39 -47.28 -51.31
N GLU W 9 84.64 -47.29 -51.78
CA GLU W 9 85.57 -46.13 -51.75
C GLU W 9 84.97 -45.03 -52.65
N LYS W 10 84.35 -45.40 -53.78
CA LYS W 10 83.69 -44.45 -54.72
C LYS W 10 82.38 -43.92 -54.12
N GLY W 11 81.58 -44.80 -53.53
CA GLY W 11 80.36 -44.41 -52.78
C GLY W 11 80.74 -43.49 -51.64
N GLN W 12 81.83 -43.82 -50.92
CA GLN W 12 82.32 -43.04 -49.76
C GLN W 12 82.56 -41.60 -50.24
N ASN W 13 83.24 -41.43 -51.37
CA ASN W 13 83.53 -40.09 -51.94
C ASN W 13 82.22 -39.39 -52.35
N ARG W 14 81.27 -40.05 -53.02
CA ARG W 14 80.02 -39.39 -53.55
C ARG W 14 79.14 -38.91 -52.37
N VAL W 15 79.08 -39.71 -51.29
CA VAL W 15 78.35 -39.37 -50.04
C VAL W 15 79.01 -38.13 -49.43
N ILE W 16 80.36 -38.11 -49.37
CA ILE W 16 81.15 -36.97 -48.84
C ILE W 16 80.98 -35.75 -49.77
N ASP W 17 81.02 -35.94 -51.08
CA ASP W 17 80.90 -34.82 -52.06
C ASP W 17 79.50 -34.18 -51.94
N ALA W 18 78.45 -34.96 -51.67
CA ALA W 18 77.07 -34.45 -51.52
C ALA W 18 76.99 -33.75 -50.16
N SER W 19 77.68 -34.31 -49.18
CA SER W 19 77.73 -33.78 -47.78
C SER W 19 78.37 -32.39 -47.81
N LEU W 20 79.52 -32.26 -48.47
CA LEU W 20 80.21 -30.98 -48.69
C LEU W 20 79.35 -30.07 -49.57
N THR W 21 78.52 -30.60 -50.48
CA THR W 21 77.74 -29.78 -51.46
C THR W 21 76.59 -29.05 -50.73
N LEU W 22 75.93 -29.76 -49.81
CA LEU W 22 74.78 -29.28 -49.05
C LEU W 22 75.21 -28.03 -48.26
N ILE W 23 76.42 -28.07 -47.69
CA ILE W 23 76.97 -26.91 -46.93
C ILE W 23 77.36 -25.80 -47.92
N ARG W 24 78.18 -26.12 -48.93
CA ARG W 24 78.59 -25.18 -50.01
C ARG W 24 77.37 -24.36 -50.47
N GLU W 25 76.29 -25.03 -50.92
CA GLU W 25 75.14 -24.42 -51.64
C GLU W 25 74.31 -23.49 -50.73
N ARG W 26 74.04 -23.93 -49.52
CA ARG W 26 73.33 -23.11 -48.50
C ARG W 26 74.22 -21.93 -48.14
N ALA W 27 75.49 -22.21 -47.88
CA ALA W 27 76.47 -21.16 -47.48
C ALA W 27 76.51 -20.09 -48.56
N LYS W 28 76.36 -20.48 -49.83
CA LYS W 28 76.37 -19.50 -50.94
C LYS W 28 75.12 -18.63 -50.83
N LEU W 29 73.95 -19.24 -50.58
CA LEU W 29 72.63 -18.53 -50.54
C LEU W 29 72.57 -17.50 -49.41
N LYS W 30 72.99 -17.92 -48.21
CA LYS W 30 73.06 -17.07 -47.00
C LYS W 30 74.08 -15.93 -47.21
N GLY W 31 75.24 -16.24 -47.79
CA GLY W 31 76.24 -15.25 -48.25
C GLY W 31 75.63 -14.17 -49.12
N GLU W 32 74.83 -14.58 -50.11
CA GLU W 32 74.10 -13.71 -51.07
C GLU W 32 73.11 -12.77 -50.36
N LEU W 33 72.39 -13.29 -49.36
CA LEU W 33 71.34 -12.54 -48.61
C LEU W 33 72.02 -11.40 -47.84
N VAL W 34 73.17 -11.71 -47.21
CA VAL W 34 74.00 -10.77 -46.40
C VAL W 34 74.51 -9.65 -47.32
N ARG W 35 75.27 -9.98 -48.35
CA ARG W 35 75.86 -9.00 -49.30
C ARG W 35 74.74 -8.14 -49.94
N LEU W 36 73.61 -8.73 -50.30
CA LEU W 36 72.44 -8.04 -50.89
C LEU W 36 71.83 -7.07 -49.86
N LEU W 37 72.38 -6.98 -48.65
CA LEU W 37 72.06 -5.87 -47.71
C LEU W 37 73.33 -5.07 -47.34
N GLY W 38 74.52 -5.46 -47.84
CA GLY W 38 75.85 -4.84 -47.56
C GLY W 38 76.22 -4.90 -46.08
N GLY W 39 76.70 -3.76 -45.53
CA GLY W 39 76.71 -3.41 -44.09
C GLY W 39 77.66 -4.23 -43.21
N ALA W 40 77.76 -5.57 -43.39
CA ALA W 40 78.45 -6.49 -42.45
C ALA W 40 79.92 -6.71 -42.83
N LYS W 41 80.79 -6.59 -41.82
CA LYS W 41 82.23 -6.97 -41.82
C LYS W 41 82.34 -8.43 -41.36
N ALA W 42 81.38 -8.89 -40.55
CA ALA W 42 81.32 -10.27 -40.04
C ALA W 42 79.85 -10.68 -39.81
N SER W 43 79.50 -11.89 -40.25
CA SER W 43 78.15 -12.49 -40.14
C SER W 43 78.27 -13.90 -39.60
N THR W 44 77.77 -14.11 -38.38
CA THR W 44 77.79 -15.44 -37.72
C THR W 44 76.94 -16.38 -38.57
N SER W 45 77.41 -17.59 -38.83
CA SER W 45 76.62 -18.64 -39.52
C SER W 45 76.75 -19.96 -38.74
N LEU W 46 75.60 -20.50 -38.38
CA LEU W 46 75.53 -21.78 -37.63
C LEU W 46 75.96 -22.90 -38.56
N LEU W 47 76.82 -23.78 -38.07
CA LEU W 47 77.14 -25.10 -38.65
C LEU W 47 76.92 -26.19 -37.60
N GLY W 48 76.04 -27.15 -37.88
CA GLY W 48 75.77 -28.23 -36.94
C GLY W 48 76.73 -29.38 -37.15
N VAL W 49 77.35 -29.88 -36.08
CA VAL W 49 78.20 -31.11 -36.17
C VAL W 49 77.58 -32.18 -35.28
N PRO W 50 76.58 -32.95 -35.78
CA PRO W 50 75.83 -33.91 -34.94
C PRO W 50 76.57 -35.22 -34.62
N LEU W 51 77.52 -35.12 -33.68
CA LEU W 51 78.58 -36.12 -33.36
C LEU W 51 78.67 -36.33 -31.85
N GLY W 52 78.50 -37.58 -31.39
CA GLY W 52 78.46 -37.96 -29.97
C GLY W 52 79.30 -39.20 -29.65
N HIS W 53 79.91 -39.85 -30.62
CA HIS W 53 80.52 -41.19 -30.40
C HIS W 53 81.88 -41.13 -29.69
N ASN W 54 82.45 -39.93 -29.55
CA ASN W 54 83.74 -39.68 -28.84
C ASN W 54 83.44 -39.41 -27.36
N SER W 55 82.17 -39.43 -26.96
CA SER W 55 81.78 -39.21 -25.55
C SER W 55 82.21 -40.43 -24.74
N SER W 56 82.50 -40.18 -23.47
CA SER W 56 83.06 -41.21 -22.57
C SER W 56 81.92 -41.78 -21.70
N PHE W 57 80.77 -41.12 -21.64
CA PHE W 57 79.68 -41.54 -20.71
C PHE W 57 78.35 -41.69 -21.46
N LEU W 58 77.90 -40.62 -22.16
CA LEU W 58 76.66 -40.58 -22.99
C LEU W 58 76.91 -39.89 -24.35
N GLN W 59 76.36 -40.44 -25.44
CA GLN W 59 76.50 -39.92 -26.82
C GLN W 59 75.35 -39.01 -27.26
N GLY W 60 74.41 -38.66 -26.36
CA GLY W 60 73.24 -37.78 -26.60
C GLY W 60 73.51 -36.44 -27.27
N PRO W 61 74.69 -35.76 -27.09
CA PRO W 61 74.98 -34.53 -27.83
C PRO W 61 74.94 -34.64 -29.35
N ALA W 62 74.93 -35.84 -29.89
CA ALA W 62 74.67 -36.07 -31.32
C ALA W 62 73.28 -35.52 -31.73
N PHE W 63 72.32 -35.42 -30.81
CA PHE W 63 70.92 -34.96 -31.05
C PHE W 63 70.79 -33.44 -30.84
N ALA W 64 71.82 -32.76 -30.37
CA ALA W 64 71.71 -31.38 -29.85
C ALA W 64 71.43 -30.34 -30.94
N PRO W 65 72.11 -30.36 -32.10
CA PRO W 65 71.99 -29.23 -33.03
C PRO W 65 70.54 -28.91 -33.42
N PRO W 66 69.67 -29.86 -33.85
CA PRO W 66 68.28 -29.55 -34.22
C PRO W 66 67.46 -28.94 -33.06
N ARG W 67 67.68 -29.39 -31.83
CA ARG W 67 66.95 -28.87 -30.64
C ARG W 67 67.42 -27.43 -30.35
N ILE W 68 68.70 -27.13 -30.53
CA ILE W 68 69.22 -25.75 -30.29
C ILE W 68 68.49 -24.79 -31.23
N ARG W 69 68.39 -25.13 -32.52
CA ARG W 69 67.66 -24.31 -33.54
C ARG W 69 66.18 -24.09 -33.13
N GLU W 70 65.47 -25.13 -32.71
CA GLU W 70 64.05 -25.03 -32.27
C GLU W 70 63.97 -23.94 -31.19
N ALA W 71 64.84 -23.98 -30.19
CA ALA W 71 64.90 -23.06 -29.04
C ALA W 71 65.26 -21.66 -29.52
N ILE W 72 66.11 -21.53 -30.53
CA ILE W 72 66.49 -20.18 -30.99
C ILE W 72 65.23 -19.46 -31.45
N TRP W 73 64.36 -20.16 -32.17
CA TRP W 73 63.14 -19.57 -32.79
C TRP W 73 61.90 -19.94 -31.96
N CYS W 74 62.03 -20.35 -30.71
CA CYS W 74 60.84 -20.63 -29.88
C CYS W 74 59.90 -19.40 -29.84
N GLY W 75 58.59 -19.61 -30.07
CA GLY W 75 57.52 -18.59 -29.96
C GLY W 75 57.50 -17.87 -28.61
N SER W 76 58.08 -18.47 -27.55
CA SER W 76 58.20 -17.89 -26.19
C SER W 76 59.18 -16.72 -26.23
N THR W 77 60.06 -16.65 -27.22
CA THR W 77 61.20 -15.71 -27.23
C THR W 77 60.94 -14.57 -28.21
N ASN W 78 61.77 -13.55 -28.15
CA ASN W 78 61.80 -12.56 -29.25
C ASN W 78 63.18 -12.63 -29.93
N SER W 79 63.26 -12.03 -31.10
CA SER W 79 64.36 -12.25 -32.07
C SER W 79 65.53 -11.31 -31.76
N ALA W 80 65.52 -10.55 -30.64
CA ALA W 80 66.59 -9.59 -30.29
C ALA W 80 67.51 -10.18 -29.23
N THR W 81 68.82 -9.96 -29.38
CA THR W 81 69.84 -10.38 -28.37
C THR W 81 69.84 -9.32 -27.26
N GLU W 82 70.44 -9.61 -26.11
CA GLU W 82 70.38 -8.71 -24.90
C GLU W 82 70.85 -7.30 -25.26
N GLU W 83 71.89 -7.19 -26.11
CA GLU W 83 72.50 -5.91 -26.59
C GLU W 83 71.59 -5.27 -27.65
N GLY W 84 70.61 -6.02 -28.18
CA GLY W 84 69.53 -5.49 -29.03
C GLY W 84 69.78 -5.64 -30.52
N LYS W 85 70.56 -6.66 -30.93
CA LYS W 85 70.76 -7.04 -32.35
C LYS W 85 69.61 -7.96 -32.79
N GLU W 86 69.29 -7.93 -34.07
CA GLU W 86 68.07 -8.55 -34.63
C GLU W 86 68.44 -9.86 -35.30
N LEU W 87 67.92 -10.99 -34.80
CA LEU W 87 68.33 -12.33 -35.25
C LEU W 87 67.70 -12.70 -36.60
N LYS W 88 66.65 -12.02 -37.02
CA LYS W 88 66.00 -12.25 -38.34
C LYS W 88 66.83 -11.58 -39.45
N ASP W 89 67.82 -10.76 -39.08
CA ASP W 89 68.76 -10.11 -40.05
C ASP W 89 69.83 -11.14 -40.43
N PRO W 90 69.88 -11.60 -41.70
CA PRO W 90 70.96 -12.49 -42.13
C PRO W 90 72.39 -12.00 -41.84
N ARG W 91 72.60 -10.66 -41.83
CA ARG W 91 73.88 -9.97 -41.43
C ARG W 91 74.23 -10.27 -39.97
N VAL W 92 73.23 -10.56 -39.13
CA VAL W 92 73.41 -10.95 -37.70
C VAL W 92 73.58 -12.47 -37.59
N LEU W 93 72.80 -13.24 -38.35
CA LEU W 93 72.71 -14.73 -38.19
C LEU W 93 72.11 -15.34 -39.44
N THR W 94 72.79 -16.35 -39.95
CA THR W 94 72.30 -17.31 -40.98
C THR W 94 72.60 -18.72 -40.46
N ASP W 95 72.10 -19.74 -41.12
CA ASP W 95 72.29 -21.13 -40.65
C ASP W 95 72.51 -21.98 -41.91
N VAL W 96 73.66 -22.67 -42.01
CA VAL W 96 73.98 -23.61 -43.13
C VAL W 96 73.61 -25.06 -42.77
N GLY W 97 73.02 -25.31 -41.61
CA GLY W 97 72.52 -26.65 -41.25
C GLY W 97 73.62 -27.56 -40.74
N ASP W 98 73.43 -28.87 -40.91
CA ASP W 98 74.13 -29.94 -40.16
C ASP W 98 75.03 -30.73 -41.14
N VAL W 99 76.23 -31.02 -40.66
CA VAL W 99 77.12 -32.01 -41.33
C VAL W 99 76.46 -33.37 -41.19
N PRO W 100 76.26 -34.11 -42.31
CA PRO W 100 75.68 -35.46 -42.27
C PRO W 100 76.63 -36.46 -41.61
N VAL W 101 76.82 -36.31 -40.30
CA VAL W 101 77.86 -37.06 -39.53
C VAL W 101 77.50 -38.55 -39.46
N GLN W 102 76.24 -38.89 -39.22
CA GLN W 102 75.82 -40.31 -39.13
C GLN W 102 75.88 -40.97 -40.51
N GLU W 103 75.71 -40.22 -41.60
CA GLU W 103 75.76 -40.70 -43.02
C GLU W 103 77.19 -41.10 -43.35
N ILE W 104 78.13 -40.21 -42.99
CA ILE W 104 79.57 -40.41 -43.30
C ILE W 104 80.06 -41.59 -42.45
N ARG W 105 79.60 -41.70 -41.20
CA ARG W 105 79.94 -42.85 -40.33
C ARG W 105 79.39 -44.11 -40.97
N ASP W 106 78.19 -44.05 -41.52
CA ASP W 106 77.46 -45.27 -41.95
C ASP W 106 78.19 -45.95 -43.12
N CYS W 107 78.70 -45.19 -44.09
CA CYS W 107 79.41 -45.71 -45.30
C CYS W 107 80.81 -46.27 -44.96
N GLY W 108 81.24 -46.21 -43.68
CA GLY W 108 82.36 -46.99 -43.14
C GLY W 108 83.68 -46.22 -43.14
N VAL W 109 83.59 -44.89 -43.04
CA VAL W 109 84.75 -43.95 -43.07
C VAL W 109 85.33 -43.86 -41.67
N ASP W 110 86.66 -43.77 -41.55
CA ASP W 110 87.32 -43.71 -40.23
C ASP W 110 87.25 -42.27 -39.67
N ASP W 111 87.66 -42.13 -38.42
CA ASP W 111 87.47 -40.90 -37.61
C ASP W 111 88.40 -39.80 -38.12
N ASP W 112 89.61 -40.13 -38.56
CA ASP W 112 90.55 -39.17 -39.21
C ASP W 112 89.81 -38.43 -40.34
N ARG W 113 89.21 -39.13 -41.30
CA ARG W 113 88.62 -38.50 -42.50
C ARG W 113 87.34 -37.74 -42.14
N LEU W 114 86.49 -38.33 -41.30
CA LEU W 114 85.26 -37.67 -40.77
C LEU W 114 85.64 -36.30 -40.20
N MET W 115 86.70 -36.28 -39.39
CA MET W 115 87.15 -35.03 -38.73
C MET W 115 87.68 -34.08 -39.81
N ASN W 116 88.20 -34.62 -40.92
CA ASN W 116 88.70 -33.82 -42.06
C ASN W 116 87.53 -33.05 -42.66
N VAL W 117 86.42 -33.76 -42.94
CA VAL W 117 85.18 -33.20 -43.56
C VAL W 117 84.60 -32.06 -42.70
N ILE W 118 84.56 -32.25 -41.40
CA ILE W 118 84.08 -31.21 -40.45
C ILE W 118 84.99 -29.98 -40.65
N SER W 119 86.32 -30.15 -40.65
CA SER W 119 87.31 -29.07 -40.93
C SER W 119 87.03 -28.42 -42.32
N GLU W 120 86.74 -29.20 -43.37
CA GLU W 120 86.42 -28.73 -44.74
C GLU W 120 85.09 -27.93 -44.74
N SER W 121 84.08 -28.49 -44.09
CA SER W 121 82.72 -27.88 -43.91
C SER W 121 82.86 -26.50 -43.25
N VAL W 122 83.68 -26.38 -42.20
CA VAL W 122 83.95 -25.10 -41.49
C VAL W 122 84.66 -24.14 -42.46
N LYS W 123 85.49 -24.68 -43.34
CA LYS W 123 86.22 -23.90 -44.39
C LYS W 123 85.20 -23.39 -45.42
N LEU W 124 84.21 -24.21 -45.79
CA LEU W 124 83.21 -23.82 -46.80
C LEU W 124 82.48 -22.53 -46.35
N VAL W 125 82.13 -22.43 -45.08
CA VAL W 125 81.42 -21.26 -44.48
C VAL W 125 82.34 -20.03 -44.51
N MET W 126 83.62 -20.17 -44.12
CA MET W 126 84.59 -19.04 -44.07
C MET W 126 84.84 -18.48 -45.48
N GLU W 127 84.78 -19.30 -46.55
CA GLU W 127 84.95 -18.88 -47.99
C GLU W 127 83.81 -17.93 -48.38
N GLU W 128 82.67 -18.05 -47.71
CA GLU W 128 81.50 -17.14 -47.90
C GLU W 128 81.68 -15.93 -46.99
N GLU W 129 82.31 -14.90 -47.52
CA GLU W 129 82.47 -13.55 -46.94
C GLU W 129 81.10 -12.89 -46.76
N PRO W 130 80.82 -12.24 -45.61
CA PRO W 130 81.71 -12.27 -44.45
C PRO W 130 81.36 -13.29 -43.35
N LEU W 131 80.84 -14.45 -43.71
CA LEU W 131 80.40 -15.49 -42.74
C LEU W 131 81.55 -15.91 -41.82
N ARG W 132 81.25 -16.14 -40.55
CA ARG W 132 82.20 -16.66 -39.53
C ARG W 132 81.48 -17.78 -38.79
N PRO W 133 82.13 -18.96 -38.63
CA PRO W 133 81.41 -20.17 -38.22
C PRO W 133 81.12 -20.19 -36.72
N LEU W 134 79.87 -20.56 -36.41
CA LEU W 134 79.43 -20.85 -35.03
C LEU W 134 78.94 -22.29 -35.02
N VAL W 135 79.76 -23.20 -34.53
CA VAL W 135 79.53 -24.67 -34.60
C VAL W 135 78.63 -25.11 -33.45
N LEU W 136 77.56 -25.82 -33.79
CA LEU W 136 76.67 -26.49 -32.80
C LEU W 136 77.14 -27.94 -32.61
N GLY W 137 77.73 -28.26 -31.45
CA GLY W 137 77.95 -29.65 -31.03
C GLY W 137 76.61 -30.32 -30.69
N GLY W 138 76.67 -31.66 -30.58
CA GLY W 138 77.90 -32.43 -30.70
C GLY W 138 78.75 -32.37 -29.44
N ASP W 139 79.58 -33.40 -29.22
CA ASP W 139 80.45 -33.51 -28.02
C ASP W 139 81.75 -32.73 -28.26
N HIS W 140 82.50 -32.51 -27.19
CA HIS W 140 83.69 -31.61 -27.16
C HIS W 140 84.74 -32.05 -28.19
N SER W 141 84.69 -33.29 -28.71
CA SER W 141 85.70 -33.78 -29.71
C SER W 141 85.74 -32.92 -30.99
N ILE W 142 84.71 -32.14 -31.28
CA ILE W 142 84.54 -31.47 -32.60
C ILE W 142 85.37 -30.20 -32.60
N SER W 143 85.73 -29.73 -31.40
CA SER W 143 86.53 -28.50 -31.20
C SER W 143 87.94 -28.72 -31.81
N TYR W 144 88.48 -29.94 -31.84
CA TYR W 144 89.81 -30.16 -32.49
C TYR W 144 89.72 -29.78 -33.97
N PRO W 145 88.93 -30.49 -34.84
CA PRO W 145 88.92 -30.22 -36.29
C PRO W 145 88.39 -28.82 -36.64
N VAL W 146 87.52 -28.26 -35.79
CA VAL W 146 86.96 -26.91 -36.09
C VAL W 146 88.10 -25.91 -35.93
N VAL W 147 88.67 -25.85 -34.71
CA VAL W 147 89.79 -24.93 -34.35
C VAL W 147 90.89 -25.12 -35.40
N ARG W 148 91.16 -26.37 -35.79
CA ARG W 148 92.21 -26.71 -36.79
C ARG W 148 91.93 -25.96 -38.10
N ALA W 149 90.68 -25.97 -38.56
CA ALA W 149 90.27 -25.37 -39.84
C ALA W 149 90.44 -23.85 -39.76
N VAL W 150 90.10 -23.28 -38.61
CA VAL W 150 90.04 -21.80 -38.47
C VAL W 150 91.47 -21.26 -38.39
N SER W 151 92.38 -21.99 -37.71
CA SER W 151 93.85 -21.71 -37.65
C SER W 151 94.46 -21.72 -39.06
N GLU W 152 94.23 -22.80 -39.82
CA GLU W 152 94.74 -23.02 -41.20
C GLU W 152 94.23 -21.90 -42.13
N LYS W 153 92.91 -21.70 -42.22
CA LYS W 153 92.27 -20.75 -43.16
C LYS W 153 92.81 -19.32 -42.91
N LEU W 154 93.15 -18.99 -41.66
CA LEU W 154 93.73 -17.67 -41.27
C LEU W 154 95.28 -17.74 -41.23
N GLY W 155 95.87 -18.92 -41.36
CA GLY W 155 97.33 -19.16 -41.45
C GLY W 155 98.06 -18.74 -40.19
N GLY W 156 97.57 -19.14 -39.01
CA GLY W 156 98.21 -18.81 -37.73
C GLY W 156 97.38 -19.25 -36.53
N PRO W 157 98.02 -19.32 -35.34
CA PRO W 157 97.35 -19.78 -34.13
C PRO W 157 96.25 -18.79 -33.68
N VAL W 158 95.33 -19.21 -32.79
CA VAL W 158 94.37 -18.25 -32.15
C VAL W 158 94.54 -18.34 -30.63
N ASP W 159 94.06 -17.32 -29.91
CA ASP W 159 93.87 -17.39 -28.43
C ASP W 159 92.49 -18.03 -28.25
N ILE W 160 92.34 -18.86 -27.22
CA ILE W 160 91.05 -19.58 -27.02
C ILE W 160 90.55 -19.29 -25.61
N LEU W 161 89.29 -18.87 -25.55
CA LEU W 161 88.52 -18.88 -24.30
C LEU W 161 87.76 -20.21 -24.27
N HIS W 162 87.96 -21.01 -23.23
CA HIS W 162 87.43 -22.38 -23.13
C HIS W 162 86.70 -22.46 -21.78
N LEU W 163 85.37 -22.42 -21.87
CA LEU W 163 84.47 -22.50 -20.72
C LEU W 163 84.08 -23.97 -20.56
N ASP W 164 84.39 -24.51 -19.38
CA ASP W 164 84.30 -25.96 -19.11
C ASP W 164 84.48 -26.28 -17.62
N ALA W 165 83.61 -27.16 -17.11
CA ALA W 165 83.82 -27.88 -15.82
C ALA W 165 85.11 -28.72 -15.90
N HIS W 166 85.53 -29.13 -17.10
CA HIS W 166 86.62 -30.12 -17.37
C HIS W 166 87.69 -29.53 -18.28
N PRO W 167 89.00 -29.83 -18.07
CA PRO W 167 90.08 -29.30 -18.92
C PRO W 167 90.18 -29.98 -20.31
N ASP W 168 89.64 -31.19 -20.46
CA ASP W 168 89.59 -31.96 -21.74
C ASP W 168 91.02 -32.03 -22.34
N ILE W 169 92.03 -32.34 -21.52
CA ILE W 169 93.47 -32.24 -21.94
C ILE W 169 94.17 -33.61 -21.76
N TYR W 170 93.42 -34.71 -21.66
CA TYR W 170 94.02 -36.07 -21.58
C TYR W 170 94.74 -36.36 -22.91
N ASP W 171 95.91 -37.01 -22.83
CA ASP W 171 96.77 -37.35 -24.00
C ASP W 171 96.06 -38.39 -24.89
N CYS W 172 95.50 -39.43 -24.27
CA CYS W 172 94.67 -40.45 -24.96
C CYS W 172 93.72 -41.06 -23.92
N PHE W 173 92.47 -40.60 -23.92
CA PHE W 173 91.46 -41.02 -22.91
C PHE W 173 90.85 -42.33 -23.42
N GLU W 174 90.86 -43.37 -22.59
CA GLU W 174 90.36 -44.74 -22.92
C GLU W 174 90.82 -45.11 -24.35
N GLY W 175 92.11 -44.94 -24.65
CA GLY W 175 92.74 -45.34 -25.92
C GLY W 175 92.14 -44.64 -27.13
N ASN W 176 91.24 -43.68 -26.95
CA ASN W 176 90.61 -42.88 -28.05
C ASN W 176 91.31 -41.52 -28.11
N LYS W 177 91.96 -41.24 -29.26
CA LYS W 177 92.75 -40.01 -29.47
C LYS W 177 91.78 -38.87 -29.84
N TYR W 178 90.55 -39.20 -30.27
CA TYR W 178 89.47 -38.20 -30.58
C TYR W 178 88.49 -38.04 -29.42
N SER W 179 88.80 -38.63 -28.26
CA SER W 179 87.98 -38.50 -27.02
C SER W 179 87.66 -37.01 -26.77
N HIS W 180 86.40 -36.71 -26.48
CA HIS W 180 85.93 -35.35 -26.14
C HIS W 180 86.76 -34.81 -24.96
N ALA W 181 87.38 -35.70 -24.16
CA ALA W 181 88.27 -35.40 -23.03
C ALA W 181 89.74 -35.27 -23.49
N SER W 182 90.03 -35.39 -24.80
CA SER W 182 91.39 -35.30 -25.37
C SER W 182 91.52 -34.12 -26.36
N SER W 183 90.48 -33.32 -26.57
CA SER W 183 90.39 -32.40 -27.75
C SER W 183 91.30 -31.18 -27.55
N PHE W 184 91.56 -30.77 -26.30
CA PHE W 184 92.45 -29.63 -25.98
C PHE W 184 93.92 -30.09 -25.92
N ALA W 185 94.18 -31.37 -25.66
CA ALA W 185 95.48 -32.04 -25.91
C ALA W 185 95.80 -32.07 -27.44
N ARG W 186 94.87 -32.49 -28.30
CA ARG W 186 95.11 -32.52 -29.79
C ARG W 186 95.32 -31.09 -30.33
N ILE W 187 94.61 -30.12 -29.76
CA ILE W 187 94.67 -28.70 -30.23
C ILE W 187 96.10 -28.15 -30.01
N MET W 188 96.65 -28.32 -28.81
CA MET W 188 97.92 -27.68 -28.34
C MET W 188 99.14 -28.52 -28.78
N GLU W 189 98.91 -29.75 -29.26
CA GLU W 189 99.91 -30.62 -29.91
C GLU W 189 100.19 -30.06 -31.31
N GLY W 190 99.16 -29.61 -32.03
CA GLY W 190 99.27 -29.17 -33.44
C GLY W 190 99.60 -27.69 -33.54
N GLY W 191 99.60 -26.99 -32.40
CA GLY W 191 100.02 -25.58 -32.27
C GLY W 191 99.01 -24.61 -32.86
N TYR W 192 97.72 -24.90 -32.71
CA TYR W 192 96.63 -24.08 -33.29
C TYR W 192 96.28 -22.96 -32.32
N ALA W 193 96.61 -23.12 -31.03
CA ALA W 193 96.45 -22.06 -30.00
C ALA W 193 97.81 -21.50 -29.59
N ARG W 194 97.86 -20.19 -29.33
CA ARG W 194 98.88 -19.54 -28.44
C ARG W 194 98.38 -19.69 -26.99
N ARG W 195 97.40 -18.89 -26.55
CA ARG W 195 96.87 -18.91 -25.15
C ARG W 195 95.54 -19.69 -25.07
N LEU W 196 95.45 -20.57 -24.07
CA LEU W 196 94.24 -21.34 -23.72
C LEU W 196 93.84 -20.98 -22.27
N LEU W 197 92.74 -20.25 -22.12
CA LEU W 197 92.12 -19.91 -20.81
C LEU W 197 90.89 -20.81 -20.59
N GLN W 198 91.05 -21.75 -19.66
CA GLN W 198 90.01 -22.71 -19.22
C GLN W 198 89.37 -22.14 -17.95
N VAL W 199 88.06 -21.92 -18.01
CA VAL W 199 87.30 -21.13 -17.00
C VAL W 199 86.12 -21.99 -16.54
N GLY W 200 85.92 -22.10 -15.21
CA GLY W 200 84.86 -22.91 -14.58
C GLY W 200 85.32 -24.35 -14.29
N ILE W 201 86.60 -24.65 -14.53
CA ILE W 201 87.22 -25.98 -14.22
C ILE W 201 86.86 -26.35 -12.78
N ARG W 202 86.29 -27.55 -12.55
CA ARG W 202 86.00 -28.04 -11.17
C ARG W 202 86.25 -29.55 -11.02
N SER W 203 86.49 -30.25 -12.13
CA SER W 203 86.80 -31.70 -12.18
C SER W 203 88.14 -31.84 -12.89
N ILE W 204 89.20 -32.04 -12.12
CA ILE W 204 90.58 -32.16 -12.65
C ILE W 204 91.40 -33.09 -11.73
N ASN W 205 92.23 -33.94 -12.37
CA ASN W 205 93.14 -34.94 -11.77
C ASN W 205 94.57 -34.40 -11.96
N GLN W 206 95.61 -35.15 -11.59
CA GLN W 206 96.98 -34.59 -11.71
C GLN W 206 97.40 -34.58 -13.19
N GLU W 207 97.06 -35.61 -13.96
CA GLU W 207 97.33 -35.65 -15.43
C GLU W 207 96.79 -34.35 -16.05
N GLY W 208 95.55 -33.96 -15.72
CA GLY W 208 94.94 -32.68 -16.15
C GLY W 208 95.85 -31.50 -15.80
N ARG W 209 96.23 -31.39 -14.52
CA ARG W 209 97.08 -30.29 -13.96
C ARG W 209 98.45 -30.27 -14.63
N GLU W 210 99.00 -31.46 -14.94
CA GLU W 210 100.38 -31.62 -15.49
C GLU W 210 100.41 -31.26 -16.98
N GLN W 211 99.49 -31.82 -17.75
CA GLN W 211 99.30 -31.48 -19.19
C GLN W 211 99.14 -29.96 -19.33
N GLY W 212 98.37 -29.32 -18.42
CA GLY W 212 98.04 -27.87 -18.46
C GLY W 212 99.27 -27.00 -18.29
N LYS W 213 100.16 -27.40 -17.37
CA LYS W 213 101.52 -26.84 -17.15
C LYS W 213 102.36 -27.01 -18.43
N ARG W 214 102.32 -28.20 -19.05
CA ARG W 214 103.14 -28.57 -20.24
C ARG W 214 102.82 -27.64 -21.41
N PHE W 215 101.54 -27.39 -21.66
CA PHE W 215 101.07 -26.73 -22.91
C PHE W 215 100.98 -25.21 -22.73
N GLY W 216 101.14 -24.71 -21.50
CA GLY W 216 101.06 -23.27 -21.14
C GLY W 216 99.62 -22.81 -21.00
N VAL W 217 98.79 -23.61 -20.33
CA VAL W 217 97.33 -23.37 -20.13
C VAL W 217 97.14 -22.55 -18.85
N GLU W 218 96.23 -21.57 -18.89
CA GLU W 218 95.80 -20.80 -17.71
C GLU W 218 94.46 -21.39 -17.22
N GLN W 219 94.55 -22.23 -16.19
CA GLN W 219 93.40 -23.00 -15.63
C GLN W 219 92.79 -22.25 -14.43
N TYR W 220 91.54 -21.77 -14.60
CA TYR W 220 90.76 -20.99 -13.59
C TYR W 220 89.76 -21.92 -12.90
N GLU W 221 90.23 -22.53 -11.80
CA GLU W 221 89.42 -23.48 -10.98
C GLU W 221 88.43 -22.63 -10.16
N MET W 222 87.22 -23.12 -10.04
CA MET W 222 86.08 -22.41 -9.38
C MET W 222 86.37 -22.18 -7.89
N ARG W 223 87.22 -23.00 -7.27
CA ARG W 223 87.66 -22.82 -5.87
C ARG W 223 88.49 -21.53 -5.72
N THR W 224 88.82 -20.85 -6.83
CA THR W 224 89.48 -19.50 -6.81
C THR W 224 88.57 -18.47 -7.50
N PHE W 225 87.33 -18.81 -7.88
CA PHE W 225 86.49 -17.89 -8.68
C PHE W 225 86.27 -16.56 -7.93
N SER W 226 86.04 -16.58 -6.61
CA SER W 226 85.86 -15.40 -5.73
C SER W 226 86.88 -14.31 -6.13
N LYS W 227 88.16 -14.66 -6.18
CA LYS W 227 89.26 -13.69 -6.42
C LYS W 227 89.55 -13.55 -7.92
N ASP W 228 89.23 -14.53 -8.76
CA ASP W 228 89.53 -14.52 -10.22
C ASP W 228 88.47 -13.70 -10.98
N ARG W 229 87.21 -13.63 -10.48
CA ARG W 229 86.06 -12.94 -11.13
C ARG W 229 86.44 -11.60 -11.78
N PRO W 230 87.05 -10.62 -11.07
CA PRO W 230 87.31 -9.31 -11.66
C PRO W 230 88.17 -9.37 -12.93
N MET W 231 89.16 -10.24 -12.90
CA MET W 231 90.08 -10.56 -14.02
C MET W 231 89.29 -11.24 -15.15
N LEU W 232 88.46 -12.20 -14.80
CA LEU W 232 87.73 -13.02 -15.81
C LEU W 232 86.65 -12.17 -16.50
N GLU W 233 86.15 -11.11 -15.84
CA GLU W 233 85.03 -10.26 -16.36
C GLU W 233 85.61 -9.05 -17.10
N ASN W 234 86.92 -9.03 -17.29
CA ASN W 234 87.64 -7.95 -18.01
C ASN W 234 88.72 -8.55 -18.90
N LEU W 235 88.42 -9.68 -19.54
CA LEU W 235 89.39 -10.42 -20.38
C LEU W 235 89.62 -9.64 -21.67
N LYS W 236 90.83 -9.82 -22.22
CA LYS W 236 91.33 -9.27 -23.51
C LYS W 236 92.31 -10.27 -24.13
N LEU W 237 91.97 -10.79 -25.33
CA LEU W 237 92.74 -11.81 -26.10
C LEU W 237 92.82 -11.37 -27.57
N GLY W 238 93.66 -12.07 -28.35
CA GLY W 238 93.76 -11.89 -29.81
C GLY W 238 94.95 -11.04 -30.19
N GLU W 239 95.47 -10.18 -29.29
CA GLU W 239 96.64 -9.29 -29.53
C GLU W 239 97.90 -10.15 -29.76
N GLY W 240 98.52 -10.03 -30.94
CA GLY W 240 99.74 -10.77 -31.31
C GLY W 240 99.47 -12.00 -32.18
N VAL W 241 98.24 -12.50 -32.22
CA VAL W 241 97.83 -13.74 -32.96
C VAL W 241 96.63 -13.41 -33.90
N LYS W 242 96.11 -14.40 -34.65
CA LYS W 242 95.22 -14.20 -35.84
C LYS W 242 93.75 -14.03 -35.44
N GLY W 243 93.44 -14.11 -34.15
CA GLY W 243 92.08 -13.91 -33.61
C GLY W 243 91.80 -14.83 -32.43
N VAL W 244 90.51 -14.92 -32.09
CA VAL W 244 90.05 -15.50 -30.81
C VAL W 244 88.90 -16.47 -31.13
N TYR W 245 88.97 -17.69 -30.58
CA TYR W 245 87.96 -18.77 -30.72
C TYR W 245 87.40 -19.04 -29.32
N ILE W 246 86.08 -19.19 -29.24
CA ILE W 246 85.35 -19.41 -27.95
C ILE W 246 84.66 -20.76 -27.98
N SER W 247 85.03 -21.64 -27.05
CA SER W 247 84.47 -23.01 -26.95
C SER W 247 83.73 -23.10 -25.61
N ILE W 248 82.41 -23.32 -25.69
CA ILE W 248 81.57 -23.39 -24.48
C ILE W 248 81.02 -24.81 -24.35
N ASP W 249 81.65 -25.62 -23.49
CA ASP W 249 81.00 -26.78 -22.86
C ASP W 249 79.92 -26.19 -21.97
N VAL W 250 78.69 -26.53 -22.30
CA VAL W 250 77.50 -26.09 -21.57
C VAL W 250 77.65 -26.48 -20.09
N ASP W 251 78.46 -27.49 -19.75
CA ASP W 251 78.66 -27.88 -18.31
C ASP W 251 79.60 -26.90 -17.57
N CYS W 252 80.15 -25.87 -18.19
CA CYS W 252 80.79 -24.83 -17.39
C CYS W 252 79.74 -24.28 -16.42
N LEU W 253 78.46 -24.38 -16.78
CA LEU W 253 77.40 -23.80 -15.92
C LEU W 253 77.05 -24.81 -14.83
N ASP W 254 76.79 -24.34 -13.62
CA ASP W 254 76.19 -25.18 -12.56
C ASP W 254 75.01 -25.97 -13.14
N PRO W 255 74.97 -27.29 -12.86
CA PRO W 255 73.87 -28.10 -13.34
C PRO W 255 72.50 -27.53 -12.92
N ALA W 256 72.45 -26.64 -11.94
CA ALA W 256 71.23 -25.87 -11.60
C ALA W 256 70.73 -25.18 -12.88
N PHE W 257 71.66 -24.63 -13.67
CA PHE W 257 71.37 -23.84 -14.88
C PHE W 257 71.26 -24.76 -16.10
N ALA W 258 72.13 -25.78 -16.18
CA ALA W 258 72.31 -26.66 -17.37
C ALA W 258 72.36 -28.12 -16.94
N PRO W 259 71.21 -28.72 -16.60
CA PRO W 259 71.20 -30.12 -16.20
C PRO W 259 71.32 -31.07 -17.42
N GLY W 260 71.09 -30.57 -18.63
CA GLY W 260 71.15 -31.39 -19.87
C GLY W 260 72.58 -31.48 -20.40
N VAL W 261 73.38 -32.24 -19.67
CA VAL W 261 74.81 -32.54 -19.96
C VAL W 261 75.04 -33.99 -19.55
N SER W 262 76.08 -34.61 -20.08
CA SER W 262 76.51 -35.98 -19.72
C SER W 262 77.31 -36.03 -18.40
N HIS W 263 77.86 -34.91 -17.93
CA HIS W 263 78.74 -34.84 -16.73
C HIS W 263 78.21 -33.77 -15.76
N ILE W 264 77.34 -34.20 -14.85
CA ILE W 264 76.78 -33.32 -13.78
C ILE W 264 77.96 -33.07 -12.83
N GLU W 265 78.41 -31.82 -12.73
CA GLU W 265 79.53 -31.42 -11.86
C GLU W 265 79.12 -30.22 -11.03
N PRO W 266 78.67 -30.41 -9.78
CA PRO W 266 78.20 -29.31 -8.93
C PRO W 266 79.26 -28.23 -8.60
N GLY W 267 78.80 -26.98 -8.47
CA GLY W 267 79.61 -25.80 -8.09
C GLY W 267 80.12 -25.07 -9.33
N GLY W 268 79.26 -24.83 -10.32
CA GLY W 268 79.67 -24.20 -11.58
C GLY W 268 79.38 -22.71 -11.62
N LEU W 269 79.51 -22.12 -12.80
CA LEU W 269 79.10 -20.74 -13.14
C LEU W 269 77.57 -20.58 -13.15
N SER W 270 77.10 -19.35 -12.95
CA SER W 270 75.73 -18.92 -13.34
C SER W 270 75.76 -18.58 -14.83
N PHE W 271 74.58 -18.58 -15.47
CA PHE W 271 74.39 -18.14 -16.87
C PHE W 271 74.78 -16.66 -16.95
N ARG W 272 74.29 -15.85 -16.00
CA ARG W 272 74.70 -14.42 -15.94
C ARG W 272 76.23 -14.36 -15.74
N ASP W 273 76.86 -15.30 -15.00
CA ASP W 273 78.35 -15.28 -14.84
C ASP W 273 78.99 -15.41 -16.22
N VAL W 274 78.51 -16.33 -17.06
CA VAL W 274 79.06 -16.55 -18.43
C VAL W 274 78.81 -15.30 -19.25
N LEU W 275 77.65 -14.65 -19.18
CA LEU W 275 77.36 -13.44 -20.04
C LEU W 275 78.23 -12.27 -19.60
N ASN W 276 78.38 -12.03 -18.30
CA ASN W 276 79.36 -11.02 -17.81
C ASN W 276 80.71 -11.23 -18.50
N ILE W 277 81.19 -12.47 -18.60
CA ILE W 277 82.51 -12.82 -19.19
C ILE W 277 82.48 -12.61 -20.70
N LEU W 278 81.44 -13.06 -21.43
CA LEU W 278 81.36 -12.89 -22.91
C LEU W 278 81.14 -11.43 -23.33
N HIS W 279 80.18 -10.73 -22.74
CA HIS W 279 79.82 -9.34 -23.12
C HIS W 279 81.05 -8.45 -22.99
N ASN W 280 81.85 -8.68 -21.94
CA ASN W 280 82.98 -7.80 -21.54
C ASN W 280 84.30 -8.31 -22.13
N LEU W 281 84.30 -9.42 -22.87
CA LEU W 281 85.50 -9.90 -23.61
C LEU W 281 85.82 -8.93 -24.75
N GLN W 282 86.95 -8.26 -24.65
CA GLN W 282 87.63 -7.53 -25.75
C GLN W 282 88.42 -8.54 -26.60
N ALA W 283 87.92 -8.82 -27.80
CA ALA W 283 88.49 -9.83 -28.71
C ALA W 283 87.87 -9.69 -30.10
N ASP W 284 88.69 -9.91 -31.10
CA ASP W 284 88.30 -10.22 -32.49
C ASP W 284 87.90 -11.70 -32.49
N VAL W 285 86.61 -11.97 -32.36
CA VAL W 285 86.11 -13.39 -32.35
C VAL W 285 85.93 -13.85 -33.80
N VAL W 286 86.77 -14.82 -34.20
CA VAL W 286 86.88 -15.39 -35.57
C VAL W 286 85.98 -16.64 -35.72
N GLY W 287 85.79 -17.43 -34.66
CA GLY W 287 84.83 -18.56 -34.64
C GLY W 287 84.50 -19.00 -33.23
N ALA W 288 83.49 -19.87 -33.10
CA ALA W 288 83.06 -20.42 -31.80
C ALA W 288 82.23 -21.70 -31.97
N ASP W 289 82.06 -22.41 -30.86
CA ASP W 289 81.29 -23.67 -30.74
C ASP W 289 80.54 -23.61 -29.41
N VAL W 290 79.36 -24.22 -29.42
CA VAL W 290 78.55 -24.51 -28.20
C VAL W 290 78.37 -26.04 -28.20
N VAL W 291 79.02 -26.72 -27.28
CA VAL W 291 79.08 -28.20 -27.33
C VAL W 291 78.51 -28.79 -26.04
N GLU W 292 78.27 -30.09 -26.10
CA GLU W 292 78.05 -31.02 -24.95
C GLU W 292 76.64 -30.85 -24.37
N PHE W 293 75.76 -30.14 -25.06
CA PHE W 293 74.30 -30.13 -24.74
C PHE W 293 73.76 -31.53 -25.05
N ASN W 294 73.16 -32.20 -24.06
CA ASN W 294 72.63 -33.58 -24.19
C ASN W 294 71.14 -33.50 -23.95
N PRO W 295 70.36 -33.40 -25.04
CA PRO W 295 68.91 -33.37 -24.97
C PRO W 295 68.34 -34.50 -24.09
N GLN W 296 68.94 -35.69 -24.14
CA GLN W 296 68.36 -36.85 -23.40
C GLN W 296 68.50 -36.67 -21.88
N ARG W 297 69.33 -35.74 -21.42
CA ARG W 297 69.54 -35.44 -19.98
C ARG W 297 68.81 -34.11 -19.64
N ASP W 298 68.10 -33.52 -20.60
CA ASP W 298 67.45 -32.20 -20.42
C ASP W 298 66.14 -32.38 -19.63
N THR W 299 65.66 -31.29 -19.03
CA THR W 299 64.31 -31.18 -18.43
C THR W 299 63.31 -31.48 -19.54
N VAL W 300 62.12 -31.96 -19.17
CA VAL W 300 61.08 -32.32 -20.17
C VAL W 300 60.65 -31.07 -20.95
N ASP W 301 60.83 -29.88 -20.42
CA ASP W 301 60.46 -28.61 -21.10
C ASP W 301 61.67 -28.03 -21.87
N GLY W 302 62.83 -28.67 -21.86
CA GLY W 302 63.95 -28.25 -22.72
C GLY W 302 64.67 -27.02 -22.17
N MET W 303 64.88 -26.96 -20.85
CA MET W 303 65.50 -25.76 -20.24
C MET W 303 66.94 -25.60 -20.78
N THR W 304 67.75 -26.67 -20.83
CA THR W 304 69.15 -26.56 -21.33
C THR W 304 69.14 -26.21 -22.82
N ALA W 305 68.10 -26.60 -23.59
CA ALA W 305 68.06 -26.20 -25.01
C ALA W 305 67.99 -24.66 -25.09
N MET W 306 67.17 -24.00 -24.27
CA MET W 306 67.07 -22.52 -24.26
C MET W 306 68.42 -21.92 -23.82
N VAL W 307 69.02 -22.49 -22.76
CA VAL W 307 70.38 -22.15 -22.29
C VAL W 307 71.29 -22.16 -23.52
N ALA W 308 71.32 -23.28 -24.24
CA ALA W 308 72.24 -23.47 -25.38
C ALA W 308 71.98 -22.42 -26.43
N ALA W 309 70.72 -22.27 -26.82
CA ALA W 309 70.26 -21.33 -27.85
C ALA W 309 70.67 -19.91 -27.47
N LYS W 310 70.51 -19.53 -26.20
CA LYS W 310 70.84 -18.16 -25.77
C LYS W 310 72.36 -18.00 -25.82
N LEU W 311 73.16 -19.02 -25.43
CA LEU W 311 74.63 -18.90 -25.58
C LEU W 311 74.93 -18.70 -27.08
N VAL W 312 74.23 -19.44 -27.95
CA VAL W 312 74.41 -19.25 -29.41
C VAL W 312 74.06 -17.81 -29.76
N ARG W 313 72.95 -17.28 -29.26
CA ARG W 313 72.44 -15.98 -29.71
C ARG W 313 73.39 -14.89 -29.23
N GLU W 314 73.94 -14.98 -28.01
CA GLU W 314 74.83 -13.89 -27.49
C GLU W 314 76.18 -14.00 -28.21
N LEU W 315 76.64 -15.24 -28.50
CA LEU W 315 77.90 -15.42 -29.28
C LEU W 315 77.73 -14.79 -30.64
N ALA W 316 76.55 -14.94 -31.25
CA ALA W 316 76.24 -14.35 -32.57
C ALA W 316 76.28 -12.81 -32.49
N ALA W 317 75.66 -12.19 -31.49
CA ALA W 317 75.73 -10.71 -31.34
C ALA W 317 77.22 -10.28 -31.28
N LYS W 318 78.05 -11.07 -30.59
CA LYS W 318 79.46 -10.73 -30.34
C LYS W 318 80.28 -10.94 -31.61
N ILE W 319 79.98 -11.98 -32.40
CA ILE W 319 80.77 -12.36 -33.62
C ILE W 319 80.40 -11.42 -34.78
N SER W 320 79.12 -11.13 -34.92
CA SER W 320 78.60 -10.38 -36.07
C SER W 320 78.92 -8.90 -35.84
N LYS W 321 79.10 -8.13 -36.90
CA LYS W 321 79.49 -6.68 -36.78
C LYS W 321 79.53 -6.06 -38.18
N SER X 6 20.32 -7.05 -25.79
CA SER X 6 19.50 -8.27 -25.54
C SER X 6 19.53 -8.61 -24.04
N SER X 7 18.74 -9.63 -23.67
CA SER X 7 18.88 -10.38 -22.40
C SER X 7 20.36 -10.72 -22.09
N ILE X 8 21.10 -11.38 -22.99
CA ILE X 8 22.40 -12.07 -22.62
C ILE X 8 23.29 -11.14 -21.77
N GLU X 9 23.35 -9.85 -22.10
CA GLU X 9 24.25 -8.85 -21.44
C GLU X 9 23.80 -8.68 -19.99
N LYS X 10 22.49 -8.56 -19.76
CA LYS X 10 21.88 -8.44 -18.40
C LYS X 10 22.05 -9.79 -17.66
N GLY X 11 21.82 -10.91 -18.33
CA GLY X 11 22.17 -12.24 -17.77
C GLY X 11 23.60 -12.27 -17.26
N GLN X 12 24.55 -11.95 -18.14
CA GLN X 12 26.00 -11.85 -17.80
C GLN X 12 26.25 -10.90 -16.61
N ASN X 13 25.51 -9.79 -16.55
CA ASN X 13 25.62 -8.78 -15.47
C ASN X 13 25.17 -9.37 -14.13
N ARG X 14 24.15 -10.23 -14.12
CA ARG X 14 23.72 -10.92 -12.88
C ARG X 14 24.88 -11.79 -12.40
N VAL X 15 25.55 -12.50 -13.30
CA VAL X 15 26.73 -13.34 -12.93
C VAL X 15 27.90 -12.46 -12.40
N ILE X 16 28.25 -11.39 -13.11
CA ILE X 16 29.29 -10.43 -12.66
C ILE X 16 28.95 -9.91 -11.24
N ASP X 17 27.71 -9.43 -11.03
CA ASP X 17 27.39 -8.71 -9.77
C ASP X 17 27.37 -9.76 -8.66
N ALA X 18 26.84 -10.96 -8.94
CA ALA X 18 26.94 -12.11 -8.02
C ALA X 18 28.41 -12.39 -7.66
N SER X 19 29.33 -12.36 -8.61
CA SER X 19 30.76 -12.66 -8.37
C SER X 19 31.34 -11.62 -7.39
N LEU X 20 31.06 -10.35 -7.66
CA LEU X 20 31.52 -9.22 -6.81
C LEU X 20 30.90 -9.38 -5.41
N THR X 21 29.61 -9.70 -5.32
CA THR X 21 28.90 -9.75 -4.00
C THR X 21 29.59 -10.80 -3.15
N LEU X 22 30.03 -11.89 -3.77
CA LEU X 22 30.77 -12.96 -3.06
C LEU X 22 32.12 -12.42 -2.57
N ILE X 23 32.89 -11.76 -3.41
CA ILE X 23 34.19 -11.16 -2.95
C ILE X 23 33.94 -10.16 -1.79
N ARG X 24 32.92 -9.33 -1.93
CA ARG X 24 32.50 -8.29 -0.94
C ARG X 24 32.26 -8.95 0.43
N GLU X 25 31.49 -10.05 0.47
CA GLU X 25 31.16 -10.80 1.72
C GLU X 25 32.40 -11.46 2.32
N ARG X 26 33.26 -12.04 1.49
CA ARG X 26 34.51 -12.69 1.95
C ARG X 26 35.40 -11.60 2.57
N ALA X 27 35.56 -10.47 1.90
CA ALA X 27 36.45 -9.36 2.32
C ALA X 27 35.88 -8.71 3.58
N LYS X 28 34.54 -8.64 3.67
CA LYS X 28 33.86 -8.12 4.88
C LYS X 28 34.29 -8.96 6.10
N LEU X 29 34.33 -10.28 5.95
CA LEU X 29 34.66 -11.17 7.11
C LEU X 29 36.10 -10.90 7.52
N LYS X 30 36.97 -10.73 6.55
CA LYS X 30 38.43 -10.52 6.75
C LYS X 30 38.69 -9.13 7.34
N GLY X 31 37.98 -8.11 6.85
CA GLY X 31 37.98 -6.77 7.47
C GLY X 31 37.57 -6.85 8.93
N GLU X 32 36.39 -7.42 9.18
CA GLU X 32 35.82 -7.57 10.54
C GLU X 32 36.79 -8.31 11.46
N LEU X 33 37.52 -9.30 10.96
CA LEU X 33 38.41 -10.11 11.82
C LEU X 33 39.60 -9.25 12.16
N VAL X 34 40.17 -8.62 11.15
CA VAL X 34 41.32 -7.69 11.34
C VAL X 34 40.91 -6.56 12.31
N ARG X 35 39.74 -5.96 12.12
CA ARG X 35 39.30 -4.82 12.97
C ARG X 35 38.92 -5.31 14.37
N LEU X 36 38.39 -6.54 14.52
CA LEU X 36 38.12 -7.11 15.87
C LEU X 36 39.43 -7.28 16.64
N LEU X 37 40.51 -7.79 16.05
CA LEU X 37 41.77 -8.02 16.81
C LEU X 37 42.46 -6.66 17.04
N GLY X 38 42.44 -5.74 16.07
CA GLY X 38 42.88 -4.33 16.22
C GLY X 38 44.36 -4.01 16.19
N GLY X 39 44.68 -2.71 16.08
CA GLY X 39 46.04 -2.14 16.03
C GLY X 39 46.83 -2.44 14.74
N ALA X 40 46.14 -2.66 13.63
CA ALA X 40 46.84 -2.84 12.35
C ALA X 40 46.64 -1.61 11.45
N LYS X 41 47.73 -0.95 11.07
CA LYS X 41 47.69 0.17 10.08
C LYS X 41 47.51 -0.40 8.67
N ALA X 42 48.14 -1.52 8.35
CA ALA X 42 47.95 -2.18 7.03
C ALA X 42 47.93 -3.71 7.19
N SER X 43 46.99 -4.37 6.50
CA SER X 43 46.88 -5.86 6.52
C SER X 43 46.84 -6.41 5.08
N THR X 44 47.85 -7.20 4.70
CA THR X 44 47.86 -7.94 3.37
C THR X 44 46.62 -8.84 3.29
N SER X 45 45.81 -8.68 2.23
CA SER X 45 44.76 -9.67 1.85
C SER X 45 45.04 -10.18 0.42
N LEU X 46 45.10 -11.50 0.26
CA LEU X 46 45.33 -12.12 -1.07
C LEU X 46 44.04 -12.01 -1.88
N LEU X 47 44.19 -11.73 -3.17
CA LEU X 47 43.11 -11.82 -4.17
C LEU X 47 43.70 -12.64 -5.31
N GLY X 48 43.11 -13.78 -5.57
CA GLY X 48 43.51 -14.64 -6.70
C GLY X 48 42.82 -14.22 -8.00
N VAL X 49 43.58 -14.13 -9.08
CA VAL X 49 43.00 -13.83 -10.43
C VAL X 49 43.50 -14.92 -11.40
N PRO X 50 42.81 -16.08 -11.46
CA PRO X 50 43.22 -17.22 -12.29
C PRO X 50 42.89 -17.00 -13.76
N LEU X 51 43.65 -16.12 -14.42
CA LEU X 51 43.38 -15.70 -15.81
C LEU X 51 44.66 -15.96 -16.62
N GLY X 52 44.59 -16.69 -17.72
CA GLY X 52 45.80 -16.93 -18.54
C GLY X 52 45.60 -16.67 -20.02
N HIS X 53 44.42 -16.22 -20.43
CA HIS X 53 44.02 -16.22 -21.85
C HIS X 53 44.64 -15.02 -22.55
N ASN X 54 45.32 -14.11 -21.85
CA ASN X 54 46.03 -12.97 -22.50
C ASN X 54 47.53 -13.26 -22.68
N SER X 55 47.97 -14.47 -22.32
CA SER X 55 49.32 -15.02 -22.59
C SER X 55 49.56 -15.14 -24.09
N SER X 56 50.82 -14.99 -24.52
CA SER X 56 51.25 -15.11 -25.94
C SER X 56 51.78 -16.52 -26.26
N PHE X 57 52.04 -17.38 -25.27
CA PHE X 57 52.68 -18.69 -25.51
C PHE X 57 51.93 -19.82 -24.82
N LEU X 58 51.80 -19.77 -23.48
CA LEU X 58 51.02 -20.78 -22.70
C LEU X 58 50.07 -20.08 -21.72
N GLN X 59 48.97 -20.73 -21.39
CA GLN X 59 47.92 -20.14 -20.50
C GLN X 59 48.02 -20.74 -19.11
N GLY X 60 49.03 -21.54 -18.82
CA GLY X 60 49.17 -22.26 -17.54
C GLY X 60 48.98 -21.35 -16.32
N PRO X 61 49.40 -20.08 -16.31
CA PRO X 61 49.20 -19.27 -15.12
C PRO X 61 47.73 -19.18 -14.65
N ALA X 62 46.75 -19.54 -15.50
CA ALA X 62 45.32 -19.55 -15.12
C ALA X 62 45.11 -20.44 -13.89
N PHE X 63 46.03 -21.37 -13.67
CA PHE X 63 45.94 -22.43 -12.64
C PHE X 63 46.75 -22.12 -11.40
N ALA X 64 47.47 -20.99 -11.37
CA ALA X 64 48.52 -20.72 -10.37
C ALA X 64 47.97 -20.37 -8.98
N PRO X 65 46.96 -19.49 -8.81
CA PRO X 65 46.61 -19.04 -7.46
C PRO X 65 46.34 -20.16 -6.47
N PRO X 66 45.55 -21.22 -6.77
CA PRO X 66 45.36 -22.31 -5.81
C PRO X 66 46.61 -23.11 -5.42
N ARG X 67 47.56 -23.26 -6.36
CA ARG X 67 48.87 -23.92 -6.08
C ARG X 67 49.70 -22.98 -5.21
N ILE X 68 49.60 -21.69 -5.41
CA ILE X 68 50.42 -20.73 -4.59
C ILE X 68 50.01 -20.85 -3.09
N ARG X 69 48.70 -20.87 -2.84
CA ARG X 69 48.10 -20.97 -1.49
C ARG X 69 48.49 -22.30 -0.83
N GLU X 70 48.40 -23.41 -1.59
CA GLU X 70 48.86 -24.72 -1.10
C GLU X 70 50.30 -24.59 -0.59
N ALA X 71 51.19 -24.00 -1.38
CA ALA X 71 52.62 -23.93 -1.05
C ALA X 71 52.85 -22.93 0.09
N ILE X 72 51.99 -21.94 0.27
CA ILE X 72 52.16 -21.00 1.42
C ILE X 72 51.96 -21.76 2.71
N TRP X 73 50.97 -22.65 2.76
CA TRP X 73 50.56 -23.37 4.00
C TRP X 73 51.14 -24.77 3.98
N CYS X 74 52.19 -25.00 3.20
CA CYS X 74 52.73 -26.38 3.10
C CYS X 74 53.20 -26.82 4.49
N GLY X 75 53.03 -28.10 4.80
CA GLY X 75 53.43 -28.72 6.08
C GLY X 75 54.93 -28.70 6.29
N SER X 76 55.71 -28.72 5.21
CA SER X 76 57.19 -28.71 5.24
C SER X 76 57.74 -27.35 5.68
N THR X 77 56.87 -26.34 5.74
CA THR X 77 57.23 -24.92 6.08
C THR X 77 56.65 -24.52 7.45
N ASN X 78 57.18 -23.42 8.00
CA ASN X 78 56.67 -22.76 9.23
C ASN X 78 55.98 -21.48 8.80
N SER X 79 55.12 -20.94 9.65
CA SER X 79 54.21 -19.82 9.33
C SER X 79 54.97 -18.49 9.52
N ALA X 80 56.29 -18.54 9.70
CA ALA X 80 57.14 -17.35 9.97
C ALA X 80 57.88 -16.92 8.69
N THR X 81 57.72 -15.63 8.37
CA THR X 81 58.47 -14.95 7.30
C THR X 81 59.89 -14.79 7.81
N GLU X 82 60.81 -14.54 6.90
CA GLU X 82 62.26 -14.48 7.20
C GLU X 82 62.59 -13.41 8.25
N GLU X 83 61.73 -12.38 8.35
CA GLU X 83 61.94 -11.22 9.26
C GLU X 83 61.15 -11.38 10.57
N GLY X 84 60.29 -12.39 10.63
CA GLY X 84 59.66 -12.82 11.89
C GLY X 84 58.18 -12.49 11.99
N LYS X 85 57.45 -12.32 10.90
CA LYS X 85 56.00 -12.01 10.99
C LYS X 85 55.21 -13.33 11.05
N GLU X 86 54.14 -13.39 11.84
CA GLU X 86 53.27 -14.58 11.94
C GLU X 86 52.20 -14.51 10.82
N LEU X 87 52.28 -15.42 9.85
CA LEU X 87 51.33 -15.51 8.71
C LEU X 87 49.92 -16.01 9.16
N LYS X 88 49.93 -16.68 10.34
CA LYS X 88 48.67 -17.10 11.02
C LYS X 88 47.99 -15.89 11.66
N ASP X 89 48.72 -14.78 11.80
CA ASP X 89 48.09 -13.55 12.34
C ASP X 89 47.36 -12.90 11.17
N PRO X 90 46.03 -12.79 11.18
CA PRO X 90 45.27 -12.19 10.07
C PRO X 90 45.67 -10.74 9.73
N ARG X 91 46.16 -10.02 10.74
CA ARG X 91 46.63 -8.62 10.56
C ARG X 91 47.82 -8.65 9.61
N VAL X 92 48.59 -9.75 9.64
CA VAL X 92 49.71 -9.99 8.69
C VAL X 92 49.15 -10.53 7.36
N LEU X 93 48.22 -11.47 7.36
CA LEU X 93 47.72 -12.10 6.10
C LEU X 93 46.28 -12.56 6.28
N THR X 94 45.41 -12.21 5.34
CA THR X 94 44.10 -12.86 5.13
C THR X 94 44.01 -13.15 3.65
N ASP X 95 42.91 -13.77 3.23
CA ASP X 95 42.75 -14.26 1.84
C ASP X 95 41.27 -14.11 1.51
N VAL X 96 40.96 -13.24 0.53
CA VAL X 96 39.56 -13.12 0.07
C VAL X 96 39.28 -14.12 -1.07
N GLY X 97 40.16 -15.09 -1.26
CA GLY X 97 40.04 -16.13 -2.32
C GLY X 97 40.12 -15.56 -3.72
N ASP X 98 39.48 -16.22 -4.69
CA ASP X 98 39.76 -16.07 -6.14
C ASP X 98 38.62 -15.33 -6.81
N VAL X 99 38.94 -14.42 -7.73
CA VAL X 99 37.91 -13.89 -8.68
C VAL X 99 37.51 -15.05 -9.59
N PRO X 100 36.20 -15.32 -9.75
CA PRO X 100 35.74 -16.42 -10.62
C PRO X 100 35.81 -16.12 -12.13
N VAL X 101 37.04 -15.98 -12.64
CA VAL X 101 37.37 -15.50 -14.01
C VAL X 101 36.78 -16.46 -15.06
N GLN X 102 37.02 -17.75 -14.94
CA GLN X 102 36.62 -18.72 -16.00
C GLN X 102 35.09 -18.73 -16.12
N GLU X 103 34.38 -18.64 -15.01
CA GLU X 103 32.90 -18.65 -15.00
C GLU X 103 32.38 -17.40 -15.72
N ILE X 104 33.06 -16.28 -15.50
CA ILE X 104 32.71 -15.00 -16.13
C ILE X 104 33.02 -15.07 -17.63
N ARG X 105 34.12 -15.70 -18.03
CA ARG X 105 34.46 -15.89 -19.46
C ARG X 105 33.48 -16.88 -20.08
N ASP X 106 33.09 -17.92 -19.36
CA ASP X 106 32.32 -19.04 -19.96
C ASP X 106 30.87 -18.61 -20.22
N CYS X 107 30.43 -17.47 -19.68
CA CYS X 107 29.09 -16.95 -20.04
C CYS X 107 29.22 -15.82 -21.05
N GLY X 108 30.41 -15.60 -21.65
CA GLY X 108 30.59 -14.84 -22.91
C GLY X 108 31.02 -13.39 -22.71
N VAL X 109 31.36 -13.00 -21.47
CA VAL X 109 31.77 -11.62 -21.06
C VAL X 109 33.06 -11.22 -21.77
N ASP X 110 33.08 -10.05 -22.43
CA ASP X 110 34.26 -9.53 -23.19
C ASP X 110 35.38 -9.14 -22.23
N ASP X 111 36.54 -8.81 -22.76
CA ASP X 111 37.76 -8.47 -21.98
C ASP X 111 37.57 -7.11 -21.29
N ASP X 112 37.00 -6.08 -21.93
CA ASP X 112 36.77 -4.79 -21.22
C ASP X 112 36.07 -5.08 -19.89
N ARG X 113 34.89 -5.73 -19.91
CA ARG X 113 34.08 -5.96 -18.69
C ARG X 113 34.83 -6.88 -17.73
N LEU X 114 35.52 -7.90 -18.23
CA LEU X 114 36.26 -8.84 -17.36
C LEU X 114 37.31 -8.07 -16.53
N MET X 115 38.08 -7.20 -17.16
CA MET X 115 39.15 -6.42 -16.47
C MET X 115 38.52 -5.44 -15.46
N ASN X 116 37.37 -4.86 -15.82
CA ASN X 116 36.50 -4.04 -14.93
C ASN X 116 36.19 -4.83 -13.65
N VAL X 117 35.88 -6.12 -13.77
CA VAL X 117 35.51 -6.98 -12.61
C VAL X 117 36.71 -7.12 -11.69
N ILE X 118 37.90 -7.26 -12.29
CA ILE X 118 39.18 -7.41 -11.53
C ILE X 118 39.44 -6.09 -10.79
N SER X 119 39.32 -4.95 -11.46
CA SER X 119 39.38 -3.61 -10.79
C SER X 119 38.42 -3.57 -9.59
N GLU X 120 37.15 -3.90 -9.79
CA GLU X 120 36.12 -3.71 -8.75
C GLU X 120 36.42 -4.64 -7.58
N SER X 121 36.96 -5.85 -7.87
CA SER X 121 37.34 -6.87 -6.86
C SER X 121 38.46 -6.29 -5.99
N VAL X 122 39.38 -5.58 -6.60
CA VAL X 122 40.53 -4.97 -5.86
C VAL X 122 40.03 -3.80 -5.00
N LYS X 123 39.04 -3.05 -5.48
CA LYS X 123 38.44 -1.93 -4.71
C LYS X 123 37.62 -2.48 -3.55
N LEU X 124 36.90 -3.58 -3.75
CA LEU X 124 36.13 -4.25 -2.67
C LEU X 124 37.06 -4.56 -1.50
N VAL X 125 38.27 -4.98 -1.80
CA VAL X 125 39.30 -5.28 -0.77
C VAL X 125 39.70 -3.96 -0.12
N MET X 126 40.03 -2.94 -0.93
CA MET X 126 40.64 -1.70 -0.41
C MET X 126 39.59 -0.96 0.42
N GLU X 127 38.30 -1.12 0.07
CA GLU X 127 37.14 -0.54 0.77
C GLU X 127 36.99 -1.13 2.17
N GLU X 128 37.64 -2.25 2.52
CA GLU X 128 37.68 -2.82 3.91
C GLU X 128 38.99 -2.45 4.61
N GLU X 129 39.02 -1.35 5.37
CA GLU X 129 40.22 -0.91 6.14
C GLU X 129 40.55 -1.98 7.19
N PRO X 130 41.84 -2.30 7.47
CA PRO X 130 43.01 -1.78 6.75
C PRO X 130 43.64 -2.72 5.71
N LEU X 131 42.81 -3.50 4.99
CA LEU X 131 43.31 -4.50 3.99
C LEU X 131 44.01 -3.80 2.83
N ARG X 132 45.19 -4.28 2.47
CA ARG X 132 45.83 -3.92 1.21
C ARG X 132 45.93 -5.16 0.33
N PRO X 133 45.63 -5.00 -0.98
CA PRO X 133 45.60 -6.12 -1.91
C PRO X 133 46.97 -6.59 -2.40
N LEU X 134 47.20 -7.88 -2.25
CA LEU X 134 48.26 -8.62 -2.96
C LEU X 134 47.61 -9.69 -3.86
N VAL X 135 47.82 -9.53 -5.17
CA VAL X 135 47.15 -10.29 -6.23
C VAL X 135 48.05 -11.44 -6.70
N LEU X 136 47.49 -12.64 -6.67
CA LEU X 136 48.06 -13.88 -7.23
C LEU X 136 47.57 -14.01 -8.67
N GLY X 137 48.49 -13.90 -9.61
CA GLY X 137 48.21 -14.16 -11.02
C GLY X 137 48.30 -15.66 -11.26
N GLY X 138 47.86 -16.11 -12.44
CA GLY X 138 47.39 -15.27 -13.52
C GLY X 138 48.55 -14.72 -14.31
N ASP X 139 48.29 -14.36 -15.56
CA ASP X 139 49.32 -13.77 -16.46
C ASP X 139 49.42 -12.28 -16.15
N HIS X 140 50.41 -11.66 -16.75
CA HIS X 140 50.79 -10.25 -16.44
C HIS X 140 49.75 -9.23 -16.92
N SER X 141 48.75 -9.60 -17.73
CA SER X 141 47.64 -8.71 -18.18
C SER X 141 46.91 -8.13 -16.96
N ILE X 142 46.91 -8.82 -15.84
CA ILE X 142 46.03 -8.48 -14.69
C ILE X 142 46.67 -7.32 -13.91
N SER X 143 47.95 -7.03 -14.09
CA SER X 143 48.59 -5.85 -13.45
C SER X 143 47.90 -4.55 -13.87
N TYR X 144 47.43 -4.40 -15.09
CA TYR X 144 46.75 -3.15 -15.52
C TYR X 144 45.48 -2.89 -14.72
N PRO X 145 44.46 -3.78 -14.71
CA PRO X 145 43.22 -3.52 -13.99
C PRO X 145 43.38 -3.40 -12.46
N VAL X 146 44.41 -4.06 -11.94
CA VAL X 146 44.77 -3.98 -10.50
C VAL X 146 45.36 -2.59 -10.25
N VAL X 147 46.36 -2.17 -11.02
CA VAL X 147 47.08 -0.90 -10.70
C VAL X 147 46.11 0.23 -10.89
N ARG X 148 45.26 0.14 -11.91
CA ARG X 148 44.21 1.13 -12.24
C ARG X 148 43.31 1.34 -11.00
N ALA X 149 42.90 0.25 -10.37
CA ALA X 149 41.97 0.29 -9.21
C ALA X 149 42.70 0.91 -8.02
N VAL X 150 43.95 0.53 -7.80
CA VAL X 150 44.73 1.05 -6.65
C VAL X 150 44.89 2.57 -6.84
N SER X 151 45.15 3.01 -8.07
CA SER X 151 45.40 4.43 -8.37
C SER X 151 44.08 5.19 -8.27
N GLU X 152 42.99 4.75 -8.93
CA GLU X 152 41.68 5.48 -8.86
C GLU X 152 41.25 5.59 -7.38
N LYS X 153 41.56 4.58 -6.56
CA LYS X 153 41.12 4.53 -5.13
C LYS X 153 41.94 5.50 -4.25
N LEU X 154 43.26 5.53 -4.43
CA LEU X 154 44.18 6.51 -3.81
C LEU X 154 44.04 7.90 -4.45
N GLY X 155 43.51 8.03 -5.66
CA GLY X 155 43.33 9.32 -6.36
C GLY X 155 44.67 9.91 -6.75
N GLY X 156 45.56 9.10 -7.29
CA GLY X 156 46.86 9.59 -7.79
C GLY X 156 47.71 8.45 -8.28
N PRO X 157 48.79 8.73 -9.05
CA PRO X 157 49.65 7.69 -9.62
C PRO X 157 50.47 7.03 -8.51
N VAL X 158 50.91 5.80 -8.72
CA VAL X 158 51.86 5.14 -7.78
C VAL X 158 53.21 5.09 -8.47
N ASP X 159 54.28 4.98 -7.71
CA ASP X 159 55.59 4.50 -8.22
C ASP X 159 55.53 2.97 -8.23
N ILE X 160 56.17 2.33 -9.20
CA ILE X 160 56.08 0.85 -9.37
C ILE X 160 57.49 0.28 -9.47
N LEU X 161 57.77 -0.76 -8.69
CA LEU X 161 58.93 -1.69 -8.88
C LEU X 161 58.37 -2.91 -9.58
N HIS X 162 58.86 -3.14 -10.79
CA HIS X 162 58.41 -4.18 -11.75
C HIS X 162 59.56 -5.15 -11.93
N LEU X 163 59.45 -6.33 -11.35
CA LEU X 163 60.51 -7.37 -11.48
C LEU X 163 60.09 -8.32 -12.61
N ASP X 164 60.91 -8.42 -13.65
CA ASP X 164 60.53 -9.15 -14.87
C ASP X 164 61.76 -9.29 -15.77
N ALA X 165 61.84 -10.38 -16.51
CA ALA X 165 62.76 -10.56 -17.66
C ALA X 165 62.34 -9.65 -18.81
N HIS X 166 61.07 -9.30 -18.88
CA HIS X 166 60.43 -8.58 -20.01
C HIS X 166 59.81 -7.28 -19.52
N PRO X 167 59.88 -6.22 -20.33
CA PRO X 167 59.26 -4.94 -19.96
C PRO X 167 57.74 -4.85 -20.09
N ASP X 168 57.16 -5.65 -20.96
CA ASP X 168 55.70 -5.75 -21.14
C ASP X 168 55.11 -4.37 -21.47
N ILE X 169 55.72 -3.61 -22.39
CA ILE X 169 55.29 -2.22 -22.72
C ILE X 169 54.98 -2.11 -24.23
N TYR X 170 54.82 -3.23 -24.91
CA TYR X 170 54.41 -3.15 -26.32
C TYR X 170 53.09 -2.37 -26.35
N ASP X 171 52.89 -1.55 -27.37
CA ASP X 171 51.63 -0.79 -27.54
C ASP X 171 50.44 -1.75 -27.60
N CYS X 172 50.55 -2.79 -28.44
CA CYS X 172 49.44 -3.72 -28.71
C CYS X 172 50.03 -5.01 -29.30
N PHE X 173 50.38 -5.95 -28.42
CA PHE X 173 51.07 -7.21 -28.81
C PHE X 173 50.07 -8.19 -29.43
N GLU X 174 50.28 -8.57 -30.71
CA GLU X 174 49.45 -9.48 -31.56
C GLU X 174 47.97 -9.04 -31.54
N GLY X 175 47.72 -7.74 -31.54
CA GLY X 175 46.37 -7.17 -31.70
C GLY X 175 45.58 -7.15 -30.40
N ASN X 176 46.16 -7.55 -29.27
CA ASN X 176 45.43 -7.70 -27.98
C ASN X 176 45.86 -6.56 -27.05
N LYS X 177 45.00 -5.56 -26.83
CA LYS X 177 45.37 -4.41 -25.94
C LYS X 177 45.54 -4.92 -24.51
N TYR X 178 44.96 -6.08 -24.19
CA TYR X 178 45.06 -6.70 -22.84
C TYR X 178 46.15 -7.79 -22.84
N SER X 179 46.96 -7.88 -23.89
CA SER X 179 48.15 -8.79 -23.90
C SER X 179 48.88 -8.71 -22.58
N HIS X 180 49.45 -9.81 -22.10
CA HIS X 180 50.37 -9.76 -20.92
C HIS X 180 51.64 -8.99 -21.27
N ALA X 181 51.92 -8.75 -22.54
CA ALA X 181 53.14 -8.01 -22.94
C ALA X 181 52.84 -6.55 -23.20
N SER X 182 51.66 -6.07 -22.83
CA SER X 182 51.25 -4.67 -23.06
C SER X 182 50.76 -4.01 -21.75
N SER X 183 50.71 -4.72 -20.64
CA SER X 183 49.90 -4.26 -19.48
C SER X 183 50.51 -2.98 -18.90
N PHE X 184 51.84 -2.82 -18.98
CA PHE X 184 52.56 -1.62 -18.49
C PHE X 184 52.46 -0.47 -19.48
N ALA X 185 52.34 -0.73 -20.78
CA ALA X 185 51.91 0.36 -21.69
C ALA X 185 50.52 0.84 -21.23
N ARG X 186 49.57 -0.04 -20.91
CA ARG X 186 48.19 0.36 -20.52
C ARG X 186 48.24 1.22 -19.24
N ILE X 187 49.00 0.77 -18.24
CA ILE X 187 49.21 1.50 -16.96
C ILE X 187 49.74 2.92 -17.24
N MET X 188 50.85 3.06 -17.99
CA MET X 188 51.54 4.36 -18.11
C MET X 188 50.64 5.28 -18.94
N GLU X 189 50.05 4.76 -20.02
CA GLU X 189 49.17 5.60 -20.87
C GLU X 189 48.06 6.19 -20.01
N GLY X 190 47.61 5.42 -19.01
CA GLY X 190 46.41 5.74 -18.21
C GLY X 190 46.73 6.78 -17.14
N GLY X 191 48.00 7.14 -16.97
CA GLY X 191 48.46 8.04 -15.90
C GLY X 191 48.39 7.38 -14.52
N TYR X 192 48.24 6.05 -14.44
CA TYR X 192 48.07 5.35 -13.13
C TYR X 192 49.43 5.16 -12.46
N ALA X 193 50.54 5.37 -13.14
CA ALA X 193 51.87 5.30 -12.48
C ALA X 193 52.68 6.53 -12.82
N ARG X 194 53.61 6.86 -11.94
CA ARG X 194 54.59 7.95 -12.13
C ARG X 194 55.93 7.32 -12.48
N ARG X 195 56.70 6.81 -11.51
CA ARG X 195 57.95 6.10 -11.84
C ARG X 195 57.59 4.64 -12.17
N LEU X 196 58.29 4.05 -13.14
CA LEU X 196 58.30 2.59 -13.34
C LEU X 196 59.75 2.10 -13.37
N LEU X 197 60.20 1.43 -12.34
CA LEU X 197 61.55 0.84 -12.35
C LEU X 197 61.35 -0.59 -12.76
N GLN X 198 62.02 -0.99 -13.85
CA GLN X 198 61.98 -2.38 -14.36
C GLN X 198 63.33 -3.00 -14.05
N VAL X 199 63.30 -4.17 -13.43
CA VAL X 199 64.50 -4.81 -12.86
C VAL X 199 64.49 -6.27 -13.27
N GLY X 200 65.61 -6.76 -13.79
CA GLY X 200 65.77 -8.15 -14.28
C GLY X 200 65.57 -8.23 -15.78
N ILE X 201 65.42 -7.10 -16.44
CA ILE X 201 65.14 -7.08 -17.90
C ILE X 201 66.27 -7.83 -18.61
N ARG X 202 65.92 -8.80 -19.46
CA ARG X 202 66.93 -9.44 -20.33
C ARG X 202 66.32 -9.92 -21.63
N SER X 203 65.08 -9.56 -21.98
CA SER X 203 64.40 -9.88 -23.28
C SER X 203 63.57 -8.66 -23.68
N ILE X 204 64.16 -7.85 -24.54
CA ILE X 204 63.60 -6.52 -24.84
C ILE X 204 64.03 -6.18 -26.25
N ASN X 205 63.15 -5.55 -27.02
CA ASN X 205 63.46 -5.25 -28.44
C ASN X 205 63.37 -3.75 -28.62
N GLN X 206 63.56 -3.27 -29.84
CA GLN X 206 63.68 -1.82 -30.11
C GLN X 206 62.40 -1.16 -29.58
N GLU X 207 61.26 -1.81 -29.78
CA GLU X 207 59.94 -1.27 -29.32
C GLU X 207 59.94 -1.18 -27.80
N GLY X 208 60.39 -2.23 -27.12
CA GLY X 208 60.64 -2.18 -25.67
C GLY X 208 61.36 -0.92 -25.25
N ARG X 209 62.48 -0.65 -25.89
CA ARG X 209 63.34 0.49 -25.51
C ARG X 209 62.63 1.82 -25.79
N GLU X 210 62.02 1.98 -26.97
CA GLU X 210 61.34 3.21 -27.46
C GLU X 210 60.17 3.52 -26.52
N GLN X 211 59.34 2.53 -26.17
CA GLN X 211 58.19 2.78 -25.27
C GLN X 211 58.69 3.08 -23.85
N GLY X 212 59.81 2.49 -23.40
CA GLY X 212 60.43 2.79 -22.09
C GLY X 212 60.78 4.27 -22.02
N LYS X 213 61.53 4.75 -23.02
CA LYS X 213 61.94 6.15 -23.20
C LYS X 213 60.70 7.06 -23.19
N ARG X 214 59.68 6.71 -23.97
CA ARG X 214 58.49 7.55 -24.14
C ARG X 214 57.80 7.74 -22.79
N PHE X 215 57.69 6.65 -22.02
CA PHE X 215 56.93 6.63 -20.74
C PHE X 215 57.79 7.10 -19.56
N GLY X 216 59.09 7.33 -19.81
CA GLY X 216 60.12 7.71 -18.81
C GLY X 216 60.47 6.55 -17.90
N VAL X 217 60.38 5.33 -18.38
CA VAL X 217 60.59 4.12 -17.55
C VAL X 217 62.07 4.02 -17.17
N GLU X 218 62.42 3.56 -15.98
CA GLU X 218 63.85 3.27 -15.66
C GLU X 218 64.08 1.76 -15.83
N GLN X 219 64.77 1.37 -16.90
CA GLN X 219 64.94 -0.05 -17.31
C GLN X 219 66.34 -0.51 -16.89
N TYR X 220 66.45 -1.34 -15.85
CA TYR X 220 67.68 -2.01 -15.38
C TYR X 220 67.79 -3.39 -16.02
N GLU X 221 68.73 -3.56 -16.93
CA GLU X 221 69.01 -4.79 -17.69
C GLU X 221 70.07 -5.62 -16.97
N MET X 222 69.98 -6.93 -17.10
CA MET X 222 70.82 -7.87 -16.30
C MET X 222 72.25 -7.77 -16.81
N ARG X 223 72.45 -7.34 -18.04
CA ARG X 223 73.82 -7.14 -18.61
C ARG X 223 74.59 -6.08 -17.82
N THR X 224 73.91 -5.20 -17.05
CA THR X 224 74.55 -4.19 -16.18
C THR X 224 74.24 -4.47 -14.69
N PHE X 225 73.81 -5.68 -14.35
CA PHE X 225 73.46 -6.02 -12.94
C PHE X 225 74.69 -5.94 -12.00
N SER X 226 75.86 -6.32 -12.51
CA SER X 226 77.12 -6.21 -11.75
C SER X 226 77.18 -4.80 -11.17
N LYS X 227 77.05 -3.79 -12.02
CA LYS X 227 77.20 -2.37 -11.64
C LYS X 227 76.02 -1.93 -10.75
N ASP X 228 74.80 -2.28 -11.12
CA ASP X 228 73.57 -1.69 -10.53
C ASP X 228 73.20 -2.33 -9.18
N ARG X 229 73.84 -3.42 -8.76
CA ARG X 229 73.35 -4.19 -7.58
C ARG X 229 73.31 -3.27 -6.36
N PRO X 230 74.40 -2.54 -6.05
CA PRO X 230 74.39 -1.65 -4.89
C PRO X 230 73.11 -0.76 -4.84
N MET X 231 72.85 -0.09 -5.96
CA MET X 231 71.68 0.80 -6.06
C MET X 231 70.37 0.00 -5.94
N LEU X 232 70.19 -1.12 -6.67
CA LEU X 232 68.96 -1.95 -6.60
C LEU X 232 68.73 -2.56 -5.21
N GLU X 233 69.79 -2.79 -4.41
CA GLU X 233 69.71 -3.26 -3.00
C GLU X 233 69.58 -2.08 -2.00
N ASN X 234 69.22 -0.88 -2.47
CA ASN X 234 69.05 0.30 -1.59
C ASN X 234 67.91 1.20 -2.07
N LEU X 235 66.85 0.62 -2.64
CA LEU X 235 65.80 1.42 -3.31
C LEU X 235 64.96 2.17 -2.27
N LYS X 236 64.55 3.36 -2.64
CA LYS X 236 63.66 4.26 -1.88
C LYS X 236 62.67 4.75 -2.91
N LEU X 237 61.38 4.51 -2.72
CA LEU X 237 60.42 4.91 -3.76
C LEU X 237 59.18 5.48 -3.12
N GLY X 238 58.42 6.20 -3.93
CA GLY X 238 57.10 6.71 -3.59
C GLY X 238 57.15 8.08 -2.91
N GLU X 239 58.33 8.63 -2.60
CA GLU X 239 58.43 10.01 -2.05
C GLU X 239 57.80 10.94 -3.08
N GLY X 240 56.70 11.62 -2.70
CA GLY X 240 55.94 12.57 -3.54
C GLY X 240 54.71 11.98 -4.22
N VAL X 241 54.32 10.73 -3.98
CA VAL X 241 53.04 10.19 -4.54
C VAL X 241 52.35 9.39 -3.42
N LYS X 242 51.16 8.84 -3.75
CA LYS X 242 50.29 8.21 -2.72
C LYS X 242 50.73 6.79 -2.39
N GLY X 243 51.67 6.19 -3.11
CA GLY X 243 52.19 4.89 -2.66
C GLY X 243 52.96 4.16 -3.71
N VAL X 244 53.51 3.02 -3.35
CA VAL X 244 54.35 2.19 -4.27
C VAL X 244 53.60 0.89 -4.54
N TYR X 245 53.76 0.36 -5.74
CA TYR X 245 53.15 -0.93 -6.14
C TYR X 245 54.27 -1.84 -6.63
N ILE X 246 54.22 -3.11 -6.22
CA ILE X 246 55.31 -4.04 -6.62
C ILE X 246 54.70 -5.11 -7.48
N SER X 247 55.12 -5.20 -8.74
CA SER X 247 54.66 -6.29 -9.63
C SER X 247 55.84 -7.22 -9.88
N ILE X 248 55.69 -8.48 -9.44
CA ILE X 248 56.77 -9.49 -9.59
C ILE X 248 56.36 -10.57 -10.58
N ASP X 249 57.01 -10.61 -11.73
CA ASP X 249 56.88 -11.72 -12.68
C ASP X 249 57.92 -12.70 -12.20
N VAL X 250 57.45 -13.90 -11.90
CA VAL X 250 58.31 -15.03 -11.45
C VAL X 250 59.46 -15.21 -12.46
N ASP X 251 59.31 -14.86 -13.73
CA ASP X 251 60.43 -15.04 -14.70
C ASP X 251 61.53 -13.97 -14.52
N CYS X 252 61.46 -13.10 -13.52
CA CYS X 252 62.59 -12.21 -13.15
C CYS X 252 63.72 -13.10 -12.59
N LEU X 253 63.32 -14.24 -12.03
CA LEU X 253 64.25 -15.26 -11.53
C LEU X 253 64.82 -16.05 -12.70
N ASP X 254 66.10 -16.38 -12.64
CA ASP X 254 66.73 -17.31 -13.59
C ASP X 254 65.93 -18.61 -13.60
N PRO X 255 65.73 -19.21 -14.78
CA PRO X 255 64.95 -20.45 -14.84
C PRO X 255 65.49 -21.59 -13.95
N ALA X 256 66.76 -21.55 -13.56
CA ALA X 256 67.34 -22.47 -12.56
C ALA X 256 66.49 -22.41 -11.31
N PHE X 257 66.05 -21.22 -10.93
CA PHE X 257 65.28 -21.05 -9.68
C PHE X 257 63.80 -21.17 -9.97
N ALA X 258 63.35 -20.79 -11.16
CA ALA X 258 61.90 -20.68 -11.45
C ALA X 258 61.64 -21.26 -12.84
N PRO X 259 61.72 -22.61 -13.02
CA PRO X 259 61.41 -23.22 -14.31
C PRO X 259 59.91 -23.22 -14.63
N GLY X 260 59.07 -23.05 -13.62
CA GLY X 260 57.60 -23.04 -13.79
C GLY X 260 57.13 -21.70 -14.33
N VAL X 261 57.53 -21.38 -15.58
CA VAL X 261 57.15 -20.15 -16.33
C VAL X 261 56.95 -20.47 -17.81
N SER X 262 56.15 -19.68 -18.49
CA SER X 262 55.88 -19.84 -19.93
C SER X 262 57.15 -19.37 -20.70
N HIS X 263 57.94 -18.44 -20.14
CA HIS X 263 59.04 -17.81 -20.91
C HIS X 263 60.39 -18.04 -20.25
N ILE X 264 60.97 -19.20 -20.54
CA ILE X 264 62.32 -19.58 -20.05
C ILE X 264 63.27 -18.56 -20.67
N GLU X 265 64.04 -17.86 -19.83
CA GLU X 265 64.94 -16.78 -20.30
C GLU X 265 66.21 -16.78 -19.43
N PRO X 266 67.24 -17.54 -19.82
CA PRO X 266 68.46 -17.66 -19.01
C PRO X 266 69.12 -16.34 -18.66
N GLY X 267 69.73 -16.28 -17.47
CA GLY X 267 70.56 -15.15 -17.00
C GLY X 267 69.76 -14.16 -16.17
N GLY X 268 68.95 -14.68 -15.26
CA GLY X 268 68.08 -13.91 -14.35
C GLY X 268 68.62 -13.82 -12.94
N LEU X 269 67.82 -13.23 -12.05
CA LEU X 269 68.14 -13.02 -10.62
C LEU X 269 68.03 -14.35 -9.86
N SER X 270 68.82 -14.53 -8.82
CA SER X 270 68.62 -15.58 -7.79
C SER X 270 67.43 -15.21 -6.92
N PHE X 271 66.88 -16.20 -6.23
CA PHE X 271 65.81 -15.94 -5.24
C PHE X 271 66.36 -14.99 -4.16
N ARG X 272 67.58 -15.22 -3.69
CA ARG X 272 68.18 -14.36 -2.64
C ARG X 272 68.40 -12.92 -3.20
N ASP X 273 68.79 -12.78 -4.49
CA ASP X 273 68.86 -11.44 -5.15
C ASP X 273 67.51 -10.74 -4.98
N VAL X 274 66.41 -11.47 -5.18
CA VAL X 274 65.10 -10.76 -5.20
C VAL X 274 64.78 -10.35 -3.77
N LEU X 275 65.14 -11.20 -2.79
CA LEU X 275 64.88 -10.85 -1.37
C LEU X 275 65.78 -9.69 -0.93
N ASN X 276 66.99 -9.56 -1.46
CA ASN X 276 67.85 -8.41 -1.09
C ASN X 276 67.15 -7.12 -1.53
N ILE X 277 66.57 -7.13 -2.73
CA ILE X 277 65.84 -5.95 -3.29
C ILE X 277 64.58 -5.68 -2.45
N LEU X 278 63.74 -6.69 -2.22
CA LEU X 278 62.47 -6.48 -1.49
C LEU X 278 62.73 -6.02 -0.05
N HIS X 279 63.60 -6.70 0.70
CA HIS X 279 63.83 -6.44 2.14
C HIS X 279 64.39 -5.03 2.33
N ASN X 280 65.25 -4.53 1.43
CA ASN X 280 65.96 -3.22 1.58
C ASN X 280 65.10 -2.08 1.07
N LEU X 281 64.12 -2.36 0.23
CA LEU X 281 63.29 -1.32 -0.40
C LEU X 281 62.61 -0.47 0.69
N GLN X 282 62.89 0.82 0.73
CA GLN X 282 62.17 1.80 1.57
C GLN X 282 60.95 2.31 0.77
N ALA X 283 59.72 1.96 1.16
CA ALA X 283 58.51 2.33 0.40
C ALA X 283 57.27 2.07 1.23
N ASP X 284 56.26 2.93 1.13
CA ASP X 284 54.87 2.64 1.58
C ASP X 284 54.19 1.79 0.49
N VAL X 285 54.25 0.46 0.59
CA VAL X 285 53.68 -0.45 -0.45
C VAL X 285 52.17 -0.56 -0.28
N VAL X 286 51.37 -0.15 -1.27
CA VAL X 286 49.89 -0.07 -1.19
C VAL X 286 49.26 -1.24 -1.95
N GLY X 287 50.08 -2.10 -2.54
CA GLY X 287 49.63 -3.26 -3.34
C GLY X 287 50.79 -3.89 -4.05
N ALA X 288 50.62 -5.17 -4.41
CA ALA X 288 51.60 -5.98 -5.14
C ALA X 288 50.90 -7.15 -5.87
N ASP X 289 51.58 -7.71 -6.87
CA ASP X 289 51.11 -8.95 -7.55
C ASP X 289 52.29 -9.90 -7.70
N VAL X 290 52.03 -11.20 -7.61
CA VAL X 290 52.99 -12.23 -8.07
C VAL X 290 52.31 -12.95 -9.24
N VAL X 291 52.82 -12.76 -10.46
CA VAL X 291 52.17 -13.20 -11.72
C VAL X 291 53.06 -14.19 -12.46
N GLU X 292 52.48 -14.90 -13.44
CA GLU X 292 53.20 -15.70 -14.47
C GLU X 292 53.83 -16.97 -13.89
N PHE X 293 53.52 -17.39 -12.68
CA PHE X 293 53.79 -18.79 -12.24
C PHE X 293 52.92 -19.68 -13.12
N ASN X 294 53.53 -20.65 -13.81
CA ASN X 294 52.89 -21.63 -14.71
C ASN X 294 53.13 -23.03 -14.11
N PRO X 295 52.16 -23.53 -13.32
CA PRO X 295 52.28 -24.86 -12.69
C PRO X 295 52.49 -25.97 -13.73
N GLN X 296 52.05 -25.78 -14.98
CA GLN X 296 52.19 -26.83 -16.01
C GLN X 296 53.65 -26.92 -16.43
N ARG X 297 54.42 -25.87 -16.21
CA ARG X 297 55.86 -25.88 -16.59
C ARG X 297 56.73 -26.17 -15.37
N ASP X 298 56.13 -26.50 -14.23
CA ASP X 298 56.91 -26.65 -12.97
C ASP X 298 57.46 -28.06 -12.87
N THR X 299 58.45 -28.26 -12.02
CA THR X 299 58.94 -29.58 -11.58
C THR X 299 57.78 -30.36 -10.96
N VAL X 300 57.95 -31.68 -10.93
CA VAL X 300 56.88 -32.61 -10.48
C VAL X 300 56.65 -32.38 -9.00
N ASP X 301 57.59 -31.74 -8.28
CA ASP X 301 57.50 -31.57 -6.81
C ASP X 301 57.01 -30.15 -6.49
N GLY X 302 56.91 -29.28 -7.49
CA GLY X 302 56.28 -27.98 -7.27
C GLY X 302 57.31 -26.99 -6.76
N MET X 303 58.49 -26.93 -7.38
CA MET X 303 59.58 -26.03 -6.90
C MET X 303 59.15 -24.57 -7.09
N THR X 304 58.63 -24.22 -8.26
CA THR X 304 58.27 -22.83 -8.61
C THR X 304 57.07 -22.45 -7.75
N ALA X 305 56.22 -23.41 -7.36
CA ALA X 305 55.09 -23.16 -6.44
C ALA X 305 55.64 -22.59 -5.12
N MET X 306 56.73 -23.18 -4.63
CA MET X 306 57.34 -22.77 -3.34
C MET X 306 57.97 -21.39 -3.52
N VAL X 307 58.61 -21.15 -4.66
CA VAL X 307 59.16 -19.82 -5.06
C VAL X 307 58.04 -18.77 -5.01
N ALA X 308 56.94 -18.98 -5.71
CA ALA X 308 55.84 -18.01 -5.73
C ALA X 308 55.26 -17.83 -4.33
N ALA X 309 55.16 -18.91 -3.54
CA ALA X 309 54.63 -18.84 -2.17
C ALA X 309 55.54 -17.91 -1.37
N LYS X 310 56.85 -18.08 -1.54
CA LYS X 310 57.80 -17.34 -0.69
C LYS X 310 57.80 -15.86 -1.07
N LEU X 311 57.66 -15.54 -2.35
CA LEU X 311 57.55 -14.14 -2.81
C LEU X 311 56.31 -13.49 -2.18
N VAL X 312 55.21 -14.22 -2.12
CA VAL X 312 53.94 -13.72 -1.53
C VAL X 312 54.14 -13.44 -0.04
N ARG X 313 54.81 -14.34 0.67
CA ARG X 313 55.00 -14.29 2.12
C ARG X 313 55.84 -13.05 2.45
N GLU X 314 56.86 -12.78 1.63
CA GLU X 314 57.80 -11.67 1.86
C GLU X 314 57.10 -10.36 1.51
N LEU X 315 56.32 -10.33 0.44
CA LEU X 315 55.48 -9.14 0.11
C LEU X 315 54.46 -8.88 1.23
N ALA X 316 53.83 -9.92 1.77
CA ALA X 316 52.88 -9.75 2.90
C ALA X 316 53.58 -9.09 4.07
N ALA X 317 54.75 -9.60 4.47
CA ALA X 317 55.57 -9.00 5.55
C ALA X 317 55.73 -7.50 5.28
N LYS X 318 56.02 -7.06 4.04
CA LYS X 318 56.26 -5.61 3.80
C LYS X 318 54.95 -4.82 3.72
N ILE X 319 53.89 -5.38 3.16
CA ILE X 319 52.60 -4.65 3.02
C ILE X 319 51.93 -4.44 4.39
N SER X 320 51.98 -5.43 5.30
CA SER X 320 51.32 -5.39 6.62
C SER X 320 52.22 -4.64 7.64
N LYS X 321 51.63 -3.77 8.46
CA LYS X 321 52.38 -3.01 9.53
C LYS X 321 51.39 -2.37 10.49
MN MN Y . 3.36 88.71 21.35
MN MN Z . 3.58 85.51 21.19
NA NA AA . -3.41 86.73 25.39
N ORN BA . 4.77 90.05 29.93
CA ORN BA . 5.09 88.86 29.07
CB ORN BA . 4.23 88.87 27.79
CG ORN BA . 4.18 87.55 27.04
CD ORN BA . 3.30 87.61 25.81
NE ORN BA . 3.08 86.35 25.09
C ORN BA . 6.59 88.92 28.72
O ORN BA . 6.98 88.56 27.60
OXT ORN BA . 7.44 89.33 29.53
MN MN CA . 2.04 119.62 19.68
MN MN DA . 3.66 121.30 21.98
C1 GOL EA . -1.61 124.31 18.75
O1 GOL EA . -0.86 124.66 19.92
C2 GOL EA . -2.03 125.52 17.94
O2 GOL EA . -3.20 125.22 17.17
C3 GOL EA . -0.93 126.01 17.00
O3 GOL EA . -1.41 126.98 16.08
NA NA FA . -3.77 120.25 25.63
C1 GOL GA . 24.14 116.44 39.25
O1 GOL GA . 23.63 115.11 39.21
C2 GOL GA . 23.72 117.24 38.03
O2 GOL GA . 22.51 117.95 38.35
C3 GOL GA . 23.55 116.34 36.81
O3 GOL GA . 23.28 117.04 35.60
MN MN HA . -11.78 102.06 -2.03
MN MN IA . -13.27 103.88 -4.67
C1 GOL JA . -19.10 104.02 14.89
O1 GOL JA . -17.70 103.98 14.60
C2 GOL JA . -19.63 105.39 15.34
O2 GOL JA . -20.70 105.82 14.50
C3 GOL JA . -18.65 106.54 15.46
O3 GOL JA . -19.31 107.80 15.44
NA NA KA . -19.56 103.04 1.04
N ORN LA . -16.54 94.48 -2.39
CA ORN LA . -16.07 95.49 -3.39
CB ORN LA . -15.60 96.76 -2.68
CG ORN LA . -15.53 97.99 -3.54
CD ORN LA . -15.37 99.27 -2.74
NE ORN LA . -15.30 100.52 -3.51
C ORN LA . -14.98 94.86 -4.26
O ORN LA . -14.89 93.63 -4.26
OXT ORN LA . -14.27 95.63 -4.93
MN MN MA . -37.09 91.43 19.94
MN MN NA . -37.71 88.25 19.42
C1 GOL OA . -37.65 92.68 13.86
O1 GOL OA . -38.00 91.48 14.58
C2 GOL OA . -38.72 93.09 12.88
O2 GOL OA . -38.33 94.27 12.18
C3 GOL OA . -40.07 93.31 13.54
O3 GOL OA . -40.82 94.33 12.88
NA NA PA . -30.39 89.66 15.50
C1 GOL QA . -39.23 67.70 33.71
O1 GOL QA . -39.99 68.55 32.88
C2 GOL QA . -39.01 66.34 33.07
O2 GOL QA . -38.29 66.50 31.85
C3 GOL QA . -38.32 65.34 34.00
O3 GOL QA . -37.08 65.80 34.54
MN MN RA . -20.74 98.12 45.43
MN MN SA . -19.16 99.04 48.11
NA NA TA . -13.13 98.90 42.42
N ORN UA . -17.18 89.92 44.24
CA ORN UA . -17.33 90.86 45.37
CB ORN UA . -17.62 92.27 44.84
CG ORN UA . -17.34 93.39 45.82
CD ORN UA . -17.62 94.76 45.23
NE ORN UA . -17.79 95.83 46.22
C ORN UA . -18.47 90.41 46.29
O ORN UA . -18.82 89.23 46.23
OXT ORN UA . -18.94 91.25 47.05
C1 GOL VA . -31.57 118.95 54.70
O1 GOL VA . -32.24 118.92 53.43
C2 GOL VA . -31.93 117.72 55.51
O2 GOL VA . -30.75 117.04 55.91
C3 GOL VA . -32.82 118.04 56.70
O3 GOL VA . -33.03 116.88 57.51
C1 GOL WA . -35.28 127.58 45.45
O1 GOL WA . -34.59 128.65 46.09
C2 GOL WA . -36.53 127.17 46.21
O2 GOL WA . -37.66 127.46 45.41
C3 GOL WA . -36.57 125.70 46.60
O3 GOL WA . -35.84 125.45 47.81
MN MN XA . -32.12 121.02 27.78
MN MN YA . -33.52 123.22 25.89
NA NA ZA . -26.18 121.99 22.08
C1 GOL AB . -20.49 127.03 20.93
O1 GOL AB . -20.70 128.30 20.32
C2 GOL AB . -19.06 126.86 21.36
O2 GOL AB . -18.90 127.55 22.60
C3 GOL AB . -18.62 125.41 21.49
O3 GOL AB . -18.21 124.82 20.26
N ORN BB . -25.63 125.90 31.35
CA ORN BB . -26.94 126.19 30.73
CB ORN BB . -27.33 125.04 29.81
CG ORN BB . -28.28 125.42 28.70
CD ORN BB . -28.93 124.22 28.02
NE ORN BB . -29.91 124.54 26.98
C ORN BB . -28.00 126.34 31.83
O ORN BB . -29.09 125.86 31.61
OXT ORN BB . -27.66 126.89 32.87
MN MN CB . -44.85 -91.21 -14.18
MN MN DB . -45.24 -94.32 -14.96
NA NA EB . -37.61 -92.71 -17.97
N ORN FB . -27.54 -93.04 11.91
CA ORN FB . -27.85 -92.36 13.18
CB ORN FB . -28.12 -90.89 12.86
CG ORN FB . -28.16 -89.98 14.08
CD ORN FB . -28.16 -88.53 13.65
NE ORN FB . -27.96 -87.57 14.74
C ORN FB . -29.09 -92.99 13.82
O ORN FB . -29.20 -94.20 13.75
OXT ORN FB . -29.91 -92.23 14.29
C1 GOL GB . -46.40 -118.07 -1.70
O1 GOL GB . -45.49 -117.50 -0.75
C2 GOL GB . -47.15 -117.03 -2.52
O2 GOL GB . -46.45 -116.79 -3.75
C3 GOL GB . -47.38 -115.73 -1.75
O3 GOL GB . -48.27 -114.83 -2.40
C1 PEG HB . -42.52 -102.12 17.49
O1 PEG HB . -41.34 -102.74 17.00
C2 PEG HB . -42.53 -100.63 17.29
O2 PEG HB . -43.82 -100.10 17.59
C3 PEG HB . -44.31 -99.14 16.65
C4 PEG HB . -45.59 -99.62 15.97
O4 PEG HB . -45.40 -100.70 15.04
C1 PEG IB . -62.25 -87.63 -6.97
O1 PEG IB . -63.37 -86.86 -6.50
C2 PEG IB . -62.45 -88.28 -8.32
O2 PEG IB . -61.82 -89.57 -8.37
C3 PEG IB . -62.56 -90.52 -9.15
C4 PEG IB . -62.29 -91.92 -8.69
O4 PEG IB . -62.81 -92.92 -9.59
C1 GOL JB . -61.58 -83.11 -18.94
O1 GOL JB . -62.00 -83.11 -20.31
C2 GOL JB . -62.72 -83.35 -17.97
O2 GOL JB . -62.93 -84.75 -17.81
C3 GOL JB . -62.49 -82.76 -16.59
O3 GOL JB . -62.50 -81.33 -16.59
MN MN KB . -41.44 -61.88 -4.66
MN MN LB . -42.76 -59.65 -6.58
C1 GOL MB . -44.96 -89.60 -20.11
O1 GOL MB . -45.22 -90.94 -19.71
C2 GOL MB . -45.84 -89.21 -21.28
O2 GOL MB . -45.31 -88.03 -21.91
C3 GOL MB . -47.29 -89.02 -20.85
O3 GOL MB . -48.01 -88.19 -21.77
C1 GOL NB . -38.28 -56.76 -0.32
O1 GOL NB . -38.06 -56.57 1.08
C2 GOL NB . -37.02 -56.54 -1.13
O2 GOL NB . -35.90 -57.24 -0.55
C3 GOL NB . -37.16 -56.92 -2.60
O3 GOL NB . -37.88 -58.14 -2.79
NA NA OB . -35.09 -60.51 -9.59
MN MN PB . -31.35 -85.39 13.13
MN MN QB . -30.12 -84.58 16.01
NA NA RB . -23.48 -84.33 11.08
C1 GOL SB . -32.15 -63.57 33.30
O1 GOL SB . -31.83 -62.80 32.14
C2 GOL SB . -32.30 -65.05 32.98
O2 GOL SB . -31.00 -65.66 32.89
C3 GOL SB . -33.11 -65.29 31.73
O3 GOL SB . -33.60 -66.62 31.61
C1 GOL TB . -49.06 -79.71 25.19
O1 GOL TB . -49.28 -78.31 25.02
C2 GOL TB . -48.85 -80.08 26.64
O2 GOL TB . -49.22 -81.44 26.85
C3 GOL TB . -49.61 -79.20 27.62
O3 GOL TB . -48.81 -78.92 28.78
MN MN UB . -4.81 -93.41 -8.75
MN MN VB . -4.50 -96.69 -9.07
NA NA WB . -11.96 -95.40 -5.44
C1 GOL XB . -3.42 -113.15 -28.06
O1 GOL XB . -2.56 -112.58 -27.08
C2 GOL XB . -3.71 -114.62 -27.81
O2 GOL XB . -4.48 -114.83 -26.62
C3 GOL XB . -4.39 -115.28 -29.01
O3 GOL XB . -5.48 -114.52 -29.56
C1 GOL YB . -13.76 -98.30 2.12
O1 GOL YB . -14.62 -99.28 1.56
C2 GOL YB . -14.35 -96.91 2.04
O2 GOL YB . -14.02 -96.23 3.25
C3 GOL YB . -15.86 -96.94 1.81
O3 GOL YB . -16.39 -95.66 1.47
MN MN ZB . -17.69 -78.88 -32.92
MN MN AC . -18.75 -77.21 -35.34
C1 GOL BC . -10.13 -57.12 -9.85
O1 GOL BC . -8.77 -57.47 -9.57
C2 GOL BC . -10.29 -56.23 -11.07
O2 GOL BC . -11.24 -56.80 -11.98
C3 GOL BC . -9.00 -55.97 -11.81
O3 GOL BC . -9.22 -55.34 -13.08
NA NA CC . -25.51 -77.96 -30.40
C1 GOL DC . -0.09 -70.80 -43.11
O1 GOL DC . 1.13 -70.23 -42.64
C2 GOL DC . -0.03 -71.27 -44.56
O2 GOL DC . 0.21 -70.18 -45.45
C3 GOL DC . 0.98 -72.38 -44.80
O3 GOL DC . 0.53 -73.65 -44.34
N ORN EC . -21.91 -86.52 -33.92
CA ORN EC . -21.59 -85.38 -34.86
CB ORN EC . -21.25 -84.09 -34.10
CG ORN EC . -21.33 -82.83 -34.95
CD ORN EC . -21.51 -81.56 -34.14
NE ORN EC . -21.17 -80.29 -34.80
C ORN EC . -20.43 -85.80 -35.78
O ORN EC . -20.33 -86.99 -36.10
OXT ORN EC . -19.59 -84.97 -36.22
MN MN FC . -6.16 -62.53 -9.25
MN MN GC . -4.74 -61.00 -6.88
C1 GOL HC . -2.25 -93.48 -1.66
O1 GOL HC . -1.52 -93.00 -0.54
C2 GOL HC . -3.76 -93.55 -1.37
O2 GOL HC . -4.14 -92.50 -0.47
C3 GOL HC . -4.62 -93.47 -2.61
O3 GOL HC . -4.68 -94.70 -3.31
NA NA IC . -12.44 -62.15 -4.05
C1 GOL JC . 13.98 -66.67 9.06
O1 GOL JC . 13.38 -65.87 8.04
C2 GOL JC . 14.06 -65.96 10.41
O2 GOL JC . 12.80 -65.38 10.75
C3 GOL JC . 14.54 -66.87 11.54
O3 GOL JC . 13.74 -68.05 11.74
C1 PEG KC . 1.96 -54.73 -26.47
O1 PEG KC . 1.61 -55.75 -27.39
C2 PEG KC . 0.80 -54.34 -25.59
O2 PEG KC . 0.88 -52.96 -25.23
C3 PEG KC . -0.38 -52.41 -24.84
C4 PEG KC . -0.61 -51.07 -25.47
O4 PEG KC . -1.98 -50.78 -25.69
C1 PEG LC . 19.65 -55.34 2.38
O1 PEG LC . 18.75 -55.64 1.34
C2 PEG LC . 20.76 -56.32 2.49
O2 PEG LC . 20.33 -57.50 3.18
C3 PEG LC . 21.37 -58.46 3.33
C4 PEG LC . 21.07 -59.40 4.46
O4 PEG LC . 22.24 -59.94 5.04
C1 PEG MC . 7.89 -60.26 -20.03
O1 PEG MC . 7.70 -61.24 -21.03
C2 PEG MC . 9.31 -60.15 -19.65
O2 PEG MC . 9.45 -59.27 -18.54
C3 PEG MC . 10.81 -59.19 -18.10
C4 PEG MC . 10.93 -58.19 -17.00
O4 PEG MC . 10.47 -56.89 -17.36
MN MN NC . -12.16 -8.13 15.76
MN MN OC . -9.79 -9.91 15.50
NA NA PC . -11.36 -7.78 7.61
MN MN QC . -34.47 12.85 21.20
MN MN RC . -37.42 11.75 21.58
C1 GOL SC . -16.02 -12.55 12.20
O1 GOL SC . -15.24 -11.75 13.10
C2 GOL SC . -17.16 -13.27 12.90
O2 GOL SC . -18.40 -12.70 12.52
C3 GOL SC . -17.02 -13.30 14.41
O3 GOL SC . -18.12 -13.96 15.05
NA NA TC . -36.89 13.13 13.45
MN MN UC . -4.95 22.07 19.29
MN MN VC . -4.32 25.22 19.95
NA NA WC . -5.51 24.91 11.42
MN MN XC . -3.50 16.23 -16.01
MN MN YC . -0.61 14.85 -16.76
C1 GOL ZC . -23.61 -9.02 -15.95
O1 GOL ZC . -22.28 -9.31 -16.36
C2 GOL ZC . -23.71 -8.80 -14.46
O2 GOL ZC . -22.38 -8.77 -13.91
C3 GOL ZC . -24.43 -7.53 -14.07
O3 GOL ZC . -25.82 -7.76 -13.85
NA NA AD . -0.87 14.20 -8.31
N ORN BD . -0.53 23.39 -11.77
CA ORN BD . 0.03 22.45 -12.81
CB ORN BD . -0.70 21.10 -12.71
CG ORN BD . 0.03 19.93 -13.37
CD ORN BD . -0.80 18.65 -13.41
NE ORN BD . -0.11 17.46 -13.93
C ORN BD . -0.09 23.10 -14.20
O ORN BD . -0.15 22.42 -15.23
OXT ORN BD . -0.15 24.34 -14.33
MN MN CD . -27.84 -2.87 -15.50
MN MN DD . -30.56 -4.69 -15.65
C1 GOL ED . -37.16 27.61 -7.31
O1 GOL ED . -35.88 27.60 -7.94
C2 GOL ED . -38.03 26.44 -7.75
O2 GOL ED . -38.89 26.05 -6.68
C3 GOL ED . -38.85 26.76 -8.99
O3 GOL ED . -40.08 26.03 -9.01
NA NA FD . -28.56 -4.69 -7.57
MN MN GD . -31.84 27.50 -10.70
MN MN HD . -32.05 30.73 -10.34
NA NA ID . -30.63 28.23 -2.48
C1 GOL JD . -19.34 50.93 -18.62
O1 GOL JD . -19.43 49.52 -18.79
C2 GOL JD . -18.49 51.30 -17.41
O2 GOL JD . -19.33 51.88 -16.41
C3 GOL JD . -17.35 52.23 -17.76
O3 GOL JD . -16.13 51.81 -17.18
MN MN KD . 63.66 -60.09 -18.22
MN MN LD . 65.17 -62.18 -16.31
C1 GOL MD . 69.32 -59.26 -21.54
O1 GOL MD . 68.39 -60.20 -20.99
C2 GOL MD . 69.80 -59.66 -22.92
O2 GOL MD . 69.97 -58.50 -23.73
C3 GOL MD . 68.90 -60.65 -23.64
O3 GOL MD . 69.28 -60.74 -25.02
NA NA ND . 69.10 -55.13 -14.57
C1 GOL OD . 59.73 -76.49 6.10
O1 GOL OD . 58.60 -75.67 6.41
C2 GOL OD . 59.83 -76.88 4.63
O2 GOL OD . 61.06 -76.36 4.11
C3 GOL OD . 58.69 -76.41 3.75
O3 GOL OD . 58.87 -76.75 2.37
MN MN PD . 46.45 -40.65 -35.27
MN MN QD . 47.24 -40.37 -38.37
NA NA RD . 51.99 -34.49 -34.91
C1 GOL SD . 58.62 -55.15 -55.71
O1 GOL SD . 58.13 -55.36 -54.39
C2 GOL SD . 60.05 -54.62 -55.68
O2 GOL SD . 60.07 -53.29 -56.22
C3 GOL SD . 61.02 -55.50 -56.44
O3 GOL SD . 62.26 -55.63 -55.74
MN MN TD . 39.45 -45.58 -5.46
MN MN UD . 36.77 -44.07 -4.32
C1 GOL VD . 43.78 -34.47 -36.26
O1 GOL VD . 44.32 -35.60 -35.58
C2 GOL VD . 42.40 -34.11 -35.76
O2 GOL VD . 42.49 -33.63 -34.41
C3 GOL VD . 41.42 -35.27 -35.89
O3 GOL VD . 40.13 -34.96 -35.38
NA NA WD . 42.75 -38.42 -2.87
N ORN XD . 43.72 -47.30 2.34
CA ORN XD . 42.32 -47.07 1.88
CB ORN XD . 42.32 -46.46 0.49
CG ORN XD . 40.92 -46.13 -0.01
CD ORN XD . 40.97 -45.15 -1.18
NE ORN XD . 39.69 -44.50 -1.41
C ORN XD . 41.54 -48.38 1.92
O ORN XD . 40.52 -48.47 1.26
OXT ORN XD . 42.00 -49.28 2.61
MN MN YD . 66.62 -28.08 6.97
MN MN ZD . 67.64 -29.77 9.45
NA NA AE . 62.73 -35.15 5.92
N ORN BE . 58.16 -27.36 9.64
CA ORN BE . 59.53 -27.48 10.20
CB ORN BE . 60.51 -27.94 9.13
CG ORN BE . 61.89 -28.24 9.67
CD ORN BE . 62.40 -29.58 9.18
NE ORN BE . 63.74 -29.95 9.61
C ORN BE . 59.98 -26.14 10.79
O ORN BE . 61.18 -26.00 11.03
OXT ORN BE . 59.10 -25.28 10.97
MN MN CE . 82.94 -30.54 -19.59
MN MN DE . 84.30 -30.50 -22.18
C1 GOL EE . 57.30 -12.23 -23.75
O1 GOL EE . 56.25 -11.72 -22.91
C2 GOL EE . 57.24 -11.64 -25.14
O2 GOL EE . 57.58 -12.64 -26.10
C3 GOL EE . 58.16 -10.43 -25.33
O3 GOL EE . 58.69 -10.38 -26.64
NA NA FE . 78.73 -36.28 -23.76
C1 GOL GE . 77.88 -49.92 -40.12
O1 GOL GE . 78.56 -48.68 -39.92
C2 GOL GE . 76.51 -49.92 -39.49
O2 GOL GE . 75.67 -50.82 -40.21
C3 GOL GE . 76.48 -50.29 -38.02
O3 GOL GE . 77.22 -49.36 -37.22
MN MN HE . 58.27 -11.88 -18.02
MN MN IE . 55.64 -9.88 -17.53
NA NA JE . 52.04 -16.94 -19.72
#